data_3ZTG
#
_entry.id   3ZTG
#
_cell.length_a   1.000
_cell.length_b   1.000
_cell.length_c   1.000
_cell.angle_alpha   90.00
_cell.angle_beta   90.00
_cell.angle_gamma   90.00
#
_symmetry.space_group_name_H-M   'P 1'
#
loop_
_entity.id
_entity.type
_entity.pdbx_description
1 polymer 'E3 UBIQUITIN-PROTEIN LIGASE RBBP6'
2 non-polymer 'ZINC ION'
#
_entity_poly.entity_id   1
_entity_poly.type   'polypeptide(L)'
_entity_poly.pdbx_seq_one_letter_code
;GPLGSEDDPIPDELLCLICKDIMTDAVVIPCCGNSYCDECIRTALLESDEHTCPTCHQNDVSPDALIANKFLRQAVNNFK
NETGYTKRLRKQ
;
_entity_poly.pdbx_strand_id   A,B
#
loop_
_chem_comp.id
_chem_comp.type
_chem_comp.name
_chem_comp.formula
ZN non-polymer 'ZINC ION' 'Zn 2'
#
# COMPACT_ATOMS: atom_id res chain seq x y z
N GLY A 1 7.25 9.44 -24.71
CA GLY A 1 5.84 9.43 -25.16
C GLY A 1 4.91 8.97 -24.06
N PRO A 2 3.60 8.92 -24.34
CA PRO A 2 2.60 8.48 -23.36
C PRO A 2 2.64 6.98 -23.12
N LEU A 3 1.92 6.53 -22.10
CA LEU A 3 1.86 5.13 -21.76
C LEU A 3 0.40 4.72 -21.61
N GLY A 4 0.07 3.53 -22.06
CA GLY A 4 -1.28 3.06 -21.95
C GLY A 4 -1.94 2.83 -23.30
N SER A 5 -1.22 3.15 -24.36
CA SER A 5 -1.73 2.98 -25.71
C SER A 5 -1.91 1.49 -26.04
N GLU A 6 -0.79 0.78 -26.12
CA GLU A 6 -0.82 -0.65 -26.42
C GLU A 6 0.18 -1.40 -25.56
N ASP A 7 0.93 -0.67 -24.76
CA ASP A 7 1.92 -1.29 -23.87
C ASP A 7 2.09 -0.44 -22.62
N ASP A 8 2.20 -1.13 -21.49
CA ASP A 8 2.36 -0.49 -20.19
C ASP A 8 2.82 -1.52 -19.17
N PRO A 9 3.91 -1.24 -18.47
CA PRO A 9 4.44 -2.13 -17.44
C PRO A 9 3.79 -1.89 -16.08
N ILE A 10 3.79 -2.93 -15.25
CA ILE A 10 3.19 -2.82 -13.93
C ILE A 10 4.19 -2.21 -12.94
N PRO A 11 3.82 -1.09 -12.30
CA PRO A 11 4.69 -0.40 -11.33
C PRO A 11 4.88 -1.15 -10.02
N ASP A 12 6.02 -0.90 -9.37
CA ASP A 12 6.36 -1.56 -8.11
C ASP A 12 5.46 -1.13 -6.96
N GLU A 13 4.54 -0.22 -7.24
CA GLU A 13 3.60 0.27 -6.23
C GLU A 13 2.37 -0.63 -6.16
N LEU A 14 2.31 -1.64 -7.01
CA LEU A 14 1.18 -2.57 -7.00
C LEU A 14 1.56 -3.86 -7.70
N LEU A 15 2.85 -4.03 -7.93
CA LEU A 15 3.38 -5.22 -8.57
C LEU A 15 4.15 -6.07 -7.56
N CYS A 16 3.88 -7.37 -7.56
CA CYS A 16 4.56 -8.29 -6.65
C CYS A 16 5.98 -8.52 -7.11
N LEU A 17 6.91 -8.44 -6.19
CA LEU A 17 8.32 -8.64 -6.51
C LEU A 17 8.61 -10.13 -6.68
N ILE A 18 7.94 -10.94 -5.86
CA ILE A 18 8.15 -12.39 -5.86
C ILE A 18 7.87 -13.02 -7.22
N CYS A 19 6.76 -12.67 -7.85
CA CYS A 19 6.43 -13.23 -9.14
C CYS A 19 6.61 -12.20 -10.26
N LYS A 20 7.12 -11.03 -9.89
CA LYS A 20 7.35 -9.93 -10.85
C LYS A 20 6.08 -9.60 -11.65
N ASP A 21 4.92 -9.72 -11.02
CA ASP A 21 3.65 -9.44 -11.69
C ASP A 21 2.64 -8.87 -10.70
N ILE A 22 1.57 -8.29 -11.22
CA ILE A 22 0.51 -7.72 -10.39
C ILE A 22 -0.17 -8.83 -9.56
N MET A 23 -0.78 -8.44 -8.45
CA MET A 23 -1.45 -9.40 -7.59
C MET A 23 -2.79 -8.86 -7.14
N THR A 24 -3.63 -9.76 -6.66
CA THR A 24 -4.93 -9.39 -6.15
C THR A 24 -4.99 -9.73 -4.66
N ASP A 25 -5.74 -8.93 -3.89
CA ASP A 25 -5.84 -9.12 -2.44
C ASP A 25 -4.46 -9.17 -1.80
N ALA A 26 -3.58 -8.27 -2.26
CA ALA A 26 -2.20 -8.18 -1.78
C ALA A 26 -2.12 -7.92 -0.28
N VAL A 27 -1.11 -8.50 0.36
CA VAL A 27 -0.89 -8.34 1.77
C VAL A 27 0.42 -7.61 2.01
N VAL A 28 0.63 -7.15 3.24
CA VAL A 28 1.85 -6.43 3.59
C VAL A 28 2.66 -7.21 4.60
N ILE A 29 3.97 -7.06 4.53
CA ILE A 29 4.85 -7.75 5.45
C ILE A 29 5.37 -6.75 6.51
N PRO A 30 5.07 -7.01 7.78
CA PRO A 30 5.44 -6.12 8.89
C PRO A 30 6.92 -6.12 9.23
N CYS A 31 7.71 -6.74 8.38
CA CYS A 31 9.15 -6.80 8.61
C CYS A 31 9.84 -5.64 7.89
N CYS A 32 9.30 -5.27 6.74
CA CYS A 32 9.87 -4.18 5.96
C CYS A 32 8.76 -3.25 5.46
N GLY A 33 7.72 -3.83 4.90
CA GLY A 33 6.61 -3.03 4.42
C GLY A 33 6.20 -3.34 3.00
N ASN A 34 7.02 -4.11 2.30
CA ASN A 34 6.71 -4.47 0.92
C ASN A 34 5.45 -5.35 0.85
N SER A 35 4.73 -5.26 -0.26
CA SER A 35 3.50 -6.04 -0.44
C SER A 35 3.63 -7.03 -1.59
N TYR A 36 3.10 -8.22 -1.41
CA TYR A 36 3.14 -9.26 -2.44
C TYR A 36 1.90 -10.12 -2.35
N CYS A 37 1.75 -11.02 -3.32
CA CYS A 37 0.64 -11.94 -3.33
C CYS A 37 0.62 -12.73 -2.02
N ASP A 38 -0.56 -12.97 -1.48
CA ASP A 38 -0.69 -13.70 -0.23
C ASP A 38 -0.05 -15.08 -0.37
N GLU A 39 -0.21 -15.69 -1.54
CA GLU A 39 0.35 -17.00 -1.82
C GLU A 39 1.86 -16.92 -2.01
N CYS A 40 2.32 -15.87 -2.69
CA CYS A 40 3.74 -15.70 -2.95
C CYS A 40 4.52 -15.49 -1.67
N ILE A 41 4.11 -14.49 -0.88
CA ILE A 41 4.79 -14.17 0.37
C ILE A 41 4.71 -15.35 1.34
N ARG A 42 3.60 -16.06 1.32
CA ARG A 42 3.42 -17.22 2.18
C ARG A 42 4.47 -18.27 1.85
N THR A 43 4.63 -18.53 0.56
CA THR A 43 5.59 -19.51 0.07
C THR A 43 7.01 -19.18 0.52
N ALA A 44 7.37 -17.90 0.47
CA ALA A 44 8.72 -17.47 0.85
C ALA A 44 9.02 -17.85 2.29
N LEU A 45 8.10 -17.55 3.19
CA LEU A 45 8.29 -17.84 4.61
C LEU A 45 8.15 -19.34 4.89
N LEU A 46 7.26 -20.01 4.15
CA LEU A 46 7.03 -21.43 4.32
C LEU A 46 8.26 -22.27 3.94
N GLU A 47 8.97 -21.85 2.90
CA GLU A 47 10.14 -22.58 2.43
C GLU A 47 11.41 -22.18 3.19
N SER A 48 11.41 -21.01 3.81
CA SER A 48 12.57 -20.55 4.55
C SER A 48 12.34 -20.66 6.05
N ASP A 49 13.03 -21.61 6.69
CA ASP A 49 12.89 -21.83 8.14
C ASP A 49 13.32 -20.58 8.92
N GLU A 50 14.22 -19.81 8.33
CA GLU A 50 14.71 -18.59 8.96
C GLU A 50 13.71 -17.45 8.78
N HIS A 51 12.64 -17.72 8.04
CA HIS A 51 11.62 -16.70 7.75
C HIS A 51 12.25 -15.57 6.96
N THR A 52 13.18 -15.94 6.10
CA THR A 52 13.90 -15.01 5.26
C THR A 52 12.97 -14.27 4.31
N CYS A 53 12.77 -12.98 4.58
CA CYS A 53 11.93 -12.16 3.73
C CYS A 53 12.48 -12.12 2.30
N PRO A 54 11.60 -12.24 1.30
CA PRO A 54 11.98 -12.23 -0.11
C PRO A 54 12.20 -10.84 -0.68
N THR A 55 12.71 -9.96 0.15
CA THR A 55 12.94 -8.59 -0.27
C THR A 55 13.99 -7.91 0.59
N CYS A 56 13.87 -8.04 1.91
CA CYS A 56 14.81 -7.43 2.83
C CYS A 56 15.70 -8.50 3.47
N HIS A 57 15.30 -9.75 3.29
CA HIS A 57 16.03 -10.90 3.83
C HIS A 57 16.00 -10.90 5.35
N GLN A 58 14.82 -10.63 5.89
CA GLN A 58 14.62 -10.61 7.32
C GLN A 58 14.66 -12.03 7.88
N ASN A 59 14.66 -12.16 9.20
CA ASN A 59 14.74 -13.49 9.82
C ASN A 59 13.79 -13.62 11.02
N ASP A 60 12.71 -12.86 11.01
CA ASP A 60 11.76 -12.90 12.13
C ASP A 60 10.37 -12.47 11.69
N VAL A 61 9.95 -12.98 10.55
CA VAL A 61 8.62 -12.65 10.04
C VAL A 61 7.70 -13.85 10.21
N SER A 62 6.57 -13.86 9.50
CA SER A 62 5.62 -14.97 9.59
C SER A 62 4.45 -14.76 8.65
N PRO A 63 3.91 -15.86 8.08
CA PRO A 63 2.78 -15.81 7.16
C PRO A 63 1.48 -15.48 7.88
N ASP A 64 1.54 -15.45 9.20
CA ASP A 64 0.38 -15.12 10.02
C ASP A 64 0.37 -13.64 10.35
N ALA A 65 1.56 -13.03 10.30
CA ALA A 65 1.69 -11.60 10.61
C ALA A 65 1.38 -10.74 9.39
N LEU A 66 0.98 -11.38 8.29
CA LEU A 66 0.66 -10.66 7.07
C LEU A 66 -0.59 -9.81 7.28
N ILE A 67 -0.46 -8.51 7.06
CA ILE A 67 -1.58 -7.59 7.25
C ILE A 67 -2.28 -7.33 5.92
N ALA A 68 -3.44 -6.70 5.97
CA ALA A 68 -4.21 -6.44 4.76
C ALA A 68 -3.95 -5.05 4.22
N ASN A 69 -3.22 -4.97 3.12
CA ASN A 69 -2.91 -3.67 2.51
C ASN A 69 -4.09 -3.21 1.68
N LYS A 70 -5.05 -2.61 2.37
CA LYS A 70 -6.27 -2.11 1.76
C LYS A 70 -5.98 -1.29 0.51
N PHE A 71 -5.07 -0.35 0.66
CA PHE A 71 -4.69 0.56 -0.40
C PHE A 71 -4.14 -0.18 -1.61
N LEU A 72 -3.25 -1.14 -1.36
CA LEU A 72 -2.65 -1.94 -2.43
C LEU A 72 -3.71 -2.57 -3.31
N ARG A 73 -4.60 -3.30 -2.66
CA ARG A 73 -5.68 -4.00 -3.34
C ARG A 73 -6.55 -3.04 -4.14
N GLN A 74 -6.75 -1.85 -3.61
CA GLN A 74 -7.57 -0.84 -4.28
C GLN A 74 -6.87 -0.34 -5.54
N ALA A 75 -5.58 -0.06 -5.42
CA ALA A 75 -4.77 0.43 -6.55
C ALA A 75 -4.76 -0.60 -7.67
N VAL A 76 -4.51 -1.85 -7.32
CA VAL A 76 -4.47 -2.95 -8.28
C VAL A 76 -5.79 -3.03 -9.05
N ASN A 77 -6.90 -2.91 -8.33
CA ASN A 77 -8.22 -2.99 -8.93
C ASN A 77 -8.46 -1.86 -9.93
N ASN A 78 -7.99 -0.67 -9.60
CA ASN A 78 -8.15 0.48 -10.49
C ASN A 78 -7.24 0.36 -11.69
N PHE A 79 -5.97 0.05 -11.43
CA PHE A 79 -4.97 -0.12 -12.49
C PHE A 79 -5.45 -1.12 -13.53
N LYS A 80 -5.91 -2.28 -13.07
CA LYS A 80 -6.41 -3.33 -13.95
C LYS A 80 -7.50 -2.81 -14.88
N ASN A 81 -8.32 -1.90 -14.38
CA ASN A 81 -9.42 -1.36 -15.18
C ASN A 81 -8.98 -0.22 -16.08
N GLU A 82 -7.80 0.33 -15.83
CA GLU A 82 -7.29 1.43 -16.63
C GLU A 82 -6.69 0.91 -17.93
N THR A 83 -5.74 -0.01 -17.81
CA THR A 83 -5.08 -0.59 -18.96
C THR A 83 -5.89 -1.77 -19.50
N GLY A 84 -6.60 -2.45 -18.60
CA GLY A 84 -7.38 -3.60 -19.00
C GLY A 84 -6.64 -4.89 -18.73
N TYR A 85 -5.75 -4.86 -17.75
CA TYR A 85 -4.96 -6.03 -17.39
C TYR A 85 -5.84 -7.11 -16.78
N THR A 86 -5.68 -8.33 -17.29
CA THR A 86 -6.39 -9.50 -16.81
C THR A 86 -5.85 -10.74 -17.50
N LYS A 87 -6.31 -11.91 -17.08
CA LYS A 87 -5.86 -13.17 -17.66
C LYS A 87 -6.97 -14.20 -17.61
N ARG A 88 -6.68 -15.39 -18.12
CA ARG A 88 -7.66 -16.46 -18.16
C ARG A 88 -7.87 -17.09 -16.80
N LEU A 89 -9.05 -16.87 -16.24
CA LEU A 89 -9.40 -17.45 -14.95
C LEU A 89 -10.13 -18.77 -15.18
N ARG A 90 -10.13 -19.63 -14.19
CA ARG A 90 -10.80 -20.92 -14.32
C ARG A 90 -11.84 -21.11 -13.24
N LYS A 91 -12.85 -21.87 -13.56
CA LYS A 91 -13.94 -22.16 -12.63
C LYS A 91 -13.75 -23.53 -12.01
N GLN A 92 -12.59 -23.72 -11.41
CA GLN A 92 -12.25 -24.98 -10.77
C GLN A 92 -13.00 -25.17 -9.46
N GLY B 1 -15.83 9.14 -17.89
CA GLY B 1 -15.04 10.15 -18.63
C GLY B 1 -13.65 10.31 -18.04
N PRO B 2 -12.83 11.21 -18.61
CA PRO B 2 -11.47 11.46 -18.13
C PRO B 2 -11.45 12.26 -16.83
N LEU B 3 -10.44 11.97 -16.02
CA LEU B 3 -10.25 12.64 -14.75
C LEU B 3 -8.75 12.85 -14.54
N GLY B 4 -8.37 13.97 -13.96
CA GLY B 4 -6.97 14.22 -13.73
C GLY B 4 -6.45 15.40 -14.51
N SER B 5 -7.22 15.80 -15.52
CA SER B 5 -6.84 16.92 -16.36
C SER B 5 -6.78 18.20 -15.53
N GLU B 6 -7.91 18.61 -14.97
CA GLU B 6 -7.98 19.80 -14.15
C GLU B 6 -8.62 19.49 -12.80
N ASP B 7 -9.25 18.31 -12.72
CA ASP B 7 -9.90 17.89 -11.49
C ASP B 7 -9.88 16.38 -11.37
N ASP B 8 -9.85 15.90 -10.15
CA ASP B 8 -9.83 14.48 -9.84
C ASP B 8 -9.69 14.29 -8.33
N PRO B 9 -10.48 13.39 -7.76
CA PRO B 9 -10.44 13.12 -6.34
C PRO B 9 -9.42 12.03 -6.00
N ILE B 10 -8.69 12.24 -4.92
CA ILE B 10 -7.67 11.30 -4.47
C ILE B 10 -8.30 9.99 -4.02
N PRO B 11 -7.91 8.88 -4.64
CA PRO B 11 -8.44 7.55 -4.30
C PRO B 11 -7.95 7.07 -2.94
N ASP B 12 -8.71 6.18 -2.32
CA ASP B 12 -8.39 5.65 -1.00
C ASP B 12 -7.18 4.72 -1.04
N GLU B 13 -6.65 4.47 -2.22
CA GLU B 13 -5.49 3.61 -2.36
C GLU B 13 -4.19 4.38 -2.14
N LEU B 14 -4.30 5.68 -1.87
CA LEU B 14 -3.11 6.50 -1.62
C LEU B 14 -3.49 7.78 -0.90
N LEU B 15 -4.66 7.75 -0.29
CA LEU B 15 -5.17 8.91 0.43
C LEU B 15 -5.34 8.58 1.92
N CYS B 16 -4.87 9.48 2.78
CA CYS B 16 -4.97 9.30 4.22
C CYS B 16 -6.40 9.49 4.67
N LEU B 17 -6.89 8.60 5.50
CA LEU B 17 -8.25 8.69 5.99
C LEU B 17 -8.33 9.73 7.11
N ILE B 18 -7.27 9.79 7.91
CA ILE B 18 -7.20 10.68 9.05
C ILE B 18 -7.41 12.14 8.66
N CYS B 19 -6.69 12.62 7.66
CA CYS B 19 -6.83 14.00 7.22
C CYS B 19 -7.63 14.09 5.92
N LYS B 20 -8.11 12.94 5.44
CA LYS B 20 -8.89 12.85 4.20
C LYS B 20 -8.15 13.48 3.02
N ASP B 21 -6.83 13.37 3.00
CA ASP B 21 -6.01 13.93 1.93
C ASP B 21 -4.81 13.04 1.65
N ILE B 22 -4.17 13.24 0.51
CA ILE B 22 -2.99 12.47 0.14
C ILE B 22 -1.85 12.71 1.13
N MET B 23 -0.95 11.74 1.25
CA MET B 23 0.17 11.84 2.15
C MET B 23 1.44 11.45 1.44
N THR B 24 2.56 11.83 2.03
CA THR B 24 3.86 11.50 1.48
C THR B 24 4.62 10.67 2.51
N ASP B 25 5.39 9.69 2.05
CA ASP B 25 6.15 8.81 2.93
C ASP B 25 5.22 8.06 3.88
N ALA B 26 4.06 7.65 3.33
CA ALA B 26 3.03 6.94 4.08
C ALA B 26 3.53 5.65 4.73
N VAL B 27 2.91 5.31 5.85
CA VAL B 27 3.26 4.10 6.58
C VAL B 27 2.03 3.20 6.70
N VAL B 28 2.26 1.96 7.12
CA VAL B 28 1.18 1.00 7.27
C VAL B 28 1.01 0.60 8.73
N ILE B 29 -0.22 0.29 9.10
CA ILE B 29 -0.52 -0.12 10.46
C ILE B 29 -0.79 -1.63 10.51
N PRO B 30 0.00 -2.36 11.31
CA PRO B 30 -0.11 -3.82 11.41
C PRO B 30 -1.34 -4.31 12.17
N CYS B 31 -2.21 -3.40 12.55
CA CYS B 31 -3.40 -3.79 13.27
C CYS B 31 -4.53 -4.13 12.30
N CYS B 32 -4.52 -3.49 11.13
CA CYS B 32 -5.54 -3.73 10.12
C CYS B 32 -4.91 -3.79 8.73
N GLY B 33 -4.13 -2.78 8.40
CA GLY B 33 -3.46 -2.76 7.11
C GLY B 33 -3.60 -1.43 6.37
N ASN B 34 -4.41 -0.53 6.91
CA ASN B 34 -4.60 0.78 6.28
C ASN B 34 -3.36 1.65 6.42
N SER B 35 -3.17 2.55 5.46
CA SER B 35 -2.01 3.44 5.45
C SER B 35 -2.42 4.90 5.64
N TYR B 36 -1.62 5.64 6.40
CA TYR B 36 -1.89 7.06 6.65
C TYR B 36 -0.58 7.81 6.82
N CYS B 37 -0.65 9.13 6.92
CA CYS B 37 0.54 9.94 7.14
C CYS B 37 1.22 9.47 8.42
N ASP B 38 2.55 9.46 8.41
CA ASP B 38 3.31 9.04 9.58
C ASP B 38 2.90 9.83 10.82
N GLU B 39 2.74 11.14 10.63
CA GLU B 39 2.37 12.03 11.73
C GLU B 39 0.89 11.84 12.11
N CYS B 40 0.05 11.63 11.11
CA CYS B 40 -1.37 11.46 11.36
C CYS B 40 -1.63 10.22 12.21
N ILE B 41 -1.14 9.08 11.74
CA ILE B 41 -1.33 7.82 12.45
C ILE B 41 -0.67 7.88 13.82
N ARG B 42 0.47 8.57 13.91
CA ARG B 42 1.17 8.72 15.17
C ARG B 42 0.30 9.47 16.16
N THR B 43 -0.30 10.56 15.70
CA THR B 43 -1.18 11.38 16.52
C THR B 43 -2.35 10.56 17.09
N ALA B 44 -2.94 9.72 16.25
CA ALA B 44 -4.08 8.90 16.67
C ALA B 44 -3.72 8.01 17.86
N LEU B 45 -2.58 7.33 17.76
CA LEU B 45 -2.14 6.44 18.82
C LEU B 45 -1.64 7.21 20.03
N LEU B 46 -1.00 8.35 19.78
CA LEU B 46 -0.47 9.19 20.84
C LEU B 46 -1.58 9.80 21.70
N GLU B 47 -2.68 10.20 21.07
CA GLU B 47 -3.79 10.81 21.78
C GLU B 47 -4.72 9.76 22.40
N SER B 48 -4.57 8.50 21.99
CA SER B 48 -5.40 7.43 22.51
C SER B 48 -4.58 6.44 23.33
N ASP B 49 -4.75 6.49 24.64
CA ASP B 49 -4.02 5.59 25.53
C ASP B 49 -4.35 4.13 25.25
N GLU B 50 -5.54 3.89 24.70
CA GLU B 50 -5.99 2.55 24.36
C GLU B 50 -5.41 2.11 23.02
N HIS B 51 -4.68 3.03 22.38
CA HIS B 51 -4.08 2.78 21.07
C HIS B 51 -5.17 2.52 20.05
N THR B 52 -6.28 3.22 20.22
CA THR B 52 -7.42 3.10 19.34
C THR B 52 -7.07 3.49 17.90
N CYS B 53 -7.14 2.51 17.01
CA CYS B 53 -6.85 2.77 15.60
C CYS B 53 -7.92 3.68 15.00
N PRO B 54 -7.50 4.64 14.19
CA PRO B 54 -8.40 5.61 13.56
C PRO B 54 -9.09 5.07 12.32
N THR B 55 -9.35 3.78 12.30
CA THR B 55 -9.97 3.14 11.16
C THR B 55 -10.70 1.85 11.56
N CYS B 56 -10.02 1.01 12.32
CA CYS B 56 -10.60 -0.25 12.76
C CYS B 56 -10.94 -0.22 14.24
N HIS B 57 -10.43 0.81 14.93
CA HIS B 57 -10.65 1.02 16.35
C HIS B 57 -10.04 -0.09 17.17
N GLN B 58 -8.79 -0.43 16.84
CA GLN B 58 -8.05 -1.47 17.56
C GLN B 58 -7.60 -0.95 18.91
N ASN B 59 -7.09 -1.82 19.76
CA ASN B 59 -6.65 -1.43 21.10
C ASN B 59 -5.32 -2.09 21.47
N ASP B 60 -4.49 -2.35 20.47
CA ASP B 60 -3.22 -3.00 20.71
C ASP B 60 -2.24 -2.72 19.57
N VAL B 61 -2.20 -1.46 19.16
CA VAL B 61 -1.30 -1.05 18.10
C VAL B 61 -0.17 -0.22 18.69
N SER B 62 0.56 0.51 17.85
CA SER B 62 1.67 1.33 18.32
C SER B 62 2.29 2.11 17.19
N PRO B 63 2.77 3.33 17.48
CA PRO B 63 3.42 4.18 16.48
C PRO B 63 4.82 3.67 16.16
N ASP B 64 5.29 2.72 16.96
CA ASP B 64 6.61 2.13 16.75
C ASP B 64 6.47 0.88 15.88
N ALA B 65 5.24 0.40 15.74
CA ALA B 65 4.96 -0.79 14.94
C ALA B 65 4.59 -0.41 13.50
N LEU B 66 4.71 0.87 13.18
CA LEU B 66 4.40 1.35 11.84
C LEU B 66 5.46 0.88 10.85
N ILE B 67 5.03 0.15 9.84
CA ILE B 67 5.94 -0.36 8.82
C ILE B 67 6.01 0.59 7.63
N ALA B 68 6.95 0.34 6.73
CA ALA B 68 7.13 1.23 5.58
C ALA B 68 6.41 0.71 4.35
N ASN B 69 5.30 1.34 3.99
CA ASN B 69 4.54 0.93 2.83
C ASN B 69 5.18 1.50 1.58
N LYS B 70 6.18 0.79 1.09
CA LYS B 70 6.92 1.18 -0.11
C LYS B 70 5.99 1.50 -1.27
N PHE B 71 5.06 0.59 -1.50
CA PHE B 71 4.12 0.69 -2.59
C PHE B 71 3.27 1.96 -2.48
N LEU B 72 2.81 2.25 -1.27
CA LEU B 72 1.98 3.43 -1.02
C LEU B 72 2.73 4.69 -1.46
N ARG B 73 3.92 4.85 -0.90
CA ARG B 73 4.76 6.01 -1.19
C ARG B 73 5.02 6.14 -2.69
N GLN B 74 5.20 5.01 -3.37
CA GLN B 74 5.46 5.00 -4.80
C GLN B 74 4.25 5.51 -5.57
N ALA B 75 3.08 4.96 -5.25
CA ALA B 75 1.84 5.36 -5.93
C ALA B 75 1.55 6.84 -5.74
N VAL B 76 1.69 7.31 -4.50
CA VAL B 76 1.47 8.73 -4.18
C VAL B 76 2.34 9.63 -5.06
N ASN B 77 3.60 9.27 -5.20
CA ASN B 77 4.56 10.02 -5.99
C ASN B 77 4.15 10.07 -7.46
N ASN B 78 3.68 8.94 -7.98
CA ASN B 78 3.27 8.87 -9.38
C ASN B 78 1.99 9.65 -9.58
N PHE B 79 1.03 9.44 -8.69
CA PHE B 79 -0.26 10.14 -8.74
C PHE B 79 -0.03 11.65 -8.77
N LYS B 80 0.79 12.15 -7.84
CA LYS B 80 1.12 13.56 -7.75
C LYS B 80 1.67 14.10 -9.07
N ASN B 81 2.44 13.28 -9.76
CA ASN B 81 3.05 13.71 -11.02
C ASN B 81 2.07 13.65 -12.20
N GLU B 82 1.10 12.74 -12.13
CA GLU B 82 0.12 12.60 -13.20
C GLU B 82 -0.87 13.76 -13.23
N THR B 83 -1.55 13.99 -12.12
CA THR B 83 -2.52 15.06 -12.05
C THR B 83 -1.85 16.39 -11.69
N GLY B 84 -0.62 16.31 -11.22
CA GLY B 84 0.10 17.50 -10.82
C GLY B 84 -0.35 18.00 -9.47
N TYR B 85 -0.70 17.06 -8.59
CA TYR B 85 -1.16 17.40 -7.26
C TYR B 85 -0.07 18.07 -6.45
N THR B 86 -0.45 19.18 -5.83
CA THR B 86 0.39 19.97 -4.97
C THR B 86 -0.43 21.12 -4.43
N LYS B 87 0.14 21.93 -3.56
CA LYS B 87 -0.56 23.07 -3.00
C LYS B 87 0.38 24.24 -2.85
N ARG B 88 -0.18 25.40 -2.55
CA ARG B 88 0.62 26.61 -2.43
C ARG B 88 1.05 26.84 -0.98
N LEU B 89 2.35 26.81 -0.76
CA LEU B 89 2.91 27.04 0.55
C LEU B 89 2.86 28.53 0.87
N ARG B 90 3.13 28.88 2.11
CA ARG B 90 3.10 30.27 2.53
C ARG B 90 4.33 30.60 3.35
N LYS B 91 4.56 31.89 3.55
CA LYS B 91 5.71 32.34 4.31
C LYS B 91 5.31 32.60 5.76
N GLN B 92 4.66 31.59 6.35
CA GLN B 92 4.20 31.67 7.73
C GLN B 92 5.37 31.53 8.70
ZN ZN C . 3.33 -12.56 -6.42
ZN ZN D . 10.83 -7.95 4.67
ZN ZN E . -2.91 12.31 7.20
ZN ZN F . -6.18 -0.39 12.54
N GLY A 1 6.25 11.56 -22.63
CA GLY A 1 4.96 10.93 -22.98
C GLY A 1 4.54 9.89 -21.95
N PRO A 2 3.24 9.76 -21.69
CA PRO A 2 2.73 8.79 -20.71
C PRO A 2 2.74 7.36 -21.25
N LEU A 3 2.35 6.43 -20.40
CA LEU A 3 2.30 5.03 -20.76
C LEU A 3 1.01 4.44 -20.22
N GLY A 4 0.58 3.33 -20.75
CA GLY A 4 -0.63 2.70 -20.29
C GLY A 4 -1.74 2.74 -21.32
N SER A 5 -1.40 3.21 -22.52
CA SER A 5 -2.38 3.29 -23.60
C SER A 5 -2.81 1.90 -24.07
N GLU A 6 -1.84 1.13 -24.57
CA GLU A 6 -2.11 -0.23 -25.04
C GLU A 6 -1.23 -1.22 -24.31
N ASP A 7 -0.09 -0.73 -23.85
CA ASP A 7 0.87 -1.57 -23.15
C ASP A 7 1.59 -0.74 -22.10
N ASP A 8 2.08 -1.40 -21.06
CA ASP A 8 2.78 -0.75 -19.97
C ASP A 8 3.19 -1.80 -18.96
N PRO A 9 4.38 -1.65 -18.37
CA PRO A 9 4.87 -2.57 -17.37
C PRO A 9 4.22 -2.30 -16.02
N ILE A 10 4.08 -3.33 -15.22
CA ILE A 10 3.45 -3.20 -13.92
C ILE A 10 4.41 -2.54 -12.93
N PRO A 11 4.00 -1.37 -12.40
CA PRO A 11 4.81 -0.60 -11.45
C PRO A 11 4.93 -1.27 -10.07
N ASP A 12 6.08 -1.06 -9.44
CA ASP A 12 6.37 -1.61 -8.12
C ASP A 12 5.31 -1.23 -7.09
N GLU A 13 4.64 -0.10 -7.33
CA GLU A 13 3.61 0.40 -6.43
C GLU A 13 2.40 -0.54 -6.32
N LEU A 14 2.39 -1.62 -7.10
CA LEU A 14 1.29 -2.58 -7.03
C LEU A 14 1.67 -3.90 -7.68
N LEU A 15 2.96 -4.08 -7.89
CA LEU A 15 3.47 -5.29 -8.50
C LEU A 15 4.14 -6.22 -7.46
N CYS A 16 3.84 -7.52 -7.54
CA CYS A 16 4.43 -8.50 -6.63
C CYS A 16 5.86 -8.77 -7.07
N LEU A 17 6.78 -8.66 -6.16
CA LEU A 17 8.18 -8.89 -6.46
C LEU A 17 8.46 -10.39 -6.54
N ILE A 18 7.74 -11.15 -5.75
CA ILE A 18 7.91 -12.60 -5.70
C ILE A 18 7.66 -13.26 -7.04
N CYS A 19 6.54 -12.95 -7.68
CA CYS A 19 6.24 -13.55 -8.98
C CYS A 19 6.47 -12.54 -10.10
N LYS A 20 7.04 -11.38 -9.75
CA LYS A 20 7.32 -10.31 -10.71
C LYS A 20 6.09 -9.93 -11.54
N ASP A 21 4.92 -10.04 -10.94
CA ASP A 21 3.68 -9.71 -11.65
C ASP A 21 2.65 -9.15 -10.68
N ILE A 22 1.62 -8.51 -11.21
CA ILE A 22 0.56 -7.94 -10.39
C ILE A 22 -0.14 -9.04 -9.58
N MET A 23 -0.80 -8.64 -8.50
CA MET A 23 -1.48 -9.60 -7.64
C MET A 23 -2.81 -9.07 -7.18
N THR A 24 -3.65 -9.99 -6.70
CA THR A 24 -4.95 -9.65 -6.18
C THR A 24 -4.99 -10.01 -4.69
N ASP A 25 -5.78 -9.26 -3.93
CA ASP A 25 -5.89 -9.49 -2.48
C ASP A 25 -4.53 -9.34 -1.81
N ALA A 26 -3.70 -8.45 -2.37
CA ALA A 26 -2.36 -8.18 -1.88
C ALA A 26 -2.33 -7.91 -0.37
N VAL A 27 -1.27 -8.41 0.26
CA VAL A 27 -1.07 -8.22 1.69
C VAL A 27 0.24 -7.50 1.94
N VAL A 28 0.43 -7.02 3.17
CA VAL A 28 1.63 -6.28 3.52
C VAL A 28 2.44 -7.03 4.57
N ILE A 29 3.75 -6.89 4.51
CA ILE A 29 4.64 -7.55 5.45
C ILE A 29 5.21 -6.51 6.44
N PRO A 30 4.98 -6.74 7.74
CA PRO A 30 5.40 -5.82 8.80
C PRO A 30 6.90 -5.79 9.05
N CYS A 31 7.67 -6.45 8.20
CA CYS A 31 9.10 -6.48 8.36
C CYS A 31 9.75 -5.35 7.57
N CYS A 32 9.15 -4.99 6.45
CA CYS A 32 9.67 -3.93 5.60
C CYS A 32 8.55 -3.03 5.12
N GLY A 33 7.47 -3.64 4.66
CA GLY A 33 6.33 -2.88 4.21
C GLY A 33 5.91 -3.24 2.80
N ASN A 34 6.72 -4.04 2.12
CA ASN A 34 6.42 -4.44 0.75
C ASN A 34 5.15 -5.29 0.69
N SER A 35 4.46 -5.23 -0.42
CA SER A 35 3.22 -6.00 -0.61
C SER A 35 3.36 -7.03 -1.74
N TYR A 36 2.86 -8.22 -1.49
CA TYR A 36 2.90 -9.30 -2.47
C TYR A 36 1.67 -10.18 -2.32
N CYS A 37 1.50 -11.13 -3.23
CA CYS A 37 0.39 -12.06 -3.16
C CYS A 37 0.42 -12.76 -1.81
N ASP A 38 -0.76 -12.97 -1.22
CA ASP A 38 -0.84 -13.64 0.07
C ASP A 38 -0.18 -15.00 0.01
N GLU A 39 -0.41 -15.69 -1.10
CA GLU A 39 0.15 -17.02 -1.31
C GLU A 39 1.67 -16.94 -1.52
N CYS A 40 2.10 -15.95 -2.29
CA CYS A 40 3.51 -15.77 -2.59
C CYS A 40 4.31 -15.49 -1.33
N ILE A 41 3.90 -14.46 -0.59
CA ILE A 41 4.58 -14.06 0.63
C ILE A 41 4.51 -15.18 1.68
N ARG A 42 3.38 -15.88 1.71
CA ARG A 42 3.21 -16.98 2.66
C ARG A 42 4.25 -18.06 2.39
N THR A 43 4.39 -18.40 1.11
CA THR A 43 5.34 -19.43 0.69
C THR A 43 6.78 -19.08 1.08
N ALA A 44 7.15 -17.81 0.91
CA ALA A 44 8.49 -17.36 1.24
C ALA A 44 8.81 -17.61 2.71
N LEU A 45 7.88 -17.24 3.58
CA LEU A 45 8.07 -17.43 5.02
C LEU A 45 7.96 -18.91 5.40
N LEU A 46 7.12 -19.64 4.68
CA LEU A 46 6.93 -21.06 4.94
C LEU A 46 8.20 -21.86 4.63
N GLU A 47 8.77 -21.64 3.46
CA GLU A 47 9.97 -22.36 3.05
C GLU A 47 11.19 -21.88 3.83
N SER A 48 11.20 -20.62 4.21
CA SER A 48 12.32 -20.08 4.97
C SER A 48 12.01 -20.21 6.47
N ASP A 49 12.62 -21.21 7.10
CA ASP A 49 12.43 -21.48 8.52
C ASP A 49 12.83 -20.29 9.38
N GLU A 50 13.83 -19.57 8.91
CA GLU A 50 14.35 -18.41 9.60
C GLU A 50 13.50 -17.17 9.28
N HIS A 51 12.42 -17.38 8.54
CA HIS A 51 11.49 -16.31 8.17
C HIS A 51 12.19 -15.20 7.38
N THR A 52 12.95 -15.62 6.38
CA THR A 52 13.67 -14.68 5.53
C THR A 52 12.73 -13.99 4.56
N CYS A 53 12.60 -12.68 4.68
CA CYS A 53 11.76 -11.92 3.79
C CYS A 53 12.28 -11.97 2.35
N PRO A 54 11.38 -12.12 1.37
CA PRO A 54 11.73 -12.20 -0.04
C PRO A 54 11.95 -10.83 -0.67
N THR A 55 12.56 -9.94 0.07
CA THR A 55 12.79 -8.61 -0.42
C THR A 55 13.84 -7.85 0.43
N CYS A 56 13.67 -7.87 1.74
CA CYS A 56 14.58 -7.18 2.64
C CYS A 56 15.48 -8.17 3.35
N HIS A 57 15.12 -9.45 3.22
CA HIS A 57 15.85 -10.55 3.82
C HIS A 57 15.85 -10.45 5.34
N GLN A 58 14.67 -10.21 5.88
CA GLN A 58 14.47 -10.12 7.31
C GLN A 58 14.50 -11.53 7.91
N ASN A 59 14.45 -11.64 9.24
CA ASN A 59 14.50 -12.96 9.87
C ASN A 59 13.66 -13.01 11.15
N ASP A 60 12.54 -12.30 11.16
CA ASP A 60 11.67 -12.28 12.34
C ASP A 60 10.25 -11.91 11.93
N VAL A 61 9.84 -12.39 10.77
CA VAL A 61 8.50 -12.13 10.28
C VAL A 61 7.62 -13.34 10.52
N SER A 62 6.52 -13.46 9.77
CA SER A 62 5.61 -14.59 9.92
C SER A 62 4.41 -14.44 8.99
N PRO A 63 3.88 -15.58 8.49
CA PRO A 63 2.71 -15.58 7.60
C PRO A 63 1.43 -15.23 8.35
N ASP A 64 1.55 -15.15 9.67
CA ASP A 64 0.42 -14.79 10.51
C ASP A 64 0.44 -13.31 10.79
N ALA A 65 1.58 -12.69 10.54
CA ALA A 65 1.76 -11.26 10.77
C ALA A 65 1.42 -10.47 9.50
N LEU A 66 0.93 -11.17 8.49
CA LEU A 66 0.57 -10.53 7.22
C LEU A 66 -0.70 -9.69 7.40
N ILE A 67 -0.63 -8.44 6.98
CA ILE A 67 -1.75 -7.53 7.11
C ILE A 67 -2.42 -7.31 5.76
N ALA A 68 -3.58 -6.68 5.75
CA ALA A 68 -4.30 -6.47 4.50
C ALA A 68 -4.10 -5.07 3.95
N ASN A 69 -3.31 -4.96 2.88
CA ASN A 69 -3.05 -3.68 2.24
C ASN A 69 -4.18 -3.37 1.28
N LYS A 70 -5.31 -2.94 1.85
CA LYS A 70 -6.47 -2.59 1.04
C LYS A 70 -6.13 -1.53 0.01
N PHE A 71 -5.20 -0.65 0.35
CA PHE A 71 -4.78 0.41 -0.55
C PHE A 71 -4.21 -0.21 -1.81
N LEU A 72 -3.40 -1.25 -1.62
CA LEU A 72 -2.78 -1.97 -2.72
C LEU A 72 -3.86 -2.63 -3.58
N ARG A 73 -4.74 -3.36 -2.92
CA ARG A 73 -5.84 -4.04 -3.57
C ARG A 73 -6.65 -3.08 -4.43
N GLN A 74 -6.91 -1.88 -3.91
CA GLN A 74 -7.66 -0.88 -4.64
C GLN A 74 -6.89 -0.41 -5.87
N ALA A 75 -5.60 -0.11 -5.67
CA ALA A 75 -4.74 0.33 -6.76
C ALA A 75 -4.69 -0.70 -7.88
N VAL A 76 -4.53 -1.97 -7.50
CA VAL A 76 -4.50 -3.06 -8.46
C VAL A 76 -5.78 -3.09 -9.30
N ASN A 77 -6.92 -2.96 -8.63
CA ASN A 77 -8.22 -2.97 -9.29
C ASN A 77 -8.32 -1.82 -10.31
N ASN A 78 -7.83 -0.64 -9.94
CA ASN A 78 -7.86 0.51 -10.82
C ASN A 78 -6.92 0.30 -12.00
N PHE A 79 -5.70 -0.11 -11.67
CA PHE A 79 -4.67 -0.35 -12.68
C PHE A 79 -5.16 -1.34 -13.73
N LYS A 80 -5.63 -2.51 -13.28
CA LYS A 80 -6.12 -3.54 -14.18
C LYS A 80 -7.19 -3.01 -15.13
N ASN A 81 -8.09 -2.19 -14.61
CA ASN A 81 -9.17 -1.64 -15.41
C ASN A 81 -8.71 -0.51 -16.32
N GLU A 82 -7.62 0.14 -15.95
CA GLU A 82 -7.10 1.25 -16.76
C GLU A 82 -6.32 0.74 -17.96
N THR A 83 -5.31 -0.10 -17.72
CA THR A 83 -4.50 -0.64 -18.80
C THR A 83 -5.20 -1.81 -19.49
N GLY A 84 -6.04 -2.52 -18.76
CA GLY A 84 -6.74 -3.65 -19.35
C GLY A 84 -6.04 -4.97 -19.04
N TYR A 85 -5.45 -5.04 -17.86
CA TYR A 85 -4.74 -6.24 -17.43
C TYR A 85 -5.73 -7.33 -17.01
N THR A 86 -5.42 -8.56 -17.41
CA THR A 86 -6.21 -9.74 -17.07
C THR A 86 -5.54 -10.96 -17.66
N LYS A 87 -6.12 -12.13 -17.46
CA LYS A 87 -5.55 -13.36 -18.00
C LYS A 87 -6.45 -13.94 -19.06
N ARG A 88 -5.91 -14.87 -19.83
CA ARG A 88 -6.66 -15.52 -20.89
C ARG A 88 -6.51 -17.03 -20.76
N LEU A 89 -6.32 -17.46 -19.52
CA LEU A 89 -6.15 -18.87 -19.19
C LEU A 89 -7.50 -19.53 -18.94
N ARG A 90 -7.47 -20.81 -18.58
CA ARG A 90 -8.68 -21.56 -18.31
C ARG A 90 -9.05 -21.48 -16.84
N LYS A 91 -10.23 -21.98 -16.51
CA LYS A 91 -10.72 -21.98 -15.13
C LYS A 91 -10.31 -23.27 -14.42
N GLN A 92 -9.06 -23.67 -14.62
CA GLN A 92 -8.52 -24.87 -14.00
C GLN A 92 -8.48 -24.72 -12.48
N GLY B 1 -24.75 14.34 -9.11
CA GLY B 1 -23.52 15.03 -9.58
C GLY B 1 -22.62 15.44 -8.44
N PRO B 2 -21.49 14.75 -8.25
CA PRO B 2 -20.55 15.07 -7.18
C PRO B 2 -19.58 16.16 -7.59
N LEU B 3 -18.75 16.58 -6.66
CA LEU B 3 -17.77 17.63 -6.92
C LEU B 3 -16.41 17.02 -7.23
N GLY B 4 -16.20 16.68 -8.49
CA GLY B 4 -14.94 16.10 -8.90
C GLY B 4 -14.67 16.32 -10.37
N SER B 5 -15.24 17.39 -10.91
CA SER B 5 -15.08 17.71 -12.31
C SER B 5 -13.78 18.49 -12.53
N GLU B 6 -13.69 19.63 -11.85
CA GLU B 6 -12.51 20.48 -11.95
C GLU B 6 -11.69 20.34 -10.69
N ASP B 7 -12.27 19.65 -9.72
CA ASP B 7 -11.65 19.42 -8.43
C ASP B 7 -10.56 18.35 -8.52
N ASP B 8 -9.79 18.22 -7.47
CA ASP B 8 -8.71 17.24 -7.41
C ASP B 8 -8.98 16.25 -6.28
N PRO B 9 -9.65 15.13 -6.61
CA PRO B 9 -9.98 14.11 -5.62
C PRO B 9 -8.85 13.11 -5.40
N ILE B 10 -8.76 12.62 -4.17
CA ILE B 10 -7.72 11.65 -3.81
C ILE B 10 -8.36 10.28 -3.56
N PRO B 11 -7.91 9.25 -4.28
CA PRO B 11 -8.44 7.89 -4.10
C PRO B 11 -7.93 7.24 -2.81
N ASP B 12 -8.77 6.41 -2.19
CA ASP B 12 -8.45 5.73 -0.94
C ASP B 12 -7.15 4.91 -1.01
N GLU B 13 -6.80 4.45 -2.20
CA GLU B 13 -5.58 3.65 -2.40
C GLU B 13 -4.30 4.44 -2.08
N LEU B 14 -4.44 5.73 -1.83
CA LEU B 14 -3.28 6.55 -1.51
C LEU B 14 -3.72 7.80 -0.75
N LEU B 15 -4.86 7.69 -0.11
CA LEU B 15 -5.44 8.79 0.64
C LEU B 15 -5.47 8.49 2.15
N CYS B 16 -4.93 9.43 2.94
CA CYS B 16 -4.92 9.28 4.39
C CYS B 16 -6.31 9.52 4.93
N LEU B 17 -6.81 8.58 5.69
CA LEU B 17 -8.13 8.68 6.27
C LEU B 17 -8.14 9.75 7.36
N ILE B 18 -7.08 9.75 8.15
CA ILE B 18 -6.93 10.65 9.29
C ILE B 18 -7.12 12.12 8.92
N CYS B 19 -6.35 12.63 7.96
CA CYS B 19 -6.48 14.03 7.57
C CYS B 19 -7.28 14.18 6.29
N LYS B 20 -7.82 13.06 5.81
CA LYS B 20 -8.63 13.02 4.58
C LYS B 20 -7.94 13.71 3.41
N ASP B 21 -6.62 13.54 3.31
CA ASP B 21 -5.85 14.12 2.20
C ASP B 21 -4.69 13.19 1.86
N ILE B 22 -4.05 13.44 0.73
CA ILE B 22 -2.90 12.64 0.32
C ILE B 22 -1.72 12.90 1.25
N MET B 23 -0.78 11.96 1.30
CA MET B 23 0.36 12.09 2.19
C MET B 23 1.65 11.61 1.55
N THR B 24 2.75 12.00 2.14
CA THR B 24 4.06 11.61 1.68
C THR B 24 4.68 10.68 2.72
N ASP B 25 5.49 9.73 2.26
CA ASP B 25 6.15 8.78 3.16
C ASP B 25 5.14 8.02 3.99
N ALA B 26 4.06 7.60 3.34
CA ALA B 26 2.99 6.86 3.99
C ALA B 26 3.49 5.58 4.64
N VAL B 27 2.94 5.28 5.81
CA VAL B 27 3.31 4.08 6.53
C VAL B 27 2.09 3.17 6.64
N VAL B 28 2.32 1.93 7.03
CA VAL B 28 1.24 0.96 7.16
C VAL B 28 1.07 0.53 8.61
N ILE B 29 -0.17 0.23 8.96
CA ILE B 29 -0.49 -0.22 10.31
C ILE B 29 -0.79 -1.72 10.28
N PRO B 30 -0.05 -2.50 11.08
CA PRO B 30 -0.19 -3.96 11.13
C PRO B 30 -1.45 -4.44 11.83
N CYS B 31 -2.35 -3.54 12.14
CA CYS B 31 -3.58 -3.89 12.81
C CYS B 31 -4.70 -4.15 11.81
N CYS B 32 -4.64 -3.45 10.67
CA CYS B 32 -5.66 -3.63 9.65
C CYS B 32 -5.02 -3.65 8.26
N GLY B 33 -4.15 -2.69 8.00
CA GLY B 33 -3.48 -2.63 6.73
C GLY B 33 -3.65 -1.28 6.04
N ASN B 34 -4.29 -0.37 6.74
CA ASN B 34 -4.53 0.97 6.20
C ASN B 34 -3.25 1.80 6.27
N SER B 35 -3.10 2.74 5.35
CA SER B 35 -1.93 3.59 5.31
C SER B 35 -2.31 5.03 5.58
N TYR B 36 -1.49 5.70 6.37
CA TYR B 36 -1.72 7.10 6.71
C TYR B 36 -0.38 7.78 6.89
N CYS B 37 -0.42 9.09 7.05
CA CYS B 37 0.80 9.85 7.29
C CYS B 37 1.49 9.33 8.55
N ASP B 38 2.82 9.27 8.53
CA ASP B 38 3.55 8.78 9.69
C ASP B 38 3.22 9.61 10.92
N GLU B 39 3.05 10.92 10.71
CA GLU B 39 2.72 11.82 11.81
C GLU B 39 1.27 11.64 12.25
N CYS B 40 0.37 11.46 11.28
CA CYS B 40 -1.04 11.29 11.56
C CYS B 40 -1.29 10.02 12.36
N ILE B 41 -0.83 8.89 11.82
CA ILE B 41 -1.03 7.61 12.48
C ILE B 41 -0.34 7.58 13.85
N ARG B 42 0.83 8.20 13.94
CA ARG B 42 1.56 8.26 15.19
C ARG B 42 0.72 8.97 16.23
N THR B 43 0.21 10.13 15.87
CA THR B 43 -0.61 10.94 16.75
C THR B 43 -1.82 10.15 17.28
N ALA B 44 -2.47 9.39 16.40
CA ALA B 44 -3.64 8.59 16.78
C ALA B 44 -3.31 7.61 17.92
N LEU B 45 -2.19 6.92 17.77
CA LEU B 45 -1.77 5.94 18.77
C LEU B 45 -1.24 6.62 20.03
N LEU B 46 -0.66 7.80 19.87
CA LEU B 46 -0.12 8.54 21.00
C LEU B 46 -1.25 9.10 21.85
N GLU B 47 -2.29 9.60 21.20
CA GLU B 47 -3.44 10.17 21.89
C GLU B 47 -4.27 9.08 22.54
N SER B 48 -4.43 7.96 21.85
CA SER B 48 -5.21 6.85 22.37
C SER B 48 -4.32 5.88 23.15
N ASP B 49 -4.41 5.94 24.47
CA ASP B 49 -3.59 5.08 25.33
C ASP B 49 -3.89 3.61 25.07
N GLU B 50 -5.11 3.33 24.63
CA GLU B 50 -5.52 1.96 24.33
C GLU B 50 -5.09 1.54 22.93
N HIS B 51 -4.36 2.44 22.26
CA HIS B 51 -3.86 2.20 20.90
C HIS B 51 -4.98 1.95 19.92
N THR B 52 -6.00 2.80 19.97
CA THR B 52 -7.14 2.70 19.09
C THR B 52 -6.79 3.16 17.67
N CYS B 53 -6.91 2.26 16.70
CA CYS B 53 -6.63 2.60 15.33
C CYS B 53 -7.65 3.62 14.80
N PRO B 54 -7.19 4.59 14.01
CA PRO B 54 -8.03 5.64 13.45
C PRO B 54 -8.90 5.18 12.28
N THR B 55 -9.18 3.89 12.20
CA THR B 55 -10.02 3.39 11.12
C THR B 55 -10.69 2.05 11.48
N CYS B 56 -9.93 1.10 12.03
CA CYS B 56 -10.50 -0.19 12.39
C CYS B 56 -10.79 -0.22 13.89
N HIS B 57 -10.21 0.75 14.60
CA HIS B 57 -10.39 0.90 16.04
C HIS B 57 -9.81 -0.28 16.80
N GLN B 58 -8.61 -0.71 16.40
CA GLN B 58 -7.93 -1.82 17.07
C GLN B 58 -7.45 -1.35 18.44
N ASN B 59 -6.97 -2.26 19.27
CA ASN B 59 -6.52 -1.90 20.62
C ASN B 59 -5.20 -2.58 21.02
N ASP B 60 -4.39 -2.92 20.04
CA ASP B 60 -3.13 -3.61 20.33
C ASP B 60 -2.06 -3.22 19.32
N VAL B 61 -2.13 -1.99 18.84
CA VAL B 61 -1.17 -1.51 17.86
C VAL B 61 -0.10 -0.68 18.57
N SER B 62 0.70 0.06 17.81
CA SER B 62 1.75 0.89 18.38
C SER B 62 2.44 1.71 17.30
N PRO B 63 2.99 2.88 17.67
CA PRO B 63 3.67 3.75 16.71
C PRO B 63 5.04 3.21 16.32
N ASP B 64 5.46 2.15 17.00
CA ASP B 64 6.74 1.52 16.70
C ASP B 64 6.51 0.30 15.81
N ALA B 65 5.25 0.00 15.56
CA ALA B 65 4.87 -1.12 14.72
C ALA B 65 4.53 -0.66 13.31
N LEU B 66 4.72 0.63 13.07
CA LEU B 66 4.44 1.21 11.76
C LEU B 66 5.50 0.79 10.77
N ILE B 67 5.06 0.25 9.64
CA ILE B 67 5.96 -0.22 8.60
C ILE B 67 5.98 0.74 7.42
N ALA B 68 6.89 0.53 6.49
CA ALA B 68 7.01 1.43 5.33
C ALA B 68 6.27 0.90 4.11
N ASN B 69 5.15 1.52 3.79
CA ASN B 69 4.39 1.09 2.61
C ASN B 69 5.02 1.73 1.39
N LYS B 70 6.09 1.12 0.92
CA LYS B 70 6.83 1.60 -0.25
C LYS B 70 5.91 1.90 -1.42
N PHE B 71 5.06 0.93 -1.71
CA PHE B 71 4.12 1.03 -2.81
C PHE B 71 3.23 2.27 -2.68
N LEU B 72 2.78 2.54 -1.47
CA LEU B 72 1.94 3.70 -1.20
C LEU B 72 2.69 4.97 -1.56
N ARG B 73 3.91 5.08 -1.05
CA ARG B 73 4.76 6.23 -1.30
C ARG B 73 4.97 6.41 -2.81
N GLN B 74 5.22 5.31 -3.50
CA GLN B 74 5.43 5.33 -4.94
C GLN B 74 4.17 5.80 -5.65
N ALA B 75 3.04 5.21 -5.29
CA ALA B 75 1.75 5.56 -5.88
C ALA B 75 1.46 7.04 -5.71
N VAL B 76 1.69 7.54 -4.49
CA VAL B 76 1.46 8.94 -4.17
C VAL B 76 2.32 9.84 -5.07
N ASN B 77 3.59 9.49 -5.19
CA ASN B 77 4.54 10.24 -6.00
C ASN B 77 4.09 10.33 -7.47
N ASN B 78 3.57 9.23 -7.99
CA ASN B 78 3.14 9.18 -9.37
C ASN B 78 1.80 9.90 -9.55
N PHE B 79 0.89 9.67 -8.60
CA PHE B 79 -0.43 10.31 -8.64
C PHE B 79 -0.30 11.83 -8.63
N LYS B 80 0.53 12.36 -7.73
CA LYS B 80 0.74 13.80 -7.62
C LYS B 80 1.24 14.40 -8.92
N ASN B 81 1.97 13.61 -9.70
CA ASN B 81 2.51 14.08 -10.98
C ASN B 81 1.48 14.03 -12.09
N GLU B 82 0.67 12.98 -12.11
CA GLU B 82 -0.35 12.81 -13.14
C GLU B 82 -1.47 13.82 -12.99
N THR B 83 -1.91 14.05 -11.76
CA THR B 83 -2.98 14.97 -11.49
C THR B 83 -2.48 16.40 -11.31
N GLY B 84 -1.24 16.53 -10.87
CA GLY B 84 -0.68 17.84 -10.63
C GLY B 84 -1.14 18.39 -9.29
N TYR B 85 -1.26 17.48 -8.33
CA TYR B 85 -1.70 17.83 -6.98
C TYR B 85 -0.79 18.85 -6.34
N THR B 86 0.49 18.63 -6.48
CA THR B 86 1.51 19.51 -5.93
C THR B 86 1.37 20.90 -6.52
N LYS B 87 1.39 21.89 -5.66
CA LYS B 87 1.23 23.27 -6.08
C LYS B 87 2.51 24.07 -5.87
N ARG B 88 2.61 25.18 -6.59
CA ARG B 88 3.78 26.06 -6.47
C ARG B 88 3.50 27.17 -5.47
N LEU B 89 2.30 27.15 -4.91
CA LEU B 89 1.90 28.15 -3.93
C LEU B 89 2.42 27.79 -2.54
N ARG B 90 2.49 28.79 -1.68
CA ARG B 90 2.98 28.58 -0.32
C ARG B 90 1.83 28.20 0.60
N LYS B 91 2.13 27.90 1.86
CA LYS B 91 1.11 27.54 2.82
C LYS B 91 0.57 28.78 3.53
N GLN B 92 1.01 29.94 3.06
CA GLN B 92 0.58 31.24 3.61
C GLN B 92 0.93 31.35 5.08
ZN ZN C . 3.09 -12.83 -6.21
ZN ZN D . 10.52 -7.68 4.39
ZN ZN E . -2.65 12.25 7.45
ZN ZN F . -6.19 -0.44 12.09
N GLY A 1 4.20 12.85 -21.97
CA GLY A 1 2.82 13.04 -21.48
C GLY A 1 2.46 12.05 -20.40
N PRO A 2 1.17 11.93 -20.06
CA PRO A 2 0.69 11.00 -19.04
C PRO A 2 0.73 9.56 -19.52
N LEU A 3 0.63 8.63 -18.59
CA LEU A 3 0.65 7.23 -18.91
C LEU A 3 -0.64 6.60 -18.44
N GLY A 4 -1.12 5.62 -19.18
CA GLY A 4 -2.33 4.96 -18.81
C GLY A 4 -3.45 5.22 -19.79
N SER A 5 -3.14 5.20 -21.07
CA SER A 5 -4.13 5.46 -22.10
C SER A 5 -4.52 4.18 -22.82
N GLU A 6 -3.53 3.42 -23.27
CA GLU A 6 -3.80 2.18 -23.99
C GLU A 6 -2.99 1.02 -23.42
N ASP A 7 -1.86 1.34 -22.82
CA ASP A 7 -0.98 0.32 -22.26
C ASP A 7 -0.06 0.90 -21.21
N ASP A 8 -0.02 0.24 -20.07
CA ASP A 8 0.82 0.69 -18.97
C ASP A 8 1.22 -0.51 -18.12
N PRO A 9 2.53 -0.79 -18.04
CA PRO A 9 3.05 -1.90 -17.24
C PRO A 9 2.66 -1.79 -15.79
N ILE A 10 2.68 -2.92 -15.09
CA ILE A 10 2.31 -2.93 -13.69
C ILE A 10 3.39 -2.30 -12.84
N PRO A 11 3.05 -1.21 -12.13
CA PRO A 11 4.00 -0.50 -11.28
C PRO A 11 4.27 -1.23 -9.97
N ASP A 12 5.44 -0.99 -9.39
CA ASP A 12 5.83 -1.64 -8.13
C ASP A 12 4.95 -1.16 -6.97
N GLU A 13 4.09 -0.19 -7.25
CA GLU A 13 3.19 0.34 -6.23
C GLU A 13 1.94 -0.54 -6.08
N LEU A 14 1.86 -1.64 -6.85
CA LEU A 14 0.73 -2.55 -6.75
C LEU A 14 1.04 -3.89 -7.41
N LEU A 15 2.31 -4.10 -7.71
CA LEU A 15 2.76 -5.33 -8.34
C LEU A 15 3.56 -6.21 -7.36
N CYS A 16 3.32 -7.52 -7.41
CA CYS A 16 4.04 -8.46 -6.55
C CYS A 16 5.46 -8.62 -7.07
N LEU A 17 6.41 -8.53 -6.18
CA LEU A 17 7.81 -8.66 -6.55
C LEU A 17 8.19 -10.12 -6.72
N ILE A 18 7.58 -10.97 -5.89
CA ILE A 18 7.86 -12.40 -5.88
C ILE A 18 7.60 -13.06 -7.23
N CYS A 19 6.45 -12.79 -7.83
CA CYS A 19 6.16 -13.37 -9.14
C CYS A 19 6.24 -12.32 -10.23
N LYS A 20 6.67 -11.10 -9.85
CA LYS A 20 6.79 -9.98 -10.78
C LYS A 20 5.49 -9.74 -11.55
N ASP A 21 4.36 -9.92 -10.88
CA ASP A 21 3.06 -9.72 -11.51
C ASP A 21 2.04 -9.18 -10.51
N ILE A 22 0.95 -8.62 -11.02
CA ILE A 22 -0.09 -8.07 -10.16
C ILE A 22 -0.79 -9.18 -9.37
N MET A 23 -1.30 -8.83 -8.19
CA MET A 23 -1.96 -9.80 -7.33
C MET A 23 -3.27 -9.26 -6.79
N THR A 24 -4.09 -10.18 -6.28
CA THR A 24 -5.37 -9.83 -5.70
C THR A 24 -5.32 -10.10 -4.20
N ASP A 25 -6.02 -9.27 -3.42
CA ASP A 25 -6.07 -9.42 -1.97
C ASP A 25 -4.66 -9.37 -1.38
N ALA A 26 -3.84 -8.48 -1.96
CA ALA A 26 -2.45 -8.30 -1.54
C ALA A 26 -2.32 -8.04 -0.05
N VAL A 27 -1.28 -8.59 0.54
CA VAL A 27 -1.02 -8.42 1.96
C VAL A 27 0.29 -7.67 2.16
N VAL A 28 0.50 -7.18 3.37
CA VAL A 28 1.71 -6.42 3.69
C VAL A 28 2.56 -7.17 4.70
N ILE A 29 3.86 -7.00 4.59
CA ILE A 29 4.80 -7.65 5.49
C ILE A 29 5.35 -6.63 6.50
N PRO A 30 5.14 -6.89 7.80
CA PRO A 30 5.57 -5.99 8.88
C PRO A 30 7.08 -5.96 9.11
N CYS A 31 7.83 -6.61 8.23
CA CYS A 31 9.27 -6.64 8.37
C CYS A 31 9.91 -5.50 7.57
N CYS A 32 9.22 -5.05 6.52
CA CYS A 32 9.72 -3.96 5.69
C CYS A 32 8.58 -3.06 5.26
N GLY A 33 7.52 -3.67 4.72
CA GLY A 33 6.36 -2.90 4.29
C GLY A 33 5.94 -3.20 2.88
N ASN A 34 6.68 -4.06 2.19
CA ASN A 34 6.35 -4.42 0.81
C ASN A 34 5.13 -5.33 0.78
N SER A 35 4.37 -5.27 -0.32
CA SER A 35 3.17 -6.08 -0.46
C SER A 35 3.31 -7.08 -1.61
N TYR A 36 2.82 -8.29 -1.38
CA TYR A 36 2.85 -9.35 -2.39
C TYR A 36 1.64 -10.24 -2.23
N CYS A 37 1.49 -11.19 -3.15
CA CYS A 37 0.40 -12.14 -3.07
C CYS A 37 0.47 -12.86 -1.73
N ASP A 38 -0.68 -13.08 -1.11
CA ASP A 38 -0.73 -13.77 0.17
C ASP A 38 -0.07 -15.14 0.07
N GLU A 39 -0.27 -15.77 -1.07
CA GLU A 39 0.29 -17.09 -1.34
C GLU A 39 1.80 -17.01 -1.56
N CYS A 40 2.22 -16.01 -2.34
CA CYS A 40 3.63 -15.83 -2.65
C CYS A 40 4.45 -15.54 -1.40
N ILE A 41 4.04 -14.51 -0.66
CA ILE A 41 4.75 -14.12 0.55
C ILE A 41 4.77 -15.26 1.57
N ARG A 42 3.67 -16.02 1.61
CA ARG A 42 3.58 -17.16 2.51
C ARG A 42 4.64 -18.18 2.14
N THR A 43 4.73 -18.46 0.86
CA THR A 43 5.69 -19.42 0.33
C THR A 43 7.13 -19.02 0.67
N ALA A 44 7.45 -17.74 0.51
CA ALA A 44 8.79 -17.24 0.80
C ALA A 44 9.22 -17.52 2.24
N LEU A 45 8.34 -17.25 3.18
CA LEU A 45 8.65 -17.48 4.59
C LEU A 45 8.65 -18.97 4.92
N LEU A 46 7.80 -19.73 4.23
CA LEU A 46 7.71 -21.16 4.45
C LEU A 46 8.97 -21.87 3.96
N GLU A 47 9.56 -21.36 2.89
CA GLU A 47 10.77 -21.95 2.34
C GLU A 47 11.99 -21.54 3.16
N SER A 48 12.12 -20.24 3.38
CA SER A 48 13.24 -19.72 4.15
C SER A 48 13.04 -20.02 5.63
N ASP A 49 13.76 -21.03 6.12
CA ASP A 49 13.65 -21.45 7.51
C ASP A 49 14.04 -20.32 8.47
N GLU A 50 14.85 -19.40 7.98
CA GLU A 50 15.29 -18.26 8.78
C GLU A 50 14.34 -17.09 8.62
N HIS A 51 13.24 -17.31 7.88
CA HIS A 51 12.22 -16.29 7.65
C HIS A 51 12.79 -15.13 6.85
N THR A 52 13.52 -15.47 5.80
CA THR A 52 14.12 -14.49 4.92
C THR A 52 13.08 -13.79 4.07
N CYS A 53 12.93 -12.48 4.27
CA CYS A 53 11.99 -11.71 3.47
C CYS A 53 12.43 -11.73 2.01
N PRO A 54 11.48 -11.87 1.08
CA PRO A 54 11.77 -11.91 -0.35
C PRO A 54 11.94 -10.53 -0.96
N THR A 55 12.49 -9.62 -0.19
CA THR A 55 12.67 -8.26 -0.66
C THR A 55 13.74 -7.52 0.16
N CYS A 56 13.66 -7.61 1.49
CA CYS A 56 14.61 -6.95 2.36
C CYS A 56 15.55 -7.96 3.00
N HIS A 57 15.23 -9.24 2.79
CA HIS A 57 16.01 -10.36 3.31
C HIS A 57 16.07 -10.32 4.83
N GLN A 58 14.91 -10.08 5.43
CA GLN A 58 14.77 -10.05 6.87
C GLN A 58 14.91 -11.46 7.43
N ASN A 59 14.86 -11.60 8.75
CA ASN A 59 15.02 -12.92 9.38
C ASN A 59 14.10 -13.10 10.59
N ASP A 60 13.04 -12.30 10.66
CA ASP A 60 12.13 -12.39 11.79
C ASP A 60 10.72 -12.00 11.37
N VAL A 61 10.23 -12.69 10.35
CA VAL A 61 8.89 -12.45 9.85
C VAL A 61 8.09 -13.74 9.95
N SER A 62 6.81 -13.70 9.59
CA SER A 62 5.97 -14.86 9.68
C SER A 62 4.73 -14.69 8.81
N PRO A 63 4.16 -15.80 8.33
CA PRO A 63 2.98 -15.78 7.48
C PRO A 63 1.70 -15.50 8.26
N ASP A 64 1.83 -15.37 9.56
CA ASP A 64 0.69 -15.09 10.41
C ASP A 64 0.67 -13.63 10.82
N ALA A 65 1.71 -12.89 10.43
CA ALA A 65 1.82 -11.48 10.76
C ALA A 65 1.47 -10.62 9.55
N LEU A 66 1.05 -11.27 8.47
CA LEU A 66 0.69 -10.58 7.25
C LEU A 66 -0.59 -9.78 7.45
N ILE A 67 -0.53 -8.49 7.15
CA ILE A 67 -1.68 -7.61 7.31
C ILE A 67 -2.36 -7.37 5.97
N ALA A 68 -3.51 -6.72 5.99
CA ALA A 68 -4.26 -6.48 4.76
C ALA A 68 -4.03 -5.08 4.22
N ASN A 69 -3.26 -4.97 3.15
CA ASN A 69 -2.97 -3.66 2.55
C ASN A 69 -4.18 -3.22 1.74
N LYS A 70 -5.10 -2.57 2.42
CA LYS A 70 -6.32 -2.06 1.82
C LYS A 70 -6.04 -1.28 0.55
N PHE A 71 -5.13 -0.34 0.67
CA PHE A 71 -4.76 0.53 -0.43
C PHE A 71 -4.27 -0.27 -1.64
N LEU A 72 -3.45 -1.27 -1.38
CA LEU A 72 -2.91 -2.12 -2.44
C LEU A 72 -4.03 -2.81 -3.21
N ARG A 73 -4.87 -3.51 -2.48
CA ARG A 73 -6.00 -4.23 -3.07
C ARG A 73 -6.89 -3.30 -3.89
N GLN A 74 -7.09 -2.09 -3.40
CA GLN A 74 -7.91 -1.10 -4.09
C GLN A 74 -7.23 -0.69 -5.40
N ALA A 75 -5.95 -0.36 -5.31
CA ALA A 75 -5.16 0.07 -6.47
C ALA A 75 -5.18 -1.01 -7.55
N VAL A 76 -5.00 -2.26 -7.14
CA VAL A 76 -5.00 -3.39 -8.07
C VAL A 76 -6.31 -3.47 -8.84
N ASN A 77 -7.43 -3.36 -8.12
CA ASN A 77 -8.75 -3.44 -8.73
C ASN A 77 -8.96 -2.26 -9.69
N ASN A 78 -8.50 -1.08 -9.30
CA ASN A 78 -8.64 0.10 -10.14
C ASN A 78 -7.80 -0.06 -11.39
N PHE A 79 -6.53 -0.36 -11.19
CA PHE A 79 -5.58 -0.55 -12.28
C PHE A 79 -6.10 -1.57 -13.30
N LYS A 80 -6.52 -2.73 -12.80
CA LYS A 80 -7.05 -3.79 -13.65
C LYS A 80 -8.18 -3.29 -14.55
N ASN A 81 -9.06 -2.46 -14.00
CA ASN A 81 -10.19 -1.95 -14.75
C ASN A 81 -9.81 -0.77 -15.63
N GLU A 82 -8.74 -0.07 -15.28
CA GLU A 82 -8.29 1.08 -16.04
C GLU A 82 -7.58 0.68 -17.31
N THR A 83 -6.53 -0.12 -17.16
CA THR A 83 -5.74 -0.55 -18.32
C THR A 83 -6.29 -1.85 -18.93
N GLY A 84 -7.32 -2.41 -18.30
CA GLY A 84 -7.92 -3.63 -18.79
C GLY A 84 -6.97 -4.80 -18.68
N TYR A 85 -6.42 -5.00 -17.48
CA TYR A 85 -5.48 -6.09 -17.25
C TYR A 85 -6.23 -7.35 -16.83
N THR A 86 -5.85 -8.47 -17.42
CA THR A 86 -6.40 -9.79 -17.12
C THR A 86 -5.77 -10.83 -18.02
N LYS A 87 -5.93 -12.11 -17.68
CA LYS A 87 -5.36 -13.19 -18.46
C LYS A 87 -6.34 -14.36 -18.51
N ARG A 88 -6.05 -15.31 -19.40
CA ARG A 88 -6.89 -16.47 -19.57
C ARG A 88 -6.63 -17.50 -18.48
N LEU A 89 -7.66 -17.81 -17.72
CA LEU A 89 -7.55 -18.81 -16.66
C LEU A 89 -7.80 -20.20 -17.22
N ARG A 90 -7.84 -21.19 -16.34
CA ARG A 90 -8.07 -22.56 -16.76
C ARG A 90 -8.94 -23.29 -15.75
N LYS A 91 -9.53 -24.40 -16.18
CA LYS A 91 -10.41 -25.18 -15.31
C LYS A 91 -9.63 -26.34 -14.70
N GLN A 92 -8.69 -25.99 -13.85
CA GLN A 92 -7.85 -26.96 -13.17
C GLN A 92 -8.50 -27.39 -11.86
N GLY B 1 -23.28 15.03 -12.24
CA GLY B 1 -22.19 14.08 -11.92
C GLY B 1 -21.24 14.64 -10.87
N PRO B 2 -20.25 13.84 -10.44
CA PRO B 2 -19.28 14.27 -9.44
C PRO B 2 -18.25 15.24 -10.01
N LEU B 3 -17.70 16.07 -9.15
CA LEU B 3 -16.70 17.04 -9.56
C LEU B 3 -15.31 16.45 -9.48
N GLY B 4 -14.97 15.66 -10.50
CA GLY B 4 -13.67 15.04 -10.55
C GLY B 4 -13.22 14.79 -11.97
N SER B 5 -13.60 15.68 -12.87
CA SER B 5 -13.24 15.57 -14.27
C SER B 5 -11.99 16.41 -14.55
N GLU B 6 -12.07 17.68 -14.21
CA GLU B 6 -10.95 18.60 -14.43
C GLU B 6 -10.26 18.90 -13.12
N ASP B 7 -10.75 18.30 -12.06
CA ASP B 7 -10.19 18.47 -10.73
C ASP B 7 -9.13 17.41 -10.48
N ASP B 8 -8.53 17.45 -9.29
CA ASP B 8 -7.50 16.47 -8.94
C ASP B 8 -7.87 15.76 -7.64
N PRO B 9 -8.71 14.70 -7.73
CA PRO B 9 -9.13 13.93 -6.57
C PRO B 9 -8.11 12.85 -6.20
N ILE B 10 -7.94 12.61 -4.91
CA ILE B 10 -6.99 11.62 -4.45
C ILE B 10 -7.68 10.32 -4.05
N PRO B 11 -7.29 9.19 -4.67
CA PRO B 11 -7.88 7.88 -4.37
C PRO B 11 -7.47 7.34 -3.01
N ASP B 12 -8.32 6.49 -2.43
CA ASP B 12 -8.06 5.93 -1.10
C ASP B 12 -6.89 4.93 -1.11
N GLU B 13 -6.32 4.68 -2.28
CA GLU B 13 -5.19 3.76 -2.37
C GLU B 13 -3.86 4.48 -2.16
N LEU B 14 -3.90 5.78 -1.90
CA LEU B 14 -2.69 6.54 -1.65
C LEU B 14 -3.01 7.84 -0.92
N LEU B 15 -4.20 7.87 -0.32
CA LEU B 15 -4.65 9.02 0.41
C LEU B 15 -4.84 8.71 1.89
N CYS B 16 -4.35 9.59 2.76
CA CYS B 16 -4.48 9.40 4.19
C CYS B 16 -5.92 9.63 4.58
N LEU B 17 -6.47 8.71 5.36
CA LEU B 17 -7.85 8.83 5.80
C LEU B 17 -7.96 9.84 6.93
N ILE B 18 -6.94 9.86 7.77
CA ILE B 18 -6.91 10.75 8.93
C ILE B 18 -7.10 12.22 8.56
N CYS B 19 -6.31 12.72 7.61
CA CYS B 19 -6.45 14.11 7.20
C CYS B 19 -7.17 14.21 5.86
N LYS B 20 -7.62 13.04 5.35
CA LYS B 20 -8.32 12.97 4.06
C LYS B 20 -7.52 13.66 2.95
N ASP B 21 -6.21 13.48 2.97
CA ASP B 21 -5.34 14.07 1.96
C ASP B 21 -4.14 13.16 1.68
N ILE B 22 -3.45 13.42 0.60
CA ILE B 22 -2.27 12.64 0.22
C ILE B 22 -1.13 12.91 1.19
N MET B 23 -0.23 11.95 1.33
CA MET B 23 0.90 12.09 2.26
C MET B 23 2.19 11.55 1.66
N THR B 24 3.30 11.91 2.28
CA THR B 24 4.61 11.45 1.87
C THR B 24 5.18 10.53 2.95
N ASP B 25 5.99 9.56 2.55
CA ASP B 25 6.58 8.60 3.48
C ASP B 25 5.50 7.87 4.27
N ALA B 26 4.40 7.54 3.58
CA ALA B 26 3.27 6.86 4.17
C ALA B 26 3.67 5.56 4.86
N VAL B 27 3.08 5.30 6.01
CA VAL B 27 3.37 4.10 6.76
C VAL B 27 2.14 3.21 6.82
N VAL B 28 2.33 1.97 7.21
CA VAL B 28 1.22 1.02 7.31
C VAL B 28 1.00 0.61 8.75
N ILE B 29 -0.25 0.32 9.06
CA ILE B 29 -0.60 -0.10 10.40
C ILE B 29 -0.85 -1.62 10.42
N PRO B 30 -0.06 -2.34 11.22
CA PRO B 30 -0.14 -3.81 11.30
C PRO B 30 -1.39 -4.32 12.00
N CYS B 31 -2.32 -3.44 12.29
CA CYS B 31 -3.56 -3.83 12.95
C CYS B 31 -4.65 -4.12 11.92
N CYS B 32 -4.60 -3.42 10.79
CA CYS B 32 -5.59 -3.62 9.74
C CYS B 32 -4.91 -3.65 8.38
N GLY B 33 -4.02 -2.70 8.14
CA GLY B 33 -3.30 -2.66 6.90
C GLY B 33 -3.47 -1.35 6.15
N ASN B 34 -4.16 -0.40 6.76
CA ASN B 34 -4.38 0.90 6.14
C ASN B 34 -3.14 1.76 6.29
N SER B 35 -2.94 2.67 5.34
CA SER B 35 -1.78 3.55 5.35
C SER B 35 -2.16 5.01 5.54
N TYR B 36 -1.40 5.72 6.37
CA TYR B 36 -1.64 7.13 6.64
C TYR B 36 -0.31 7.81 6.90
N CYS B 37 -0.35 9.13 7.05
CA CYS B 37 0.86 9.89 7.36
C CYS B 37 1.46 9.36 8.65
N ASP B 38 2.79 9.29 8.72
CA ASP B 38 3.46 8.80 9.92
C ASP B 38 3.08 9.64 11.12
N GLU B 39 2.89 10.93 10.88
CA GLU B 39 2.52 11.87 11.92
C GLU B 39 1.06 11.68 12.33
N CYS B 40 0.18 11.54 11.35
CA CYS B 40 -1.24 11.36 11.58
C CYS B 40 -1.52 10.09 12.37
N ILE B 41 -1.05 8.96 11.85
CA ILE B 41 -1.27 7.67 12.49
C ILE B 41 -0.66 7.65 13.89
N ARG B 42 0.48 8.30 14.04
CA ARG B 42 1.15 8.38 15.32
C ARG B 42 0.24 9.08 16.32
N THR B 43 -0.26 10.23 15.92
CA THR B 43 -1.15 11.04 16.74
C THR B 43 -2.38 10.25 17.19
N ALA B 44 -2.97 9.48 16.28
CA ALA B 44 -4.16 8.69 16.59
C ALA B 44 -3.91 7.73 17.74
N LEU B 45 -2.78 7.03 17.70
CA LEU B 45 -2.44 6.07 18.74
C LEU B 45 -2.03 6.76 20.03
N LEU B 46 -1.42 7.94 19.92
CA LEU B 46 -0.99 8.69 21.10
C LEU B 46 -2.18 9.26 21.86
N GLU B 47 -3.18 9.74 21.13
CA GLU B 47 -4.37 10.31 21.74
C GLU B 47 -5.24 9.22 22.38
N SER B 48 -5.42 8.13 21.64
CA SER B 48 -6.23 7.02 22.11
C SER B 48 -5.41 6.12 23.05
N ASP B 49 -5.69 6.23 24.34
CA ASP B 49 -5.00 5.42 25.35
C ASP B 49 -5.19 3.93 25.10
N GLU B 50 -6.31 3.58 24.49
CA GLU B 50 -6.64 2.20 24.18
C GLU B 50 -6.04 1.77 22.84
N HIS B 51 -5.28 2.68 22.22
CA HIS B 51 -4.64 2.41 20.93
C HIS B 51 -5.68 2.16 19.85
N THR B 52 -6.69 3.02 19.83
CA THR B 52 -7.77 2.92 18.87
C THR B 52 -7.32 3.30 17.46
N CYS B 53 -7.41 2.35 16.54
CA CYS B 53 -7.04 2.62 15.16
C CYS B 53 -8.02 3.59 14.54
N PRO B 54 -7.52 4.56 13.77
CA PRO B 54 -8.34 5.58 13.12
C PRO B 54 -8.97 5.10 11.83
N THR B 55 -9.41 3.86 11.83
CA THR B 55 -10.01 3.27 10.65
C THR B 55 -10.79 1.99 10.98
N CYS B 56 -10.15 1.08 11.73
CA CYS B 56 -10.79 -0.17 12.09
C CYS B 56 -11.19 -0.17 13.56
N HIS B 57 -10.75 0.87 14.28
CA HIS B 57 -11.07 1.04 15.69
C HIS B 57 -10.49 -0.09 16.51
N GLN B 58 -9.27 -0.46 16.16
CA GLN B 58 -8.56 -1.51 16.86
C GLN B 58 -8.20 -1.04 18.26
N ASN B 59 -7.70 -1.95 19.10
CA ASN B 59 -7.36 -1.60 20.48
C ASN B 59 -6.03 -2.19 20.91
N ASP B 60 -5.16 -2.45 19.96
CA ASP B 60 -3.86 -3.05 20.28
C ASP B 60 -2.84 -2.76 19.18
N VAL B 61 -2.63 -1.49 18.93
CA VAL B 61 -1.66 -1.06 17.94
C VAL B 61 -0.62 -0.17 18.61
N SER B 62 0.38 0.28 17.88
CA SER B 62 1.41 1.11 18.46
C SER B 62 2.14 1.91 17.38
N PRO B 63 2.67 3.09 17.75
CA PRO B 63 3.38 3.97 16.81
C PRO B 63 4.78 3.48 16.48
N ASP B 64 5.20 2.42 17.16
CA ASP B 64 6.52 1.84 16.93
C ASP B 64 6.39 0.62 16.03
N ALA B 65 5.16 0.20 15.81
CA ALA B 65 4.88 -0.98 14.97
C ALA B 65 4.56 -0.57 13.54
N LEU B 66 4.64 0.74 13.27
CA LEU B 66 4.36 1.25 11.94
C LEU B 66 5.43 0.79 10.96
N ILE B 67 5.00 0.30 9.81
CA ILE B 67 5.92 -0.20 8.80
C ILE B 67 5.98 0.74 7.60
N ALA B 68 6.91 0.50 6.68
CA ALA B 68 7.07 1.36 5.51
C ALA B 68 6.34 0.81 4.30
N ASN B 69 5.21 1.42 3.96
CA ASN B 69 4.45 0.98 2.80
C ASN B 69 5.10 1.53 1.55
N LYS B 70 6.09 0.80 1.06
CA LYS B 70 6.84 1.17 -0.13
C LYS B 70 5.92 1.53 -1.27
N PHE B 71 4.98 0.64 -1.54
CA PHE B 71 4.04 0.80 -2.63
C PHE B 71 3.27 2.11 -2.51
N LEU B 72 2.86 2.43 -1.29
CA LEU B 72 2.13 3.67 -1.03
C LEU B 72 2.97 4.88 -1.39
N ARG B 73 4.17 4.93 -0.82
CA ARG B 73 5.10 6.02 -1.07
C ARG B 73 5.41 6.17 -2.55
N GLN B 74 5.56 5.04 -3.23
CA GLN B 74 5.84 5.05 -4.66
C GLN B 74 4.63 5.56 -5.43
N ALA B 75 3.45 5.12 -5.04
CA ALA B 75 2.22 5.55 -5.69
C ALA B 75 2.04 7.06 -5.56
N VAL B 76 2.21 7.57 -4.34
CA VAL B 76 2.08 8.99 -4.08
C VAL B 76 3.03 9.80 -4.95
N ASN B 77 4.30 9.39 -4.99
CA ASN B 77 5.33 10.08 -5.76
C ASN B 77 4.98 10.15 -7.25
N ASN B 78 4.42 9.07 -7.78
CA ASN B 78 4.08 9.01 -9.19
C ASN B 78 2.79 9.79 -9.45
N PHE B 79 1.80 9.60 -8.59
CA PHE B 79 0.52 10.28 -8.71
C PHE B 79 0.69 11.81 -8.69
N LYS B 80 1.46 12.30 -7.71
CA LYS B 80 1.71 13.73 -7.56
C LYS B 80 2.29 14.34 -8.83
N ASN B 81 3.06 13.56 -9.58
CA ASN B 81 3.68 14.04 -10.80
C ASN B 81 2.71 13.98 -11.99
N GLU B 82 2.00 12.86 -12.10
CA GLU B 82 1.05 12.65 -13.19
C GLU B 82 -0.09 13.68 -13.15
N THR B 83 -0.61 13.94 -11.96
CA THR B 83 -1.72 14.87 -11.80
C THR B 83 -1.24 16.29 -11.49
N GLY B 84 0.01 16.41 -11.07
CA GLY B 84 0.54 17.72 -10.72
C GLY B 84 -0.16 18.27 -9.50
N TYR B 85 -0.31 17.42 -8.50
CA TYR B 85 -0.99 17.79 -7.26
C TYR B 85 -0.21 18.80 -6.44
N THR B 86 1.06 18.53 -6.29
CA THR B 86 1.96 19.39 -5.54
C THR B 86 2.20 20.72 -6.24
N LYS B 87 2.14 21.80 -5.48
CA LYS B 87 2.32 23.13 -6.05
C LYS B 87 3.60 23.79 -5.53
N ARG B 88 4.15 24.70 -6.33
CA ARG B 88 5.38 25.40 -5.94
C ARG B 88 5.09 26.52 -4.96
N LEU B 89 3.81 26.83 -4.77
CA LEU B 89 3.41 27.88 -3.85
C LEU B 89 3.69 27.46 -2.42
N ARG B 90 4.22 28.38 -1.63
CA ARG B 90 4.56 28.09 -0.25
C ARG B 90 3.34 28.26 0.65
N LYS B 91 3.54 28.05 1.94
CA LYS B 91 2.45 28.17 2.92
C LYS B 91 2.20 29.62 3.31
N GLN B 92 3.01 30.52 2.76
CA GLN B 92 2.89 31.97 3.04
C GLN B 92 3.12 32.26 4.53
ZN ZN C . 3.02 -12.98 -6.24
ZN ZN D . 10.70 -7.57 4.35
ZN ZN E . -2.50 12.36 7.35
ZN ZN F . -6.34 -0.49 12.10
N GLY A 1 4.17 11.07 -24.39
CA GLY A 1 2.73 10.82 -24.13
C GLY A 1 2.52 10.00 -22.87
N PRO A 2 1.26 9.76 -22.46
CA PRO A 2 0.95 8.98 -21.28
C PRO A 2 1.02 7.49 -21.53
N LEU A 3 0.76 6.72 -20.49
CA LEU A 3 0.79 5.29 -20.57
C LEU A 3 -0.50 4.75 -19.97
N GLY A 4 -0.84 3.52 -20.31
CA GLY A 4 -2.05 2.94 -19.79
C GLY A 4 -3.15 2.90 -20.83
N SER A 5 -2.79 3.24 -22.06
CA SER A 5 -3.74 3.27 -23.15
C SER A 5 -4.20 1.86 -23.52
N GLU A 6 -3.27 1.07 -24.01
CA GLU A 6 -3.54 -0.30 -24.42
C GLU A 6 -2.57 -1.25 -23.74
N ASP A 7 -1.42 -0.72 -23.33
CA ASP A 7 -0.40 -1.51 -22.66
C ASP A 7 0.41 -0.65 -21.73
N ASP A 8 0.76 -1.22 -20.58
CA ASP A 8 1.56 -0.53 -19.57
C ASP A 8 2.08 -1.54 -18.57
N PRO A 9 3.40 -1.53 -18.32
CA PRO A 9 4.03 -2.44 -17.35
C PRO A 9 3.44 -2.25 -15.95
N ILE A 10 3.61 -3.24 -15.10
CA ILE A 10 3.07 -3.16 -13.75
C ILE A 10 4.09 -2.55 -12.79
N PRO A 11 3.76 -1.40 -12.20
CA PRO A 11 4.63 -0.70 -11.26
C PRO A 11 4.76 -1.42 -9.92
N ASP A 12 5.90 -1.21 -9.26
CA ASP A 12 6.17 -1.84 -7.97
C ASP A 12 5.28 -1.28 -6.87
N GLU A 13 4.40 -0.36 -7.24
CA GLU A 13 3.47 0.24 -6.30
C GLU A 13 2.22 -0.63 -6.15
N LEU A 14 2.14 -1.71 -6.92
CA LEU A 14 0.99 -2.60 -6.84
C LEU A 14 1.31 -3.95 -7.48
N LEU A 15 2.60 -4.18 -7.73
CA LEU A 15 3.05 -5.42 -8.33
C LEU A 15 3.79 -6.31 -7.33
N CYS A 16 3.51 -7.62 -7.38
CA CYS A 16 4.18 -8.58 -6.50
C CYS A 16 5.58 -8.83 -7.00
N LEU A 17 6.56 -8.62 -6.13
CA LEU A 17 7.94 -8.82 -6.50
C LEU A 17 8.24 -10.30 -6.66
N ILE A 18 7.59 -11.12 -5.84
CA ILE A 18 7.79 -12.56 -5.84
C ILE A 18 7.52 -13.18 -7.21
N CYS A 19 6.34 -12.99 -7.75
CA CYS A 19 6.03 -13.56 -9.05
C CYS A 19 6.20 -12.53 -10.17
N LYS A 20 6.70 -11.35 -9.80
CA LYS A 20 6.93 -10.25 -10.75
C LYS A 20 5.67 -9.91 -11.54
N ASP A 21 4.51 -9.99 -10.91
CA ASP A 21 3.25 -9.68 -11.58
C ASP A 21 2.26 -9.09 -10.60
N ILE A 22 1.17 -8.55 -11.13
CA ILE A 22 0.12 -7.96 -10.31
C ILE A 22 -0.62 -9.05 -9.54
N MET A 23 -1.23 -8.68 -8.41
CA MET A 23 -1.94 -9.64 -7.59
C MET A 23 -3.22 -9.06 -7.01
N THR A 24 -4.09 -9.94 -6.53
CA THR A 24 -5.35 -9.56 -5.93
C THR A 24 -5.31 -9.90 -4.44
N ASP A 25 -6.06 -9.15 -3.63
CA ASP A 25 -6.11 -9.37 -2.18
C ASP A 25 -4.71 -9.38 -1.57
N ALA A 26 -3.86 -8.49 -2.08
CA ALA A 26 -2.49 -8.37 -1.63
C ALA A 26 -2.38 -8.12 -0.13
N VAL A 27 -1.34 -8.67 0.47
CA VAL A 27 -1.09 -8.51 1.90
C VAL A 27 0.21 -7.76 2.10
N VAL A 28 0.42 -7.27 3.32
CA VAL A 28 1.62 -6.51 3.64
C VAL A 28 2.48 -7.24 4.66
N ILE A 29 3.79 -7.00 4.59
CA ILE A 29 4.71 -7.62 5.52
C ILE A 29 5.28 -6.57 6.48
N PRO A 30 5.06 -6.77 7.79
CA PRO A 30 5.48 -5.83 8.83
C PRO A 30 6.99 -5.80 9.08
N CYS A 31 7.75 -6.50 8.27
CA CYS A 31 9.18 -6.53 8.43
C CYS A 31 9.83 -5.39 7.65
N CYS A 32 9.21 -5.04 6.53
CA CYS A 32 9.73 -3.97 5.69
C CYS A 32 8.61 -3.04 5.24
N GLY A 33 7.56 -3.62 4.67
CA GLY A 33 6.43 -2.85 4.22
C GLY A 33 6.00 -3.17 2.80
N ASN A 34 6.69 -4.10 2.17
CA ASN A 34 6.35 -4.48 0.80
C ASN A 34 5.12 -5.39 0.78
N SER A 35 4.38 -5.35 -0.31
CA SER A 35 3.16 -6.14 -0.46
C SER A 35 3.29 -7.15 -1.60
N TYR A 36 2.79 -8.36 -1.37
CA TYR A 36 2.81 -9.43 -2.37
C TYR A 36 1.59 -10.32 -2.19
N CYS A 37 1.40 -11.26 -3.12
CA CYS A 37 0.29 -12.19 -3.04
C CYS A 37 0.33 -12.92 -1.71
N ASP A 38 -0.83 -13.20 -1.13
CA ASP A 38 -0.90 -13.89 0.15
C ASP A 38 -0.21 -15.25 0.06
N GLU A 39 -0.40 -15.93 -1.05
CA GLU A 39 0.19 -17.25 -1.26
C GLU A 39 1.69 -17.14 -1.52
N CYS A 40 2.08 -16.15 -2.31
CA CYS A 40 3.48 -15.94 -2.65
C CYS A 40 4.32 -15.64 -1.41
N ILE A 41 3.92 -14.63 -0.65
CA ILE A 41 4.66 -14.24 0.55
C ILE A 41 4.64 -15.37 1.59
N ARG A 42 3.52 -16.09 1.66
CA ARG A 42 3.40 -17.19 2.59
C ARG A 42 4.45 -18.26 2.27
N THR A 43 4.58 -18.54 0.99
CA THR A 43 5.53 -19.54 0.50
C THR A 43 6.97 -19.14 0.83
N ALA A 44 7.31 -17.87 0.60
CA ALA A 44 8.67 -17.38 0.85
C ALA A 44 9.10 -17.62 2.29
N LEU A 45 8.23 -17.33 3.24
CA LEU A 45 8.55 -17.52 4.66
C LEU A 45 8.56 -19.00 5.02
N LEU A 46 7.71 -19.77 4.36
CA LEU A 46 7.62 -21.19 4.62
C LEU A 46 8.89 -21.91 4.13
N GLU A 47 9.38 -21.52 2.96
CA GLU A 47 10.59 -22.12 2.40
C GLU A 47 11.82 -21.73 3.20
N SER A 48 11.90 -20.46 3.57
CA SER A 48 13.02 -19.97 4.33
C SER A 48 12.91 -20.37 5.81
N ASP A 49 13.84 -21.21 6.25
CA ASP A 49 13.86 -21.68 7.63
C ASP A 49 14.13 -20.53 8.60
N GLU A 50 14.77 -19.48 8.10
CA GLU A 50 15.10 -18.32 8.92
C GLU A 50 14.05 -17.22 8.74
N HIS A 51 12.95 -17.56 8.05
CA HIS A 51 11.88 -16.61 7.80
C HIS A 51 12.40 -15.45 6.96
N THR A 52 13.33 -15.77 6.07
CA THR A 52 13.95 -14.80 5.18
C THR A 52 12.92 -14.12 4.29
N CYS A 53 12.84 -12.80 4.41
CA CYS A 53 11.92 -12.02 3.58
C CYS A 53 12.42 -12.00 2.14
N PRO A 54 11.50 -12.13 1.18
CA PRO A 54 11.83 -12.14 -0.24
C PRO A 54 12.03 -10.76 -0.83
N THR A 55 12.50 -9.84 -0.01
CA THR A 55 12.70 -8.47 -0.47
C THR A 55 13.77 -7.76 0.38
N CYS A 56 13.64 -7.83 1.70
CA CYS A 56 14.59 -7.18 2.60
C CYS A 56 15.49 -8.23 3.26
N HIS A 57 15.12 -9.49 3.08
CA HIS A 57 15.86 -10.63 3.61
C HIS A 57 15.90 -10.59 5.13
N GLN A 58 14.75 -10.35 5.73
CA GLN A 58 14.62 -10.33 7.18
C GLN A 58 14.71 -11.74 7.74
N ASN A 59 14.76 -11.89 9.05
CA ASN A 59 14.87 -13.21 9.66
C ASN A 59 13.98 -13.36 10.89
N ASP A 60 12.92 -12.56 10.97
CA ASP A 60 12.04 -12.61 12.13
C ASP A 60 10.61 -12.30 11.73
N VAL A 61 10.25 -12.67 10.52
CA VAL A 61 8.90 -12.43 10.04
C VAL A 61 8.06 -13.70 10.21
N SER A 62 6.86 -13.72 9.63
CA SER A 62 6.00 -14.88 9.73
C SER A 62 4.74 -14.70 8.87
N PRO A 63 4.13 -15.81 8.44
CA PRO A 63 2.94 -15.78 7.58
C PRO A 63 1.68 -15.42 8.36
N ASP A 64 1.81 -15.35 9.67
CA ASP A 64 0.70 -15.00 10.54
C ASP A 64 0.70 -13.49 10.82
N ALA A 65 1.80 -12.84 10.47
CA ALA A 65 1.93 -11.40 10.69
C ALA A 65 1.57 -10.61 9.44
N LEU A 66 0.98 -11.29 8.47
CA LEU A 66 0.58 -10.66 7.22
C LEU A 66 -0.70 -9.85 7.43
N ILE A 67 -0.66 -8.59 7.01
CA ILE A 67 -1.80 -7.70 7.16
C ILE A 67 -2.47 -7.44 5.82
N ALA A 68 -3.60 -6.74 5.82
CA ALA A 68 -4.31 -6.47 4.58
C ALA A 68 -4.05 -5.06 4.08
N ASN A 69 -3.32 -4.96 2.98
CA ASN A 69 -3.00 -3.65 2.40
C ASN A 69 -4.18 -3.15 1.60
N LYS A 70 -5.07 -2.49 2.31
CA LYS A 70 -6.27 -1.91 1.74
C LYS A 70 -5.98 -1.11 0.48
N PHE A 71 -4.96 -0.29 0.59
CA PHE A 71 -4.57 0.61 -0.48
C PHE A 71 -4.05 -0.16 -1.69
N LEU A 72 -3.28 -1.22 -1.42
CA LEU A 72 -2.73 -2.04 -2.49
C LEU A 72 -3.84 -2.65 -3.32
N ARG A 73 -4.74 -3.34 -2.64
CA ARG A 73 -5.87 -4.00 -3.29
C ARG A 73 -6.69 -2.99 -4.10
N GLN A 74 -6.84 -1.79 -3.56
CA GLN A 74 -7.60 -0.73 -4.23
C GLN A 74 -6.89 -0.32 -5.53
N ALA A 75 -5.61 -0.02 -5.43
CA ALA A 75 -4.81 0.40 -6.57
C ALA A 75 -4.82 -0.66 -7.68
N VAL A 76 -4.66 -1.92 -7.30
CA VAL A 76 -4.66 -3.02 -8.27
C VAL A 76 -5.94 -3.03 -9.09
N ASN A 77 -7.07 -2.91 -8.39
CA ASN A 77 -8.39 -2.92 -9.04
C ASN A 77 -8.53 -1.76 -10.02
N ASN A 78 -8.01 -0.60 -9.65
CA ASN A 78 -8.09 0.59 -10.50
C ASN A 78 -7.15 0.46 -11.69
N PHE A 79 -5.90 0.10 -11.40
CA PHE A 79 -4.88 -0.06 -12.42
C PHE A 79 -5.35 -1.00 -13.54
N LYS A 80 -5.87 -2.16 -13.16
CA LYS A 80 -6.35 -3.14 -14.14
C LYS A 80 -7.41 -2.55 -15.07
N ASN A 81 -8.26 -1.69 -14.53
CA ASN A 81 -9.33 -1.07 -15.31
C ASN A 81 -8.82 0.06 -16.19
N GLU A 82 -7.81 0.77 -15.71
CA GLU A 82 -7.26 1.90 -16.46
C GLU A 82 -6.44 1.45 -17.66
N THR A 83 -5.58 0.46 -17.47
CA THR A 83 -4.74 -0.02 -18.57
C THR A 83 -5.39 -1.20 -19.31
N GLY A 84 -6.37 -1.84 -18.69
CA GLY A 84 -7.03 -2.97 -19.32
C GLY A 84 -6.24 -4.25 -19.14
N TYR A 85 -5.71 -4.45 -17.94
CA TYR A 85 -4.91 -5.63 -17.64
C TYR A 85 -5.78 -6.82 -17.25
N THR A 86 -5.34 -7.99 -17.65
CA THR A 86 -5.99 -9.26 -17.34
C THR A 86 -5.09 -10.39 -17.83
N LYS A 87 -5.28 -11.60 -17.31
CA LYS A 87 -4.46 -12.72 -17.73
C LYS A 87 -5.23 -13.63 -18.67
N ARG A 88 -4.50 -14.48 -19.36
CA ARG A 88 -5.09 -15.43 -20.31
C ARG A 88 -4.65 -16.85 -19.96
N LEU A 89 -4.67 -17.16 -18.68
CA LEU A 89 -4.27 -18.47 -18.21
C LEU A 89 -5.50 -19.33 -17.95
N ARG A 90 -5.28 -20.61 -17.67
CA ARG A 90 -6.37 -21.53 -17.40
C ARG A 90 -6.85 -21.39 -15.97
N LYS A 91 -7.92 -22.10 -15.65
CA LYS A 91 -8.49 -22.07 -14.30
C LYS A 91 -7.80 -23.10 -13.42
N GLN A 92 -6.47 -23.15 -13.52
CA GLN A 92 -5.68 -24.08 -12.72
C GLN A 92 -5.72 -23.69 -11.24
N GLY B 1 -23.99 12.07 -11.77
CA GLY B 1 -22.66 11.43 -11.72
C GLY B 1 -21.70 12.19 -10.84
N PRO B 2 -20.59 11.55 -10.42
CA PRO B 2 -19.60 12.20 -9.56
C PRO B 2 -18.70 13.14 -10.38
N LEU B 3 -17.82 13.85 -9.69
CA LEU B 3 -16.93 14.77 -10.36
C LEU B 3 -15.52 14.21 -10.39
N GLY B 4 -15.04 13.93 -11.58
CA GLY B 4 -13.71 13.38 -11.76
C GLY B 4 -13.24 13.48 -13.19
N SER B 5 -13.21 14.70 -13.71
CA SER B 5 -12.78 14.92 -15.08
C SER B 5 -11.83 16.11 -15.14
N GLU B 6 -12.22 17.18 -14.46
CA GLU B 6 -11.42 18.39 -14.38
C GLU B 6 -11.18 18.68 -12.92
N ASP B 7 -11.12 17.60 -12.16
CA ASP B 7 -10.93 17.64 -10.72
C ASP B 7 -9.68 16.89 -10.32
N ASP B 8 -9.24 17.12 -9.09
CA ASP B 8 -8.06 16.46 -8.55
C ASP B 8 -8.38 15.77 -7.22
N PRO B 9 -9.03 14.60 -7.28
CA PRO B 9 -9.40 13.84 -6.10
C PRO B 9 -8.36 12.81 -5.70
N ILE B 10 -8.31 12.48 -4.42
CA ILE B 10 -7.35 11.50 -3.91
C ILE B 10 -8.05 10.17 -3.66
N PRO B 11 -7.57 9.10 -4.31
CA PRO B 11 -8.14 7.76 -4.14
C PRO B 11 -7.70 7.10 -2.82
N ASP B 12 -8.58 6.24 -2.29
CA ASP B 12 -8.33 5.52 -1.03
C ASP B 12 -7.03 4.73 -1.06
N GLU B 13 -6.54 4.41 -2.26
CA GLU B 13 -5.30 3.63 -2.41
C GLU B 13 -4.04 4.43 -2.09
N LEU B 14 -4.19 5.70 -1.77
CA LEU B 14 -3.04 6.55 -1.43
C LEU B 14 -3.51 7.80 -0.71
N LEU B 15 -4.66 7.68 -0.07
CA LEU B 15 -5.27 8.78 0.64
C LEU B 15 -5.26 8.55 2.15
N CYS B 16 -4.72 9.50 2.91
CA CYS B 16 -4.70 9.40 4.36
C CYS B 16 -6.08 9.69 4.87
N LEU B 17 -6.68 8.73 5.52
CA LEU B 17 -8.02 8.89 6.06
C LEU B 17 -8.03 9.93 7.17
N ILE B 18 -6.96 9.96 7.94
CA ILE B 18 -6.84 10.87 9.08
C ILE B 18 -7.04 12.34 8.67
N CYS B 19 -6.17 12.85 7.80
CA CYS B 19 -6.30 14.24 7.38
C CYS B 19 -7.12 14.34 6.08
N LYS B 20 -7.63 13.19 5.64
CA LYS B 20 -8.43 13.09 4.41
C LYS B 20 -7.74 13.73 3.20
N ASP B 21 -6.43 13.57 3.13
CA ASP B 21 -5.64 14.09 2.00
C ASP B 21 -4.47 13.17 1.70
N ILE B 22 -3.78 13.43 0.60
CA ILE B 22 -2.63 12.63 0.20
C ILE B 22 -1.45 12.88 1.14
N MET B 23 -0.54 11.90 1.23
CA MET B 23 0.60 12.01 2.14
C MET B 23 1.88 11.50 1.50
N THR B 24 3.00 11.88 2.11
CA THR B 24 4.32 11.46 1.66
C THR B 24 4.98 10.62 2.73
N ASP B 25 5.78 9.64 2.31
CA ASP B 25 6.49 8.75 3.24
C ASP B 25 5.50 8.07 4.19
N ALA B 26 4.38 7.64 3.62
CA ALA B 26 3.32 7.00 4.38
C ALA B 26 3.76 5.68 5.00
N VAL B 27 3.14 5.36 6.12
CA VAL B 27 3.44 4.14 6.85
C VAL B 27 2.20 3.25 6.90
N VAL B 28 2.38 2.00 7.28
CA VAL B 28 1.28 1.06 7.36
C VAL B 28 1.06 0.62 8.79
N ILE B 29 -0.19 0.28 9.10
CA ILE B 29 -0.53 -0.18 10.43
C ILE B 29 -0.83 -1.67 10.40
N PRO B 30 -0.07 -2.47 11.16
CA PRO B 30 -0.20 -3.94 11.18
C PRO B 30 -1.45 -4.43 11.89
N CYS B 31 -2.35 -3.53 12.24
CA CYS B 31 -3.58 -3.93 12.89
C CYS B 31 -4.67 -4.20 11.87
N CYS B 32 -4.63 -3.47 10.76
CA CYS B 32 -5.62 -3.63 9.71
C CYS B 32 -4.95 -3.64 8.34
N GLY B 33 -4.07 -2.68 8.11
CA GLY B 33 -3.36 -2.62 6.85
C GLY B 33 -3.52 -1.30 6.13
N ASN B 34 -4.19 -0.35 6.77
CA ASN B 34 -4.40 0.96 6.17
C ASN B 34 -3.13 1.80 6.32
N SER B 35 -2.94 2.73 5.39
CA SER B 35 -1.75 3.59 5.41
C SER B 35 -2.12 5.06 5.57
N TYR B 36 -1.37 5.76 6.41
CA TYR B 36 -1.59 7.18 6.66
C TYR B 36 -0.25 7.86 6.95
N CYS B 37 -0.27 9.18 7.07
CA CYS B 37 0.93 9.93 7.38
C CYS B 37 1.56 9.41 8.65
N ASP B 38 2.88 9.40 8.69
CA ASP B 38 3.61 8.93 9.86
C ASP B 38 3.18 9.72 11.10
N GLU B 39 3.08 11.02 10.94
CA GLU B 39 2.68 11.92 12.02
C GLU B 39 1.21 11.72 12.40
N CYS B 40 0.35 11.57 11.39
CA CYS B 40 -1.07 11.41 11.63
C CYS B 40 -1.37 10.14 12.42
N ILE B 41 -0.90 9.00 11.90
CA ILE B 41 -1.15 7.73 12.54
C ILE B 41 -0.50 7.69 13.93
N ARG B 42 0.67 8.32 14.06
CA ARG B 42 1.36 8.38 15.34
C ARG B 42 0.48 9.07 16.36
N THR B 43 -0.01 10.25 15.98
CA THR B 43 -0.88 11.05 16.84
C THR B 43 -2.12 10.28 17.29
N ALA B 44 -2.75 9.58 16.36
CA ALA B 44 -3.96 8.81 16.65
C ALA B 44 -3.73 7.81 17.79
N LEU B 45 -2.63 7.10 17.73
CA LEU B 45 -2.30 6.10 18.75
C LEU B 45 -1.88 6.77 20.05
N LEU B 46 -1.25 7.94 19.96
CA LEU B 46 -0.79 8.65 21.13
C LEU B 46 -1.99 9.23 21.89
N GLU B 47 -2.96 9.75 21.16
CA GLU B 47 -4.16 10.32 21.76
C GLU B 47 -5.02 9.24 22.39
N SER B 48 -5.23 8.16 21.65
CA SER B 48 -6.05 7.05 22.13
C SER B 48 -5.28 6.23 23.18
N ASP B 49 -5.69 6.36 24.43
CA ASP B 49 -5.04 5.65 25.53
C ASP B 49 -5.01 4.14 25.32
N GLU B 50 -6.03 3.62 24.67
CA GLU B 50 -6.12 2.19 24.41
C GLU B 50 -5.59 1.85 23.02
N HIS B 51 -4.87 2.79 22.41
CA HIS B 51 -4.29 2.59 21.08
C HIS B 51 -5.36 2.31 20.04
N THR B 52 -6.43 3.08 20.10
CA THR B 52 -7.54 2.94 19.19
C THR B 52 -7.13 3.36 17.77
N CYS B 53 -7.22 2.42 16.85
CA CYS B 53 -6.88 2.69 15.46
C CYS B 53 -7.89 3.65 14.85
N PRO B 54 -7.41 4.62 14.06
CA PRO B 54 -8.26 5.62 13.42
C PRO B 54 -8.95 5.11 12.15
N THR B 55 -9.19 3.83 12.10
CA THR B 55 -9.83 3.23 10.95
C THR B 55 -10.60 1.96 11.31
N CYS B 56 -9.95 1.04 12.03
CA CYS B 56 -10.58 -0.21 12.42
C CYS B 56 -10.91 -0.18 13.92
N HIS B 57 -10.44 0.87 14.59
CA HIS B 57 -10.68 1.08 16.01
C HIS B 57 -10.13 -0.07 16.84
N GLN B 58 -8.91 -0.48 16.51
CA GLN B 58 -8.23 -1.54 17.23
C GLN B 58 -7.82 -1.06 18.62
N ASN B 59 -7.28 -1.94 19.45
CA ASN B 59 -6.91 -1.56 20.82
C ASN B 59 -5.60 -2.21 21.26
N ASP B 60 -4.72 -2.52 20.31
CA ASP B 60 -3.46 -3.15 20.67
C ASP B 60 -2.36 -2.80 19.68
N VAL B 61 -2.53 -1.67 19.02
CA VAL B 61 -1.55 -1.22 18.06
C VAL B 61 -0.51 -0.35 18.75
N SER B 62 0.38 0.27 17.98
CA SER B 62 1.40 1.13 18.55
C SER B 62 2.12 1.88 17.44
N PRO B 63 2.69 3.05 17.75
CA PRO B 63 3.40 3.87 16.77
C PRO B 63 4.78 3.30 16.45
N ASP B 64 5.18 2.28 17.20
CA ASP B 64 6.47 1.64 17.01
C ASP B 64 6.34 0.46 16.06
N ALA B 65 5.10 0.11 15.75
CA ALA B 65 4.83 -1.01 14.84
C ALA B 65 4.50 -0.51 13.43
N LEU B 66 4.73 0.78 13.21
CA LEU B 66 4.46 1.38 11.92
C LEU B 66 5.53 0.96 10.91
N ILE B 67 5.10 0.34 9.83
CA ILE B 67 6.01 -0.15 8.80
C ILE B 67 6.01 0.81 7.61
N ALA B 68 6.91 0.58 6.66
CA ALA B 68 7.01 1.46 5.50
C ALA B 68 6.31 0.89 4.28
N ASN B 69 5.16 1.45 3.94
CA ASN B 69 4.41 0.98 2.78
C ASN B 69 5.07 1.51 1.52
N LYS B 70 6.06 0.77 1.04
CA LYS B 70 6.81 1.13 -0.15
C LYS B 70 5.90 1.44 -1.32
N PHE B 71 4.94 0.55 -1.53
CA PHE B 71 4.01 0.66 -2.63
C PHE B 71 3.19 1.93 -2.52
N LEU B 72 2.79 2.27 -1.30
CA LEU B 72 2.01 3.47 -1.05
C LEU B 72 2.81 4.70 -1.47
N ARG B 73 3.98 4.83 -0.88
CA ARG B 73 4.87 5.96 -1.17
C ARG B 73 5.15 6.08 -2.66
N GLN B 74 5.31 4.94 -3.32
CA GLN B 74 5.56 4.93 -4.75
C GLN B 74 4.34 5.45 -5.52
N ALA B 75 3.17 4.96 -5.15
CA ALA B 75 1.93 5.35 -5.79
C ALA B 75 1.72 6.86 -5.66
N VAL B 76 1.89 7.38 -4.45
CA VAL B 76 1.71 8.81 -4.20
C VAL B 76 2.59 9.67 -5.12
N ASN B 77 3.87 9.31 -5.19
CA ASN B 77 4.84 10.06 -6.01
C ASN B 77 4.43 10.10 -7.48
N ASN B 78 3.91 8.99 -7.99
CA ASN B 78 3.51 8.90 -9.37
C ASN B 78 2.15 9.58 -9.59
N PHE B 79 1.22 9.36 -8.67
CA PHE B 79 -0.11 9.96 -8.75
C PHE B 79 -0.04 11.48 -8.81
N LYS B 80 0.74 12.06 -7.90
CA LYS B 80 0.89 13.51 -7.83
C LYS B 80 1.35 14.10 -9.16
N ASN B 81 2.15 13.35 -9.89
CA ASN B 81 2.67 13.83 -11.17
C ASN B 81 1.70 13.55 -12.32
N GLU B 82 0.90 12.50 -12.19
CA GLU B 82 -0.05 12.16 -13.23
C GLU B 82 -1.26 13.08 -13.19
N THR B 83 -1.71 13.40 -11.98
CA THR B 83 -2.86 14.27 -11.82
C THR B 83 -2.45 15.73 -11.65
N GLY B 84 -1.16 15.95 -11.38
CA GLY B 84 -0.67 17.30 -11.19
C GLY B 84 -1.23 17.89 -9.92
N TYR B 85 -1.23 17.08 -8.86
CA TYR B 85 -1.76 17.48 -7.57
C TYR B 85 -0.91 18.56 -6.93
N THR B 86 0.38 18.31 -6.89
CA THR B 86 1.32 19.23 -6.29
C THR B 86 1.54 20.45 -7.19
N LYS B 87 1.75 21.59 -6.56
CA LYS B 87 1.96 22.83 -7.27
C LYS B 87 3.22 23.53 -6.80
N ARG B 88 3.67 24.52 -7.56
CA ARG B 88 4.88 25.26 -7.22
C ARG B 88 4.61 26.25 -6.07
N LEU B 89 3.33 26.51 -5.80
CA LEU B 89 2.96 27.41 -4.73
C LEU B 89 3.22 26.76 -3.38
N ARG B 90 3.76 27.53 -2.45
CA ARG B 90 4.08 27.02 -1.12
C ARG B 90 2.84 26.99 -0.23
N LYS B 91 3.03 27.24 1.06
CA LYS B 91 1.92 27.23 2.00
C LYS B 91 1.42 28.63 2.29
N GLN B 92 2.24 29.62 1.93
CA GLN B 92 1.92 31.03 2.15
C GLN B 92 1.70 31.33 3.63
ZN ZN C . 2.90 -12.86 -6.19
ZN ZN D . 10.62 -7.82 4.45
ZN ZN E . -2.55 12.19 7.18
ZN ZN F . -6.20 -0.42 12.28
N GLY A 1 6.08 10.38 -26.00
CA GLY A 1 4.85 9.81 -26.58
C GLY A 1 4.00 9.10 -25.55
N PRO A 2 2.90 8.46 -25.96
CA PRO A 2 2.01 7.74 -25.06
C PRO A 2 2.54 6.36 -24.69
N LEU A 3 1.99 5.82 -23.61
CA LEU A 3 2.38 4.51 -23.12
C LEU A 3 1.15 3.83 -22.55
N GLY A 4 0.95 2.57 -22.89
CA GLY A 4 -0.19 1.84 -22.39
C GLY A 4 -1.19 1.50 -23.47
N SER A 5 -0.86 1.83 -24.71
CA SER A 5 -1.73 1.56 -25.83
C SER A 5 -1.87 0.05 -26.06
N GLU A 6 -0.74 -0.62 -26.20
CA GLU A 6 -0.72 -2.05 -26.41
C GLU A 6 0.08 -2.77 -25.34
N ASP A 7 0.98 -2.04 -24.70
CA ASP A 7 1.81 -2.61 -23.65
C ASP A 7 2.02 -1.62 -22.53
N ASP A 8 2.19 -2.14 -21.32
CA ASP A 8 2.39 -1.33 -20.13
C ASP A 8 2.88 -2.24 -19.01
N PRO A 9 4.03 -1.93 -18.43
CA PRO A 9 4.60 -2.73 -17.36
C PRO A 9 3.96 -2.45 -16.01
N ILE A 10 3.89 -3.47 -15.17
CA ILE A 10 3.29 -3.32 -13.85
C ILE A 10 4.29 -2.69 -12.90
N PRO A 11 3.92 -1.53 -12.32
CA PRO A 11 4.79 -0.80 -11.39
C PRO A 11 4.92 -1.47 -10.02
N ASP A 12 6.11 -1.32 -9.42
CA ASP A 12 6.41 -1.89 -8.11
C ASP A 12 5.40 -1.44 -7.04
N GLU A 13 4.74 -0.31 -7.29
CA GLU A 13 3.76 0.22 -6.36
C GLU A 13 2.50 -0.64 -6.28
N LEU A 14 2.42 -1.69 -7.11
CA LEU A 14 1.27 -2.58 -7.08
C LEU A 14 1.62 -3.92 -7.75
N LEU A 15 2.91 -4.18 -7.87
CA LEU A 15 3.39 -5.41 -8.49
C LEU A 15 4.06 -6.34 -7.47
N CYS A 16 3.80 -7.64 -7.59
CA CYS A 16 4.41 -8.63 -6.70
C CYS A 16 5.82 -8.92 -7.18
N LEU A 17 6.77 -8.76 -6.29
CA LEU A 17 8.16 -8.99 -6.62
C LEU A 17 8.43 -10.48 -6.72
N ILE A 18 7.73 -11.25 -5.91
CA ILE A 18 7.92 -12.69 -5.85
C ILE A 18 7.68 -13.37 -7.21
N CYS A 19 6.53 -13.12 -7.82
CA CYS A 19 6.24 -13.73 -9.11
C CYS A 19 6.42 -12.73 -10.25
N LYS A 20 6.93 -11.55 -9.92
CA LYS A 20 7.16 -10.48 -10.92
C LYS A 20 5.89 -10.13 -11.70
N ASP A 21 4.74 -10.24 -11.06
CA ASP A 21 3.46 -9.93 -11.72
C ASP A 21 2.47 -9.35 -10.71
N ILE A 22 1.39 -8.78 -11.22
CA ILE A 22 0.36 -8.20 -10.37
C ILE A 22 -0.33 -9.27 -9.52
N MET A 23 -0.94 -8.85 -8.41
CA MET A 23 -1.61 -9.78 -7.50
C MET A 23 -2.95 -9.23 -7.05
N THR A 24 -3.78 -10.11 -6.50
CA THR A 24 -5.08 -9.73 -6.01
C THR A 24 -5.20 -10.17 -4.54
N ASP A 25 -5.95 -9.41 -3.74
CA ASP A 25 -6.10 -9.70 -2.30
C ASP A 25 -4.74 -9.79 -1.63
N ALA A 26 -3.80 -9.01 -2.18
CA ALA A 26 -2.43 -8.96 -1.68
C ALA A 26 -2.38 -8.54 -0.22
N VAL A 27 -1.28 -8.90 0.42
CA VAL A 27 -1.09 -8.59 1.83
C VAL A 27 0.22 -7.82 2.03
N VAL A 28 0.41 -7.31 3.24
CA VAL A 28 1.61 -6.55 3.56
C VAL A 28 2.46 -7.28 4.59
N ILE A 29 3.76 -7.07 4.52
CA ILE A 29 4.69 -7.70 5.44
C ILE A 29 5.24 -6.66 6.42
N PRO A 30 5.02 -6.89 7.73
CA PRO A 30 5.46 -5.96 8.79
C PRO A 30 6.96 -5.95 9.04
N CYS A 31 7.71 -6.61 8.17
CA CYS A 31 9.16 -6.65 8.33
C CYS A 31 9.82 -5.54 7.50
N CYS A 32 9.13 -5.11 6.46
CA CYS A 32 9.67 -4.05 5.59
C CYS A 32 8.54 -3.14 5.12
N GLY A 33 7.46 -3.74 4.61
CA GLY A 33 6.34 -2.95 4.14
C GLY A 33 5.91 -3.29 2.73
N ASN A 34 6.64 -4.20 2.10
CA ASN A 34 6.32 -4.61 0.74
C ASN A 34 5.06 -5.46 0.71
N SER A 35 4.34 -5.41 -0.41
CA SER A 35 3.12 -6.18 -0.57
C SER A 35 3.23 -7.17 -1.72
N TYR A 36 2.76 -8.39 -1.49
CA TYR A 36 2.79 -9.44 -2.50
C TYR A 36 1.59 -10.35 -2.34
N CYS A 37 1.43 -11.28 -3.26
CA CYS A 37 0.34 -12.25 -3.21
C CYS A 37 0.38 -12.98 -1.87
N ASP A 38 -0.79 -13.30 -1.34
CA ASP A 38 -0.90 -14.00 -0.07
C ASP A 38 -0.16 -15.33 -0.13
N GLU A 39 -0.35 -16.06 -1.22
CA GLU A 39 0.29 -17.36 -1.39
C GLU A 39 1.79 -17.21 -1.63
N CYS A 40 2.17 -16.20 -2.39
CA CYS A 40 3.57 -15.97 -2.69
C CYS A 40 4.37 -15.65 -1.43
N ILE A 41 3.91 -14.65 -0.68
CA ILE A 41 4.59 -14.25 0.55
C ILE A 41 4.57 -15.39 1.57
N ARG A 42 3.46 -16.12 1.60
CA ARG A 42 3.32 -17.23 2.52
C ARG A 42 4.38 -18.29 2.23
N THR A 43 4.52 -18.61 0.94
CA THR A 43 5.48 -19.60 0.50
C THR A 43 6.93 -19.21 0.86
N ALA A 44 7.25 -17.93 0.68
CA ALA A 44 8.59 -17.43 0.98
C ALA A 44 8.98 -17.72 2.42
N LEU A 45 8.10 -17.39 3.36
CA LEU A 45 8.37 -17.60 4.78
C LEU A 45 8.30 -19.09 5.14
N LEU A 46 7.44 -19.84 4.46
CA LEU A 46 7.29 -21.26 4.71
C LEU A 46 8.52 -22.05 4.28
N GLU A 47 9.06 -21.71 3.11
CA GLU A 47 10.23 -22.40 2.60
C GLU A 47 11.49 -22.02 3.38
N SER A 48 11.59 -20.74 3.73
CA SER A 48 12.74 -20.25 4.47
C SER A 48 12.53 -20.44 5.97
N ASP A 49 13.28 -21.37 6.54
CA ASP A 49 13.21 -21.68 7.98
C ASP A 49 13.58 -20.45 8.81
N GLU A 50 14.48 -19.65 8.26
CA GLU A 50 14.95 -18.45 8.91
C GLU A 50 14.03 -17.28 8.60
N HIS A 51 12.91 -17.57 7.93
CA HIS A 51 11.91 -16.57 7.58
C HIS A 51 12.50 -15.45 6.73
N THR A 52 13.33 -15.83 5.78
CA THR A 52 13.95 -14.86 4.88
C THR A 52 12.92 -14.18 4.01
N CYS A 53 12.76 -12.88 4.21
CA CYS A 53 11.82 -12.10 3.43
C CYS A 53 12.25 -12.04 1.98
N PRO A 54 11.30 -12.17 1.05
CA PRO A 54 11.56 -12.14 -0.39
C PRO A 54 11.73 -10.74 -0.94
N THR A 55 12.41 -9.90 -0.19
CA THR A 55 12.63 -8.53 -0.61
C THR A 55 13.71 -7.85 0.23
N CYS A 56 13.60 -7.95 1.56
CA CYS A 56 14.56 -7.33 2.46
C CYS A 56 15.44 -8.40 3.09
N HIS A 57 14.99 -9.65 2.96
CA HIS A 57 15.70 -10.81 3.48
C HIS A 57 15.76 -10.78 5.01
N GLN A 58 14.63 -10.41 5.61
CA GLN A 58 14.52 -10.35 7.06
C GLN A 58 14.58 -11.77 7.63
N ASN A 59 14.67 -11.90 8.94
CA ASN A 59 14.76 -13.22 9.57
C ASN A 59 13.83 -13.33 10.78
N ASP A 60 12.84 -12.47 10.85
CA ASP A 60 11.93 -12.47 12.00
C ASP A 60 10.52 -12.09 11.57
N VAL A 61 10.06 -12.70 10.50
CA VAL A 61 8.73 -12.44 10.00
C VAL A 61 7.87 -13.69 10.16
N SER A 62 6.66 -13.67 9.63
CA SER A 62 5.75 -14.80 9.73
C SER A 62 4.50 -14.57 8.89
N PRO A 63 3.89 -15.66 8.39
CA PRO A 63 2.70 -15.57 7.57
C PRO A 63 1.45 -15.24 8.39
N ASP A 64 1.63 -15.20 9.70
CA ASP A 64 0.54 -14.89 10.62
C ASP A 64 0.52 -13.40 10.93
N ALA A 65 1.62 -12.72 10.62
CA ALA A 65 1.73 -11.29 10.88
C ALA A 65 1.40 -10.48 9.62
N LEU A 66 0.90 -11.17 8.60
CA LEU A 66 0.55 -10.51 7.36
C LEU A 66 -0.71 -9.68 7.53
N ILE A 67 -0.65 -8.43 7.09
CA ILE A 67 -1.77 -7.51 7.21
C ILE A 67 -2.43 -7.30 5.85
N ALA A 68 -3.54 -6.58 5.82
CA ALA A 68 -4.26 -6.35 4.57
C ALA A 68 -4.01 -4.96 4.01
N ASN A 69 -3.23 -4.89 2.94
CA ASN A 69 -2.93 -3.62 2.31
C ASN A 69 -4.05 -3.29 1.33
N LYS A 70 -5.16 -2.82 1.88
CA LYS A 70 -6.32 -2.47 1.06
C LYS A 70 -5.97 -1.43 0.00
N PHE A 71 -5.06 -0.51 0.34
CA PHE A 71 -4.61 0.52 -0.59
C PHE A 71 -4.03 -0.14 -1.83
N LEU A 72 -3.18 -1.12 -1.58
CA LEU A 72 -2.53 -1.89 -2.64
C LEU A 72 -3.59 -2.57 -3.50
N ARG A 73 -4.45 -3.32 -2.82
CA ARG A 73 -5.53 -4.07 -3.47
C ARG A 73 -6.39 -3.15 -4.34
N GLN A 74 -6.69 -1.96 -3.83
CA GLN A 74 -7.50 -0.99 -4.57
C GLN A 74 -6.75 -0.51 -5.81
N ALA A 75 -5.48 -0.15 -5.63
CA ALA A 75 -4.63 0.32 -6.72
C ALA A 75 -4.56 -0.72 -7.83
N VAL A 76 -4.39 -1.98 -7.42
CA VAL A 76 -4.31 -3.10 -8.35
C VAL A 76 -5.60 -3.21 -9.17
N ASN A 77 -6.74 -3.12 -8.49
CA ASN A 77 -8.04 -3.21 -9.14
C ASN A 77 -8.23 -2.08 -10.16
N ASN A 78 -7.76 -0.89 -9.80
CA ASN A 78 -7.87 0.26 -10.69
C ASN A 78 -6.95 0.09 -11.89
N PHE A 79 -5.70 -0.25 -11.61
CA PHE A 79 -4.70 -0.45 -12.64
C PHE A 79 -5.17 -1.46 -13.69
N LYS A 80 -5.70 -2.59 -13.22
CA LYS A 80 -6.20 -3.64 -14.11
C LYS A 80 -7.24 -3.09 -15.08
N ASN A 81 -8.07 -2.17 -14.61
CA ASN A 81 -9.12 -1.58 -15.44
C ASN A 81 -8.59 -0.44 -16.29
N GLU A 82 -7.41 0.06 -15.94
CA GLU A 82 -6.79 1.16 -16.67
C GLU A 82 -6.10 0.65 -17.93
N THR A 83 -5.27 -0.36 -17.77
CA THR A 83 -4.53 -0.92 -18.90
C THR A 83 -5.21 -2.15 -19.49
N GLY A 84 -6.27 -2.62 -18.83
CA GLY A 84 -6.98 -3.79 -19.31
C GLY A 84 -6.18 -5.05 -19.07
N TYR A 85 -5.45 -5.09 -17.97
CA TYR A 85 -4.64 -6.24 -17.63
C TYR A 85 -5.51 -7.39 -17.12
N THR A 86 -5.09 -8.62 -17.45
CA THR A 86 -5.76 -9.82 -17.00
C THR A 86 -4.89 -11.04 -17.25
N LYS A 87 -5.14 -12.10 -16.49
CA LYS A 87 -4.38 -13.33 -16.61
C LYS A 87 -4.79 -14.10 -17.86
N ARG A 88 -3.94 -15.02 -18.26
CA ARG A 88 -4.19 -15.84 -19.44
C ARG A 88 -3.90 -17.31 -19.13
N LEU A 89 -4.13 -17.68 -17.88
CA LEU A 89 -3.91 -19.03 -17.42
C LEU A 89 -5.21 -19.82 -17.42
N ARG A 90 -5.12 -21.11 -17.12
CA ARG A 90 -6.28 -21.96 -17.07
C ARG A 90 -6.98 -21.82 -15.73
N LYS A 91 -8.07 -22.54 -15.56
CA LYS A 91 -8.82 -22.50 -14.31
C LYS A 91 -8.35 -23.61 -13.38
N GLN A 92 -7.03 -23.76 -13.30
CA GLN A 92 -6.42 -24.78 -12.45
C GLN A 92 -6.57 -24.43 -10.98
N GLY B 1 -26.15 13.31 -7.90
CA GLY B 1 -25.16 13.97 -8.80
C GLY B 1 -23.97 14.51 -8.03
N PRO B 2 -22.91 13.71 -7.88
CA PRO B 2 -21.72 14.12 -7.14
C PRO B 2 -20.75 14.95 -7.99
N LEU B 3 -19.59 15.26 -7.42
CA LEU B 3 -18.59 16.04 -8.10
C LEU B 3 -17.50 15.10 -8.61
N GLY B 4 -16.37 15.67 -9.03
CA GLY B 4 -15.30 14.85 -9.52
C GLY B 4 -15.01 15.11 -10.98
N SER B 5 -15.88 15.90 -11.61
CA SER B 5 -15.71 16.24 -13.01
C SER B 5 -14.60 17.26 -13.18
N GLU B 6 -14.76 18.39 -12.52
CA GLU B 6 -13.77 19.46 -12.61
C GLU B 6 -12.98 19.51 -11.31
N ASP B 7 -13.11 18.45 -10.53
CA ASP B 7 -12.42 18.35 -9.25
C ASP B 7 -11.25 17.39 -9.36
N ASP B 8 -10.36 17.45 -8.39
CA ASP B 8 -9.21 16.56 -8.36
C ASP B 8 -9.02 16.06 -6.94
N PRO B 9 -9.79 15.02 -6.55
CA PRO B 9 -9.74 14.44 -5.22
C PRO B 9 -8.68 13.35 -5.10
N ILE B 10 -8.53 12.82 -3.90
CA ILE B 10 -7.56 11.78 -3.64
C ILE B 10 -8.27 10.44 -3.41
N PRO B 11 -7.89 9.39 -4.16
CA PRO B 11 -8.49 8.07 -4.01
C PRO B 11 -8.05 7.40 -2.71
N ASP B 12 -8.97 6.65 -2.11
CA ASP B 12 -8.72 5.95 -0.84
C ASP B 12 -7.44 5.10 -0.87
N GLU B 13 -7.07 4.61 -2.06
CA GLU B 13 -5.89 3.76 -2.21
C GLU B 13 -4.58 4.51 -1.95
N LEU B 14 -4.65 5.81 -1.73
CA LEU B 14 -3.45 6.60 -1.45
C LEU B 14 -3.83 7.88 -0.73
N LEU B 15 -4.94 7.80 -0.03
CA LEU B 15 -5.46 8.93 0.71
C LEU B 15 -5.42 8.68 2.23
N CYS B 16 -4.88 9.65 2.97
CA CYS B 16 -4.83 9.55 4.42
C CYS B 16 -6.21 9.87 4.97
N LEU B 17 -6.82 8.89 5.60
CA LEU B 17 -8.15 9.06 6.15
C LEU B 17 -8.12 10.07 7.29
N ILE B 18 -7.04 10.03 8.06
CA ILE B 18 -6.89 10.90 9.23
C ILE B 18 -7.05 12.38 8.89
N CYS B 19 -6.25 12.88 7.97
CA CYS B 19 -6.36 14.30 7.61
C CYS B 19 -7.20 14.48 6.35
N LYS B 20 -7.74 13.39 5.83
CA LYS B 20 -8.57 13.40 4.62
C LYS B 20 -7.83 14.00 3.42
N ASP B 21 -6.52 13.79 3.35
CA ASP B 21 -5.71 14.30 2.25
C ASP B 21 -4.57 13.33 1.93
N ILE B 22 -3.88 13.58 0.84
CA ILE B 22 -2.75 12.75 0.44
C ILE B 22 -1.60 12.92 1.42
N MET B 23 -0.71 11.93 1.48
CA MET B 23 0.42 11.96 2.40
C MET B 23 1.70 11.56 1.70
N THR B 24 2.82 11.86 2.34
CA THR B 24 4.13 11.52 1.82
C THR B 24 4.89 10.76 2.88
N ASP B 25 5.73 9.80 2.46
CA ASP B 25 6.50 8.98 3.39
C ASP B 25 5.57 8.26 4.35
N ALA B 26 4.39 7.95 3.85
CA ALA B 26 3.35 7.28 4.63
C ALA B 26 3.78 5.91 5.13
N VAL B 27 3.15 5.50 6.21
CA VAL B 27 3.45 4.22 6.83
C VAL B 27 2.21 3.34 6.87
N VAL B 28 2.41 2.09 7.23
CA VAL B 28 1.31 1.13 7.30
C VAL B 28 1.10 0.68 8.74
N ILE B 29 -0.14 0.39 9.07
CA ILE B 29 -0.49 -0.06 10.41
C ILE B 29 -0.78 -1.56 10.39
N PRO B 30 -0.03 -2.34 11.18
CA PRO B 30 -0.17 -3.81 11.22
C PRO B 30 -1.43 -4.30 11.92
N CYS B 31 -2.32 -3.39 12.25
CA CYS B 31 -3.55 -3.77 12.93
C CYS B 31 -4.67 -4.00 11.92
N CYS B 32 -4.57 -3.33 10.78
CA CYS B 32 -5.58 -3.47 9.74
C CYS B 32 -4.91 -3.49 8.37
N GLY B 33 -4.01 -2.55 8.15
CA GLY B 33 -3.28 -2.50 6.90
C GLY B 33 -3.35 -1.14 6.25
N ASN B 34 -4.17 -0.25 6.80
CA ASN B 34 -4.34 1.09 6.26
C ASN B 34 -3.05 1.90 6.35
N SER B 35 -2.88 2.85 5.44
CA SER B 35 -1.69 3.70 5.41
C SER B 35 -2.07 5.17 5.55
N TYR B 36 -1.32 5.88 6.39
CA TYR B 36 -1.56 7.31 6.62
C TYR B 36 -0.24 7.99 6.92
N CYS B 37 -0.28 9.31 7.02
CA CYS B 37 0.92 10.09 7.33
C CYS B 37 1.56 9.57 8.61
N ASP B 38 2.89 9.57 8.65
CA ASP B 38 3.60 9.09 9.83
C ASP B 38 3.17 9.86 11.07
N GLU B 39 3.05 11.18 10.92
CA GLU B 39 2.65 12.05 12.02
C GLU B 39 1.20 11.82 12.41
N CYS B 40 0.33 11.68 11.40
CA CYS B 40 -1.08 11.49 11.63
C CYS B 40 -1.35 10.21 12.40
N ILE B 41 -0.84 9.10 11.89
CA ILE B 41 -1.04 7.80 12.53
C ILE B 41 -0.41 7.78 13.92
N ARG B 42 0.74 8.42 14.06
CA ARG B 42 1.42 8.48 15.34
C ARG B 42 0.52 9.18 16.35
N THR B 43 0.05 10.35 15.97
CA THR B 43 -0.82 11.16 16.81
C THR B 43 -2.06 10.40 17.24
N ALA B 44 -2.65 9.63 16.31
CA ALA B 44 -3.86 8.86 16.61
C ALA B 44 -3.63 7.88 17.76
N LEU B 45 -2.52 7.17 17.72
CA LEU B 45 -2.18 6.21 18.77
C LEU B 45 -1.74 6.91 20.05
N LEU B 46 -1.13 8.07 19.93
CA LEU B 46 -0.67 8.81 21.09
C LEU B 46 -1.83 9.45 21.84
N GLU B 47 -2.79 9.98 21.10
CA GLU B 47 -3.96 10.63 21.70
C GLU B 47 -4.91 9.61 22.33
N SER B 48 -4.82 8.38 21.88
CA SER B 48 -5.68 7.32 22.39
C SER B 48 -4.88 6.35 23.26
N ASP B 49 -5.11 6.42 24.57
CA ASP B 49 -4.42 5.56 25.53
C ASP B 49 -4.65 4.08 25.20
N GLU B 50 -5.83 3.76 24.71
CA GLU B 50 -6.19 2.39 24.37
C GLU B 50 -5.69 2.03 22.96
N HIS B 51 -4.91 2.92 22.36
CA HIS B 51 -4.35 2.72 21.03
C HIS B 51 -5.43 2.49 19.98
N THR B 52 -6.48 3.30 20.05
CA THR B 52 -7.59 3.20 19.11
C THR B 52 -7.13 3.58 17.70
N CYS B 53 -7.17 2.61 16.80
CA CYS B 53 -6.80 2.85 15.41
C CYS B 53 -7.79 3.83 14.76
N PRO B 54 -7.28 4.77 13.97
CA PRO B 54 -8.10 5.77 13.28
C PRO B 54 -8.76 5.24 12.02
N THR B 55 -9.18 4.00 12.05
CA THR B 55 -9.81 3.39 10.90
C THR B 55 -10.57 2.11 11.27
N CYS B 56 -9.92 1.23 12.04
CA CYS B 56 -10.55 -0.02 12.44
C CYS B 56 -10.84 0.00 13.94
N HIS B 57 -10.33 1.03 14.60
CA HIS B 57 -10.52 1.23 16.04
C HIS B 57 -9.98 0.06 16.86
N GLN B 58 -8.79 -0.39 16.48
CA GLN B 58 -8.12 -1.48 17.20
C GLN B 58 -7.67 -0.99 18.58
N ASN B 59 -7.23 -1.91 19.43
CA ASN B 59 -6.80 -1.54 20.78
C ASN B 59 -5.48 -2.21 21.16
N ASP B 60 -4.67 -2.56 20.15
CA ASP B 60 -3.40 -3.23 20.41
C ASP B 60 -2.41 -2.90 19.31
N VAL B 61 -2.35 -1.63 18.96
CA VAL B 61 -1.43 -1.18 17.93
C VAL B 61 -0.30 -0.40 18.60
N SER B 62 0.50 0.33 17.82
CA SER B 62 1.60 1.10 18.35
C SER B 62 2.34 1.85 17.26
N PRO B 63 2.86 3.04 17.56
CA PRO B 63 3.62 3.85 16.61
C PRO B 63 5.00 3.25 16.35
N ASP B 64 5.33 2.22 17.12
CA ASP B 64 6.60 1.52 16.99
C ASP B 64 6.46 0.34 16.03
N ALA B 65 5.22 -0.09 15.83
CA ALA B 65 4.94 -1.22 14.94
C ALA B 65 4.60 -0.75 13.53
N LEU B 66 4.87 0.53 13.26
CA LEU B 66 4.58 1.09 11.94
C LEU B 66 5.60 0.59 10.91
N ILE B 67 5.11 0.23 9.74
CA ILE B 67 5.97 -0.27 8.67
C ILE B 67 6.00 0.71 7.49
N ALA B 68 6.87 0.46 6.52
CA ALA B 68 7.00 1.37 5.38
C ALA B 68 6.27 0.83 4.15
N ASN B 69 5.14 1.45 3.81
CA ASN B 69 4.37 1.04 2.63
C ASN B 69 4.99 1.69 1.41
N LYS B 70 6.07 1.10 0.92
CA LYS B 70 6.77 1.61 -0.26
C LYS B 70 5.81 1.79 -1.42
N PHE B 71 4.95 0.80 -1.59
CA PHE B 71 3.97 0.79 -2.67
C PHE B 71 3.10 2.03 -2.62
N LEU B 72 2.56 2.30 -1.44
CA LEU B 72 1.72 3.45 -1.23
C LEU B 72 2.49 4.74 -1.51
N ARG B 73 3.67 4.85 -0.94
CA ARG B 73 4.52 6.02 -1.14
C ARG B 73 4.78 6.26 -2.62
N GLN B 74 4.99 5.18 -3.36
CA GLN B 74 5.24 5.27 -4.79
C GLN B 74 3.99 5.74 -5.51
N ALA B 75 2.86 5.15 -5.18
CA ALA B 75 1.59 5.51 -5.79
C ALA B 75 1.29 6.99 -5.58
N VAL B 76 1.53 7.46 -4.38
CA VAL B 76 1.32 8.87 -4.03
C VAL B 76 2.19 9.78 -4.89
N ASN B 77 3.47 9.45 -4.97
CA ASN B 77 4.44 10.24 -5.73
C ASN B 77 4.06 10.32 -7.20
N ASN B 78 3.52 9.22 -7.74
CA ASN B 78 3.13 9.17 -9.13
C ASN B 78 1.81 9.92 -9.33
N PHE B 79 0.86 9.72 -8.42
CA PHE B 79 -0.43 10.39 -8.50
C PHE B 79 -0.27 11.91 -8.46
N LYS B 80 0.58 12.39 -7.55
CA LYS B 80 0.84 13.82 -7.40
C LYS B 80 1.28 14.45 -8.73
N ASN B 81 1.95 13.65 -9.55
CA ASN B 81 2.44 14.14 -10.84
C ASN B 81 1.40 13.95 -11.94
N GLU B 82 0.53 12.96 -11.77
CA GLU B 82 -0.50 12.69 -12.77
C GLU B 82 -1.58 13.77 -12.76
N THR B 83 -2.00 14.16 -11.58
CA THR B 83 -3.03 15.17 -11.43
C THR B 83 -2.45 16.54 -11.11
N GLY B 84 -1.15 16.58 -10.80
CA GLY B 84 -0.51 17.83 -10.47
C GLY B 84 -1.04 18.39 -9.16
N TYR B 85 -1.19 17.51 -8.18
CA TYR B 85 -1.72 17.88 -6.88
C TYR B 85 -0.78 18.84 -6.15
N THR B 86 0.48 18.49 -6.16
CA THR B 86 1.52 19.27 -5.51
C THR B 86 1.46 20.72 -5.97
N LYS B 87 1.60 21.63 -5.02
CA LYS B 87 1.53 23.04 -5.35
C LYS B 87 2.74 23.80 -4.82
N ARG B 88 3.07 24.89 -5.49
CA ARG B 88 4.20 25.74 -5.09
C ARG B 88 3.86 26.56 -3.85
N LEU B 89 2.59 26.51 -3.43
CA LEU B 89 2.14 27.23 -2.26
C LEU B 89 2.47 26.43 -1.00
N ARG B 90 2.76 27.13 0.07
CA ARG B 90 3.11 26.49 1.33
C ARG B 90 1.87 26.28 2.18
N LYS B 91 2.04 26.17 3.49
CA LYS B 91 0.93 25.95 4.41
C LYS B 91 0.52 27.26 5.08
N GLN B 92 1.10 28.36 4.62
CA GLN B 92 0.82 29.69 5.15
C GLN B 92 1.14 29.76 6.64
ZN ZN C . 3.16 -12.92 -6.28
ZN ZN D . 10.61 -7.89 4.37
ZN ZN E . -2.61 12.37 7.21
ZN ZN F . -6.16 -0.33 12.24
N GLY A 1 18.68 -1.54 -23.90
CA GLY A 1 17.53 -0.79 -23.35
C GLY A 1 16.38 -1.70 -22.98
N PRO A 2 15.47 -1.24 -22.11
CA PRO A 2 14.31 -2.03 -21.69
C PRO A 2 13.21 -2.05 -22.74
N LEU A 3 12.32 -3.01 -22.63
CA LEU A 3 11.22 -3.16 -23.57
C LEU A 3 9.91 -2.64 -22.96
N GLY A 4 10.00 -1.55 -22.23
CA GLY A 4 8.83 -0.97 -21.59
C GLY A 4 8.29 0.21 -22.35
N SER A 5 8.76 0.40 -23.57
CA SER A 5 8.31 1.49 -24.41
C SER A 5 7.13 1.08 -25.27
N GLU A 6 7.11 -0.19 -25.64
CA GLU A 6 6.05 -0.72 -26.50
C GLU A 6 4.92 -1.31 -25.66
N ASP A 7 5.30 -2.07 -24.64
CA ASP A 7 4.31 -2.70 -23.76
C ASP A 7 4.11 -1.88 -22.50
N ASP A 8 3.10 -2.24 -21.72
CA ASP A 8 2.76 -1.54 -20.49
C ASP A 8 3.12 -2.40 -19.27
N PRO A 9 4.25 -2.10 -18.64
CA PRO A 9 4.72 -2.82 -17.46
C PRO A 9 3.99 -2.39 -16.19
N ILE A 10 4.09 -3.22 -15.16
CA ILE A 10 3.45 -2.94 -13.89
C ILE A 10 4.45 -2.37 -12.88
N PRO A 11 4.09 -1.23 -12.26
CA PRO A 11 4.96 -0.55 -11.28
C PRO A 11 5.08 -1.30 -9.94
N ASP A 12 6.22 -1.14 -9.28
CA ASP A 12 6.50 -1.79 -8.00
C ASP A 12 5.60 -1.26 -6.88
N GLU A 13 4.77 -0.28 -7.21
CA GLU A 13 3.87 0.31 -6.25
C GLU A 13 2.61 -0.54 -6.09
N LEU A 14 2.46 -1.58 -6.91
CA LEU A 14 1.30 -2.45 -6.82
C LEU A 14 1.58 -3.79 -7.50
N LEU A 15 2.84 -4.03 -7.79
CA LEU A 15 3.27 -5.26 -8.42
C LEU A 15 4.05 -6.14 -7.44
N CYS A 16 3.80 -7.44 -7.49
CA CYS A 16 4.49 -8.39 -6.62
C CYS A 16 5.91 -8.59 -7.12
N LEU A 17 6.86 -8.55 -6.21
CA LEU A 17 8.25 -8.73 -6.57
C LEU A 17 8.55 -10.20 -6.75
N ILE A 18 7.90 -11.01 -5.94
CA ILE A 18 8.10 -12.46 -5.93
C ILE A 18 7.85 -13.08 -7.31
N CYS A 19 6.67 -12.85 -7.87
CA CYS A 19 6.35 -13.41 -9.18
C CYS A 19 6.54 -12.36 -10.28
N LYS A 20 7.05 -11.19 -9.89
CA LYS A 20 7.29 -10.09 -10.82
C LYS A 20 6.04 -9.71 -11.62
N ASP A 21 4.87 -9.83 -10.99
CA ASP A 21 3.62 -9.48 -11.65
C ASP A 21 2.60 -8.94 -10.66
N ILE A 22 1.55 -8.30 -11.17
CA ILE A 22 0.51 -7.75 -10.32
C ILE A 22 -0.20 -8.86 -9.55
N MET A 23 -0.83 -8.51 -8.42
CA MET A 23 -1.51 -9.49 -7.60
C MET A 23 -2.84 -8.99 -7.08
N THR A 24 -3.65 -9.92 -6.63
CA THR A 24 -4.95 -9.62 -6.06
C THR A 24 -4.95 -10.05 -4.61
N ASP A 25 -5.74 -9.38 -3.77
CA ASP A 25 -5.81 -9.69 -2.33
C ASP A 25 -4.43 -9.50 -1.69
N ALA A 26 -3.68 -8.54 -2.25
CA ALA A 26 -2.33 -8.23 -1.79
C ALA A 26 -2.25 -8.00 -0.29
N VAL A 27 -1.20 -8.51 0.32
CA VAL A 27 -0.98 -8.36 1.75
C VAL A 27 0.32 -7.62 2.00
N VAL A 28 0.51 -7.16 3.23
CA VAL A 28 1.71 -6.41 3.59
C VAL A 28 2.53 -7.16 4.62
N ILE A 29 3.84 -6.96 4.57
CA ILE A 29 4.75 -7.60 5.50
C ILE A 29 5.28 -6.57 6.52
N PRO A 30 4.99 -6.80 7.81
CA PRO A 30 5.37 -5.87 8.88
C PRO A 30 6.86 -5.81 9.18
N CYS A 31 7.66 -6.49 8.38
CA CYS A 31 9.09 -6.49 8.58
C CYS A 31 9.74 -5.33 7.84
N CYS A 32 9.22 -5.03 6.66
CA CYS A 32 9.76 -3.98 5.84
C CYS A 32 8.66 -3.06 5.32
N GLY A 33 7.60 -3.64 4.78
CA GLY A 33 6.49 -2.85 4.30
C GLY A 33 6.09 -3.18 2.87
N ASN A 34 6.85 -4.04 2.21
CA ASN A 34 6.55 -4.42 0.85
C ASN A 34 5.29 -5.28 0.78
N SER A 35 4.59 -5.21 -0.34
CA SER A 35 3.35 -5.98 -0.53
C SER A 35 3.51 -7.00 -1.67
N TYR A 36 2.97 -8.20 -1.46
CA TYR A 36 3.02 -9.26 -2.45
C TYR A 36 1.78 -10.12 -2.35
N CYS A 37 1.63 -11.06 -3.28
CA CYS A 37 0.51 -11.98 -3.27
C CYS A 37 0.47 -12.72 -1.94
N ASP A 38 -0.73 -13.01 -1.46
CA ASP A 38 -0.89 -13.71 -0.19
C ASP A 38 -0.18 -15.06 -0.23
N GLU A 39 -0.32 -15.76 -1.34
CA GLU A 39 0.30 -17.06 -1.51
C GLU A 39 1.81 -16.93 -1.70
N CYS A 40 2.22 -15.93 -2.47
CA CYS A 40 3.64 -15.71 -2.75
C CYS A 40 4.42 -15.43 -1.48
N ILE A 41 4.00 -14.42 -0.73
CA ILE A 41 4.69 -14.04 0.49
C ILE A 41 4.62 -15.17 1.53
N ARG A 42 3.50 -15.86 1.56
CA ARG A 42 3.32 -16.97 2.49
C ARG A 42 4.37 -18.04 2.20
N THR A 43 4.49 -18.40 0.94
CA THR A 43 5.43 -19.40 0.49
C THR A 43 6.86 -19.06 0.91
N ALA A 44 7.26 -17.80 0.73
CA ALA A 44 8.60 -17.35 1.08
C ALA A 44 8.93 -17.64 2.55
N LEU A 45 7.99 -17.32 3.42
CA LEU A 45 8.18 -17.53 4.85
C LEU A 45 8.06 -19.00 5.23
N LEU A 46 7.29 -19.75 4.47
CA LEU A 46 7.10 -21.18 4.73
C LEU A 46 8.34 -21.96 4.30
N GLU A 47 8.94 -21.57 3.18
CA GLU A 47 10.12 -22.25 2.66
C GLU A 47 11.38 -21.83 3.41
N SER A 48 11.38 -20.61 3.95
CA SER A 48 12.51 -20.12 4.69
C SER A 48 12.29 -20.35 6.19
N ASP A 49 12.98 -21.34 6.73
CA ASP A 49 12.86 -21.71 8.14
C ASP A 49 13.19 -20.54 9.06
N GLU A 50 14.05 -19.64 8.60
CA GLU A 50 14.44 -18.47 9.39
C GLU A 50 13.58 -17.26 9.06
N HIS A 51 12.49 -17.49 8.31
CA HIS A 51 11.56 -16.43 7.93
C HIS A 51 12.22 -15.37 7.08
N THR A 52 13.05 -15.81 6.14
CA THR A 52 13.76 -14.90 5.25
C THR A 52 12.79 -14.18 4.31
N CYS A 53 12.65 -12.88 4.50
CA CYS A 53 11.78 -12.07 3.66
C CYS A 53 12.30 -12.04 2.23
N PRO A 54 11.40 -12.10 1.25
CA PRO A 54 11.75 -12.08 -0.17
C PRO A 54 11.95 -10.67 -0.71
N THR A 55 12.60 -9.84 0.07
CA THR A 55 12.82 -8.46 -0.33
C THR A 55 13.88 -7.79 0.55
N CYS A 56 13.76 -7.95 1.86
CA CYS A 56 14.70 -7.38 2.79
C CYS A 56 15.52 -8.48 3.45
N HIS A 57 15.08 -9.72 3.23
CA HIS A 57 15.74 -10.90 3.77
C HIS A 57 15.76 -10.86 5.29
N GLN A 58 14.64 -10.46 5.86
CA GLN A 58 14.49 -10.39 7.31
C GLN A 58 14.50 -11.79 7.91
N ASN A 59 14.58 -11.88 9.23
CA ASN A 59 14.62 -13.18 9.89
C ASN A 59 13.74 -13.21 11.13
N ASP A 60 12.73 -12.36 11.17
CA ASP A 60 11.85 -12.28 12.32
C ASP A 60 10.43 -11.93 11.90
N VAL A 61 10.04 -12.44 10.75
CA VAL A 61 8.71 -12.19 10.23
C VAL A 61 7.81 -13.41 10.49
N SER A 62 6.77 -13.56 9.66
CA SER A 62 5.84 -14.68 9.78
C SER A 62 4.68 -14.52 8.81
N PRO A 63 4.16 -15.65 8.30
CA PRO A 63 3.03 -15.65 7.38
C PRO A 63 1.72 -15.30 8.09
N ASP A 64 1.78 -15.34 9.42
CA ASP A 64 0.62 -15.04 10.24
C ASP A 64 0.63 -13.55 10.62
N ALA A 65 1.76 -12.90 10.40
CA ALA A 65 1.90 -11.48 10.70
C ALA A 65 1.54 -10.63 9.48
N LEU A 66 1.11 -11.29 8.42
CA LEU A 66 0.73 -10.59 7.19
C LEU A 66 -0.56 -9.82 7.39
N ILE A 67 -0.51 -8.52 7.12
CA ILE A 67 -1.67 -7.65 7.26
C ILE A 67 -2.34 -7.45 5.92
N ALA A 68 -3.49 -6.79 5.90
CA ALA A 68 -4.22 -6.59 4.65
C ALA A 68 -4.03 -5.18 4.10
N ASN A 69 -3.23 -5.06 3.05
CA ASN A 69 -2.99 -3.76 2.43
C ASN A 69 -4.12 -3.45 1.47
N LYS A 70 -5.26 -3.04 2.04
CA LYS A 70 -6.43 -2.71 1.23
C LYS A 70 -6.13 -1.60 0.23
N PHE A 71 -5.18 -0.74 0.56
CA PHE A 71 -4.78 0.34 -0.33
C PHE A 71 -4.19 -0.25 -1.59
N LEU A 72 -3.35 -1.26 -1.39
CA LEU A 72 -2.70 -1.97 -2.49
C LEU A 72 -3.75 -2.62 -3.37
N ARG A 73 -4.64 -3.35 -2.70
CA ARG A 73 -5.73 -4.06 -3.37
C ARG A 73 -6.57 -3.10 -4.21
N GLN A 74 -6.81 -1.90 -3.70
CA GLN A 74 -7.59 -0.91 -4.44
C GLN A 74 -6.80 -0.39 -5.63
N ALA A 75 -5.52 -0.09 -5.41
CA ALA A 75 -4.65 0.41 -6.46
C ALA A 75 -4.61 -0.59 -7.62
N VAL A 76 -4.44 -1.86 -7.28
CA VAL A 76 -4.39 -2.94 -8.25
C VAL A 76 -5.70 -2.99 -9.05
N ASN A 77 -6.82 -2.89 -8.34
CA ASN A 77 -8.14 -2.94 -8.95
C ASN A 77 -8.35 -1.81 -9.96
N ASN A 78 -7.83 -0.64 -9.64
CA ASN A 78 -7.98 0.52 -10.52
C ASN A 78 -7.01 0.41 -11.69
N PHE A 79 -5.78 0.00 -11.40
CA PHE A 79 -4.75 -0.14 -12.43
C PHE A 79 -5.19 -1.16 -13.48
N LYS A 80 -5.64 -2.32 -13.02
CA LYS A 80 -6.09 -3.39 -13.93
C LYS A 80 -7.17 -2.89 -14.88
N ASN A 81 -8.00 -1.98 -14.41
CA ASN A 81 -9.08 -1.43 -15.22
C ASN A 81 -8.59 -0.36 -16.17
N GLU A 82 -7.59 0.41 -15.73
CA GLU A 82 -7.03 1.49 -16.55
C GLU A 82 -6.27 0.94 -17.75
N THR A 83 -5.39 -0.02 -17.49
CA THR A 83 -4.57 -0.59 -18.55
C THR A 83 -5.25 -1.77 -19.23
N GLY A 84 -6.31 -2.30 -18.63
CA GLY A 84 -6.99 -3.44 -19.20
C GLY A 84 -6.15 -4.68 -19.06
N TYR A 85 -5.54 -4.83 -17.89
CA TYR A 85 -4.67 -5.96 -17.60
C TYR A 85 -5.46 -7.26 -17.59
N THR A 86 -6.55 -7.23 -16.89
CA THR A 86 -7.42 -8.39 -16.75
C THR A 86 -8.12 -8.68 -18.07
N LYS A 87 -8.13 -9.95 -18.44
CA LYS A 87 -8.75 -10.36 -19.68
C LYS A 87 -10.28 -10.39 -19.55
N ARG A 88 -10.96 -10.43 -20.69
CA ARG A 88 -12.42 -10.46 -20.71
C ARG A 88 -12.94 -11.87 -20.97
N LEU A 89 -12.07 -12.86 -20.79
CA LEU A 89 -12.43 -14.25 -21.00
C LEU A 89 -12.46 -14.98 -19.67
N ARG A 90 -12.91 -16.23 -19.67
CA ARG A 90 -12.98 -17.01 -18.45
C ARG A 90 -11.80 -17.99 -18.38
N LYS A 91 -11.80 -18.83 -17.36
CA LYS A 91 -10.74 -19.81 -17.17
C LYS A 91 -11.07 -21.14 -17.84
N GLN A 92 -12.01 -21.10 -18.77
CA GLN A 92 -12.43 -22.29 -19.52
C GLN A 92 -12.88 -23.42 -18.59
N GLY B 1 -20.61 15.27 -1.39
CA GLY B 1 -20.14 16.48 -2.11
C GLY B 1 -20.88 16.71 -3.41
N PRO B 2 -20.70 17.88 -4.04
CA PRO B 2 -21.35 18.20 -5.30
C PRO B 2 -20.64 17.57 -6.49
N LEU B 3 -21.12 17.84 -7.69
CA LEU B 3 -20.52 17.29 -8.90
C LEU B 3 -20.50 18.33 -10.01
N GLY B 4 -19.31 18.79 -10.36
CA GLY B 4 -19.16 19.77 -11.41
C GLY B 4 -18.29 19.26 -12.53
N SER B 5 -17.88 17.99 -12.42
CA SER B 5 -17.04 17.30 -13.40
C SER B 5 -15.57 17.73 -13.32
N GLU B 6 -15.33 18.94 -12.79
CA GLU B 6 -13.97 19.45 -12.67
C GLU B 6 -13.37 18.99 -11.33
N ASP B 7 -14.15 18.21 -10.60
CA ASP B 7 -13.74 17.71 -9.30
C ASP B 7 -12.77 16.55 -9.45
N ASP B 8 -11.62 16.68 -8.80
CA ASP B 8 -10.60 15.64 -8.82
C ASP B 8 -10.29 15.17 -7.40
N PRO B 9 -10.94 14.08 -6.97
CA PRO B 9 -10.75 13.52 -5.63
C PRO B 9 -9.60 12.51 -5.58
N ILE B 10 -9.02 12.36 -4.41
CA ILE B 10 -7.93 11.42 -4.21
C ILE B 10 -8.49 10.10 -3.70
N PRO B 11 -8.18 8.97 -4.38
CA PRO B 11 -8.68 7.66 -3.98
C PRO B 11 -8.10 7.18 -2.65
N ASP B 12 -8.90 6.40 -1.93
CA ASP B 12 -8.52 5.87 -0.63
C ASP B 12 -7.44 4.79 -0.74
N GLU B 13 -6.96 4.58 -1.96
CA GLU B 13 -5.92 3.61 -2.21
C GLU B 13 -4.54 4.22 -1.98
N LEU B 14 -4.51 5.54 -1.75
CA LEU B 14 -3.24 6.23 -1.51
C LEU B 14 -3.48 7.54 -0.79
N LEU B 15 -4.67 7.68 -0.26
CA LEU B 15 -5.06 8.88 0.47
C LEU B 15 -5.21 8.60 1.96
N CYS B 16 -4.78 9.54 2.79
CA CYS B 16 -4.87 9.39 4.24
C CYS B 16 -6.30 9.64 4.68
N LEU B 17 -6.81 8.75 5.51
CA LEU B 17 -8.16 8.87 6.01
C LEU B 17 -8.21 9.87 7.14
N ILE B 18 -7.14 9.91 7.92
CA ILE B 18 -7.02 10.79 9.07
C ILE B 18 -7.22 12.26 8.70
N CYS B 19 -6.47 12.75 7.72
CA CYS B 19 -6.61 14.14 7.30
C CYS B 19 -7.42 14.25 6.01
N LYS B 20 -7.94 13.11 5.55
CA LYS B 20 -8.75 13.04 4.32
C LYS B 20 -8.04 13.64 3.10
N ASP B 21 -6.72 13.48 3.04
CA ASP B 21 -5.94 13.99 1.91
C ASP B 21 -4.75 13.08 1.64
N ILE B 22 -4.12 13.25 0.49
CA ILE B 22 -2.96 12.44 0.14
C ILE B 22 -1.81 12.70 1.11
N MET B 23 -0.91 11.72 1.23
CA MET B 23 0.20 11.86 2.16
C MET B 23 1.51 11.44 1.51
N THR B 24 2.59 11.83 2.14
CA THR B 24 3.92 11.49 1.69
C THR B 24 4.61 10.70 2.80
N ASP B 25 5.48 9.75 2.41
CA ASP B 25 6.18 8.90 3.38
C ASP B 25 5.17 8.06 4.17
N ALA B 26 4.11 7.67 3.47
CA ALA B 26 3.03 6.88 4.05
C ALA B 26 3.51 5.61 4.72
N VAL B 27 2.92 5.29 5.85
CA VAL B 27 3.26 4.10 6.60
C VAL B 27 2.04 3.19 6.72
N VAL B 28 2.27 1.94 7.11
CA VAL B 28 1.18 0.99 7.24
C VAL B 28 1.01 0.57 8.69
N ILE B 29 -0.22 0.24 9.04
CA ILE B 29 -0.53 -0.19 10.39
C ILE B 29 -0.80 -1.70 10.41
N PRO B 30 0.00 -2.45 11.18
CA PRO B 30 -0.10 -3.92 11.25
C PRO B 30 -1.33 -4.44 11.98
N CYS B 31 -2.26 -3.55 12.28
CA CYS B 31 -3.47 -3.96 12.97
C CYS B 31 -4.59 -4.24 11.98
N CYS B 32 -4.58 -3.54 10.85
CA CYS B 32 -5.60 -3.71 9.83
C CYS B 32 -4.97 -3.74 8.45
N GLY B 33 -4.10 -2.77 8.17
CA GLY B 33 -3.44 -2.72 6.90
C GLY B 33 -3.65 -1.40 6.17
N ASN B 34 -4.22 -0.43 6.87
CA ASN B 34 -4.48 0.87 6.28
C ASN B 34 -3.22 1.74 6.34
N SER B 35 -3.08 2.66 5.39
CA SER B 35 -1.91 3.53 5.34
C SER B 35 -2.29 5.00 5.51
N TYR B 36 -1.51 5.71 6.30
CA TYR B 36 -1.74 7.13 6.55
C TYR B 36 -0.41 7.83 6.77
N CYS B 37 -0.46 9.14 6.87
CA CYS B 37 0.74 9.93 7.13
C CYS B 37 1.42 9.43 8.40
N ASP B 38 2.75 9.43 8.38
CA ASP B 38 3.52 8.98 9.54
C ASP B 38 3.12 9.75 10.79
N GLU B 39 2.99 11.06 10.63
CA GLU B 39 2.61 11.95 11.73
C GLU B 39 1.16 11.76 12.14
N CYS B 40 0.28 11.61 11.15
CA CYS B 40 -1.14 11.44 11.42
C CYS B 40 -1.41 10.18 12.22
N ILE B 41 -0.95 9.05 11.71
CA ILE B 41 -1.16 7.78 12.37
C ILE B 41 -0.48 7.78 13.73
N ARG B 42 0.74 8.32 13.80
CA ARG B 42 1.46 8.39 15.06
C ARG B 42 0.61 9.08 16.12
N THR B 43 0.04 10.21 15.74
CA THR B 43 -0.80 11.01 16.60
C THR B 43 -2.02 10.24 17.13
N ALA B 44 -2.57 9.36 16.29
CA ALA B 44 -3.76 8.61 16.67
C ALA B 44 -3.46 7.67 17.82
N LEU B 45 -2.30 7.03 17.72
CA LEU B 45 -1.86 6.07 18.71
C LEU B 45 -1.41 6.77 20.00
N LEU B 46 -0.86 7.97 19.86
CA LEU B 46 -0.37 8.72 21.01
C LEU B 46 -1.53 9.30 21.84
N GLU B 47 -2.53 9.84 21.16
CA GLU B 47 -3.66 10.44 21.85
C GLU B 47 -4.59 9.37 22.42
N SER B 48 -4.61 8.20 21.80
CA SER B 48 -5.45 7.11 22.27
C SER B 48 -4.65 6.19 23.18
N ASP B 49 -4.92 6.29 24.48
CA ASP B 49 -4.24 5.49 25.50
C ASP B 49 -4.36 3.99 25.23
N GLU B 50 -5.41 3.58 24.54
CA GLU B 50 -5.64 2.17 24.25
C GLU B 50 -5.18 1.81 22.84
N HIS B 51 -4.43 2.70 22.19
CA HIS B 51 -3.92 2.47 20.85
C HIS B 51 -5.05 2.28 19.86
N THR B 52 -6.10 3.07 20.02
CA THR B 52 -7.26 3.00 19.16
C THR B 52 -6.91 3.41 17.74
N CYS B 53 -6.97 2.43 16.83
CA CYS B 53 -6.68 2.70 15.43
C CYS B 53 -7.72 3.65 14.84
N PRO B 54 -7.29 4.60 14.03
CA PRO B 54 -8.17 5.59 13.41
C PRO B 54 -8.87 5.08 12.16
N THR B 55 -9.21 3.81 12.17
CA THR B 55 -9.86 3.21 11.03
C THR B 55 -10.61 1.92 11.43
N CYS B 56 -9.92 1.05 12.17
CA CYS B 56 -10.52 -0.20 12.61
C CYS B 56 -10.78 -0.14 14.11
N HIS B 57 -10.25 0.90 14.74
CA HIS B 57 -10.41 1.13 16.17
C HIS B 57 -9.86 -0.04 16.97
N GLN B 58 -8.69 -0.51 16.56
CA GLN B 58 -8.02 -1.60 17.24
C GLN B 58 -7.52 -1.13 18.60
N ASN B 59 -7.09 -2.06 19.45
CA ASN B 59 -6.61 -1.70 20.79
C ASN B 59 -5.33 -2.42 21.14
N ASP B 60 -4.60 -2.87 20.13
CA ASP B 60 -3.37 -3.60 20.36
C ASP B 60 -2.35 -3.26 19.28
N VAL B 61 -2.28 -1.98 18.97
CA VAL B 61 -1.35 -1.51 17.96
C VAL B 61 -0.19 -0.78 18.64
N SER B 62 0.51 0.05 17.87
CA SER B 62 1.64 0.80 18.40
C SER B 62 2.16 1.74 17.32
N PRO B 63 2.55 2.96 17.70
CA PRO B 63 3.10 3.93 16.75
C PRO B 63 4.52 3.55 16.35
N ASP B 64 5.06 2.54 17.02
CA ASP B 64 6.39 2.06 16.74
C ASP B 64 6.31 0.82 15.85
N ALA B 65 5.10 0.25 15.77
CA ALA B 65 4.88 -0.93 14.96
C ALA B 65 4.61 -0.55 13.50
N LEU B 66 4.50 0.75 13.25
CA LEU B 66 4.27 1.26 11.91
C LEU B 66 5.36 0.80 10.95
N ILE B 67 4.96 0.28 9.80
CA ILE B 67 5.90 -0.20 8.81
C ILE B 67 5.95 0.74 7.60
N ALA B 68 6.88 0.54 6.70
CA ALA B 68 7.02 1.43 5.55
C ALA B 68 6.34 0.87 4.30
N ASN B 69 5.20 1.46 3.95
CA ASN B 69 4.47 1.02 2.77
C ASN B 69 5.09 1.65 1.53
N LYS B 70 6.20 1.05 1.08
CA LYS B 70 6.92 1.53 -0.10
C LYS B 70 5.99 1.73 -1.27
N PHE B 71 5.11 0.75 -1.45
CA PHE B 71 4.15 0.75 -2.55
C PHE B 71 3.26 1.98 -2.49
N LEU B 72 2.78 2.30 -1.30
CA LEU B 72 1.93 3.46 -1.09
C LEU B 72 2.67 4.72 -1.48
N ARG B 73 3.87 4.87 -0.93
CA ARG B 73 4.72 6.03 -1.17
C ARG B 73 4.96 6.22 -2.67
N GLN B 74 5.17 5.11 -3.37
CA GLN B 74 5.41 5.17 -4.81
C GLN B 74 4.14 5.55 -5.55
N ALA B 75 3.02 4.96 -5.17
CA ALA B 75 1.73 5.27 -5.81
C ALA B 75 1.43 6.76 -5.67
N VAL B 76 1.62 7.27 -4.46
CA VAL B 76 1.39 8.68 -4.17
C VAL B 76 2.25 9.55 -5.08
N ASN B 77 3.52 9.17 -5.20
CA ASN B 77 4.49 9.91 -6.02
C ASN B 77 4.06 9.96 -7.49
N ASN B 78 3.48 8.88 -7.99
CA ASN B 78 3.04 8.81 -9.37
C ASN B 78 1.73 9.59 -9.54
N PHE B 79 0.80 9.37 -8.62
CA PHE B 79 -0.49 10.03 -8.65
C PHE B 79 -0.32 11.55 -8.61
N LYS B 80 0.52 12.03 -7.68
CA LYS B 80 0.77 13.46 -7.53
C LYS B 80 1.24 14.08 -8.85
N ASN B 81 2.00 13.32 -9.61
CA ASN B 81 2.51 13.80 -10.90
C ASN B 81 1.45 13.75 -11.99
N GLU B 82 0.70 12.66 -12.01
CA GLU B 82 -0.35 12.47 -13.02
C GLU B 82 -1.48 13.49 -12.88
N THR B 83 -1.87 13.79 -11.66
CA THR B 83 -2.95 14.74 -11.41
C THR B 83 -2.44 16.16 -11.26
N GLY B 84 -1.13 16.30 -11.12
CA GLY B 84 -0.55 17.63 -10.94
C GLY B 84 -0.90 18.20 -9.59
N TYR B 85 -1.04 17.31 -8.60
CA TYR B 85 -1.39 17.68 -7.24
C TYR B 85 -0.32 18.59 -6.64
N THR B 86 0.89 18.13 -6.72
CA THR B 86 2.04 18.84 -6.21
C THR B 86 2.26 20.12 -6.99
N LYS B 87 2.52 21.19 -6.27
CA LYS B 87 2.74 22.48 -6.89
C LYS B 87 4.20 22.89 -6.76
N ARG B 88 4.64 23.76 -7.66
CA ARG B 88 6.02 24.24 -7.64
C ARG B 88 6.10 25.55 -6.88
N LEU B 89 4.94 26.08 -6.53
CA LEU B 89 4.86 27.33 -5.79
C LEU B 89 5.27 27.11 -4.35
N ARG B 90 5.71 28.16 -3.68
CA ARG B 90 6.12 28.05 -2.29
C ARG B 90 4.95 28.39 -1.38
N LYS B 91 4.84 27.67 -0.27
CA LYS B 91 3.76 27.90 0.69
C LYS B 91 4.06 29.12 1.57
N GLN B 92 4.45 30.21 0.94
CA GLN B 92 4.77 31.44 1.66
C GLN B 92 4.14 32.63 0.96
ZN ZN C . 3.22 -12.97 -6.29
ZN ZN D . 10.63 -7.81 4.60
ZN ZN E . -2.80 12.18 7.04
ZN ZN F . -6.11 -0.49 12.37
N GLY A 1 17.15 2.30 -24.93
CA GLY A 1 16.73 2.20 -23.50
C GLY A 1 15.79 1.05 -23.28
N PRO A 2 14.98 1.10 -22.20
CA PRO A 2 14.03 0.03 -21.88
C PRO A 2 12.77 0.08 -22.74
N LEU A 3 11.91 -0.90 -22.55
CA LEU A 3 10.67 -0.98 -23.30
C LEU A 3 9.50 -0.61 -22.40
N GLY A 4 8.53 0.08 -22.97
CA GLY A 4 7.37 0.49 -22.20
C GLY A 4 6.70 1.71 -22.78
N SER A 5 6.67 1.78 -24.10
CA SER A 5 6.06 2.90 -24.78
C SER A 5 4.55 2.72 -24.83
N GLU A 6 4.12 1.66 -25.49
CA GLU A 6 2.70 1.36 -25.62
C GLU A 6 2.36 0.19 -24.71
N ASP A 7 3.42 -0.48 -24.27
CA ASP A 7 3.31 -1.62 -23.39
C ASP A 7 2.73 -1.19 -22.05
N ASP A 8 1.68 -1.88 -21.61
CA ASP A 8 1.04 -1.57 -20.34
C ASP A 8 1.41 -2.60 -19.27
N PRO A 9 2.46 -2.31 -18.49
CA PRO A 9 2.94 -3.19 -17.43
C PRO A 9 2.34 -2.84 -16.07
N ILE A 10 2.86 -3.49 -15.03
CA ILE A 10 2.38 -3.27 -13.68
C ILE A 10 3.45 -2.54 -12.85
N PRO A 11 3.08 -1.43 -12.21
CA PRO A 11 4.01 -0.65 -11.38
C PRO A 11 4.31 -1.33 -10.04
N ASP A 12 5.48 -1.02 -9.48
CA ASP A 12 5.92 -1.63 -8.21
C ASP A 12 5.08 -1.18 -7.03
N GLU A 13 4.15 -0.26 -7.28
CA GLU A 13 3.28 0.24 -6.23
C GLU A 13 2.03 -0.63 -6.08
N LEU A 14 1.91 -1.69 -6.89
CA LEU A 14 0.76 -2.59 -6.79
C LEU A 14 1.06 -3.92 -7.47
N LEU A 15 2.33 -4.15 -7.75
CA LEU A 15 2.78 -5.37 -8.39
C LEU A 15 3.60 -6.23 -7.42
N CYS A 16 3.35 -7.53 -7.42
CA CYS A 16 4.08 -8.46 -6.57
C CYS A 16 5.48 -8.64 -7.12
N LEU A 17 6.48 -8.48 -6.26
CA LEU A 17 7.86 -8.63 -6.69
C LEU A 17 8.20 -10.09 -6.88
N ILE A 18 7.60 -10.93 -6.04
CA ILE A 18 7.85 -12.37 -6.05
C ILE A 18 7.55 -12.99 -7.42
N CYS A 19 6.34 -12.81 -7.93
CA CYS A 19 5.99 -13.37 -9.23
C CYS A 19 6.11 -12.31 -10.32
N LYS A 20 6.59 -11.13 -9.94
CA LYS A 20 6.75 -10.00 -10.86
C LYS A 20 5.47 -9.68 -11.63
N ASP A 21 4.31 -9.82 -10.97
CA ASP A 21 3.03 -9.52 -11.62
C ASP A 21 2.02 -8.97 -10.61
N ILE A 22 0.92 -8.45 -11.13
CA ILE A 22 -0.14 -7.90 -10.29
C ILE A 22 -0.86 -9.02 -9.53
N MET A 23 -1.39 -8.69 -8.36
CA MET A 23 -2.05 -9.69 -7.54
C MET A 23 -3.31 -9.14 -6.89
N THR A 24 -4.14 -10.04 -6.40
CA THR A 24 -5.37 -9.68 -5.72
C THR A 24 -5.26 -10.06 -4.25
N ASP A 25 -5.98 -9.33 -3.39
CA ASP A 25 -5.96 -9.59 -1.94
C ASP A 25 -4.55 -9.48 -1.39
N ALA A 26 -3.79 -8.53 -1.95
CA ALA A 26 -2.41 -8.29 -1.56
C ALA A 26 -2.26 -8.03 -0.07
N VAL A 27 -1.21 -8.58 0.51
CA VAL A 27 -0.95 -8.41 1.93
C VAL A 27 0.34 -7.63 2.12
N VAL A 28 0.56 -7.15 3.33
CA VAL A 28 1.76 -6.38 3.65
C VAL A 28 2.61 -7.12 4.66
N ILE A 29 3.91 -6.89 4.58
CA ILE A 29 4.85 -7.53 5.49
C ILE A 29 5.37 -6.48 6.49
N PRO A 30 5.14 -6.73 7.79
CA PRO A 30 5.52 -5.80 8.86
C PRO A 30 7.02 -5.70 9.11
N CYS A 31 7.80 -6.31 8.25
CA CYS A 31 9.24 -6.27 8.41
C CYS A 31 9.83 -5.10 7.62
N CYS A 32 9.23 -4.82 6.47
CA CYS A 32 9.71 -3.73 5.63
C CYS A 32 8.54 -2.86 5.17
N GLY A 33 7.48 -3.51 4.69
CA GLY A 33 6.31 -2.78 4.26
C GLY A 33 5.89 -3.11 2.85
N ASN A 34 6.69 -3.94 2.17
CA ASN A 34 6.38 -4.35 0.82
C ASN A 34 5.14 -5.25 0.78
N SER A 35 4.42 -5.23 -0.33
CA SER A 35 3.20 -6.03 -0.48
C SER A 35 3.33 -7.04 -1.61
N TYR A 36 2.85 -8.26 -1.36
CA TYR A 36 2.88 -9.33 -2.35
C TYR A 36 1.67 -10.23 -2.17
N CYS A 37 1.50 -11.18 -3.08
CA CYS A 37 0.40 -12.12 -2.99
C CYS A 37 0.47 -12.85 -1.66
N ASP A 38 -0.68 -13.13 -1.07
CA ASP A 38 -0.73 -13.82 0.21
C ASP A 38 0.00 -15.15 0.15
N GLU A 39 -0.18 -15.86 -0.95
CA GLU A 39 0.46 -17.16 -1.13
C GLU A 39 1.95 -17.00 -1.41
N CYS A 40 2.31 -16.02 -2.23
CA CYS A 40 3.70 -15.78 -2.57
C CYS A 40 4.54 -15.45 -1.34
N ILE A 41 4.12 -14.44 -0.61
CA ILE A 41 4.84 -14.00 0.58
C ILE A 41 4.86 -15.12 1.63
N ARG A 42 3.75 -15.86 1.72
CA ARG A 42 3.66 -16.95 2.66
C ARG A 42 4.75 -17.97 2.36
N THR A 43 4.82 -18.36 1.09
CA THR A 43 5.80 -19.33 0.63
C THR A 43 7.23 -18.92 0.97
N ALA A 44 7.56 -17.64 0.75
CA ALA A 44 8.91 -17.14 1.03
C ALA A 44 9.31 -17.37 2.49
N LEU A 45 8.39 -17.06 3.41
CA LEU A 45 8.66 -17.23 4.83
C LEU A 45 8.63 -18.70 5.23
N LEU A 46 7.81 -19.49 4.56
CA LEU A 46 7.68 -20.91 4.87
C LEU A 46 8.95 -21.66 4.45
N GLU A 47 9.48 -21.31 3.28
CA GLU A 47 10.69 -21.95 2.77
C GLU A 47 11.91 -21.55 3.60
N SER A 48 12.01 -20.28 3.92
CA SER A 48 13.14 -19.78 4.70
C SER A 48 12.88 -19.97 6.20
N ASP A 49 13.65 -20.85 6.82
CA ASP A 49 13.51 -21.12 8.25
C ASP A 49 13.82 -19.87 9.07
N GLU A 50 14.73 -19.07 8.53
CA GLU A 50 15.15 -17.84 9.18
C GLU A 50 14.18 -16.69 8.84
N HIS A 51 13.13 -17.03 8.09
CA HIS A 51 12.10 -16.05 7.71
C HIS A 51 12.70 -14.90 6.91
N THR A 52 13.54 -15.25 5.95
CA THR A 52 14.18 -14.27 5.09
C THR A 52 13.16 -13.60 4.17
N CYS A 53 12.92 -12.32 4.39
CA CYS A 53 11.98 -11.58 3.55
C CYS A 53 12.46 -11.55 2.10
N PRO A 54 11.53 -11.73 1.16
CA PRO A 54 11.83 -11.74 -0.28
C PRO A 54 11.95 -10.34 -0.88
N THR A 55 12.61 -9.47 -0.15
CA THR A 55 12.78 -8.09 -0.60
C THR A 55 13.83 -7.36 0.24
N CYS A 56 13.69 -7.43 1.56
CA CYS A 56 14.62 -6.78 2.47
C CYS A 56 15.53 -7.81 3.12
N HIS A 57 15.16 -9.08 2.95
CA HIS A 57 15.92 -10.20 3.49
C HIS A 57 15.97 -10.12 5.01
N GLN A 58 14.84 -9.82 5.60
CA GLN A 58 14.72 -9.74 7.05
C GLN A 58 14.83 -11.14 7.65
N ASN A 59 14.90 -11.24 8.98
CA ASN A 59 15.05 -12.56 9.61
C ASN A 59 14.18 -12.69 10.87
N ASP A 60 13.00 -12.09 10.86
CA ASP A 60 12.12 -12.14 12.02
C ASP A 60 10.68 -11.83 11.63
N VAL A 61 10.27 -12.33 10.49
CA VAL A 61 8.91 -12.11 10.03
C VAL A 61 8.11 -13.40 10.18
N SER A 62 6.88 -13.42 9.69
CA SER A 62 6.05 -14.61 9.78
C SER A 62 4.80 -14.49 8.91
N PRO A 63 4.26 -15.62 8.45
CA PRO A 63 3.08 -15.64 7.58
C PRO A 63 1.80 -15.28 8.33
N ASP A 64 1.89 -15.21 9.65
CA ASP A 64 0.74 -14.86 10.47
C ASP A 64 0.74 -13.36 10.76
N ALA A 65 1.87 -12.73 10.47
CA ALA A 65 2.03 -11.30 10.71
C ALA A 65 1.66 -10.51 9.46
N LEU A 66 1.17 -11.20 8.44
CA LEU A 66 0.78 -10.56 7.20
C LEU A 66 -0.52 -9.79 7.40
N ILE A 67 -0.50 -8.52 7.02
CA ILE A 67 -1.68 -7.66 7.18
C ILE A 67 -2.32 -7.40 5.82
N ALA A 68 -3.50 -6.80 5.83
CA ALA A 68 -4.23 -6.54 4.59
C ALA A 68 -4.00 -5.12 4.08
N ASN A 69 -3.21 -5.00 3.03
CA ASN A 69 -2.91 -3.69 2.45
C ASN A 69 -4.12 -3.23 1.65
N LYS A 70 -5.03 -2.59 2.35
CA LYS A 70 -6.25 -2.06 1.76
C LYS A 70 -5.97 -1.25 0.52
N PHE A 71 -5.02 -0.34 0.64
CA PHE A 71 -4.63 0.56 -0.44
C PHE A 71 -4.16 -0.23 -1.65
N LEU A 72 -3.39 -1.28 -1.41
CA LEU A 72 -2.88 -2.12 -2.48
C LEU A 72 -4.03 -2.80 -3.22
N ARG A 73 -4.88 -3.45 -2.45
CA ARG A 73 -6.04 -4.15 -3.01
C ARG A 73 -6.94 -3.21 -3.80
N GLN A 74 -7.10 -1.99 -3.29
CA GLN A 74 -7.93 -1.00 -3.97
C GLN A 74 -7.26 -0.56 -5.25
N ALA A 75 -5.96 -0.29 -5.19
CA ALA A 75 -5.19 0.12 -6.35
C ALA A 75 -5.28 -0.90 -7.46
N VAL A 76 -5.09 -2.17 -7.11
CA VAL A 76 -5.15 -3.27 -8.07
C VAL A 76 -6.52 -3.32 -8.76
N ASN A 77 -7.57 -3.30 -7.96
CA ASN A 77 -8.94 -3.37 -8.48
C ASN A 77 -9.25 -2.21 -9.43
N ASN A 78 -8.75 -1.01 -9.11
CA ASN A 78 -9.01 0.15 -9.93
C ASN A 78 -8.11 0.13 -11.17
N PHE A 79 -6.85 -0.26 -10.98
CA PHE A 79 -5.88 -0.33 -12.07
C PHE A 79 -6.37 -1.29 -13.15
N LYS A 80 -6.76 -2.50 -12.73
CA LYS A 80 -7.26 -3.52 -13.64
C LYS A 80 -8.45 -3.03 -14.46
N ASN A 81 -9.20 -2.08 -13.90
CA ASN A 81 -10.38 -1.54 -14.57
C ASN A 81 -10.02 -0.41 -15.54
N GLU A 82 -8.94 0.29 -15.26
CA GLU A 82 -8.52 1.39 -16.12
C GLU A 82 -7.72 0.91 -17.30
N THR A 83 -6.68 0.12 -17.04
CA THR A 83 -5.82 -0.39 -18.09
C THR A 83 -6.41 -1.64 -18.72
N GLY A 84 -7.45 -2.18 -18.10
CA GLY A 84 -8.08 -3.38 -18.61
C GLY A 84 -7.13 -4.56 -18.60
N TYR A 85 -6.37 -4.68 -17.50
CA TYR A 85 -5.41 -5.77 -17.34
C TYR A 85 -6.08 -7.11 -17.44
N THR A 86 -7.13 -7.26 -16.69
CA THR A 86 -7.89 -8.49 -16.66
C THR A 86 -8.68 -8.66 -17.94
N LYS A 87 -8.83 -9.90 -18.37
CA LYS A 87 -9.53 -10.20 -19.59
C LYS A 87 -10.72 -11.09 -19.30
N ARG A 88 -11.60 -11.23 -20.29
CA ARG A 88 -12.81 -12.05 -20.13
C ARG A 88 -12.51 -13.55 -20.30
N LEU A 89 -11.38 -13.96 -19.73
CA LEU A 89 -10.97 -15.36 -19.78
C LEU A 89 -11.04 -15.95 -18.38
N ARG A 90 -11.36 -17.23 -18.29
CA ARG A 90 -11.46 -17.89 -17.01
C ARG A 90 -10.32 -18.87 -16.80
N LYS A 91 -10.33 -19.55 -15.66
CA LYS A 91 -9.27 -20.51 -15.32
C LYS A 91 -9.43 -21.81 -16.10
N GLN A 92 -10.58 -21.95 -16.76
CA GLN A 92 -10.88 -23.13 -17.58
C GLN A 92 -10.77 -24.42 -16.75
N GLY B 1 -13.15 8.89 -20.14
CA GLY B 1 -12.60 10.26 -20.26
C GLY B 1 -11.35 10.45 -19.43
N PRO B 2 -10.39 11.25 -19.91
CA PRO B 2 -9.14 11.49 -19.19
C PRO B 2 -9.31 12.47 -18.04
N LEU B 3 -8.47 12.31 -17.02
CA LEU B 3 -8.49 13.15 -15.85
C LEU B 3 -7.05 13.46 -15.47
N GLY B 4 -6.85 14.53 -14.72
CA GLY B 4 -5.50 14.87 -14.32
C GLY B 4 -5.01 16.12 -15.01
N SER B 5 -5.87 16.72 -15.82
CA SER B 5 -5.53 17.94 -16.54
C SER B 5 -5.38 19.11 -15.58
N GLU B 6 -6.48 19.44 -14.92
CA GLU B 6 -6.50 20.53 -13.95
C GLU B 6 -7.05 20.05 -12.61
N ASP B 7 -7.74 18.92 -12.65
CA ASP B 7 -8.34 18.35 -11.45
C ASP B 7 -8.10 16.85 -11.41
N ASP B 8 -7.98 16.32 -10.19
CA ASP B 8 -7.77 14.91 -9.97
C ASP B 8 -7.82 14.62 -8.47
N PRO B 9 -8.88 13.97 -8.00
CA PRO B 9 -9.04 13.66 -6.58
C PRO B 9 -8.10 12.54 -6.14
N ILE B 10 -7.65 12.60 -4.89
CA ILE B 10 -6.74 11.60 -4.37
C ILE B 10 -7.50 10.32 -4.01
N PRO B 11 -7.16 9.21 -4.67
CA PRO B 11 -7.81 7.93 -4.40
C PRO B 11 -7.43 7.36 -3.05
N ASP B 12 -8.32 6.55 -2.47
CA ASP B 12 -8.08 5.95 -1.14
C ASP B 12 -6.96 4.92 -1.16
N GLU B 13 -6.40 4.69 -2.33
CA GLU B 13 -5.31 3.74 -2.48
C GLU B 13 -3.94 4.39 -2.24
N LEU B 14 -3.94 5.69 -1.96
CA LEU B 14 -2.69 6.41 -1.68
C LEU B 14 -2.97 7.71 -0.95
N LEU B 15 -4.13 7.77 -0.34
CA LEU B 15 -4.56 8.95 0.38
C LEU B 15 -4.77 8.65 1.87
N CYS B 16 -4.30 9.55 2.73
CA CYS B 16 -4.45 9.38 4.16
C CYS B 16 -5.89 9.67 4.54
N LEU B 17 -6.50 8.74 5.24
CA LEU B 17 -7.88 8.89 5.65
C LEU B 17 -7.97 9.91 6.79
N ILE B 18 -6.96 9.91 7.63
CA ILE B 18 -6.90 10.79 8.80
C ILE B 18 -7.02 12.26 8.42
N CYS B 19 -6.22 12.72 7.47
CA CYS B 19 -6.29 14.11 7.04
C CYS B 19 -7.02 14.25 5.72
N LYS B 20 -7.53 13.12 5.22
CA LYS B 20 -8.26 13.07 3.95
C LYS B 20 -7.47 13.66 2.79
N ASP B 21 -6.15 13.49 2.81
CA ASP B 21 -5.29 14.02 1.75
C ASP B 21 -4.10 13.11 1.51
N ILE B 22 -3.41 13.32 0.39
CA ILE B 22 -2.23 12.54 0.04
C ILE B 22 -1.10 12.83 1.02
N MET B 23 -0.17 11.88 1.17
CA MET B 23 0.92 12.04 2.09
C MET B 23 2.21 11.44 1.57
N THR B 24 3.31 11.83 2.18
CA THR B 24 4.62 11.31 1.81
C THR B 24 5.15 10.44 2.95
N ASP B 25 6.02 9.49 2.62
CA ASP B 25 6.60 8.58 3.62
C ASP B 25 5.49 7.82 4.36
N ALA B 26 4.42 7.50 3.63
CA ALA B 26 3.28 6.80 4.18
C ALA B 26 3.70 5.49 4.86
N VAL B 27 3.09 5.23 6.00
CA VAL B 27 3.37 4.03 6.76
C VAL B 27 2.14 3.16 6.82
N VAL B 28 2.33 1.90 7.19
CA VAL B 28 1.23 0.95 7.29
C VAL B 28 1.02 0.53 8.73
N ILE B 29 -0.22 0.19 9.04
CA ILE B 29 -0.57 -0.25 10.38
C ILE B 29 -0.85 -1.76 10.36
N PRO B 30 -0.11 -2.53 11.17
CA PRO B 30 -0.22 -3.99 11.22
C PRO B 30 -1.49 -4.50 11.89
N CYS B 31 -2.42 -3.60 12.16
CA CYS B 31 -3.66 -3.98 12.80
C CYS B 31 -4.75 -4.23 11.75
N CYS B 32 -4.65 -3.55 10.62
CA CYS B 32 -5.62 -3.70 9.55
C CYS B 32 -4.92 -3.72 8.20
N GLY B 33 -4.03 -2.75 8.00
CA GLY B 33 -3.28 -2.68 6.75
C GLY B 33 -3.46 -1.36 6.03
N ASN B 34 -4.16 -0.43 6.67
CA ASN B 34 -4.38 0.88 6.06
C ASN B 34 -3.14 1.74 6.22
N SER B 35 -2.95 2.66 5.29
CA SER B 35 -1.77 3.53 5.30
C SER B 35 -2.15 5.00 5.49
N TYR B 36 -1.39 5.69 6.33
CA TYR B 36 -1.59 7.11 6.61
C TYR B 36 -0.27 7.77 6.90
N CYS B 37 -0.28 9.08 7.05
CA CYS B 37 0.91 9.83 7.37
C CYS B 37 1.52 9.31 8.67
N ASP B 38 2.84 9.28 8.74
CA ASP B 38 3.53 8.80 9.94
C ASP B 38 3.05 9.56 11.18
N GLU B 39 2.93 10.87 11.04
CA GLU B 39 2.49 11.72 12.14
C GLU B 39 1.01 11.54 12.45
N CYS B 40 0.20 11.43 11.40
CA CYS B 40 -1.24 11.28 11.56
C CYS B 40 -1.57 10.00 12.31
N ILE B 41 -1.03 8.88 11.83
CA ILE B 41 -1.29 7.58 12.46
C ILE B 41 -0.69 7.54 13.86
N ARG B 42 0.47 8.16 14.03
CA ARG B 42 1.13 8.20 15.32
C ARG B 42 0.24 8.90 16.35
N THR B 43 -0.31 10.03 15.94
CA THR B 43 -1.16 10.83 16.81
C THR B 43 -2.41 10.05 17.26
N ALA B 44 -3.03 9.32 16.33
CA ALA B 44 -4.22 8.54 16.64
C ALA B 44 -3.96 7.55 17.78
N LEU B 45 -2.85 6.82 17.67
CA LEU B 45 -2.50 5.83 18.70
C LEU B 45 -2.01 6.50 19.97
N LEU B 46 -1.35 7.65 19.83
CA LEU B 46 -0.83 8.39 20.98
C LEU B 46 -1.95 8.95 21.84
N GLU B 47 -2.97 9.51 21.19
CA GLU B 47 -4.10 10.10 21.92
C GLU B 47 -4.99 9.03 22.53
N SER B 48 -5.16 7.93 21.83
CA SER B 48 -5.99 6.83 22.32
C SER B 48 -5.17 5.82 23.10
N ASP B 49 -5.36 5.80 24.43
CA ASP B 49 -4.62 4.89 25.30
C ASP B 49 -4.87 3.43 24.91
N GLU B 50 -6.09 3.15 24.50
CA GLU B 50 -6.48 1.80 24.10
C GLU B 50 -5.97 1.48 22.70
N HIS B 51 -5.25 2.42 22.11
CA HIS B 51 -4.69 2.27 20.77
C HIS B 51 -5.76 2.00 19.74
N THR B 52 -6.81 2.81 19.76
CA THR B 52 -7.91 2.67 18.83
C THR B 52 -7.49 3.12 17.43
N CYS B 53 -7.39 2.16 16.51
CA CYS B 53 -7.01 2.47 15.14
C CYS B 53 -8.00 3.46 14.51
N PRO B 54 -7.49 4.44 13.75
CA PRO B 54 -8.31 5.46 13.09
C PRO B 54 -8.91 4.98 11.79
N THR B 55 -9.38 3.76 11.78
CA THR B 55 -9.96 3.19 10.57
C THR B 55 -10.73 1.90 10.88
N CYS B 56 -10.11 1.00 11.64
CA CYS B 56 -10.73 -0.27 11.99
C CYS B 56 -11.11 -0.27 13.46
N HIS B 57 -10.61 0.73 14.17
CA HIS B 57 -10.88 0.89 15.60
C HIS B 57 -10.36 -0.28 16.39
N GLN B 58 -9.15 -0.71 16.05
CA GLN B 58 -8.50 -1.81 16.74
C GLN B 58 -8.12 -1.38 18.15
N ASN B 59 -7.64 -2.31 18.97
CA ASN B 59 -7.31 -2.00 20.35
C ASN B 59 -5.99 -2.63 20.81
N ASP B 60 -5.06 -2.81 19.89
CA ASP B 60 -3.78 -3.43 20.23
C ASP B 60 -2.72 -3.13 19.19
N VAL B 61 -2.61 -1.87 18.84
CA VAL B 61 -1.62 -1.44 17.87
C VAL B 61 -0.58 -0.58 18.58
N SER B 62 0.30 0.06 17.83
CA SER B 62 1.32 0.92 18.41
C SER B 62 2.05 1.70 17.33
N PRO B 63 2.53 2.90 17.67
CA PRO B 63 3.24 3.77 16.72
C PRO B 63 4.64 3.23 16.39
N ASP B 64 5.10 2.28 17.18
CA ASP B 64 6.41 1.68 16.96
C ASP B 64 6.30 0.51 15.99
N ALA B 65 5.06 0.04 15.77
CA ALA B 65 4.81 -1.09 14.89
C ALA B 65 4.46 -0.62 13.48
N LEU B 66 4.65 0.67 13.22
CA LEU B 66 4.36 1.23 11.91
C LEU B 66 5.44 0.82 10.93
N ILE B 67 5.03 0.30 9.78
CA ILE B 67 5.96 -0.17 8.77
C ILE B 67 5.97 0.78 7.57
N ALA B 68 6.91 0.58 6.66
CA ALA B 68 7.03 1.46 5.50
C ALA B 68 6.31 0.89 4.28
N ASN B 69 5.16 1.46 3.94
CA ASN B 69 4.41 0.98 2.79
C ASN B 69 5.08 1.51 1.53
N LYS B 70 6.04 0.75 1.07
CA LYS B 70 6.81 1.08 -0.12
C LYS B 70 5.90 1.41 -1.29
N PHE B 71 4.95 0.54 -1.52
CA PHE B 71 4.00 0.68 -2.61
C PHE B 71 3.24 1.99 -2.52
N LEU B 72 2.86 2.35 -1.30
CA LEU B 72 2.14 3.60 -1.07
C LEU B 72 3.00 4.78 -1.45
N ARG B 73 4.19 4.83 -0.86
CA ARG B 73 5.13 5.91 -1.11
C ARG B 73 5.45 6.04 -2.60
N GLN B 74 5.58 4.90 -3.27
CA GLN B 74 5.88 4.88 -4.69
C GLN B 74 4.71 5.44 -5.50
N ALA B 75 3.50 4.98 -5.18
CA ALA B 75 2.31 5.43 -5.89
C ALA B 75 2.11 6.93 -5.73
N VAL B 76 2.32 7.43 -4.50
CA VAL B 76 2.18 8.85 -4.21
C VAL B 76 3.11 9.67 -5.11
N ASN B 77 4.35 9.23 -5.24
CA ASN B 77 5.34 9.93 -6.05
C ASN B 77 4.96 9.89 -7.53
N ASN B 78 4.47 8.75 -8.00
CA ASN B 78 4.06 8.60 -9.39
C ASN B 78 2.84 9.48 -9.67
N PHE B 79 1.85 9.35 -8.80
CA PHE B 79 0.61 10.11 -8.89
C PHE B 79 0.91 11.60 -8.99
N LYS B 80 1.69 12.11 -8.02
CA LYS B 80 2.06 13.52 -7.99
C LYS B 80 2.73 13.99 -9.28
N ASN B 81 3.47 13.10 -9.92
CA ASN B 81 4.17 13.44 -11.15
C ASN B 81 3.26 13.39 -12.37
N GLU B 82 2.37 12.41 -12.41
CA GLU B 82 1.45 12.25 -13.54
C GLU B 82 0.38 13.34 -13.57
N THR B 83 -0.23 13.60 -12.42
CA THR B 83 -1.28 14.61 -12.34
C THR B 83 -0.73 15.99 -12.01
N GLY B 84 0.45 16.03 -11.41
CA GLY B 84 1.05 17.30 -11.04
C GLY B 84 0.41 17.86 -9.79
N TYR B 85 0.24 17.01 -8.79
CA TYR B 85 -0.36 17.41 -7.52
C TYR B 85 0.64 18.15 -6.65
N THR B 86 0.11 19.11 -5.88
CA THR B 86 0.88 19.90 -4.93
C THR B 86 -0.08 20.82 -4.18
N LYS B 87 0.40 21.52 -3.16
CA LYS B 87 -0.45 22.41 -2.40
C LYS B 87 0.29 23.71 -2.10
N ARG B 88 -0.45 24.72 -1.66
CA ARG B 88 0.13 26.02 -1.37
C ARG B 88 0.68 26.09 0.05
N LEU B 89 1.98 26.30 0.15
CA LEU B 89 2.63 26.44 1.44
C LEU B 89 2.77 27.94 1.74
N ARG B 90 3.18 28.29 2.95
CA ARG B 90 3.32 29.69 3.30
C ARG B 90 4.48 29.89 4.27
N LYS B 91 4.88 31.15 4.41
CA LYS B 91 5.98 31.52 5.29
C LYS B 91 5.45 31.75 6.71
N GLN B 92 4.77 30.73 7.22
CA GLN B 92 4.19 30.77 8.55
C GLN B 92 5.25 30.61 9.63
ZN ZN C . 2.89 -13.02 -6.20
ZN ZN D . 10.73 -7.41 4.42
ZN ZN E . -2.55 12.17 7.09
ZN ZN F . -6.29 -0.57 11.98
N GLY A 1 -1.55 16.26 -24.33
CA GLY A 1 -0.90 15.10 -23.69
C GLY A 1 -1.01 13.84 -24.52
N PRO A 2 -0.15 12.84 -24.27
CA PRO A 2 -0.18 11.58 -25.01
C PRO A 2 -1.31 10.66 -24.57
N LEU A 3 -1.52 9.59 -25.33
CA LEU A 3 -2.57 8.63 -25.03
C LEU A 3 -1.98 7.45 -24.26
N GLY A 4 -1.83 7.61 -22.95
CA GLY A 4 -1.26 6.56 -22.14
C GLY A 4 -2.13 6.15 -20.97
N SER A 5 -3.36 6.65 -20.93
CA SER A 5 -4.28 6.31 -19.84
C SER A 5 -4.79 4.88 -19.99
N GLU A 6 -4.66 4.32 -21.18
CA GLU A 6 -5.13 2.97 -21.44
C GLU A 6 -3.96 2.03 -21.70
N ASP A 7 -2.75 2.48 -21.42
CA ASP A 7 -1.56 1.66 -21.63
C ASP A 7 -0.52 1.98 -20.58
N ASP A 8 -0.14 0.97 -19.81
CA ASP A 8 0.84 1.11 -18.74
C ASP A 8 1.02 -0.24 -18.06
N PRO A 9 2.27 -0.71 -17.95
CA PRO A 9 2.58 -1.99 -17.31
C PRO A 9 2.32 -1.97 -15.81
N ILE A 10 2.58 -3.10 -15.15
CA ILE A 10 2.35 -3.18 -13.71
C ILE A 10 3.37 -2.37 -12.94
N PRO A 11 2.91 -1.36 -12.20
CA PRO A 11 3.76 -0.51 -11.38
C PRO A 11 4.06 -1.13 -10.00
N ASP A 12 5.22 -0.77 -9.45
CA ASP A 12 5.68 -1.28 -8.14
C ASP A 12 4.62 -1.06 -7.06
N GLU A 13 3.85 0.02 -7.19
CA GLU A 13 2.81 0.35 -6.21
C GLU A 13 1.72 -0.74 -6.12
N LEU A 14 1.74 -1.69 -7.03
CA LEU A 14 0.78 -2.79 -7.00
C LEU A 14 1.35 -4.04 -7.68
N LEU A 15 2.67 -4.07 -7.78
CA LEU A 15 3.39 -5.19 -8.38
C LEU A 15 3.94 -6.16 -7.34
N CYS A 16 3.63 -7.45 -7.49
CA CYS A 16 4.18 -8.46 -6.59
C CYS A 16 5.60 -8.72 -7.03
N LEU A 17 6.55 -8.37 -6.19
CA LEU A 17 7.96 -8.56 -6.52
C LEU A 17 8.27 -10.03 -6.74
N ILE A 18 7.68 -10.86 -5.90
CA ILE A 18 7.91 -12.31 -5.93
C ILE A 18 7.64 -12.92 -7.31
N CYS A 19 6.42 -12.80 -7.81
CA CYS A 19 6.10 -13.37 -9.12
C CYS A 19 6.23 -12.34 -10.22
N LYS A 20 6.71 -11.15 -9.85
CA LYS A 20 6.90 -10.03 -10.78
C LYS A 20 5.65 -9.69 -11.60
N ASP A 21 4.48 -9.83 -11.01
CA ASP A 21 3.23 -9.51 -11.69
C ASP A 21 2.20 -8.98 -10.70
N ILE A 22 1.06 -8.54 -11.21
CA ILE A 22 0.00 -8.02 -10.35
C ILE A 22 -0.63 -9.12 -9.50
N MET A 23 -1.24 -8.75 -8.39
CA MET A 23 -1.83 -9.71 -7.48
C MET A 23 -3.20 -9.24 -6.98
N THR A 24 -3.96 -10.17 -6.41
CA THR A 24 -5.27 -9.87 -5.85
C THR A 24 -5.33 -10.29 -4.39
N ASP A 25 -5.99 -9.49 -3.56
CA ASP A 25 -6.12 -9.75 -2.12
C ASP A 25 -4.75 -9.93 -1.49
N ALA A 26 -3.78 -9.20 -2.02
CA ALA A 26 -2.41 -9.26 -1.55
C ALA A 26 -2.30 -8.74 -0.12
N VAL A 27 -1.24 -9.14 0.55
CA VAL A 27 -1.03 -8.75 1.93
C VAL A 27 0.26 -7.95 2.09
N VAL A 28 0.48 -7.43 3.29
CA VAL A 28 1.67 -6.65 3.59
C VAL A 28 2.53 -7.36 4.62
N ILE A 29 3.82 -7.09 4.57
CA ILE A 29 4.77 -7.70 5.48
C ILE A 29 5.29 -6.64 6.47
N PRO A 30 5.05 -6.85 7.77
CA PRO A 30 5.46 -5.89 8.82
C PRO A 30 6.95 -5.83 9.07
N CYS A 31 7.73 -6.50 8.24
CA CYS A 31 9.16 -6.50 8.40
C CYS A 31 9.78 -5.36 7.60
N CYS A 32 9.13 -4.99 6.49
CA CYS A 32 9.63 -3.91 5.65
C CYS A 32 8.48 -3.04 5.16
N GLY A 33 7.41 -3.67 4.70
CA GLY A 33 6.26 -2.93 4.24
C GLY A 33 5.85 -3.25 2.82
N ASN A 34 6.58 -4.15 2.18
CA ASN A 34 6.27 -4.55 0.81
C ASN A 34 5.05 -5.45 0.77
N SER A 35 4.32 -5.41 -0.33
CA SER A 35 3.12 -6.23 -0.49
C SER A 35 3.28 -7.21 -1.65
N TYR A 36 2.83 -8.44 -1.42
CA TYR A 36 2.89 -9.48 -2.44
C TYR A 36 1.70 -10.41 -2.28
N CYS A 37 1.55 -11.33 -3.22
CA CYS A 37 0.47 -12.31 -3.16
C CYS A 37 0.52 -13.05 -1.83
N ASP A 38 -0.64 -13.37 -1.29
CA ASP A 38 -0.73 -14.08 -0.03
C ASP A 38 0.02 -15.41 -0.12
N GLU A 39 -0.14 -16.08 -1.25
CA GLU A 39 0.50 -17.36 -1.49
C GLU A 39 2.01 -17.21 -1.70
N CYS A 40 2.39 -16.18 -2.44
CA CYS A 40 3.79 -15.92 -2.73
C CYS A 40 4.59 -15.63 -1.46
N ILE A 41 4.13 -14.64 -0.70
CA ILE A 41 4.82 -14.26 0.53
C ILE A 41 4.79 -15.40 1.55
N ARG A 42 3.71 -16.17 1.57
CA ARG A 42 3.59 -17.29 2.47
C ARG A 42 4.68 -18.31 2.18
N THR A 43 4.86 -18.59 0.91
CA THR A 43 5.87 -19.55 0.45
C THR A 43 7.28 -19.11 0.81
N ALA A 44 7.57 -17.83 0.61
CA ALA A 44 8.90 -17.29 0.89
C ALA A 44 9.32 -17.54 2.34
N LEU A 45 8.42 -17.27 3.28
CA LEU A 45 8.71 -17.45 4.69
C LEU A 45 8.73 -18.93 5.06
N LEU A 46 7.90 -19.71 4.38
CA LEU A 46 7.83 -21.15 4.63
C LEU A 46 9.10 -21.86 4.19
N GLU A 47 9.63 -21.46 3.04
CA GLU A 47 10.85 -22.07 2.51
C GLU A 47 12.07 -21.70 3.35
N SER A 48 12.15 -20.44 3.76
CA SER A 48 13.26 -19.97 4.56
C SER A 48 13.03 -20.23 6.05
N ASP A 49 13.82 -21.12 6.64
CA ASP A 49 13.69 -21.46 8.05
C ASP A 49 13.90 -20.23 8.93
N GLU A 50 14.82 -19.39 8.51
CA GLU A 50 15.15 -18.17 9.24
C GLU A 50 14.18 -17.04 8.91
N HIS A 51 13.11 -17.39 8.17
CA HIS A 51 12.09 -16.44 7.76
C HIS A 51 12.69 -15.27 7.00
N THR A 52 13.53 -15.58 6.03
CA THR A 52 14.17 -14.56 5.20
C THR A 52 13.17 -13.92 4.25
N CYS A 53 12.90 -12.64 4.47
CA CYS A 53 11.98 -11.90 3.62
C CYS A 53 12.47 -11.87 2.17
N PRO A 54 11.56 -12.02 1.21
CA PRO A 54 11.87 -12.04 -0.21
C PRO A 54 12.01 -10.63 -0.80
N THR A 55 12.61 -9.74 -0.04
CA THR A 55 12.78 -8.38 -0.49
C THR A 55 13.81 -7.63 0.36
N CYS A 56 13.67 -7.71 1.68
CA CYS A 56 14.60 -7.05 2.58
C CYS A 56 15.51 -8.07 3.25
N HIS A 57 15.16 -9.33 3.06
CA HIS A 57 15.93 -10.45 3.61
C HIS A 57 15.97 -10.40 5.13
N GLN A 58 14.82 -10.12 5.70
CA GLN A 58 14.66 -10.05 7.15
C GLN A 58 14.77 -11.46 7.74
N ASN A 59 14.75 -11.59 9.07
CA ASN A 59 14.90 -12.91 9.69
C ASN A 59 14.01 -13.07 10.91
N ASP A 60 12.86 -12.41 10.92
CA ASP A 60 11.94 -12.51 12.06
C ASP A 60 10.53 -12.17 11.63
N VAL A 61 10.16 -12.63 10.46
CA VAL A 61 8.83 -12.39 9.95
C VAL A 61 8.00 -13.66 10.05
N SER A 62 6.76 -13.63 9.60
CA SER A 62 5.90 -14.80 9.68
C SER A 62 4.65 -14.61 8.82
N PRO A 63 4.06 -15.71 8.34
CA PRO A 63 2.87 -15.67 7.50
C PRO A 63 1.62 -15.35 8.30
N ASP A 64 1.76 -15.34 9.61
CA ASP A 64 0.65 -15.03 10.50
C ASP A 64 0.55 -13.53 10.76
N ALA A 65 1.63 -12.82 10.48
CA ALA A 65 1.67 -11.38 10.69
C ALA A 65 1.35 -10.60 9.42
N LEU A 66 0.82 -11.31 8.43
CA LEU A 66 0.46 -10.69 7.16
C LEU A 66 -0.82 -9.87 7.31
N ILE A 67 -0.69 -8.57 7.10
CA ILE A 67 -1.81 -7.65 7.25
C ILE A 67 -2.48 -7.38 5.89
N ALA A 68 -3.62 -6.70 5.91
CA ALA A 68 -4.36 -6.40 4.69
C ALA A 68 -4.06 -5.00 4.18
N ASN A 69 -3.29 -4.91 3.11
CA ASN A 69 -2.93 -3.62 2.56
C ASN A 69 -4.05 -3.11 1.70
N LYS A 70 -4.97 -2.43 2.37
CA LYS A 70 -6.15 -1.85 1.74
C LYS A 70 -5.85 -1.14 0.44
N PHE A 71 -4.92 -0.21 0.52
CA PHE A 71 -4.54 0.61 -0.60
C PHE A 71 -4.02 -0.24 -1.76
N LEU A 72 -3.32 -1.31 -1.42
CA LEU A 72 -2.78 -2.21 -2.43
C LEU A 72 -3.92 -2.85 -3.22
N ARG A 73 -4.80 -3.55 -2.53
CA ARG A 73 -5.92 -4.22 -3.19
C ARG A 73 -6.76 -3.23 -3.98
N GLN A 74 -6.94 -2.03 -3.45
CA GLN A 74 -7.72 -1.01 -4.13
C GLN A 74 -7.03 -0.57 -5.42
N ALA A 75 -5.75 -0.25 -5.31
CA ALA A 75 -4.96 0.18 -6.47
C ALA A 75 -5.04 -0.84 -7.59
N VAL A 76 -4.91 -2.11 -7.23
CA VAL A 76 -4.98 -3.21 -8.19
C VAL A 76 -6.33 -3.21 -8.90
N ASN A 77 -7.40 -3.08 -8.13
CA ASN A 77 -8.75 -3.07 -8.66
C ASN A 77 -8.93 -1.98 -9.70
N ASN A 78 -8.46 -0.79 -9.37
CA ASN A 78 -8.59 0.36 -10.26
C ASN A 78 -7.68 0.21 -11.47
N PHE A 79 -6.43 -0.19 -11.25
CA PHE A 79 -5.46 -0.36 -12.32
C PHE A 79 -5.94 -1.39 -13.35
N LYS A 80 -6.33 -2.58 -12.87
CA LYS A 80 -6.79 -3.65 -13.75
C LYS A 80 -7.94 -3.21 -14.64
N ASN A 81 -8.74 -2.25 -14.16
CA ASN A 81 -9.89 -1.77 -14.92
C ASN A 81 -9.49 -0.63 -15.88
N GLU A 82 -8.67 0.29 -15.40
CA GLU A 82 -8.25 1.43 -16.21
C GLU A 82 -7.46 0.97 -17.45
N THR A 83 -6.51 0.08 -17.23
CA THR A 83 -5.68 -0.41 -18.31
C THR A 83 -6.33 -1.59 -19.03
N GLY A 84 -7.27 -2.24 -18.34
CA GLY A 84 -7.93 -3.39 -18.92
C GLY A 84 -7.06 -4.61 -18.85
N TYR A 85 -6.33 -4.75 -17.75
CA TYR A 85 -5.44 -5.88 -17.54
C TYR A 85 -6.21 -7.18 -17.58
N THR A 86 -7.07 -7.34 -16.61
CA THR A 86 -7.88 -8.54 -16.50
C THR A 86 -9.16 -8.42 -17.28
N LYS A 87 -10.02 -9.41 -17.13
CA LYS A 87 -11.30 -9.44 -17.82
C LYS A 87 -12.24 -10.44 -17.15
N ARG A 88 -13.43 -10.58 -17.69
CA ARG A 88 -14.41 -11.50 -17.13
C ARG A 88 -14.54 -12.74 -18.00
N LEU A 89 -14.14 -13.87 -17.46
CA LEU A 89 -14.19 -15.14 -18.18
C LEU A 89 -15.59 -15.74 -18.11
N ARG A 90 -15.93 -16.55 -19.11
CA ARG A 90 -17.25 -17.20 -19.15
C ARG A 90 -17.18 -18.61 -18.63
N LYS A 91 -15.95 -19.05 -18.48
CA LYS A 91 -15.65 -20.39 -17.96
C LYS A 91 -16.01 -20.51 -16.48
N GLN A 92 -17.15 -19.94 -16.10
CA GLN A 92 -17.61 -20.00 -14.72
C GLN A 92 -19.14 -20.03 -14.69
N GLY B 1 -25.08 14.44 -13.20
CA GLY B 1 -23.69 13.92 -13.12
C GLY B 1 -22.82 14.78 -12.22
N PRO B 2 -21.95 14.17 -11.42
CA PRO B 2 -21.05 14.89 -10.51
C PRO B 2 -19.84 15.47 -11.24
N LEU B 3 -18.86 15.91 -10.47
CA LEU B 3 -17.65 16.48 -11.06
C LEU B 3 -16.64 15.38 -11.30
N GLY B 4 -15.41 15.78 -11.55
CA GLY B 4 -14.36 14.81 -11.80
C GLY B 4 -13.81 14.94 -13.21
N SER B 5 -14.12 16.05 -13.85
CA SER B 5 -13.66 16.31 -15.20
C SER B 5 -12.36 17.11 -15.18
N GLU B 6 -12.38 18.22 -14.46
CA GLU B 6 -11.21 19.08 -14.35
C GLU B 6 -10.73 19.07 -12.91
N ASP B 7 -11.35 18.21 -12.11
CA ASP B 7 -11.04 18.07 -10.71
C ASP B 7 -9.96 17.02 -10.48
N ASP B 8 -9.17 17.23 -9.44
CA ASP B 8 -8.08 16.32 -9.10
C ASP B 8 -8.29 15.74 -7.69
N PRO B 9 -8.93 14.57 -7.59
CA PRO B 9 -9.18 13.92 -6.32
C PRO B 9 -8.07 12.93 -5.94
N ILE B 10 -8.01 12.55 -4.67
CA ILE B 10 -7.01 11.60 -4.21
C ILE B 10 -7.65 10.25 -3.95
N PRO B 11 -7.18 9.20 -4.64
CA PRO B 11 -7.72 7.83 -4.48
C PRO B 11 -7.28 7.18 -3.17
N ASP B 12 -8.14 6.30 -2.63
CA ASP B 12 -7.88 5.60 -1.36
C ASP B 12 -6.53 4.90 -1.37
N GLU B 13 -6.11 4.41 -2.55
CA GLU B 13 -4.85 3.69 -2.71
C GLU B 13 -3.61 4.56 -2.38
N LEU B 14 -3.82 5.84 -2.04
CA LEU B 14 -2.71 6.72 -1.69
C LEU B 14 -3.24 7.95 -0.97
N LEU B 15 -4.37 7.77 -0.35
CA LEU B 15 -5.03 8.84 0.38
C LEU B 15 -5.07 8.57 1.89
N CYS B 16 -4.62 9.54 2.68
CA CYS B 16 -4.65 9.40 4.14
C CYS B 16 -6.06 9.68 4.61
N LEU B 17 -6.65 8.71 5.27
CA LEU B 17 -8.00 8.84 5.76
C LEU B 17 -8.08 9.89 6.87
N ILE B 18 -7.04 9.92 7.70
CA ILE B 18 -6.97 10.82 8.83
C ILE B 18 -7.13 12.29 8.44
N CYS B 19 -6.32 12.78 7.51
CA CYS B 19 -6.43 14.18 7.08
C CYS B 19 -7.22 14.28 5.78
N LYS B 20 -7.70 13.13 5.31
CA LYS B 20 -8.47 13.04 4.08
C LYS B 20 -7.74 13.61 2.86
N ASP B 21 -6.41 13.52 2.85
CA ASP B 21 -5.63 14.02 1.71
C ASP B 21 -4.38 13.15 1.52
N ILE B 22 -3.66 13.41 0.44
CA ILE B 22 -2.46 12.67 0.11
C ILE B 22 -1.34 12.91 1.13
N MET B 23 -0.42 11.97 1.23
CA MET B 23 0.66 12.05 2.19
C MET B 23 1.99 11.58 1.61
N THR B 24 3.08 11.91 2.28
CA THR B 24 4.41 11.53 1.86
C THR B 24 5.11 10.77 2.99
N ASP B 25 6.00 9.85 2.63
CA ASP B 25 6.74 9.03 3.61
C ASP B 25 5.79 8.35 4.58
N ALA B 26 4.62 8.02 4.07
CA ALA B 26 3.58 7.38 4.86
C ALA B 26 3.99 6.00 5.37
N VAL B 27 3.27 5.53 6.36
CA VAL B 27 3.54 4.24 6.98
C VAL B 27 2.28 3.37 6.97
N VAL B 28 2.45 2.11 7.33
CA VAL B 28 1.33 1.18 7.37
C VAL B 28 1.08 0.72 8.80
N ILE B 29 -0.15 0.35 9.09
CA ILE B 29 -0.52 -0.11 10.40
C ILE B 29 -0.79 -1.62 10.38
N PRO B 30 0.00 -2.39 11.14
CA PRO B 30 -0.11 -3.86 11.17
C PRO B 30 -1.34 -4.38 11.89
N CYS B 31 -2.26 -3.50 12.20
CA CYS B 31 -3.48 -3.90 12.88
C CYS B 31 -4.59 -4.17 11.86
N CYS B 32 -4.57 -3.43 10.76
CA CYS B 32 -5.57 -3.60 9.72
C CYS B 32 -4.91 -3.64 8.35
N GLY B 33 -4.03 -2.67 8.10
CA GLY B 33 -3.33 -2.62 6.83
C GLY B 33 -3.48 -1.31 6.11
N ASN B 34 -4.15 -0.35 6.73
CA ASN B 34 -4.34 0.96 6.13
C ASN B 34 -3.08 1.80 6.32
N SER B 35 -2.84 2.73 5.39
CA SER B 35 -1.67 3.59 5.44
C SER B 35 -2.06 5.05 5.61
N TYR B 36 -1.33 5.77 6.45
CA TYR B 36 -1.58 7.19 6.69
C TYR B 36 -0.27 7.89 6.98
N CYS B 37 -0.33 9.21 7.09
CA CYS B 37 0.84 10.00 7.42
C CYS B 37 1.47 9.51 8.72
N ASP B 38 2.79 9.55 8.79
CA ASP B 38 3.51 9.11 9.98
C ASP B 38 3.02 9.88 11.21
N GLU B 39 2.85 11.18 11.03
CA GLU B 39 2.39 12.05 12.12
C GLU B 39 0.92 11.81 12.45
N CYS B 40 0.10 11.61 11.42
CA CYS B 40 -1.31 11.40 11.60
C CYS B 40 -1.59 10.12 12.40
N ILE B 41 -1.07 9.01 11.91
CA ILE B 41 -1.27 7.72 12.56
C ILE B 41 -0.65 7.70 13.96
N ARG B 42 0.49 8.38 14.11
CA ARG B 42 1.15 8.43 15.40
C ARG B 42 0.24 9.08 16.42
N THR B 43 -0.27 10.26 16.06
CA THR B 43 -1.15 11.02 16.93
C THR B 43 -2.37 10.23 17.35
N ALA B 44 -2.98 9.51 16.41
CA ALA B 44 -4.18 8.72 16.70
C ALA B 44 -3.93 7.72 17.83
N LEU B 45 -2.81 7.02 17.76
CA LEU B 45 -2.49 6.02 18.79
C LEU B 45 -2.08 6.69 20.10
N LEU B 46 -1.51 7.88 20.01
CA LEU B 46 -1.09 8.61 21.20
C LEU B 46 -2.31 9.14 21.95
N GLU B 47 -3.27 9.66 21.21
CA GLU B 47 -4.49 10.20 21.80
C GLU B 47 -5.31 9.12 22.48
N SER B 48 -5.48 8.00 21.80
CA SER B 48 -6.24 6.88 22.34
C SER B 48 -5.39 6.05 23.29
N ASP B 49 -5.84 5.97 24.55
CA ASP B 49 -5.12 5.22 25.57
C ASP B 49 -5.10 3.74 25.25
N GLU B 50 -6.18 3.26 24.66
CA GLU B 50 -6.32 1.87 24.30
C GLU B 50 -5.77 1.59 22.90
N HIS B 51 -5.13 2.60 22.31
CA HIS B 51 -4.54 2.49 20.98
C HIS B 51 -5.59 2.19 19.92
N THR B 52 -6.68 2.94 19.97
CA THR B 52 -7.77 2.79 19.02
C THR B 52 -7.35 3.22 17.62
N CYS B 53 -7.28 2.27 16.70
CA CYS B 53 -6.92 2.58 15.32
C CYS B 53 -7.92 3.55 14.69
N PRO B 54 -7.43 4.54 13.93
CA PRO B 54 -8.27 5.54 13.28
C PRO B 54 -8.91 5.05 11.99
N THR B 55 -9.30 3.80 11.97
CA THR B 55 -9.90 3.23 10.78
C THR B 55 -10.66 1.93 11.09
N CYS B 56 -10.04 1.03 11.85
CA CYS B 56 -10.66 -0.23 12.21
C CYS B 56 -11.02 -0.21 13.68
N HIS B 57 -10.50 0.78 14.38
CA HIS B 57 -10.73 0.96 15.80
C HIS B 57 -10.20 -0.22 16.59
N GLN B 58 -8.97 -0.60 16.26
CA GLN B 58 -8.29 -1.70 16.94
C GLN B 58 -7.90 -1.26 18.35
N ASN B 59 -7.35 -2.16 19.15
CA ASN B 59 -7.01 -1.81 20.53
C ASN B 59 -5.64 -2.37 20.96
N ASP B 60 -4.77 -2.66 20.01
CA ASP B 60 -3.46 -3.21 20.34
C ASP B 60 -2.43 -2.85 19.28
N VAL B 61 -2.42 -1.59 18.92
CA VAL B 61 -1.46 -1.10 17.93
C VAL B 61 -0.44 -0.21 18.62
N SER B 62 0.51 0.34 17.87
CA SER B 62 1.53 1.20 18.46
C SER B 62 2.26 1.97 17.36
N PRO B 63 2.80 3.15 17.70
CA PRO B 63 3.51 4.00 16.74
C PRO B 63 4.89 3.47 16.38
N ASP B 64 5.31 2.40 17.05
CA ASP B 64 6.62 1.81 16.78
C ASP B 64 6.47 0.63 15.82
N ALA B 65 5.25 0.16 15.66
CA ALA B 65 4.97 -0.98 14.78
C ALA B 65 4.64 -0.51 13.37
N LEU B 66 4.77 0.78 13.15
CA LEU B 66 4.48 1.37 11.85
C LEU B 66 5.55 0.95 10.84
N ILE B 67 5.14 0.28 9.78
CA ILE B 67 6.05 -0.19 8.75
C ILE B 67 6.07 0.77 7.55
N ALA B 68 6.95 0.52 6.59
CA ALA B 68 7.06 1.39 5.43
C ALA B 68 6.31 0.82 4.23
N ASN B 69 5.16 1.40 3.91
CA ASN B 69 4.39 0.94 2.76
C ASN B 69 5.01 1.51 1.51
N LYS B 70 5.99 0.78 1.00
CA LYS B 70 6.72 1.15 -0.19
C LYS B 70 5.78 1.50 -1.34
N PHE B 71 4.85 0.59 -1.60
CA PHE B 71 3.90 0.75 -2.68
C PHE B 71 3.11 2.04 -2.54
N LEU B 72 2.74 2.37 -1.30
CA LEU B 72 2.00 3.58 -1.03
C LEU B 72 2.81 4.81 -1.44
N ARG B 73 4.01 4.93 -0.87
CA ARG B 73 4.89 6.07 -1.15
C ARG B 73 5.17 6.17 -2.65
N GLN B 74 5.39 5.02 -3.29
CA GLN B 74 5.66 4.99 -4.71
C GLN B 74 4.47 5.52 -5.50
N ALA B 75 3.29 5.03 -5.17
CA ALA B 75 2.07 5.46 -5.83
C ALA B 75 1.87 6.96 -5.67
N VAL B 76 2.08 7.45 -4.46
CA VAL B 76 1.93 8.88 -4.16
C VAL B 76 2.89 9.71 -5.02
N ASN B 77 4.15 9.32 -5.04
CA ASN B 77 5.17 10.03 -5.81
C ASN B 77 4.84 10.06 -7.30
N ASN B 78 4.28 8.97 -7.81
CA ASN B 78 3.93 8.89 -9.21
C ASN B 78 2.66 9.69 -9.50
N PHE B 79 1.67 9.55 -8.62
CA PHE B 79 0.40 10.24 -8.77
C PHE B 79 0.60 11.76 -8.76
N LYS B 80 1.34 12.26 -7.76
CA LYS B 80 1.61 13.67 -7.63
C LYS B 80 2.21 14.26 -8.90
N ASN B 81 2.99 13.46 -9.61
CA ASN B 81 3.64 13.92 -10.84
C ASN B 81 2.72 13.78 -12.05
N GLU B 82 1.96 12.69 -12.10
CA GLU B 82 1.07 12.45 -13.23
C GLU B 82 -0.06 13.48 -13.30
N THR B 83 -0.71 13.72 -12.18
CA THR B 83 -1.82 14.66 -12.16
C THR B 83 -1.36 16.08 -11.81
N GLY B 84 -0.12 16.22 -11.38
CA GLY B 84 0.39 17.52 -11.01
C GLY B 84 -0.32 18.06 -9.79
N TYR B 85 -0.29 17.28 -8.72
CA TYR B 85 -0.96 17.65 -7.47
C TYR B 85 -0.20 18.74 -6.73
N THR B 86 1.08 18.53 -6.60
CA THR B 86 1.96 19.45 -5.91
C THR B 86 2.15 20.72 -6.72
N LYS B 87 2.35 21.83 -6.01
CA LYS B 87 2.54 23.11 -6.65
C LYS B 87 3.66 23.90 -5.99
N ARG B 88 4.04 25.02 -6.60
CA ARG B 88 5.10 25.88 -6.07
C ARG B 88 4.64 26.63 -4.83
N LEU B 89 3.32 26.65 -4.62
CA LEU B 89 2.74 27.34 -3.48
C LEU B 89 2.92 26.52 -2.21
N ARG B 90 3.32 27.19 -1.15
CA ARG B 90 3.55 26.54 0.13
C ARG B 90 2.37 26.77 1.08
N LYS B 91 2.61 26.61 2.38
CA LYS B 91 1.58 26.80 3.38
C LYS B 91 1.47 28.26 3.78
N GLN B 92 2.49 29.04 3.40
CA GLN B 92 2.55 30.46 3.70
C GLN B 92 2.60 30.70 5.20
ZN ZN C . 2.92 -12.78 -6.30
ZN ZN D . 10.64 -7.75 4.40
ZN ZN E . -2.63 12.14 7.04
ZN ZN F . -6.22 -0.47 12.18
N GLY A 1 13.63 0.91 -21.88
CA GLY A 1 12.55 0.64 -20.92
C GLY A 1 11.66 -0.50 -21.37
N PRO A 2 10.70 -0.93 -20.53
CA PRO A 2 9.78 -2.01 -20.86
C PRO A 2 8.80 -1.60 -21.95
N LEU A 3 8.05 -2.56 -22.46
CA LEU A 3 7.09 -2.30 -23.52
C LEU A 3 5.82 -1.67 -22.97
N GLY A 4 5.80 -0.36 -22.88
CA GLY A 4 4.65 0.35 -22.40
C GLY A 4 4.03 1.21 -23.48
N SER A 5 4.51 1.01 -24.70
CA SER A 5 4.02 1.76 -25.85
C SER A 5 2.67 1.25 -26.31
N GLU A 6 2.60 -0.04 -26.63
CA GLU A 6 1.36 -0.66 -27.10
C GLU A 6 0.79 -1.59 -26.03
N ASP A 7 1.43 -1.59 -24.87
CA ASP A 7 1.00 -2.44 -23.76
C ASP A 7 0.98 -1.63 -22.48
N ASP A 8 0.64 -2.26 -21.37
CA ASP A 8 0.58 -1.57 -20.09
C ASP A 8 1.04 -2.49 -18.97
N PRO A 9 2.31 -2.36 -18.57
CA PRO A 9 2.88 -3.19 -17.51
C PRO A 9 2.32 -2.84 -16.13
N ILE A 10 2.60 -3.67 -15.15
CA ILE A 10 2.12 -3.45 -13.80
C ILE A 10 3.14 -2.67 -12.97
N PRO A 11 2.74 -1.53 -12.39
CA PRO A 11 3.62 -0.69 -11.56
C PRO A 11 3.91 -1.32 -10.20
N ASP A 12 5.12 -1.06 -9.67
CA ASP A 12 5.58 -1.59 -8.37
C ASP A 12 4.57 -1.26 -7.26
N GLU A 13 3.87 -0.15 -7.42
CA GLU A 13 2.88 0.30 -6.45
C GLU A 13 1.71 -0.69 -6.28
N LEU A 14 1.65 -1.70 -7.13
CA LEU A 14 0.58 -2.70 -7.04
C LEU A 14 1.00 -3.99 -7.73
N LEU A 15 2.29 -4.13 -7.92
CA LEU A 15 2.85 -5.31 -8.56
C LEU A 15 3.68 -6.15 -7.58
N CYS A 16 3.45 -7.46 -7.60
CA CYS A 16 4.17 -8.38 -6.73
C CYS A 16 5.56 -8.61 -7.31
N LEU A 17 6.58 -8.41 -6.49
CA LEU A 17 7.94 -8.60 -6.94
C LEU A 17 8.24 -10.08 -7.09
N ILE A 18 7.64 -10.89 -6.22
CA ILE A 18 7.85 -12.32 -6.21
C ILE A 18 7.53 -12.97 -7.56
N CYS A 19 6.32 -12.76 -8.07
CA CYS A 19 5.96 -13.34 -9.36
C CYS A 19 6.10 -12.30 -10.47
N LYS A 20 6.61 -11.12 -10.11
CA LYS A 20 6.83 -10.01 -11.03
C LYS A 20 5.56 -9.62 -11.79
N ASP A 21 4.40 -9.79 -11.17
CA ASP A 21 3.12 -9.41 -11.81
C ASP A 21 2.11 -8.95 -10.76
N ILE A 22 0.97 -8.46 -11.23
CA ILE A 22 -0.09 -7.98 -10.34
C ILE A 22 -0.67 -9.11 -9.50
N MET A 23 -1.25 -8.76 -8.37
CA MET A 23 -1.84 -9.74 -7.48
C MET A 23 -3.15 -9.24 -6.92
N THR A 24 -3.92 -10.16 -6.37
CA THR A 24 -5.20 -9.84 -5.78
C THR A 24 -5.15 -10.21 -4.31
N ASP A 25 -5.90 -9.49 -3.48
CA ASP A 25 -5.92 -9.71 -2.03
C ASP A 25 -4.50 -9.56 -1.44
N ALA A 26 -3.74 -8.63 -2.02
CA ALA A 26 -2.37 -8.36 -1.61
C ALA A 26 -2.23 -8.10 -0.11
N VAL A 27 -1.19 -8.66 0.47
CA VAL A 27 -0.93 -8.49 1.89
C VAL A 27 0.35 -7.71 2.10
N VAL A 28 0.55 -7.21 3.31
CA VAL A 28 1.74 -6.43 3.64
C VAL A 28 2.59 -7.16 4.65
N ILE A 29 3.88 -6.94 4.57
CA ILE A 29 4.83 -7.57 5.48
C ILE A 29 5.37 -6.52 6.46
N PRO A 30 5.15 -6.73 7.76
CA PRO A 30 5.56 -5.78 8.81
C PRO A 30 7.06 -5.72 9.04
N CYS A 31 7.83 -6.40 8.21
CA CYS A 31 9.26 -6.39 8.35
C CYS A 31 9.85 -5.21 7.57
N CYS A 32 9.25 -4.90 6.43
CA CYS A 32 9.72 -3.80 5.60
C CYS A 32 8.54 -2.94 5.14
N GLY A 33 7.50 -3.59 4.64
CA GLY A 33 6.33 -2.86 4.21
C GLY A 33 5.91 -3.18 2.78
N ASN A 34 6.67 -4.05 2.13
CA ASN A 34 6.35 -4.44 0.76
C ASN A 34 5.11 -5.33 0.72
N SER A 35 4.39 -5.29 -0.40
CA SER A 35 3.18 -6.08 -0.56
C SER A 35 3.32 -7.10 -1.69
N TYR A 36 2.85 -8.31 -1.45
CA TYR A 36 2.89 -9.38 -2.45
C TYR A 36 1.69 -10.28 -2.27
N CYS A 37 1.53 -11.23 -3.19
CA CYS A 37 0.45 -12.18 -3.11
C CYS A 37 0.54 -12.95 -1.79
N ASP A 38 -0.60 -13.30 -1.22
CA ASP A 38 -0.62 -14.02 0.05
C ASP A 38 0.13 -15.34 -0.08
N GLU A 39 -0.03 -15.99 -1.23
CA GLU A 39 0.63 -17.26 -1.47
C GLU A 39 2.13 -17.07 -1.72
N CYS A 40 2.46 -16.06 -2.51
CA CYS A 40 3.84 -15.77 -2.84
C CYS A 40 4.67 -15.47 -1.60
N ILE A 41 4.23 -14.48 -0.81
CA ILE A 41 4.95 -14.10 0.39
C ILE A 41 4.97 -15.23 1.42
N ARG A 42 3.88 -15.98 1.48
CA ARG A 42 3.78 -17.09 2.41
C ARG A 42 4.87 -18.11 2.09
N THR A 43 4.95 -18.48 0.83
CA THR A 43 5.93 -19.43 0.34
C THR A 43 7.36 -19.01 0.69
N ALA A 44 7.67 -17.73 0.49
CA ALA A 44 9.01 -17.22 0.77
C ALA A 44 9.43 -17.49 2.22
N LEU A 45 8.53 -17.21 3.15
CA LEU A 45 8.83 -17.41 4.56
C LEU A 45 8.84 -18.89 4.94
N LEU A 46 8.03 -19.69 4.25
CA LEU A 46 7.96 -21.12 4.53
C LEU A 46 9.22 -21.84 4.05
N GLU A 47 9.69 -21.44 2.87
CA GLU A 47 10.88 -22.05 2.28
C GLU A 47 12.13 -21.70 3.08
N SER A 48 12.16 -20.48 3.59
CA SER A 48 13.30 -20.01 4.35
C SER A 48 13.25 -20.48 5.80
N ASP A 49 14.27 -21.23 6.20
CA ASP A 49 14.36 -21.75 7.56
C ASP A 49 14.62 -20.63 8.57
N GLU A 50 15.01 -19.46 8.06
CA GLU A 50 15.32 -18.33 8.92
C GLU A 50 14.39 -17.15 8.65
N HIS A 51 13.30 -17.41 7.92
CA HIS A 51 12.32 -16.38 7.60
C HIS A 51 12.92 -15.20 6.83
N THR A 52 13.71 -15.51 5.81
CA THR A 52 14.33 -14.48 4.99
C THR A 52 13.30 -13.83 4.07
N CYS A 53 13.10 -12.53 4.25
CA CYS A 53 12.15 -11.77 3.44
C CYS A 53 12.62 -11.73 1.98
N PRO A 54 11.68 -11.89 1.04
CA PRO A 54 11.97 -11.87 -0.40
C PRO A 54 12.08 -10.47 -0.97
N THR A 55 12.68 -9.57 -0.21
CA THR A 55 12.82 -8.20 -0.65
C THR A 55 13.87 -7.46 0.19
N CYS A 56 13.74 -7.54 1.51
CA CYS A 56 14.66 -6.87 2.42
C CYS A 56 15.58 -7.90 3.08
N HIS A 57 15.22 -9.17 2.94
CA HIS A 57 15.98 -10.28 3.48
C HIS A 57 16.04 -10.23 5.01
N GLN A 58 14.89 -9.99 5.63
CA GLN A 58 14.79 -9.95 7.08
C GLN A 58 14.92 -11.37 7.62
N ASN A 59 14.97 -11.52 8.95
CA ASN A 59 15.16 -12.84 9.54
C ASN A 59 14.26 -13.06 10.75
N ASP A 60 13.13 -12.36 10.80
CA ASP A 60 12.22 -12.50 11.94
C ASP A 60 10.79 -12.19 11.55
N VAL A 61 10.43 -12.58 10.34
CA VAL A 61 9.08 -12.34 9.85
C VAL A 61 8.27 -13.62 9.99
N SER A 62 7.04 -13.62 9.50
CA SER A 62 6.18 -14.78 9.57
C SER A 62 4.92 -14.57 8.74
N PRO A 63 4.35 -15.68 8.23
CA PRO A 63 3.15 -15.64 7.39
C PRO A 63 1.89 -15.34 8.19
N ASP A 64 2.04 -15.29 9.50
CA ASP A 64 0.92 -15.02 10.40
C ASP A 64 0.78 -13.53 10.66
N ALA A 65 1.85 -12.78 10.38
CA ALA A 65 1.85 -11.34 10.60
C ALA A 65 1.53 -10.57 9.32
N LEU A 66 1.03 -11.26 8.32
CA LEU A 66 0.68 -10.64 7.06
C LEU A 66 -0.62 -9.86 7.21
N ILE A 67 -0.53 -8.54 7.06
CA ILE A 67 -1.69 -7.68 7.20
C ILE A 67 -2.36 -7.44 5.86
N ALA A 68 -3.52 -6.80 5.87
CA ALA A 68 -4.26 -6.57 4.64
C ALA A 68 -4.06 -5.15 4.14
N ASN A 69 -3.27 -5.00 3.10
CA ASN A 69 -3.00 -3.71 2.50
C ASN A 69 -4.12 -3.38 1.54
N LYS A 70 -5.22 -2.93 2.09
CA LYS A 70 -6.38 -2.59 1.29
C LYS A 70 -6.06 -1.53 0.25
N PHE A 71 -5.11 -0.65 0.56
CA PHE A 71 -4.72 0.39 -0.39
C PHE A 71 -4.20 -0.28 -1.66
N LEU A 72 -3.47 -1.38 -1.46
CA LEU A 72 -2.92 -2.15 -2.54
C LEU A 72 -4.05 -2.82 -3.31
N ARG A 73 -4.88 -3.53 -2.57
CA ARG A 73 -6.03 -4.24 -3.11
C ARG A 73 -6.94 -3.28 -3.89
N GLN A 74 -7.11 -2.08 -3.35
CA GLN A 74 -7.94 -1.06 -3.98
C GLN A 74 -7.31 -0.63 -5.30
N ALA A 75 -6.02 -0.32 -5.25
CA ALA A 75 -5.28 0.10 -6.43
C ALA A 75 -5.35 -0.97 -7.52
N VAL A 76 -5.11 -2.22 -7.14
CA VAL A 76 -5.16 -3.35 -8.07
C VAL A 76 -6.56 -3.45 -8.70
N ASN A 77 -7.58 -3.38 -7.86
CA ASN A 77 -8.97 -3.49 -8.31
C ASN A 77 -9.31 -2.37 -9.30
N ASN A 78 -8.80 -1.17 -9.03
CA ASN A 78 -9.05 -0.03 -9.89
C ASN A 78 -8.27 -0.16 -11.19
N PHE A 79 -6.99 -0.47 -11.05
CA PHE A 79 -6.09 -0.63 -12.19
C PHE A 79 -6.63 -1.63 -13.19
N LYS A 80 -7.02 -2.81 -12.70
CA LYS A 80 -7.56 -3.86 -13.56
C LYS A 80 -8.78 -3.37 -14.34
N ASN A 81 -9.60 -2.54 -13.71
CA ASN A 81 -10.81 -2.03 -14.35
C ASN A 81 -10.53 -0.84 -15.27
N GLU A 82 -9.45 -0.13 -15.01
CA GLU A 82 -9.10 1.03 -15.82
C GLU A 82 -8.38 0.64 -17.11
N THR A 83 -7.35 -0.18 -16.99
CA THR A 83 -6.57 -0.61 -18.16
C THR A 83 -7.17 -1.86 -18.79
N GLY A 84 -8.07 -2.50 -18.06
CA GLY A 84 -8.70 -3.71 -18.57
C GLY A 84 -7.75 -4.89 -18.50
N TYR A 85 -7.35 -5.24 -17.28
CA TYR A 85 -6.44 -6.36 -17.08
C TYR A 85 -7.23 -7.65 -16.89
N THR A 86 -6.51 -8.75 -16.76
CA THR A 86 -7.11 -10.06 -16.62
C THR A 86 -7.24 -10.45 -15.14
N LYS A 87 -7.61 -11.70 -14.90
CA LYS A 87 -7.76 -12.21 -13.55
C LYS A 87 -6.41 -12.65 -13.00
N ARG A 88 -6.39 -13.16 -11.77
CA ARG A 88 -5.15 -13.59 -11.16
C ARG A 88 -5.28 -14.99 -10.58
N LEU A 89 -5.97 -15.86 -11.28
CA LEU A 89 -6.15 -17.23 -10.83
C LEU A 89 -5.07 -18.12 -11.43
N ARG A 90 -4.67 -19.12 -10.67
CA ARG A 90 -3.65 -20.05 -11.12
C ARG A 90 -4.31 -21.28 -11.75
N LYS A 91 -3.68 -21.83 -12.77
CA LYS A 91 -4.21 -23.00 -13.45
C LYS A 91 -3.65 -24.27 -12.82
N GLN A 92 -3.70 -24.31 -11.50
CA GLN A 92 -3.20 -25.45 -10.73
C GLN A 92 -4.33 -26.41 -10.40
N GLY B 1 -23.72 12.09 -11.66
CA GLY B 1 -22.41 11.51 -12.06
C GLY B 1 -21.27 12.08 -11.24
N PRO B 2 -20.25 11.26 -10.94
CA PRO B 2 -19.10 11.70 -10.16
C PRO B 2 -18.09 12.49 -10.99
N LEU B 3 -17.15 13.12 -10.31
CA LEU B 3 -16.12 13.91 -10.96
C LEU B 3 -14.82 13.11 -11.05
N GLY B 4 -14.33 12.92 -12.26
CA GLY B 4 -13.10 12.17 -12.44
C GLY B 4 -12.32 12.60 -13.66
N SER B 5 -13.02 13.08 -14.68
CA SER B 5 -12.37 13.52 -15.90
C SER B 5 -12.06 15.01 -15.86
N GLU B 6 -12.91 15.78 -15.18
CA GLU B 6 -12.71 17.23 -15.09
C GLU B 6 -12.06 17.60 -13.76
N ASP B 7 -11.69 16.60 -12.98
CA ASP B 7 -11.09 16.84 -11.68
C ASP B 7 -10.02 15.79 -11.39
N ASP B 8 -9.00 16.18 -10.65
CA ASP B 8 -7.92 15.26 -10.30
C ASP B 8 -7.68 15.26 -8.78
N PRO B 9 -8.48 14.47 -8.05
CA PRO B 9 -8.37 14.37 -6.60
C PRO B 9 -7.42 13.25 -6.17
N ILE B 10 -7.40 12.94 -4.88
CA ILE B 10 -6.53 11.90 -4.36
C ILE B 10 -7.31 10.61 -4.12
N PRO B 11 -6.87 9.51 -4.73
CA PRO B 11 -7.51 8.20 -4.57
C PRO B 11 -7.14 7.51 -3.25
N ASP B 12 -8.08 6.72 -2.73
CA ASP B 12 -7.91 5.99 -1.45
C ASP B 12 -6.62 5.18 -1.41
N GLU B 13 -6.19 4.67 -2.56
CA GLU B 13 -4.97 3.86 -2.64
C GLU B 13 -3.71 4.65 -2.29
N LEU B 14 -3.83 5.95 -2.03
CA LEU B 14 -2.68 6.77 -1.65
C LEU B 14 -3.16 8.03 -0.95
N LEU B 15 -4.33 7.93 -0.36
CA LEU B 15 -4.95 9.04 0.33
C LEU B 15 -5.08 8.74 1.82
N CYS B 16 -4.62 9.67 2.66
CA CYS B 16 -4.72 9.51 4.10
C CYS B 16 -6.15 9.77 4.53
N LEU B 17 -6.71 8.83 5.24
CA LEU B 17 -8.08 8.96 5.71
C LEU B 17 -8.15 10.01 6.81
N ILE B 18 -7.12 10.04 7.64
CA ILE B 18 -7.04 10.94 8.78
C ILE B 18 -7.17 12.41 8.37
N CYS B 19 -6.36 12.87 7.43
CA CYS B 19 -6.43 14.25 7.01
C CYS B 19 -7.20 14.39 5.70
N LYS B 20 -7.75 13.26 5.22
CA LYS B 20 -8.52 13.22 3.98
C LYS B 20 -7.75 13.79 2.78
N ASP B 21 -6.42 13.64 2.78
CA ASP B 21 -5.60 14.12 1.67
C ASP B 21 -4.36 13.24 1.49
N ILE B 22 -3.67 13.43 0.38
CA ILE B 22 -2.46 12.67 0.07
C ILE B 22 -1.39 12.90 1.12
N MET B 23 -0.47 11.96 1.25
CA MET B 23 0.60 12.06 2.22
C MET B 23 1.91 11.54 1.67
N THR B 24 3.00 11.88 2.33
CA THR B 24 4.31 11.44 1.92
C THR B 24 4.90 10.55 3.01
N ASP B 25 5.72 9.59 2.59
CA ASP B 25 6.35 8.63 3.51
C ASP B 25 5.29 7.87 4.31
N ALA B 26 4.19 7.57 3.63
CA ALA B 26 3.08 6.85 4.24
C ALA B 26 3.52 5.56 4.89
N VAL B 27 2.97 5.30 6.06
CA VAL B 27 3.30 4.10 6.81
C VAL B 27 2.07 3.19 6.88
N VAL B 28 2.29 1.94 7.25
CA VAL B 28 1.21 0.98 7.35
C VAL B 28 1.00 0.56 8.77
N ILE B 29 -0.23 0.23 9.09
CA ILE B 29 -0.59 -0.20 10.42
C ILE B 29 -0.87 -1.71 10.41
N PRO B 30 -0.10 -2.48 11.19
CA PRO B 30 -0.24 -3.95 11.22
C PRO B 30 -1.52 -4.45 11.88
N CYS B 31 -2.40 -3.53 12.24
CA CYS B 31 -3.64 -3.90 12.89
C CYS B 31 -4.71 -4.20 11.83
N CYS B 32 -4.66 -3.47 10.71
CA CYS B 32 -5.63 -3.67 9.64
C CYS B 32 -4.93 -3.70 8.29
N GLY B 33 -4.07 -2.71 8.06
CA GLY B 33 -3.34 -2.63 6.81
C GLY B 33 -3.52 -1.30 6.12
N ASN B 34 -4.15 -0.37 6.81
CA ASN B 34 -4.37 0.97 6.26
C ASN B 34 -3.10 1.81 6.34
N SER B 35 -2.95 2.75 5.41
CA SER B 35 -1.78 3.61 5.39
C SER B 35 -2.16 5.07 5.55
N TYR B 36 -1.43 5.78 6.40
CA TYR B 36 -1.66 7.19 6.62
C TYR B 36 -0.35 7.88 6.93
N CYS B 37 -0.39 9.19 7.06
CA CYS B 37 0.80 9.95 7.40
C CYS B 37 1.36 9.45 8.72
N ASP B 38 2.68 9.42 8.84
CA ASP B 38 3.32 8.95 10.06
C ASP B 38 2.84 9.77 11.25
N GLU B 39 2.75 11.08 11.05
CA GLU B 39 2.30 11.99 12.09
C GLU B 39 0.82 11.79 12.41
N CYS B 40 0.02 11.62 11.37
CA CYS B 40 -1.41 11.44 11.54
C CYS B 40 -1.74 10.16 12.32
N ILE B 41 -1.22 9.04 11.85
CA ILE B 41 -1.47 7.76 12.50
C ILE B 41 -0.89 7.72 13.91
N ARG B 42 0.28 8.34 14.08
CA ARG B 42 0.92 8.40 15.38
C ARG B 42 -0.01 9.08 16.38
N THR B 43 -0.51 10.24 15.98
CA THR B 43 -1.42 11.02 16.82
C THR B 43 -2.63 10.21 17.27
N ALA B 44 -3.24 9.48 16.35
CA ALA B 44 -4.43 8.67 16.65
C ALA B 44 -4.17 7.68 17.79
N LEU B 45 -3.03 7.01 17.75
CA LEU B 45 -2.69 6.04 18.77
C LEU B 45 -2.29 6.72 20.08
N LEU B 46 -1.69 7.89 19.97
CA LEU B 46 -1.26 8.64 21.15
C LEU B 46 -2.47 9.23 21.88
N GLU B 47 -3.45 9.69 21.11
CA GLU B 47 -4.68 10.27 21.65
C GLU B 47 -5.53 9.22 22.35
N SER B 48 -5.67 8.07 21.72
CA SER B 48 -6.47 6.99 22.26
C SER B 48 -5.72 6.25 23.36
N ASP B 49 -6.25 6.31 24.57
CA ASP B 49 -5.63 5.65 25.73
C ASP B 49 -5.71 4.13 25.62
N GLU B 50 -6.46 3.65 24.64
CA GLU B 50 -6.60 2.22 24.42
C GLU B 50 -6.09 1.81 23.03
N HIS B 51 -5.34 2.70 22.40
CA HIS B 51 -4.75 2.45 21.08
C HIS B 51 -5.82 2.15 20.03
N THR B 52 -6.88 2.94 20.02
CA THR B 52 -7.96 2.77 19.06
C THR B 52 -7.52 3.23 17.67
N CYS B 53 -7.57 2.31 16.72
CA CYS B 53 -7.20 2.62 15.34
C CYS B 53 -8.21 3.56 14.69
N PRO B 54 -7.71 4.54 13.91
CA PRO B 54 -8.56 5.52 13.23
C PRO B 54 -9.13 5.00 11.92
N THR B 55 -9.52 3.74 11.91
CA THR B 55 -10.05 3.15 10.71
C THR B 55 -10.76 1.83 11.00
N CYS B 56 -10.11 0.96 11.76
CA CYS B 56 -10.70 -0.32 12.12
C CYS B 56 -11.09 -0.35 13.59
N HIS B 57 -10.64 0.68 14.31
CA HIS B 57 -10.93 0.82 15.73
C HIS B 57 -10.37 -0.33 16.54
N GLN B 58 -9.13 -0.69 16.25
CA GLN B 58 -8.45 -1.76 16.98
C GLN B 58 -8.08 -1.26 18.36
N ASN B 59 -7.56 -2.13 19.22
CA ASN B 59 -7.22 -1.73 20.59
C ASN B 59 -5.90 -2.34 21.05
N ASP B 60 -5.02 -2.64 20.12
CA ASP B 60 -3.73 -3.25 20.46
C ASP B 60 -2.68 -2.87 19.43
N VAL B 61 -2.75 -1.65 18.96
CA VAL B 61 -1.78 -1.18 17.97
C VAL B 61 -0.74 -0.31 18.67
N SER B 62 0.18 0.27 17.90
CA SER B 62 1.21 1.12 18.46
C SER B 62 1.95 1.89 17.37
N PRO B 63 2.47 3.07 17.71
CA PRO B 63 3.20 3.92 16.75
C PRO B 63 4.62 3.42 16.51
N ASP B 64 4.98 2.34 17.18
CA ASP B 64 6.30 1.74 17.05
C ASP B 64 6.26 0.60 16.04
N ALA B 65 5.04 0.18 15.70
CA ALA B 65 4.85 -0.92 14.76
C ALA B 65 4.51 -0.43 13.36
N LEU B 66 4.70 0.86 13.12
CA LEU B 66 4.42 1.45 11.82
C LEU B 66 5.49 1.04 10.81
N ILE B 67 5.08 0.38 9.74
CA ILE B 67 6.00 -0.09 8.73
C ILE B 67 6.00 0.83 7.50
N ALA B 68 6.95 0.62 6.59
CA ALA B 68 7.07 1.46 5.40
C ALA B 68 6.30 0.86 4.22
N ASN B 69 5.17 1.46 3.90
CA ASN B 69 4.38 0.99 2.77
C ASN B 69 5.01 1.51 1.51
N LYS B 70 6.02 0.78 1.07
CA LYS B 70 6.78 1.10 -0.14
C LYS B 70 5.89 1.51 -1.29
N PHE B 71 4.96 0.62 -1.61
CA PHE B 71 4.03 0.82 -2.72
C PHE B 71 3.26 2.12 -2.57
N LEU B 72 2.82 2.40 -1.34
CA LEU B 72 2.09 3.62 -1.05
C LEU B 72 2.94 4.83 -1.37
N ARG B 73 4.12 4.86 -0.76
CA ARG B 73 5.07 5.94 -0.94
C ARG B 73 5.42 6.12 -2.42
N GLN B 74 5.60 5.00 -3.12
CA GLN B 74 5.92 5.03 -4.53
C GLN B 74 4.76 5.61 -5.33
N ALA B 75 3.57 5.10 -5.10
CA ALA B 75 2.38 5.59 -5.78
C ALA B 75 2.22 7.09 -5.58
N VAL B 76 2.38 7.54 -4.35
CA VAL B 76 2.27 8.95 -4.02
C VAL B 76 3.30 9.77 -4.81
N ASN B 77 4.56 9.35 -4.73
CA ASN B 77 5.65 10.05 -5.41
C ASN B 77 5.43 10.12 -6.91
N ASN B 78 4.90 9.06 -7.50
CA ASN B 78 4.67 9.02 -8.92
C ASN B 78 3.41 9.83 -9.28
N PHE B 79 2.37 9.70 -8.45
CA PHE B 79 1.10 10.42 -8.67
C PHE B 79 1.34 11.93 -8.67
N LYS B 80 2.05 12.42 -7.65
CA LYS B 80 2.35 13.84 -7.54
C LYS B 80 3.08 14.36 -8.78
N ASN B 81 3.87 13.50 -9.40
CA ASN B 81 4.63 13.89 -10.59
C ASN B 81 3.83 13.68 -11.87
N GLU B 82 2.74 12.94 -11.77
CA GLU B 82 1.88 12.67 -12.93
C GLU B 82 0.84 13.75 -13.11
N THR B 83 0.06 14.00 -12.06
CA THR B 83 -0.99 15.00 -12.11
C THR B 83 -0.44 16.39 -11.81
N GLY B 84 0.82 16.45 -11.39
CA GLY B 84 1.42 17.72 -11.06
C GLY B 84 0.84 18.28 -9.79
N TYR B 85 0.79 17.45 -8.77
CA TYR B 85 0.25 17.83 -7.47
C TYR B 85 1.10 18.88 -6.80
N THR B 86 2.34 18.55 -6.59
CA THR B 86 3.30 19.43 -5.96
C THR B 86 3.55 20.67 -6.81
N LYS B 87 3.57 21.82 -6.17
CA LYS B 87 3.80 23.06 -6.86
C LYS B 87 5.24 23.51 -6.71
N ARG B 88 5.72 24.28 -7.69
CA ARG B 88 7.09 24.78 -7.66
C ARG B 88 7.15 26.16 -7.00
N LEU B 89 5.99 26.66 -6.62
CA LEU B 89 5.89 27.97 -5.96
C LEU B 89 6.28 27.86 -4.50
N ARG B 90 6.54 28.99 -3.87
CA ARG B 90 6.92 29.03 -2.48
C ARG B 90 5.70 28.85 -1.58
N LYS B 91 5.90 28.91 -0.26
CA LYS B 91 4.80 28.79 0.67
C LYS B 91 4.34 30.15 1.17
N GLN B 92 5.01 31.19 0.67
CA GLN B 92 4.69 32.57 1.02
C GLN B 92 4.72 32.80 2.54
ZN ZN C . 2.98 -12.97 -6.35
ZN ZN D . 10.72 -7.61 4.32
ZN ZN E . -2.76 12.21 7.06
ZN ZN F . -6.33 -0.44 12.17
N GLY A 1 4.82 -11.99 -16.42
CA GLY A 1 4.62 -10.74 -17.19
C GLY A 1 5.18 -10.82 -18.59
N PRO A 2 4.39 -10.42 -19.60
CA PRO A 2 4.83 -10.44 -21.00
C PRO A 2 5.67 -9.21 -21.34
N LEU A 3 5.92 -9.02 -22.63
CA LEU A 3 6.71 -7.88 -23.08
C LEU A 3 5.86 -6.62 -23.11
N GLY A 4 6.10 -5.75 -22.15
CA GLY A 4 5.36 -4.51 -22.06
C GLY A 4 6.21 -3.40 -21.51
N SER A 5 7.51 -3.45 -21.81
CA SER A 5 8.47 -2.46 -21.32
C SER A 5 8.22 -1.08 -21.96
N GLU A 6 7.72 -1.09 -23.19
CA GLU A 6 7.42 0.15 -23.90
C GLU A 6 5.93 0.42 -23.88
N ASP A 7 5.20 -0.48 -23.25
CA ASP A 7 3.75 -0.37 -23.13
C ASP A 7 3.39 -0.06 -21.69
N ASP A 8 2.25 -0.55 -21.26
CA ASP A 8 1.78 -0.36 -19.89
C ASP A 8 2.23 -1.53 -19.02
N PRO A 9 3.32 -1.34 -18.28
CA PRO A 9 3.85 -2.37 -17.40
C PRO A 9 3.27 -2.27 -16.01
N ILE A 10 3.67 -3.18 -15.14
CA ILE A 10 3.18 -3.19 -13.77
C ILE A 10 4.08 -2.32 -12.89
N PRO A 11 3.54 -1.25 -12.31
CA PRO A 11 4.29 -0.36 -11.42
C PRO A 11 4.57 -0.97 -10.05
N ASP A 12 5.67 -0.54 -9.43
CA ASP A 12 6.09 -1.04 -8.12
C ASP A 12 5.03 -0.85 -7.05
N GLU A 13 4.21 0.19 -7.19
CA GLU A 13 3.14 0.49 -6.23
C GLU A 13 2.11 -0.65 -6.12
N LEU A 14 2.16 -1.61 -7.04
CA LEU A 14 1.25 -2.74 -7.00
C LEU A 14 1.87 -4.00 -7.61
N LEU A 15 3.19 -3.96 -7.77
CA LEU A 15 3.93 -5.06 -8.33
C LEU A 15 4.43 -6.05 -7.25
N CYS A 16 4.15 -7.34 -7.44
CA CYS A 16 4.63 -8.36 -6.51
C CYS A 16 6.05 -8.71 -6.90
N LEU A 17 6.98 -8.42 -6.02
CA LEU A 17 8.39 -8.68 -6.26
C LEU A 17 8.64 -10.17 -6.48
N ILE A 18 7.95 -10.98 -5.70
CA ILE A 18 8.11 -12.44 -5.75
C ILE A 18 7.89 -13.01 -7.15
N CYS A 19 6.72 -12.81 -7.73
CA CYS A 19 6.46 -13.34 -9.06
C CYS A 19 6.74 -12.30 -10.14
N LYS A 20 7.24 -11.13 -9.72
CA LYS A 20 7.55 -10.03 -10.63
C LYS A 20 6.36 -9.66 -11.52
N ASP A 21 5.17 -9.78 -10.96
CA ASP A 21 3.94 -9.44 -11.68
C ASP A 21 2.93 -8.89 -10.68
N ILE A 22 1.79 -8.46 -11.18
CA ILE A 22 0.74 -7.91 -10.32
C ILE A 22 0.20 -8.95 -9.35
N MET A 23 -0.43 -8.48 -8.30
CA MET A 23 -0.99 -9.36 -7.28
C MET A 23 -2.42 -8.98 -6.94
N THR A 24 -3.21 -9.95 -6.59
CA THR A 24 -4.59 -9.72 -6.20
C THR A 24 -4.72 -10.06 -4.72
N ASP A 25 -5.55 -9.28 -4.01
CA ASP A 25 -5.73 -9.48 -2.57
C ASP A 25 -4.39 -9.32 -1.86
N ALA A 26 -3.60 -8.38 -2.38
CA ALA A 26 -2.26 -8.09 -1.87
C ALA A 26 -2.24 -7.83 -0.36
N VAL A 27 -1.20 -8.35 0.28
CA VAL A 27 -1.00 -8.20 1.71
C VAL A 27 0.31 -7.47 1.97
N VAL A 28 0.51 -7.01 3.20
CA VAL A 28 1.72 -6.29 3.57
C VAL A 28 2.54 -7.07 4.58
N ILE A 29 3.85 -6.92 4.50
CA ILE A 29 4.76 -7.59 5.40
C ILE A 29 5.31 -6.58 6.42
N PRO A 30 5.06 -6.84 7.72
CA PRO A 30 5.47 -5.92 8.80
C PRO A 30 6.96 -5.91 9.09
N CYS A 31 7.74 -6.54 8.24
CA CYS A 31 9.18 -6.58 8.43
C CYS A 31 9.85 -5.45 7.65
N CYS A 32 9.24 -5.04 6.55
CA CYS A 32 9.80 -3.98 5.72
C CYS A 32 8.70 -3.05 5.23
N GLY A 33 7.63 -3.64 4.73
CA GLY A 33 6.52 -2.85 4.24
C GLY A 33 6.13 -3.19 2.83
N ASN A 34 6.85 -4.12 2.24
CA ASN A 34 6.58 -4.56 0.88
C ASN A 34 5.30 -5.37 0.83
N SER A 35 4.63 -5.32 -0.31
CA SER A 35 3.40 -6.06 -0.50
C SER A 35 3.55 -7.08 -1.61
N TYR A 36 2.97 -8.27 -1.41
CA TYR A 36 3.03 -9.33 -2.41
C TYR A 36 1.76 -10.16 -2.32
N CYS A 37 1.61 -11.08 -3.26
CA CYS A 37 0.47 -11.98 -3.26
C CYS A 37 0.47 -12.75 -1.93
N ASP A 38 -0.70 -13.01 -1.39
CA ASP A 38 -0.80 -13.72 -0.13
C ASP A 38 -0.16 -15.10 -0.23
N GLU A 39 -0.37 -15.75 -1.37
CA GLU A 39 0.19 -17.06 -1.60
C GLU A 39 1.69 -16.99 -1.83
N CYS A 40 2.12 -15.93 -2.49
CA CYS A 40 3.54 -15.75 -2.78
C CYS A 40 4.32 -15.51 -1.50
N ILE A 41 3.91 -14.49 -0.75
CA ILE A 41 4.60 -14.12 0.49
C ILE A 41 4.52 -15.27 1.50
N ARG A 42 3.40 -15.98 1.51
CA ARG A 42 3.23 -17.09 2.42
C ARG A 42 4.27 -18.16 2.12
N THR A 43 4.43 -18.49 0.86
CA THR A 43 5.38 -19.49 0.41
C THR A 43 6.81 -19.14 0.87
N ALA A 44 7.20 -17.89 0.69
CA ALA A 44 8.55 -17.45 1.08
C ALA A 44 8.84 -17.72 2.55
N LEU A 45 7.89 -17.39 3.41
CA LEU A 45 8.06 -17.59 4.85
C LEU A 45 7.95 -19.07 5.21
N LEU A 46 7.12 -19.80 4.48
CA LEU A 46 6.91 -21.22 4.71
C LEU A 46 8.16 -22.02 4.32
N GLU A 47 8.80 -21.59 3.23
CA GLU A 47 10.00 -22.26 2.74
C GLU A 47 11.19 -22.02 3.66
N SER A 48 11.33 -20.79 4.11
CA SER A 48 12.43 -20.41 4.99
C SER A 48 12.11 -20.77 6.44
N ASP A 49 13.07 -21.39 7.11
CA ASP A 49 12.88 -21.79 8.51
C ASP A 49 12.97 -20.58 9.42
N GLU A 50 13.83 -19.67 9.05
CA GLU A 50 14.10 -18.46 9.80
C GLU A 50 13.21 -17.31 9.34
N HIS A 51 12.22 -17.63 8.50
CA HIS A 51 11.27 -16.64 7.99
C HIS A 51 11.98 -15.52 7.23
N THR A 52 12.86 -15.90 6.32
CA THR A 52 13.59 -14.93 5.51
C THR A 52 12.65 -14.23 4.54
N CYS A 53 12.61 -12.90 4.64
CA CYS A 53 11.77 -12.10 3.77
C CYS A 53 12.30 -12.13 2.34
N PRO A 54 11.41 -12.21 1.36
CA PRO A 54 11.76 -12.25 -0.06
C PRO A 54 12.00 -10.88 -0.65
N THR A 55 12.65 -10.02 0.12
CA THR A 55 12.91 -8.68 -0.33
C THR A 55 13.92 -7.97 0.57
N CYS A 56 13.73 -8.02 1.89
CA CYS A 56 14.64 -7.38 2.82
C CYS A 56 15.46 -8.43 3.56
N HIS A 57 15.03 -9.67 3.41
CA HIS A 57 15.70 -10.81 4.02
C HIS A 57 15.68 -10.73 5.55
N GLN A 58 14.52 -10.37 6.09
CA GLN A 58 14.35 -10.29 7.53
C GLN A 58 14.28 -11.71 8.10
N ASN A 59 14.42 -11.85 9.42
CA ASN A 59 14.40 -13.17 10.04
C ASN A 59 13.49 -13.20 11.27
N ASP A 60 12.33 -12.58 11.17
CA ASP A 60 11.38 -12.56 12.27
C ASP A 60 9.99 -12.18 11.78
N VAL A 61 9.65 -12.66 10.61
CA VAL A 61 8.33 -12.38 10.04
C VAL A 61 7.45 -13.61 10.22
N SER A 62 6.28 -13.62 9.60
CA SER A 62 5.39 -14.75 9.72
C SER A 62 4.19 -14.59 8.80
N PRO A 63 3.61 -15.72 8.35
CA PRO A 63 2.45 -15.71 7.47
C PRO A 63 1.17 -15.34 8.21
N ASP A 64 1.30 -15.17 9.52
CA ASP A 64 0.18 -14.77 10.36
C ASP A 64 0.27 -13.29 10.66
N ALA A 65 1.47 -12.75 10.52
CA ALA A 65 1.73 -11.33 10.78
C ALA A 65 1.39 -10.50 9.55
N LEU A 66 1.02 -11.17 8.47
CA LEU A 66 0.65 -10.50 7.23
C LEU A 66 -0.61 -9.68 7.44
N ILE A 67 -0.54 -8.41 7.08
CA ILE A 67 -1.68 -7.51 7.23
C ILE A 67 -2.36 -7.30 5.90
N ALA A 68 -3.53 -6.67 5.91
CA ALA A 68 -4.27 -6.46 4.68
C ALA A 68 -4.07 -5.06 4.12
N ASN A 69 -3.27 -4.97 3.06
CA ASN A 69 -3.00 -3.70 2.41
C ASN A 69 -4.16 -3.39 1.47
N LYS A 70 -5.26 -2.93 2.05
CA LYS A 70 -6.45 -2.61 1.28
C LYS A 70 -6.15 -1.61 0.16
N PHE A 71 -5.21 -0.71 0.41
CA PHE A 71 -4.81 0.30 -0.56
C PHE A 71 -4.18 -0.37 -1.77
N LEU A 72 -3.32 -1.35 -1.51
CA LEU A 72 -2.60 -2.06 -2.55
C LEU A 72 -3.54 -2.74 -3.52
N ARG A 73 -4.38 -3.63 -3.01
CA ARG A 73 -5.31 -4.36 -3.87
C ARG A 73 -6.33 -3.42 -4.51
N GLN A 74 -6.51 -2.22 -3.93
CA GLN A 74 -7.43 -1.25 -4.50
C GLN A 74 -6.80 -0.67 -5.77
N ALA A 75 -5.53 -0.28 -5.65
CA ALA A 75 -4.77 0.28 -6.76
C ALA A 75 -4.70 -0.74 -7.89
N VAL A 76 -4.43 -1.99 -7.52
CA VAL A 76 -4.35 -3.08 -8.47
C VAL A 76 -5.62 -3.18 -9.30
N ASN A 77 -6.77 -3.24 -8.62
CA ASN A 77 -8.07 -3.34 -9.28
C ASN A 77 -8.27 -2.20 -10.27
N ASN A 78 -7.92 -0.99 -9.85
CA ASN A 78 -8.05 0.17 -10.71
C ASN A 78 -7.16 0.05 -11.93
N PHE A 79 -5.90 -0.24 -11.67
CA PHE A 79 -4.91 -0.39 -12.72
C PHE A 79 -5.32 -1.47 -13.74
N LYS A 80 -5.71 -2.65 -13.26
CA LYS A 80 -6.15 -3.74 -14.13
C LYS A 80 -7.26 -3.30 -15.08
N ASN A 81 -8.13 -2.44 -14.58
CA ASN A 81 -9.25 -1.95 -15.38
C ASN A 81 -8.80 -0.91 -16.40
N GLU A 82 -7.96 0.01 -15.96
CA GLU A 82 -7.46 1.08 -16.81
C GLU A 82 -6.57 0.57 -17.94
N THR A 83 -5.72 -0.40 -17.63
CA THR A 83 -4.81 -0.95 -18.62
C THR A 83 -5.41 -2.13 -19.37
N GLY A 84 -6.46 -2.73 -18.80
CA GLY A 84 -7.07 -3.89 -19.41
C GLY A 84 -6.17 -5.10 -19.29
N TYR A 85 -5.68 -5.31 -18.08
CA TYR A 85 -4.78 -6.42 -17.79
C TYR A 85 -5.52 -7.75 -17.78
N THR A 86 -6.45 -7.86 -16.87
CA THR A 86 -7.25 -9.06 -16.72
C THR A 86 -8.74 -8.74 -16.58
N LYS A 87 -9.48 -9.66 -15.97
CA LYS A 87 -10.92 -9.52 -15.79
C LYS A 87 -11.25 -8.86 -14.45
N ARG A 88 -12.52 -8.54 -14.27
CA ARG A 88 -12.97 -7.91 -13.03
C ARG A 88 -13.43 -8.98 -12.04
N LEU A 89 -12.59 -9.24 -11.04
CA LEU A 89 -12.91 -10.22 -10.01
C LEU A 89 -14.16 -9.80 -9.23
N ARG A 90 -14.85 -10.79 -8.68
CA ARG A 90 -16.07 -10.54 -7.92
C ARG A 90 -16.12 -11.46 -6.71
N LYS A 91 -17.06 -11.22 -5.82
CA LYS A 91 -17.18 -12.04 -4.61
C LYS A 91 -18.47 -12.86 -4.65
N GLN A 92 -19.11 -12.88 -5.81
CA GLN A 92 -20.36 -13.61 -5.98
C GLN A 92 -20.34 -14.38 -7.30
N GLY B 1 -25.91 11.64 -9.07
CA GLY B 1 -24.71 11.03 -8.45
C GLY B 1 -23.69 12.09 -8.03
N PRO B 2 -22.49 11.66 -7.59
CA PRO B 2 -21.45 12.59 -7.16
C PRO B 2 -20.74 13.25 -8.33
N LEU B 3 -19.92 14.24 -8.03
CA LEU B 3 -19.17 14.95 -9.05
C LEU B 3 -17.69 14.55 -8.99
N GLY B 4 -17.14 14.19 -10.14
CA GLY B 4 -15.76 13.80 -10.20
C GLY B 4 -15.26 13.80 -11.63
N SER B 5 -15.77 14.73 -12.42
CA SER B 5 -15.40 14.84 -13.83
C SER B 5 -14.22 15.78 -13.99
N GLU B 6 -14.35 16.99 -13.46
CA GLU B 6 -13.29 17.98 -13.55
C GLU B 6 -12.58 18.12 -12.21
N ASP B 7 -13.17 17.49 -11.21
CA ASP B 7 -12.62 17.52 -9.86
C ASP B 7 -11.38 16.65 -9.75
N ASP B 8 -10.55 16.96 -8.77
CA ASP B 8 -9.32 16.21 -8.52
C ASP B 8 -9.40 15.55 -7.15
N PRO B 9 -10.02 14.36 -7.08
CA PRO B 9 -10.17 13.61 -5.84
C PRO B 9 -9.01 12.64 -5.58
N ILE B 10 -8.76 12.37 -4.31
CA ILE B 10 -7.70 11.46 -3.93
C ILE B 10 -8.25 10.05 -3.74
N PRO B 11 -7.73 9.07 -4.49
CA PRO B 11 -8.19 7.67 -4.40
C PRO B 11 -7.78 7.02 -3.09
N ASP B 12 -8.62 6.10 -2.60
CA ASP B 12 -8.39 5.39 -1.33
C ASP B 12 -7.04 4.68 -1.29
N GLU B 13 -6.54 4.27 -2.46
CA GLU B 13 -5.27 3.56 -2.55
C GLU B 13 -4.07 4.44 -2.15
N LEU B 14 -4.31 5.71 -1.87
CA LEU B 14 -3.24 6.61 -1.46
C LEU B 14 -3.81 7.80 -0.71
N LEU B 15 -4.96 7.57 -0.11
CA LEU B 15 -5.67 8.59 0.63
C LEU B 15 -5.69 8.29 2.15
N CYS B 16 -5.22 9.25 2.94
CA CYS B 16 -5.19 9.12 4.39
C CYS B 16 -6.59 9.34 4.93
N LEU B 17 -7.08 8.40 5.70
CA LEU B 17 -8.41 8.51 6.28
C LEU B 17 -8.41 9.59 7.35
N ILE B 18 -7.32 9.62 8.11
CA ILE B 18 -7.15 10.57 9.21
C ILE B 18 -7.41 12.01 8.80
N CYS B 19 -6.63 12.52 7.86
CA CYS B 19 -6.81 13.90 7.41
C CYS B 19 -7.70 13.98 6.17
N LYS B 20 -8.22 12.83 5.76
CA LYS B 20 -9.08 12.72 4.57
C LYS B 20 -8.43 13.32 3.33
N ASP B 21 -7.10 13.22 3.26
CA ASP B 21 -6.36 13.75 2.12
C ASP B 21 -5.14 12.88 1.84
N ILE B 22 -4.49 13.15 0.72
CA ILE B 22 -3.30 12.40 0.32
C ILE B 22 -2.17 12.60 1.34
N MET B 23 -1.24 11.66 1.38
CA MET B 23 -0.13 11.73 2.33
C MET B 23 1.18 11.48 1.63
N THR B 24 2.25 11.84 2.31
CA THR B 24 3.60 11.65 1.80
C THR B 24 4.37 10.78 2.78
N ASP B 25 5.24 9.91 2.27
CA ASP B 25 6.01 8.98 3.11
C ASP B 25 5.07 8.15 3.98
N ALA B 26 3.99 7.71 3.34
CA ALA B 26 2.96 6.92 4.00
C ALA B 26 3.50 5.63 4.63
N VAL B 27 2.93 5.30 5.77
CA VAL B 27 3.32 4.09 6.50
C VAL B 27 2.10 3.18 6.60
N VAL B 28 2.32 1.93 6.99
CA VAL B 28 1.23 0.97 7.11
C VAL B 28 1.05 0.56 8.56
N ILE B 29 -0.19 0.31 8.92
CA ILE B 29 -0.53 -0.09 10.28
C ILE B 29 -0.79 -1.60 10.32
N PRO B 30 0.00 -2.33 11.12
CA PRO B 30 -0.08 -3.79 11.22
C PRO B 30 -1.32 -4.29 11.93
N CYS B 31 -2.26 -3.40 12.21
CA CYS B 31 -3.47 -3.79 12.88
C CYS B 31 -4.57 -4.13 11.87
N CYS B 32 -4.58 -3.40 10.75
CA CYS B 32 -5.58 -3.61 9.72
C CYS B 32 -4.93 -3.63 8.33
N GLY B 33 -4.04 -2.69 8.10
CA GLY B 33 -3.35 -2.62 6.83
C GLY B 33 -3.54 -1.30 6.14
N ASN B 34 -4.17 -0.36 6.82
CA ASN B 34 -4.41 0.96 6.27
C ASN B 34 -3.13 1.79 6.29
N SER B 35 -3.02 2.72 5.37
CA SER B 35 -1.84 3.57 5.28
C SER B 35 -2.21 5.03 5.49
N TYR B 36 -1.42 5.72 6.29
CA TYR B 36 -1.63 7.13 6.58
C TYR B 36 -0.30 7.83 6.74
N CYS B 37 -0.36 9.14 6.89
CA CYS B 37 0.81 9.94 7.13
C CYS B 37 1.45 9.46 8.43
N ASP B 38 2.78 9.39 8.47
CA ASP B 38 3.47 8.94 9.68
C ASP B 38 3.06 9.78 10.87
N GLU B 39 2.92 11.09 10.65
CA GLU B 39 2.54 12.00 11.71
C GLU B 39 1.09 11.80 12.13
N CYS B 40 0.22 11.58 11.15
CA CYS B 40 -1.19 11.39 11.41
C CYS B 40 -1.43 10.11 12.22
N ILE B 41 -0.95 8.99 11.71
CA ILE B 41 -1.12 7.70 12.36
C ILE B 41 -0.45 7.70 13.74
N ARG B 42 0.69 8.37 13.84
CA ARG B 42 1.41 8.46 15.09
C ARG B 42 0.54 9.15 16.13
N THR B 43 0.02 10.31 15.77
CA THR B 43 -0.83 11.09 16.64
C THR B 43 -2.01 10.27 17.19
N ALA B 44 -2.65 9.51 16.31
CA ALA B 44 -3.79 8.68 16.70
C ALA B 44 -3.43 7.72 17.83
N LEU B 45 -2.28 7.05 17.70
CA LEU B 45 -1.83 6.09 18.70
C LEU B 45 -1.30 6.80 19.95
N LEU B 46 -0.73 7.99 19.77
CA LEU B 46 -0.21 8.76 20.90
C LEU B 46 -1.34 9.32 21.75
N GLU B 47 -2.42 9.73 21.09
CA GLU B 47 -3.58 10.27 21.79
C GLU B 47 -4.28 9.17 22.60
N SER B 48 -4.61 8.09 21.92
CA SER B 48 -5.29 6.97 22.56
C SER B 48 -4.34 6.18 23.46
N ASP B 49 -4.77 5.93 24.69
CA ASP B 49 -3.95 5.21 25.66
C ASP B 49 -3.92 3.72 25.30
N GLU B 50 -5.03 3.25 24.77
CA GLU B 50 -5.18 1.85 24.39
C GLU B 50 -4.75 1.60 22.94
N HIS B 51 -4.19 2.63 22.31
CA HIS B 51 -3.72 2.52 20.92
C HIS B 51 -4.86 2.22 19.97
N THR B 52 -5.90 3.05 20.01
CA THR B 52 -7.04 2.88 19.15
C THR B 52 -6.72 3.30 17.72
N CYS B 53 -6.93 2.39 16.78
CA CYS B 53 -6.67 2.66 15.38
C CYS B 53 -7.68 3.67 14.83
N PRO B 54 -7.22 4.61 14.01
CA PRO B 54 -8.08 5.64 13.42
C PRO B 54 -8.81 5.16 12.17
N THR B 55 -9.26 3.93 12.20
CA THR B 55 -9.94 3.38 11.06
C THR B 55 -10.62 2.04 11.41
N CYS B 56 -9.90 1.15 12.09
CA CYS B 56 -10.48 -0.14 12.47
C CYS B 56 -10.76 -0.18 13.97
N HIS B 57 -10.18 0.79 14.67
CA HIS B 57 -10.34 0.94 16.11
C HIS B 57 -9.76 -0.25 16.87
N GLN B 58 -8.54 -0.64 16.50
CA GLN B 58 -7.85 -1.72 17.18
C GLN B 58 -7.36 -1.23 18.52
N ASN B 59 -6.86 -2.13 19.37
CA ASN B 59 -6.40 -1.74 20.70
C ASN B 59 -5.07 -2.39 21.08
N ASP B 60 -4.23 -2.64 20.09
CA ASP B 60 -2.94 -3.28 20.34
C ASP B 60 -1.93 -2.89 19.27
N VAL B 61 -2.04 -1.67 18.79
CA VAL B 61 -1.12 -1.18 17.77
C VAL B 61 0.01 -0.40 18.43
N SER B 62 0.76 0.37 17.65
CA SER B 62 1.87 1.16 18.19
C SER B 62 2.55 1.97 17.10
N PRO B 63 3.09 3.16 17.46
CA PRO B 63 3.77 4.03 16.51
C PRO B 63 5.16 3.50 16.17
N ASP B 64 5.54 2.41 16.82
CA ASP B 64 6.82 1.78 16.59
C ASP B 64 6.63 0.58 15.68
N ALA B 65 5.40 0.09 15.61
CA ALA B 65 5.06 -1.05 14.78
C ALA B 65 4.70 -0.62 13.37
N LEU B 66 4.81 0.68 13.11
CA LEU B 66 4.50 1.23 11.80
C LEU B 66 5.54 0.77 10.78
N ILE B 67 5.07 0.25 9.67
CA ILE B 67 5.97 -0.26 8.63
C ILE B 67 6.01 0.72 7.45
N ALA B 68 6.94 0.50 6.53
CA ALA B 68 7.09 1.41 5.39
C ALA B 68 6.37 0.90 4.16
N ASN B 69 5.24 1.54 3.83
CA ASN B 69 4.48 1.14 2.66
C ASN B 69 5.04 1.87 1.45
N LYS B 70 6.16 1.36 0.95
CA LYS B 70 6.83 1.93 -0.21
C LYS B 70 5.89 2.11 -1.38
N PHE B 71 5.07 1.10 -1.60
CA PHE B 71 4.12 1.09 -2.69
C PHE B 71 3.21 2.30 -2.61
N LEU B 72 2.78 2.61 -1.39
CA LEU B 72 1.92 3.74 -1.14
C LEU B 72 2.63 5.03 -1.51
N ARG B 73 3.84 5.18 -0.99
CA ARG B 73 4.68 6.34 -1.27
C ARG B 73 4.89 6.51 -2.78
N GLN B 74 5.12 5.39 -3.46
CA GLN B 74 5.33 5.40 -4.90
C GLN B 74 4.08 5.88 -5.61
N ALA B 75 2.95 5.27 -5.28
CA ALA B 75 1.67 5.63 -5.89
C ALA B 75 1.39 7.11 -5.69
N VAL B 76 1.64 7.60 -4.48
CA VAL B 76 1.42 9.00 -4.14
C VAL B 76 2.31 9.92 -5.00
N ASN B 77 3.60 9.63 -5.04
CA ASN B 77 4.56 10.43 -5.79
C ASN B 77 4.19 10.51 -7.26
N ASN B 78 3.71 9.41 -7.82
CA ASN B 78 3.35 9.36 -9.22
C ASN B 78 2.00 10.05 -9.45
N PHE B 79 1.05 9.82 -8.55
CA PHE B 79 -0.27 10.43 -8.66
C PHE B 79 -0.16 11.96 -8.62
N LYS B 80 0.62 12.47 -7.67
CA LYS B 80 0.81 13.92 -7.52
C LYS B 80 1.39 14.53 -8.79
N ASN B 81 2.20 13.77 -9.50
CA ASN B 81 2.83 14.25 -10.74
C ASN B 81 1.86 14.20 -11.90
N GLU B 82 1.01 13.19 -11.93
CA GLU B 82 0.04 13.01 -13.01
C GLU B 82 -1.09 14.03 -12.92
N THR B 83 -1.62 14.24 -11.72
CA THR B 83 -2.72 15.17 -11.52
C THR B 83 -2.23 16.60 -11.32
N GLY B 84 -0.97 16.74 -10.92
CA GLY B 84 -0.43 18.06 -10.67
C GLY B 84 -0.90 18.59 -9.32
N TYR B 85 -1.03 17.66 -8.37
CA TYR B 85 -1.48 17.99 -7.03
C TYR B 85 -0.52 18.96 -6.36
N THR B 86 0.74 18.67 -6.51
CA THR B 86 1.80 19.47 -5.97
C THR B 86 1.81 20.85 -6.59
N LYS B 87 1.87 21.87 -5.76
CA LYS B 87 1.84 23.23 -6.24
C LYS B 87 3.22 23.87 -6.13
N ARG B 88 3.44 24.89 -6.94
CA ARG B 88 4.71 25.61 -6.94
C ARG B 88 4.62 26.82 -6.00
N LEU B 89 3.42 27.05 -5.49
CA LEU B 89 3.17 28.15 -4.56
C LEU B 89 3.64 27.76 -3.17
N ARG B 90 3.55 28.69 -2.24
CA ARG B 90 3.95 28.43 -0.86
C ARG B 90 2.71 28.26 0.00
N LYS B 91 2.90 28.10 1.31
CA LYS B 91 1.77 27.93 2.21
C LYS B 91 1.13 29.27 2.54
N GLN B 92 1.85 30.34 2.23
CA GLN B 92 1.39 31.71 2.48
C GLN B 92 1.13 31.94 3.97
ZN ZN C . 3.15 -12.60 -6.32
ZN ZN D . 10.68 -7.86 4.53
ZN ZN E . -2.97 11.99 7.12
ZN ZN F . -6.21 -0.39 12.19
N GLY A 1 16.44 2.60 -22.92
CA GLY A 1 15.42 2.96 -21.91
C GLY A 1 14.31 1.93 -21.82
N PRO A 2 13.51 1.95 -20.76
CA PRO A 2 12.40 1.00 -20.58
C PRO A 2 11.20 1.34 -21.46
N LEU A 3 10.41 0.32 -21.75
CA LEU A 3 9.21 0.49 -22.57
C LEU A 3 7.97 0.61 -21.69
N GLY A 4 7.63 1.83 -21.32
CA GLY A 4 6.45 2.06 -20.50
C GLY A 4 5.54 3.12 -21.06
N SER A 5 5.90 3.64 -22.22
CA SER A 5 5.10 4.67 -22.86
C SER A 5 4.10 4.05 -23.85
N GLU A 6 4.56 3.10 -24.64
CA GLU A 6 3.70 2.45 -25.63
C GLU A 6 3.26 1.07 -25.14
N ASP A 7 3.42 0.85 -23.84
CA ASP A 7 3.04 -0.42 -23.23
C ASP A 7 2.53 -0.16 -21.82
N ASP A 8 1.73 -1.07 -21.30
CA ASP A 8 1.17 -0.92 -19.95
C ASP A 8 1.74 -1.98 -18.99
N PRO A 9 2.83 -1.64 -18.30
CA PRO A 9 3.47 -2.53 -17.35
C PRO A 9 2.83 -2.41 -15.97
N ILE A 10 3.22 -3.28 -15.05
CA ILE A 10 2.69 -3.24 -13.69
C ILE A 10 3.60 -2.42 -12.80
N PRO A 11 3.10 -1.30 -12.26
CA PRO A 11 3.89 -0.44 -11.38
C PRO A 11 4.22 -1.10 -10.04
N ASP A 12 5.42 -0.82 -9.53
CA ASP A 12 5.91 -1.42 -8.27
C ASP A 12 5.04 -1.04 -7.07
N GLU A 13 4.14 -0.08 -7.26
CA GLU A 13 3.25 0.33 -6.18
C GLU A 13 2.08 -0.64 -6.03
N LEU A 14 1.99 -1.62 -6.91
CA LEU A 14 0.93 -2.62 -6.85
C LEU A 14 1.35 -3.90 -7.56
N LEU A 15 2.66 -4.01 -7.80
CA LEU A 15 3.23 -5.16 -8.48
C LEU A 15 3.99 -6.06 -7.49
N CYS A 16 3.68 -7.35 -7.50
CA CYS A 16 4.35 -8.31 -6.64
C CYS A 16 5.75 -8.58 -7.18
N LEU A 17 6.74 -8.42 -6.33
CA LEU A 17 8.12 -8.63 -6.73
C LEU A 17 8.39 -10.13 -6.89
N ILE A 18 7.77 -10.92 -6.02
CA ILE A 18 7.98 -12.37 -6.00
C ILE A 18 7.66 -13.02 -7.35
N CYS A 19 6.49 -12.75 -7.90
CA CYS A 19 6.13 -13.34 -9.20
C CYS A 19 6.33 -12.33 -10.33
N LYS A 20 6.80 -11.13 -9.97
CA LYS A 20 7.03 -10.06 -10.92
C LYS A 20 5.77 -9.71 -11.73
N ASP A 21 4.60 -9.86 -11.10
CA ASP A 21 3.34 -9.53 -11.75
C ASP A 21 2.33 -9.00 -10.73
N ILE A 22 1.20 -8.52 -11.21
CA ILE A 22 0.15 -7.97 -10.35
C ILE A 22 -0.53 -9.08 -9.53
N MET A 23 -1.15 -8.70 -8.42
CA MET A 23 -1.80 -9.66 -7.55
C MET A 23 -3.10 -9.12 -6.99
N THR A 24 -3.92 -10.01 -6.46
CA THR A 24 -5.19 -9.64 -5.88
C THR A 24 -5.16 -9.95 -4.39
N ASP A 25 -5.87 -9.14 -3.61
CA ASP A 25 -5.95 -9.30 -2.16
C ASP A 25 -4.55 -9.29 -1.53
N ALA A 26 -3.69 -8.43 -2.08
CA ALA A 26 -2.32 -8.29 -1.62
C ALA A 26 -2.22 -8.04 -0.12
N VAL A 27 -1.19 -8.60 0.49
CA VAL A 27 -0.95 -8.44 1.91
C VAL A 27 0.36 -7.69 2.14
N VAL A 28 0.56 -7.23 3.37
CA VAL A 28 1.77 -6.48 3.71
C VAL A 28 2.61 -7.25 4.73
N ILE A 29 3.91 -7.08 4.63
CA ILE A 29 4.83 -7.75 5.54
C ILE A 29 5.38 -6.73 6.55
N PRO A 30 5.14 -6.99 7.85
CA PRO A 30 5.57 -6.09 8.93
C PRO A 30 7.07 -6.09 9.19
N CYS A 31 7.83 -6.74 8.34
CA CYS A 31 9.26 -6.79 8.50
C CYS A 31 9.93 -5.64 7.76
N CYS A 32 9.30 -5.21 6.66
CA CYS A 32 9.83 -4.11 5.86
C CYS A 32 8.71 -3.17 5.43
N GLY A 33 7.66 -3.74 4.87
CA GLY A 33 6.53 -2.95 4.44
C GLY A 33 6.07 -3.24 3.03
N ASN A 34 6.82 -4.07 2.32
CA ASN A 34 6.49 -4.42 0.95
C ASN A 34 5.25 -5.32 0.90
N SER A 35 4.52 -5.24 -0.20
CA SER A 35 3.30 -6.02 -0.37
C SER A 35 3.44 -7.01 -1.54
N TYR A 36 2.96 -8.23 -1.34
CA TYR A 36 3.01 -9.26 -2.36
C TYR A 36 1.80 -10.16 -2.24
N CYS A 37 1.65 -11.08 -3.19
CA CYS A 37 0.56 -12.04 -3.14
C CYS A 37 0.62 -12.79 -1.82
N ASP A 38 -0.53 -13.06 -1.23
CA ASP A 38 -0.57 -13.78 0.03
C ASP A 38 0.11 -15.13 -0.11
N GLU A 39 -0.10 -15.77 -1.26
CA GLU A 39 0.48 -17.07 -1.55
C GLU A 39 1.98 -16.96 -1.77
N CYS A 40 2.40 -15.93 -2.51
CA CYS A 40 3.81 -15.71 -2.81
C CYS A 40 4.61 -15.45 -1.53
N ILE A 41 4.17 -14.45 -0.76
CA ILE A 41 4.85 -14.07 0.45
C ILE A 41 4.83 -15.21 1.47
N ARG A 42 3.72 -15.94 1.52
CA ARG A 42 3.59 -17.07 2.42
C ARG A 42 4.68 -18.09 2.11
N THR A 43 4.75 -18.47 0.85
CA THR A 43 5.71 -19.44 0.37
C THR A 43 7.15 -19.03 0.69
N ALA A 44 7.46 -17.75 0.48
CA ALA A 44 8.80 -17.23 0.74
C ALA A 44 9.24 -17.49 2.18
N LEU A 45 8.34 -17.24 3.13
CA LEU A 45 8.66 -17.44 4.53
C LEU A 45 8.69 -18.93 4.88
N LEU A 46 7.87 -19.72 4.20
CA LEU A 46 7.81 -21.15 4.45
C LEU A 46 9.07 -21.85 3.96
N GLU A 47 9.54 -21.47 2.78
CA GLU A 47 10.74 -22.07 2.19
C GLU A 47 12.02 -21.56 2.86
N SER A 48 11.90 -20.55 3.69
CA SER A 48 13.07 -19.99 4.37
C SER A 48 13.05 -20.40 5.84
N ASP A 49 14.01 -21.24 6.22
CA ASP A 49 14.12 -21.73 7.59
C ASP A 49 14.26 -20.60 8.60
N GLU A 50 14.84 -19.49 8.17
CA GLU A 50 15.03 -18.35 9.05
C GLU A 50 14.06 -17.21 8.74
N HIS A 51 13.04 -17.52 7.96
CA HIS A 51 12.02 -16.55 7.57
C HIS A 51 12.62 -15.39 6.79
N THR A 52 13.52 -15.72 5.88
CA THR A 52 14.17 -14.73 5.05
C THR A 52 13.18 -14.01 4.15
N CYS A 53 12.96 -12.72 4.40
CA CYS A 53 12.06 -11.93 3.59
C CYS A 53 12.55 -11.88 2.15
N PRO A 54 11.62 -12.01 1.19
CA PRO A 54 11.95 -12.00 -0.24
C PRO A 54 12.15 -10.60 -0.81
N THR A 55 12.70 -9.73 -0.01
CA THR A 55 12.92 -8.36 -0.44
C THR A 55 13.98 -7.66 0.42
N CYS A 56 13.84 -7.74 1.74
CA CYS A 56 14.79 -7.11 2.65
C CYS A 56 15.69 -8.16 3.29
N HIS A 57 15.31 -9.42 3.12
CA HIS A 57 16.07 -10.55 3.65
C HIS A 57 16.09 -10.52 5.18
N GLN A 58 14.92 -10.25 5.74
CA GLN A 58 14.73 -10.20 7.17
C GLN A 58 14.80 -11.62 7.74
N ASN A 59 14.77 -11.75 9.06
CA ASN A 59 14.86 -13.08 9.70
C ASN A 59 13.98 -13.19 10.94
N ASP A 60 12.88 -12.44 10.95
CA ASP A 60 11.96 -12.47 12.09
C ASP A 60 10.57 -12.09 11.63
N VAL A 61 10.09 -12.79 10.62
CA VAL A 61 8.76 -12.56 10.09
C VAL A 61 7.93 -13.83 10.19
N SER A 62 6.73 -13.83 9.62
CA SER A 62 5.88 -15.01 9.65
C SER A 62 4.67 -14.82 8.73
N PRO A 63 4.11 -15.93 8.23
CA PRO A 63 2.96 -15.89 7.32
C PRO A 63 1.66 -15.51 8.05
N ASP A 64 1.72 -15.51 9.36
CA ASP A 64 0.56 -15.16 10.17
C ASP A 64 0.59 -13.67 10.53
N ALA A 65 1.75 -13.06 10.35
CA ALA A 65 1.93 -11.64 10.66
C ALA A 65 1.58 -10.76 9.47
N LEU A 66 1.08 -11.38 8.42
CA LEU A 66 0.70 -10.65 7.21
C LEU A 66 -0.57 -9.85 7.45
N ILE A 67 -0.53 -8.57 7.11
CA ILE A 67 -1.68 -7.69 7.30
C ILE A 67 -2.38 -7.43 5.97
N ALA A 68 -3.53 -6.77 6.01
CA ALA A 68 -4.28 -6.50 4.80
C ALA A 68 -4.04 -5.09 4.26
N ASN A 69 -3.29 -5.00 3.17
CA ASN A 69 -2.98 -3.71 2.58
C ASN A 69 -4.16 -3.23 1.76
N LYS A 70 -5.07 -2.56 2.45
CA LYS A 70 -6.27 -2.02 1.84
C LYS A 70 -5.98 -1.26 0.57
N PHE A 71 -5.04 -0.34 0.68
CA PHE A 71 -4.67 0.54 -0.40
C PHE A 71 -4.14 -0.25 -1.60
N LEU A 72 -3.32 -1.25 -1.33
CA LEU A 72 -2.76 -2.09 -2.38
C LEU A 72 -3.86 -2.76 -3.17
N ARG A 73 -4.74 -3.44 -2.46
CA ARG A 73 -5.85 -4.15 -3.06
C ARG A 73 -6.75 -3.20 -3.85
N GLN A 74 -6.91 -1.98 -3.35
CA GLN A 74 -7.73 -0.99 -4.03
C GLN A 74 -7.04 -0.52 -5.31
N ALA A 75 -5.74 -0.25 -5.21
CA ALA A 75 -4.96 0.19 -6.35
C ALA A 75 -5.05 -0.82 -7.48
N VAL A 76 -4.85 -2.08 -7.14
CA VAL A 76 -4.92 -3.17 -8.10
C VAL A 76 -6.27 -3.21 -8.80
N ASN A 77 -7.34 -3.08 -8.01
CA ASN A 77 -8.70 -3.13 -8.52
C ASN A 77 -8.98 -2.01 -9.54
N ASN A 78 -8.47 -0.81 -9.27
CA ASN A 78 -8.69 0.30 -10.14
C ASN A 78 -7.76 0.24 -11.35
N PHE A 79 -6.51 -0.16 -11.13
CA PHE A 79 -5.53 -0.27 -12.21
C PHE A 79 -5.99 -1.25 -13.29
N LYS A 80 -6.42 -2.43 -12.86
CA LYS A 80 -6.89 -3.46 -13.78
C LYS A 80 -8.05 -2.97 -14.64
N ASN A 81 -8.81 -2.01 -14.13
CA ASN A 81 -9.96 -1.48 -14.86
C ASN A 81 -9.56 -0.31 -15.76
N GLU A 82 -8.48 0.36 -15.41
CA GLU A 82 -8.00 1.49 -16.19
C GLU A 82 -7.30 1.04 -17.46
N THR A 83 -6.41 0.07 -17.33
CA THR A 83 -5.67 -0.44 -18.48
C THR A 83 -6.34 -1.65 -19.09
N GLY A 84 -7.32 -2.21 -18.38
CA GLY A 84 -7.99 -3.39 -18.88
C GLY A 84 -7.10 -4.61 -18.80
N TYR A 85 -6.38 -4.71 -17.68
CA TYR A 85 -5.46 -5.81 -17.45
C TYR A 85 -6.15 -7.16 -17.47
N THR A 86 -7.13 -7.27 -16.63
CA THR A 86 -7.91 -8.50 -16.51
C THR A 86 -8.65 -8.80 -17.81
N LYS A 87 -8.31 -9.92 -18.41
CA LYS A 87 -8.90 -10.34 -19.66
C LYS A 87 -10.37 -10.73 -19.47
N ARG A 88 -11.15 -10.60 -20.54
CA ARG A 88 -12.58 -10.92 -20.48
C ARG A 88 -12.79 -12.44 -20.47
N LEU A 89 -11.78 -13.18 -20.91
CA LEU A 89 -11.85 -14.63 -20.93
C LEU A 89 -11.83 -15.17 -19.51
N ARG A 90 -12.54 -16.26 -19.28
CA ARG A 90 -12.61 -16.86 -17.95
C ARG A 90 -11.35 -17.66 -17.62
N LYS A 91 -11.33 -18.25 -16.45
CA LYS A 91 -10.17 -19.04 -16.00
C LYS A 91 -10.26 -20.48 -16.48
N GLN A 92 -11.28 -20.77 -17.29
CA GLN A 92 -11.50 -22.09 -17.86
C GLN A 92 -11.58 -23.15 -16.77
N GLY B 1 -14.44 10.04 -20.26
CA GLY B 1 -14.26 11.14 -19.29
C GLY B 1 -12.84 11.22 -18.78
N PRO B 2 -12.11 12.31 -19.06
CA PRO B 2 -10.73 12.47 -18.61
C PRO B 2 -10.63 12.76 -17.12
N LEU B 3 -9.43 12.64 -16.59
CA LEU B 3 -9.18 12.86 -15.17
C LEU B 3 -7.70 13.15 -14.94
N GLY B 4 -7.41 14.30 -14.35
CA GLY B 4 -6.03 14.66 -14.08
C GLY B 4 -5.62 15.97 -14.71
N SER B 5 -6.44 16.47 -15.62
CA SER B 5 -6.17 17.72 -16.31
C SER B 5 -6.04 18.88 -15.32
N GLU B 6 -7.16 19.23 -14.70
CA GLU B 6 -7.21 20.30 -13.71
C GLU B 6 -8.22 19.96 -12.64
N ASP B 7 -8.58 18.69 -12.60
CA ASP B 7 -9.54 18.17 -11.64
C ASP B 7 -9.17 16.74 -11.31
N ASP B 8 -8.72 16.50 -10.10
CA ASP B 8 -8.32 15.17 -9.69
C ASP B 8 -8.30 15.03 -8.17
N PRO B 9 -9.18 14.16 -7.65
CA PRO B 9 -9.24 13.89 -6.22
C PRO B 9 -8.27 12.77 -5.84
N ILE B 10 -7.87 12.71 -4.59
CA ILE B 10 -6.94 11.69 -4.14
C ILE B 10 -7.65 10.35 -3.96
N PRO B 11 -7.23 9.31 -4.68
CA PRO B 11 -7.85 7.99 -4.58
C PRO B 11 -7.53 7.31 -3.26
N ASP B 12 -8.50 6.56 -2.73
CA ASP B 12 -8.38 5.87 -1.44
C ASP B 12 -7.16 4.93 -1.39
N GLU B 13 -6.66 4.53 -2.55
CA GLU B 13 -5.52 3.62 -2.63
C GLU B 13 -4.20 4.32 -2.27
N LEU B 14 -4.25 5.60 -1.98
CA LEU B 14 -3.05 6.36 -1.59
C LEU B 14 -3.45 7.64 -0.88
N LEU B 15 -4.65 7.61 -0.31
CA LEU B 15 -5.19 8.76 0.39
C LEU B 15 -5.32 8.51 1.90
N CYS B 16 -4.74 9.41 2.69
CA CYS B 16 -4.81 9.31 4.15
C CYS B 16 -6.22 9.64 4.59
N LEU B 17 -6.84 8.73 5.32
CA LEU B 17 -8.19 8.94 5.79
C LEU B 17 -8.22 9.99 6.90
N ILE B 18 -7.18 9.96 7.73
CA ILE B 18 -7.05 10.85 8.87
C ILE B 18 -7.20 12.33 8.49
N CYS B 19 -6.35 12.80 7.58
CA CYS B 19 -6.42 14.20 7.16
C CYS B 19 -7.18 14.34 5.84
N LYS B 20 -7.68 13.22 5.34
CA LYS B 20 -8.43 13.17 4.08
C LYS B 20 -7.65 13.78 2.90
N ASP B 21 -6.34 13.58 2.89
CA ASP B 21 -5.50 14.08 1.80
C ASP B 21 -4.34 13.13 1.55
N ILE B 22 -3.61 13.37 0.48
CA ILE B 22 -2.46 12.56 0.13
C ILE B 22 -1.33 12.79 1.12
N MET B 23 -0.42 11.84 1.22
CA MET B 23 0.70 11.93 2.15
C MET B 23 1.98 11.42 1.52
N THR B 24 3.08 11.78 2.14
CA THR B 24 4.38 11.35 1.68
C THR B 24 5.02 10.46 2.75
N ASP B 25 5.83 9.48 2.32
CA ASP B 25 6.48 8.55 3.23
C ASP B 25 5.45 7.82 4.09
N ALA B 26 4.33 7.49 3.47
CA ALA B 26 3.22 6.81 4.13
C ALA B 26 3.66 5.52 4.81
N VAL B 27 3.05 5.24 5.95
CA VAL B 27 3.35 4.04 6.73
C VAL B 27 2.11 3.16 6.82
N VAL B 28 2.31 1.92 7.24
CA VAL B 28 1.21 0.98 7.36
C VAL B 28 1.00 0.58 8.82
N ILE B 29 -0.24 0.24 9.13
CA ILE B 29 -0.59 -0.17 10.49
C ILE B 29 -0.87 -1.67 10.51
N PRO B 30 -0.09 -2.42 11.31
CA PRO B 30 -0.19 -3.88 11.39
C PRO B 30 -1.44 -4.39 12.10
N CYS B 31 -2.35 -3.49 12.41
CA CYS B 31 -3.58 -3.88 13.09
C CYS B 31 -4.67 -4.19 12.06
N CYS B 32 -4.64 -3.48 10.94
CA CYS B 32 -5.62 -3.69 9.88
C CYS B 32 -4.93 -3.74 8.52
N GLY B 33 -4.09 -2.76 8.26
CA GLY B 33 -3.36 -2.72 7.01
C GLY B 33 -3.51 -1.41 6.28
N ASN B 34 -4.24 -0.48 6.86
CA ASN B 34 -4.45 0.82 6.24
C ASN B 34 -3.19 1.68 6.36
N SER B 35 -3.01 2.60 5.41
CA SER B 35 -1.84 3.47 5.39
C SER B 35 -2.23 4.93 5.57
N TYR B 36 -1.46 5.66 6.37
CA TYR B 36 -1.71 7.08 6.62
C TYR B 36 -0.39 7.78 6.85
N CYS B 37 -0.43 9.10 6.97
CA CYS B 37 0.76 9.88 7.25
C CYS B 37 1.38 9.38 8.55
N ASP B 38 2.71 9.33 8.60
CA ASP B 38 3.40 8.87 9.79
C ASP B 38 3.02 9.72 11.00
N GLU B 39 2.85 11.01 10.77
CA GLU B 39 2.46 11.93 11.84
C GLU B 39 1.00 11.74 12.22
N CYS B 40 0.14 11.58 11.22
CA CYS B 40 -1.29 11.40 11.45
C CYS B 40 -1.57 10.14 12.24
N ILE B 41 -1.07 9.01 11.76
CA ILE B 41 -1.29 7.74 12.42
C ILE B 41 -0.66 7.72 13.81
N ARG B 42 0.48 8.38 13.95
CA ARG B 42 1.17 8.46 15.23
C ARG B 42 0.29 9.19 16.23
N THR B 43 -0.29 10.29 15.78
CA THR B 43 -1.16 11.11 16.61
C THR B 43 -2.40 10.34 17.07
N ALA B 44 -3.02 9.62 16.14
CA ALA B 44 -4.23 8.86 16.45
C ALA B 44 -4.02 7.89 17.60
N LEU B 45 -2.93 7.13 17.55
CA LEU B 45 -2.63 6.16 18.60
C LEU B 45 -2.25 6.85 19.90
N LEU B 46 -1.55 7.97 19.78
CA LEU B 46 -1.12 8.74 20.95
C LEU B 46 -2.31 9.37 21.68
N GLU B 47 -3.26 9.90 20.92
CA GLU B 47 -4.43 10.54 21.51
C GLU B 47 -5.42 9.52 22.05
N SER B 48 -5.22 8.25 21.69
CA SER B 48 -6.09 7.18 22.14
C SER B 48 -5.42 6.37 23.24
N ASP B 49 -5.99 6.44 24.44
CA ASP B 49 -5.47 5.75 25.61
C ASP B 49 -5.40 4.25 25.40
N GLU B 50 -6.32 3.71 24.60
CA GLU B 50 -6.36 2.28 24.34
C GLU B 50 -5.80 1.95 22.95
N HIS B 51 -5.12 2.93 22.34
CA HIS B 51 -4.52 2.75 21.03
C HIS B 51 -5.59 2.46 19.97
N THR B 52 -6.69 3.18 20.06
CA THR B 52 -7.79 3.03 19.11
C THR B 52 -7.34 3.39 17.70
N CYS B 53 -7.40 2.43 16.80
CA CYS B 53 -7.03 2.68 15.41
C CYS B 53 -8.04 3.62 14.76
N PRO B 54 -7.54 4.57 13.96
CA PRO B 54 -8.39 5.55 13.28
C PRO B 54 -9.01 5.02 12.00
N THR B 55 -9.42 3.76 12.04
CA THR B 55 -10.02 3.14 10.87
C THR B 55 -10.75 1.84 11.25
N CYS B 56 -10.08 0.96 11.99
CA CYS B 56 -10.68 -0.29 12.40
C CYS B 56 -11.01 -0.27 13.89
N HIS B 57 -10.50 0.77 14.56
CA HIS B 57 -10.73 0.97 15.99
C HIS B 57 -10.18 -0.19 16.81
N GLN B 58 -8.95 -0.58 16.49
CA GLN B 58 -8.27 -1.65 17.21
C GLN B 58 -7.86 -1.16 18.60
N ASN B 59 -7.35 -2.05 19.43
CA ASN B 59 -6.97 -1.67 20.80
C ASN B 59 -5.62 -2.28 21.21
N ASP B 60 -4.74 -2.51 20.26
CA ASP B 60 -3.44 -3.10 20.56
C ASP B 60 -2.42 -2.72 19.50
N VAL B 61 -2.48 -1.48 19.05
CA VAL B 61 -1.53 -1.00 18.06
C VAL B 61 -0.51 -0.09 18.73
N SER B 62 0.43 0.45 17.98
CA SER B 62 1.43 1.34 18.54
C SER B 62 2.16 2.09 17.45
N PRO B 63 2.72 3.28 17.77
CA PRO B 63 3.44 4.11 16.82
C PRO B 63 4.81 3.53 16.46
N ASP B 64 5.21 2.51 17.20
CA ASP B 64 6.49 1.85 16.96
C ASP B 64 6.31 0.67 16.03
N ALA B 65 5.06 0.22 15.89
CA ALA B 65 4.74 -0.92 15.04
C ALA B 65 4.44 -0.49 13.60
N LEU B 66 4.64 0.78 13.31
CA LEU B 66 4.39 1.31 11.98
C LEU B 66 5.48 0.84 11.01
N ILE B 67 5.03 0.28 9.89
CA ILE B 67 5.95 -0.25 8.88
C ILE B 67 6.00 0.69 7.67
N ALA B 68 6.93 0.43 6.75
CA ALA B 68 7.08 1.29 5.58
C ALA B 68 6.34 0.74 4.37
N ASN B 69 5.21 1.36 4.03
CA ASN B 69 4.43 0.92 2.88
C ASN B 69 5.08 1.47 1.62
N LYS B 70 6.09 0.75 1.16
CA LYS B 70 6.83 1.12 -0.04
C LYS B 70 5.92 1.46 -1.18
N PHE B 71 5.03 0.54 -1.49
CA PHE B 71 4.09 0.68 -2.58
C PHE B 71 3.28 1.97 -2.47
N LEU B 72 2.83 2.28 -1.26
CA LEU B 72 2.06 3.50 -1.03
C LEU B 72 2.88 4.72 -1.41
N ARG B 73 4.07 4.80 -0.84
CA ARG B 73 4.98 5.92 -1.10
C ARG B 73 5.26 6.06 -2.59
N GLN B 74 5.43 4.93 -3.27
CA GLN B 74 5.70 4.91 -4.70
C GLN B 74 4.50 5.45 -5.48
N ALA B 75 3.31 4.97 -5.13
CA ALA B 75 2.08 5.39 -5.80
C ALA B 75 1.88 6.89 -5.67
N VAL B 76 2.12 7.42 -4.47
CA VAL B 76 2.00 8.84 -4.21
C VAL B 76 2.89 9.65 -5.15
N ASN B 77 4.13 9.20 -5.28
CA ASN B 77 5.11 9.85 -6.14
C ASN B 77 4.64 9.87 -7.60
N ASN B 78 4.10 8.75 -8.06
CA ASN B 78 3.63 8.63 -9.43
C ASN B 78 2.40 9.50 -9.65
N PHE B 79 1.44 9.40 -8.72
CA PHE B 79 0.21 10.16 -8.80
C PHE B 79 0.51 11.66 -8.89
N LYS B 80 1.35 12.16 -7.97
CA LYS B 80 1.70 13.57 -7.95
C LYS B 80 2.36 14.01 -9.26
N ASN B 81 3.04 13.09 -9.92
CA ASN B 81 3.72 13.40 -11.18
C ASN B 81 2.76 13.27 -12.35
N GLU B 82 1.75 12.42 -12.21
CA GLU B 82 0.78 12.19 -13.26
C GLU B 82 -0.18 13.37 -13.39
N THR B 83 -0.76 13.78 -12.27
CA THR B 83 -1.71 14.88 -12.27
C THR B 83 -1.01 16.22 -12.07
N GLY B 84 0.04 16.23 -11.28
CA GLY B 84 0.77 17.45 -10.99
C GLY B 84 0.39 18.00 -9.64
N TYR B 85 0.00 17.10 -8.74
CA TYR B 85 -0.41 17.48 -7.40
C TYR B 85 0.70 18.20 -6.64
N THR B 86 0.27 19.15 -5.83
CA THR B 86 1.10 19.99 -4.96
C THR B 86 0.20 21.03 -4.30
N LYS B 87 0.75 21.86 -3.44
CA LYS B 87 -0.06 22.87 -2.76
C LYS B 87 0.75 24.14 -2.56
N ARG B 88 0.06 25.21 -2.25
CA ARG B 88 0.69 26.51 -2.04
C ARG B 88 1.21 26.62 -0.62
N LEU B 89 2.52 26.81 -0.52
CA LEU B 89 3.17 26.98 0.77
C LEU B 89 3.05 28.43 1.24
N ARG B 90 3.58 28.72 2.40
CA ARG B 90 3.52 30.07 2.95
C ARG B 90 4.66 30.31 3.93
N LYS B 91 4.96 31.57 4.18
CA LYS B 91 6.06 31.95 5.07
C LYS B 91 5.58 31.99 6.53
N GLN B 92 5.14 30.84 7.02
CA GLN B 92 4.65 30.72 8.39
C GLN B 92 5.78 30.28 9.33
ZN ZN C . 3.14 -12.58 -6.33
ZN ZN D . 10.84 -7.74 4.52
ZN ZN E . -2.77 12.09 7.00
ZN ZN F . -6.26 -0.46 12.33
N GLY A 1 17.04 -1.74 -20.27
CA GLY A 1 15.92 -1.23 -21.10
C GLY A 1 14.61 -1.90 -20.75
N PRO A 2 13.71 -1.19 -20.05
CA PRO A 2 12.42 -1.74 -19.66
C PRO A 2 11.42 -1.73 -20.82
N LEU A 3 10.45 -2.61 -20.75
CA LEU A 3 9.43 -2.73 -21.78
C LEU A 3 8.09 -2.21 -21.27
N GLY A 4 7.72 -1.02 -21.69
CA GLY A 4 6.46 -0.45 -21.26
C GLY A 4 5.96 0.65 -22.17
N SER A 5 6.39 0.63 -23.42
CA SER A 5 5.97 1.63 -24.38
C SER A 5 4.64 1.24 -25.01
N GLU A 6 4.63 0.07 -25.66
CA GLU A 6 3.43 -0.42 -26.31
C GLU A 6 2.81 -1.52 -25.47
N ASP A 7 3.52 -1.90 -24.41
CA ASP A 7 3.06 -2.95 -23.51
C ASP A 7 2.36 -2.36 -22.29
N ASP A 8 1.84 -3.23 -21.45
CA ASP A 8 1.16 -2.82 -20.23
C ASP A 8 1.99 -3.25 -19.03
N PRO A 9 2.85 -2.36 -18.53
CA PRO A 9 3.73 -2.63 -17.41
C PRO A 9 3.06 -2.40 -16.06
N ILE A 10 3.48 -3.19 -15.07
CA ILE A 10 2.94 -3.08 -13.73
C ILE A 10 3.95 -2.38 -12.82
N PRO A 11 3.57 -1.27 -12.21
CA PRO A 11 4.45 -0.52 -11.31
C PRO A 11 4.69 -1.22 -9.98
N ASP A 12 5.84 -0.93 -9.37
CA ASP A 12 6.22 -1.55 -8.08
C ASP A 12 5.34 -1.08 -6.94
N GLU A 13 4.38 -0.22 -7.24
CA GLU A 13 3.46 0.28 -6.23
C GLU A 13 2.23 -0.61 -6.12
N LEU A 14 2.16 -1.66 -6.94
CA LEU A 14 1.02 -2.58 -6.90
C LEU A 14 1.37 -3.90 -7.58
N LEU A 15 2.65 -4.08 -7.82
CA LEU A 15 3.14 -5.29 -8.46
C LEU A 15 3.91 -6.17 -7.46
N CYS A 16 3.64 -7.47 -7.47
CA CYS A 16 4.32 -8.40 -6.59
C CYS A 16 5.73 -8.63 -7.10
N LEU A 17 6.70 -8.48 -6.23
CA LEU A 17 8.09 -8.66 -6.60
C LEU A 17 8.38 -10.15 -6.79
N ILE A 18 7.74 -10.96 -5.95
CA ILE A 18 7.95 -12.40 -5.95
C ILE A 18 7.67 -13.04 -7.31
N CYS A 19 6.51 -12.77 -7.90
CA CYS A 19 6.20 -13.33 -9.20
C CYS A 19 6.42 -12.30 -10.31
N LYS A 20 6.87 -11.11 -9.90
CA LYS A 20 7.13 -10.00 -10.83
C LYS A 20 5.89 -9.61 -11.63
N ASP A 21 4.71 -9.77 -11.05
CA ASP A 21 3.47 -9.40 -11.73
C ASP A 21 2.44 -8.90 -10.72
N ILE A 22 1.37 -8.30 -11.23
CA ILE A 22 0.30 -7.78 -10.39
C ILE A 22 -0.39 -8.90 -9.61
N MET A 23 -1.02 -8.56 -8.50
CA MET A 23 -1.70 -9.54 -7.66
C MET A 23 -2.99 -8.99 -7.08
N THR A 24 -3.82 -9.89 -6.59
CA THR A 24 -5.08 -9.53 -5.98
C THR A 24 -5.05 -9.88 -4.50
N ASP A 25 -5.82 -9.15 -3.70
CA ASP A 25 -5.88 -9.37 -2.25
C ASP A 25 -4.48 -9.31 -1.63
N ALA A 26 -3.66 -8.41 -2.17
CA ALA A 26 -2.29 -8.24 -1.70
C ALA A 26 -2.20 -7.98 -0.20
N VAL A 27 -1.18 -8.56 0.42
CA VAL A 27 -0.96 -8.40 1.84
C VAL A 27 0.34 -7.64 2.08
N VAL A 28 0.54 -7.18 3.30
CA VAL A 28 1.74 -6.42 3.65
C VAL A 28 2.56 -7.16 4.69
N ILE A 29 3.87 -6.97 4.63
CA ILE A 29 4.78 -7.61 5.56
C ILE A 29 5.34 -6.56 6.54
N PRO A 30 5.11 -6.76 7.84
CA PRO A 30 5.53 -5.80 8.88
C PRO A 30 7.03 -5.75 9.12
N CYS A 31 7.80 -6.45 8.32
CA CYS A 31 9.24 -6.44 8.47
C CYS A 31 9.85 -5.31 7.68
N CYS A 32 9.25 -5.00 6.52
CA CYS A 32 9.76 -3.93 5.68
C CYS A 32 8.62 -3.03 5.22
N GLY A 33 7.55 -3.64 4.73
CA GLY A 33 6.41 -2.87 4.29
C GLY A 33 6.00 -3.17 2.87
N ASN A 34 6.75 -4.02 2.20
CA ASN A 34 6.45 -4.40 0.83
C ASN A 34 5.21 -5.29 0.79
N SER A 35 4.50 -5.24 -0.32
CA SER A 35 3.29 -6.04 -0.49
C SER A 35 3.43 -7.05 -1.62
N TYR A 36 2.93 -8.26 -1.38
CA TYR A 36 2.98 -9.33 -2.39
C TYR A 36 1.76 -10.22 -2.23
N CYS A 37 1.61 -11.16 -3.15
CA CYS A 37 0.51 -12.11 -3.09
C CYS A 37 0.57 -12.86 -1.78
N ASP A 38 -0.58 -13.17 -1.20
CA ASP A 38 -0.63 -13.89 0.06
C ASP A 38 0.09 -15.22 -0.06
N GLU A 39 -0.15 -15.90 -1.17
CA GLU A 39 0.47 -17.19 -1.42
C GLU A 39 1.98 -17.05 -1.63
N CYS A 40 2.37 -16.04 -2.41
CA CYS A 40 3.77 -15.80 -2.70
C CYS A 40 4.57 -15.51 -1.43
N ILE A 41 4.12 -14.50 -0.68
CA ILE A 41 4.81 -14.10 0.54
C ILE A 41 4.80 -15.23 1.58
N ARG A 42 3.68 -15.96 1.64
CA ARG A 42 3.57 -17.07 2.57
C ARG A 42 4.64 -18.11 2.26
N THR A 43 4.74 -18.46 0.98
CA THR A 43 5.71 -19.45 0.51
C THR A 43 7.14 -19.08 0.92
N ALA A 44 7.49 -17.81 0.80
CA ALA A 44 8.83 -17.34 1.15
C ALA A 44 9.17 -17.64 2.61
N LEU A 45 8.23 -17.36 3.50
CA LEU A 45 8.43 -17.58 4.92
C LEU A 45 8.35 -19.06 5.27
N LEU A 46 7.56 -19.82 4.51
CA LEU A 46 7.41 -21.25 4.76
C LEU A 46 8.65 -22.01 4.29
N GLU A 47 9.27 -21.51 3.22
CA GLU A 47 10.47 -22.14 2.68
C GLU A 47 11.69 -21.84 3.54
N SER A 48 11.82 -20.57 3.92
CA SER A 48 12.94 -20.14 4.74
C SER A 48 12.61 -20.33 6.22
N ASP A 49 13.29 -21.28 6.85
CA ASP A 49 13.05 -21.58 8.26
C ASP A 49 13.33 -20.37 9.16
N GLU A 50 14.31 -19.57 8.76
CA GLU A 50 14.68 -18.38 9.52
C GLU A 50 13.75 -17.21 9.18
N HIS A 51 12.76 -17.49 8.34
CA HIS A 51 11.77 -16.49 7.93
C HIS A 51 12.42 -15.35 7.15
N THR A 52 13.22 -15.72 6.15
CA THR A 52 13.89 -14.76 5.31
C THR A 52 12.91 -14.06 4.38
N CYS A 53 12.82 -12.74 4.52
CA CYS A 53 11.93 -11.95 3.67
C CYS A 53 12.44 -11.93 2.24
N PRO A 54 11.53 -12.04 1.27
CA PRO A 54 11.86 -12.05 -0.16
C PRO A 54 12.07 -10.64 -0.73
N THR A 55 12.65 -9.77 0.06
CA THR A 55 12.87 -8.40 -0.38
C THR A 55 13.90 -7.70 0.50
N CYS A 56 13.73 -7.78 1.81
CA CYS A 56 14.65 -7.15 2.74
C CYS A 56 15.52 -8.21 3.42
N HIS A 57 15.12 -9.46 3.25
CA HIS A 57 15.84 -10.61 3.80
C HIS A 57 15.88 -10.55 5.32
N GLN A 58 14.73 -10.28 5.92
CA GLN A 58 14.61 -10.23 7.36
C GLN A 58 14.64 -11.65 7.93
N ASN A 59 14.70 -11.77 9.25
CA ASN A 59 14.78 -13.11 9.87
C ASN A 59 13.92 -13.20 11.12
N ASP A 60 12.81 -12.48 11.14
CA ASP A 60 11.92 -12.49 12.31
C ASP A 60 10.48 -12.19 11.90
N VAL A 61 10.15 -12.54 10.67
CA VAL A 61 8.80 -12.32 10.18
C VAL A 61 7.99 -13.61 10.31
N SER A 62 6.77 -13.62 9.79
CA SER A 62 5.93 -14.80 9.87
C SER A 62 4.71 -14.64 8.97
N PRO A 63 4.14 -15.77 8.48
CA PRO A 63 2.96 -15.76 7.61
C PRO A 63 1.71 -15.34 8.35
N ASP A 64 1.80 -15.36 9.67
CA ASP A 64 0.68 -14.97 10.52
C ASP A 64 0.66 -13.46 10.75
N ALA A 65 1.79 -12.80 10.48
CA ALA A 65 1.91 -11.36 10.69
C ALA A 65 1.56 -10.59 9.43
N LEU A 66 1.00 -11.26 8.44
CA LEU A 66 0.61 -10.63 7.19
C LEU A 66 -0.64 -9.79 7.39
N ILE A 67 -0.58 -8.53 7.02
CA ILE A 67 -1.71 -7.63 7.19
C ILE A 67 -2.38 -7.37 5.84
N ALA A 68 -3.55 -6.73 5.85
CA ALA A 68 -4.29 -6.46 4.63
C ALA A 68 -4.04 -5.06 4.11
N ASN A 69 -3.28 -4.96 3.03
CA ASN A 69 -2.97 -3.66 2.44
C ASN A 69 -4.16 -3.20 1.61
N LYS A 70 -5.13 -2.61 2.29
CA LYS A 70 -6.35 -2.10 1.66
C LYS A 70 -6.04 -1.27 0.44
N PHE A 71 -5.10 -0.35 0.62
CA PHE A 71 -4.69 0.58 -0.42
C PHE A 71 -4.15 -0.17 -1.64
N LEU A 72 -3.32 -1.18 -1.39
CA LEU A 72 -2.74 -1.98 -2.46
C LEU A 72 -3.83 -2.64 -3.28
N ARG A 73 -4.72 -3.32 -2.59
CA ARG A 73 -5.83 -4.03 -3.21
C ARG A 73 -6.70 -3.08 -4.04
N GLN A 74 -6.90 -1.87 -3.52
CA GLN A 74 -7.71 -0.88 -4.22
C GLN A 74 -6.98 -0.42 -5.48
N ALA A 75 -5.70 -0.14 -5.34
CA ALA A 75 -4.87 0.30 -6.47
C ALA A 75 -4.91 -0.72 -7.59
N VAL A 76 -4.70 -1.98 -7.24
CA VAL A 76 -4.72 -3.07 -8.21
C VAL A 76 -6.06 -3.14 -8.95
N ASN A 77 -7.14 -3.10 -8.17
CA ASN A 77 -8.49 -3.19 -8.72
C ASN A 77 -8.78 -2.05 -9.71
N ASN A 78 -8.32 -0.85 -9.40
CA ASN A 78 -8.55 0.30 -10.25
C ASN A 78 -7.60 0.29 -11.45
N PHE A 79 -6.33 -0.05 -11.20
CA PHE A 79 -5.32 -0.11 -12.25
C PHE A 79 -5.73 -1.09 -13.34
N LYS A 80 -6.16 -2.28 -12.93
CA LYS A 80 -6.58 -3.32 -13.87
C LYS A 80 -7.71 -2.84 -14.77
N ASN A 81 -8.60 -2.03 -14.21
CA ASN A 81 -9.75 -1.52 -14.96
C ASN A 81 -9.36 -0.38 -15.89
N GLU A 82 -8.41 0.44 -15.48
CA GLU A 82 -7.96 1.56 -16.30
C GLU A 82 -7.11 1.12 -17.48
N THR A 83 -6.12 0.28 -17.20
CA THR A 83 -5.21 -0.21 -18.23
C THR A 83 -5.83 -1.35 -19.03
N GLY A 84 -6.84 -1.99 -18.46
CA GLY A 84 -7.47 -3.10 -19.11
C GLY A 84 -6.59 -4.33 -19.08
N TYR A 85 -5.81 -4.46 -18.00
CA TYR A 85 -4.90 -5.58 -17.83
C TYR A 85 -5.66 -6.89 -17.82
N THR A 86 -6.75 -6.87 -17.12
CA THR A 86 -7.61 -8.03 -17.00
C THR A 86 -8.26 -8.35 -18.34
N LYS A 87 -8.17 -9.60 -18.73
CA LYS A 87 -8.73 -10.04 -19.99
C LYS A 87 -10.10 -10.70 -19.78
N ARG A 88 -10.93 -10.65 -20.80
CA ARG A 88 -12.28 -11.23 -20.73
C ARG A 88 -12.25 -12.76 -20.92
N LEU A 89 -11.14 -13.37 -20.57
CA LEU A 89 -10.99 -14.81 -20.70
C LEU A 89 -10.74 -15.41 -19.32
N ARG A 90 -11.23 -16.62 -19.12
CA ARG A 90 -11.09 -17.31 -17.84
C ARG A 90 -9.69 -17.87 -17.69
N LYS A 91 -9.46 -18.66 -16.64
CA LYS A 91 -8.16 -19.24 -16.38
C LYS A 91 -7.97 -20.50 -17.23
N GLN A 92 -9.10 -21.11 -17.60
CA GLN A 92 -9.12 -22.33 -18.40
C GLN A 92 -8.26 -23.43 -17.79
N GLY B 1 -15.14 12.21 -20.01
CA GLY B 1 -13.85 11.73 -20.58
C GLY B 1 -12.75 11.76 -19.54
N PRO B 2 -11.62 12.43 -19.84
CA PRO B 2 -10.48 12.51 -18.92
C PRO B 2 -10.73 13.49 -17.78
N LEU B 3 -9.86 13.45 -16.78
CA LEU B 3 -9.95 14.32 -15.62
C LEU B 3 -8.57 14.56 -15.04
N GLY B 4 -8.32 15.76 -14.55
CA GLY B 4 -7.02 16.07 -13.98
C GLY B 4 -6.44 17.36 -14.52
N SER B 5 -7.28 18.17 -15.14
CA SER B 5 -6.85 19.45 -15.69
C SER B 5 -6.57 20.45 -14.57
N GLU B 6 -7.62 20.76 -13.80
CA GLU B 6 -7.51 21.68 -12.69
C GLU B 6 -8.20 21.10 -11.46
N ASP B 7 -8.53 19.82 -11.56
CA ASP B 7 -9.17 19.11 -10.48
C ASP B 7 -8.53 17.76 -10.33
N ASP B 8 -8.13 17.42 -9.12
CA ASP B 8 -7.47 16.16 -8.88
C ASP B 8 -8.03 15.48 -7.64
N PRO B 9 -8.76 14.37 -7.85
CA PRO B 9 -9.33 13.59 -6.77
C PRO B 9 -8.34 12.54 -6.28
N ILE B 10 -8.32 12.30 -4.97
CA ILE B 10 -7.39 11.34 -4.42
C ILE B 10 -8.11 10.08 -3.95
N PRO B 11 -7.79 8.94 -4.56
CA PRO B 11 -8.40 7.66 -4.21
C PRO B 11 -7.91 7.16 -2.85
N ASP B 12 -8.74 6.34 -2.20
CA ASP B 12 -8.41 5.79 -0.88
C ASP B 12 -7.27 4.78 -0.96
N GLU B 13 -6.75 4.56 -2.16
CA GLU B 13 -5.66 3.63 -2.37
C GLU B 13 -4.31 4.32 -2.16
N LEU B 14 -4.32 5.61 -1.88
CA LEU B 14 -3.09 6.36 -1.64
C LEU B 14 -3.38 7.66 -0.91
N LEU B 15 -4.55 7.71 -0.30
CA LEU B 15 -4.98 8.89 0.43
C LEU B 15 -5.12 8.60 1.92
N CYS B 16 -4.60 9.51 2.75
CA CYS B 16 -4.68 9.36 4.20
C CYS B 16 -6.10 9.66 4.65
N LEU B 17 -6.70 8.72 5.35
CA LEU B 17 -8.05 8.88 5.83
C LEU B 17 -8.10 9.91 6.95
N ILE B 18 -7.05 9.92 7.77
CA ILE B 18 -6.96 10.82 8.91
C ILE B 18 -7.10 12.28 8.51
N CYS B 19 -6.31 12.74 7.55
CA CYS B 19 -6.38 14.13 7.11
C CYS B 19 -7.19 14.24 5.80
N LYS B 20 -7.71 13.10 5.35
CA LYS B 20 -8.50 13.03 4.11
C LYS B 20 -7.76 13.64 2.91
N ASP B 21 -6.44 13.47 2.88
CA ASP B 21 -5.62 13.99 1.78
C ASP B 21 -4.43 13.08 1.53
N ILE B 22 -3.77 13.27 0.41
CA ILE B 22 -2.59 12.47 0.07
C ILE B 22 -1.43 12.78 1.02
N MET B 23 -0.51 11.83 1.17
CA MET B 23 0.62 11.99 2.07
C MET B 23 1.90 11.48 1.44
N THR B 24 3.02 11.86 2.02
CA THR B 24 4.32 11.43 1.56
C THR B 24 4.96 10.53 2.61
N ASP B 25 5.72 9.53 2.15
CA ASP B 25 6.39 8.59 3.05
C ASP B 25 5.38 7.88 3.95
N ALA B 26 4.25 7.52 3.36
CA ALA B 26 3.17 6.85 4.07
C ALA B 26 3.62 5.56 4.74
N VAL B 27 3.04 5.29 5.89
CA VAL B 27 3.36 4.10 6.65
C VAL B 27 2.13 3.19 6.75
N VAL B 28 2.34 1.94 7.13
CA VAL B 28 1.25 0.98 7.25
C VAL B 28 1.07 0.54 8.69
N ILE B 29 -0.16 0.21 9.03
CA ILE B 29 -0.49 -0.23 10.37
C ILE B 29 -0.78 -1.74 10.36
N PRO B 30 -0.02 -2.51 11.15
CA PRO B 30 -0.15 -3.98 11.19
C PRO B 30 -1.41 -4.47 11.90
N CYS B 31 -2.30 -3.56 12.23
CA CYS B 31 -3.53 -3.93 12.89
C CYS B 31 -4.63 -4.21 11.87
N CYS B 32 -4.58 -3.49 10.76
CA CYS B 32 -5.58 -3.66 9.70
C CYS B 32 -4.91 -3.69 8.33
N GLY B 33 -4.03 -2.72 8.10
CA GLY B 33 -3.32 -2.67 6.83
C GLY B 33 -3.48 -1.35 6.11
N ASN B 34 -4.22 -0.43 6.71
CA ASN B 34 -4.44 0.88 6.11
C ASN B 34 -3.17 1.73 6.24
N SER B 35 -2.98 2.65 5.30
CA SER B 35 -1.81 3.52 5.32
C SER B 35 -2.21 4.99 5.50
N TYR B 36 -1.45 5.70 6.33
CA TYR B 36 -1.69 7.12 6.59
C TYR B 36 -0.37 7.81 6.85
N CYS B 37 -0.41 9.13 6.98
CA CYS B 37 0.79 9.91 7.29
C CYS B 37 1.40 9.42 8.59
N ASP B 38 2.72 9.42 8.67
CA ASP B 38 3.40 8.96 9.87
C ASP B 38 2.95 9.77 11.08
N GLU B 39 2.84 11.08 10.88
CA GLU B 39 2.43 11.98 11.95
C GLU B 39 0.97 11.78 12.31
N CYS B 40 0.14 11.58 11.29
CA CYS B 40 -1.29 11.39 11.49
C CYS B 40 -1.57 10.12 12.27
N ILE B 41 -1.06 8.99 11.78
CA ILE B 41 -1.28 7.71 12.44
C ILE B 41 -0.65 7.69 13.83
N ARG B 42 0.50 8.35 13.96
CA ARG B 42 1.18 8.42 15.24
C ARG B 42 0.30 9.12 16.27
N THR B 43 -0.26 10.25 15.87
CA THR B 43 -1.14 11.04 16.73
C THR B 43 -2.33 10.23 17.22
N ALA B 44 -2.93 9.44 16.32
CA ALA B 44 -4.09 8.63 16.68
C ALA B 44 -3.77 7.67 17.83
N LEU B 45 -2.65 6.98 17.72
CA LEU B 45 -2.24 6.03 18.74
C LEU B 45 -1.74 6.75 19.99
N LEU B 46 -1.14 7.92 19.83
CA LEU B 46 -0.64 8.69 20.95
C LEU B 46 -1.78 9.24 21.80
N GLU B 47 -2.81 9.75 21.14
CA GLU B 47 -3.98 10.30 21.83
C GLU B 47 -4.76 9.20 22.55
N SER B 48 -5.06 8.13 21.83
CA SER B 48 -5.81 7.02 22.39
C SER B 48 -4.90 6.10 23.22
N ASP B 49 -5.12 6.09 24.53
CA ASP B 49 -4.31 5.28 25.45
C ASP B 49 -4.44 3.79 25.13
N GLU B 50 -5.63 3.40 24.70
CA GLU B 50 -5.92 2.01 24.36
C GLU B 50 -5.44 1.69 22.94
N HIS B 51 -4.80 2.66 22.31
CA HIS B 51 -4.26 2.50 20.96
C HIS B 51 -5.37 2.25 19.94
N THR B 52 -6.43 3.04 20.04
CA THR B 52 -7.56 2.92 19.12
C THR B 52 -7.16 3.32 17.71
N CYS B 53 -7.23 2.37 16.79
CA CYS B 53 -6.90 2.63 15.39
C CYS B 53 -7.93 3.58 14.77
N PRO B 54 -7.45 4.55 13.98
CA PRO B 54 -8.32 5.54 13.32
C PRO B 54 -8.96 5.03 12.05
N THR B 55 -9.37 3.79 12.07
CA THR B 55 -9.98 3.18 10.90
C THR B 55 -10.69 1.88 11.27
N CYS B 56 -10.01 1.01 12.00
CA CYS B 56 -10.58 -0.27 12.40
C CYS B 56 -10.92 -0.26 13.89
N HIS B 57 -10.40 0.75 14.59
CA HIS B 57 -10.62 0.93 16.02
C HIS B 57 -10.06 -0.25 16.81
N GLN B 58 -8.82 -0.62 16.51
CA GLN B 58 -8.14 -1.69 17.22
C GLN B 58 -7.71 -1.22 18.60
N ASN B 59 -7.25 -2.13 19.45
CA ASN B 59 -6.85 -1.77 20.81
C ASN B 59 -5.54 -2.43 21.22
N ASP B 60 -4.69 -2.75 20.26
CA ASP B 60 -3.41 -3.39 20.55
C ASP B 60 -2.38 -3.05 19.50
N VAL B 61 -2.44 -1.82 19.01
CA VAL B 61 -1.50 -1.36 18.02
C VAL B 61 -0.40 -0.54 18.69
N SER B 62 0.34 0.24 17.93
CA SER B 62 1.41 1.08 18.46
C SER B 62 2.11 1.83 17.34
N PRO B 63 2.62 3.02 17.64
CA PRO B 63 3.32 3.86 16.66
C PRO B 63 4.73 3.35 16.38
N ASP B 64 5.12 2.32 17.10
CA ASP B 64 6.43 1.71 16.95
C ASP B 64 6.35 0.52 15.99
N ALA B 65 5.13 0.10 15.69
CA ALA B 65 4.91 -1.03 14.80
C ALA B 65 4.57 -0.55 13.39
N LEU B 66 4.79 0.73 13.14
CA LEU B 66 4.52 1.30 11.84
C LEU B 66 5.58 0.87 10.83
N ILE B 67 5.13 0.30 9.73
CA ILE B 67 6.03 -0.19 8.69
C ILE B 67 6.04 0.76 7.51
N ALA B 68 6.97 0.55 6.58
CA ALA B 68 7.09 1.43 5.42
C ALA B 68 6.39 0.85 4.21
N ASN B 69 5.24 1.43 3.86
CA ASN B 69 4.49 0.97 2.70
C ASN B 69 5.13 1.55 1.45
N LYS B 70 6.16 0.86 0.98
CA LYS B 70 6.89 1.27 -0.21
C LYS B 70 5.96 1.56 -1.36
N PHE B 71 5.04 0.65 -1.57
CA PHE B 71 4.09 0.74 -2.66
C PHE B 71 3.26 2.01 -2.57
N LEU B 72 2.81 2.33 -1.36
CA LEU B 72 2.01 3.54 -1.13
C LEU B 72 2.80 4.77 -1.54
N ARG B 73 4.01 4.86 -1.00
CA ARG B 73 4.90 5.98 -1.28
C ARG B 73 5.17 6.12 -2.77
N GLN B 74 5.31 4.99 -3.45
CA GLN B 74 5.57 4.98 -4.88
C GLN B 74 4.35 5.50 -5.64
N ALA B 75 3.19 4.97 -5.31
CA ALA B 75 1.95 5.38 -5.97
C ALA B 75 1.69 6.87 -5.80
N VAL B 76 1.92 7.37 -4.58
CA VAL B 76 1.74 8.79 -4.27
C VAL B 76 2.62 9.64 -5.19
N ASN B 77 3.86 9.23 -5.36
CA ASN B 77 4.80 9.96 -6.21
C ASN B 77 4.36 9.95 -7.67
N ASN B 78 3.86 8.82 -8.14
CA ASN B 78 3.39 8.70 -9.52
C ASN B 78 2.14 9.52 -9.71
N PHE B 79 1.20 9.34 -8.80
CA PHE B 79 -0.07 10.06 -8.84
C PHE B 79 0.18 11.58 -8.89
N LYS B 80 1.00 12.07 -7.98
CA LYS B 80 1.35 13.49 -7.93
C LYS B 80 1.91 13.97 -9.26
N ASN B 81 2.76 13.17 -9.87
CA ASN B 81 3.38 13.52 -11.15
C ASN B 81 2.38 13.47 -12.30
N GLU B 82 1.54 12.46 -12.32
CA GLU B 82 0.57 12.27 -13.39
C GLU B 82 -0.48 13.37 -13.42
N THR B 83 -1.13 13.62 -12.30
CA THR B 83 -2.19 14.62 -12.24
C THR B 83 -1.65 16.01 -11.87
N GLY B 84 -0.38 16.08 -11.50
CA GLY B 84 0.20 17.37 -11.14
C GLY B 84 -0.34 17.89 -9.82
N TYR B 85 -0.50 16.99 -8.85
CA TYR B 85 -1.01 17.37 -7.55
C TYR B 85 0.03 18.12 -6.74
N THR B 86 -0.45 19.07 -5.93
CA THR B 86 0.37 19.88 -5.04
C THR B 86 -0.50 20.86 -4.28
N LYS B 87 0.11 21.73 -3.48
CA LYS B 87 -0.63 22.73 -2.72
C LYS B 87 0.18 24.01 -2.65
N ARG B 88 -0.49 25.12 -2.47
CA ARG B 88 0.15 26.42 -2.40
C ARG B 88 0.81 26.65 -1.04
N LEU B 89 2.11 26.83 -1.05
CA LEU B 89 2.85 27.08 0.17
C LEU B 89 3.04 28.58 0.36
N ARG B 90 3.24 28.99 1.59
CA ARG B 90 3.42 30.40 1.89
C ARG B 90 4.62 30.60 2.81
N LYS B 91 5.05 31.85 2.96
CA LYS B 91 6.18 32.18 3.80
C LYS B 91 5.73 32.43 5.24
N GLN B 92 5.14 31.41 5.83
CA GLN B 92 4.66 31.50 7.21
C GLN B 92 5.70 30.98 8.18
ZN ZN C . 3.08 -12.73 -6.31
ZN ZN D . 10.68 -7.76 4.52
ZN ZN E . -2.69 12.13 7.02
ZN ZN F . -6.17 -0.43 12.23
N GLY A 1 5.75 9.11 -21.12
CA GLY A 1 4.46 9.37 -21.81
C GLY A 1 3.28 9.09 -20.90
N PRO A 2 2.18 8.56 -21.43
CA PRO A 2 0.99 8.24 -20.66
C PRO A 2 1.06 6.85 -20.03
N LEU A 3 0.02 6.50 -19.30
CA LEU A 3 -0.07 5.19 -18.67
C LEU A 3 -1.48 4.64 -18.89
N GLY A 4 -1.56 3.50 -19.55
CA GLY A 4 -2.85 2.91 -19.83
C GLY A 4 -3.18 3.00 -21.30
N SER A 5 -2.19 2.70 -22.13
CA SER A 5 -2.36 2.75 -23.57
C SER A 5 -3.22 1.59 -24.05
N GLU A 6 -2.65 0.40 -23.90
CA GLU A 6 -3.31 -0.85 -24.29
C GLU A 6 -2.73 -1.95 -23.43
N ASP A 7 -1.45 -1.77 -23.12
CA ASP A 7 -0.69 -2.67 -22.29
C ASP A 7 0.58 -1.97 -21.87
N ASP A 8 0.76 -1.84 -20.57
CA ASP A 8 1.90 -1.18 -20.02
C ASP A 8 2.42 -1.98 -18.84
N PRO A 9 3.72 -1.90 -18.59
CA PRO A 9 4.39 -2.60 -17.47
C PRO A 9 3.72 -2.34 -16.11
N ILE A 10 3.88 -3.29 -15.20
CA ILE A 10 3.30 -3.18 -13.88
C ILE A 10 4.30 -2.50 -12.93
N PRO A 11 3.89 -1.38 -12.32
CA PRO A 11 4.76 -0.63 -11.40
C PRO A 11 4.88 -1.28 -10.02
N ASP A 12 6.04 -1.08 -9.40
CA ASP A 12 6.35 -1.65 -8.07
C ASP A 12 5.33 -1.19 -7.01
N GLU A 13 4.60 -0.12 -7.30
CA GLU A 13 3.61 0.40 -6.36
C GLU A 13 2.39 -0.51 -6.23
N LEU A 14 2.32 -1.58 -7.03
CA LEU A 14 1.21 -2.51 -6.95
C LEU A 14 1.58 -3.86 -7.58
N LEU A 15 2.87 -4.04 -7.80
CA LEU A 15 3.38 -5.27 -8.40
C LEU A 15 4.04 -6.19 -7.38
N CYS A 16 3.75 -7.50 -7.46
CA CYS A 16 4.35 -8.49 -6.57
C CYS A 16 5.76 -8.75 -7.04
N LEU A 17 6.71 -8.59 -6.13
CA LEU A 17 8.10 -8.80 -6.46
C LEU A 17 8.42 -10.28 -6.58
N ILE A 18 7.78 -11.07 -5.72
CA ILE A 18 8.00 -12.51 -5.66
C ILE A 18 7.77 -13.18 -7.01
N CYS A 19 6.58 -13.04 -7.57
CA CYS A 19 6.28 -13.65 -8.86
C CYS A 19 6.47 -12.66 -10.00
N LYS A 20 6.94 -11.46 -9.65
CA LYS A 20 7.18 -10.40 -10.63
C LYS A 20 5.94 -10.07 -11.47
N ASP A 21 4.76 -10.18 -10.88
CA ASP A 21 3.51 -9.90 -11.59
C ASP A 21 2.48 -9.31 -10.64
N ILE A 22 1.44 -8.70 -11.19
CA ILE A 22 0.38 -8.11 -10.37
C ILE A 22 -0.37 -9.20 -9.59
N MET A 23 -1.00 -8.80 -8.47
CA MET A 23 -1.71 -9.75 -7.63
C MET A 23 -3.03 -9.17 -7.13
N THR A 24 -3.88 -10.06 -6.64
CA THR A 24 -5.17 -9.66 -6.08
C THR A 24 -5.19 -10.01 -4.60
N ASP A 25 -5.91 -9.23 -3.80
CA ASP A 25 -5.99 -9.45 -2.35
C ASP A 25 -4.60 -9.34 -1.72
N ALA A 26 -3.78 -8.46 -2.29
CA ALA A 26 -2.41 -8.22 -1.84
C ALA A 26 -2.33 -7.95 -0.34
N VAL A 27 -1.31 -8.49 0.30
CA VAL A 27 -1.10 -8.30 1.72
C VAL A 27 0.22 -7.56 1.96
N VAL A 28 0.41 -7.06 3.17
CA VAL A 28 1.61 -6.31 3.51
C VAL A 28 2.42 -7.06 4.56
N ILE A 29 3.73 -6.89 4.49
CA ILE A 29 4.63 -7.54 5.43
C ILE A 29 5.18 -6.50 6.43
N PRO A 30 4.95 -6.73 7.73
CA PRO A 30 5.36 -5.80 8.79
C PRO A 30 6.86 -5.79 9.07
N CYS A 31 7.64 -6.45 8.22
CA CYS A 31 9.07 -6.49 8.41
C CYS A 31 9.74 -5.38 7.60
N CYS A 32 9.10 -4.96 6.50
CA CYS A 32 9.64 -3.92 5.66
C CYS A 32 8.53 -2.98 5.16
N GLY A 33 7.47 -3.57 4.64
CA GLY A 33 6.35 -2.78 4.15
C GLY A 33 5.95 -3.12 2.74
N ASN A 34 6.66 -4.06 2.13
CA ASN A 34 6.36 -4.47 0.77
C ASN A 34 5.08 -5.32 0.73
N SER A 35 4.38 -5.26 -0.40
CA SER A 35 3.15 -6.03 -0.58
C SER A 35 3.29 -7.05 -1.70
N TYR A 36 2.80 -8.26 -1.46
CA TYR A 36 2.84 -9.33 -2.45
C TYR A 36 1.63 -10.22 -2.30
N CYS A 37 1.47 -11.17 -3.21
CA CYS A 37 0.37 -12.12 -3.14
C CYS A 37 0.40 -12.82 -1.79
N ASP A 38 -0.78 -13.10 -1.23
CA ASP A 38 -0.86 -13.75 0.06
C ASP A 38 -0.15 -15.10 0.04
N GLU A 39 -0.36 -15.85 -1.03
CA GLU A 39 0.26 -17.15 -1.16
C GLU A 39 1.75 -17.04 -1.43
N CYS A 40 2.14 -16.05 -2.22
CA CYS A 40 3.55 -15.84 -2.55
C CYS A 40 4.36 -15.53 -1.28
N ILE A 41 3.93 -14.51 -0.55
CA ILE A 41 4.64 -14.09 0.65
C ILE A 41 4.59 -15.19 1.72
N ARG A 42 3.47 -15.90 1.78
CA ARG A 42 3.31 -16.98 2.74
C ARG A 42 4.34 -18.07 2.46
N THR A 43 4.48 -18.43 1.19
CA THR A 43 5.41 -19.45 0.77
C THR A 43 6.85 -19.11 1.15
N ALA A 44 7.23 -17.85 0.96
CA ALA A 44 8.58 -17.40 1.28
C ALA A 44 8.91 -17.64 2.75
N LEU A 45 7.99 -17.26 3.63
CA LEU A 45 8.20 -17.44 5.07
C LEU A 45 8.07 -18.91 5.46
N LEU A 46 7.23 -19.65 4.75
CA LEU A 46 7.02 -21.06 5.03
C LEU A 46 8.27 -21.87 4.67
N GLU A 47 8.84 -21.61 3.50
CA GLU A 47 10.02 -22.33 3.05
C GLU A 47 11.24 -21.93 3.87
N SER A 48 11.37 -20.64 4.15
CA SER A 48 12.50 -20.16 4.93
C SER A 48 12.21 -20.30 6.41
N ASP A 49 12.85 -21.28 7.04
CA ASP A 49 12.66 -21.55 8.47
C ASP A 49 13.09 -20.35 9.30
N GLU A 50 14.07 -19.63 8.79
CA GLU A 50 14.59 -18.45 9.46
C GLU A 50 13.73 -17.22 9.18
N HIS A 51 12.61 -17.45 8.47
CA HIS A 51 11.67 -16.39 8.13
C HIS A 51 12.32 -15.26 7.34
N THR A 52 13.06 -15.65 6.31
CA THR A 52 13.75 -14.68 5.47
C THR A 52 12.79 -14.01 4.50
N CYS A 53 12.65 -12.70 4.64
CA CYS A 53 11.78 -11.93 3.75
C CYS A 53 12.30 -11.95 2.32
N PRO A 54 11.39 -12.10 1.35
CA PRO A 54 11.73 -12.13 -0.08
C PRO A 54 11.93 -10.75 -0.68
N THR A 55 12.52 -9.86 0.08
CA THR A 55 12.74 -8.51 -0.38
C THR A 55 13.78 -7.78 0.49
N CYS A 56 13.62 -7.86 1.80
CA CYS A 56 14.55 -7.20 2.72
C CYS A 56 15.44 -8.23 3.40
N HIS A 57 15.10 -9.50 3.22
CA HIS A 57 15.85 -10.62 3.78
C HIS A 57 15.85 -10.54 5.30
N GLN A 58 14.68 -10.21 5.84
CA GLN A 58 14.50 -10.12 7.28
C GLN A 58 14.54 -11.52 7.90
N ASN A 59 14.53 -11.61 9.22
CA ASN A 59 14.60 -12.91 9.88
C ASN A 59 13.69 -12.99 11.12
N ASP A 60 12.57 -12.28 11.08
CA ASP A 60 11.64 -12.28 12.22
C ASP A 60 10.24 -11.91 11.75
N VAL A 61 9.83 -12.51 10.65
CA VAL A 61 8.51 -12.27 10.11
C VAL A 61 7.68 -13.54 10.23
N SER A 62 6.43 -13.50 9.80
CA SER A 62 5.57 -14.68 9.90
C SER A 62 4.36 -14.54 8.99
N PRO A 63 3.78 -15.68 8.55
CA PRO A 63 2.61 -15.70 7.68
C PRO A 63 1.34 -15.25 8.40
N ASP A 64 1.41 -15.22 9.73
CA ASP A 64 0.29 -14.79 10.54
C ASP A 64 0.35 -13.28 10.76
N ALA A 65 1.54 -12.71 10.57
CA ALA A 65 1.75 -11.27 10.75
C ALA A 65 1.37 -10.49 9.51
N LEU A 66 0.95 -11.21 8.46
CA LEU A 66 0.55 -10.58 7.21
C LEU A 66 -0.69 -9.71 7.43
N ILE A 67 -0.63 -8.49 6.93
CA ILE A 67 -1.73 -7.54 7.08
C ILE A 67 -2.43 -7.32 5.73
N ALA A 68 -3.60 -6.70 5.74
CA ALA A 68 -4.35 -6.48 4.51
C ALA A 68 -4.15 -5.07 3.97
N ASN A 69 -3.38 -4.97 2.88
CA ASN A 69 -3.12 -3.68 2.25
C ASN A 69 -4.24 -3.35 1.29
N LYS A 70 -5.35 -2.89 1.84
CA LYS A 70 -6.50 -2.53 1.03
C LYS A 70 -6.16 -1.47 -0.01
N PHE A 71 -5.19 -0.63 0.32
CA PHE A 71 -4.75 0.42 -0.60
C PHE A 71 -4.18 -0.23 -1.85
N LEU A 72 -3.39 -1.28 -1.64
CA LEU A 72 -2.79 -2.04 -2.72
C LEU A 72 -3.87 -2.68 -3.57
N ARG A 73 -4.76 -3.37 -2.89
CA ARG A 73 -5.88 -4.06 -3.54
C ARG A 73 -6.69 -3.09 -4.39
N GLN A 74 -6.87 -1.87 -3.90
CA GLN A 74 -7.60 -0.84 -4.63
C GLN A 74 -6.83 -0.44 -5.88
N ALA A 75 -5.55 -0.10 -5.70
CA ALA A 75 -4.68 0.32 -6.79
C ALA A 75 -4.63 -0.75 -7.89
N VAL A 76 -4.50 -2.00 -7.48
CA VAL A 76 -4.46 -3.14 -8.41
C VAL A 76 -5.73 -3.17 -9.26
N ASN A 77 -6.87 -2.98 -8.62
CA ASN A 77 -8.15 -3.00 -9.30
C ASN A 77 -8.24 -1.84 -10.29
N ASN A 78 -7.75 -0.68 -9.87
CA ASN A 78 -7.76 0.51 -10.71
C ASN A 78 -6.86 0.30 -11.93
N PHE A 79 -5.64 -0.15 -11.66
CA PHE A 79 -4.65 -0.40 -12.70
C PHE A 79 -5.18 -1.39 -13.74
N LYS A 80 -5.75 -2.51 -13.29
CA LYS A 80 -6.29 -3.53 -14.18
C LYS A 80 -7.31 -2.94 -15.17
N ASN A 81 -8.05 -1.94 -14.72
CA ASN A 81 -9.06 -1.31 -15.56
C ASN A 81 -8.44 -0.23 -16.45
N GLU A 82 -7.39 0.41 -15.94
CA GLU A 82 -6.71 1.49 -16.66
C GLU A 82 -6.00 1.01 -17.93
N THR A 83 -5.10 0.05 -17.78
CA THR A 83 -4.34 -0.46 -18.92
C THR A 83 -5.00 -1.69 -19.53
N GLY A 84 -6.02 -2.20 -18.85
CA GLY A 84 -6.71 -3.37 -19.35
C GLY A 84 -5.91 -4.65 -19.15
N TYR A 85 -5.49 -4.87 -17.91
CA TYR A 85 -4.71 -6.05 -17.58
C TYR A 85 -5.63 -7.18 -17.14
N THR A 86 -5.44 -8.35 -17.75
CA THR A 86 -6.21 -9.55 -17.44
C THR A 86 -5.69 -10.74 -18.24
N LYS A 87 -6.06 -11.95 -17.84
CA LYS A 87 -5.61 -13.17 -18.51
C LYS A 87 -6.73 -14.19 -18.58
N ARG A 88 -6.49 -15.28 -19.29
CA ARG A 88 -7.48 -16.35 -19.43
C ARG A 88 -7.41 -17.28 -18.22
N LEU A 89 -8.51 -17.33 -17.48
CA LEU A 89 -8.57 -18.20 -16.32
C LEU A 89 -8.94 -19.62 -16.72
N ARG A 90 -8.77 -20.56 -15.81
CA ARG A 90 -9.06 -21.95 -16.10
C ARG A 90 -10.27 -22.42 -15.30
N LYS A 91 -11.06 -23.30 -15.89
CA LYS A 91 -12.24 -23.84 -15.22
C LYS A 91 -11.94 -25.18 -14.58
N GLN A 92 -10.80 -25.25 -13.92
CA GLN A 92 -10.37 -26.48 -13.26
C GLN A 92 -10.74 -26.44 -11.77
N GLY B 1 -26.08 14.12 -11.24
CA GLY B 1 -25.14 12.99 -11.05
C GLY B 1 -24.07 13.31 -10.02
N PRO B 2 -23.01 12.50 -9.94
CA PRO B 2 -21.93 12.72 -8.99
C PRO B 2 -20.87 13.68 -9.54
N LEU B 3 -19.82 13.89 -8.77
CA LEU B 3 -18.74 14.77 -9.19
C LEU B 3 -17.49 13.96 -9.47
N GLY B 4 -16.46 14.60 -9.97
CA GLY B 4 -15.24 13.88 -10.27
C GLY B 4 -14.81 14.02 -11.71
N SER B 5 -15.65 14.63 -12.53
CA SER B 5 -15.33 14.83 -13.94
C SER B 5 -14.27 15.91 -14.09
N GLU B 6 -14.55 17.07 -13.52
CA GLU B 6 -13.63 18.21 -13.58
C GLU B 6 -12.92 18.35 -12.24
N ASP B 7 -13.30 17.49 -11.31
CA ASP B 7 -12.74 17.50 -9.97
C ASP B 7 -11.62 16.47 -9.85
N ASP B 8 -10.57 16.84 -9.14
CA ASP B 8 -9.43 15.95 -8.93
C ASP B 8 -9.25 15.64 -7.44
N PRO B 9 -9.88 14.56 -6.97
CA PRO B 9 -9.79 14.15 -5.57
C PRO B 9 -8.68 13.13 -5.33
N ILE B 10 -8.51 12.73 -4.08
CA ILE B 10 -7.49 11.76 -3.72
C ILE B 10 -8.14 10.40 -3.52
N PRO B 11 -7.67 9.38 -4.24
CA PRO B 11 -8.21 8.02 -4.12
C PRO B 11 -7.75 7.33 -2.85
N ASP B 12 -8.64 6.54 -2.26
CA ASP B 12 -8.38 5.80 -1.01
C ASP B 12 -7.12 4.95 -1.09
N GLU B 13 -6.74 4.53 -2.30
CA GLU B 13 -5.54 3.69 -2.48
C GLU B 13 -4.24 4.43 -2.14
N LEU B 14 -4.33 5.73 -1.85
CA LEU B 14 -3.15 6.52 -1.50
C LEU B 14 -3.57 7.77 -0.73
N LEU B 15 -4.72 7.69 -0.10
CA LEU B 15 -5.26 8.80 0.65
C LEU B 15 -5.26 8.53 2.16
N CYS B 16 -4.77 9.50 2.93
CA CYS B 16 -4.75 9.38 4.38
C CYS B 16 -6.14 9.67 4.90
N LEU B 17 -6.72 8.71 5.60
CA LEU B 17 -8.05 8.87 6.13
C LEU B 17 -8.06 9.87 7.28
N ILE B 18 -7.00 9.85 8.06
CA ILE B 18 -6.87 10.72 9.24
C ILE B 18 -7.05 12.20 8.90
N CYS B 19 -6.24 12.73 7.98
CA CYS B 19 -6.36 14.13 7.60
C CYS B 19 -7.18 14.29 6.33
N LYS B 20 -7.69 13.16 5.83
CA LYS B 20 -8.50 13.13 4.61
C LYS B 20 -7.79 13.80 3.42
N ASP B 21 -6.47 13.64 3.36
CA ASP B 21 -5.68 14.21 2.26
C ASP B 21 -4.51 13.31 1.94
N ILE B 22 -3.85 13.56 0.82
CA ILE B 22 -2.71 12.76 0.40
C ILE B 22 -1.53 12.98 1.36
N MET B 23 -0.60 12.03 1.37
CA MET B 23 0.55 12.12 2.26
C MET B 23 1.82 11.62 1.58
N THR B 24 2.95 12.00 2.14
CA THR B 24 4.23 11.58 1.65
C THR B 24 4.88 10.64 2.66
N ASP B 25 5.64 9.66 2.17
CA ASP B 25 6.29 8.69 3.02
C ASP B 25 5.28 7.96 3.91
N ALA B 26 4.15 7.60 3.31
CA ALA B 26 3.07 6.91 4.01
C ALA B 26 3.54 5.61 4.66
N VAL B 27 3.00 5.34 5.84
CA VAL B 27 3.33 4.14 6.57
C VAL B 27 2.10 3.25 6.69
N VAL B 28 2.31 1.99 7.06
CA VAL B 28 1.22 1.05 7.18
C VAL B 28 1.05 0.59 8.61
N ILE B 29 -0.19 0.31 8.97
CA ILE B 29 -0.50 -0.16 10.31
C ILE B 29 -0.80 -1.67 10.26
N PRO B 30 -0.02 -2.47 10.99
CA PRO B 30 -0.15 -3.93 10.99
C PRO B 30 -1.40 -4.45 11.70
N CYS B 31 -2.27 -3.55 12.12
CA CYS B 31 -3.47 -3.96 12.80
C CYS B 31 -4.58 -4.21 11.80
N CYS B 32 -4.58 -3.46 10.70
CA CYS B 32 -5.60 -3.63 9.67
C CYS B 32 -4.98 -3.65 8.29
N GLY B 33 -4.14 -2.65 8.00
CA GLY B 33 -3.49 -2.59 6.71
C GLY B 33 -3.70 -1.26 6.01
N ASN B 34 -4.17 -0.28 6.74
CA ASN B 34 -4.40 1.04 6.19
C ASN B 34 -3.13 1.88 6.24
N SER B 35 -2.99 2.82 5.32
CA SER B 35 -1.81 3.67 5.27
C SER B 35 -2.18 5.15 5.46
N TYR B 36 -1.41 5.82 6.31
CA TYR B 36 -1.63 7.23 6.58
C TYR B 36 -0.31 7.90 6.85
N CYS B 37 -0.34 9.22 7.01
CA CYS B 37 0.87 9.98 7.32
C CYS B 37 1.51 9.42 8.58
N ASP B 38 2.84 9.37 8.60
CA ASP B 38 3.56 8.85 9.76
C ASP B 38 3.19 9.62 11.02
N GLU B 39 3.01 10.92 10.87
CA GLU B 39 2.64 11.78 12.00
C GLU B 39 1.18 11.57 12.39
N CYS B 40 0.30 11.49 11.39
CA CYS B 40 -1.12 11.32 11.62
C CYS B 40 -1.41 10.02 12.38
N ILE B 41 -0.89 8.91 11.87
CA ILE B 41 -1.11 7.62 12.50
C ILE B 41 -0.42 7.55 13.86
N ARG B 42 0.76 8.16 13.98
CA ARG B 42 1.48 8.17 15.23
C ARG B 42 0.64 8.84 16.29
N THR B 43 0.16 10.04 15.98
CA THR B 43 -0.67 10.83 16.87
C THR B 43 -1.88 10.04 17.38
N ALA B 44 -2.52 9.28 16.50
CA ALA B 44 -3.69 8.48 16.86
C ALA B 44 -3.37 7.50 17.99
N LEU B 45 -2.26 6.78 17.83
CA LEU B 45 -1.83 5.80 18.82
C LEU B 45 -1.26 6.47 20.07
N LEU B 46 -0.67 7.64 19.87
CA LEU B 46 -0.08 8.38 20.97
C LEU B 46 -1.16 8.93 21.90
N GLU B 47 -2.16 9.58 21.32
CA GLU B 47 -3.25 10.16 22.11
C GLU B 47 -4.10 9.06 22.74
N SER B 48 -4.43 8.04 21.96
CA SER B 48 -5.24 6.94 22.47
C SER B 48 -4.35 5.94 23.19
N ASP B 49 -4.33 6.01 24.52
CA ASP B 49 -3.52 5.13 25.35
C ASP B 49 -3.85 3.66 25.11
N GLU B 50 -5.10 3.39 24.77
CA GLU B 50 -5.55 2.03 24.51
C GLU B 50 -5.12 1.58 23.11
N HIS B 51 -4.47 2.48 22.37
CA HIS B 51 -3.98 2.20 21.01
C HIS B 51 -5.13 1.91 20.06
N THR B 52 -6.11 2.80 20.05
CA THR B 52 -7.26 2.66 19.18
C THR B 52 -6.93 3.15 17.77
N CYS B 53 -6.93 2.22 16.81
CA CYS B 53 -6.65 2.57 15.43
C CYS B 53 -7.69 3.55 14.89
N PRO B 54 -7.25 4.54 14.09
CA PRO B 54 -8.12 5.55 13.50
C PRO B 54 -8.82 5.08 12.23
N THR B 55 -9.18 3.82 12.20
CA THR B 55 -9.84 3.27 11.03
C THR B 55 -10.60 1.99 11.37
N CYS B 56 -9.94 1.05 12.04
CA CYS B 56 -10.56 -0.20 12.42
C CYS B 56 -10.92 -0.18 13.89
N HIS B 57 -10.36 0.81 14.59
CA HIS B 57 -10.60 0.99 16.02
C HIS B 57 -10.05 -0.19 16.80
N GLN B 58 -8.84 -0.60 16.41
CA GLN B 58 -8.15 -1.70 17.06
C GLN B 58 -7.70 -1.27 18.46
N ASN B 59 -7.19 -2.20 19.26
CA ASN B 59 -6.78 -1.86 20.63
C ASN B 59 -5.48 -2.57 21.03
N ASP B 60 -4.57 -2.76 20.07
CA ASP B 60 -3.31 -3.44 20.38
C ASP B 60 -2.25 -3.13 19.34
N VAL B 61 -2.23 -1.88 18.89
CA VAL B 61 -1.25 -1.45 17.92
C VAL B 61 -0.18 -0.61 18.62
N SER B 62 0.68 0.06 17.86
CA SER B 62 1.72 0.90 18.43
C SER B 62 2.42 1.71 17.34
N PRO B 63 2.98 2.88 17.71
CA PRO B 63 3.66 3.75 16.75
C PRO B 63 5.01 3.18 16.31
N ASP B 64 5.46 2.15 17.00
CA ASP B 64 6.72 1.49 16.66
C ASP B 64 6.47 0.37 15.67
N ALA B 65 5.20 0.00 15.52
CA ALA B 65 4.83 -1.08 14.61
C ALA B 65 4.49 -0.54 13.24
N LEU B 66 4.73 0.75 13.04
CA LEU B 66 4.45 1.39 11.76
C LEU B 66 5.50 0.98 10.73
N ILE B 67 5.04 0.32 9.68
CA ILE B 67 5.92 -0.16 8.63
C ILE B 67 5.96 0.81 7.46
N ALA B 68 6.86 0.60 6.51
CA ALA B 68 6.99 1.50 5.38
C ALA B 68 6.29 0.96 4.15
N ASN B 69 5.14 1.54 3.81
CA ASN B 69 4.40 1.11 2.63
C ASN B 69 5.02 1.77 1.41
N LYS B 70 6.10 1.17 0.92
CA LYS B 70 6.81 1.67 -0.25
C LYS B 70 5.88 1.88 -1.42
N PHE B 71 4.98 0.93 -1.60
CA PHE B 71 4.03 0.95 -2.69
C PHE B 71 3.19 2.21 -2.61
N LEU B 72 2.75 2.53 -1.40
CA LEU B 72 1.94 3.72 -1.16
C LEU B 72 2.73 4.97 -1.54
N ARG B 73 3.94 5.04 -1.00
CA ARG B 73 4.83 6.17 -1.26
C ARG B 73 5.09 6.36 -2.75
N GLN B 74 5.26 5.24 -3.47
CA GLN B 74 5.49 5.29 -4.90
C GLN B 74 4.25 5.78 -5.63
N ALA B 75 3.10 5.25 -5.24
CA ALA B 75 1.83 5.63 -5.85
C ALA B 75 1.55 7.11 -5.67
N VAL B 76 1.79 7.60 -4.47
CA VAL B 76 1.58 9.01 -4.15
C VAL B 76 2.40 9.90 -5.09
N ASN B 77 3.66 9.53 -5.25
CA ASN B 77 4.58 10.29 -6.09
C ASN B 77 4.11 10.33 -7.55
N ASN B 78 3.55 9.23 -8.03
CA ASN B 78 3.09 9.14 -9.39
C ASN B 78 1.75 9.87 -9.54
N PHE B 79 0.86 9.71 -8.57
CA PHE B 79 -0.45 10.35 -8.60
C PHE B 79 -0.31 11.87 -8.62
N LYS B 80 0.55 12.40 -7.76
CA LYS B 80 0.79 13.85 -7.69
C LYS B 80 1.19 14.40 -9.05
N ASN B 81 1.88 13.59 -9.85
CA ASN B 81 2.34 14.01 -11.17
C ASN B 81 1.30 13.71 -12.25
N GLU B 82 0.31 12.90 -11.90
CA GLU B 82 -0.74 12.53 -12.83
C GLU B 82 -1.83 13.58 -12.87
N THR B 83 -2.40 13.89 -11.71
CA THR B 83 -3.47 14.86 -11.63
C THR B 83 -2.92 16.27 -11.38
N GLY B 84 -1.63 16.36 -11.09
CA GLY B 84 -1.03 17.64 -10.82
C GLY B 84 -1.50 18.20 -9.48
N TYR B 85 -1.43 17.36 -8.46
CA TYR B 85 -1.85 17.75 -7.13
C TYR B 85 -0.96 18.83 -6.56
N THR B 86 0.31 18.59 -6.64
CA THR B 86 1.32 19.53 -6.17
C THR B 86 1.29 20.78 -7.02
N LYS B 87 1.39 21.92 -6.37
CA LYS B 87 1.35 23.18 -7.08
C LYS B 87 2.54 24.05 -6.73
N ARG B 88 2.80 25.04 -7.58
CA ARG B 88 3.92 25.97 -7.37
C ARG B 88 3.46 27.18 -6.55
N LEU B 89 2.16 27.25 -6.30
CA LEU B 89 1.62 28.36 -5.51
C LEU B 89 2.13 28.31 -4.09
N ARG B 90 2.47 29.46 -3.55
CA ARG B 90 3.01 29.57 -2.21
C ARG B 90 1.88 29.60 -1.17
N LYS B 91 2.26 29.61 0.09
CA LYS B 91 1.29 29.66 1.19
C LYS B 91 0.82 31.09 1.41
N GLN B 92 1.56 32.04 0.84
CA GLN B 92 1.25 33.46 0.96
C GLN B 92 1.20 33.90 2.42
ZN ZN C . 3.14 -12.81 -6.22
ZN ZN D . 10.54 -7.73 4.50
ZN ZN E . -2.65 12.16 7.20
ZN ZN F . -6.12 -0.46 12.22
N GLY A 1 16.94 -0.31 -23.14
CA GLY A 1 15.61 0.33 -22.95
C GLY A 1 14.53 -0.69 -22.65
N PRO A 2 13.63 -0.38 -21.71
CA PRO A 2 12.54 -1.29 -21.36
C PRO A 2 11.32 -1.13 -22.24
N LEU A 3 10.24 -1.79 -21.84
CA LEU A 3 8.99 -1.73 -22.56
C LEU A 3 7.93 -1.08 -21.66
N GLY A 4 6.72 -1.01 -22.16
CA GLY A 4 5.65 -0.42 -21.38
C GLY A 4 5.01 0.76 -22.08
N SER A 5 5.60 1.18 -23.19
CA SER A 5 5.09 2.31 -23.97
C SER A 5 3.70 2.00 -24.52
N GLU A 6 3.62 0.96 -25.34
CA GLU A 6 2.34 0.55 -25.92
C GLU A 6 1.86 -0.74 -25.26
N ASP A 7 2.60 -1.16 -24.25
CA ASP A 7 2.29 -2.38 -23.53
C ASP A 7 1.53 -2.04 -22.25
N ASP A 8 1.46 -3.01 -21.35
CA ASP A 8 0.78 -2.84 -20.07
C ASP A 8 1.77 -3.07 -18.93
N PRO A 9 2.53 -2.02 -18.56
CA PRO A 9 3.52 -2.11 -17.50
C PRO A 9 2.91 -2.03 -16.10
N ILE A 10 3.48 -2.76 -15.17
CA ILE A 10 3.01 -2.77 -13.80
C ILE A 10 4.03 -2.10 -12.88
N PRO A 11 3.62 -1.05 -12.18
CA PRO A 11 4.49 -0.32 -11.26
C PRO A 11 4.75 -1.06 -9.95
N ASP A 12 5.91 -0.78 -9.33
CA ASP A 12 6.32 -1.44 -8.09
C ASP A 12 5.42 -1.05 -6.92
N GLU A 13 4.49 -0.13 -7.15
CA GLU A 13 3.58 0.30 -6.11
C GLU A 13 2.37 -0.62 -6.02
N LEU A 14 2.30 -1.63 -6.87
CA LEU A 14 1.18 -2.57 -6.84
C LEU A 14 1.56 -3.85 -7.57
N LEU A 15 2.84 -3.99 -7.83
CA LEU A 15 3.36 -5.17 -8.49
C LEU A 15 4.14 -6.04 -7.51
N CYS A 16 3.82 -7.34 -7.48
CA CYS A 16 4.51 -8.27 -6.59
C CYS A 16 5.94 -8.47 -7.09
N LEU A 17 6.88 -8.33 -6.19
CA LEU A 17 8.28 -8.50 -6.54
C LEU A 17 8.60 -9.97 -6.73
N ILE A 18 7.98 -10.80 -5.91
CA ILE A 18 8.19 -12.25 -5.92
C ILE A 18 7.94 -12.87 -7.29
N CYS A 19 6.77 -12.61 -7.86
CA CYS A 19 6.45 -13.16 -9.17
C CYS A 19 6.64 -12.11 -10.26
N LYS A 20 7.10 -10.94 -9.85
CA LYS A 20 7.34 -9.82 -10.77
C LYS A 20 6.09 -9.46 -11.59
N ASP A 21 4.91 -9.61 -10.99
CA ASP A 21 3.66 -9.28 -11.67
C ASP A 21 2.62 -8.76 -10.68
N ILE A 22 1.56 -8.18 -11.19
CA ILE A 22 0.49 -7.64 -10.35
C ILE A 22 -0.19 -8.77 -9.56
N MET A 23 -0.85 -8.41 -8.45
CA MET A 23 -1.51 -9.38 -7.60
C MET A 23 -2.82 -8.84 -7.07
N THR A 24 -3.66 -9.72 -6.57
CA THR A 24 -4.94 -9.34 -6.02
C THR A 24 -4.99 -9.68 -4.54
N ASP A 25 -5.68 -8.84 -3.78
CA ASP A 25 -5.83 -9.03 -2.33
C ASP A 25 -4.45 -9.11 -1.68
N ALA A 26 -3.56 -8.23 -2.12
CA ALA A 26 -2.19 -8.17 -1.63
C ALA A 26 -2.11 -7.96 -0.12
N VAL A 27 -1.08 -8.53 0.49
CA VAL A 27 -0.86 -8.41 1.91
C VAL A 27 0.44 -7.66 2.16
N VAL A 28 0.64 -7.23 3.39
CA VAL A 28 1.83 -6.49 3.76
C VAL A 28 2.67 -7.27 4.76
N ILE A 29 3.98 -7.06 4.69
CA ILE A 29 4.89 -7.73 5.59
C ILE A 29 5.44 -6.72 6.61
N PRO A 30 5.22 -6.98 7.89
CA PRO A 30 5.64 -6.08 8.97
C PRO A 30 7.15 -6.04 9.22
N CYS A 31 7.90 -6.75 8.40
CA CYS A 31 9.35 -6.78 8.56
C CYS A 31 9.99 -5.62 7.80
N CYS A 32 9.33 -5.16 6.74
CA CYS A 32 9.86 -4.07 5.94
C CYS A 32 8.73 -3.14 5.52
N GLY A 33 7.69 -3.71 4.93
CA GLY A 33 6.56 -2.92 4.51
C GLY A 33 6.12 -3.20 3.08
N ASN A 34 6.90 -3.99 2.38
CA ASN A 34 6.58 -4.33 1.00
C ASN A 34 5.35 -5.23 0.93
N SER A 35 4.61 -5.15 -0.17
CA SER A 35 3.40 -5.95 -0.35
C SER A 35 3.54 -6.92 -1.53
N TYR A 36 3.05 -8.13 -1.34
CA TYR A 36 3.10 -9.15 -2.39
C TYR A 36 1.88 -10.04 -2.29
N CYS A 37 1.73 -10.94 -3.26
CA CYS A 37 0.63 -11.89 -3.25
C CYS A 37 0.66 -12.69 -1.94
N ASP A 38 -0.51 -12.94 -1.38
CA ASP A 38 -0.58 -13.70 -0.13
C ASP A 38 0.09 -15.06 -0.30
N GLU A 39 -0.13 -15.68 -1.45
CA GLU A 39 0.44 -16.99 -1.75
C GLU A 39 1.95 -16.88 -1.96
N CYS A 40 2.38 -15.84 -2.65
CA CYS A 40 3.79 -15.64 -2.93
C CYS A 40 4.59 -15.39 -1.65
N ILE A 41 4.17 -14.40 -0.88
CA ILE A 41 4.86 -14.05 0.35
C ILE A 41 4.82 -15.22 1.33
N ARG A 42 3.70 -15.94 1.35
CA ARG A 42 3.55 -17.09 2.21
C ARG A 42 4.63 -18.11 1.89
N THR A 43 4.73 -18.44 0.60
CA THR A 43 5.69 -19.40 0.11
C THR A 43 7.13 -19.03 0.51
N ALA A 44 7.46 -17.74 0.41
CA ALA A 44 8.79 -17.26 0.74
C ALA A 44 9.16 -17.62 2.17
N LEU A 45 8.25 -17.36 3.09
CA LEU A 45 8.48 -17.65 4.51
C LEU A 45 8.39 -19.15 4.79
N LEU A 46 7.55 -19.85 4.03
CA LEU A 46 7.39 -21.28 4.21
C LEU A 46 8.62 -22.05 3.74
N GLU A 47 9.19 -21.63 2.62
CA GLU A 47 10.37 -22.28 2.08
C GLU A 47 11.60 -21.97 2.93
N SER A 48 11.78 -20.70 3.25
CA SER A 48 12.90 -20.26 4.05
C SER A 48 12.63 -20.53 5.54
N ASP A 49 13.30 -21.54 6.08
CA ASP A 49 13.13 -21.92 7.47
C ASP A 49 13.51 -20.78 8.41
N GLU A 50 14.44 -19.95 7.95
CA GLU A 50 14.92 -18.82 8.73
C GLU A 50 14.03 -17.59 8.51
N HIS A 51 12.94 -17.78 7.76
CA HIS A 51 11.98 -16.71 7.49
C HIS A 51 12.61 -15.55 6.73
N THR A 52 13.42 -15.88 5.73
CA THR A 52 14.09 -14.88 4.93
C THR A 52 13.09 -14.12 4.05
N CYS A 53 12.98 -12.83 4.29
CA CYS A 53 12.08 -12.00 3.51
C CYS A 53 12.55 -11.91 2.05
N PRO A 54 11.62 -11.99 1.10
CA PRO A 54 11.93 -11.92 -0.33
C PRO A 54 12.11 -10.50 -0.85
N THR A 55 12.73 -9.67 -0.04
CA THR A 55 12.94 -8.29 -0.42
C THR A 55 13.97 -7.61 0.48
N CYS A 56 13.85 -7.78 1.79
CA CYS A 56 14.77 -7.17 2.74
C CYS A 56 15.65 -8.23 3.39
N HIS A 57 15.29 -9.50 3.19
CA HIS A 57 16.03 -10.63 3.72
C HIS A 57 16.02 -10.66 5.24
N GLN A 58 14.84 -10.41 5.82
CA GLN A 58 14.67 -10.45 7.27
C GLN A 58 14.72 -11.89 7.75
N ASN A 59 14.64 -12.09 9.06
CA ASN A 59 14.70 -13.45 9.62
C ASN A 59 13.84 -13.58 10.86
N ASP A 60 12.81 -12.75 10.94
CA ASP A 60 11.91 -12.75 12.10
C ASP A 60 10.50 -12.41 11.66
N VAL A 61 10.13 -12.91 10.50
CA VAL A 61 8.81 -12.68 9.97
C VAL A 61 8.00 -13.96 10.03
N SER A 62 6.78 -13.94 9.52
CA SER A 62 5.92 -15.11 9.52
C SER A 62 4.71 -14.89 8.64
N PRO A 63 4.12 -15.97 8.11
CA PRO A 63 2.96 -15.90 7.23
C PRO A 63 1.68 -15.56 8.00
N ASP A 64 1.79 -15.58 9.32
CA ASP A 64 0.68 -15.28 10.20
C ASP A 64 0.63 -13.77 10.50
N ALA A 65 1.76 -13.10 10.29
CA ALA A 65 1.85 -11.66 10.55
C ALA A 65 1.55 -10.83 9.31
N LEU A 66 1.00 -11.47 8.30
CA LEU A 66 0.66 -10.78 7.05
C LEU A 66 -0.61 -9.98 7.22
N ILE A 67 -0.48 -8.65 7.22
CA ILE A 67 -1.62 -7.77 7.38
C ILE A 67 -2.29 -7.51 6.03
N ALA A 68 -3.45 -6.87 6.06
CA ALA A 68 -4.18 -6.61 4.83
C ALA A 68 -3.96 -5.19 4.32
N ASN A 69 -3.18 -5.06 3.25
CA ASN A 69 -2.90 -3.75 2.68
C ASN A 69 -4.08 -3.29 1.87
N LYS A 70 -5.03 -2.69 2.57
CA LYS A 70 -6.25 -2.18 1.96
C LYS A 70 -5.96 -1.36 0.71
N PHE A 71 -5.10 -0.38 0.88
CA PHE A 71 -4.74 0.54 -0.19
C PHE A 71 -4.15 -0.21 -1.40
N LEU A 72 -3.29 -1.18 -1.14
CA LEU A 72 -2.69 -1.96 -2.22
C LEU A 72 -3.76 -2.65 -3.05
N ARG A 73 -4.65 -3.34 -2.35
CA ARG A 73 -5.74 -4.05 -2.99
C ARG A 73 -6.64 -3.11 -3.77
N GLN A 74 -6.80 -1.90 -3.26
CA GLN A 74 -7.62 -0.89 -3.92
C GLN A 74 -6.94 -0.42 -5.20
N ALA A 75 -5.64 -0.15 -5.09
CA ALA A 75 -4.83 0.32 -6.21
C ALA A 75 -4.89 -0.68 -7.35
N VAL A 76 -4.66 -1.94 -7.03
CA VAL A 76 -4.68 -3.01 -8.02
C VAL A 76 -6.05 -3.09 -8.71
N ASN A 77 -7.11 -2.99 -7.93
CA ASN A 77 -8.47 -3.08 -8.44
C ASN A 77 -8.76 -1.96 -9.45
N ASN A 78 -8.31 -0.75 -9.15
CA ASN A 78 -8.56 0.38 -10.02
C ASN A 78 -7.59 0.34 -11.21
N PHE A 79 -6.33 0.00 -10.95
CA PHE A 79 -5.31 -0.08 -11.99
C PHE A 79 -5.73 -1.05 -13.09
N LYS A 80 -6.12 -2.26 -12.68
CA LYS A 80 -6.55 -3.30 -13.62
C LYS A 80 -7.69 -2.82 -14.51
N ASN A 81 -8.53 -1.94 -13.96
CA ASN A 81 -9.67 -1.42 -14.71
C ASN A 81 -9.25 -0.33 -15.70
N GLU A 82 -8.37 0.55 -15.26
CA GLU A 82 -7.90 1.65 -16.11
C GLU A 82 -7.02 1.15 -17.25
N THR A 83 -6.13 0.23 -16.94
CA THR A 83 -5.21 -0.29 -17.96
C THR A 83 -5.83 -1.43 -18.76
N GLY A 84 -6.96 -1.95 -18.27
CA GLY A 84 -7.62 -3.05 -18.96
C GLY A 84 -6.76 -4.29 -18.88
N TYR A 85 -6.18 -4.51 -17.70
CA TYR A 85 -5.32 -5.65 -17.46
C TYR A 85 -6.13 -6.93 -17.35
N THR A 86 -7.12 -6.88 -16.48
CA THR A 86 -8.01 -7.99 -16.25
C THR A 86 -8.76 -8.33 -17.53
N LYS A 87 -8.75 -9.59 -17.87
CA LYS A 87 -9.42 -10.06 -19.07
C LYS A 87 -10.93 -10.15 -18.88
N ARG A 88 -11.65 -10.16 -19.99
CA ARG A 88 -13.11 -10.25 -19.96
C ARG A 88 -13.56 -11.70 -19.79
N LEU A 89 -12.64 -12.63 -20.00
CA LEU A 89 -12.93 -14.05 -19.87
C LEU A 89 -13.11 -14.43 -18.40
N ARG A 90 -13.76 -15.56 -18.17
CA ARG A 90 -14.00 -16.03 -16.81
C ARG A 90 -12.73 -16.64 -16.20
N LYS A 91 -12.90 -17.42 -15.15
CA LYS A 91 -11.77 -18.04 -14.47
C LYS A 91 -11.59 -19.48 -14.95
N GLN A 92 -12.17 -19.76 -16.11
CA GLN A 92 -12.09 -21.08 -16.74
C GLN A 92 -12.57 -22.18 -15.81
N GLY B 1 -16.18 10.90 -21.11
CA GLY B 1 -15.00 11.72 -21.44
C GLY B 1 -13.81 11.39 -20.54
N PRO B 2 -12.62 11.92 -20.84
CA PRO B 2 -11.41 11.67 -20.05
C PRO B 2 -11.45 12.41 -18.72
N LEU B 3 -10.74 11.86 -17.75
CA LEU B 3 -10.68 12.45 -16.42
C LEU B 3 -9.23 12.47 -15.96
N GLY B 4 -8.82 13.56 -15.34
CA GLY B 4 -7.46 13.66 -14.87
C GLY B 4 -6.75 14.87 -15.43
N SER B 5 -7.37 15.52 -16.40
CA SER B 5 -6.79 16.70 -17.04
C SER B 5 -6.66 17.85 -16.05
N GLU B 6 -7.80 18.35 -15.59
CA GLU B 6 -7.83 19.45 -14.64
C GLU B 6 -8.49 19.04 -13.34
N ASP B 7 -9.27 17.97 -13.39
CA ASP B 7 -9.96 17.47 -12.20
C ASP B 7 -9.57 16.03 -11.98
N ASP B 8 -9.32 15.68 -10.73
CA ASP B 8 -8.93 14.32 -10.38
C ASP B 8 -8.94 14.11 -8.88
N PRO B 9 -9.89 13.34 -8.36
CA PRO B 9 -10.00 13.06 -6.92
C PRO B 9 -9.00 12.00 -6.47
N ILE B 10 -8.52 12.12 -5.23
CA ILE B 10 -7.55 11.18 -4.70
C ILE B 10 -8.23 9.90 -4.23
N PRO B 11 -7.83 8.75 -4.79
CA PRO B 11 -8.40 7.45 -4.43
C PRO B 11 -7.94 7.00 -3.03
N ASP B 12 -8.74 6.13 -2.42
CA ASP B 12 -8.46 5.62 -1.07
C ASP B 12 -7.26 4.68 -1.05
N GLU B 13 -6.70 4.42 -2.23
CA GLU B 13 -5.56 3.53 -2.34
C GLU B 13 -4.24 4.27 -2.08
N LEU B 14 -4.31 5.59 -1.88
CA LEU B 14 -3.10 6.35 -1.61
C LEU B 14 -3.46 7.66 -0.93
N LEU B 15 -4.64 7.69 -0.35
CA LEU B 15 -5.14 8.86 0.34
C LEU B 15 -5.34 8.56 1.83
N CYS B 16 -4.81 9.43 2.69
CA CYS B 16 -4.93 9.27 4.12
C CYS B 16 -6.38 9.48 4.55
N LEU B 17 -6.88 8.57 5.35
CA LEU B 17 -8.25 8.67 5.83
C LEU B 17 -8.34 9.72 6.93
N ILE B 18 -7.28 9.81 7.71
CA ILE B 18 -7.21 10.73 8.83
C ILE B 18 -7.40 12.18 8.40
N CYS B 19 -6.60 12.65 7.46
CA CYS B 19 -6.72 14.02 6.99
C CYS B 19 -7.52 14.12 5.68
N LYS B 20 -8.00 12.97 5.21
CA LYS B 20 -8.78 12.89 3.97
C LYS B 20 -8.04 13.47 2.76
N ASP B 21 -6.71 13.32 2.74
CA ASP B 21 -5.91 13.83 1.62
C ASP B 21 -4.71 12.92 1.38
N ILE B 22 -4.04 13.14 0.27
CA ILE B 22 -2.86 12.35 -0.07
C ILE B 22 -1.71 12.62 0.92
N MET B 23 -0.81 11.67 1.06
CA MET B 23 0.30 11.81 1.99
C MET B 23 1.60 11.33 1.37
N THR B 24 2.70 11.72 1.99
CA THR B 24 4.02 11.34 1.53
C THR B 24 4.69 10.49 2.60
N ASP B 25 5.48 9.51 2.17
CA ASP B 25 6.19 8.62 3.09
C ASP B 25 5.20 7.89 4.00
N ALA B 26 4.07 7.50 3.41
CA ALA B 26 3.00 6.81 4.11
C ALA B 26 3.49 5.54 4.80
N VAL B 27 2.88 5.23 5.93
CA VAL B 27 3.22 4.05 6.70
C VAL B 27 2.01 3.13 6.81
N VAL B 28 2.23 1.90 7.24
CA VAL B 28 1.16 0.94 7.38
C VAL B 28 0.96 0.54 8.83
N ILE B 29 -0.27 0.22 9.18
CA ILE B 29 -0.60 -0.19 10.52
C ILE B 29 -0.85 -1.71 10.56
N PRO B 30 -0.06 -2.44 11.36
CA PRO B 30 -0.14 -3.90 11.44
C PRO B 30 -1.38 -4.41 12.17
N CYS B 31 -2.29 -3.53 12.47
CA CYS B 31 -3.51 -3.91 13.16
C CYS B 31 -4.60 -4.26 12.14
N CYS B 32 -4.58 -3.56 11.00
CA CYS B 32 -5.57 -3.81 9.96
C CYS B 32 -4.91 -3.84 8.59
N GLY B 33 -4.06 -2.86 8.33
CA GLY B 33 -3.35 -2.81 7.07
C GLY B 33 -3.57 -1.52 6.30
N ASN B 34 -4.28 -0.58 6.90
CA ASN B 34 -4.53 0.70 6.27
C ASN B 34 -3.30 1.59 6.37
N SER B 35 -3.13 2.49 5.40
CA SER B 35 -1.98 3.38 5.38
C SER B 35 -2.39 4.84 5.53
N TYR B 36 -1.62 5.59 6.31
CA TYR B 36 -1.88 7.01 6.53
C TYR B 36 -0.56 7.74 6.74
N CYS B 37 -0.62 9.06 6.83
CA CYS B 37 0.58 9.85 7.07
C CYS B 37 1.24 9.38 8.36
N ASP B 38 2.56 9.39 8.37
CA ASP B 38 3.31 8.97 9.55
C ASP B 38 2.90 9.79 10.78
N GLU B 39 2.74 11.09 10.59
CA GLU B 39 2.34 11.98 11.68
C GLU B 39 0.88 11.79 12.04
N CYS B 40 0.03 11.63 11.03
CA CYS B 40 -1.40 11.44 11.25
C CYS B 40 -1.67 10.20 12.08
N ILE B 41 -1.17 9.05 11.62
CA ILE B 41 -1.38 7.80 12.33
C ILE B 41 -0.73 7.83 13.71
N ARG B 42 0.42 8.50 13.81
CA ARG B 42 1.12 8.63 15.07
C ARG B 42 0.24 9.39 16.06
N THR B 43 -0.39 10.45 15.58
CA THR B 43 -1.26 11.27 16.39
C THR B 43 -2.48 10.49 16.91
N ALA B 44 -3.05 9.65 16.05
CA ALA B 44 -4.22 8.85 16.43
C ALA B 44 -3.91 7.97 17.64
N LEU B 45 -2.80 7.26 17.58
CA LEU B 45 -2.39 6.37 18.67
C LEU B 45 -1.89 7.15 19.87
N LEU B 46 -1.28 8.31 19.61
CA LEU B 46 -0.76 9.14 20.68
C LEU B 46 -1.90 9.77 21.50
N GLU B 47 -2.94 10.23 20.82
CA GLU B 47 -4.08 10.85 21.50
C GLU B 47 -4.92 9.81 22.23
N SER B 48 -5.07 8.63 21.62
CA SER B 48 -5.86 7.57 22.22
C SER B 48 -4.98 6.68 23.11
N ASP B 49 -5.20 6.77 24.41
CA ASP B 49 -4.43 5.98 25.37
C ASP B 49 -4.68 4.49 25.16
N GLU B 50 -5.88 4.18 24.70
CA GLU B 50 -6.29 2.81 24.44
C GLU B 50 -5.81 2.34 23.07
N HIS B 51 -5.10 3.22 22.36
CA HIS B 51 -4.55 2.92 21.03
C HIS B 51 -5.65 2.60 20.02
N THR B 52 -6.70 3.43 20.01
CA THR B 52 -7.80 3.24 19.08
C THR B 52 -7.37 3.58 17.65
N CYS B 53 -7.41 2.58 16.78
CA CYS B 53 -7.04 2.77 15.39
C CYS B 53 -8.06 3.68 14.70
N PRO B 54 -7.59 4.62 13.87
CA PRO B 54 -8.44 5.56 13.15
C PRO B 54 -9.06 4.95 11.90
N THR B 55 -9.46 3.70 12.00
CA THR B 55 -10.04 3.03 10.87
C THR B 55 -10.75 1.73 11.29
N CYS B 56 -10.06 0.88 12.06
CA CYS B 56 -10.63 -0.37 12.51
C CYS B 56 -10.96 -0.31 13.99
N HIS B 57 -10.54 0.79 14.63
CA HIS B 57 -10.79 1.04 16.04
C HIS B 57 -10.19 -0.06 16.91
N GLN B 58 -8.95 -0.43 16.58
CA GLN B 58 -8.22 -1.43 17.35
C GLN B 58 -7.83 -0.86 18.70
N ASN B 59 -7.26 -1.69 19.56
CA ASN B 59 -6.85 -1.25 20.90
C ASN B 59 -5.54 -1.89 21.32
N ASP B 60 -4.76 -2.33 20.35
CA ASP B 60 -3.50 -2.99 20.65
C ASP B 60 -2.44 -2.65 19.61
N VAL B 61 -2.48 -1.42 19.14
CA VAL B 61 -1.52 -0.96 18.16
C VAL B 61 -0.50 -0.05 18.82
N SER B 62 0.38 0.56 18.03
CA SER B 62 1.39 1.46 18.57
C SER B 62 2.13 2.16 17.45
N PRO B 63 2.68 3.36 17.74
CA PRO B 63 3.41 4.15 16.74
C PRO B 63 4.79 3.57 16.47
N ASP B 64 5.16 2.58 17.26
CA ASP B 64 6.45 1.92 17.13
C ASP B 64 6.35 0.75 16.15
N ALA B 65 5.12 0.31 15.89
CA ALA B 65 4.88 -0.82 14.99
C ALA B 65 4.50 -0.35 13.58
N LEU B 66 4.71 0.94 13.31
CA LEU B 66 4.39 1.49 12.00
C LEU B 66 5.45 1.06 10.97
N ILE B 67 5.03 0.26 10.01
CA ILE B 67 5.94 -0.25 8.99
C ILE B 67 5.97 0.69 7.79
N ALA B 68 6.92 0.47 6.88
CA ALA B 68 7.07 1.34 5.72
C ALA B 68 6.35 0.78 4.51
N ASN B 69 5.22 1.38 4.16
CA ASN B 69 4.45 0.92 3.00
C ASN B 69 5.11 1.47 1.75
N LYS B 70 6.13 0.76 1.31
CA LYS B 70 6.89 1.12 0.11
C LYS B 70 5.98 1.44 -1.04
N PHE B 71 5.12 0.48 -1.36
CA PHE B 71 4.20 0.58 -2.47
C PHE B 71 3.34 1.83 -2.39
N LEU B 72 2.85 2.13 -1.19
CA LEU B 72 2.03 3.32 -0.99
C LEU B 72 2.79 4.57 -1.39
N ARG B 73 3.98 4.70 -0.83
CA ARG B 73 4.86 5.83 -1.10
C ARG B 73 5.16 5.95 -2.59
N GLN B 74 5.40 4.81 -3.23
CA GLN B 74 5.70 4.76 -4.65
C GLN B 74 4.51 5.24 -5.46
N ALA B 75 3.31 4.78 -5.10
CA ALA B 75 2.09 5.16 -5.80
C ALA B 75 1.85 6.66 -5.69
N VAL B 76 1.97 7.18 -4.47
CA VAL B 76 1.78 8.60 -4.22
C VAL B 76 2.71 9.43 -5.11
N ASN B 77 3.96 9.00 -5.19
CA ASN B 77 4.97 9.69 -6.00
C ASN B 77 4.57 9.72 -7.48
N ASN B 78 4.06 8.61 -7.97
CA ASN B 78 3.64 8.52 -9.37
C ASN B 78 2.38 9.33 -9.60
N PHE B 79 1.41 9.13 -8.71
CA PHE B 79 0.13 9.81 -8.78
C PHE B 79 0.34 11.32 -8.86
N LYS B 80 1.09 11.88 -7.90
CA LYS B 80 1.37 13.32 -7.86
C LYS B 80 1.99 13.80 -9.16
N ASN B 81 2.79 12.95 -9.79
CA ASN B 81 3.45 13.31 -11.04
C ASN B 81 2.48 13.28 -12.20
N GLU B 82 1.66 12.25 -12.26
CA GLU B 82 0.69 12.06 -13.34
C GLU B 82 -0.42 13.11 -13.28
N THR B 83 -1.03 13.27 -12.12
CA THR B 83 -2.13 14.21 -11.96
C THR B 83 -1.64 15.63 -11.69
N GLY B 84 -0.35 15.77 -11.38
CA GLY B 84 0.21 17.08 -11.10
C GLY B 84 -0.29 17.63 -9.78
N TYR B 85 -0.16 16.85 -8.73
CA TYR B 85 -0.60 17.26 -7.40
C TYR B 85 0.56 17.82 -6.58
N THR B 86 0.26 18.86 -5.80
CA THR B 86 1.23 19.49 -4.92
C THR B 86 0.54 20.52 -4.02
N LYS B 87 1.23 21.00 -3.01
CA LYS B 87 0.67 21.97 -2.08
C LYS B 87 1.21 23.37 -2.36
N ARG B 88 0.46 24.37 -1.93
CA ARG B 88 0.84 25.76 -2.13
C ARG B 88 0.69 26.53 -0.82
N LEU B 89 1.08 25.91 0.28
CA LEU B 89 0.97 26.54 1.58
C LEU B 89 2.29 27.24 1.94
N ARG B 90 2.31 27.91 3.08
CA ARG B 90 3.51 28.61 3.51
C ARG B 90 4.32 27.78 4.47
N LYS B 91 5.60 28.11 4.57
CA LYS B 91 6.52 27.42 5.46
C LYS B 91 6.44 27.98 6.88
N GLN B 92 5.22 28.16 7.37
CA GLN B 92 4.98 28.69 8.70
C GLN B 92 5.27 27.64 9.76
ZN ZN C . 3.31 -12.62 -6.36
ZN ZN D . 10.82 -7.84 4.54
ZN ZN E . -2.82 12.28 7.02
ZN ZN F . -6.27 -0.51 12.43
N GLY A 1 -1.16 14.78 -21.92
CA GLY A 1 0.09 14.00 -21.75
C GLY A 1 0.21 12.88 -22.76
N PRO A 2 1.30 12.10 -22.71
CA PRO A 2 1.54 10.99 -23.63
C PRO A 2 0.58 9.83 -23.40
N LEU A 3 0.55 8.90 -24.33
CA LEU A 3 -0.32 7.74 -24.23
C LEU A 3 0.29 6.67 -23.36
N GLY A 4 0.04 6.77 -22.07
CA GLY A 4 0.57 5.81 -21.12
C GLY A 4 -0.41 5.55 -20.00
N SER A 5 -1.68 5.52 -20.34
CA SER A 5 -2.75 5.28 -19.37
C SER A 5 -3.40 3.94 -19.65
N GLU A 6 -3.70 3.71 -20.91
CA GLU A 6 -4.32 2.48 -21.36
C GLU A 6 -3.31 1.34 -21.34
N ASP A 7 -2.07 1.66 -21.63
CA ASP A 7 -1.00 0.67 -21.63
C ASP A 7 0.14 1.15 -20.76
N ASP A 8 0.58 0.29 -19.86
CA ASP A 8 1.64 0.59 -18.93
C ASP A 8 1.93 -0.65 -18.11
N PRO A 9 3.18 -1.10 -18.08
CA PRO A 9 3.60 -2.28 -17.31
C PRO A 9 3.25 -2.14 -15.83
N ILE A 10 3.12 -3.27 -15.15
CA ILE A 10 2.77 -3.27 -13.73
C ILE A 10 3.76 -2.44 -12.91
N PRO A 11 3.28 -1.38 -12.25
CA PRO A 11 4.11 -0.51 -11.43
C PRO A 11 4.38 -1.12 -10.04
N ASP A 12 5.47 -0.69 -9.42
CA ASP A 12 5.88 -1.19 -8.10
C ASP A 12 4.80 -0.98 -7.05
N GLU A 13 3.99 0.07 -7.22
CA GLU A 13 2.91 0.37 -6.28
C GLU A 13 1.85 -0.73 -6.23
N LEU A 14 1.96 -1.73 -7.11
CA LEU A 14 1.02 -2.84 -7.13
C LEU A 14 1.64 -4.07 -7.79
N LEU A 15 2.97 -4.08 -7.84
CA LEU A 15 3.73 -5.18 -8.43
C LEU A 15 4.26 -6.16 -7.37
N CYS A 16 3.95 -7.45 -7.54
CA CYS A 16 4.48 -8.46 -6.64
C CYS A 16 5.89 -8.77 -7.07
N LEU A 17 6.85 -8.41 -6.24
CA LEU A 17 8.26 -8.62 -6.55
C LEU A 17 8.56 -10.10 -6.74
N ILE A 18 7.89 -10.94 -5.96
CA ILE A 18 8.11 -12.38 -5.99
C ILE A 18 7.89 -12.96 -7.39
N CYS A 19 6.69 -12.83 -7.94
CA CYS A 19 6.42 -13.36 -9.27
C CYS A 19 6.62 -12.29 -10.34
N LYS A 20 7.08 -11.11 -9.93
CA LYS A 20 7.31 -9.99 -10.83
C LYS A 20 6.08 -9.64 -11.68
N ASP A 21 4.91 -9.77 -11.08
CA ASP A 21 3.65 -9.44 -11.77
C ASP A 21 2.63 -8.90 -10.77
N ILE A 22 1.53 -8.38 -11.27
CA ILE A 22 0.47 -7.85 -10.41
C ILE A 22 -0.18 -8.97 -9.60
N MET A 23 -0.83 -8.61 -8.49
CA MET A 23 -1.46 -9.58 -7.61
C MET A 23 -2.83 -9.09 -7.19
N THR A 24 -3.62 -10.01 -6.65
CA THR A 24 -4.95 -9.70 -6.19
C THR A 24 -5.07 -10.09 -4.72
N ASP A 25 -5.75 -9.25 -3.93
CA ASP A 25 -5.92 -9.49 -2.49
C ASP A 25 -4.58 -9.69 -1.80
N ALA A 26 -3.57 -8.95 -2.27
CA ALA A 26 -2.23 -9.05 -1.73
C ALA A 26 -2.15 -8.55 -0.30
N VAL A 27 -1.10 -8.93 0.39
CA VAL A 27 -0.91 -8.54 1.78
C VAL A 27 0.39 -7.77 1.96
N VAL A 28 0.59 -7.27 3.16
CA VAL A 28 1.79 -6.50 3.49
C VAL A 28 2.62 -7.22 4.53
N ILE A 29 3.94 -7.04 4.45
CA ILE A 29 4.84 -7.67 5.39
C ILE A 29 5.35 -6.62 6.40
N PRO A 30 5.08 -6.84 7.68
CA PRO A 30 5.45 -5.89 8.75
C PRO A 30 6.95 -5.84 9.05
N CYS A 31 7.74 -6.52 8.24
CA CYS A 31 9.18 -6.52 8.43
C CYS A 31 9.82 -5.37 7.67
N CYS A 32 9.24 -5.03 6.52
CA CYS A 32 9.77 -3.96 5.70
C CYS A 32 8.64 -3.06 5.22
N GLY A 33 7.59 -3.67 4.66
CA GLY A 33 6.46 -2.90 4.20
C GLY A 33 6.05 -3.21 2.78
N ASN A 34 6.78 -4.10 2.13
CA ASN A 34 6.46 -4.48 0.76
C ASN A 34 5.23 -5.39 0.70
N SER A 35 4.51 -5.33 -0.41
CA SER A 35 3.31 -6.13 -0.59
C SER A 35 3.47 -7.12 -1.74
N TYR A 36 2.98 -8.34 -1.54
CA TYR A 36 3.05 -9.39 -2.56
C TYR A 36 1.84 -10.30 -2.42
N CYS A 37 1.68 -11.21 -3.37
CA CYS A 37 0.57 -12.17 -3.32
C CYS A 37 0.60 -12.90 -1.98
N ASP A 38 -0.57 -13.11 -1.39
CA ASP A 38 -0.65 -13.79 -0.11
C ASP A 38 -0.02 -15.17 -0.21
N GLU A 39 -0.19 -15.82 -1.35
CA GLU A 39 0.36 -17.14 -1.59
C GLU A 39 1.87 -17.06 -1.79
N CYS A 40 2.32 -16.05 -2.52
CA CYS A 40 3.73 -15.86 -2.81
C CYS A 40 4.51 -15.58 -1.54
N ILE A 41 4.10 -14.56 -0.79
CA ILE A 41 4.78 -14.18 0.44
C ILE A 41 4.72 -15.31 1.47
N ARG A 42 3.60 -16.04 1.47
CA ARG A 42 3.43 -17.15 2.39
C ARG A 42 4.51 -18.19 2.11
N THR A 43 4.65 -18.54 0.84
CA THR A 43 5.61 -19.53 0.39
C THR A 43 7.03 -19.16 0.80
N ALA A 44 7.40 -17.89 0.62
CA ALA A 44 8.74 -17.42 0.95
C ALA A 44 9.09 -17.69 2.42
N LEU A 45 8.17 -17.38 3.32
CA LEU A 45 8.40 -17.60 4.74
C LEU A 45 8.32 -19.08 5.10
N LEU A 46 7.48 -19.83 4.40
CA LEU A 46 7.32 -21.25 4.67
C LEU A 46 8.56 -22.04 4.24
N GLU A 47 9.11 -21.69 3.10
CA GLU A 47 10.29 -22.37 2.56
C GLU A 47 11.58 -21.88 3.21
N SER A 48 11.47 -20.91 4.08
CA SER A 48 12.63 -20.38 4.78
C SER A 48 12.43 -20.50 6.28
N ASP A 49 13.06 -21.50 6.89
CA ASP A 49 12.91 -21.70 8.34
C ASP A 49 13.38 -20.48 9.11
N GLU A 50 14.36 -19.76 8.55
CA GLU A 50 14.87 -18.55 9.20
C GLU A 50 13.97 -17.35 8.94
N HIS A 51 12.89 -17.58 8.19
CA HIS A 51 11.91 -16.54 7.88
C HIS A 51 12.53 -15.43 7.05
N THR A 52 13.25 -15.83 6.01
CA THR A 52 13.90 -14.90 5.10
C THR A 52 12.88 -14.15 4.26
N CYS A 53 12.88 -12.83 4.37
CA CYS A 53 11.97 -12.02 3.57
C CYS A 53 12.46 -11.98 2.13
N PRO A 54 11.54 -12.12 1.17
CA PRO A 54 11.86 -12.11 -0.26
C PRO A 54 12.06 -10.72 -0.82
N THR A 55 12.65 -9.85 -0.03
CA THR A 55 12.86 -8.49 -0.45
C THR A 55 13.93 -7.79 0.41
N CYS A 56 13.78 -7.87 1.72
CA CYS A 56 14.72 -7.23 2.64
C CYS A 56 15.60 -8.28 3.30
N HIS A 57 15.25 -9.55 3.07
CA HIS A 57 16.00 -10.68 3.62
C HIS A 57 16.00 -10.68 5.13
N GLN A 58 14.85 -10.35 5.70
CA GLN A 58 14.68 -10.33 7.14
C GLN A 58 14.76 -11.75 7.69
N ASN A 59 14.82 -11.89 9.00
CA ASN A 59 14.93 -13.21 9.62
C ASN A 59 14.05 -13.32 10.86
N ASP A 60 12.95 -12.59 10.87
CA ASP A 60 12.05 -12.60 12.02
C ASP A 60 10.64 -12.24 11.62
N VAL A 61 10.23 -12.67 10.44
CA VAL A 61 8.88 -12.40 9.96
C VAL A 61 8.03 -13.65 10.10
N SER A 62 6.80 -13.62 9.61
CA SER A 62 5.92 -14.76 9.70
C SER A 62 4.71 -14.59 8.79
N PRO A 63 4.13 -15.71 8.31
CA PRO A 63 2.98 -15.67 7.41
C PRO A 63 1.68 -15.36 8.15
N ASP A 64 1.77 -15.29 9.47
CA ASP A 64 0.60 -14.99 10.28
C ASP A 64 0.57 -13.50 10.63
N ALA A 65 1.62 -12.79 10.23
CA ALA A 65 1.72 -11.37 10.50
C ALA A 65 1.41 -10.56 9.24
N LEU A 66 0.92 -11.24 8.22
CA LEU A 66 0.58 -10.61 6.96
C LEU A 66 -0.69 -9.79 7.12
N ILE A 67 -0.56 -8.49 6.98
CA ILE A 67 -1.69 -7.57 7.15
C ILE A 67 -2.38 -7.32 5.81
N ALA A 68 -3.53 -6.64 5.84
CA ALA A 68 -4.28 -6.36 4.63
C ALA A 68 -4.00 -4.97 4.11
N ASN A 69 -3.24 -4.88 3.03
CA ASN A 69 -2.89 -3.59 2.45
C ASN A 69 -4.04 -3.10 1.60
N LYS A 70 -4.98 -2.47 2.28
CA LYS A 70 -6.17 -1.92 1.66
C LYS A 70 -5.87 -1.17 0.37
N PHE A 71 -4.96 -0.24 0.49
CA PHE A 71 -4.56 0.62 -0.61
C PHE A 71 -4.04 -0.19 -1.79
N LEU A 72 -3.31 -1.25 -1.49
CA LEU A 72 -2.75 -2.10 -2.53
C LEU A 72 -3.84 -2.74 -3.37
N ARG A 73 -4.74 -3.48 -2.72
CA ARG A 73 -5.82 -4.16 -3.43
C ARG A 73 -6.69 -3.17 -4.20
N GLN A 74 -6.84 -1.95 -3.67
CA GLN A 74 -7.64 -0.94 -4.34
C GLN A 74 -6.96 -0.49 -5.63
N ALA A 75 -5.66 -0.18 -5.51
CA ALA A 75 -4.88 0.26 -6.66
C ALA A 75 -4.90 -0.78 -7.76
N VAL A 76 -4.75 -2.04 -7.37
CA VAL A 76 -4.78 -3.16 -8.30
C VAL A 76 -6.12 -3.24 -9.02
N ASN A 77 -7.20 -3.12 -8.27
CA ASN A 77 -8.55 -3.18 -8.82
C ASN A 77 -8.75 -2.13 -9.90
N ASN A 78 -8.32 -0.92 -9.60
CA ASN A 78 -8.47 0.18 -10.54
C ASN A 78 -7.54 0.01 -11.74
N PHE A 79 -6.29 -0.36 -11.48
CA PHE A 79 -5.31 -0.55 -12.54
C PHE A 79 -5.73 -1.64 -13.53
N LYS A 80 -6.10 -2.81 -13.02
CA LYS A 80 -6.52 -3.92 -13.86
C LYS A 80 -7.68 -3.53 -14.77
N ASN A 81 -8.54 -2.64 -14.30
CA ASN A 81 -9.70 -2.21 -15.08
C ASN A 81 -9.33 -1.16 -16.12
N GLU A 82 -8.37 -0.30 -15.78
CA GLU A 82 -7.95 0.76 -16.68
C GLU A 82 -7.07 0.25 -17.81
N THR A 83 -6.19 -0.69 -17.51
CA THR A 83 -5.29 -1.24 -18.52
C THR A 83 -5.89 -2.45 -19.22
N GLY A 84 -7.00 -2.94 -18.67
CA GLY A 84 -7.64 -4.11 -19.24
C GLY A 84 -6.81 -5.35 -19.04
N TYR A 85 -6.22 -5.45 -17.85
CA TYR A 85 -5.36 -6.58 -17.51
C TYR A 85 -6.17 -7.86 -17.41
N THR A 86 -7.21 -7.81 -16.62
CA THR A 86 -8.07 -8.96 -16.38
C THR A 86 -9.45 -8.78 -17.00
N LYS A 87 -10.35 -9.68 -16.64
CA LYS A 87 -11.72 -9.68 -17.12
C LYS A 87 -12.60 -10.46 -16.14
N ARG A 88 -13.90 -10.31 -16.26
CA ARG A 88 -14.83 -11.02 -15.38
C ARG A 88 -15.70 -11.97 -16.20
N LEU A 89 -15.40 -13.26 -16.10
CA LEU A 89 -16.16 -14.26 -16.82
C LEU A 89 -17.52 -14.45 -16.16
N ARG A 90 -18.52 -14.73 -16.98
CA ARG A 90 -19.89 -14.94 -16.47
C ARG A 90 -19.96 -16.15 -15.58
N LYS A 91 -19.18 -17.14 -15.95
CA LYS A 91 -19.11 -18.39 -15.20
C LYS A 91 -18.43 -18.17 -13.85
N GLN A 92 -18.09 -16.93 -13.56
CA GLN A 92 -17.43 -16.58 -12.31
C GLN A 92 -18.37 -15.79 -11.41
N GLY B 1 -24.54 15.83 -12.34
CA GLY B 1 -24.10 14.74 -11.44
C GLY B 1 -23.01 15.20 -10.49
N PRO B 2 -21.96 14.38 -10.31
CA PRO B 2 -20.85 14.72 -9.43
C PRO B 2 -19.76 15.51 -10.14
N LEU B 3 -18.57 15.54 -9.55
CA LEU B 3 -17.44 16.24 -10.13
C LEU B 3 -16.38 15.23 -10.55
N GLY B 4 -15.22 15.72 -10.97
CA GLY B 4 -14.16 14.84 -11.40
C GLY B 4 -13.78 15.06 -12.85
N SER B 5 -14.40 16.05 -13.48
CA SER B 5 -14.13 16.37 -14.87
C SER B 5 -12.73 16.94 -14.99
N GLU B 6 -12.50 18.09 -14.36
CA GLU B 6 -11.19 18.74 -14.40
C GLU B 6 -10.53 18.56 -13.05
N ASP B 7 -11.33 18.15 -12.07
CA ASP B 7 -10.88 17.93 -10.72
C ASP B 7 -10.01 16.70 -10.61
N ASP B 8 -9.06 16.74 -9.68
CA ASP B 8 -8.16 15.63 -9.44
C ASP B 8 -8.27 15.19 -7.98
N PRO B 9 -9.19 14.25 -7.70
CA PRO B 9 -9.41 13.74 -6.35
C PRO B 9 -8.38 12.69 -5.94
N ILE B 10 -8.24 12.49 -4.65
CA ILE B 10 -7.28 11.51 -4.14
C ILE B 10 -7.95 10.16 -3.89
N PRO B 11 -7.48 9.11 -4.57
CA PRO B 11 -8.03 7.75 -4.42
C PRO B 11 -7.59 7.10 -3.11
N ASP B 12 -8.39 6.15 -2.63
CA ASP B 12 -8.12 5.45 -1.36
C ASP B 12 -6.76 4.77 -1.38
N GLU B 13 -6.32 4.35 -2.56
CA GLU B 13 -5.03 3.66 -2.71
C GLU B 13 -3.83 4.55 -2.38
N LEU B 14 -4.08 5.80 -2.02
CA LEU B 14 -2.99 6.73 -1.66
C LEU B 14 -3.55 7.92 -0.92
N LEU B 15 -4.67 7.69 -0.25
CA LEU B 15 -5.35 8.74 0.50
C LEU B 15 -5.34 8.46 2.01
N CYS B 16 -4.87 9.43 2.80
CA CYS B 16 -4.87 9.30 4.25
C CYS B 16 -6.27 9.51 4.75
N LEU B 17 -6.79 8.55 5.46
CA LEU B 17 -8.14 8.63 5.98
C LEU B 17 -8.22 9.68 7.10
N ILE B 18 -7.16 9.73 7.90
CA ILE B 18 -7.09 10.64 9.03
C ILE B 18 -7.34 12.09 8.62
N CYS B 19 -6.51 12.65 7.75
CA CYS B 19 -6.70 14.02 7.32
C CYS B 19 -7.53 14.09 6.04
N LYS B 20 -7.97 12.91 5.58
CA LYS B 20 -8.78 12.78 4.37
C LYS B 20 -8.10 13.42 3.15
N ASP B 21 -6.77 13.33 3.09
CA ASP B 21 -6.02 13.88 1.95
C ASP B 21 -4.77 13.03 1.70
N ILE B 22 -4.13 13.26 0.56
CA ILE B 22 -2.92 12.53 0.19
C ILE B 22 -1.79 12.75 1.22
N MET B 23 -0.84 11.83 1.27
CA MET B 23 0.26 11.92 2.22
C MET B 23 1.58 11.53 1.57
N THR B 24 2.68 11.89 2.23
CA THR B 24 4.01 11.56 1.74
C THR B 24 4.78 10.76 2.78
N ASP B 25 5.57 9.79 2.31
CA ASP B 25 6.37 8.93 3.19
C ASP B 25 5.50 8.31 4.27
N ALA B 26 4.29 7.94 3.87
CA ALA B 26 3.31 7.35 4.77
C ALA B 26 3.73 5.96 5.25
N VAL B 27 3.04 5.49 6.27
CA VAL B 27 3.32 4.20 6.87
C VAL B 27 2.06 3.33 6.89
N VAL B 28 2.24 2.07 7.27
CA VAL B 28 1.14 1.12 7.36
C VAL B 28 0.94 0.69 8.80
N ILE B 29 -0.29 0.32 9.13
CA ILE B 29 -0.62 -0.13 10.46
C ILE B 29 -0.88 -1.64 10.44
N PRO B 30 -0.08 -2.40 11.22
CA PRO B 30 -0.18 -3.86 11.26
C PRO B 30 -1.41 -4.39 11.99
N CYS B 31 -2.32 -3.50 12.33
CA CYS B 31 -3.53 -3.91 13.02
C CYS B 31 -4.65 -4.19 12.01
N CYS B 32 -4.61 -3.51 10.88
CA CYS B 32 -5.63 -3.68 9.84
C CYS B 32 -4.97 -3.69 8.47
N GLY B 33 -4.14 -2.69 8.19
CA GLY B 33 -3.45 -2.62 6.92
C GLY B 33 -3.60 -1.30 6.21
N ASN B 34 -4.37 -0.39 6.78
CA ASN B 34 -4.56 0.92 6.16
C ASN B 34 -3.31 1.77 6.31
N SER B 35 -3.09 2.70 5.38
CA SER B 35 -1.92 3.57 5.41
C SER B 35 -2.32 5.03 5.58
N TYR B 36 -1.56 5.76 6.39
CA TYR B 36 -1.81 7.17 6.64
C TYR B 36 -0.50 7.88 6.90
N CYS B 37 -0.55 9.21 7.00
CA CYS B 37 0.65 9.99 7.28
C CYS B 37 1.31 9.50 8.55
N ASP B 38 2.63 9.49 8.57
CA ASP B 38 3.39 9.04 9.74
C ASP B 38 2.96 9.83 10.96
N GLU B 39 2.83 11.15 10.79
CA GLU B 39 2.42 12.04 11.87
C GLU B 39 0.97 11.82 12.27
N CYS B 40 0.10 11.64 11.28
CA CYS B 40 -1.32 11.43 11.53
C CYS B 40 -1.56 10.17 12.34
N ILE B 41 -1.07 9.04 11.83
CA ILE B 41 -1.26 7.77 12.50
C ILE B 41 -0.59 7.76 13.87
N ARG B 42 0.55 8.44 13.98
CA ARG B 42 1.26 8.53 15.23
C ARG B 42 0.38 9.22 16.26
N THR B 43 -0.17 10.36 15.86
CA THR B 43 -1.03 11.15 16.71
C THR B 43 -2.25 10.37 17.19
N ALA B 44 -2.85 9.59 16.31
CA ALA B 44 -4.03 8.81 16.66
C ALA B 44 -3.74 7.86 17.81
N LEU B 45 -2.61 7.18 17.74
CA LEU B 45 -2.21 6.23 18.77
C LEU B 45 -1.73 6.95 20.03
N LEU B 46 -1.15 8.14 19.86
CA LEU B 46 -0.66 8.91 20.99
C LEU B 46 -1.82 9.51 21.80
N GLU B 47 -2.82 10.01 21.10
CA GLU B 47 -3.98 10.61 21.76
C GLU B 47 -4.90 9.56 22.36
N SER B 48 -4.84 8.34 21.84
CA SER B 48 -5.68 7.25 22.34
C SER B 48 -4.87 6.32 23.22
N ASP B 49 -5.11 6.39 24.52
CA ASP B 49 -4.39 5.57 25.50
C ASP B 49 -4.59 4.08 25.24
N GLU B 50 -5.74 3.72 24.69
CA GLU B 50 -6.04 2.33 24.40
C GLU B 50 -5.55 1.94 23.00
N HIS B 51 -4.80 2.85 22.37
CA HIS B 51 -4.25 2.62 21.03
C HIS B 51 -5.34 2.38 20.00
N THR B 52 -6.38 3.20 20.07
CA THR B 52 -7.50 3.10 19.16
C THR B 52 -7.08 3.45 17.74
N CYS B 53 -7.24 2.50 16.84
CA CYS B 53 -6.91 2.73 15.45
C CYS B 53 -7.94 3.68 14.81
N PRO B 54 -7.46 4.64 14.02
CA PRO B 54 -8.32 5.63 13.35
C PRO B 54 -8.96 5.09 12.08
N THR B 55 -9.37 3.85 12.13
CA THR B 55 -9.98 3.23 10.98
C THR B 55 -10.73 1.94 11.36
N CYS B 56 -10.07 1.06 12.10
CA CYS B 56 -10.68 -0.19 12.52
C CYS B 56 -10.97 -0.17 14.02
N HIS B 57 -10.48 0.88 14.69
CA HIS B 57 -10.69 1.07 16.12
C HIS B 57 -10.09 -0.07 16.93
N GLN B 58 -8.89 -0.48 16.55
CA GLN B 58 -8.19 -1.55 17.24
C GLN B 58 -7.74 -1.04 18.63
N ASN B 59 -7.29 -1.95 19.49
CA ASN B 59 -6.87 -1.56 20.83
C ASN B 59 -5.55 -2.22 21.23
N ASP B 60 -4.73 -2.56 20.25
CA ASP B 60 -3.45 -3.21 20.54
C ASP B 60 -2.42 -2.88 19.48
N VAL B 61 -2.43 -1.64 19.05
CA VAL B 61 -1.47 -1.19 18.04
C VAL B 61 -0.39 -0.34 18.70
N SER B 62 0.43 0.36 17.91
CA SER B 62 1.48 1.20 18.46
C SER B 62 2.19 1.98 17.35
N PRO B 63 2.74 3.15 17.68
CA PRO B 63 3.44 4.00 16.72
C PRO B 63 4.82 3.46 16.36
N ASP B 64 5.26 2.43 17.09
CA ASP B 64 6.56 1.83 16.84
C ASP B 64 6.40 0.61 15.93
N ALA B 65 5.15 0.23 15.68
CA ALA B 65 4.86 -0.92 14.83
C ALA B 65 4.53 -0.48 13.42
N LEU B 66 4.73 0.80 13.15
CA LEU B 66 4.45 1.38 11.84
C LEU B 66 5.49 0.96 10.83
N ILE B 67 5.05 0.27 9.79
CA ILE B 67 5.95 -0.22 8.75
C ILE B 67 5.96 0.72 7.55
N ALA B 68 6.88 0.51 6.61
CA ALA B 68 6.97 1.40 5.46
C ALA B 68 6.24 0.84 4.24
N ASN B 69 5.09 1.42 3.93
CA ASN B 69 4.31 0.97 2.79
C ASN B 69 4.95 1.53 1.53
N LYS B 70 5.93 0.81 1.04
CA LYS B 70 6.67 1.18 -0.16
C LYS B 70 5.76 1.50 -1.32
N PHE B 71 4.82 0.61 -1.55
CA PHE B 71 3.86 0.74 -2.65
C PHE B 71 3.05 2.02 -2.52
N LEU B 72 2.64 2.32 -1.30
CA LEU B 72 1.87 3.52 -1.03
C LEU B 72 2.66 4.77 -1.40
N ARG B 73 3.83 4.91 -0.79
CA ARG B 73 4.68 6.07 -1.03
C ARG B 73 5.01 6.20 -2.53
N GLN B 74 5.16 5.07 -3.20
CA GLN B 74 5.46 5.05 -4.62
C GLN B 74 4.30 5.61 -5.43
N ALA B 75 3.11 5.07 -5.20
CA ALA B 75 1.91 5.50 -5.90
C ALA B 75 1.69 7.00 -5.72
N VAL B 76 1.84 7.46 -4.48
CA VAL B 76 1.67 8.89 -4.16
C VAL B 76 2.64 9.74 -4.97
N ASN B 77 3.89 9.34 -4.97
CA ASN B 77 4.95 10.06 -5.68
C ASN B 77 4.64 10.20 -7.17
N ASN B 78 4.07 9.13 -7.76
CA ASN B 78 3.73 9.14 -9.17
C ASN B 78 2.46 9.93 -9.42
N PHE B 79 1.48 9.76 -8.55
CA PHE B 79 0.20 10.45 -8.67
C PHE B 79 0.39 11.97 -8.61
N LYS B 80 1.13 12.42 -7.60
CA LYS B 80 1.39 13.85 -7.40
C LYS B 80 2.01 14.49 -8.66
N ASN B 81 2.78 13.70 -9.39
CA ASN B 81 3.45 14.19 -10.59
C ASN B 81 2.51 14.23 -11.79
N GLU B 82 1.65 13.23 -11.91
CA GLU B 82 0.72 13.13 -13.03
C GLU B 82 -0.41 14.17 -12.93
N THR B 83 -0.96 14.36 -11.73
CA THR B 83 -2.05 15.31 -11.54
C THR B 83 -1.53 16.70 -11.17
N GLY B 84 -0.24 16.80 -10.88
CA GLY B 84 0.34 18.08 -10.50
C GLY B 84 -0.23 18.55 -9.18
N TYR B 85 -0.33 17.64 -8.23
CA TYR B 85 -0.87 17.95 -6.91
C TYR B 85 0.02 18.95 -6.18
N THR B 86 1.28 18.67 -6.20
CA THR B 86 2.27 19.51 -5.55
C THR B 86 2.34 20.87 -6.21
N LYS B 87 2.42 21.90 -5.39
CA LYS B 87 2.43 23.26 -5.90
C LYS B 87 3.66 24.02 -5.41
N ARG B 88 3.97 25.13 -6.08
CA ARG B 88 5.11 25.94 -5.72
C ARG B 88 4.71 27.06 -4.76
N LEU B 89 3.41 27.16 -4.50
CA LEU B 89 2.90 28.18 -3.59
C LEU B 89 3.46 28.00 -2.18
N ARG B 90 3.83 29.10 -1.56
CA ARG B 90 4.39 29.09 -0.22
C ARG B 90 3.29 29.10 0.83
N LYS B 91 3.68 28.99 2.10
CA LYS B 91 2.73 29.00 3.21
C LYS B 91 2.17 30.40 3.45
N GLN B 92 2.77 31.38 2.78
CA GLN B 92 2.34 32.78 2.89
C GLN B 92 2.37 33.27 4.33
ZN ZN C . 3.20 -12.80 -6.39
ZN ZN D . 10.72 -7.79 4.45
ZN ZN E . -2.71 12.30 7.25
ZN ZN F . -6.25 -0.47 12.36
N GLY A 1 19.51 0.67 -24.92
CA GLY A 1 18.22 1.27 -24.52
C GLY A 1 17.21 0.20 -24.14
N PRO A 2 16.45 0.42 -23.05
CA PRO A 2 15.44 -0.53 -22.59
C PRO A 2 14.11 -0.36 -23.29
N LEU A 3 13.10 -1.04 -22.77
CA LEU A 3 11.76 -0.95 -23.32
C LEU A 3 10.88 -0.25 -22.29
N GLY A 4 9.62 -0.11 -22.61
CA GLY A 4 8.70 0.54 -21.70
C GLY A 4 8.21 1.87 -22.25
N SER A 5 8.72 2.23 -23.41
CA SER A 5 8.35 3.47 -24.06
C SER A 5 6.93 3.42 -24.59
N GLU A 6 6.66 2.43 -25.43
CA GLU A 6 5.34 2.25 -26.01
C GLU A 6 4.63 1.08 -25.33
N ASP A 7 5.32 0.48 -24.38
CA ASP A 7 4.80 -0.66 -23.64
C ASP A 7 4.07 -0.18 -22.38
N ASP A 8 3.33 -1.08 -21.75
CA ASP A 8 2.59 -0.74 -20.56
C ASP A 8 2.95 -1.69 -19.41
N PRO A 9 4.02 -1.38 -18.67
CA PRO A 9 4.49 -2.21 -17.56
C PRO A 9 3.74 -1.92 -16.25
N ILE A 10 3.96 -2.77 -15.26
CA ILE A 10 3.32 -2.62 -13.97
C ILE A 10 4.31 -2.03 -12.95
N PRO A 11 3.93 -0.92 -12.31
CA PRO A 11 4.80 -0.24 -11.33
C PRO A 11 4.94 -1.03 -10.02
N ASP A 12 6.08 -0.87 -9.37
CA ASP A 12 6.38 -1.57 -8.11
C ASP A 12 5.45 -1.11 -6.99
N GLU A 13 4.63 -0.12 -7.27
CA GLU A 13 3.69 0.41 -6.29
C GLU A 13 2.49 -0.52 -6.12
N LEU A 14 2.37 -1.52 -6.99
CA LEU A 14 1.27 -2.46 -6.90
C LEU A 14 1.64 -3.76 -7.60
N LEU A 15 2.92 -3.90 -7.90
CA LEU A 15 3.42 -5.09 -8.56
C LEU A 15 4.22 -5.95 -7.58
N CYS A 16 3.90 -7.23 -7.52
CA CYS A 16 4.60 -8.15 -6.64
C CYS A 16 5.98 -8.44 -7.21
N LEU A 17 7.01 -8.14 -6.45
CA LEU A 17 8.36 -8.38 -6.92
C LEU A 17 8.67 -9.87 -6.93
N ILE A 18 8.01 -10.63 -6.05
CA ILE A 18 8.24 -12.07 -5.96
C ILE A 18 8.02 -12.75 -7.31
N CYS A 19 6.85 -12.57 -7.89
CA CYS A 19 6.55 -13.17 -9.19
C CYS A 19 6.74 -12.15 -10.31
N LYS A 20 7.17 -10.94 -9.93
CA LYS A 20 7.40 -9.85 -10.88
C LYS A 20 6.14 -9.51 -11.69
N ASP A 21 4.97 -9.66 -11.07
CA ASP A 21 3.71 -9.36 -11.74
C ASP A 21 2.70 -8.81 -10.75
N ILE A 22 1.60 -8.30 -11.28
CA ILE A 22 0.54 -7.75 -10.43
C ILE A 22 -0.15 -8.86 -9.63
N MET A 23 -0.80 -8.50 -8.54
CA MET A 23 -1.46 -9.47 -7.69
C MET A 23 -2.77 -8.93 -7.17
N THR A 24 -3.61 -9.80 -6.65
CA THR A 24 -4.88 -9.42 -6.10
C THR A 24 -4.91 -9.73 -4.61
N ASP A 25 -5.63 -8.90 -3.86
CA ASP A 25 -5.76 -9.09 -2.41
C ASP A 25 -4.38 -9.09 -1.75
N ALA A 26 -3.51 -8.22 -2.24
CA ALA A 26 -2.14 -8.09 -1.73
C ALA A 26 -2.11 -7.83 -0.23
N VAL A 27 -1.09 -8.37 0.42
CA VAL A 27 -0.90 -8.20 1.84
C VAL A 27 0.40 -7.46 2.11
N VAL A 28 0.59 -7.00 3.33
CA VAL A 28 1.80 -6.28 3.69
C VAL A 28 2.61 -7.05 4.71
N ILE A 29 3.93 -6.90 4.63
CA ILE A 29 4.83 -7.59 5.54
C ILE A 29 5.36 -6.60 6.58
N PRO A 30 5.09 -6.86 7.87
CA PRO A 30 5.48 -5.97 8.97
C PRO A 30 6.97 -5.98 9.29
N CYS A 31 7.76 -6.60 8.45
CA CYS A 31 9.19 -6.65 8.66
C CYS A 31 9.89 -5.51 7.92
N CYS A 32 9.32 -5.12 6.78
CA CYS A 32 9.89 -4.04 5.99
C CYS A 32 8.78 -3.12 5.50
N GLY A 33 7.71 -3.71 4.97
CA GLY A 33 6.59 -2.94 4.52
C GLY A 33 6.16 -3.24 3.10
N ASN A 34 6.98 -4.01 2.39
CA ASN A 34 6.67 -4.37 1.01
C ASN A 34 5.41 -5.24 0.93
N SER A 35 4.70 -5.16 -0.19
CA SER A 35 3.47 -5.92 -0.37
C SER A 35 3.61 -6.92 -1.52
N TYR A 36 3.04 -8.10 -1.33
CA TYR A 36 3.10 -9.15 -2.34
C TYR A 36 1.84 -9.99 -2.29
N CYS A 37 1.70 -10.90 -3.24
CA CYS A 37 0.58 -11.81 -3.26
C CYS A 37 0.55 -12.58 -1.94
N ASP A 38 -0.64 -12.78 -1.40
CA ASP A 38 -0.77 -13.50 -0.13
C ASP A 38 -0.14 -14.89 -0.24
N GLU A 39 -0.29 -15.49 -1.41
CA GLU A 39 0.27 -16.80 -1.68
C GLU A 39 1.78 -16.75 -1.85
N CYS A 40 2.26 -15.73 -2.56
CA CYS A 40 3.69 -15.57 -2.79
C CYS A 40 4.46 -15.36 -1.50
N ILE A 41 4.07 -14.35 -0.74
CA ILE A 41 4.74 -14.02 0.52
C ILE A 41 4.63 -15.18 1.51
N ARG A 42 3.48 -15.85 1.52
CA ARG A 42 3.27 -16.98 2.41
C ARG A 42 4.31 -18.04 2.12
N THR A 43 4.42 -18.40 0.85
CA THR A 43 5.35 -19.42 0.39
C THR A 43 6.80 -19.07 0.77
N ALA A 44 7.19 -17.82 0.56
CA ALA A 44 8.56 -17.38 0.87
C ALA A 44 8.93 -17.70 2.32
N LEU A 45 8.02 -17.41 3.25
CA LEU A 45 8.28 -17.67 4.66
C LEU A 45 8.19 -19.16 4.99
N LEU A 46 7.35 -19.89 4.26
CA LEU A 46 7.19 -21.32 4.50
C LEU A 46 8.42 -22.10 4.01
N GLU A 47 9.06 -21.59 2.97
CA GLU A 47 10.25 -22.24 2.41
C GLU A 47 11.50 -21.88 3.19
N SER A 48 11.43 -20.80 3.95
CA SER A 48 12.57 -20.35 4.74
C SER A 48 12.38 -20.66 6.21
N ASP A 49 13.28 -21.46 6.75
CA ASP A 49 13.22 -21.87 8.16
C ASP A 49 13.40 -20.68 9.08
N GLU A 50 14.27 -19.77 8.68
CA GLU A 50 14.55 -18.57 9.46
C GLU A 50 13.62 -17.42 9.08
N HIS A 51 12.60 -17.74 8.27
CA HIS A 51 11.62 -16.75 7.83
C HIS A 51 12.28 -15.60 7.07
N THR A 52 13.19 -15.94 6.18
CA THR A 52 13.89 -14.96 5.37
C THR A 52 12.93 -14.24 4.43
N CYS A 53 12.79 -12.93 4.64
CA CYS A 53 11.92 -12.12 3.81
C CYS A 53 12.43 -12.07 2.37
N PRO A 54 11.52 -12.17 1.39
CA PRO A 54 11.86 -12.14 -0.04
C PRO A 54 12.08 -10.74 -0.57
N THR A 55 12.69 -9.90 0.24
CA THR A 55 12.92 -8.53 -0.17
C THR A 55 13.98 -7.86 0.72
N CYS A 56 13.82 -7.98 2.04
CA CYS A 56 14.76 -7.38 2.97
C CYS A 56 15.59 -8.45 3.65
N HIS A 57 15.18 -9.70 3.47
CA HIS A 57 15.87 -10.85 4.03
C HIS A 57 15.87 -10.79 5.55
N GLN A 58 14.68 -10.55 6.11
CA GLN A 58 14.51 -10.49 7.55
C GLN A 58 14.54 -11.91 8.13
N ASN A 59 14.54 -12.01 9.46
CA ASN A 59 14.61 -13.32 10.11
C ASN A 59 13.61 -13.47 11.26
N ASP A 60 12.56 -12.65 11.28
CA ASP A 60 11.58 -12.72 12.35
C ASP A 60 10.19 -12.38 11.83
N VAL A 61 9.92 -12.80 10.61
CA VAL A 61 8.62 -12.56 10.02
C VAL A 61 7.78 -13.80 10.15
N SER A 62 6.57 -13.80 9.60
CA SER A 62 5.69 -14.95 9.67
C SER A 62 4.48 -14.76 8.79
N PRO A 63 3.89 -15.86 8.28
CA PRO A 63 2.72 -15.80 7.41
C PRO A 63 1.45 -15.48 8.18
N ASP A 64 1.60 -15.34 9.49
CA ASP A 64 0.49 -15.03 10.37
C ASP A 64 0.51 -13.55 10.75
N ALA A 65 1.60 -12.88 10.37
CA ALA A 65 1.77 -11.47 10.68
C ALA A 65 1.45 -10.62 9.46
N LEU A 66 1.01 -11.28 8.40
CA LEU A 66 0.67 -10.60 7.15
C LEU A 66 -0.59 -9.76 7.35
N ILE A 67 -0.50 -8.48 7.05
CA ILE A 67 -1.63 -7.58 7.23
C ILE A 67 -2.34 -7.32 5.91
N ALA A 68 -3.53 -6.76 5.97
CA ALA A 68 -4.32 -6.50 4.77
C ALA A 68 -4.06 -5.10 4.23
N ASN A 69 -3.34 -5.01 3.13
CA ASN A 69 -3.02 -3.72 2.53
C ASN A 69 -4.19 -3.24 1.70
N LYS A 70 -5.14 -2.63 2.39
CA LYS A 70 -6.35 -2.10 1.77
C LYS A 70 -6.04 -1.31 0.53
N PHE A 71 -5.15 -0.34 0.70
CA PHE A 71 -4.75 0.57 -0.33
C PHE A 71 -4.16 -0.18 -1.54
N LEU A 72 -3.29 -1.14 -1.28
CA LEU A 72 -2.65 -1.92 -2.35
C LEU A 72 -3.70 -2.60 -3.22
N ARG A 73 -4.61 -3.30 -2.56
CA ARG A 73 -5.67 -4.02 -3.25
C ARG A 73 -6.52 -3.06 -4.08
N GLN A 74 -6.79 -1.87 -3.52
CA GLN A 74 -7.57 -0.87 -4.21
C GLN A 74 -6.82 -0.38 -5.45
N ALA A 75 -5.52 -0.11 -5.28
CA ALA A 75 -4.67 0.35 -6.37
C ALA A 75 -4.69 -0.64 -7.53
N VAL A 76 -4.47 -1.91 -7.21
CA VAL A 76 -4.47 -2.96 -8.21
C VAL A 76 -5.81 -3.02 -8.95
N ASN A 77 -6.89 -2.94 -8.18
CA ASN A 77 -8.24 -3.00 -8.73
C ASN A 77 -8.50 -1.87 -9.72
N ASN A 78 -8.01 -0.67 -9.42
CA ASN A 78 -8.23 0.47 -10.28
C ASN A 78 -7.26 0.43 -11.47
N PHE A 79 -5.99 0.12 -11.19
CA PHE A 79 -4.97 0.04 -12.24
C PHE A 79 -5.37 -0.93 -13.35
N LYS A 80 -5.81 -2.13 -12.95
CA LYS A 80 -6.23 -3.16 -13.88
C LYS A 80 -7.36 -2.67 -14.78
N ASN A 81 -8.23 -1.84 -14.24
CA ASN A 81 -9.38 -1.31 -14.98
C ASN A 81 -9.01 -0.15 -15.89
N GLU A 82 -7.99 0.60 -15.51
CA GLU A 82 -7.58 1.76 -16.31
C GLU A 82 -6.77 1.35 -17.53
N THR A 83 -5.84 0.43 -17.34
CA THR A 83 -4.99 -0.03 -18.43
C THR A 83 -5.64 -1.18 -19.19
N GLY A 84 -6.58 -1.87 -18.55
CA GLY A 84 -7.24 -2.98 -19.18
C GLY A 84 -6.38 -4.24 -19.12
N TYR A 85 -5.60 -4.33 -18.05
CA TYR A 85 -4.70 -5.45 -17.83
C TYR A 85 -5.45 -6.76 -17.69
N THR A 86 -6.43 -6.74 -16.83
CA THR A 86 -7.26 -7.89 -16.54
C THR A 86 -7.98 -8.36 -17.80
N LYS A 87 -8.05 -9.66 -17.97
CA LYS A 87 -8.69 -10.24 -19.12
C LYS A 87 -10.17 -10.47 -18.84
N ARG A 88 -10.95 -10.64 -19.90
CA ARG A 88 -12.37 -10.88 -19.76
C ARG A 88 -12.66 -12.38 -19.76
N LEU A 89 -11.60 -13.16 -19.92
CA LEU A 89 -11.71 -14.62 -19.93
C LEU A 89 -11.89 -15.14 -18.52
N ARG A 90 -12.69 -16.18 -18.38
CA ARG A 90 -12.96 -16.78 -17.07
C ARG A 90 -11.83 -17.71 -16.66
N LYS A 91 -12.02 -18.45 -15.58
CA LYS A 91 -11.00 -19.37 -15.08
C LYS A 91 -11.24 -20.80 -15.60
N GLN A 92 -12.40 -21.01 -16.21
CA GLN A 92 -12.77 -22.32 -16.76
C GLN A 92 -12.84 -23.38 -15.66
N GLY B 1 -17.20 12.73 -19.99
CA GLY B 1 -16.42 13.90 -19.52
C GLY B 1 -15.08 13.48 -18.93
N PRO B 2 -14.02 14.27 -19.17
CA PRO B 2 -12.69 13.98 -18.65
C PRO B 2 -12.59 14.28 -17.16
N LEU B 3 -11.76 13.52 -16.49
CA LEU B 3 -11.55 13.68 -15.06
C LEU B 3 -10.07 13.78 -14.76
N GLY B 4 -9.62 14.95 -14.34
CA GLY B 4 -8.22 15.13 -14.04
C GLY B 4 -7.71 16.48 -14.48
N SER B 5 -8.39 17.07 -15.46
CA SER B 5 -8.01 18.39 -16.01
C SER B 5 -7.85 19.44 -14.91
N GLU B 6 -8.95 19.79 -14.27
CA GLU B 6 -8.94 20.78 -13.19
C GLU B 6 -9.70 20.25 -11.99
N ASP B 7 -9.84 18.93 -11.95
CA ASP B 7 -10.53 18.25 -10.86
C ASP B 7 -9.85 16.92 -10.64
N ASP B 8 -9.41 16.66 -9.42
CA ASP B 8 -8.71 15.42 -9.13
C ASP B 8 -9.05 14.87 -7.75
N PRO B 9 -9.87 13.80 -7.70
CA PRO B 9 -10.24 13.16 -6.47
C PRO B 9 -9.22 12.08 -6.08
N ILE B 10 -8.81 12.06 -4.83
CA ILE B 10 -7.82 11.11 -4.38
C ILE B 10 -8.47 9.80 -3.94
N PRO B 11 -8.06 8.68 -4.54
CA PRO B 11 -8.60 7.36 -4.22
C PRO B 11 -8.02 6.81 -2.91
N ASP B 12 -8.83 5.98 -2.22
CA ASP B 12 -8.45 5.38 -0.94
C ASP B 12 -7.14 4.59 -1.05
N GLU B 13 -6.77 4.20 -2.27
CA GLU B 13 -5.55 3.43 -2.50
C GLU B 13 -4.28 4.21 -2.17
N LEU B 14 -4.39 5.51 -1.95
CA LEU B 14 -3.24 6.33 -1.61
C LEU B 14 -3.69 7.61 -0.92
N LEU B 15 -4.87 7.52 -0.32
CA LEU B 15 -5.47 8.65 0.37
C LEU B 15 -5.56 8.40 1.88
N CYS B 16 -4.99 9.31 2.67
CA CYS B 16 -5.04 9.19 4.12
C CYS B 16 -6.43 9.55 4.60
N LEU B 17 -7.13 8.60 5.18
CA LEU B 17 -8.47 8.87 5.66
C LEU B 17 -8.40 9.77 6.89
N ILE B 18 -7.28 9.75 7.60
CA ILE B 18 -7.13 10.56 8.82
C ILE B 18 -7.33 12.04 8.51
N CYS B 19 -6.64 12.56 7.50
CA CYS B 19 -6.78 13.96 7.14
C CYS B 19 -7.58 14.12 5.84
N LYS B 20 -8.08 13.00 5.33
CA LYS B 20 -8.87 12.99 4.08
C LYS B 20 -8.10 13.60 2.91
N ASP B 21 -6.78 13.42 2.90
CA ASP B 21 -5.95 13.95 1.81
C ASP B 21 -4.77 13.03 1.55
N ILE B 22 -4.10 13.26 0.43
CA ILE B 22 -2.93 12.46 0.06
C ILE B 22 -1.76 12.72 1.01
N MET B 23 -0.90 11.72 1.18
CA MET B 23 0.23 11.85 2.09
C MET B 23 1.51 11.41 1.42
N THR B 24 2.62 11.76 2.04
CA THR B 24 3.92 11.40 1.52
C THR B 24 4.63 10.50 2.54
N ASP B 25 5.39 9.53 2.05
CA ASP B 25 6.10 8.58 2.91
C ASP B 25 5.13 7.86 3.85
N ALA B 26 4.02 7.42 3.27
CA ALA B 26 2.98 6.72 4.01
C ALA B 26 3.48 5.45 4.67
N VAL B 27 2.94 5.15 5.84
CA VAL B 27 3.29 3.96 6.59
C VAL B 27 2.09 3.05 6.72
N VAL B 28 2.32 1.82 7.14
CA VAL B 28 1.23 0.85 7.27
C VAL B 28 1.04 0.46 8.73
N ILE B 29 -0.19 0.15 9.08
CA ILE B 29 -0.52 -0.25 10.42
C ILE B 29 -0.80 -1.77 10.47
N PRO B 30 -0.03 -2.50 11.27
CA PRO B 30 -0.14 -3.96 11.36
C PRO B 30 -1.37 -4.45 12.11
N CYS B 31 -2.27 -3.55 12.45
CA CYS B 31 -3.47 -3.93 13.15
C CYS B 31 -4.60 -4.22 12.16
N CYS B 32 -4.54 -3.59 10.99
CA CYS B 32 -5.56 -3.79 9.97
C CYS B 32 -4.91 -3.81 8.58
N GLY B 33 -4.06 -2.82 8.30
CA GLY B 33 -3.38 -2.78 7.03
C GLY B 33 -3.54 -1.46 6.28
N ASN B 34 -4.32 -0.56 6.83
CA ASN B 34 -4.53 0.74 6.20
C ASN B 34 -3.27 1.60 6.31
N SER B 35 -3.07 2.49 5.35
CA SER B 35 -1.89 3.35 5.34
C SER B 35 -2.26 4.83 5.49
N TYR B 36 -1.47 5.54 6.26
CA TYR B 36 -1.70 6.97 6.49
C TYR B 36 -0.39 7.69 6.68
N CYS B 37 -0.46 9.01 6.78
CA CYS B 37 0.71 9.82 7.03
C CYS B 37 1.38 9.33 8.31
N ASP B 38 2.70 9.27 8.31
CA ASP B 38 3.43 8.81 9.50
C ASP B 38 3.07 9.65 10.72
N GLU B 39 2.88 10.93 10.49
CA GLU B 39 2.52 11.86 11.55
C GLU B 39 1.07 11.67 12.00
N CYS B 40 0.18 11.48 11.02
CA CYS B 40 -1.23 11.30 11.30
C CYS B 40 -1.48 10.06 12.15
N ILE B 41 -1.01 8.91 11.66
CA ILE B 41 -1.19 7.65 12.36
C ILE B 41 -0.51 7.68 13.73
N ARG B 42 0.64 8.35 13.80
CA ARG B 42 1.38 8.47 15.05
C ARG B 42 0.55 9.22 16.07
N THR B 43 -0.05 10.31 15.64
CA THR B 43 -0.87 11.14 16.52
C THR B 43 -2.10 10.38 17.02
N ALA B 44 -2.76 9.65 16.11
CA ALA B 44 -3.96 8.89 16.46
C ALA B 44 -3.71 7.94 17.63
N LEU B 45 -2.61 7.20 17.58
CA LEU B 45 -2.28 6.27 18.65
C LEU B 45 -1.80 7.00 19.90
N LEU B 46 -1.07 8.09 19.70
CA LEU B 46 -0.54 8.87 20.81
C LEU B 46 -1.66 9.50 21.64
N GLU B 47 -2.76 9.89 21.01
CA GLU B 47 -3.87 10.50 21.71
C GLU B 47 -4.84 9.47 22.27
N SER B 48 -4.57 8.20 21.97
CA SER B 48 -5.41 7.11 22.44
C SER B 48 -4.62 6.21 23.40
N ASP B 49 -5.03 6.20 24.66
CA ASP B 49 -4.34 5.39 25.66
C ASP B 49 -4.44 3.91 25.34
N GLU B 50 -5.60 3.51 24.87
CA GLU B 50 -5.86 2.12 24.51
C GLU B 50 -5.34 1.82 23.10
N HIS B 51 -4.76 2.83 22.46
CA HIS B 51 -4.20 2.70 21.13
C HIS B 51 -5.28 2.40 20.10
N THR B 52 -6.36 3.17 20.16
CA THR B 52 -7.47 3.01 19.23
C THR B 52 -7.07 3.40 17.81
N CYS B 53 -7.11 2.42 16.90
CA CYS B 53 -6.77 2.68 15.51
C CYS B 53 -7.79 3.63 14.89
N PRO B 54 -7.32 4.56 14.05
CA PRO B 54 -8.17 5.55 13.39
C PRO B 54 -8.86 5.02 12.13
N THR B 55 -9.20 3.75 12.16
CA THR B 55 -9.85 3.13 11.02
C THR B 55 -10.57 1.84 11.42
N CYS B 56 -9.90 0.97 12.17
CA CYS B 56 -10.51 -0.27 12.61
C CYS B 56 -10.80 -0.21 14.10
N HIS B 57 -10.23 0.81 14.74
CA HIS B 57 -10.40 1.05 16.17
C HIS B 57 -9.86 -0.11 17.00
N GLN B 58 -8.66 -0.55 16.64
CA GLN B 58 -7.98 -1.63 17.35
C GLN B 58 -7.55 -1.16 18.73
N ASN B 59 -7.02 -2.08 19.54
CA ASN B 59 -6.61 -1.74 20.91
C ASN B 59 -5.23 -2.29 21.27
N ASP B 60 -4.39 -2.54 20.28
CA ASP B 60 -3.06 -3.10 20.56
C ASP B 60 -2.06 -2.71 19.49
N VAL B 61 -2.15 -1.48 19.05
CA VAL B 61 -1.24 -0.98 18.04
C VAL B 61 -0.21 -0.08 18.71
N SER B 62 0.68 0.53 17.92
CA SER B 62 1.69 1.42 18.47
C SER B 62 2.42 2.14 17.35
N PRO B 63 2.97 3.33 17.65
CA PRO B 63 3.70 4.14 16.67
C PRO B 63 5.07 3.56 16.35
N ASP B 64 5.43 2.51 17.07
CA ASP B 64 6.70 1.84 16.88
C ASP B 64 6.52 0.62 15.98
N ALA B 65 5.25 0.24 15.74
CA ALA B 65 4.94 -0.90 14.90
C ALA B 65 4.55 -0.48 13.49
N LEU B 66 4.77 0.78 13.18
CA LEU B 66 4.44 1.32 11.87
C LEU B 66 5.50 0.89 10.86
N ILE B 67 5.08 0.20 9.83
CA ILE B 67 6.00 -0.30 8.82
C ILE B 67 6.02 0.64 7.61
N ALA B 68 6.99 0.45 6.72
CA ALA B 68 7.14 1.31 5.56
C ALA B 68 6.40 0.76 4.35
N ASN B 69 5.27 1.38 4.00
CA ASN B 69 4.51 0.93 2.85
C ASN B 69 5.14 1.50 1.59
N LYS B 70 6.18 0.82 1.16
CA LYS B 70 6.93 1.20 -0.03
C LYS B 70 6.03 1.50 -1.21
N PHE B 71 5.19 0.53 -1.52
CA PHE B 71 4.27 0.61 -2.63
C PHE B 71 3.39 1.86 -2.54
N LEU B 72 2.90 2.15 -1.35
CA LEU B 72 2.05 3.31 -1.12
C LEU B 72 2.76 4.59 -1.51
N ARG B 73 3.94 4.78 -0.92
CA ARG B 73 4.77 5.96 -1.18
C ARG B 73 5.04 6.12 -2.68
N GLN B 74 5.24 4.99 -3.34
CA GLN B 74 5.50 4.99 -4.77
C GLN B 74 4.26 5.45 -5.55
N ALA B 75 3.11 4.91 -5.18
CA ALA B 75 1.85 5.25 -5.83
C ALA B 75 1.57 6.75 -5.70
N VAL B 76 1.73 7.26 -4.48
CA VAL B 76 1.51 8.68 -4.21
C VAL B 76 2.36 9.54 -5.13
N ASN B 77 3.63 9.16 -5.29
CA ASN B 77 4.56 9.89 -6.14
C ASN B 77 4.11 9.90 -7.60
N ASN B 78 3.63 8.76 -8.08
CA ASN B 78 3.17 8.65 -9.46
C ASN B 78 1.88 9.43 -9.65
N PHE B 79 0.92 9.18 -8.76
CA PHE B 79 -0.37 9.84 -8.81
C PHE B 79 -0.20 11.37 -8.86
N LYS B 80 0.60 11.88 -7.94
CA LYS B 80 0.87 13.31 -7.87
C LYS B 80 1.36 13.86 -9.20
N ASN B 81 2.27 13.14 -9.84
CA ASN B 81 2.84 13.58 -11.11
C ASN B 81 1.87 13.41 -12.28
N GLU B 82 1.11 12.33 -12.27
CA GLU B 82 0.16 12.05 -13.34
C GLU B 82 -0.95 13.09 -13.41
N THR B 83 -1.62 13.33 -12.30
CA THR B 83 -2.72 14.28 -12.27
C THR B 83 -2.22 15.72 -12.07
N GLY B 84 -1.02 15.87 -11.55
CA GLY B 84 -0.47 17.20 -11.32
C GLY B 84 -0.86 17.75 -9.96
N TYR B 85 -1.00 16.86 -8.99
CA TYR B 85 -1.37 17.26 -7.64
C TYR B 85 -0.15 17.77 -6.88
N THR B 86 -0.32 18.87 -6.18
CA THR B 86 0.74 19.46 -5.37
C THR B 86 0.19 20.51 -4.42
N LYS B 87 0.86 20.69 -3.30
CA LYS B 87 0.43 21.66 -2.31
C LYS B 87 1.18 22.97 -2.49
N ARG B 88 0.53 24.07 -2.16
CA ARG B 88 1.13 25.38 -2.27
C ARG B 88 1.26 26.01 -0.89
N LEU B 89 1.42 25.15 0.12
CA LEU B 89 1.55 25.59 1.49
C LEU B 89 3.00 25.91 1.82
N ARG B 90 3.21 26.70 2.86
CA ARG B 90 4.54 27.10 3.28
C ARG B 90 5.15 26.06 4.22
N LYS B 91 6.27 26.41 4.84
CA LYS B 91 6.96 25.54 5.77
C LYS B 91 6.33 25.63 7.16
N GLN B 92 5.02 25.80 7.18
CA GLN B 92 4.28 25.90 8.43
C GLN B 92 4.29 24.57 9.19
ZN ZN C . 3.49 -12.43 -6.32
ZN ZN D . 10.73 -7.87 4.71
ZN ZN E . -2.99 11.98 6.96
ZN ZN F . -6.12 -0.52 12.45
N GLY A 1 0.78 14.22 -26.62
CA GLY A 1 2.06 13.57 -26.98
C GLY A 1 1.84 12.17 -27.52
N PRO A 2 2.69 11.20 -27.15
CA PRO A 2 2.58 9.82 -27.61
C PRO A 2 1.41 9.09 -26.97
N LEU A 3 1.11 7.90 -27.48
CA LEU A 3 0.02 7.09 -26.95
C LEU A 3 0.52 6.22 -25.80
N GLY A 4 0.05 6.52 -24.61
CA GLY A 4 0.46 5.78 -23.44
C GLY A 4 -0.60 5.79 -22.36
N SER A 5 -1.85 5.68 -22.76
CA SER A 5 -2.95 5.67 -21.81
C SER A 5 -3.32 4.25 -21.42
N GLU A 6 -3.54 3.42 -22.43
CA GLU A 6 -3.90 2.02 -22.19
C GLU A 6 -2.65 1.13 -22.25
N ASP A 7 -1.51 1.74 -22.50
CA ASP A 7 -0.26 1.01 -22.59
C ASP A 7 0.66 1.35 -21.42
N ASP A 8 0.81 0.43 -20.48
CA ASP A 8 1.66 0.63 -19.33
C ASP A 8 1.84 -0.69 -18.57
N PRO A 9 3.09 -1.05 -18.26
CA PRO A 9 3.41 -2.28 -17.52
C PRO A 9 2.95 -2.21 -16.07
N ILE A 10 3.26 -3.24 -15.29
CA ILE A 10 2.87 -3.26 -13.89
C ILE A 10 3.87 -2.46 -13.07
N PRO A 11 3.39 -1.43 -12.37
CA PRO A 11 4.24 -0.61 -11.51
C PRO A 11 4.49 -1.28 -10.15
N ASP A 12 5.64 -1.00 -9.55
CA ASP A 12 6.02 -1.60 -8.28
C ASP A 12 5.10 -1.17 -7.14
N GLU A 13 4.22 -0.20 -7.40
CA GLU A 13 3.28 0.26 -6.40
C GLU A 13 2.11 -0.72 -6.27
N LEU A 14 2.11 -1.76 -7.09
CA LEU A 14 1.08 -2.79 -7.05
C LEU A 14 1.58 -4.07 -7.71
N LEU A 15 2.90 -4.16 -7.87
CA LEU A 15 3.56 -5.30 -8.48
C LEU A 15 4.14 -6.25 -7.42
N CYS A 16 3.87 -7.54 -7.54
CA CYS A 16 4.43 -8.53 -6.63
C CYS A 16 5.84 -8.83 -7.08
N LEU A 17 6.81 -8.43 -6.28
CA LEU A 17 8.21 -8.67 -6.60
C LEU A 17 8.49 -10.15 -6.77
N ILE A 18 7.87 -10.96 -5.92
CA ILE A 18 8.07 -12.40 -5.91
C ILE A 18 7.80 -13.05 -7.26
N CYS A 19 6.61 -12.83 -7.82
CA CYS A 19 6.28 -13.43 -9.10
C CYS A 19 6.43 -12.43 -10.26
N LYS A 20 6.95 -11.25 -9.94
CA LYS A 20 7.17 -10.18 -10.94
C LYS A 20 5.91 -9.84 -11.73
N ASP A 21 4.73 -9.94 -11.12
CA ASP A 21 3.49 -9.62 -11.80
C ASP A 21 2.48 -9.02 -10.82
N ILE A 22 1.33 -8.60 -11.33
CA ILE A 22 0.30 -8.02 -10.48
C ILE A 22 -0.39 -9.10 -9.66
N MET A 23 -1.01 -8.73 -8.56
CA MET A 23 -1.68 -9.70 -7.70
C MET A 23 -2.98 -9.18 -7.15
N THR A 24 -3.78 -10.10 -6.65
CA THR A 24 -5.06 -9.75 -6.06
C THR A 24 -5.02 -10.07 -4.57
N ASP A 25 -5.76 -9.29 -3.77
CA ASP A 25 -5.79 -9.47 -2.32
C ASP A 25 -4.38 -9.38 -1.74
N ALA A 26 -3.65 -8.38 -2.20
CA ALA A 26 -2.26 -8.17 -1.76
C ALA A 26 -2.16 -7.90 -0.27
N VAL A 27 -1.16 -8.48 0.35
CA VAL A 27 -0.92 -8.32 1.77
C VAL A 27 0.41 -7.59 1.99
N VAL A 28 0.62 -7.10 3.20
CA VAL A 28 1.82 -6.37 3.54
C VAL A 28 2.64 -7.12 4.57
N ILE A 29 3.95 -6.95 4.51
CA ILE A 29 4.85 -7.60 5.45
C ILE A 29 5.37 -6.56 6.46
N PRO A 30 5.14 -6.82 7.76
CA PRO A 30 5.51 -5.90 8.84
C PRO A 30 7.00 -5.84 9.13
N CYS A 31 7.80 -6.44 8.28
CA CYS A 31 9.24 -6.42 8.46
C CYS A 31 9.87 -5.28 7.66
N CYS A 32 9.26 -4.94 6.54
CA CYS A 32 9.78 -3.87 5.70
C CYS A 32 8.64 -2.99 5.21
N GLY A 33 7.59 -3.62 4.70
CA GLY A 33 6.43 -2.87 4.24
C GLY A 33 6.04 -3.18 2.80
N ASN A 34 6.83 -4.00 2.13
CA ASN A 34 6.53 -4.38 0.76
C ASN A 34 5.30 -5.28 0.70
N SER A 35 4.58 -5.23 -0.40
CA SER A 35 3.37 -6.05 -0.57
C SER A 35 3.51 -7.04 -1.70
N TYR A 36 3.00 -8.25 -1.48
CA TYR A 36 3.05 -9.32 -2.49
C TYR A 36 1.83 -10.20 -2.34
N CYS A 37 1.67 -11.15 -3.26
CA CYS A 37 0.57 -12.09 -3.19
C CYS A 37 0.59 -12.80 -1.85
N ASP A 38 -0.58 -13.04 -1.27
CA ASP A 38 -0.67 -13.72 0.01
C ASP A 38 -0.02 -15.10 -0.09
N GLU A 39 -0.19 -15.73 -1.23
CA GLU A 39 0.39 -17.05 -1.47
C GLU A 39 1.90 -16.98 -1.66
N CYS A 40 2.34 -16.00 -2.44
CA CYS A 40 3.76 -15.83 -2.71
C CYS A 40 4.55 -15.54 -1.45
N ILE A 41 4.13 -14.53 -0.70
CA ILE A 41 4.82 -14.15 0.52
C ILE A 41 4.78 -15.29 1.55
N ARG A 42 3.66 -16.01 1.57
CA ARG A 42 3.50 -17.13 2.49
C ARG A 42 4.56 -18.18 2.19
N THR A 43 4.72 -18.50 0.91
CA THR A 43 5.68 -19.49 0.46
C THR A 43 7.11 -19.12 0.86
N ALA A 44 7.49 -17.87 0.66
CA ALA A 44 8.84 -17.41 0.98
C ALA A 44 9.18 -17.69 2.44
N LEU A 45 8.27 -17.35 3.34
CA LEU A 45 8.49 -17.56 4.77
C LEU A 45 8.40 -19.04 5.14
N LEU A 46 7.58 -19.79 4.41
CA LEU A 46 7.41 -21.21 4.66
C LEU A 46 8.66 -22.00 4.25
N GLU A 47 9.22 -21.67 3.10
CA GLU A 47 10.41 -22.36 2.60
C GLU A 47 11.63 -21.97 3.44
N SER A 48 11.78 -20.68 3.71
CA SER A 48 12.90 -20.20 4.49
C SER A 48 12.63 -20.39 5.98
N ASP A 49 13.28 -21.39 6.57
CA ASP A 49 13.12 -21.70 8.00
C ASP A 49 13.50 -20.53 8.89
N GLU A 50 14.41 -19.69 8.39
CA GLU A 50 14.86 -18.52 9.14
C GLU A 50 13.96 -17.31 8.88
N HIS A 51 12.88 -17.55 8.11
CA HIS A 51 11.91 -16.51 7.79
C HIS A 51 12.55 -15.39 6.97
N THR A 52 13.30 -15.77 5.95
CA THR A 52 13.96 -14.83 5.07
C THR A 52 12.95 -14.08 4.21
N CYS A 53 12.90 -12.76 4.37
CA CYS A 53 11.98 -11.96 3.58
C CYS A 53 12.46 -11.89 2.13
N PRO A 54 11.53 -12.04 1.17
CA PRO A 54 11.85 -12.01 -0.26
C PRO A 54 12.01 -10.60 -0.81
N THR A 55 12.65 -9.75 -0.04
CA THR A 55 12.83 -8.37 -0.45
C THR A 55 13.89 -7.67 0.41
N CYS A 56 13.78 -7.79 1.73
CA CYS A 56 14.72 -7.16 2.64
C CYS A 56 15.61 -8.22 3.27
N HIS A 57 15.24 -9.48 3.08
CA HIS A 57 15.98 -10.62 3.61
C HIS A 57 16.02 -10.59 5.13
N GLN A 58 14.85 -10.33 5.72
CA GLN A 58 14.72 -10.30 7.16
C GLN A 58 14.79 -11.72 7.71
N ASN A 59 14.81 -11.86 9.03
CA ASN A 59 14.90 -13.18 9.65
C ASN A 59 14.05 -13.26 10.92
N ASP A 60 12.95 -12.52 10.94
CA ASP A 60 12.07 -12.50 12.11
C ASP A 60 10.63 -12.17 11.70
N VAL A 61 10.28 -12.55 10.49
CA VAL A 61 8.94 -12.31 9.99
C VAL A 61 8.10 -13.56 10.16
N SER A 62 6.88 -13.57 9.63
CA SER A 62 6.01 -14.73 9.73
C SER A 62 4.78 -14.57 8.84
N PRO A 63 4.25 -15.70 8.34
CA PRO A 63 3.08 -15.68 7.46
C PRO A 63 1.80 -15.35 8.23
N ASP A 64 1.91 -15.32 9.54
CA ASP A 64 0.77 -15.02 10.39
C ASP A 64 0.79 -13.55 10.80
N ALA A 65 1.83 -12.85 10.37
CA ALA A 65 1.98 -11.43 10.68
C ALA A 65 1.62 -10.57 9.48
N LEU A 66 1.17 -11.22 8.41
CA LEU A 66 0.80 -10.52 7.19
C LEU A 66 -0.46 -9.70 7.42
N ILE A 67 -0.43 -8.46 6.96
CA ILE A 67 -1.57 -7.57 7.14
C ILE A 67 -2.27 -7.32 5.80
N ALA A 68 -3.46 -6.72 5.85
CA ALA A 68 -4.23 -6.46 4.63
C ALA A 68 -3.98 -5.06 4.10
N ASN A 69 -3.25 -4.97 3.00
CA ASN A 69 -2.95 -3.67 2.41
C ASN A 69 -4.12 -3.20 1.58
N LYS A 70 -5.06 -2.58 2.26
CA LYS A 70 -6.29 -2.06 1.65
C LYS A 70 -6.02 -1.27 0.38
N PHE A 71 -5.07 -0.36 0.50
CA PHE A 71 -4.71 0.53 -0.59
C PHE A 71 -4.13 -0.24 -1.79
N LEU A 72 -3.34 -1.27 -1.49
CA LEU A 72 -2.72 -2.07 -2.54
C LEU A 72 -3.74 -2.72 -3.44
N ARG A 73 -4.60 -3.54 -2.87
CA ARG A 73 -5.63 -4.22 -3.64
C ARG A 73 -6.54 -3.22 -4.36
N GLN A 74 -6.76 -2.06 -3.75
CA GLN A 74 -7.59 -1.04 -4.36
C GLN A 74 -6.94 -0.53 -5.64
N ALA A 75 -5.65 -0.20 -5.54
CA ALA A 75 -4.88 0.27 -6.68
C ALA A 75 -4.89 -0.77 -7.80
N VAL A 76 -4.69 -2.02 -7.40
CA VAL A 76 -4.68 -3.15 -8.31
C VAL A 76 -6.01 -3.25 -9.05
N ASN A 77 -7.11 -3.18 -8.30
CA ASN A 77 -8.45 -3.27 -8.86
C ASN A 77 -8.68 -2.22 -9.93
N ASN A 78 -8.27 -1.00 -9.65
CA ASN A 78 -8.45 0.10 -10.57
C ASN A 78 -7.52 -0.06 -11.77
N PHE A 79 -6.27 -0.43 -11.50
CA PHE A 79 -5.27 -0.62 -12.54
C PHE A 79 -5.73 -1.66 -13.56
N LYS A 80 -6.12 -2.84 -13.08
CA LYS A 80 -6.57 -3.92 -13.95
C LYS A 80 -7.74 -3.49 -14.82
N ASN A 81 -8.60 -2.63 -14.28
CA ASN A 81 -9.78 -2.16 -15.01
C ASN A 81 -9.41 -1.11 -16.06
N GLU A 82 -8.47 -0.24 -15.73
CA GLU A 82 -8.04 0.82 -16.64
C GLU A 82 -7.20 0.25 -17.79
N THR A 83 -6.26 -0.62 -17.46
CA THR A 83 -5.38 -1.21 -18.47
C THR A 83 -6.06 -2.37 -19.20
N GLY A 84 -7.09 -2.93 -18.59
CA GLY A 84 -7.79 -4.03 -19.20
C GLY A 84 -7.06 -5.34 -18.98
N TYR A 85 -6.41 -5.45 -17.82
CA TYR A 85 -5.66 -6.64 -17.44
C TYR A 85 -6.57 -7.86 -17.39
N THR A 86 -7.40 -7.89 -16.39
CA THR A 86 -8.30 -9.00 -16.18
C THR A 86 -9.64 -8.76 -16.86
N LYS A 87 -10.57 -9.64 -16.57
CA LYS A 87 -11.91 -9.57 -17.13
C LYS A 87 -12.83 -10.48 -16.32
N ARG A 88 -14.11 -10.50 -16.66
CA ARG A 88 -15.07 -11.31 -15.93
C ARG A 88 -15.40 -12.57 -16.70
N LEU A 89 -15.13 -13.71 -16.08
CA LEU A 89 -15.39 -15.00 -16.70
C LEU A 89 -16.83 -15.43 -16.45
N ARG A 90 -17.50 -15.88 -17.49
CA ARG A 90 -18.88 -16.32 -17.40
C ARG A 90 -18.95 -17.80 -17.16
N LYS A 91 -17.99 -18.47 -17.73
CA LYS A 91 -17.85 -19.93 -17.62
C LYS A 91 -17.47 -20.35 -16.19
N GLN A 92 -18.17 -19.78 -15.23
CA GLN A 92 -17.94 -20.07 -13.82
C GLN A 92 -19.04 -20.99 -13.27
N GLY B 1 -26.30 15.43 -10.80
CA GLY B 1 -25.78 14.62 -9.67
C GLY B 1 -24.61 15.29 -8.98
N PRO B 2 -23.59 14.52 -8.58
CA PRO B 2 -22.41 15.06 -7.91
C PRO B 2 -21.42 15.69 -8.89
N LEU B 3 -20.21 15.93 -8.41
CA LEU B 3 -19.16 16.53 -9.23
C LEU B 3 -18.18 15.45 -9.67
N GLY B 4 -17.01 15.86 -10.13
CA GLY B 4 -16.02 14.90 -10.56
C GLY B 4 -15.79 14.93 -12.05
N SER B 5 -16.16 16.03 -12.69
CA SER B 5 -15.99 16.18 -14.13
C SER B 5 -14.60 16.71 -14.42
N GLU B 6 -14.30 17.87 -13.85
CA GLU B 6 -12.99 18.50 -14.05
C GLU B 6 -12.23 18.51 -12.73
N ASP B 7 -12.86 17.94 -11.71
CA ASP B 7 -12.27 17.88 -10.38
C ASP B 7 -11.25 16.76 -10.30
N ASP B 8 -10.24 16.94 -9.47
CA ASP B 8 -9.20 15.93 -9.29
C ASP B 8 -9.16 15.45 -7.84
N PRO B 9 -9.94 14.41 -7.52
CA PRO B 9 -9.97 13.85 -6.18
C PRO B 9 -8.85 12.83 -5.94
N ILE B 10 -8.51 12.61 -4.68
CA ILE B 10 -7.46 11.68 -4.33
C ILE B 10 -8.06 10.34 -3.89
N PRO B 11 -7.71 9.24 -4.58
CA PRO B 11 -8.23 7.91 -4.27
C PRO B 11 -7.75 7.38 -2.92
N ASP B 12 -8.55 6.53 -2.31
CA ASP B 12 -8.25 5.96 -0.99
C ASP B 12 -7.07 4.99 -1.06
N GLU B 13 -6.59 4.72 -2.27
CA GLU B 13 -5.45 3.82 -2.43
C GLU B 13 -4.12 4.55 -2.21
N LEU B 14 -4.19 5.84 -1.88
CA LEU B 14 -2.98 6.62 -1.62
C LEU B 14 -3.32 7.89 -0.86
N LEU B 15 -4.51 7.90 -0.29
CA LEU B 15 -4.98 9.04 0.47
C LEU B 15 -5.14 8.68 1.95
N CYS B 16 -4.70 9.59 2.82
CA CYS B 16 -4.80 9.39 4.26
C CYS B 16 -6.24 9.61 4.70
N LEU B 17 -6.77 8.66 5.43
CA LEU B 17 -8.14 8.76 5.91
C LEU B 17 -8.23 9.79 7.03
N ILE B 18 -7.19 9.83 7.85
CA ILE B 18 -7.13 10.72 9.00
C ILE B 18 -7.32 12.18 8.60
N CYS B 19 -6.50 12.69 7.70
CA CYS B 19 -6.61 14.07 7.27
C CYS B 19 -7.42 14.18 5.98
N LYS B 20 -7.93 13.05 5.51
CA LYS B 20 -8.72 12.98 4.28
C LYS B 20 -7.98 13.60 3.08
N ASP B 21 -6.66 13.47 3.05
CA ASP B 21 -5.87 14.00 1.95
C ASP B 21 -4.64 13.13 1.70
N ILE B 22 -3.95 13.39 0.60
CA ILE B 22 -2.75 12.63 0.24
C ILE B 22 -1.62 12.89 1.23
N MET B 23 -0.67 11.97 1.30
CA MET B 23 0.44 12.10 2.23
C MET B 23 1.74 11.58 1.62
N THR B 24 2.84 11.95 2.23
CA THR B 24 4.15 11.52 1.78
C THR B 24 4.78 10.64 2.87
N ASP B 25 5.62 9.68 2.44
CA ASP B 25 6.27 8.75 3.37
C ASP B 25 5.22 7.98 4.17
N ALA B 26 4.16 7.57 3.47
CA ALA B 26 3.05 6.84 4.07
C ALA B 26 3.50 5.54 4.73
N VAL B 27 2.95 5.28 5.91
CA VAL B 27 3.26 4.08 6.66
C VAL B 27 2.03 3.18 6.76
N VAL B 28 2.25 1.94 7.15
CA VAL B 28 1.16 0.98 7.27
C VAL B 28 0.96 0.55 8.71
N ILE B 29 -0.27 0.24 9.06
CA ILE B 29 -0.60 -0.19 10.40
C ILE B 29 -0.89 -1.70 10.41
N PRO B 30 -0.13 -2.45 11.22
CA PRO B 30 -0.24 -3.91 11.28
C PRO B 30 -1.49 -4.42 11.99
N CYS B 31 -2.39 -3.54 12.35
CA CYS B 31 -3.61 -3.94 13.02
C CYS B 31 -4.70 -4.22 11.99
N CYS B 32 -4.64 -3.52 10.87
CA CYS B 32 -5.64 -3.70 9.82
C CYS B 32 -4.96 -3.71 8.44
N GLY B 33 -4.14 -2.70 8.19
CA GLY B 33 -3.44 -2.64 6.92
C GLY B 33 -3.61 -1.33 6.19
N ASN B 34 -4.38 -0.42 6.77
CA ASN B 34 -4.59 0.89 6.15
C ASN B 34 -3.34 1.75 6.31
N SER B 35 -3.14 2.67 5.36
CA SER B 35 -1.98 3.54 5.38
C SER B 35 -2.36 5.01 5.58
N TYR B 36 -1.58 5.71 6.38
CA TYR B 36 -1.82 7.12 6.66
C TYR B 36 -0.49 7.81 6.90
N CYS B 37 -0.54 9.13 7.03
CA CYS B 37 0.66 9.90 7.31
C CYS B 37 1.32 9.39 8.59
N ASP B 38 2.64 9.38 8.62
CA ASP B 38 3.37 8.91 9.79
C ASP B 38 2.95 9.71 11.02
N GLU B 39 2.81 11.02 10.82
CA GLU B 39 2.42 11.94 11.88
C GLU B 39 0.96 11.74 12.27
N CYS B 40 0.09 11.56 11.29
CA CYS B 40 -1.33 11.38 11.54
C CYS B 40 -1.60 10.11 12.34
N ILE B 41 -1.09 8.99 11.84
CA ILE B 41 -1.29 7.71 12.50
C ILE B 41 -0.65 7.69 13.89
N ARG B 42 0.50 8.34 14.01
CA ARG B 42 1.19 8.41 15.28
C ARG B 42 0.30 9.10 16.31
N THR B 43 -0.18 10.27 15.95
CA THR B 43 -1.05 11.07 16.81
C THR B 43 -2.27 10.29 17.28
N ALA B 44 -2.89 9.53 16.36
CA ALA B 44 -4.08 8.75 16.70
C ALA B 44 -3.81 7.78 17.85
N LEU B 45 -2.68 7.08 17.77
CA LEU B 45 -2.30 6.12 18.81
C LEU B 45 -1.83 6.82 20.07
N LEU B 46 -1.22 7.99 19.92
CA LEU B 46 -0.72 8.75 21.06
C LEU B 46 -1.86 9.35 21.87
N GLU B 47 -2.87 9.87 21.18
CA GLU B 47 -4.01 10.48 21.85
C GLU B 47 -4.90 9.44 22.49
N SER B 48 -4.90 8.24 21.96
CA SER B 48 -5.72 7.16 22.50
C SER B 48 -4.88 6.22 23.35
N ASP B 49 -5.06 6.29 24.66
CA ASP B 49 -4.32 5.44 25.60
C ASP B 49 -4.63 3.96 25.39
N GLU B 50 -5.74 3.67 24.73
CA GLU B 50 -6.14 2.29 24.46
C GLU B 50 -5.66 1.85 23.07
N HIS B 51 -4.92 2.75 22.41
CA HIS B 51 -4.38 2.47 21.07
C HIS B 51 -5.46 2.26 20.04
N THR B 52 -6.47 3.13 20.06
CA THR B 52 -7.58 3.06 19.13
C THR B 52 -7.13 3.41 17.71
N CYS B 53 -7.29 2.47 16.79
CA CYS B 53 -6.93 2.70 15.41
C CYS B 53 -7.94 3.64 14.76
N PRO B 54 -7.45 4.60 13.95
CA PRO B 54 -8.30 5.57 13.27
C PRO B 54 -8.94 5.03 12.01
N THR B 55 -9.37 3.79 12.07
CA THR B 55 -9.99 3.16 10.91
C THR B 55 -10.75 1.88 11.31
N CYS B 56 -10.08 1.00 12.04
CA CYS B 56 -10.70 -0.24 12.48
C CYS B 56 -11.02 -0.19 13.97
N HIS B 57 -10.49 0.85 14.61
CA HIS B 57 -10.70 1.08 16.03
C HIS B 57 -10.18 -0.09 16.86
N GLN B 58 -8.97 -0.52 16.51
CA GLN B 58 -8.30 -1.60 17.22
C GLN B 58 -7.87 -1.11 18.59
N ASN B 59 -7.45 -2.02 19.47
CA ASN B 59 -7.03 -1.63 20.81
C ASN B 59 -5.71 -2.29 21.19
N ASP B 60 -4.90 -2.63 20.20
CA ASP B 60 -3.63 -3.29 20.46
C ASP B 60 -2.61 -2.95 19.37
N VAL B 61 -2.59 -1.69 19.00
CA VAL B 61 -1.64 -1.23 18.00
C VAL B 61 -0.58 -0.38 18.68
N SER B 62 0.30 0.24 17.90
CA SER B 62 1.35 1.08 18.47
C SER B 62 2.07 1.86 17.38
N PRO B 63 2.57 3.06 17.72
CA PRO B 63 3.27 3.92 16.77
C PRO B 63 4.69 3.42 16.48
N ASP B 64 5.07 2.35 17.16
CA ASP B 64 6.38 1.75 16.98
C ASP B 64 6.27 0.51 16.09
N ALA B 65 5.04 0.18 15.70
CA ALA B 65 4.81 -0.99 14.86
C ALA B 65 4.49 -0.57 13.43
N LEU B 66 4.65 0.71 13.15
CA LEU B 66 4.38 1.25 11.83
C LEU B 66 5.44 0.80 10.85
N ILE B 67 5.01 0.27 9.71
CA ILE B 67 5.92 -0.22 8.70
C ILE B 67 5.96 0.74 7.50
N ALA B 68 6.88 0.52 6.58
CA ALA B 68 7.02 1.41 5.42
C ALA B 68 6.29 0.87 4.20
N ASN B 69 5.16 1.47 3.87
CA ASN B 69 4.39 1.05 2.71
C ASN B 69 5.04 1.60 1.47
N LYS B 70 6.03 0.87 0.99
CA LYS B 70 6.79 1.24 -0.19
C LYS B 70 5.89 1.58 -1.37
N PHE B 71 4.94 0.70 -1.61
CA PHE B 71 4.01 0.84 -2.72
C PHE B 71 3.18 2.12 -2.60
N LEU B 72 2.77 2.42 -1.38
CA LEU B 72 1.97 3.62 -1.11
C LEU B 72 2.75 4.86 -1.51
N ARG B 73 3.93 4.98 -0.94
CA ARG B 73 4.82 6.11 -1.20
C ARG B 73 5.09 6.25 -2.70
N GLN B 74 5.25 5.13 -3.37
CA GLN B 74 5.51 5.13 -4.81
C GLN B 74 4.31 5.66 -5.57
N ALA B 75 3.13 5.12 -5.28
CA ALA B 75 1.91 5.55 -5.94
C ALA B 75 1.67 7.04 -5.74
N VAL B 76 1.83 7.49 -4.49
CA VAL B 76 1.65 8.90 -4.15
C VAL B 76 2.59 9.78 -4.96
N ASN B 77 3.86 9.36 -5.01
CA ASN B 77 4.89 10.11 -5.74
C ASN B 77 4.57 10.23 -7.23
N ASN B 78 4.00 9.17 -7.81
CA ASN B 78 3.65 9.20 -9.22
C ASN B 78 2.39 10.00 -9.43
N PHE B 79 1.42 9.80 -8.55
CA PHE B 79 0.14 10.50 -8.62
C PHE B 79 0.36 12.01 -8.58
N LYS B 80 1.13 12.49 -7.61
CA LYS B 80 1.42 13.91 -7.44
C LYS B 80 2.03 14.51 -8.71
N ASN B 81 2.78 13.70 -9.45
CA ASN B 81 3.43 14.17 -10.67
C ASN B 81 2.46 14.18 -11.86
N GLU B 82 1.57 13.19 -11.91
CA GLU B 82 0.62 13.09 -13.02
C GLU B 82 -0.50 14.12 -12.89
N THR B 83 -0.91 14.42 -11.67
CA THR B 83 -1.99 15.37 -11.43
C THR B 83 -1.45 16.78 -11.19
N GLY B 84 -0.15 16.87 -10.96
CA GLY B 84 0.46 18.16 -10.69
C GLY B 84 0.02 18.68 -9.35
N TYR B 85 -0.04 17.79 -8.37
CA TYR B 85 -0.45 18.12 -7.02
C TYR B 85 0.50 19.12 -6.39
N THR B 86 1.76 18.79 -6.48
CA THR B 86 2.82 19.62 -5.95
C THR B 86 2.94 20.92 -6.74
N LYS B 87 3.24 22.00 -6.06
CA LYS B 87 3.39 23.28 -6.71
C LYS B 87 4.75 23.88 -6.39
N ARG B 88 5.10 24.97 -7.05
CA ARG B 88 6.38 25.62 -6.83
C ARG B 88 6.20 26.94 -6.08
N LEU B 89 5.00 27.16 -5.58
CA LEU B 89 4.70 28.38 -4.84
C LEU B 89 5.29 28.29 -3.44
N ARG B 90 5.24 29.40 -2.71
CA ARG B 90 5.76 29.45 -1.35
C ARG B 90 4.64 29.75 -0.36
N LYS B 91 4.85 29.38 0.89
CA LYS B 91 3.85 29.59 1.94
C LYS B 91 3.72 31.06 2.30
N GLN B 92 4.70 31.86 1.87
CA GLN B 92 4.72 33.30 2.12
C GLN B 92 4.66 33.60 3.62
ZN ZN C . 3.18 -12.81 -6.33
ZN ZN D . 10.73 -7.73 4.53
ZN ZN E . -2.81 12.15 7.28
ZN ZN F . -6.28 -0.50 12.31
N GLY A 1 19.09 -1.57 -27.14
CA GLY A 1 18.49 -1.36 -25.79
C GLY A 1 17.47 -2.43 -25.46
N PRO A 2 16.86 -2.36 -24.27
CA PRO A 2 15.85 -3.34 -23.84
C PRO A 2 14.53 -3.15 -24.56
N LEU A 3 13.62 -4.10 -24.39
CA LEU A 3 12.33 -4.03 -25.04
C LEU A 3 11.32 -3.32 -24.14
N GLY A 4 10.91 -2.13 -24.56
CA GLY A 4 9.96 -1.36 -23.81
C GLY A 4 9.30 -0.30 -24.67
N SER A 5 8.82 -0.70 -25.84
CA SER A 5 8.18 0.22 -26.75
C SER A 5 6.69 -0.03 -26.81
N GLU A 6 6.30 -1.29 -26.98
CA GLU A 6 4.89 -1.66 -27.05
C GLU A 6 4.56 -2.66 -25.95
N ASP A 7 5.53 -2.90 -25.10
CA ASP A 7 5.39 -3.83 -23.99
C ASP A 7 4.62 -3.18 -22.86
N ASP A 8 3.85 -3.97 -22.12
CA ASP A 8 3.07 -3.45 -21.00
C ASP A 8 3.57 -4.03 -19.68
N PRO A 9 4.36 -3.25 -18.95
CA PRO A 9 4.91 -3.65 -17.66
C PRO A 9 4.04 -3.21 -16.48
N ILE A 10 4.35 -3.72 -15.30
CA ILE A 10 3.61 -3.40 -14.09
C ILE A 10 4.57 -2.81 -13.05
N PRO A 11 4.23 -1.63 -12.48
CA PRO A 11 5.06 -0.94 -11.49
C PRO A 11 5.18 -1.69 -10.15
N ASP A 12 6.32 -1.50 -9.49
CA ASP A 12 6.61 -2.17 -8.22
C ASP A 12 5.70 -1.67 -7.09
N GLU A 13 4.89 -0.66 -7.37
CA GLU A 13 3.99 -0.11 -6.36
C GLU A 13 2.69 -0.91 -6.27
N LEU A 14 2.57 -1.95 -7.09
CA LEU A 14 1.37 -2.78 -7.06
C LEU A 14 1.65 -4.13 -7.73
N LEU A 15 2.92 -4.38 -7.97
CA LEU A 15 3.34 -5.63 -8.59
C LEU A 15 4.07 -6.51 -7.57
N CYS A 16 3.77 -7.81 -7.59
CA CYS A 16 4.41 -8.75 -6.68
C CYS A 16 5.83 -8.99 -7.16
N LEU A 17 6.79 -8.75 -6.29
CA LEU A 17 8.18 -8.95 -6.62
C LEU A 17 8.48 -10.43 -6.78
N ILE A 18 7.83 -11.23 -5.95
CA ILE A 18 8.03 -12.68 -5.92
C ILE A 18 7.79 -13.32 -7.29
N CYS A 19 6.59 -13.17 -7.83
CA CYS A 19 6.29 -13.76 -9.13
C CYS A 19 6.50 -12.74 -10.26
N LYS A 20 6.97 -11.55 -9.89
CA LYS A 20 7.22 -10.47 -10.86
C LYS A 20 5.98 -10.16 -11.70
N ASP A 21 4.81 -10.23 -11.06
CA ASP A 21 3.55 -9.96 -11.74
C ASP A 21 2.56 -9.33 -10.77
N ILE A 22 1.51 -8.72 -11.29
CA ILE A 22 0.49 -8.10 -10.47
C ILE A 22 -0.25 -9.17 -9.66
N MET A 23 -0.83 -8.77 -8.53
CA MET A 23 -1.52 -9.70 -7.65
C MET A 23 -2.83 -9.13 -7.15
N THR A 24 -3.68 -10.02 -6.67
CA THR A 24 -4.97 -9.63 -6.12
C THR A 24 -4.99 -10.00 -4.64
N ASP A 25 -5.70 -9.22 -3.84
CA ASP A 25 -5.81 -9.44 -2.40
C ASP A 25 -4.42 -9.38 -1.75
N ALA A 26 -3.57 -8.50 -2.30
CA ALA A 26 -2.20 -8.31 -1.82
C ALA A 26 -2.15 -8.02 -0.32
N VAL A 27 -1.12 -8.56 0.32
CA VAL A 27 -0.93 -8.38 1.74
C VAL A 27 0.38 -7.63 1.99
N VAL A 28 0.56 -7.13 3.20
CA VAL A 28 1.76 -6.37 3.54
C VAL A 28 2.57 -7.11 4.60
N ILE A 29 3.88 -6.99 4.50
CA ILE A 29 4.78 -7.64 5.44
C ILE A 29 5.33 -6.60 6.44
N PRO A 30 5.11 -6.83 7.74
CA PRO A 30 5.52 -5.90 8.80
C PRO A 30 7.03 -5.87 9.06
N CYS A 31 7.79 -6.53 8.21
CA CYS A 31 9.23 -6.55 8.38
C CYS A 31 9.86 -5.41 7.60
N CYS A 32 9.26 -5.04 6.48
CA CYS A 32 9.78 -3.97 5.65
C CYS A 32 8.64 -3.07 5.17
N GLY A 33 7.59 -3.67 4.63
CA GLY A 33 6.45 -2.91 4.17
C GLY A 33 6.05 -3.24 2.74
N ASN A 34 6.80 -4.14 2.12
CA ASN A 34 6.51 -4.55 0.75
C ASN A 34 5.24 -5.41 0.70
N SER A 35 4.54 -5.37 -0.43
CA SER A 35 3.31 -6.14 -0.62
C SER A 35 3.45 -7.16 -1.75
N TYR A 36 2.94 -8.36 -1.53
CA TYR A 36 2.99 -9.43 -2.53
C TYR A 36 1.76 -10.31 -2.39
N CYS A 37 1.59 -11.27 -3.31
CA CYS A 37 0.48 -12.20 -3.24
C CYS A 37 0.53 -12.91 -1.89
N ASP A 38 -0.63 -13.12 -1.29
CA ASP A 38 -0.70 -13.79 0.01
C ASP A 38 -0.08 -15.18 -0.08
N GLU A 39 -0.30 -15.84 -1.21
CA GLU A 39 0.25 -17.18 -1.43
C GLU A 39 1.75 -17.13 -1.67
N CYS A 40 2.21 -16.13 -2.43
CA CYS A 40 3.61 -15.97 -2.74
C CYS A 40 4.42 -15.67 -1.48
N ILE A 41 4.02 -14.63 -0.76
CA ILE A 41 4.71 -14.22 0.46
C ILE A 41 4.68 -15.33 1.50
N ARG A 42 3.57 -16.06 1.55
CA ARG A 42 3.43 -17.15 2.49
C ARG A 42 4.48 -18.20 2.20
N THR A 43 4.53 -18.62 0.94
CA THR A 43 5.47 -19.63 0.47
C THR A 43 6.92 -19.26 0.81
N ALA A 44 7.26 -17.99 0.63
CA ALA A 44 8.60 -17.51 0.91
C ALA A 44 8.99 -17.79 2.36
N LEU A 45 8.09 -17.47 3.28
CA LEU A 45 8.33 -17.67 4.70
C LEU A 45 8.22 -19.15 5.07
N LEU A 46 7.36 -19.88 4.36
CA LEU A 46 7.17 -21.29 4.63
C LEU A 46 8.39 -22.12 4.23
N GLU A 47 8.94 -21.84 3.06
CA GLU A 47 10.11 -22.56 2.57
C GLU A 47 11.37 -22.18 3.35
N SER A 48 11.39 -20.97 3.88
CA SER A 48 12.54 -20.50 4.64
C SER A 48 12.33 -20.70 6.14
N ASP A 49 13.06 -21.65 6.71
CA ASP A 49 12.96 -21.95 8.13
C ASP A 49 13.34 -20.73 8.97
N GLU A 50 14.25 -19.93 8.45
CA GLU A 50 14.72 -18.74 9.13
C GLU A 50 13.82 -17.54 8.82
N HIS A 51 12.73 -17.80 8.09
CA HIS A 51 11.77 -16.75 7.74
C HIS A 51 12.43 -15.60 7.00
N THR A 52 13.21 -15.95 5.98
CA THR A 52 13.90 -14.96 5.17
C THR A 52 12.94 -14.23 4.25
N CYS A 53 12.76 -12.94 4.49
CA CYS A 53 11.89 -12.13 3.65
C CYS A 53 12.41 -12.10 2.21
N PRO A 54 11.49 -12.22 1.23
CA PRO A 54 11.84 -12.23 -0.20
C PRO A 54 12.05 -10.84 -0.77
N THR A 55 12.63 -9.96 0.02
CA THR A 55 12.86 -8.60 -0.42
C THR A 55 13.90 -7.89 0.46
N CYS A 56 13.73 -7.97 1.78
CA CYS A 56 14.65 -7.33 2.71
C CYS A 56 15.53 -8.38 3.37
N HIS A 57 15.15 -9.64 3.16
CA HIS A 57 15.88 -10.78 3.69
C HIS A 57 15.92 -10.76 5.20
N GLN A 58 14.77 -10.47 5.79
CA GLN A 58 14.63 -10.44 7.24
C GLN A 58 14.73 -11.86 7.78
N ASN A 59 14.80 -12.02 9.09
CA ASN A 59 14.94 -13.36 9.68
C ASN A 59 14.05 -13.56 10.90
N ASP A 60 12.87 -12.95 10.91
CA ASP A 60 11.97 -13.08 12.05
C ASP A 60 10.53 -12.71 11.67
N VAL A 61 10.20 -12.87 10.41
CA VAL A 61 8.86 -12.56 9.95
C VAL A 61 7.98 -13.81 10.08
N SER A 62 6.76 -13.76 9.57
CA SER A 62 5.86 -14.89 9.64
C SER A 62 4.60 -14.66 8.80
N PRO A 63 3.98 -15.74 8.31
CA PRO A 63 2.77 -15.66 7.48
C PRO A 63 1.53 -15.35 8.32
N ASP A 64 1.74 -15.19 9.61
CA ASP A 64 0.67 -14.88 10.54
C ASP A 64 0.58 -13.38 10.77
N ALA A 65 1.70 -12.69 10.52
CA ALA A 65 1.77 -11.25 10.72
C ALA A 65 1.46 -10.50 9.43
N LEU A 66 0.95 -11.21 8.43
CA LEU A 66 0.59 -10.61 7.16
C LEU A 66 -0.65 -9.76 7.34
N ILE A 67 -0.53 -8.49 7.00
CA ILE A 67 -1.64 -7.55 7.13
C ILE A 67 -2.35 -7.35 5.80
N ALA A 68 -3.51 -6.71 5.81
CA ALA A 68 -4.27 -6.50 4.59
C ALA A 68 -4.06 -5.10 4.02
N ASN A 69 -3.31 -5.01 2.93
CA ASN A 69 -3.04 -3.73 2.29
C ASN A 69 -4.18 -3.41 1.34
N LYS A 70 -5.30 -2.95 1.89
CA LYS A 70 -6.46 -2.61 1.06
C LYS A 70 -6.12 -1.54 0.05
N PHE A 71 -5.15 -0.70 0.36
CA PHE A 71 -4.71 0.35 -0.56
C PHE A 71 -4.11 -0.30 -1.80
N LEU A 72 -3.29 -1.32 -1.56
CA LEU A 72 -2.64 -2.07 -2.63
C LEU A 72 -3.70 -2.71 -3.51
N ARG A 73 -4.61 -3.41 -2.84
CA ARG A 73 -5.70 -4.09 -3.52
C ARG A 73 -6.52 -3.12 -4.37
N GLN A 74 -6.73 -1.91 -3.86
CA GLN A 74 -7.47 -0.90 -4.61
C GLN A 74 -6.69 -0.46 -5.83
N ALA A 75 -5.39 -0.19 -5.62
CA ALA A 75 -4.50 0.25 -6.69
C ALA A 75 -4.46 -0.77 -7.82
N VAL A 76 -4.32 -2.04 -7.44
CA VAL A 76 -4.29 -3.14 -8.40
C VAL A 76 -5.57 -3.19 -9.22
N ASN A 77 -6.71 -3.10 -8.54
CA ASN A 77 -8.00 -3.15 -9.18
C ASN A 77 -8.18 -2.02 -10.19
N ASN A 78 -7.69 -0.84 -9.83
CA ASN A 78 -7.81 0.32 -10.68
C ASN A 78 -6.80 0.23 -11.84
N PHE A 79 -5.60 -0.23 -11.55
CA PHE A 79 -4.57 -0.38 -12.58
C PHE A 79 -5.00 -1.40 -13.63
N LYS A 80 -5.50 -2.55 -13.17
CA LYS A 80 -5.97 -3.61 -14.06
C LYS A 80 -7.01 -3.09 -15.06
N ASN A 81 -7.83 -2.15 -14.62
CA ASN A 81 -8.89 -1.59 -15.47
C ASN A 81 -8.33 -0.54 -16.42
N GLU A 82 -7.47 0.34 -15.92
CA GLU A 82 -6.89 1.40 -16.72
C GLU A 82 -6.03 0.85 -17.86
N THR A 83 -5.33 -0.24 -17.60
CA THR A 83 -4.47 -0.85 -18.60
C THR A 83 -5.18 -1.95 -19.37
N GLY A 84 -6.26 -2.48 -18.79
CA GLY A 84 -6.98 -3.57 -19.42
C GLY A 84 -6.19 -4.85 -19.32
N TYR A 85 -5.49 -4.98 -18.20
CA TYR A 85 -4.65 -6.13 -17.92
C TYR A 85 -5.45 -7.42 -17.82
N THR A 86 -6.42 -7.41 -16.96
CA THR A 86 -7.27 -8.56 -16.72
C THR A 86 -8.13 -8.87 -17.94
N LYS A 87 -8.23 -10.14 -18.25
CA LYS A 87 -9.02 -10.59 -19.39
C LYS A 87 -10.48 -10.80 -19.00
N ARG A 88 -11.35 -10.90 -20.01
CA ARG A 88 -12.77 -11.10 -19.76
C ARG A 88 -13.08 -12.57 -19.48
N LEU A 89 -12.19 -13.44 -19.94
CA LEU A 89 -12.35 -14.88 -19.77
C LEU A 89 -12.34 -15.25 -18.29
N ARG A 90 -13.10 -16.27 -17.95
CA ARG A 90 -13.21 -16.72 -16.56
C ARG A 90 -11.99 -17.55 -16.16
N LYS A 91 -12.11 -18.26 -15.05
CA LYS A 91 -11.04 -19.11 -14.55
C LYS A 91 -11.11 -20.49 -15.18
N GLN A 92 -12.16 -20.73 -15.95
CA GLN A 92 -12.36 -22.00 -16.63
C GLN A 92 -12.39 -23.17 -15.66
N GLY B 1 -15.05 10.63 -19.17
CA GLY B 1 -14.22 11.80 -19.53
C GLY B 1 -12.94 11.87 -18.73
N PRO B 2 -11.98 12.69 -19.15
CA PRO B 2 -10.70 12.84 -18.46
C PRO B 2 -10.80 13.76 -17.25
N LEU B 3 -9.93 13.50 -16.28
CA LEU B 3 -9.87 14.29 -15.06
C LEU B 3 -8.42 14.53 -14.71
N GLY B 4 -8.15 15.53 -13.87
CA GLY B 4 -6.77 15.80 -13.49
C GLY B 4 -6.28 17.11 -14.06
N SER B 5 -7.14 17.80 -14.78
CA SER B 5 -6.78 19.08 -15.36
C SER B 5 -6.72 20.15 -14.28
N GLU B 6 -7.84 20.35 -13.61
CA GLU B 6 -7.94 21.32 -12.53
C GLU B 6 -8.71 20.72 -11.36
N ASP B 7 -9.41 19.62 -11.65
CA ASP B 7 -10.21 18.94 -10.65
C ASP B 7 -9.90 17.46 -10.65
N ASP B 8 -9.75 16.90 -9.45
CA ASP B 8 -9.45 15.49 -9.28
C ASP B 8 -9.42 15.14 -7.81
N PRO B 9 -10.28 14.22 -7.38
CA PRO B 9 -10.35 13.78 -5.98
C PRO B 9 -9.34 12.67 -5.68
N ILE B 10 -8.78 12.69 -4.48
CA ILE B 10 -7.79 11.70 -4.09
C ILE B 10 -8.47 10.42 -3.60
N PRO B 11 -8.16 9.28 -4.26
CA PRO B 11 -8.74 7.98 -3.90
C PRO B 11 -8.21 7.48 -2.57
N ASP B 12 -9.01 6.67 -1.88
CA ASP B 12 -8.64 6.12 -0.57
C ASP B 12 -7.50 5.11 -0.69
N GLU B 13 -7.08 4.84 -1.92
CA GLU B 13 -6.00 3.88 -2.16
C GLU B 13 -4.63 4.54 -1.96
N LEU B 14 -4.60 5.84 -1.69
CA LEU B 14 -3.33 6.55 -1.47
C LEU B 14 -3.57 7.85 -0.73
N LEU B 15 -4.72 7.94 -0.09
CA LEU B 15 -5.09 9.12 0.65
C LEU B 15 -5.20 8.83 2.16
N CYS B 16 -4.73 9.76 2.99
CA CYS B 16 -4.80 9.60 4.42
C CYS B 16 -6.24 9.81 4.88
N LEU B 17 -6.76 8.85 5.61
CA LEU B 17 -8.11 8.94 6.10
C LEU B 17 -8.19 9.97 7.22
N ILE B 18 -7.14 10.02 8.03
CA ILE B 18 -7.06 10.92 9.17
C ILE B 18 -7.27 12.38 8.78
N CYS B 19 -6.40 12.92 7.92
CA CYS B 19 -6.54 14.31 7.52
C CYS B 19 -7.36 14.42 6.23
N LYS B 20 -7.87 13.29 5.76
CA LYS B 20 -8.67 13.23 4.53
C LYS B 20 -7.93 13.87 3.35
N ASP B 21 -6.62 13.71 3.30
CA ASP B 21 -5.80 14.28 2.23
C ASP B 21 -4.63 13.35 1.92
N ILE B 22 -3.99 13.56 0.78
CA ILE B 22 -2.85 12.74 0.39
C ILE B 22 -1.69 12.92 1.39
N MET B 23 -0.82 11.93 1.45
CA MET B 23 0.30 11.97 2.37
C MET B 23 1.59 11.53 1.69
N THR B 24 2.70 11.85 2.33
CA THR B 24 4.01 11.50 1.84
C THR B 24 4.68 10.60 2.86
N ASP B 25 5.50 9.66 2.38
CA ASP B 25 6.21 8.72 3.26
C ASP B 25 5.21 7.92 4.10
N ALA B 26 4.07 7.61 3.48
CA ALA B 26 3.00 6.88 4.12
C ALA B 26 3.48 5.58 4.76
N VAL B 27 2.96 5.30 5.94
CA VAL B 27 3.30 4.09 6.66
C VAL B 27 2.08 3.19 6.78
N VAL B 28 2.31 1.94 7.14
CA VAL B 28 1.22 0.98 7.26
C VAL B 28 1.06 0.54 8.70
N ILE B 29 -0.18 0.28 9.09
CA ILE B 29 -0.49 -0.15 10.43
C ILE B 29 -0.81 -1.65 10.44
N PRO B 30 -0.05 -2.43 11.22
CA PRO B 30 -0.21 -3.88 11.28
C PRO B 30 -1.45 -4.36 12.01
N CYS B 31 -2.33 -3.43 12.37
CA CYS B 31 -3.54 -3.80 13.06
C CYS B 31 -4.65 -4.09 12.05
N CYS B 32 -4.59 -3.40 10.91
CA CYS B 32 -5.61 -3.60 9.88
C CYS B 32 -4.97 -3.64 8.48
N GLY B 33 -4.16 -2.65 8.18
CA GLY B 33 -3.49 -2.60 6.89
C GLY B 33 -3.68 -1.28 6.16
N ASN B 34 -4.20 -0.29 6.87
CA ASN B 34 -4.42 1.03 6.27
C ASN B 34 -3.16 1.88 6.37
N SER B 35 -3.00 2.80 5.43
CA SER B 35 -1.82 3.67 5.40
C SER B 35 -2.22 5.13 5.57
N TYR B 36 -1.45 5.85 6.38
CA TYR B 36 -1.69 7.26 6.63
C TYR B 36 -0.37 7.97 6.85
N CYS B 37 -0.42 9.30 6.98
CA CYS B 37 0.78 10.06 7.26
C CYS B 37 1.42 9.54 8.54
N ASP B 38 2.75 9.48 8.56
CA ASP B 38 3.45 8.98 9.73
C ASP B 38 3.11 9.81 10.97
N GLU B 39 2.97 11.12 10.78
CA GLU B 39 2.63 12.02 11.87
C GLU B 39 1.18 11.85 12.28
N CYS B 40 0.30 11.71 11.30
CA CYS B 40 -1.12 11.57 11.56
C CYS B 40 -1.40 10.28 12.35
N ILE B 41 -0.93 9.16 11.84
CA ILE B 41 -1.15 7.87 12.49
C ILE B 41 -0.50 7.85 13.87
N ARG B 42 0.66 8.51 14.00
CA ARG B 42 1.37 8.58 15.27
C ARG B 42 0.52 9.34 16.28
N THR B 43 -0.05 10.45 15.83
CA THR B 43 -0.87 11.29 16.70
C THR B 43 -2.09 10.52 17.21
N ALA B 44 -2.73 9.76 16.32
CA ALA B 44 -3.93 9.00 16.69
C ALA B 44 -3.64 8.04 17.84
N LEU B 45 -2.55 7.28 17.74
CA LEU B 45 -2.19 6.33 18.79
C LEU B 45 -1.68 7.05 20.04
N LEU B 46 -1.03 8.19 19.84
CA LEU B 46 -0.50 8.97 20.95
C LEU B 46 -1.62 9.59 21.80
N GLU B 47 -2.68 10.05 21.13
CA GLU B 47 -3.81 10.66 21.83
C GLU B 47 -4.74 9.61 22.42
N SER B 48 -4.60 8.36 21.98
CA SER B 48 -5.44 7.30 22.48
C SER B 48 -4.66 6.43 23.47
N ASP B 49 -5.11 6.42 24.72
CA ASP B 49 -4.46 5.63 25.77
C ASP B 49 -4.60 4.14 25.46
N GLU B 50 -5.73 3.79 24.86
CA GLU B 50 -6.03 2.41 24.52
C GLU B 50 -5.53 2.07 23.11
N HIS B 51 -4.82 3.02 22.49
CA HIS B 51 -4.25 2.83 21.16
C HIS B 51 -5.33 2.56 20.12
N THR B 52 -6.40 3.33 20.18
CA THR B 52 -7.50 3.21 19.25
C THR B 52 -7.06 3.57 17.83
N CYS B 53 -7.20 2.62 16.92
CA CYS B 53 -6.84 2.86 15.53
C CYS B 53 -7.85 3.80 14.89
N PRO B 54 -7.37 4.76 14.09
CA PRO B 54 -8.22 5.75 13.41
C PRO B 54 -8.85 5.20 12.14
N THR B 55 -9.25 3.95 12.18
CA THR B 55 -9.85 3.32 11.03
C THR B 55 -10.59 2.03 11.41
N CYS B 56 -9.91 1.15 12.17
CA CYS B 56 -10.51 -0.11 12.57
C CYS B 56 -10.84 -0.10 14.05
N HIS B 57 -10.37 0.95 14.74
CA HIS B 57 -10.61 1.13 16.17
C HIS B 57 -10.01 -0.02 16.99
N GLN B 58 -8.80 -0.41 16.62
CA GLN B 58 -8.09 -1.47 17.33
C GLN B 58 -7.66 -0.95 18.70
N ASN B 59 -7.26 -1.85 19.59
CA ASN B 59 -6.87 -1.44 20.94
C ASN B 59 -5.56 -2.09 21.40
N ASP B 60 -4.63 -2.28 20.48
CA ASP B 60 -3.34 -2.88 20.82
C ASP B 60 -2.30 -2.58 19.74
N VAL B 61 -2.43 -1.42 19.13
CA VAL B 61 -1.49 -1.01 18.10
C VAL B 61 -0.42 -0.13 18.74
N SER B 62 0.47 0.45 17.93
CA SER B 62 1.52 1.30 18.45
C SER B 62 2.26 2.00 17.32
N PRO B 63 2.83 3.18 17.60
CA PRO B 63 3.57 3.97 16.59
C PRO B 63 4.95 3.39 16.32
N ASP B 64 5.28 2.34 17.07
CA ASP B 64 6.56 1.66 16.94
C ASP B 64 6.46 0.52 15.93
N ALA B 65 5.23 0.05 15.70
CA ALA B 65 5.00 -1.05 14.79
C ALA B 65 4.65 -0.57 13.38
N LEU B 66 4.81 0.72 13.13
CA LEU B 66 4.51 1.29 11.83
C LEU B 66 5.55 0.86 10.81
N ILE B 67 5.09 0.24 9.73
CA ILE B 67 5.97 -0.26 8.69
C ILE B 67 6.00 0.72 7.51
N ALA B 68 6.92 0.51 6.58
CA ALA B 68 7.06 1.41 5.43
C ALA B 68 6.34 0.88 4.20
N ASN B 69 5.20 1.48 3.87
CA ASN B 69 4.45 1.08 2.69
C ASN B 69 5.07 1.74 1.47
N LYS B 70 6.16 1.15 0.99
CA LYS B 70 6.88 1.69 -0.17
C LYS B 70 5.95 1.87 -1.35
N PHE B 71 5.08 0.89 -1.54
CA PHE B 71 4.13 0.89 -2.64
C PHE B 71 3.24 2.13 -2.56
N LEU B 72 2.77 2.43 -1.35
CA LEU B 72 1.92 3.59 -1.12
C LEU B 72 2.65 4.86 -1.51
N ARG B 73 3.84 5.01 -0.96
CA ARG B 73 4.68 6.18 -1.21
C ARG B 73 4.91 6.35 -2.72
N GLN B 74 5.12 5.24 -3.42
CA GLN B 74 5.34 5.27 -4.85
C GLN B 74 4.08 5.74 -5.59
N ALA B 75 2.94 5.16 -5.20
CA ALA B 75 1.67 5.51 -5.82
C ALA B 75 1.35 6.98 -5.61
N VAL B 76 1.56 7.46 -4.39
CA VAL B 76 1.32 8.87 -4.05
C VAL B 76 2.15 9.78 -4.96
N ASN B 77 3.42 9.43 -5.12
CA ASN B 77 4.33 10.19 -5.96
C ASN B 77 3.86 10.21 -7.42
N ASN B 78 3.40 9.06 -7.90
CA ASN B 78 2.91 8.96 -9.27
C ASN B 78 1.64 9.77 -9.45
N PHE B 79 0.71 9.58 -8.52
CA PHE B 79 -0.55 10.30 -8.55
C PHE B 79 -0.31 11.81 -8.61
N LYS B 80 0.55 12.30 -7.73
CA LYS B 80 0.88 13.72 -7.68
C LYS B 80 1.39 14.23 -9.03
N ASN B 81 2.17 13.41 -9.71
CA ASN B 81 2.73 13.78 -11.01
C ASN B 81 1.68 13.71 -12.11
N GLU B 82 0.82 12.71 -12.04
CA GLU B 82 -0.22 12.52 -13.04
C GLU B 82 -1.26 13.63 -12.99
N THR B 83 -1.83 13.85 -11.82
CA THR B 83 -2.87 14.86 -11.65
C THR B 83 -2.29 16.24 -11.33
N GLY B 84 -1.00 16.32 -11.08
CA GLY B 84 -0.38 17.60 -10.75
C GLY B 84 -0.86 18.14 -9.43
N TYR B 85 -1.05 17.24 -8.47
CA TYR B 85 -1.53 17.62 -7.15
C TYR B 85 -0.48 18.38 -6.35
N THR B 86 -0.98 19.28 -5.52
CA THR B 86 -0.20 20.10 -4.62
C THR B 86 -1.13 21.02 -3.85
N LYS B 87 -0.60 21.84 -2.96
CA LYS B 87 -1.42 22.77 -2.19
C LYS B 87 -0.63 24.04 -1.90
N ARG B 88 -1.30 25.02 -1.31
CA ARG B 88 -0.66 26.28 -1.00
C ARG B 88 0.06 26.21 0.34
N LEU B 89 1.37 26.41 0.29
CA LEU B 89 2.18 26.37 1.50
C LEU B 89 2.05 27.69 2.25
N ARG B 90 2.09 27.61 3.56
CA ARG B 90 1.96 28.80 4.39
C ARG B 90 3.30 29.20 5.01
N LYS B 91 3.37 30.41 5.51
CA LYS B 91 4.59 30.93 6.13
C LYS B 91 4.44 31.01 7.64
N GLN B 92 4.12 29.87 8.24
CA GLN B 92 3.93 29.78 9.68
C GLN B 92 5.26 29.75 10.43
ZN ZN C . 3.05 -13.28 -6.33
ZN ZN D . 10.67 -7.86 4.42
ZN ZN E . -2.60 12.51 7.39
ZN ZN F . -6.17 -0.32 12.38
N GLY A 1 17.42 1.79 -23.45
CA GLY A 1 16.58 1.98 -22.25
C GLY A 1 15.30 1.17 -22.33
N PRO A 2 14.58 0.99 -21.22
CA PRO A 2 13.33 0.24 -21.19
C PRO A 2 12.22 0.96 -21.94
N LEU A 3 11.48 0.19 -22.71
CA LEU A 3 10.37 0.73 -23.49
C LEU A 3 9.06 0.48 -22.78
N GLY A 4 8.57 1.49 -22.06
CA GLY A 4 7.31 1.36 -21.35
C GLY A 4 6.31 2.40 -21.83
N SER A 5 6.32 2.67 -23.11
CA SER A 5 5.41 3.64 -23.70
C SER A 5 4.33 2.93 -24.50
N GLU A 6 4.73 1.89 -25.22
CA GLU A 6 3.81 1.12 -26.04
C GLU A 6 3.39 -0.16 -25.33
N ASP A 7 3.98 -0.38 -24.16
CA ASP A 7 3.68 -1.54 -23.35
C ASP A 7 3.25 -1.09 -21.97
N ASP A 8 2.29 -1.79 -21.38
CA ASP A 8 1.78 -1.45 -20.06
C ASP A 8 2.27 -2.44 -19.01
N PRO A 9 3.37 -2.13 -18.32
CA PRO A 9 3.93 -2.98 -17.29
C PRO A 9 3.33 -2.66 -15.92
N ILE A 10 3.65 -3.50 -14.94
CA ILE A 10 3.15 -3.31 -13.59
C ILE A 10 4.14 -2.53 -12.75
N PRO A 11 3.69 -1.41 -12.17
CA PRO A 11 4.54 -0.56 -11.32
C PRO A 11 4.75 -1.15 -9.91
N ASP A 12 5.91 -0.86 -9.33
CA ASP A 12 6.29 -1.36 -7.99
C ASP A 12 5.22 -1.07 -6.95
N GLU A 13 4.45 0.01 -7.15
CA GLU A 13 3.40 0.40 -6.21
C GLU A 13 2.27 -0.63 -6.12
N LEU A 14 2.27 -1.62 -7.00
CA LEU A 14 1.22 -2.64 -6.97
C LEU A 14 1.69 -3.91 -7.67
N LEU A 15 3.00 -4.03 -7.79
CA LEU A 15 3.60 -5.18 -8.43
C LEU A 15 4.25 -6.13 -7.43
N CYS A 16 3.88 -7.41 -7.48
CA CYS A 16 4.46 -8.40 -6.59
C CYS A 16 5.84 -8.77 -7.10
N LEU A 17 6.83 -8.48 -6.30
CA LEU A 17 8.21 -8.76 -6.69
C LEU A 17 8.43 -10.27 -6.80
N ILE A 18 7.78 -11.01 -5.93
CA ILE A 18 7.92 -12.47 -5.88
C ILE A 18 7.62 -13.13 -7.22
N CYS A 19 6.42 -12.92 -7.76
CA CYS A 19 6.08 -13.52 -9.04
C CYS A 19 6.30 -12.56 -10.19
N LYS A 20 6.82 -11.37 -9.87
CA LYS A 20 7.09 -10.33 -10.87
C LYS A 20 5.84 -9.92 -11.64
N ASP A 21 4.68 -10.00 -10.99
CA ASP A 21 3.42 -9.62 -11.61
C ASP A 21 2.47 -9.02 -10.58
N ILE A 22 1.38 -8.44 -11.06
CA ILE A 22 0.39 -7.83 -10.20
C ILE A 22 -0.32 -8.90 -9.35
N MET A 23 -0.88 -8.49 -8.23
CA MET A 23 -1.55 -9.43 -7.34
C MET A 23 -2.90 -8.92 -6.87
N THR A 24 -3.71 -9.83 -6.37
CA THR A 24 -5.01 -9.51 -5.85
C THR A 24 -5.04 -9.83 -4.37
N ASP A 25 -5.77 -9.04 -3.58
CA ASP A 25 -5.85 -9.22 -2.13
C ASP A 25 -4.47 -9.12 -1.50
N ALA A 26 -3.63 -8.29 -2.11
CA ALA A 26 -2.26 -8.07 -1.65
C ALA A 26 -2.17 -7.81 -0.16
N VAL A 27 -1.15 -8.37 0.44
CA VAL A 27 -0.92 -8.21 1.87
C VAL A 27 0.39 -7.47 2.10
N VAL A 28 0.59 -6.98 3.32
CA VAL A 28 1.80 -6.25 3.65
C VAL A 28 2.62 -7.01 4.68
N ILE A 29 3.93 -6.85 4.61
CA ILE A 29 4.83 -7.50 5.54
C ILE A 29 5.40 -6.48 6.53
N PRO A 30 5.17 -6.70 7.82
CA PRO A 30 5.59 -5.77 8.88
C PRO A 30 7.10 -5.75 9.14
N CYS A 31 7.86 -6.44 8.31
CA CYS A 31 9.29 -6.49 8.47
C CYS A 31 9.94 -5.35 7.68
N CYS A 32 9.33 -4.98 6.57
CA CYS A 32 9.85 -3.92 5.73
C CYS A 32 8.72 -3.00 5.27
N GLY A 33 7.66 -3.61 4.74
CA GLY A 33 6.52 -2.82 4.29
C GLY A 33 6.11 -3.12 2.86
N ASN A 34 6.85 -3.97 2.19
CA ASN A 34 6.54 -4.34 0.81
C ASN A 34 5.28 -5.22 0.76
N SER A 35 4.55 -5.15 -0.33
CA SER A 35 3.32 -5.93 -0.49
C SER A 35 3.44 -6.94 -1.62
N TYR A 36 2.93 -8.15 -1.38
CA TYR A 36 2.94 -9.22 -2.37
C TYR A 36 1.72 -10.09 -2.21
N CYS A 37 1.53 -11.04 -3.12
CA CYS A 37 0.41 -11.96 -3.04
C CYS A 37 0.45 -12.69 -1.70
N ASP A 38 -0.71 -12.97 -1.13
CA ASP A 38 -0.76 -13.65 0.17
C ASP A 38 -0.09 -15.01 0.06
N GLU A 39 -0.32 -15.68 -1.06
CA GLU A 39 0.27 -16.99 -1.29
C GLU A 39 1.77 -16.89 -1.53
N CYS A 40 2.18 -15.88 -2.29
CA CYS A 40 3.57 -15.68 -2.62
C CYS A 40 4.40 -15.38 -1.37
N ILE A 41 3.99 -14.36 -0.61
CA ILE A 41 4.71 -13.98 0.59
C ILE A 41 4.69 -15.11 1.62
N ARG A 42 3.56 -15.81 1.70
CA ARG A 42 3.43 -16.91 2.63
C ARG A 42 4.48 -17.98 2.31
N THR A 43 4.55 -18.34 1.04
CA THR A 43 5.50 -19.34 0.56
C THR A 43 6.94 -18.98 0.91
N ALA A 44 7.30 -17.71 0.75
CA ALA A 44 8.65 -17.24 1.03
C ALA A 44 9.04 -17.55 2.48
N LEU A 45 8.14 -17.23 3.41
CA LEU A 45 8.40 -17.45 4.82
C LEU A 45 8.30 -18.94 5.18
N LEU A 46 7.46 -19.66 4.44
CA LEU A 46 7.27 -21.09 4.70
C LEU A 46 8.50 -21.89 4.25
N GLU A 47 9.10 -21.49 3.14
CA GLU A 47 10.27 -22.17 2.62
C GLU A 47 11.51 -21.82 3.43
N SER A 48 11.64 -20.54 3.79
CA SER A 48 12.77 -20.09 4.56
C SER A 48 12.54 -20.30 6.05
N ASP A 49 13.30 -21.23 6.63
CA ASP A 49 13.17 -21.56 8.06
C ASP A 49 13.49 -20.35 8.93
N GLU A 50 14.44 -19.55 8.45
CA GLU A 50 14.86 -18.35 9.15
C GLU A 50 13.95 -17.17 8.84
N HIS A 51 12.88 -17.45 8.09
CA HIS A 51 11.90 -16.43 7.72
C HIS A 51 12.53 -15.31 6.88
N THR A 52 13.33 -15.70 5.91
CA THR A 52 13.99 -14.75 5.02
C THR A 52 12.98 -14.03 4.15
N CYS A 53 12.87 -12.72 4.34
CA CYS A 53 11.96 -11.92 3.54
C CYS A 53 12.42 -11.87 2.09
N PRO A 54 11.48 -12.00 1.15
CA PRO A 54 11.77 -11.99 -0.29
C PRO A 54 11.99 -10.59 -0.84
N THR A 55 12.59 -9.73 -0.05
CA THR A 55 12.83 -8.36 -0.49
C THR A 55 13.90 -7.68 0.37
N CYS A 56 13.77 -7.76 1.69
CA CYS A 56 14.73 -7.14 2.60
C CYS A 56 15.61 -8.21 3.22
N HIS A 57 15.21 -9.47 3.03
CA HIS A 57 15.93 -10.61 3.55
C HIS A 57 15.98 -10.59 5.07
N GLN A 58 14.84 -10.25 5.66
CA GLN A 58 14.71 -10.20 7.10
C GLN A 58 14.78 -11.61 7.67
N ASN A 59 14.82 -11.73 8.99
CA ASN A 59 14.91 -13.04 9.63
C ASN A 59 14.04 -13.14 10.88
N ASP A 60 13.02 -12.30 10.95
CA ASP A 60 12.14 -12.28 12.12
C ASP A 60 10.73 -11.90 11.70
N VAL A 61 10.28 -12.48 10.59
CA VAL A 61 8.96 -12.21 10.10
C VAL A 61 8.08 -13.45 10.28
N SER A 62 6.87 -13.42 9.74
CA SER A 62 5.96 -14.55 9.84
C SER A 62 4.74 -14.35 8.94
N PRO A 63 4.17 -15.44 8.43
CA PRO A 63 3.02 -15.40 7.55
C PRO A 63 1.72 -15.09 8.31
N ASP A 64 1.82 -15.06 9.63
CA ASP A 64 0.68 -14.77 10.48
C ASP A 64 0.60 -13.27 10.75
N ALA A 65 1.72 -12.58 10.53
CA ALA A 65 1.78 -11.14 10.78
C ALA A 65 1.42 -10.35 9.52
N LEU A 66 1.01 -11.08 8.49
CA LEU A 66 0.62 -10.47 7.22
C LEU A 66 -0.66 -9.68 7.41
N ILE A 67 -0.62 -8.42 6.97
CA ILE A 67 -1.76 -7.53 7.13
C ILE A 67 -2.43 -7.27 5.78
N ALA A 68 -3.65 -6.71 5.83
CA ALA A 68 -4.40 -6.44 4.62
C ALA A 68 -4.14 -5.04 4.09
N ASN A 69 -3.37 -4.94 3.01
CA ASN A 69 -3.05 -3.65 2.44
C ASN A 69 -4.21 -3.15 1.60
N LYS A 70 -5.18 -2.56 2.28
CA LYS A 70 -6.37 -2.02 1.66
C LYS A 70 -6.04 -1.20 0.42
N PHE A 71 -5.14 -0.26 0.62
CA PHE A 71 -4.71 0.65 -0.42
C PHE A 71 -4.14 -0.08 -1.62
N LEU A 72 -3.33 -1.10 -1.37
CA LEU A 72 -2.73 -1.89 -2.42
C LEU A 72 -3.80 -2.55 -3.27
N ARG A 73 -4.70 -3.23 -2.59
CA ARG A 73 -5.80 -3.93 -3.24
C ARG A 73 -6.64 -2.98 -4.09
N GLN A 74 -6.86 -1.77 -3.56
CA GLN A 74 -7.62 -0.77 -4.28
C GLN A 74 -6.89 -0.33 -5.53
N ALA A 75 -5.60 -0.03 -5.38
CA ALA A 75 -4.75 0.39 -6.49
C ALA A 75 -4.75 -0.65 -7.60
N VAL A 76 -4.55 -1.90 -7.21
CA VAL A 76 -4.54 -3.01 -8.15
C VAL A 76 -5.87 -3.11 -8.90
N ASN A 77 -6.96 -3.07 -8.15
CA ASN A 77 -8.31 -3.19 -8.72
C ASN A 77 -8.58 -2.09 -9.74
N ASN A 78 -8.13 -0.87 -9.46
CA ASN A 78 -8.36 0.23 -10.35
C ASN A 78 -7.39 0.19 -11.53
N PHE A 79 -6.14 -0.15 -11.25
CA PHE A 79 -5.11 -0.24 -12.29
C PHE A 79 -5.51 -1.26 -13.35
N LYS A 80 -5.94 -2.44 -12.90
CA LYS A 80 -6.36 -3.51 -13.81
C LYS A 80 -7.49 -3.06 -14.73
N ASN A 81 -8.29 -2.11 -14.25
CA ASN A 81 -9.41 -1.60 -15.03
C ASN A 81 -8.98 -0.58 -16.06
N GLU A 82 -8.06 0.31 -15.67
CA GLU A 82 -7.58 1.35 -16.57
C GLU A 82 -6.72 0.78 -17.70
N THR A 83 -5.94 -0.25 -17.38
CA THR A 83 -5.07 -0.86 -18.37
C THR A 83 -5.73 -2.05 -19.07
N GLY A 84 -6.76 -2.60 -18.46
CA GLY A 84 -7.44 -3.74 -19.04
C GLY A 84 -6.60 -4.99 -18.90
N TYR A 85 -5.87 -5.06 -17.79
CA TYR A 85 -4.99 -6.17 -17.50
C TYR A 85 -5.75 -7.48 -17.34
N THR A 86 -6.74 -7.43 -16.48
CA THR A 86 -7.57 -8.59 -16.19
C THR A 86 -8.39 -9.00 -17.38
N LYS A 87 -8.35 -10.28 -17.68
CA LYS A 87 -9.08 -10.83 -18.81
C LYS A 87 -10.56 -11.00 -18.46
N ARG A 88 -11.42 -11.00 -19.48
CA ARG A 88 -12.85 -11.18 -19.27
C ARG A 88 -13.25 -12.64 -19.45
N LEU A 89 -12.24 -13.49 -19.60
CA LEU A 89 -12.46 -14.92 -19.78
C LEU A 89 -12.51 -15.63 -18.43
N ARG A 90 -13.06 -16.83 -18.43
CA ARG A 90 -13.18 -17.61 -17.21
C ARG A 90 -11.86 -18.32 -16.92
N LYS A 91 -11.85 -19.16 -15.90
CA LYS A 91 -10.64 -19.89 -15.53
C LYS A 91 -10.58 -21.22 -16.27
N GLN A 92 -11.72 -21.62 -16.83
CA GLN A 92 -11.83 -22.87 -17.57
C GLN A 92 -11.39 -24.06 -16.74
N GLY B 1 -13.08 9.68 -20.03
CA GLY B 1 -12.59 11.06 -20.27
C GLY B 1 -11.36 11.35 -19.45
N PRO B 2 -10.54 12.34 -19.87
CA PRO B 2 -9.32 12.69 -19.15
C PRO B 2 -9.59 13.40 -17.83
N LEU B 3 -8.86 12.99 -16.82
CA LEU B 3 -8.97 13.54 -15.48
C LEU B 3 -7.57 13.81 -14.97
N GLY B 4 -7.41 14.88 -14.21
CA GLY B 4 -6.09 15.19 -13.70
C GLY B 4 -5.52 16.43 -14.35
N SER B 5 -6.31 17.06 -15.21
CA SER B 5 -5.89 18.26 -15.90
C SER B 5 -5.72 19.41 -14.93
N GLU B 6 -6.79 19.76 -14.24
CA GLU B 6 -6.77 20.85 -13.27
C GLU B 6 -7.47 20.42 -11.97
N ASP B 7 -7.82 19.15 -11.90
CA ASP B 7 -8.51 18.60 -10.73
C ASP B 7 -8.51 17.09 -10.79
N ASP B 8 -8.58 16.46 -9.62
CA ASP B 8 -8.58 15.00 -9.51
C ASP B 8 -8.71 14.61 -8.05
N PRO B 9 -9.76 13.86 -7.70
CA PRO B 9 -9.99 13.40 -6.33
C PRO B 9 -9.04 12.26 -5.95
N ILE B 10 -8.45 12.38 -4.77
CA ILE B 10 -7.50 11.38 -4.29
C ILE B 10 -8.21 10.09 -3.90
N PRO B 11 -7.82 8.96 -4.51
CA PRO B 11 -8.41 7.65 -4.21
C PRO B 11 -7.89 7.06 -2.90
N ASP B 12 -8.72 6.22 -2.27
CA ASP B 12 -8.39 5.57 -0.98
C ASP B 12 -7.09 4.76 -1.08
N GLU B 13 -6.70 4.38 -2.30
CA GLU B 13 -5.48 3.59 -2.51
C GLU B 13 -4.21 4.37 -2.18
N LEU B 14 -4.33 5.67 -1.92
CA LEU B 14 -3.17 6.49 -1.58
C LEU B 14 -3.61 7.76 -0.86
N LEU B 15 -4.77 7.67 -0.24
CA LEU B 15 -5.33 8.80 0.48
C LEU B 15 -5.38 8.54 1.99
N CYS B 16 -4.82 9.48 2.78
CA CYS B 16 -4.83 9.35 4.23
C CYS B 16 -6.22 9.69 4.73
N LEU B 17 -6.82 8.75 5.43
CA LEU B 17 -8.16 8.92 5.95
C LEU B 17 -8.15 9.94 7.09
N ILE B 18 -7.09 9.92 7.87
CA ILE B 18 -6.95 10.80 9.03
C ILE B 18 -7.08 12.27 8.65
N CYS B 19 -6.23 12.76 7.75
CA CYS B 19 -6.30 14.16 7.36
C CYS B 19 -7.11 14.32 6.07
N LYS B 20 -7.69 13.22 5.60
CA LYS B 20 -8.51 13.21 4.38
C LYS B 20 -7.75 13.77 3.17
N ASP B 21 -6.44 13.55 3.13
CA ASP B 21 -5.62 14.03 2.02
C ASP B 21 -4.46 13.07 1.74
N ILE B 22 -3.79 13.27 0.62
CA ILE B 22 -2.65 12.43 0.26
C ILE B 22 -1.50 12.62 1.23
N MET B 23 -0.62 11.63 1.32
CA MET B 23 0.51 11.68 2.25
C MET B 23 1.81 11.28 1.57
N THR B 24 2.90 11.63 2.21
CA THR B 24 4.22 11.30 1.72
C THR B 24 4.92 10.35 2.70
N ASP B 25 5.68 9.40 2.18
CA ASP B 25 6.38 8.42 3.00
C ASP B 25 5.38 7.69 3.90
N ALA B 26 4.23 7.38 3.32
CA ALA B 26 3.14 6.70 4.01
C ALA B 26 3.59 5.41 4.69
N VAL B 27 3.00 5.14 5.83
CA VAL B 27 3.31 3.94 6.59
C VAL B 27 2.07 3.06 6.68
N VAL B 28 2.26 1.81 7.07
CA VAL B 28 1.15 0.87 7.17
C VAL B 28 0.95 0.46 8.61
N ILE B 29 -0.29 0.17 8.96
CA ILE B 29 -0.62 -0.25 10.31
C ILE B 29 -0.92 -1.76 10.31
N PRO B 30 -0.11 -2.52 11.06
CA PRO B 30 -0.22 -3.99 11.10
C PRO B 30 -1.47 -4.50 11.82
N CYS B 31 -2.36 -3.60 12.19
CA CYS B 31 -3.57 -4.00 12.86
C CYS B 31 -4.67 -4.30 11.85
N CYS B 32 -4.71 -3.52 10.78
CA CYS B 32 -5.72 -3.71 9.75
C CYS B 32 -5.05 -3.73 8.37
N GLY B 33 -4.19 -2.76 8.11
CA GLY B 33 -3.49 -2.71 6.85
C GLY B 33 -3.63 -1.39 6.12
N ASN B 34 -4.36 -0.47 6.72
CA ASN B 34 -4.55 0.85 6.11
C ASN B 34 -3.28 1.68 6.23
N SER B 35 -3.09 2.60 5.28
CA SER B 35 -1.89 3.45 5.28
C SER B 35 -2.25 4.92 5.46
N TYR B 36 -1.47 5.61 6.29
CA TYR B 36 -1.68 7.04 6.53
C TYR B 36 -0.35 7.71 6.79
N CYS B 37 -0.36 9.03 6.91
CA CYS B 37 0.84 9.78 7.19
C CYS B 37 1.46 9.26 8.48
N ASP B 38 2.79 9.20 8.54
CA ASP B 38 3.47 8.71 9.72
C ASP B 38 3.10 9.55 10.92
N GLU B 39 2.99 10.86 10.71
CA GLU B 39 2.64 11.79 11.77
C GLU B 39 1.18 11.62 12.17
N CYS B 40 0.30 11.45 11.19
CA CYS B 40 -1.12 11.29 11.45
C CYS B 40 -1.40 10.02 12.25
N ILE B 41 -0.94 8.89 11.73
CA ILE B 41 -1.17 7.60 12.38
C ILE B 41 -0.49 7.56 13.76
N ARG B 42 0.65 8.21 13.87
CA ARG B 42 1.37 8.26 15.13
C ARG B 42 0.52 9.00 16.17
N THR B 43 -0.03 10.12 15.74
CA THR B 43 -0.86 10.95 16.59
C THR B 43 -2.11 10.19 17.07
N ALA B 44 -2.73 9.45 16.16
CA ALA B 44 -3.94 8.69 16.48
C ALA B 44 -3.69 7.73 17.65
N LEU B 45 -2.62 6.96 17.57
CA LEU B 45 -2.28 6.01 18.63
C LEU B 45 -1.78 6.73 19.88
N LEU B 46 -1.10 7.85 19.70
CA LEU B 46 -0.58 8.62 20.82
C LEU B 46 -1.71 9.27 21.62
N GLU B 47 -2.76 9.70 20.94
CA GLU B 47 -3.90 10.32 21.60
C GLU B 47 -4.81 9.30 22.25
N SER B 48 -4.80 8.09 21.71
CA SER B 48 -5.64 7.02 22.24
C SER B 48 -4.85 6.11 23.16
N ASP B 49 -5.14 6.17 24.46
CA ASP B 49 -4.45 5.35 25.44
C ASP B 49 -4.66 3.87 25.14
N GLU B 50 -5.86 3.56 24.67
CA GLU B 50 -6.23 2.18 24.34
C GLU B 50 -5.75 1.80 22.93
N HIS B 51 -5.01 2.70 22.31
CA HIS B 51 -4.46 2.49 20.96
C HIS B 51 -5.55 2.25 19.94
N THR B 52 -6.57 3.11 19.96
CA THR B 52 -7.68 3.00 19.03
C THR B 52 -7.24 3.37 17.61
N CYS B 53 -7.36 2.43 16.70
CA CYS B 53 -7.00 2.67 15.32
C CYS B 53 -7.98 3.65 14.67
N PRO B 54 -7.47 4.59 13.88
CA PRO B 54 -8.29 5.61 13.20
C PRO B 54 -8.94 5.08 11.93
N THR B 55 -9.40 3.85 11.97
CA THR B 55 -10.00 3.25 10.81
C THR B 55 -10.77 1.97 11.19
N CYS B 56 -10.12 1.07 11.93
CA CYS B 56 -10.75 -0.18 12.34
C CYS B 56 -11.09 -0.14 13.82
N HIS B 57 -10.57 0.89 14.49
CA HIS B 57 -10.80 1.11 15.90
C HIS B 57 -10.24 -0.04 16.74
N GLN B 58 -9.04 -0.50 16.36
CA GLN B 58 -8.37 -1.58 17.07
C GLN B 58 -7.95 -1.08 18.46
N ASN B 59 -7.42 -1.96 19.29
CA ASN B 59 -7.02 -1.58 20.64
C ASN B 59 -5.72 -2.25 21.06
N ASP B 60 -4.91 -2.65 20.09
CA ASP B 60 -3.65 -3.34 20.38
C ASP B 60 -2.61 -3.01 19.32
N VAL B 61 -2.58 -1.77 18.91
CA VAL B 61 -1.62 -1.32 17.92
C VAL B 61 -0.54 -0.48 18.58
N SER B 62 0.35 0.12 17.80
CA SER B 62 1.42 0.94 18.35
C SER B 62 2.15 1.70 17.25
N PRO B 63 2.72 2.88 17.58
CA PRO B 63 3.44 3.72 16.63
C PRO B 63 4.81 3.15 16.25
N ASP B 64 5.25 2.14 16.99
CA ASP B 64 6.53 1.50 16.72
C ASP B 64 6.36 0.35 15.75
N ALA B 65 5.12 -0.09 15.60
CA ALA B 65 4.82 -1.20 14.70
C ALA B 65 4.50 -0.71 13.30
N LEU B 66 4.66 0.59 13.09
CA LEU B 66 4.40 1.19 11.78
C LEU B 66 5.46 0.74 10.80
N ILE B 67 5.02 0.31 9.63
CA ILE B 67 5.95 -0.19 8.61
C ILE B 67 6.01 0.74 7.40
N ALA B 68 7.01 0.55 6.55
CA ALA B 68 7.18 1.40 5.37
C ALA B 68 6.41 0.85 4.18
N ASN B 69 5.29 1.48 3.85
CA ASN B 69 4.50 1.02 2.72
C ASN B 69 5.12 1.56 1.45
N LYS B 70 6.16 0.87 1.00
CA LYS B 70 6.89 1.23 -0.20
C LYS B 70 5.97 1.53 -1.36
N PHE B 71 5.07 0.60 -1.58
CA PHE B 71 4.11 0.68 -2.67
C PHE B 71 3.28 1.95 -2.57
N LEU B 72 2.82 2.27 -1.37
CA LEU B 72 2.01 3.45 -1.13
C LEU B 72 2.80 4.70 -1.54
N ARG B 73 4.00 4.79 -0.99
CA ARG B 73 4.88 5.92 -1.27
C ARG B 73 5.13 6.06 -2.77
N GLN B 74 5.29 4.92 -3.43
CA GLN B 74 5.53 4.88 -4.86
C GLN B 74 4.31 5.42 -5.61
N ALA B 75 3.13 4.92 -5.26
CA ALA B 75 1.89 5.34 -5.90
C ALA B 75 1.67 6.84 -5.73
N VAL B 76 1.87 7.32 -4.50
CA VAL B 76 1.71 8.74 -4.19
C VAL B 76 2.60 9.60 -5.09
N ASN B 77 3.87 9.22 -5.20
CA ASN B 77 4.85 9.95 -6.00
C ASN B 77 4.44 10.00 -7.47
N ASN B 78 3.87 8.92 -7.97
CA ASN B 78 3.45 8.86 -9.37
C ASN B 78 2.17 9.65 -9.56
N PHE B 79 1.21 9.44 -8.66
CA PHE B 79 -0.06 10.13 -8.70
C PHE B 79 0.15 11.64 -8.76
N LYS B 80 0.97 12.15 -7.84
CA LYS B 80 1.27 13.58 -7.77
C LYS B 80 1.83 14.11 -9.09
N ASN B 81 2.53 13.26 -9.82
CA ASN B 81 3.13 13.68 -11.08
C ASN B 81 2.15 13.63 -12.23
N GLU B 82 1.20 12.70 -12.17
CA GLU B 82 0.22 12.54 -13.22
C GLU B 82 -0.87 13.61 -13.14
N THR B 83 -1.27 13.95 -11.91
CA THR B 83 -2.32 14.94 -11.71
C THR B 83 -1.75 16.32 -11.36
N GLY B 84 -0.44 16.38 -11.11
CA GLY B 84 0.17 17.64 -10.75
C GLY B 84 -0.27 18.12 -9.38
N TYR B 85 -0.53 17.18 -8.49
CA TYR B 85 -0.97 17.50 -7.14
C TYR B 85 0.14 18.11 -6.31
N THR B 86 -0.24 19.00 -5.40
CA THR B 86 0.66 19.67 -4.48
C THR B 86 -0.15 20.49 -3.48
N LYS B 87 0.52 21.10 -2.51
CA LYS B 87 -0.17 21.89 -1.51
C LYS B 87 0.43 23.30 -1.42
N ARG B 88 -0.24 24.16 -0.66
CA ARG B 88 0.21 25.54 -0.52
C ARG B 88 0.90 25.77 0.82
N LEU B 89 2.22 25.95 0.77
CA LEU B 89 3.00 26.22 1.96
C LEU B 89 3.06 27.72 2.20
N ARG B 90 3.19 28.11 3.46
CA ARG B 90 3.25 29.53 3.81
C ARG B 90 4.48 29.83 4.64
N LYS B 91 4.67 31.11 4.95
CA LYS B 91 5.82 31.56 5.73
C LYS B 91 5.53 31.41 7.23
N GLN B 92 5.09 30.23 7.61
CA GLN B 92 4.75 29.93 8.99
C GLN B 92 6.01 29.74 9.83
ZN ZN C . 3.04 -12.63 -6.18
ZN ZN D . 10.77 -7.70 4.48
ZN ZN E . -2.49 12.25 7.07
ZN ZN F . -6.31 -0.56 12.26
N GLY A 1 12.35 -15.10 -17.54
CA GLY A 1 11.11 -14.27 -17.54
C GLY A 1 10.66 -13.94 -18.95
N PRO A 2 9.47 -13.33 -19.10
CA PRO A 2 8.93 -12.97 -20.41
C PRO A 2 9.60 -11.73 -20.99
N LEU A 3 9.24 -11.41 -22.23
CA LEU A 3 9.80 -10.25 -22.91
C LEU A 3 8.70 -9.25 -23.19
N GLY A 4 8.53 -8.28 -22.31
CA GLY A 4 7.51 -7.27 -22.48
C GLY A 4 7.98 -5.92 -22.01
N SER A 5 9.24 -5.63 -22.25
CA SER A 5 9.84 -4.36 -21.84
C SER A 5 9.18 -3.18 -22.55
N GLU A 6 8.69 -3.41 -23.76
CA GLU A 6 8.03 -2.37 -24.53
C GLU A 6 6.52 -2.59 -24.54
N ASP A 7 6.08 -3.56 -23.75
CA ASP A 7 4.67 -3.88 -23.64
C ASP A 7 4.05 -3.09 -22.52
N ASP A 8 2.98 -3.62 -21.95
CA ASP A 8 2.29 -2.99 -20.84
C ASP A 8 2.76 -3.63 -19.55
N PRO A 9 3.71 -2.99 -18.85
CA PRO A 9 4.26 -3.48 -17.61
C PRO A 9 3.48 -3.07 -16.38
N ILE A 10 3.73 -3.77 -15.28
CA ILE A 10 3.07 -3.51 -14.02
C ILE A 10 3.97 -2.65 -13.13
N PRO A 11 3.45 -1.50 -12.64
CA PRO A 11 4.22 -0.58 -11.80
C PRO A 11 4.53 -1.14 -10.41
N ASP A 12 5.73 -0.83 -9.91
CA ASP A 12 6.21 -1.30 -8.59
C ASP A 12 5.28 -0.94 -7.43
N GLU A 13 4.39 0.03 -7.62
CA GLU A 13 3.46 0.42 -6.56
C GLU A 13 2.36 -0.62 -6.35
N LEU A 14 2.33 -1.66 -7.19
CA LEU A 14 1.34 -2.72 -7.05
C LEU A 14 1.82 -4.00 -7.71
N LEU A 15 3.10 -4.01 -8.04
CA LEU A 15 3.76 -5.13 -8.69
C LEU A 15 4.41 -6.08 -7.65
N CYS A 16 4.08 -7.37 -7.72
CA CYS A 16 4.64 -8.36 -6.80
C CYS A 16 6.06 -8.67 -7.25
N LEU A 17 6.99 -8.64 -6.32
CA LEU A 17 8.38 -8.90 -6.62
C LEU A 17 8.61 -10.39 -6.82
N ILE A 18 7.96 -11.18 -5.99
CA ILE A 18 8.10 -12.63 -6.01
C ILE A 18 7.81 -13.24 -7.37
N CYS A 19 6.65 -12.95 -7.95
CA CYS A 19 6.31 -13.50 -9.26
C CYS A 19 6.55 -12.48 -10.37
N LYS A 20 7.05 -11.30 -9.98
CA LYS A 20 7.33 -10.21 -10.93
C LYS A 20 6.10 -9.83 -11.76
N ASP A 21 4.92 -10.04 -11.18
CA ASP A 21 3.66 -9.70 -11.85
C ASP A 21 2.70 -9.13 -10.84
N ILE A 22 1.52 -8.73 -11.29
CA ILE A 22 0.53 -8.14 -10.41
C ILE A 22 0.07 -9.14 -9.35
N MET A 23 -0.48 -8.61 -8.27
CA MET A 23 -0.95 -9.43 -7.18
C MET A 23 -2.35 -9.05 -6.75
N THR A 24 -3.21 -10.04 -6.67
CA THR A 24 -4.56 -9.81 -6.23
C THR A 24 -4.64 -10.06 -4.73
N ASP A 25 -5.48 -9.29 -4.05
CA ASP A 25 -5.65 -9.41 -2.60
C ASP A 25 -4.33 -9.22 -1.87
N ALA A 26 -3.45 -8.40 -2.46
CA ALA A 26 -2.12 -8.11 -1.93
C ALA A 26 -2.11 -7.84 -0.43
N VAL A 27 -1.08 -8.37 0.23
CA VAL A 27 -0.90 -8.20 1.66
C VAL A 27 0.42 -7.48 1.93
N VAL A 28 0.58 -7.01 3.17
CA VAL A 28 1.79 -6.29 3.55
C VAL A 28 2.56 -7.07 4.60
N ILE A 29 3.88 -6.92 4.56
CA ILE A 29 4.75 -7.59 5.51
C ILE A 29 5.27 -6.56 6.52
N PRO A 30 5.01 -6.80 7.82
CA PRO A 30 5.40 -5.87 8.89
C PRO A 30 6.88 -5.88 9.21
N CYS A 31 7.67 -6.48 8.35
CA CYS A 31 9.10 -6.55 8.55
C CYS A 31 9.78 -5.43 7.78
N CYS A 32 9.21 -5.04 6.64
CA CYS A 32 9.79 -3.98 5.82
C CYS A 32 8.69 -3.06 5.31
N GLY A 33 7.61 -3.67 4.81
CA GLY A 33 6.50 -2.88 4.31
C GLY A 33 6.14 -3.22 2.88
N ASN A 34 6.89 -4.15 2.31
CA ASN A 34 6.65 -4.57 0.94
C ASN A 34 5.36 -5.39 0.85
N SER A 35 4.73 -5.33 -0.31
CA SER A 35 3.49 -6.05 -0.53
C SER A 35 3.67 -7.06 -1.66
N TYR A 36 3.10 -8.25 -1.48
CA TYR A 36 3.17 -9.31 -2.49
C TYR A 36 1.90 -10.14 -2.42
N CYS A 37 1.75 -11.05 -3.37
CA CYS A 37 0.61 -11.95 -3.37
C CYS A 37 0.60 -12.72 -2.06
N ASP A 38 -0.58 -12.93 -1.49
CA ASP A 38 -0.67 -13.65 -0.22
C ASP A 38 0.00 -15.01 -0.32
N GLU A 39 -0.26 -15.71 -1.42
CA GLU A 39 0.32 -17.03 -1.65
C GLU A 39 1.82 -16.94 -1.86
N CYS A 40 2.26 -15.93 -2.61
CA CYS A 40 3.66 -15.75 -2.91
C CYS A 40 4.45 -15.50 -1.63
N ILE A 41 4.06 -14.48 -0.87
CA ILE A 41 4.74 -14.13 0.36
C ILE A 41 4.63 -15.26 1.38
N ARG A 42 3.51 -15.97 1.36
CA ARG A 42 3.31 -17.08 2.26
C ARG A 42 4.35 -18.15 1.96
N THR A 43 4.49 -18.49 0.68
CA THR A 43 5.43 -19.48 0.22
C THR A 43 6.87 -19.14 0.66
N ALA A 44 7.24 -17.87 0.52
CA ALA A 44 8.58 -17.42 0.89
C ALA A 44 8.90 -17.73 2.35
N LEU A 45 7.95 -17.43 3.23
CA LEU A 45 8.12 -17.68 4.65
C LEU A 45 8.02 -19.17 4.99
N LEU A 46 7.21 -19.89 4.23
CA LEU A 46 7.04 -21.32 4.46
C LEU A 46 8.31 -22.08 4.07
N GLU A 47 8.93 -21.64 2.98
CA GLU A 47 10.17 -22.26 2.51
C GLU A 47 11.32 -21.94 3.44
N SER A 48 11.39 -20.68 3.87
CA SER A 48 12.45 -20.23 4.76
C SER A 48 12.08 -20.46 6.22
N ASP A 49 12.64 -21.50 6.82
CA ASP A 49 12.37 -21.83 8.23
C ASP A 49 12.72 -20.68 9.15
N GLU A 50 13.74 -19.93 8.77
CA GLU A 50 14.21 -18.77 9.55
C GLU A 50 13.37 -17.54 9.25
N HIS A 51 12.32 -17.72 8.44
CA HIS A 51 11.40 -16.64 8.07
C HIS A 51 12.13 -15.50 7.37
N THR A 52 12.97 -15.86 6.41
CA THR A 52 13.72 -14.89 5.64
C THR A 52 12.82 -14.17 4.65
N CYS A 53 12.66 -12.87 4.84
CA CYS A 53 11.85 -12.07 3.93
C CYS A 53 12.46 -12.08 2.54
N PRO A 54 11.62 -12.22 1.51
CA PRO A 54 12.05 -12.27 0.11
C PRO A 54 12.29 -10.89 -0.49
N THR A 55 12.80 -9.99 0.33
CA THR A 55 13.05 -8.64 -0.14
C THR A 55 14.07 -7.93 0.77
N CYS A 56 13.86 -7.97 2.08
CA CYS A 56 14.76 -7.32 3.01
C CYS A 56 15.62 -8.36 3.74
N HIS A 57 15.21 -9.62 3.61
CA HIS A 57 15.90 -10.75 4.22
C HIS A 57 15.85 -10.67 5.74
N GLN A 58 14.64 -10.47 6.25
CA GLN A 58 14.43 -10.41 7.67
C GLN A 58 14.42 -11.82 8.25
N ASN A 59 14.54 -11.95 9.56
CA ASN A 59 14.56 -13.27 10.18
C ASN A 59 13.65 -13.34 11.41
N ASP A 60 12.43 -12.84 11.27
CA ASP A 60 11.48 -12.86 12.39
C ASP A 60 10.07 -12.49 11.94
N VAL A 61 9.75 -12.82 10.70
CA VAL A 61 8.43 -12.55 10.18
C VAL A 61 7.57 -13.81 10.27
N SER A 62 6.42 -13.81 9.61
CA SER A 62 5.54 -14.95 9.63
C SER A 62 4.36 -14.72 8.70
N PRO A 63 3.77 -15.81 8.16
CA PRO A 63 2.64 -15.72 7.23
C PRO A 63 1.34 -15.32 7.94
N ASP A 64 1.40 -15.20 9.25
CA ASP A 64 0.24 -14.81 10.03
C ASP A 64 0.27 -13.32 10.31
N ALA A 65 1.48 -12.74 10.23
CA ALA A 65 1.65 -11.32 10.48
C ALA A 65 1.38 -10.50 9.22
N LEU A 66 0.94 -11.19 8.17
CA LEU A 66 0.62 -10.53 6.91
C LEU A 66 -0.66 -9.72 7.06
N ILE A 67 -0.52 -8.40 7.01
CA ILE A 67 -1.65 -7.50 7.16
C ILE A 67 -2.32 -7.26 5.82
N ALA A 68 -3.49 -6.64 5.84
CA ALA A 68 -4.21 -6.40 4.60
C ALA A 68 -3.99 -4.99 4.06
N ASN A 69 -3.21 -4.88 3.01
CA ASN A 69 -2.92 -3.61 2.38
C ASN A 69 -4.06 -3.29 1.44
N LYS A 70 -5.17 -2.84 2.00
CA LYS A 70 -6.36 -2.51 1.22
C LYS A 70 -6.04 -1.55 0.09
N PHE A 71 -5.14 -0.62 0.33
CA PHE A 71 -4.75 0.36 -0.67
C PHE A 71 -4.11 -0.33 -1.87
N LEU A 72 -3.27 -1.33 -1.57
CA LEU A 72 -2.57 -2.08 -2.60
C LEU A 72 -3.54 -2.82 -3.51
N ARG A 73 -4.36 -3.68 -2.92
CA ARG A 73 -5.32 -4.45 -3.71
C ARG A 73 -6.33 -3.54 -4.40
N GLN A 74 -6.49 -2.31 -3.89
CA GLN A 74 -7.39 -1.34 -4.52
C GLN A 74 -6.76 -0.82 -5.80
N ALA A 75 -5.51 -0.39 -5.69
CA ALA A 75 -4.75 0.12 -6.82
C ALA A 75 -4.71 -0.91 -7.93
N VAL A 76 -4.45 -2.16 -7.56
CA VAL A 76 -4.41 -3.26 -8.50
C VAL A 76 -5.72 -3.36 -9.28
N ASN A 77 -6.82 -3.39 -8.55
CA ASN A 77 -8.15 -3.50 -9.15
C ASN A 77 -8.42 -2.37 -10.15
N ASN A 78 -8.00 -1.16 -9.78
CA ASN A 78 -8.19 0.00 -10.64
C ASN A 78 -7.34 -0.11 -11.88
N PHE A 79 -6.08 -0.47 -11.69
CA PHE A 79 -5.12 -0.62 -12.77
C PHE A 79 -5.57 -1.69 -13.78
N LYS A 80 -5.99 -2.87 -13.29
CA LYS A 80 -6.45 -3.95 -14.16
C LYS A 80 -7.57 -3.46 -15.08
N ASN A 81 -8.44 -2.60 -14.54
CA ASN A 81 -9.57 -2.09 -15.31
C ASN A 81 -9.12 -1.02 -16.31
N GLU A 82 -7.94 -0.46 -16.10
CA GLU A 82 -7.41 0.58 -16.98
C GLU A 82 -6.76 -0.04 -18.22
N THR A 83 -5.85 -0.97 -18.00
CA THR A 83 -5.13 -1.61 -19.10
C THR A 83 -5.91 -2.77 -19.70
N GLY A 84 -6.85 -3.31 -18.93
CA GLY A 84 -7.66 -4.41 -19.40
C GLY A 84 -7.09 -5.75 -18.97
N TYR A 85 -6.34 -5.75 -17.88
CA TYR A 85 -5.76 -6.96 -17.33
C TYR A 85 -6.86 -7.86 -16.75
N THR A 86 -6.70 -9.17 -16.90
CA THR A 86 -7.64 -10.18 -16.41
C THR A 86 -9.06 -9.87 -16.82
N LYS A 87 -10.02 -10.15 -15.98
CA LYS A 87 -11.39 -9.91 -16.32
C LYS A 87 -12.18 -9.38 -15.14
N ARG A 88 -13.35 -8.82 -15.42
CA ARG A 88 -14.20 -8.26 -14.38
C ARG A 88 -15.10 -9.33 -13.79
N LEU A 89 -14.93 -9.59 -12.50
CA LEU A 89 -15.74 -10.59 -11.79
C LEU A 89 -17.17 -10.10 -11.68
N ARG A 90 -18.06 -10.96 -11.19
CA ARG A 90 -19.47 -10.60 -11.06
C ARG A 90 -19.80 -10.26 -9.61
N LYS A 91 -20.94 -9.65 -9.42
CA LYS A 91 -21.41 -9.28 -8.09
C LYS A 91 -22.72 -9.99 -7.82
N GLN A 92 -22.96 -11.04 -8.60
CA GLN A 92 -24.17 -11.83 -8.48
C GLN A 92 -23.84 -13.27 -8.15
N GLY B 1 -13.72 9.08 -19.54
CA GLY B 1 -13.46 10.53 -19.67
C GLY B 1 -12.11 10.91 -19.07
N PRO B 2 -11.61 12.12 -19.38
CA PRO B 2 -10.34 12.60 -18.86
C PRO B 2 -10.44 13.05 -17.41
N LEU B 3 -9.60 12.46 -16.60
CA LEU B 3 -9.54 12.78 -15.18
C LEU B 3 -8.09 12.93 -14.78
N GLY B 4 -7.73 14.13 -14.32
CA GLY B 4 -6.37 14.37 -13.93
C GLY B 4 -5.72 15.48 -14.73
N SER B 5 -6.46 16.00 -15.71
CA SER B 5 -5.96 17.07 -16.56
C SER B 5 -5.67 18.32 -15.73
N GLU B 6 -6.72 18.85 -15.10
CA GLU B 6 -6.58 20.04 -14.26
C GLU B 6 -7.32 19.83 -12.94
N ASP B 7 -7.98 18.68 -12.83
CA ASP B 7 -8.73 18.32 -11.64
C ASP B 7 -8.56 16.85 -11.37
N ASP B 8 -8.27 16.50 -10.13
CA ASP B 8 -8.09 15.11 -9.78
C ASP B 8 -8.22 14.91 -8.28
N PRO B 9 -9.21 14.14 -7.85
CA PRO B 9 -9.43 13.85 -6.44
C PRO B 9 -8.50 12.75 -5.95
N ILE B 10 -8.21 12.73 -4.66
CA ILE B 10 -7.31 11.73 -4.11
C ILE B 10 -7.99 10.38 -3.99
N PRO B 11 -7.47 9.35 -4.69
CA PRO B 11 -8.01 8.00 -4.64
C PRO B 11 -7.69 7.31 -3.31
N ASP B 12 -8.61 6.44 -2.87
CA ASP B 12 -8.47 5.73 -1.60
C ASP B 12 -7.18 4.91 -1.51
N GLU B 13 -6.61 4.54 -2.66
CA GLU B 13 -5.38 3.75 -2.69
C GLU B 13 -4.15 4.54 -2.27
N LEU B 14 -4.32 5.84 -1.98
CA LEU B 14 -3.21 6.68 -1.56
C LEU B 14 -3.74 7.90 -0.82
N LEU B 15 -4.93 7.76 -0.27
CA LEU B 15 -5.60 8.82 0.44
C LEU B 15 -5.64 8.54 1.95
N CYS B 16 -5.18 9.51 2.74
CA CYS B 16 -5.18 9.38 4.20
C CYS B 16 -6.60 9.59 4.70
N LEU B 17 -7.03 8.73 5.59
CA LEU B 17 -8.35 8.84 6.15
C LEU B 17 -8.37 9.87 7.27
N ILE B 18 -7.27 9.92 8.00
CA ILE B 18 -7.14 10.82 9.14
C ILE B 18 -7.32 12.29 8.75
N CYS B 19 -6.60 12.75 7.74
CA CYS B 19 -6.72 14.13 7.31
C CYS B 19 -7.52 14.26 6.01
N LYS B 20 -8.05 13.13 5.55
CA LYS B 20 -8.84 13.08 4.30
C LYS B 20 -8.10 13.70 3.11
N ASP B 21 -6.79 13.53 3.05
CA ASP B 21 -5.99 14.06 1.94
C ASP B 21 -4.83 13.12 1.66
N ILE B 22 -4.13 13.38 0.58
CA ILE B 22 -2.98 12.56 0.21
C ILE B 22 -1.87 12.75 1.24
N MET B 23 -1.05 11.72 1.41
CA MET B 23 0.03 11.76 2.37
C MET B 23 1.35 11.47 1.71
N THR B 24 2.43 11.81 2.40
CA THR B 24 3.76 11.58 1.91
C THR B 24 4.49 10.73 2.95
N ASP B 25 5.36 9.85 2.49
CA ASP B 25 6.10 8.95 3.39
C ASP B 25 5.11 8.10 4.18
N ALA B 26 4.00 7.75 3.50
CA ALA B 26 2.93 6.97 4.09
C ALA B 26 3.43 5.66 4.70
N VAL B 27 2.88 5.33 5.85
CA VAL B 27 3.24 4.13 6.55
C VAL B 27 2.03 3.20 6.66
N VAL B 28 2.28 1.96 7.03
CA VAL B 28 1.21 0.98 7.16
C VAL B 28 1.06 0.54 8.60
N ILE B 29 -0.18 0.26 8.99
CA ILE B 29 -0.48 -0.16 10.33
C ILE B 29 -0.74 -1.68 10.34
N PRO B 30 0.07 -2.43 11.10
CA PRO B 30 -0.02 -3.90 11.15
C PRO B 30 -1.24 -4.43 11.89
N CYS B 31 -2.15 -3.54 12.25
CA CYS B 31 -3.34 -3.93 12.95
C CYS B 31 -4.46 -4.26 11.97
N CYS B 32 -4.48 -3.53 10.85
CA CYS B 32 -5.50 -3.74 9.84
C CYS B 32 -4.90 -3.73 8.43
N GLY B 33 -4.00 -2.77 8.19
CA GLY B 33 -3.35 -2.68 6.90
C GLY B 33 -3.58 -1.35 6.23
N ASN B 34 -4.18 -0.42 6.96
CA ASN B 34 -4.46 0.90 6.43
C ASN B 34 -3.19 1.74 6.41
N SER B 35 -3.12 2.68 5.48
CA SER B 35 -1.96 3.55 5.36
C SER B 35 -2.35 5.01 5.52
N TYR B 36 -1.57 5.73 6.31
CA TYR B 36 -1.81 7.15 6.54
C TYR B 36 -0.50 7.86 6.75
N CYS B 37 -0.55 9.18 6.85
CA CYS B 37 0.64 9.98 7.10
C CYS B 37 1.29 9.50 8.39
N ASP B 38 2.63 9.45 8.42
CA ASP B 38 3.33 9.00 9.62
C ASP B 38 2.92 9.84 10.82
N GLU B 39 2.82 11.16 10.62
CA GLU B 39 2.44 12.06 11.68
C GLU B 39 0.98 11.87 12.07
N CYS B 40 0.13 11.68 11.07
CA CYS B 40 -1.30 11.50 11.31
C CYS B 40 -1.58 10.25 12.15
N ILE B 41 -1.10 9.11 11.67
CA ILE B 41 -1.32 7.84 12.36
C ILE B 41 -0.63 7.84 13.74
N ARG B 42 0.52 8.50 13.82
CA ARG B 42 1.24 8.60 15.07
C ARG B 42 0.40 9.33 16.09
N THR B 43 -0.20 10.44 15.65
CA THR B 43 -1.04 11.26 16.50
C THR B 43 -2.23 10.47 17.04
N ALA B 44 -2.84 9.66 16.18
CA ALA B 44 -4.00 8.86 16.56
C ALA B 44 -3.67 7.92 17.72
N LEU B 45 -2.55 7.23 17.63
CA LEU B 45 -2.13 6.31 18.66
C LEU B 45 -1.66 7.04 19.91
N LEU B 46 -0.96 8.16 19.70
CA LEU B 46 -0.44 8.96 20.80
C LEU B 46 -1.57 9.53 21.67
N GLU B 47 -2.67 9.93 21.03
CA GLU B 47 -3.80 10.50 21.75
C GLU B 47 -4.73 9.41 22.30
N SER B 48 -4.35 8.15 22.09
CA SER B 48 -5.14 7.03 22.57
C SER B 48 -4.27 6.06 23.38
N ASP B 49 -4.38 6.12 24.70
CA ASP B 49 -3.62 5.24 25.57
C ASP B 49 -3.89 3.77 25.27
N GLU B 50 -5.13 3.49 24.90
CA GLU B 50 -5.55 2.13 24.59
C GLU B 50 -5.12 1.74 23.17
N HIS B 51 -4.41 2.65 22.49
CA HIS B 51 -3.92 2.43 21.14
C HIS B 51 -5.05 2.08 20.19
N THR B 52 -6.09 2.89 20.22
CA THR B 52 -7.25 2.70 19.36
C THR B 52 -6.96 3.15 17.93
N CYS B 53 -6.95 2.20 17.00
CA CYS B 53 -6.72 2.52 15.60
C CYS B 53 -7.82 3.45 15.08
N PRO B 54 -7.44 4.46 14.29
CA PRO B 54 -8.38 5.44 13.73
C PRO B 54 -9.10 4.95 12.49
N THR B 55 -9.28 3.65 12.40
CA THR B 55 -9.93 3.07 11.25
C THR B 55 -10.63 1.76 11.61
N CYS B 56 -9.92 0.87 12.29
CA CYS B 56 -10.47 -0.41 12.68
C CYS B 56 -10.79 -0.44 14.17
N HIS B 57 -10.31 0.59 14.88
CA HIS B 57 -10.53 0.74 16.31
C HIS B 57 -9.89 -0.39 17.09
N GLN B 58 -8.67 -0.73 16.70
CA GLN B 58 -7.90 -1.76 17.37
C GLN B 58 -7.46 -1.27 18.74
N ASN B 59 -6.85 -2.13 19.55
CA ASN B 59 -6.43 -1.72 20.90
C ASN B 59 -5.08 -2.31 21.31
N ASP B 60 -4.17 -2.48 20.35
CA ASP B 60 -2.86 -3.04 20.65
C ASP B 60 -1.83 -2.68 19.58
N VAL B 61 -2.01 -1.53 18.98
CA VAL B 61 -1.08 -1.07 17.96
C VAL B 61 -0.05 -0.15 18.60
N SER B 62 0.76 0.52 17.80
CA SER B 62 1.78 1.42 18.30
C SER B 62 2.44 2.19 17.17
N PRO B 63 3.00 3.37 17.47
CA PRO B 63 3.67 4.21 16.46
C PRO B 63 5.00 3.63 16.00
N ASP B 64 5.50 2.66 16.74
CA ASP B 64 6.76 2.01 16.41
C ASP B 64 6.51 0.83 15.47
N ALA B 65 5.27 0.37 15.44
CA ALA B 65 4.90 -0.77 14.60
C ALA B 65 4.54 -0.33 13.18
N LEU B 66 4.65 0.97 12.92
CA LEU B 66 4.34 1.51 11.61
C LEU B 66 5.40 1.07 10.62
N ILE B 67 5.00 0.29 9.63
CA ILE B 67 5.92 -0.22 8.63
C ILE B 67 6.00 0.72 7.43
N ALA B 68 6.96 0.50 6.54
CA ALA B 68 7.14 1.37 5.38
C ALA B 68 6.40 0.87 4.16
N ASN B 69 5.29 1.52 3.83
CA ASN B 69 4.52 1.13 2.65
C ASN B 69 5.12 1.80 1.43
N LYS B 70 6.22 1.23 0.95
CA LYS B 70 6.92 1.76 -0.22
C LYS B 70 5.97 1.99 -1.39
N PHE B 71 5.07 1.03 -1.57
CA PHE B 71 4.12 1.06 -2.66
C PHE B 71 3.23 2.29 -2.57
N LEU B 72 2.79 2.60 -1.35
CA LEU B 72 1.96 3.75 -1.11
C LEU B 72 2.71 5.02 -1.48
N ARG B 73 3.90 5.14 -0.94
CA ARG B 73 4.77 6.28 -1.21
C ARG B 73 4.99 6.46 -2.70
N GLN B 74 5.22 5.35 -3.40
CA GLN B 74 5.43 5.38 -4.85
C GLN B 74 4.20 5.91 -5.57
N ALA B 75 3.05 5.34 -5.26
CA ALA B 75 1.80 5.75 -5.89
C ALA B 75 1.52 7.23 -5.66
N VAL B 76 1.72 7.67 -4.42
CA VAL B 76 1.52 9.08 -4.06
C VAL B 76 2.39 9.99 -4.92
N ASN B 77 3.68 9.65 -5.00
CA ASN B 77 4.64 10.42 -5.78
C ASN B 77 4.23 10.46 -7.25
N ASN B 78 3.81 9.32 -7.79
CA ASN B 78 3.39 9.23 -9.18
C ASN B 78 2.15 10.08 -9.42
N PHE B 79 1.17 9.94 -8.53
CA PHE B 79 -0.07 10.68 -8.63
C PHE B 79 0.16 12.19 -8.64
N LYS B 80 0.93 12.68 -7.66
CA LYS B 80 1.23 14.11 -7.57
C LYS B 80 1.89 14.63 -8.85
N ASN B 81 2.70 13.81 -9.49
CA ASN B 81 3.39 14.22 -10.72
C ASN B 81 2.42 14.25 -11.90
N GLU B 82 1.41 13.41 -11.86
CA GLU B 82 0.41 13.32 -12.93
C GLU B 82 -0.49 14.56 -12.96
N THR B 83 -1.15 14.82 -11.84
CA THR B 83 -2.07 15.95 -11.77
C THR B 83 -1.38 17.25 -11.35
N GLY B 84 -0.18 17.14 -10.81
CA GLY B 84 0.54 18.32 -10.37
C GLY B 84 0.08 18.76 -9.00
N TYR B 85 -0.12 17.79 -8.12
CA TYR B 85 -0.60 18.05 -6.77
C TYR B 85 0.40 18.87 -5.96
N THR B 86 -0.15 19.79 -5.19
CA THR B 86 0.60 20.68 -4.28
C THR B 86 -0.38 21.68 -3.66
N LYS B 87 0.12 22.53 -2.76
CA LYS B 87 -0.72 23.51 -2.11
C LYS B 87 0.10 24.70 -1.63
N ARG B 88 -0.54 25.85 -1.54
CA ARG B 88 0.13 27.07 -1.10
C ARG B 88 -0.11 27.29 0.38
N LEU B 89 0.65 26.60 1.22
CA LEU B 89 0.50 26.73 2.66
C LEU B 89 1.74 27.37 3.27
N ARG B 90 1.56 27.99 4.42
CA ARG B 90 2.65 28.65 5.12
C ARG B 90 3.21 27.71 6.17
N LYS B 91 4.39 28.05 6.67
CA LYS B 91 5.04 27.24 7.69
C LYS B 91 4.56 27.68 9.07
N GLN B 92 3.25 27.82 9.17
CA GLN B 92 2.59 28.21 10.42
C GLN B 92 2.85 27.19 11.52
ZN ZN C . 3.20 -12.57 -6.44
ZN ZN D . 10.70 -7.84 4.63
ZN ZN E . -2.90 12.40 7.19
ZN ZN F . -6.08 -0.50 12.39
N GLY A 1 16.16 1.29 -23.16
CA GLY A 1 16.13 0.59 -21.86
C GLY A 1 15.00 -0.41 -21.79
N PRO A 2 14.16 -0.34 -20.75
CA PRO A 2 13.02 -1.25 -20.58
C PRO A 2 11.86 -0.93 -21.51
N LEU A 3 10.80 -1.69 -21.37
CA LEU A 3 9.61 -1.49 -22.17
C LEU A 3 8.50 -0.95 -21.28
N GLY A 4 7.32 -0.81 -21.82
CA GLY A 4 6.21 -0.30 -21.07
C GLY A 4 5.47 0.79 -21.81
N SER A 5 6.06 1.27 -22.89
CA SER A 5 5.45 2.33 -23.70
C SER A 5 4.11 1.85 -24.27
N GLU A 6 4.14 0.83 -25.09
CA GLU A 6 2.93 0.28 -25.70
C GLU A 6 2.50 -0.98 -24.96
N ASP A 7 3.36 -1.44 -24.08
CA ASP A 7 3.11 -2.64 -23.30
C ASP A 7 2.32 -2.29 -22.05
N ASP A 8 2.04 -3.29 -21.23
CA ASP A 8 1.31 -3.09 -19.98
C ASP A 8 2.23 -3.40 -18.80
N PRO A 9 2.99 -2.40 -18.34
CA PRO A 9 3.94 -2.57 -17.25
C PRO A 9 3.28 -2.39 -15.88
N ILE A 10 3.79 -3.12 -14.90
CA ILE A 10 3.27 -3.03 -13.55
C ILE A 10 4.29 -2.39 -12.62
N PRO A 11 3.92 -1.29 -11.96
CA PRO A 11 4.82 -0.60 -11.03
C PRO A 11 5.01 -1.37 -9.74
N ASP A 12 6.16 -1.20 -9.10
CA ASP A 12 6.47 -1.90 -7.85
C ASP A 12 5.61 -1.38 -6.71
N GLU A 13 4.75 -0.41 -7.02
CA GLU A 13 3.86 0.17 -6.03
C GLU A 13 2.58 -0.66 -5.88
N LEU A 14 2.45 -1.71 -6.70
CA LEU A 14 1.27 -2.57 -6.63
C LEU A 14 1.54 -3.90 -7.32
N LEU A 15 2.80 -4.15 -7.60
CA LEU A 15 3.21 -5.39 -8.24
C LEU A 15 3.94 -6.30 -7.26
N CYS A 16 3.68 -7.59 -7.32
CA CYS A 16 4.33 -8.56 -6.46
C CYS A 16 5.75 -8.77 -6.96
N LEU A 17 6.71 -8.55 -6.10
CA LEU A 17 8.10 -8.73 -6.46
C LEU A 17 8.42 -10.20 -6.61
N ILE A 18 7.74 -11.03 -5.82
CA ILE A 18 7.95 -12.46 -5.81
C ILE A 18 7.73 -13.09 -7.19
N CYS A 19 6.57 -12.86 -7.78
CA CYS A 19 6.28 -13.41 -9.10
C CYS A 19 6.48 -12.36 -10.18
N LYS A 20 6.96 -11.18 -9.78
CA LYS A 20 7.22 -10.07 -10.71
C LYS A 20 5.97 -9.71 -11.54
N ASP A 21 4.79 -9.84 -10.94
CA ASP A 21 3.54 -9.49 -11.63
C ASP A 21 2.53 -8.93 -10.63
N ILE A 22 1.43 -8.40 -11.14
CA ILE A 22 0.38 -7.84 -10.30
C ILE A 22 -0.33 -8.94 -9.53
N MET A 23 -0.97 -8.57 -8.42
CA MET A 23 -1.65 -9.55 -7.59
C MET A 23 -2.95 -9.00 -7.02
N THR A 24 -3.78 -9.90 -6.53
CA THR A 24 -5.05 -9.55 -5.94
C THR A 24 -5.02 -9.91 -4.45
N ASP A 25 -5.77 -9.16 -3.65
CA ASP A 25 -5.85 -9.39 -2.21
C ASP A 25 -4.47 -9.33 -1.57
N ALA A 26 -3.63 -8.44 -2.11
CA ALA A 26 -2.25 -8.24 -1.64
C ALA A 26 -2.18 -7.99 -0.13
N VAL A 27 -1.17 -8.56 0.50
CA VAL A 27 -0.97 -8.40 1.93
C VAL A 27 0.33 -7.64 2.20
N VAL A 28 0.51 -7.20 3.43
CA VAL A 28 1.71 -6.46 3.79
C VAL A 28 2.55 -7.23 4.80
N ILE A 29 3.85 -7.06 4.69
CA ILE A 29 4.78 -7.74 5.57
C ILE A 29 5.34 -6.73 6.59
N PRO A 30 5.12 -7.00 7.89
CA PRO A 30 5.54 -6.11 8.99
C PRO A 30 7.04 -6.09 9.23
N CYS A 31 7.80 -6.75 8.38
CA CYS A 31 9.24 -6.78 8.54
C CYS A 31 9.89 -5.64 7.76
N CYS A 32 9.24 -5.21 6.69
CA CYS A 32 9.77 -4.13 5.87
C CYS A 32 8.65 -3.19 5.41
N GLY A 33 7.59 -3.77 4.87
CA GLY A 33 6.46 -2.98 4.43
C GLY A 33 6.04 -3.29 3.01
N ASN A 34 6.76 -4.17 2.36
CA ASN A 34 6.45 -4.55 0.98
C ASN A 34 5.18 -5.41 0.91
N SER A 35 4.48 -5.33 -0.21
CA SER A 35 3.25 -6.10 -0.40
C SER A 35 3.37 -7.09 -1.56
N TYR A 36 2.87 -8.30 -1.34
CA TYR A 36 2.90 -9.35 -2.37
C TYR A 36 1.68 -10.23 -2.23
N CYS A 37 1.52 -11.17 -3.17
CA CYS A 37 0.41 -12.10 -3.13
C CYS A 37 0.45 -12.85 -1.80
N ASP A 38 -0.73 -13.11 -1.23
CA ASP A 38 -0.80 -13.83 0.05
C ASP A 38 -0.15 -15.20 -0.07
N GLU A 39 -0.31 -15.82 -1.24
CA GLU A 39 0.24 -17.14 -1.50
C GLU A 39 1.76 -17.05 -1.70
N CYS A 40 2.19 -16.04 -2.44
CA CYS A 40 3.61 -15.86 -2.73
C CYS A 40 4.41 -15.58 -1.46
N ILE A 41 3.98 -14.57 -0.71
CA ILE A 41 4.67 -14.19 0.51
C ILE A 41 4.65 -15.32 1.53
N ARG A 42 3.54 -16.06 1.55
CA ARG A 42 3.40 -17.18 2.46
C ARG A 42 4.46 -18.21 2.15
N THR A 43 4.54 -18.57 0.88
CA THR A 43 5.50 -19.55 0.40
C THR A 43 6.94 -19.18 0.77
N ALA A 44 7.28 -17.91 0.60
CA ALA A 44 8.63 -17.43 0.91
C ALA A 44 9.01 -17.71 2.36
N LEU A 45 8.09 -17.44 3.28
CA LEU A 45 8.35 -17.65 4.70
C LEU A 45 8.33 -19.15 5.05
N LEU A 46 7.52 -19.92 4.33
CA LEU A 46 7.43 -21.35 4.58
C LEU A 46 8.69 -22.06 4.06
N GLU A 47 9.12 -21.65 2.88
CA GLU A 47 10.30 -22.24 2.23
C GLU A 47 11.57 -21.92 3.02
N SER A 48 11.70 -20.67 3.45
CA SER A 48 12.87 -20.24 4.20
C SER A 48 12.68 -20.51 5.69
N ASP A 49 13.48 -21.41 6.24
CA ASP A 49 13.40 -21.77 7.65
C ASP A 49 13.66 -20.58 8.56
N GLU A 50 14.50 -19.67 8.10
CA GLU A 50 14.85 -18.48 8.87
C GLU A 50 13.87 -17.33 8.59
N HIS A 51 12.80 -17.64 7.85
CA HIS A 51 11.79 -16.65 7.51
C HIS A 51 12.38 -15.52 6.67
N THR A 52 13.26 -15.89 5.76
CA THR A 52 13.91 -14.94 4.88
C THR A 52 12.90 -14.18 4.03
N CYS A 53 12.77 -12.89 4.26
CA CYS A 53 11.86 -12.06 3.48
C CYS A 53 12.32 -11.98 2.03
N PRO A 54 11.37 -12.11 1.10
CA PRO A 54 11.65 -12.06 -0.34
C PRO A 54 11.83 -10.63 -0.87
N THR A 55 12.53 -9.83 -0.11
CA THR A 55 12.75 -8.45 -0.48
C THR A 55 13.82 -7.78 0.39
N CYS A 56 13.71 -7.94 1.71
CA CYS A 56 14.66 -7.34 2.63
C CYS A 56 15.52 -8.42 3.27
N HIS A 57 15.13 -9.67 3.04
CA HIS A 57 15.84 -10.83 3.56
C HIS A 57 15.87 -10.81 5.07
N GLN A 58 14.72 -10.46 5.65
CA GLN A 58 14.57 -10.40 7.10
C GLN A 58 14.63 -11.81 7.67
N ASN A 59 14.82 -11.93 8.98
CA ASN A 59 14.93 -13.24 9.60
C ASN A 59 14.00 -13.37 10.81
N ASP A 60 12.92 -12.62 10.83
CA ASP A 60 12.00 -12.68 11.96
C ASP A 60 10.60 -12.23 11.54
N VAL A 61 10.11 -12.83 10.48
CA VAL A 61 8.79 -12.53 9.99
C VAL A 61 7.87 -13.72 10.18
N SER A 62 6.68 -13.70 9.59
CA SER A 62 5.75 -14.82 9.73
C SER A 62 4.52 -14.63 8.85
N PRO A 63 3.97 -15.75 8.32
CA PRO A 63 2.79 -15.73 7.47
C PRO A 63 1.54 -15.43 8.26
N ASP A 64 1.68 -15.42 9.58
CA ASP A 64 0.56 -15.13 10.47
C ASP A 64 0.50 -13.64 10.76
N ALA A 65 1.65 -12.97 10.63
CA ALA A 65 1.74 -11.54 10.88
C ALA A 65 1.46 -10.72 9.62
N LEU A 66 0.94 -11.38 8.60
CA LEU A 66 0.62 -10.72 7.34
C LEU A 66 -0.64 -9.88 7.50
N ILE A 67 -0.49 -8.58 7.31
CA ILE A 67 -1.62 -7.66 7.44
C ILE A 67 -2.30 -7.46 6.10
N ALA A 68 -3.45 -6.81 6.09
CA ALA A 68 -4.19 -6.63 4.85
C ALA A 68 -4.00 -5.23 4.27
N ASN A 69 -3.21 -5.13 3.20
CA ASN A 69 -2.95 -3.85 2.56
C ASN A 69 -4.10 -3.53 1.62
N LYS A 70 -5.22 -3.11 2.18
CA LYS A 70 -6.39 -2.78 1.39
C LYS A 70 -6.08 -1.67 0.39
N PHE A 71 -5.14 -0.81 0.75
CA PHE A 71 -4.73 0.28 -0.12
C PHE A 71 -4.15 -0.30 -1.40
N LEU A 72 -3.31 -1.31 -1.22
CA LEU A 72 -2.68 -2.02 -2.33
C LEU A 72 -3.76 -2.66 -3.19
N ARG A 73 -4.63 -3.39 -2.52
CA ARG A 73 -5.73 -4.08 -3.19
C ARG A 73 -6.59 -3.11 -4.01
N GLN A 74 -6.81 -1.90 -3.50
CA GLN A 74 -7.59 -0.92 -4.21
C GLN A 74 -6.80 -0.38 -5.40
N ALA A 75 -5.52 -0.13 -5.20
CA ALA A 75 -4.65 0.37 -6.26
C ALA A 75 -4.64 -0.60 -7.44
N VAL A 76 -4.53 -1.88 -7.13
CA VAL A 76 -4.54 -2.93 -8.14
C VAL A 76 -5.84 -2.91 -8.94
N ASN A 77 -6.94 -2.72 -8.22
CA ASN A 77 -8.28 -2.68 -8.83
C ASN A 77 -8.41 -1.53 -9.82
N ASN A 78 -7.84 -0.38 -9.48
CA ASN A 78 -7.92 0.80 -10.34
C ASN A 78 -6.94 0.69 -11.49
N PHE A 79 -5.72 0.25 -11.19
CA PHE A 79 -4.68 0.11 -12.19
C PHE A 79 -5.12 -0.81 -13.33
N LYS A 80 -5.63 -2.00 -12.97
CA LYS A 80 -6.08 -2.97 -13.96
C LYS A 80 -7.14 -2.38 -14.91
N ASN A 81 -7.92 -1.44 -14.39
CA ASN A 81 -8.97 -0.81 -15.19
C ASN A 81 -8.43 0.31 -16.06
N GLU A 82 -7.46 1.07 -15.55
CA GLU A 82 -6.88 2.18 -16.28
C GLU A 82 -6.04 1.70 -17.45
N THR A 83 -5.21 0.70 -17.22
CA THR A 83 -4.35 0.18 -18.26
C THR A 83 -5.03 -0.93 -19.06
N GLY A 84 -5.93 -1.65 -18.42
CA GLY A 84 -6.61 -2.74 -19.07
C GLY A 84 -5.71 -3.96 -19.12
N TYR A 85 -4.94 -4.12 -18.06
CA TYR A 85 -3.99 -5.21 -17.92
C TYR A 85 -4.64 -6.58 -18.05
N THR A 86 -5.76 -6.72 -17.42
CA THR A 86 -6.49 -7.97 -17.44
C THR A 86 -7.20 -8.17 -18.77
N LYS A 87 -7.05 -9.36 -19.32
CA LYS A 87 -7.67 -9.69 -20.59
C LYS A 87 -9.09 -10.19 -20.38
N ARG A 88 -9.82 -10.36 -21.48
CA ARG A 88 -11.21 -10.82 -21.41
C ARG A 88 -11.27 -12.32 -21.19
N LEU A 89 -10.14 -13.00 -21.37
CA LEU A 89 -10.07 -14.44 -21.17
C LEU A 89 -9.85 -14.74 -19.70
N ARG A 90 -10.31 -15.91 -19.26
CA ARG A 90 -10.17 -16.33 -17.88
C ARG A 90 -8.78 -16.92 -17.63
N LYS A 91 -8.68 -17.85 -16.70
CA LYS A 91 -7.39 -18.48 -16.40
C LYS A 91 -7.23 -19.77 -17.19
N GLN A 92 -8.32 -20.20 -17.82
CA GLN A 92 -8.34 -21.40 -18.64
C GLN A 92 -7.99 -22.64 -17.81
N GLY B 1 -26.41 11.86 -11.06
CA GLY B 1 -25.01 11.64 -11.46
C GLY B 1 -24.03 12.22 -10.47
N PRO B 2 -23.03 11.45 -10.03
CA PRO B 2 -22.04 11.92 -9.07
C PRO B 2 -21.00 12.82 -9.72
N LEU B 3 -20.05 13.28 -8.92
CA LEU B 3 -19.00 14.15 -9.43
C LEU B 3 -17.77 13.30 -9.72
N GLY B 4 -16.77 13.89 -10.35
CA GLY B 4 -15.59 13.14 -10.68
C GLY B 4 -15.12 13.39 -12.10
N SER B 5 -16.02 13.86 -12.95
CA SER B 5 -15.69 14.13 -14.35
C SER B 5 -14.65 15.24 -14.44
N GLU B 6 -14.97 16.41 -13.92
CA GLU B 6 -14.06 17.55 -13.95
C GLU B 6 -13.38 17.71 -12.60
N ASP B 7 -13.62 16.75 -11.72
CA ASP B 7 -13.06 16.77 -10.38
C ASP B 7 -11.85 15.84 -10.29
N ASP B 8 -10.87 16.24 -9.49
CA ASP B 8 -9.67 15.41 -9.30
C ASP B 8 -9.51 15.07 -7.83
N PRO B 9 -10.17 13.99 -7.37
CA PRO B 9 -10.11 13.56 -5.99
C PRO B 9 -8.98 12.55 -5.75
N ILE B 10 -8.76 12.21 -4.49
CA ILE B 10 -7.72 11.26 -4.14
C ILE B 10 -8.33 9.96 -3.63
N PRO B 11 -7.98 8.83 -4.25
CA PRO B 11 -8.50 7.52 -3.84
C PRO B 11 -7.97 7.08 -2.49
N ASP B 12 -8.75 6.28 -1.78
CA ASP B 12 -8.38 5.80 -0.44
C ASP B 12 -7.24 4.79 -0.51
N GLU B 13 -6.79 4.48 -1.72
CA GLU B 13 -5.69 3.55 -1.91
C GLU B 13 -4.33 4.23 -1.75
N LEU B 14 -4.34 5.54 -1.56
CA LEU B 14 -3.09 6.28 -1.38
C LEU B 14 -3.35 7.59 -0.68
N LEU B 15 -4.51 7.67 -0.05
CA LEU B 15 -4.92 8.86 0.67
C LEU B 15 -5.04 8.57 2.16
N CYS B 16 -4.55 9.50 2.98
CA CYS B 16 -4.64 9.36 4.43
C CYS B 16 -6.07 9.63 4.87
N LEU B 17 -6.64 8.67 5.58
CA LEU B 17 -8.01 8.80 6.04
C LEU B 17 -8.09 9.82 7.17
N ILE B 18 -7.03 9.85 7.97
CA ILE B 18 -6.96 10.74 9.13
C ILE B 18 -7.17 12.21 8.75
N CYS B 19 -6.39 12.71 7.81
CA CYS B 19 -6.53 14.10 7.38
C CYS B 19 -7.33 14.20 6.09
N LYS B 20 -7.79 13.03 5.60
CA LYS B 20 -8.57 12.95 4.37
C LYS B 20 -7.82 13.60 3.18
N ASP B 21 -6.51 13.41 3.13
CA ASP B 21 -5.70 13.97 2.05
C ASP B 21 -4.53 13.04 1.72
N ILE B 22 -3.88 13.29 0.60
CA ILE B 22 -2.74 12.48 0.20
C ILE B 22 -1.55 12.75 1.13
N MET B 23 -0.63 11.79 1.21
CA MET B 23 0.52 11.94 2.08
C MET B 23 1.80 11.39 1.46
N THR B 24 2.92 11.79 2.03
CA THR B 24 4.22 11.35 1.58
C THR B 24 4.84 10.44 2.63
N ASP B 25 5.62 9.45 2.18
CA ASP B 25 6.29 8.51 3.09
C ASP B 25 5.28 7.81 3.98
N ALA B 26 4.16 7.42 3.38
CA ALA B 26 3.08 6.73 4.09
C ALA B 26 3.56 5.45 4.77
N VAL B 27 3.02 5.20 5.95
CA VAL B 27 3.37 4.02 6.71
C VAL B 27 2.15 3.11 6.82
N VAL B 28 2.37 1.87 7.21
CA VAL B 28 1.27 0.92 7.34
C VAL B 28 1.08 0.52 8.78
N ILE B 29 -0.16 0.26 9.14
CA ILE B 29 -0.50 -0.14 10.48
C ILE B 29 -0.77 -1.66 10.51
N PRO B 30 0.01 -2.38 11.33
CA PRO B 30 -0.09 -3.86 11.43
C PRO B 30 -1.32 -4.35 12.18
N CYS B 31 -2.24 -3.45 12.42
CA CYS B 31 -3.45 -3.80 13.13
C CYS B 31 -4.58 -4.10 12.14
N CYS B 32 -4.52 -3.48 10.96
CA CYS B 32 -5.53 -3.67 9.94
C CYS B 32 -4.89 -3.71 8.56
N GLY B 33 -4.04 -2.75 8.28
CA GLY B 33 -3.37 -2.71 6.99
C GLY B 33 -3.57 -1.39 6.27
N ASN B 34 -4.08 -0.40 6.96
CA ASN B 34 -4.32 0.90 6.37
C ASN B 34 -3.05 1.75 6.43
N SER B 35 -2.90 2.67 5.48
CA SER B 35 -1.72 3.53 5.43
C SER B 35 -2.11 5.00 5.59
N TYR B 36 -1.36 5.71 6.41
CA TYR B 36 -1.60 7.12 6.64
C TYR B 36 -0.27 7.82 6.89
N CYS B 37 -0.32 9.15 7.00
CA CYS B 37 0.87 9.92 7.29
C CYS B 37 1.50 9.42 8.59
N ASP B 38 2.83 9.36 8.62
CA ASP B 38 3.54 8.90 9.80
C ASP B 38 3.16 9.74 11.02
N GLU B 39 2.98 11.03 10.78
CA GLU B 39 2.62 11.97 11.84
C GLU B 39 1.15 11.79 12.27
N CYS B 40 0.27 11.62 11.29
CA CYS B 40 -1.15 11.45 11.55
C CYS B 40 -1.42 10.18 12.35
N ILE B 41 -0.94 9.05 11.83
CA ILE B 41 -1.17 7.76 12.49
C ILE B 41 -0.53 7.75 13.88
N ARG B 42 0.63 8.39 14.01
CA ARG B 42 1.31 8.48 15.29
C ARG B 42 0.43 9.20 16.29
N THR B 43 -0.07 10.36 15.88
CA THR B 43 -0.93 11.19 16.70
C THR B 43 -2.15 10.41 17.20
N ALA B 44 -2.78 9.65 16.31
CA ALA B 44 -3.97 8.87 16.67
C ALA B 44 -3.70 7.91 17.83
N LEU B 45 -2.57 7.22 17.78
CA LEU B 45 -2.21 6.26 18.81
C LEU B 45 -1.76 6.95 20.10
N LEU B 46 -1.17 8.14 19.96
CA LEU B 46 -0.71 8.88 21.12
C LEU B 46 -1.88 9.52 21.86
N GLU B 47 -2.83 10.06 21.09
CA GLU B 47 -4.01 10.70 21.67
C GLU B 47 -4.91 9.67 22.34
N SER B 48 -5.09 8.53 21.69
CA SER B 48 -5.93 7.47 22.23
C SER B 48 -5.12 6.57 23.15
N ASP B 49 -5.46 6.58 24.43
CA ASP B 49 -4.75 5.78 25.42
C ASP B 49 -4.88 4.28 25.15
N GLU B 50 -6.01 3.87 24.59
CA GLU B 50 -6.24 2.47 24.28
C GLU B 50 -5.68 2.11 22.89
N HIS B 51 -4.95 3.05 22.30
CA HIS B 51 -4.34 2.85 20.98
C HIS B 51 -5.40 2.63 19.90
N THR B 52 -6.48 3.40 20.00
CA THR B 52 -7.58 3.31 19.05
C THR B 52 -7.13 3.64 17.63
N CYS B 53 -7.21 2.66 16.75
CA CYS B 53 -6.84 2.86 15.37
C CYS B 53 -7.83 3.80 14.70
N PRO B 54 -7.33 4.74 13.89
CA PRO B 54 -8.17 5.72 13.19
C PRO B 54 -8.80 5.14 11.92
N THR B 55 -9.27 3.92 12.02
CA THR B 55 -9.89 3.28 10.87
C THR B 55 -10.63 2.00 11.28
N CYS B 56 -9.98 1.14 12.05
CA CYS B 56 -10.59 -0.11 12.50
C CYS B 56 -10.90 -0.04 13.99
N HIS B 57 -10.40 1.03 14.62
CA HIS B 57 -10.62 1.26 16.06
C HIS B 57 -10.03 0.12 16.87
N GLN B 58 -8.85 -0.34 16.44
CA GLN B 58 -8.15 -1.40 17.12
C GLN B 58 -7.69 -0.92 18.50
N ASN B 59 -7.50 -1.85 19.41
CA ASN B 59 -7.09 -1.51 20.77
C ASN B 59 -5.75 -2.15 21.13
N ASP B 60 -4.90 -2.36 20.14
CA ASP B 60 -3.61 -2.99 20.38
C ASP B 60 -2.64 -2.68 19.25
N VAL B 61 -2.41 -1.40 19.03
CA VAL B 61 -1.49 -0.97 18.01
C VAL B 61 -0.32 -0.23 18.65
N SER B 62 0.46 0.50 17.86
CA SER B 62 1.61 1.23 18.39
C SER B 62 2.33 2.01 17.30
N PRO B 63 2.83 3.21 17.64
CA PRO B 63 3.57 4.06 16.69
C PRO B 63 4.95 3.51 16.38
N ASP B 64 5.34 2.49 17.12
CA ASP B 64 6.64 1.85 16.90
C ASP B 64 6.47 0.65 15.99
N ALA B 65 5.24 0.15 15.89
CA ALA B 65 4.94 -1.01 15.05
C ALA B 65 4.60 -0.58 13.63
N LEU B 66 4.77 0.71 13.36
CA LEU B 66 4.49 1.25 12.03
C LEU B 66 5.53 0.76 11.02
N ILE B 67 5.05 0.17 9.94
CA ILE B 67 5.94 -0.35 8.91
C ILE B 67 6.00 0.62 7.72
N ALA B 68 6.92 0.40 6.81
CA ALA B 68 7.08 1.29 5.67
C ALA B 68 6.39 0.75 4.42
N ASN B 69 5.26 1.36 4.07
CA ASN B 69 4.52 0.94 2.89
C ASN B 69 5.15 1.59 1.67
N LYS B 70 6.24 1.00 1.19
CA LYS B 70 6.96 1.52 0.04
C LYS B 70 6.02 1.72 -1.14
N PHE B 71 5.16 0.73 -1.32
CA PHE B 71 4.20 0.71 -2.41
C PHE B 71 3.32 1.95 -2.36
N LEU B 72 2.82 2.26 -1.17
CA LEU B 72 1.96 3.43 -0.97
C LEU B 72 2.69 4.69 -1.38
N ARG B 73 3.90 4.82 -0.88
CA ARG B 73 4.75 5.99 -1.17
C ARG B 73 4.98 6.15 -2.67
N GLN B 74 5.24 5.05 -3.36
CA GLN B 74 5.46 5.09 -4.80
C GLN B 74 4.18 5.45 -5.52
N ALA B 75 3.06 4.89 -5.07
CA ALA B 75 1.76 5.18 -5.68
C ALA B 75 1.46 6.66 -5.61
N VAL B 76 1.73 7.26 -4.45
CA VAL B 76 1.53 8.68 -4.24
C VAL B 76 2.35 9.50 -5.24
N ASN B 77 3.61 9.08 -5.42
CA ASN B 77 4.53 9.76 -6.34
C ASN B 77 4.01 9.74 -7.77
N ASN B 78 3.45 8.61 -8.19
CA ASN B 78 2.95 8.48 -9.54
C ASN B 78 1.63 9.23 -9.70
N PHE B 79 0.74 9.07 -8.72
CA PHE B 79 -0.56 9.74 -8.74
C PHE B 79 -0.39 11.25 -8.84
N LYS B 80 0.44 11.82 -7.97
CA LYS B 80 0.69 13.26 -7.94
C LYS B 80 1.17 13.77 -9.30
N ASN B 81 1.85 12.91 -10.05
CA ASN B 81 2.37 13.28 -11.37
C ASN B 81 1.30 13.13 -12.45
N GLU B 82 0.50 12.09 -12.34
CA GLU B 82 -0.54 11.83 -13.33
C GLU B 82 -1.64 12.88 -13.28
N THR B 83 -2.19 13.10 -12.11
CA THR B 83 -3.27 14.06 -11.95
C THR B 83 -2.75 15.48 -11.78
N GLY B 84 -1.50 15.60 -11.36
CA GLY B 84 -0.92 16.92 -11.15
C GLY B 84 -1.49 17.57 -9.90
N TYR B 85 -1.73 16.74 -8.89
CA TYR B 85 -2.29 17.20 -7.63
C TYR B 85 -1.39 18.21 -6.95
N THR B 86 -0.12 17.91 -6.97
CA THR B 86 0.91 18.75 -6.38
C THR B 86 0.80 20.17 -6.89
N LYS B 87 1.01 21.11 -6.00
CA LYS B 87 0.91 22.51 -6.36
C LYS B 87 2.21 23.24 -6.03
N ARG B 88 2.39 24.37 -6.69
CA ARG B 88 3.58 25.19 -6.48
C ARG B 88 3.26 26.31 -5.50
N LEU B 89 2.07 26.25 -4.93
CA LEU B 89 1.63 27.26 -3.98
C LEU B 89 2.18 26.94 -2.60
N ARG B 90 2.60 27.97 -1.88
CA ARG B 90 3.16 27.80 -0.54
C ARG B 90 2.04 27.81 0.49
N LYS B 91 2.40 27.57 1.74
CA LYS B 91 1.43 27.54 2.83
C LYS B 91 1.14 28.95 3.35
N GLN B 92 1.70 29.94 2.66
CA GLN B 92 1.53 31.35 3.02
C GLN B 92 2.02 31.62 4.44
ZN ZN C . 3.06 -12.83 -6.31
ZN ZN D . 10.69 -7.91 4.54
ZN ZN E . -2.66 12.18 7.21
ZN ZN F . -6.17 -0.39 12.39
N GLY A 1 9.98 -12.61 -15.56
CA GLY A 1 8.95 -11.55 -15.66
C GLY A 1 8.75 -11.09 -17.08
N PRO A 2 7.74 -10.25 -17.33
CA PRO A 2 7.45 -9.73 -18.67
C PRO A 2 8.50 -8.72 -19.12
N LEU A 3 8.80 -8.73 -20.39
CA LEU A 3 9.79 -7.84 -20.97
C LEU A 3 9.12 -6.58 -21.52
N GLY A 4 9.09 -5.55 -20.69
CA GLY A 4 8.49 -4.30 -21.11
C GLY A 4 8.82 -3.18 -20.13
N SER A 5 10.07 -3.15 -19.68
CA SER A 5 10.53 -2.14 -18.73
C SER A 5 10.52 -0.74 -19.32
N GLU A 6 10.70 -0.64 -20.64
CA GLU A 6 10.73 0.65 -21.33
C GLU A 6 9.34 0.98 -21.87
N ASP A 7 8.33 0.29 -21.35
CA ASP A 7 6.95 0.48 -21.76
C ASP A 7 6.09 0.76 -20.54
N ASP A 8 4.82 0.43 -20.63
CA ASP A 8 3.90 0.61 -19.52
C ASP A 8 3.59 -0.74 -18.87
N PRO A 9 4.42 -1.17 -17.91
CA PRO A 9 4.24 -2.42 -17.20
C PRO A 9 3.50 -2.23 -15.88
N ILE A 10 3.70 -3.16 -14.96
CA ILE A 10 3.07 -3.08 -13.66
C ILE A 10 3.96 -2.28 -12.72
N PRO A 11 3.45 -1.17 -12.19
CA PRO A 11 4.20 -0.29 -11.28
C PRO A 11 4.44 -0.92 -9.89
N ASP A 12 5.59 -0.58 -9.29
CA ASP A 12 6.00 -1.10 -7.97
C ASP A 12 4.89 -0.95 -6.93
N GLU A 13 4.09 0.12 -7.03
CA GLU A 13 3.01 0.37 -6.08
C GLU A 13 2.00 -0.79 -6.02
N LEU A 14 2.02 -1.68 -7.01
CA LEU A 14 1.11 -2.82 -7.02
C LEU A 14 1.77 -4.01 -7.71
N LEU A 15 3.08 -3.96 -7.80
CA LEU A 15 3.88 -5.00 -8.42
C LEU A 15 4.52 -5.91 -7.37
N CYS A 16 4.20 -7.21 -7.43
CA CYS A 16 4.77 -8.19 -6.52
C CYS A 16 6.21 -8.49 -6.92
N LEU A 17 7.12 -8.32 -5.99
CA LEU A 17 8.53 -8.57 -6.25
C LEU A 17 8.76 -10.05 -6.53
N ILE A 18 8.12 -10.88 -5.73
CA ILE A 18 8.24 -12.33 -5.80
C ILE A 18 8.04 -12.88 -7.21
N CYS A 19 6.87 -12.66 -7.81
CA CYS A 19 6.62 -13.17 -9.15
C CYS A 19 6.84 -12.10 -10.22
N LYS A 20 7.27 -10.92 -9.78
CA LYS A 20 7.51 -9.79 -10.68
C LYS A 20 6.28 -9.47 -11.53
N ASP A 21 5.10 -9.63 -10.95
CA ASP A 21 3.84 -9.35 -11.64
C ASP A 21 2.82 -8.83 -10.63
N ILE A 22 1.68 -8.42 -11.12
CA ILE A 22 0.61 -7.91 -10.27
C ILE A 22 0.02 -9.02 -9.41
N MET A 23 -0.64 -8.63 -8.33
CA MET A 23 -1.25 -9.59 -7.44
C MET A 23 -2.62 -9.15 -6.99
N THR A 24 -3.45 -10.12 -6.63
CA THR A 24 -4.78 -9.87 -6.15
C THR A 24 -4.80 -10.12 -4.66
N ASP A 25 -5.56 -9.32 -3.92
CA ASP A 25 -5.66 -9.45 -2.47
C ASP A 25 -4.29 -9.32 -1.83
N ALA A 26 -3.51 -8.34 -2.32
CA ALA A 26 -2.17 -8.08 -1.81
C ALA A 26 -2.15 -7.84 -0.31
N VAL A 27 -1.14 -8.39 0.35
CA VAL A 27 -0.97 -8.24 1.79
C VAL A 27 0.33 -7.50 2.08
N VAL A 28 0.51 -7.07 3.32
CA VAL A 28 1.71 -6.33 3.70
C VAL A 28 2.52 -7.11 4.71
N ILE A 29 3.83 -6.93 4.65
CA ILE A 29 4.74 -7.60 5.56
C ILE A 29 5.32 -6.58 6.55
N PRO A 30 5.11 -6.80 7.86
CA PRO A 30 5.56 -5.88 8.90
C PRO A 30 7.06 -5.85 9.13
N CYS A 31 7.80 -6.56 8.30
CA CYS A 31 9.25 -6.58 8.44
C CYS A 31 9.86 -5.40 7.68
N CYS A 32 9.26 -5.06 6.55
CA CYS A 32 9.76 -3.97 5.73
C CYS A 32 8.62 -3.06 5.28
N GLY A 33 7.55 -3.67 4.77
CA GLY A 33 6.41 -2.90 4.33
C GLY A 33 6.01 -3.22 2.90
N ASN A 34 6.75 -4.11 2.28
CA ASN A 34 6.47 -4.52 0.91
C ASN A 34 5.20 -5.35 0.84
N SER A 35 4.51 -5.29 -0.28
CA SER A 35 3.27 -6.04 -0.48
C SER A 35 3.41 -7.04 -1.61
N TYR A 36 2.87 -8.23 -1.40
CA TYR A 36 2.92 -9.29 -2.41
C TYR A 36 1.66 -10.12 -2.34
N CYS A 37 1.52 -11.05 -3.28
CA CYS A 37 0.41 -11.95 -3.28
C CYS A 37 0.40 -12.69 -1.96
N ASP A 38 -0.78 -12.87 -1.37
CA ASP A 38 -0.88 -13.57 -0.09
C ASP A 38 -0.22 -14.93 -0.15
N GLU A 39 -0.39 -15.61 -1.28
CA GLU A 39 0.20 -16.93 -1.49
C GLU A 39 1.70 -16.85 -1.71
N CYS A 40 2.13 -15.86 -2.50
CA CYS A 40 3.54 -15.68 -2.81
C CYS A 40 4.36 -15.43 -1.55
N ILE A 41 3.97 -14.42 -0.79
CA ILE A 41 4.68 -14.06 0.44
C ILE A 41 4.60 -15.19 1.46
N ARG A 42 3.47 -15.88 1.50
CA ARG A 42 3.29 -16.99 2.41
C ARG A 42 4.29 -18.09 2.08
N THR A 43 4.43 -18.38 0.79
CA THR A 43 5.34 -19.40 0.31
C THR A 43 6.78 -19.11 0.72
N ALA A 44 7.18 -17.84 0.58
CA ALA A 44 8.53 -17.42 0.92
C ALA A 44 8.87 -17.73 2.38
N LEU A 45 7.98 -17.35 3.28
CA LEU A 45 8.18 -17.59 4.70
C LEU A 45 8.01 -19.06 5.06
N LEU A 46 7.14 -19.75 4.34
CA LEU A 46 6.90 -21.17 4.57
C LEU A 46 8.14 -21.99 4.22
N GLU A 47 8.77 -21.67 3.10
CA GLU A 47 9.96 -22.40 2.67
C GLU A 47 11.20 -21.99 3.48
N SER A 48 11.26 -20.73 3.88
CA SER A 48 12.38 -20.23 4.64
C SER A 48 12.12 -20.37 6.14
N ASP A 49 12.74 -21.37 6.76
CA ASP A 49 12.55 -21.63 8.19
C ASP A 49 13.01 -20.46 9.05
N GLU A 50 13.96 -19.66 8.53
CA GLU A 50 14.46 -18.50 9.26
C GLU A 50 13.54 -17.31 9.06
N HIS A 51 12.50 -17.53 8.25
CA HIS A 51 11.51 -16.50 7.95
C HIS A 51 12.17 -15.35 7.21
N THR A 52 13.07 -15.70 6.31
CA THR A 52 13.79 -14.73 5.51
C THR A 52 12.86 -14.06 4.49
N CYS A 53 12.65 -12.76 4.68
CA CYS A 53 11.80 -11.99 3.78
C CYS A 53 12.37 -12.02 2.35
N PRO A 54 11.49 -12.14 1.35
CA PRO A 54 11.86 -12.21 -0.06
C PRO A 54 12.13 -10.86 -0.68
N THR A 55 12.59 -9.94 0.12
CA THR A 55 12.85 -8.60 -0.38
C THR A 55 13.84 -7.85 0.51
N CYS A 56 13.67 -7.92 1.83
CA CYS A 56 14.58 -7.24 2.75
C CYS A 56 15.47 -8.25 3.47
N HIS A 57 15.07 -9.52 3.39
CA HIS A 57 15.81 -10.63 3.99
C HIS A 57 15.80 -10.57 5.51
N GLN A 58 14.63 -10.27 6.07
CA GLN A 58 14.47 -10.22 7.52
C GLN A 58 14.46 -11.65 8.07
N ASN A 59 14.75 -11.82 9.35
CA ASN A 59 14.80 -13.18 9.94
C ASN A 59 13.89 -13.33 11.15
N ASP A 60 12.70 -12.72 11.11
CA ASP A 60 11.77 -12.82 12.23
C ASP A 60 10.35 -12.48 11.82
N VAL A 61 10.02 -12.70 10.57
CA VAL A 61 8.68 -12.42 10.09
C VAL A 61 7.83 -13.67 10.21
N SER A 62 6.63 -13.66 9.64
CA SER A 62 5.74 -14.81 9.69
C SER A 62 4.53 -14.61 8.79
N PRO A 63 3.94 -15.70 8.29
CA PRO A 63 2.78 -15.63 7.40
C PRO A 63 1.51 -15.25 8.15
N ASP A 64 1.57 -15.29 9.48
CA ASP A 64 0.43 -14.93 10.30
C ASP A 64 0.44 -13.42 10.57
N ALA A 65 1.60 -12.81 10.37
CA ALA A 65 1.74 -11.37 10.60
C ALA A 65 1.45 -10.58 9.33
N LEU A 66 0.91 -11.26 8.33
CA LEU A 66 0.58 -10.62 7.07
C LEU A 66 -0.71 -9.83 7.22
N ILE A 67 -0.58 -8.51 7.13
CA ILE A 67 -1.70 -7.62 7.29
C ILE A 67 -2.38 -7.38 5.95
N ALA A 68 -3.57 -6.81 5.98
CA ALA A 68 -4.32 -6.57 4.75
C ALA A 68 -4.11 -5.16 4.22
N ASN A 69 -3.33 -5.04 3.17
CA ASN A 69 -3.05 -3.76 2.54
C ASN A 69 -4.19 -3.46 1.59
N LYS A 70 -5.31 -3.04 2.15
CA LYS A 70 -6.50 -2.73 1.37
C LYS A 70 -6.20 -1.75 0.25
N PHE A 71 -5.32 -0.79 0.53
CA PHE A 71 -4.94 0.21 -0.45
C PHE A 71 -4.23 -0.42 -1.63
N LEU A 72 -3.39 -1.41 -1.34
CA LEU A 72 -2.63 -2.09 -2.37
C LEU A 72 -3.54 -2.82 -3.34
N ARG A 73 -4.35 -3.74 -2.82
CA ARG A 73 -5.25 -4.51 -3.66
C ARG A 73 -6.32 -3.61 -4.31
N GLN A 74 -6.53 -2.43 -3.73
CA GLN A 74 -7.49 -1.47 -4.29
C GLN A 74 -6.89 -0.84 -5.54
N ALA A 75 -5.62 -0.44 -5.42
CA ALA A 75 -4.88 0.15 -6.53
C ALA A 75 -4.84 -0.83 -7.69
N VAL A 76 -4.60 -2.09 -7.35
CA VAL A 76 -4.55 -3.17 -8.34
C VAL A 76 -5.84 -3.21 -9.13
N ASN A 77 -6.96 -3.34 -8.41
CA ASN A 77 -8.28 -3.44 -9.02
C ASN A 77 -8.54 -2.27 -9.98
N ASN A 78 -8.19 -1.06 -9.57
CA ASN A 78 -8.39 0.11 -10.40
C ASN A 78 -7.49 0.09 -11.62
N PHE A 79 -6.22 -0.21 -11.39
CA PHE A 79 -5.23 -0.27 -12.47
C PHE A 79 -5.63 -1.30 -13.54
N LYS A 80 -6.06 -2.48 -13.11
CA LYS A 80 -6.48 -3.54 -14.01
C LYS A 80 -7.58 -3.06 -14.97
N ASN A 81 -8.51 -2.27 -14.45
CA ASN A 81 -9.62 -1.77 -15.25
C ASN A 81 -9.19 -0.61 -16.15
N GLU A 82 -8.21 0.16 -15.68
CA GLU A 82 -7.72 1.30 -16.45
C GLU A 82 -6.94 0.86 -17.68
N THR A 83 -6.08 -0.13 -17.51
CA THR A 83 -5.25 -0.62 -18.59
C THR A 83 -5.86 -1.82 -19.30
N GLY A 84 -6.88 -2.42 -18.68
CA GLY A 84 -7.52 -3.58 -19.27
C GLY A 84 -6.64 -4.81 -19.15
N TYR A 85 -6.02 -4.96 -17.98
CA TYR A 85 -5.13 -6.08 -17.71
C TYR A 85 -5.88 -7.40 -17.78
N THR A 86 -6.88 -7.51 -16.95
CA THR A 86 -7.68 -8.73 -16.88
C THR A 86 -9.17 -8.41 -17.05
N LYS A 87 -10.02 -9.26 -16.51
CA LYS A 87 -11.45 -9.09 -16.64
C LYS A 87 -12.09 -8.67 -15.33
N ARG A 88 -13.35 -8.29 -15.39
CA ARG A 88 -14.08 -7.85 -14.21
C ARG A 88 -14.79 -9.04 -13.57
N LEU A 89 -14.29 -9.47 -12.41
CA LEU A 89 -14.90 -10.58 -11.69
C LEU A 89 -16.25 -10.19 -11.11
N ARG A 90 -16.92 -11.16 -10.47
CA ARG A 90 -18.24 -10.92 -9.88
C ARG A 90 -18.27 -11.41 -8.44
N LYS A 91 -19.40 -11.22 -7.77
CA LYS A 91 -19.57 -11.65 -6.38
C LYS A 91 -20.66 -12.71 -6.28
N GLN A 92 -21.02 -13.28 -7.40
CA GLN A 92 -22.05 -14.31 -7.45
C GLN A 92 -21.80 -15.27 -8.61
N GLY B 1 -14.15 9.16 -19.88
CA GLY B 1 -13.10 10.18 -20.07
C GLY B 1 -12.16 10.25 -18.89
N PRO B 2 -10.85 10.25 -19.13
CA PRO B 2 -9.84 10.30 -18.06
C PRO B 2 -9.70 11.69 -17.45
N LEU B 3 -9.25 11.72 -16.21
CA LEU B 3 -9.04 12.96 -15.49
C LEU B 3 -7.55 13.10 -15.20
N GLY B 4 -7.18 14.09 -14.42
CA GLY B 4 -5.78 14.27 -14.10
C GLY B 4 -5.20 15.50 -14.77
N SER B 5 -5.94 16.01 -15.74
CA SER B 5 -5.50 17.18 -16.48
C SER B 5 -5.61 18.43 -15.61
N GLU B 6 -6.82 18.72 -15.14
CA GLU B 6 -7.06 19.88 -14.29
C GLU B 6 -7.75 19.46 -13.00
N ASP B 7 -8.37 18.30 -13.02
CA ASP B 7 -9.09 17.78 -11.86
C ASP B 7 -8.81 16.30 -11.67
N ASP B 8 -8.67 15.90 -10.42
CA ASP B 8 -8.43 14.50 -10.08
C ASP B 8 -8.41 14.34 -8.56
N PRO B 9 -9.39 13.61 -8.02
CA PRO B 9 -9.49 13.39 -6.57
C PRO B 9 -8.51 12.32 -6.10
N ILE B 10 -8.18 12.35 -4.81
CA ILE B 10 -7.25 11.37 -4.26
C ILE B 10 -7.95 10.03 -4.04
N PRO B 11 -7.46 8.98 -4.71
CA PRO B 11 -8.02 7.64 -4.59
C PRO B 11 -7.64 6.99 -3.26
N ASP B 12 -8.54 6.14 -2.75
CA ASP B 12 -8.36 5.43 -1.48
C ASP B 12 -6.98 4.76 -1.37
N GLU B 13 -6.51 4.20 -2.48
CA GLU B 13 -5.22 3.51 -2.52
C GLU B 13 -4.02 4.39 -2.12
N LEU B 14 -4.21 5.70 -2.04
CA LEU B 14 -3.12 6.59 -1.64
C LEU B 14 -3.68 7.82 -0.93
N LEU B 15 -4.85 7.62 -0.33
CA LEU B 15 -5.53 8.66 0.40
C LEU B 15 -5.60 8.34 1.89
N CYS B 16 -5.01 9.22 2.71
CA CYS B 16 -5.05 9.09 4.16
C CYS B 16 -6.45 9.38 4.65
N LEU B 17 -6.95 8.50 5.47
CA LEU B 17 -8.29 8.63 6.01
C LEU B 17 -8.31 9.65 7.13
N ILE B 18 -7.22 9.71 7.89
CA ILE B 18 -7.11 10.61 9.03
C ILE B 18 -7.35 12.06 8.65
N CYS B 19 -6.62 12.55 7.65
CA CYS B 19 -6.79 13.94 7.22
C CYS B 19 -7.62 14.01 5.93
N LYS B 20 -8.08 12.84 5.48
CA LYS B 20 -8.89 12.74 4.27
C LYS B 20 -8.19 13.33 3.04
N ASP B 21 -6.87 13.24 2.99
CA ASP B 21 -6.10 13.75 1.85
C ASP B 21 -4.86 12.90 1.61
N ILE B 22 -4.21 13.12 0.48
CA ILE B 22 -2.99 12.40 0.13
C ILE B 22 -1.87 12.69 1.14
N MET B 23 -0.90 11.80 1.24
CA MET B 23 0.18 11.97 2.19
C MET B 23 1.51 11.50 1.62
N THR B 24 2.58 11.93 2.25
CA THR B 24 3.93 11.58 1.85
C THR B 24 4.54 10.67 2.91
N ASP B 25 5.39 9.75 2.46
CA ASP B 25 6.07 8.80 3.35
C ASP B 25 5.05 8.00 4.15
N ALA B 26 4.02 7.53 3.45
CA ALA B 26 2.95 6.75 4.05
C ALA B 26 3.45 5.48 4.71
N VAL B 27 2.94 5.20 5.89
CA VAL B 27 3.31 4.00 6.63
C VAL B 27 2.10 3.09 6.75
N VAL B 28 2.33 1.84 7.13
CA VAL B 28 1.25 0.89 7.26
C VAL B 28 1.07 0.46 8.70
N ILE B 29 -0.16 0.18 9.06
CA ILE B 29 -0.50 -0.25 10.41
C ILE B 29 -0.79 -1.75 10.42
N PRO B 30 -0.01 -2.52 11.19
CA PRO B 30 -0.14 -3.98 11.25
C PRO B 30 -1.39 -4.48 11.94
N CYS B 31 -2.28 -3.57 12.29
CA CYS B 31 -3.51 -3.93 12.95
C CYS B 31 -4.60 -4.25 11.93
N CYS B 32 -4.60 -3.51 10.83
CA CYS B 32 -5.60 -3.71 9.79
C CYS B 32 -4.94 -3.75 8.41
N GLY B 33 -4.05 -2.80 8.16
CA GLY B 33 -3.36 -2.74 6.89
C GLY B 33 -3.54 -1.42 6.19
N ASN B 34 -4.10 -0.45 6.90
CA ASN B 34 -4.33 0.87 6.32
C ASN B 34 -3.06 1.70 6.38
N SER B 35 -2.93 2.61 5.44
CA SER B 35 -1.76 3.48 5.35
C SER B 35 -2.17 4.95 5.48
N TYR B 36 -1.43 5.68 6.29
CA TYR B 36 -1.68 7.10 6.49
C TYR B 36 -0.38 7.80 6.73
N CYS B 37 -0.44 9.13 6.80
CA CYS B 37 0.74 9.94 7.08
C CYS B 37 1.40 9.43 8.36
N ASP B 38 2.72 9.34 8.35
CA ASP B 38 3.45 8.86 9.52
C ASP B 38 3.11 9.70 10.75
N GLU B 39 2.92 10.99 10.55
CA GLU B 39 2.58 11.89 11.63
C GLU B 39 1.11 11.71 12.05
N CYS B 40 0.23 11.58 11.07
CA CYS B 40 -1.19 11.40 11.32
C CYS B 40 -1.46 10.16 12.16
N ILE B 41 -0.98 9.02 11.66
CA ILE B 41 -1.19 7.75 12.34
C ILE B 41 -0.52 7.75 13.71
N ARG B 42 0.64 8.39 13.80
CA ARG B 42 1.36 8.48 15.06
C ARG B 42 0.52 9.24 16.07
N THR B 43 -0.07 10.35 15.63
CA THR B 43 -0.91 11.17 16.48
C THR B 43 -2.11 10.39 17.03
N ALA B 44 -2.73 9.59 16.18
CA ALA B 44 -3.89 8.79 16.59
C ALA B 44 -3.54 7.87 17.74
N LEU B 45 -2.43 7.15 17.62
CA LEU B 45 -2.00 6.22 18.65
C LEU B 45 -1.48 6.96 19.89
N LEU B 46 -0.82 8.10 19.66
CA LEU B 46 -0.30 8.91 20.75
C LEU B 46 -1.42 9.46 21.62
N GLU B 47 -2.50 9.89 20.98
CA GLU B 47 -3.65 10.43 21.70
C GLU B 47 -4.46 9.33 22.34
N SER B 48 -4.67 8.24 21.60
CA SER B 48 -5.44 7.11 22.09
C SER B 48 -4.56 6.23 22.99
N ASP B 49 -4.73 6.36 24.30
CA ASP B 49 -3.96 5.59 25.28
C ASP B 49 -4.20 4.09 25.13
N GLU B 50 -5.32 3.72 24.53
CA GLU B 50 -5.65 2.32 24.32
C GLU B 50 -5.14 1.85 22.97
N HIS B 51 -4.47 2.77 22.26
CA HIS B 51 -3.91 2.48 20.94
C HIS B 51 -5.02 2.18 19.96
N THR B 52 -6.12 2.91 20.10
CA THR B 52 -7.27 2.76 19.24
C THR B 52 -6.98 3.21 17.82
N CYS B 53 -6.92 2.26 16.89
CA CYS B 53 -6.67 2.57 15.50
C CYS B 53 -7.73 3.54 14.95
N PRO B 54 -7.30 4.52 14.14
CA PRO B 54 -8.19 5.53 13.56
C PRO B 54 -8.88 5.05 12.29
N THR B 55 -9.23 3.79 12.27
CA THR B 55 -9.87 3.22 11.10
C THR B 55 -10.61 1.92 11.44
N CYS B 56 -9.93 1.01 12.13
CA CYS B 56 -10.52 -0.26 12.51
C CYS B 56 -10.85 -0.27 13.99
N HIS B 57 -10.33 0.73 14.69
CA HIS B 57 -10.54 0.90 16.12
C HIS B 57 -9.96 -0.25 16.92
N GLN B 58 -8.74 -0.63 16.56
CA GLN B 58 -8.03 -1.71 17.26
C GLN B 58 -7.61 -1.20 18.64
N ASN B 59 -7.08 -2.06 19.50
CA ASN B 59 -6.70 -1.63 20.84
C ASN B 59 -5.37 -2.24 21.29
N ASP B 60 -4.47 -2.50 20.35
CA ASP B 60 -3.17 -3.09 20.71
C ASP B 60 -2.11 -2.79 19.66
N VAL B 61 -2.24 -1.65 19.00
CA VAL B 61 -1.28 -1.25 17.99
C VAL B 61 -0.22 -0.35 18.64
N SER B 62 0.61 0.31 17.83
CA SER B 62 1.64 1.18 18.35
C SER B 62 2.33 1.95 17.23
N PRO B 63 2.89 3.13 17.56
CA PRO B 63 3.57 3.97 16.57
C PRO B 63 4.94 3.42 16.19
N ASP B 64 5.40 2.44 16.95
CA ASP B 64 6.69 1.82 16.69
C ASP B 64 6.50 0.63 15.75
N ALA B 65 5.25 0.21 15.58
CA ALA B 65 4.92 -0.92 14.72
C ALA B 65 4.56 -0.46 13.32
N LEU B 66 4.71 0.84 13.07
CA LEU B 66 4.39 1.41 11.76
C LEU B 66 5.47 1.02 10.75
N ILE B 67 5.08 0.26 9.76
CA ILE B 67 6.00 -0.22 8.74
C ILE B 67 6.03 0.72 7.54
N ALA B 68 7.00 0.52 6.65
CA ALA B 68 7.14 1.39 5.49
C ALA B 68 6.42 0.85 4.28
N ASN B 69 5.29 1.45 3.94
CA ASN B 69 4.52 1.02 2.79
C ASN B 69 5.10 1.69 1.55
N LYS B 70 6.23 1.16 1.10
CA LYS B 70 6.93 1.70 -0.07
C LYS B 70 5.98 1.96 -1.22
N PHE B 71 5.20 0.94 -1.54
CA PHE B 71 4.23 0.99 -2.64
C PHE B 71 3.34 2.22 -2.52
N LEU B 72 2.81 2.43 -1.32
CA LEU B 72 1.95 3.58 -1.06
C LEU B 72 2.68 4.88 -1.38
N ARG B 73 3.87 5.00 -0.81
CA ARG B 73 4.70 6.20 -1.02
C ARG B 73 4.99 6.40 -2.50
N GLN B 74 5.31 5.31 -3.20
CA GLN B 74 5.61 5.38 -4.63
C GLN B 74 4.38 5.84 -5.41
N ALA B 75 3.25 5.23 -5.12
CA ALA B 75 2.00 5.57 -5.79
C ALA B 75 1.69 7.05 -5.63
N VAL B 76 1.90 7.57 -4.43
CA VAL B 76 1.66 8.97 -4.13
C VAL B 76 2.55 9.86 -4.99
N ASN B 77 3.85 9.54 -5.03
CA ASN B 77 4.81 10.32 -5.82
C ASN B 77 4.48 10.29 -7.30
N ASN B 78 4.05 9.13 -7.80
CA ASN B 78 3.70 8.97 -9.20
C ASN B 78 2.41 9.73 -9.51
N PHE B 79 1.42 9.55 -8.64
CA PHE B 79 0.13 10.21 -8.80
C PHE B 79 0.29 11.73 -8.86
N LYS B 80 1.01 12.30 -7.89
CA LYS B 80 1.24 13.74 -7.85
C LYS B 80 1.87 14.24 -9.14
N ASN B 81 2.78 13.46 -9.71
CA ASN B 81 3.47 13.86 -10.94
C ASN B 81 2.59 13.64 -12.17
N GLU B 82 1.52 12.89 -12.00
CA GLU B 82 0.61 12.61 -13.10
C GLU B 82 -0.43 13.71 -13.23
N THR B 83 -1.13 13.99 -12.15
CA THR B 83 -2.17 15.02 -12.16
C THR B 83 -1.60 16.40 -11.83
N GLY B 84 -0.36 16.44 -11.33
CA GLY B 84 0.23 17.71 -10.96
C GLY B 84 -0.34 18.22 -9.66
N TYR B 85 -0.37 17.34 -8.66
CA TYR B 85 -0.91 17.66 -7.35
C TYR B 85 -0.02 18.64 -6.59
N THR B 86 -0.67 19.47 -5.77
CA THR B 86 -0.03 20.45 -4.91
C THR B 86 -1.12 21.21 -4.15
N LYS B 87 -0.72 22.06 -3.22
CA LYS B 87 -1.68 22.82 -2.43
C LYS B 87 -1.18 24.24 -2.21
N ARG B 88 -1.99 25.05 -1.54
CA ARG B 88 -1.63 26.44 -1.28
C ARG B 88 -0.76 26.56 -0.03
N LEU B 89 0.53 26.76 -0.23
CA LEU B 89 1.46 26.92 0.87
C LEU B 89 1.45 28.37 1.32
N ARG B 90 1.57 28.58 2.62
CA ARG B 90 1.56 29.93 3.17
C ARG B 90 2.81 30.20 3.98
N LYS B 91 2.96 31.43 4.45
CA LYS B 91 4.10 31.83 5.25
C LYS B 91 3.74 31.83 6.73
N GLN B 92 3.46 30.64 7.25
CA GLN B 92 3.10 30.48 8.65
C GLN B 92 4.30 29.98 9.46
ZN ZN C . 3.53 -12.56 -6.30
ZN ZN D . 10.63 -7.76 4.46
ZN ZN E . -3.03 12.03 7.00
ZN ZN F . -6.18 -0.49 12.28
N GLY A 1 15.99 -3.09 -21.37
CA GLY A 1 14.83 -2.20 -21.57
C GLY A 1 13.53 -2.97 -21.62
N PRO A 2 12.56 -2.64 -20.76
CA PRO A 2 11.27 -3.33 -20.72
C PRO A 2 10.38 -2.93 -21.89
N LEU A 3 9.61 -3.88 -22.38
CA LEU A 3 8.71 -3.64 -23.49
C LEU A 3 7.40 -3.05 -22.99
N GLY A 4 7.38 -1.74 -22.83
CA GLY A 4 6.19 -1.05 -22.36
C GLY A 4 5.81 0.10 -23.27
N SER A 5 6.32 0.07 -24.49
CA SER A 5 6.04 1.10 -25.47
C SER A 5 4.64 0.95 -26.05
N GLU A 6 4.30 -0.28 -26.43
CA GLU A 6 3.00 -0.58 -27.00
C GLU A 6 2.29 -1.60 -26.14
N ASP A 7 2.63 -1.60 -24.86
CA ASP A 7 2.04 -2.52 -23.89
C ASP A 7 1.87 -1.81 -22.56
N ASP A 8 1.42 -2.53 -21.54
CA ASP A 8 1.22 -1.93 -20.24
C ASP A 8 1.62 -2.90 -19.13
N PRO A 9 2.81 -2.68 -18.55
CA PRO A 9 3.31 -3.53 -17.47
C PRO A 9 2.68 -3.13 -16.12
N ILE A 10 2.95 -3.93 -15.10
CA ILE A 10 2.40 -3.67 -13.78
C ILE A 10 3.39 -2.88 -12.92
N PRO A 11 2.97 -1.70 -12.43
CA PRO A 11 3.83 -0.85 -11.59
C PRO A 11 4.10 -1.45 -10.20
N ASP A 12 5.31 -1.19 -9.69
CA ASP A 12 5.74 -1.73 -8.39
C ASP A 12 4.80 -1.29 -7.25
N GLU A 13 4.01 -0.27 -7.50
CA GLU A 13 3.06 0.23 -6.50
C GLU A 13 1.88 -0.73 -6.29
N LEU A 14 1.80 -1.77 -7.11
CA LEU A 14 0.73 -2.75 -6.98
C LEU A 14 1.10 -4.06 -7.65
N LEU A 15 2.38 -4.22 -7.89
CA LEU A 15 2.92 -5.42 -8.51
C LEU A 15 3.70 -6.28 -7.52
N CYS A 16 3.51 -7.59 -7.59
CA CYS A 16 4.23 -8.51 -6.71
C CYS A 16 5.63 -8.72 -7.25
N LEU A 17 6.61 -8.54 -6.39
CA LEU A 17 8.00 -8.69 -6.78
C LEU A 17 8.32 -10.16 -6.97
N ILE A 18 7.74 -10.99 -6.10
CA ILE A 18 7.99 -12.43 -6.10
C ILE A 18 7.71 -13.07 -7.46
N CYS A 19 6.51 -12.88 -8.00
CA CYS A 19 6.18 -13.48 -9.28
C CYS A 19 6.32 -12.46 -10.41
N LYS A 20 6.73 -11.24 -10.04
CA LYS A 20 6.91 -10.14 -11.00
C LYS A 20 5.61 -9.83 -11.75
N ASP A 21 4.48 -9.99 -11.09
CA ASP A 21 3.17 -9.72 -11.70
C ASP A 21 2.18 -9.20 -10.67
N ILE A 22 1.06 -8.66 -11.14
CA ILE A 22 0.02 -8.12 -10.27
C ILE A 22 -0.62 -9.23 -9.44
N MET A 23 -1.23 -8.85 -8.32
CA MET A 23 -1.86 -9.82 -7.45
C MET A 23 -3.18 -9.31 -6.89
N THR A 24 -3.96 -10.23 -6.37
CA THR A 24 -5.24 -9.93 -5.77
C THR A 24 -5.17 -10.28 -4.30
N ASP A 25 -5.92 -9.57 -3.47
CA ASP A 25 -5.92 -9.80 -2.02
C ASP A 25 -4.52 -9.62 -1.45
N ALA A 26 -3.77 -8.70 -2.06
CA ALA A 26 -2.40 -8.40 -1.65
C ALA A 26 -2.29 -8.11 -0.16
N VAL A 27 -1.23 -8.63 0.43
CA VAL A 27 -0.98 -8.45 1.86
C VAL A 27 0.32 -7.69 2.07
N VAL A 28 0.52 -7.19 3.27
CA VAL A 28 1.71 -6.44 3.60
C VAL A 28 2.55 -7.17 4.63
N ILE A 29 3.85 -6.95 4.58
CA ILE A 29 4.78 -7.60 5.48
C ILE A 29 5.33 -6.58 6.48
N PRO A 30 5.15 -6.83 7.78
CA PRO A 30 5.58 -5.92 8.86
C PRO A 30 7.08 -5.87 9.08
N CYS A 31 7.84 -6.48 8.21
CA CYS A 31 9.28 -6.47 8.34
C CYS A 31 9.89 -5.34 7.53
N CYS A 32 9.21 -4.94 6.46
CA CYS A 32 9.68 -3.86 5.61
C CYS A 32 8.51 -2.99 5.16
N GLY A 33 7.46 -3.63 4.67
CA GLY A 33 6.28 -2.89 4.24
C GLY A 33 5.89 -3.18 2.80
N ASN A 34 6.60 -4.11 2.18
CA ASN A 34 6.31 -4.48 0.80
C ASN A 34 5.07 -5.37 0.72
N SER A 35 4.37 -5.31 -0.39
CA SER A 35 3.16 -6.11 -0.59
C SER A 35 3.33 -7.12 -1.72
N TYR A 36 2.85 -8.33 -1.50
CA TYR A 36 2.92 -9.40 -2.51
C TYR A 36 1.72 -10.30 -2.38
N CYS A 37 1.58 -11.24 -3.31
CA CYS A 37 0.50 -12.21 -3.28
C CYS A 37 0.51 -12.95 -1.95
N ASP A 38 -0.67 -13.27 -1.44
CA ASP A 38 -0.79 -13.99 -0.18
C ASP A 38 -0.03 -15.32 -0.24
N GLU A 39 -0.15 -16.01 -1.37
CA GLU A 39 0.51 -17.29 -1.56
C GLU A 39 2.01 -17.11 -1.76
N CYS A 40 2.38 -16.11 -2.55
CA CYS A 40 3.78 -15.84 -2.85
C CYS A 40 4.57 -15.53 -1.59
N ILE A 41 4.12 -14.52 -0.84
CA ILE A 41 4.82 -14.12 0.37
C ILE A 41 4.84 -15.26 1.40
N ARG A 42 3.75 -16.02 1.46
CA ARG A 42 3.67 -17.14 2.37
C ARG A 42 4.75 -18.15 2.04
N THR A 43 4.83 -18.51 0.75
CA THR A 43 5.80 -19.48 0.27
C THR A 43 7.24 -19.06 0.58
N ALA A 44 7.56 -17.79 0.39
CA ALA A 44 8.90 -17.28 0.64
C ALA A 44 9.34 -17.53 2.08
N LEU A 45 8.44 -17.28 3.02
CA LEU A 45 8.75 -17.49 4.43
C LEU A 45 8.76 -18.97 4.79
N LEU A 46 7.96 -19.76 4.09
CA LEU A 46 7.88 -21.20 4.35
C LEU A 46 9.13 -21.91 3.82
N GLU A 47 9.62 -21.48 2.67
CA GLU A 47 10.81 -22.09 2.06
C GLU A 47 12.09 -21.66 2.78
N SER A 48 11.98 -20.73 3.70
CA SER A 48 13.14 -20.25 4.43
C SER A 48 13.08 -20.67 5.90
N ASP A 49 14.13 -21.34 6.36
CA ASP A 49 14.21 -21.79 7.74
C ASP A 49 14.51 -20.63 8.69
N GLU A 50 14.81 -19.47 8.12
CA GLU A 50 15.10 -18.29 8.93
C GLU A 50 14.11 -17.17 8.64
N HIS A 51 13.10 -17.48 7.83
CA HIS A 51 12.06 -16.51 7.45
C HIS A 51 12.65 -15.33 6.69
N THR A 52 13.50 -15.64 5.72
CA THR A 52 14.13 -14.63 4.89
C THR A 52 13.12 -13.92 4.02
N CYS A 53 12.96 -12.62 4.22
CA CYS A 53 12.04 -11.85 3.42
C CYS A 53 12.52 -11.78 1.97
N PRO A 54 11.60 -11.94 1.01
CA PRO A 54 11.91 -11.92 -0.42
C PRO A 54 12.06 -10.51 -0.98
N THR A 55 12.62 -9.63 -0.18
CA THR A 55 12.78 -8.25 -0.60
C THR A 55 13.82 -7.52 0.25
N CYS A 56 13.71 -7.65 1.57
CA CYS A 56 14.63 -6.98 2.48
C CYS A 56 15.53 -8.01 3.15
N HIS A 57 15.20 -9.28 2.96
CA HIS A 57 15.96 -10.40 3.49
C HIS A 57 16.01 -10.37 5.02
N GLN A 58 14.85 -10.13 5.63
CA GLN A 58 14.74 -10.11 7.08
C GLN A 58 14.83 -11.54 7.60
N ASN A 59 14.99 -11.70 8.91
CA ASN A 59 15.13 -13.04 9.48
C ASN A 59 14.25 -13.23 10.72
N ASP A 60 13.08 -12.61 10.72
CA ASP A 60 12.17 -12.73 11.87
C ASP A 60 10.75 -12.40 11.47
N VAL A 61 10.40 -12.71 10.24
CA VAL A 61 9.05 -12.45 9.77
C VAL A 61 8.21 -13.71 9.90
N SER A 62 6.97 -13.68 9.43
CA SER A 62 6.09 -14.83 9.50
C SER A 62 4.85 -14.61 8.64
N PRO A 63 4.28 -15.71 8.11
CA PRO A 63 3.09 -15.64 7.26
C PRO A 63 1.82 -15.37 8.06
N ASP A 64 1.98 -15.37 9.38
CA ASP A 64 0.86 -15.11 10.28
C ASP A 64 0.75 -13.62 10.58
N ALA A 65 1.84 -12.89 10.32
CA ALA A 65 1.88 -11.46 10.59
C ALA A 65 1.53 -10.64 9.36
N LEU A 66 1.01 -11.31 8.34
CA LEU A 66 0.63 -10.64 7.10
C LEU A 66 -0.64 -9.83 7.29
N ILE A 67 -0.53 -8.53 7.08
CA ILE A 67 -1.66 -7.63 7.24
C ILE A 67 -2.35 -7.38 5.90
N ALA A 68 -3.52 -6.79 5.91
CA ALA A 68 -4.26 -6.55 4.67
C ALA A 68 -4.06 -5.13 4.16
N ASN A 69 -3.28 -5.01 3.10
CA ASN A 69 -3.01 -3.72 2.48
C ASN A 69 -4.13 -3.41 1.51
N LYS A 70 -5.25 -2.96 2.06
CA LYS A 70 -6.42 -2.63 1.26
C LYS A 70 -6.11 -1.55 0.22
N PHE A 71 -5.12 -0.72 0.51
CA PHE A 71 -4.73 0.33 -0.43
C PHE A 71 -4.19 -0.33 -1.69
N LEU A 72 -3.44 -1.40 -1.47
CA LEU A 72 -2.88 -2.19 -2.55
C LEU A 72 -4.00 -2.85 -3.34
N ARG A 73 -4.84 -3.56 -2.63
CA ARG A 73 -5.99 -4.26 -3.21
C ARG A 73 -6.87 -3.28 -3.99
N GLN A 74 -7.03 -2.07 -3.47
CA GLN A 74 -7.83 -1.05 -4.12
C GLN A 74 -7.17 -0.61 -5.43
N ALA A 75 -5.88 -0.31 -5.36
CA ALA A 75 -5.10 0.12 -6.53
C ALA A 75 -5.14 -0.94 -7.62
N VAL A 76 -4.97 -2.19 -7.22
CA VAL A 76 -5.00 -3.32 -8.15
C VAL A 76 -6.32 -3.35 -8.90
N ASN A 77 -7.41 -3.24 -8.16
CA ASN A 77 -8.75 -3.26 -8.74
C ASN A 77 -8.94 -2.11 -9.74
N ASN A 78 -8.44 -0.94 -9.39
CA ASN A 78 -8.55 0.23 -10.26
C ASN A 78 -7.70 0.05 -11.51
N PHE A 79 -6.46 -0.34 -11.30
CA PHE A 79 -5.51 -0.56 -12.39
C PHE A 79 -6.06 -1.58 -13.39
N LYS A 80 -6.52 -2.72 -12.88
CA LYS A 80 -7.07 -3.78 -13.72
C LYS A 80 -8.19 -3.26 -14.61
N ASN A 81 -9.10 -2.49 -14.04
CA ASN A 81 -10.23 -1.95 -14.78
C ASN A 81 -9.80 -0.90 -15.80
N GLU A 82 -8.82 -0.09 -15.42
CA GLU A 82 -8.33 0.97 -16.30
C GLU A 82 -7.62 0.41 -17.54
N THR A 83 -6.63 -0.43 -17.33
CA THR A 83 -5.85 -0.98 -18.43
C THR A 83 -6.55 -2.19 -19.07
N GLY A 84 -7.42 -2.84 -18.32
CA GLY A 84 -8.12 -3.99 -18.84
C GLY A 84 -7.29 -5.25 -18.72
N TYR A 85 -6.76 -5.48 -17.52
CA TYR A 85 -5.95 -6.66 -17.27
C TYR A 85 -6.83 -7.86 -16.97
N THR A 86 -6.24 -9.03 -16.93
CA THR A 86 -6.96 -10.26 -16.68
C THR A 86 -6.95 -10.63 -15.19
N LYS A 87 -7.44 -11.83 -14.90
CA LYS A 87 -7.50 -12.32 -13.54
C LYS A 87 -6.23 -13.08 -13.19
N ARG A 88 -6.11 -13.48 -11.93
CA ARG A 88 -4.93 -14.20 -11.48
C ARG A 88 -5.28 -15.62 -11.07
N LEU A 89 -6.02 -16.29 -11.94
CA LEU A 89 -6.44 -17.67 -11.69
C LEU A 89 -5.38 -18.64 -12.19
N ARG A 90 -5.41 -19.86 -11.71
CA ARG A 90 -4.44 -20.86 -12.11
C ARG A 90 -5.14 -22.11 -12.63
N LYS A 91 -4.54 -22.74 -13.62
CA LYS A 91 -5.10 -23.95 -14.21
C LYS A 91 -4.70 -25.18 -13.40
N GLN A 92 -5.00 -25.15 -12.11
CA GLN A 92 -4.67 -26.27 -11.22
C GLN A 92 -5.92 -26.77 -10.50
N GLY B 1 -24.85 15.92 -10.02
CA GLY B 1 -23.54 15.29 -10.31
C GLY B 1 -22.50 15.63 -9.26
N PRO B 2 -21.44 14.82 -9.15
CA PRO B 2 -20.38 15.05 -8.16
C PRO B 2 -19.49 16.25 -8.50
N LEU B 3 -18.75 16.70 -7.51
CA LEU B 3 -17.85 17.83 -7.67
C LEU B 3 -16.40 17.35 -7.76
N GLY B 4 -16.06 16.74 -8.89
CA GLY B 4 -14.72 16.23 -9.07
C GLY B 4 -14.37 16.07 -10.53
N SER B 5 -14.74 17.06 -11.33
CA SER B 5 -14.46 17.03 -12.75
C SER B 5 -13.30 17.95 -13.08
N GLU B 6 -13.39 19.19 -12.62
CA GLU B 6 -12.36 20.18 -12.87
C GLU B 6 -11.40 20.28 -11.69
N ASP B 7 -11.44 19.26 -10.84
CA ASP B 7 -10.59 19.20 -9.67
C ASP B 7 -9.85 17.88 -9.65
N ASP B 8 -8.85 17.78 -8.79
CA ASP B 8 -8.05 16.58 -8.69
C ASP B 8 -8.05 16.02 -7.27
N PRO B 9 -8.94 15.05 -7.01
CA PRO B 9 -9.05 14.41 -5.70
C PRO B 9 -8.01 13.31 -5.51
N ILE B 10 -7.76 12.95 -4.27
CA ILE B 10 -6.78 11.91 -3.95
C ILE B 10 -7.47 10.56 -3.76
N PRO B 11 -7.05 9.54 -4.53
CA PRO B 11 -7.63 8.20 -4.44
C PRO B 11 -7.27 7.50 -3.13
N ASP B 12 -8.19 6.67 -2.62
CA ASP B 12 -8.00 5.96 -1.35
C ASP B 12 -6.72 5.14 -1.32
N GLU B 13 -6.31 4.62 -2.48
CA GLU B 13 -5.09 3.79 -2.56
C GLU B 13 -3.81 4.55 -2.21
N LEU B 14 -3.91 5.85 -1.93
CA LEU B 14 -2.75 6.65 -1.55
C LEU B 14 -3.19 7.91 -0.82
N LEU B 15 -4.36 7.83 -0.23
CA LEU B 15 -4.94 8.96 0.48
C LEU B 15 -5.04 8.70 1.98
N CYS B 16 -4.62 9.67 2.79
CA CYS B 16 -4.70 9.56 4.23
C CYS B 16 -6.12 9.81 4.66
N LEU B 17 -6.72 8.87 5.36
CA LEU B 17 -8.08 9.01 5.81
C LEU B 17 -8.17 10.03 6.92
N ILE B 18 -7.14 10.07 7.76
CA ILE B 18 -7.08 10.96 8.90
C ILE B 18 -7.25 12.43 8.52
N CYS B 19 -6.42 12.94 7.62
CA CYS B 19 -6.53 14.33 7.21
C CYS B 19 -7.25 14.46 5.88
N LYS B 20 -7.75 13.35 5.36
CA LYS B 20 -8.47 13.31 4.08
C LYS B 20 -7.66 13.91 2.93
N ASP B 21 -6.34 13.74 2.97
CA ASP B 21 -5.47 14.26 1.90
C ASP B 21 -4.28 13.34 1.68
N ILE B 22 -3.58 13.54 0.58
CA ILE B 22 -2.41 12.74 0.23
C ILE B 22 -1.26 12.96 1.22
N MET B 23 -0.42 11.95 1.37
CA MET B 23 0.69 12.03 2.32
C MET B 23 1.98 11.52 1.71
N THR B 24 3.08 11.87 2.35
CA THR B 24 4.40 11.46 1.91
C THR B 24 5.01 10.52 2.95
N ASP B 25 5.77 9.54 2.49
CA ASP B 25 6.42 8.56 3.37
C ASP B 25 5.38 7.83 4.21
N ALA B 26 4.24 7.55 3.58
CA ALA B 26 3.13 6.87 4.25
C ALA B 26 3.56 5.56 4.90
N VAL B 27 2.99 5.29 6.05
CA VAL B 27 3.30 4.08 6.79
C VAL B 27 2.06 3.21 6.87
N VAL B 28 2.26 1.95 7.23
CA VAL B 28 1.16 0.99 7.35
C VAL B 28 0.98 0.56 8.78
N ILE B 29 -0.26 0.24 9.12
CA ILE B 29 -0.60 -0.18 10.45
C ILE B 29 -0.90 -1.69 10.45
N PRO B 30 -0.16 -2.46 11.25
CA PRO B 30 -0.29 -3.92 11.31
C PRO B 30 -1.57 -4.42 11.97
N CYS B 31 -2.48 -3.50 12.28
CA CYS B 31 -3.72 -3.88 12.91
C CYS B 31 -4.78 -4.17 11.85
N CYS B 32 -4.70 -3.46 10.73
CA CYS B 32 -5.65 -3.64 9.65
C CYS B 32 -4.95 -3.65 8.30
N GLY B 33 -4.09 -2.67 8.07
CA GLY B 33 -3.36 -2.58 6.82
C GLY B 33 -3.55 -1.25 6.13
N ASN B 34 -4.10 -0.30 6.85
CA ASN B 34 -4.34 1.03 6.30
C ASN B 34 -3.08 1.87 6.38
N SER B 35 -2.94 2.82 5.45
CA SER B 35 -1.78 3.69 5.41
C SER B 35 -2.17 5.15 5.58
N TYR B 36 -1.44 5.87 6.42
CA TYR B 36 -1.69 7.28 6.66
C TYR B 36 -0.39 8.00 6.94
N CYS B 37 -0.45 9.32 7.07
CA CYS B 37 0.72 10.10 7.39
C CYS B 37 1.33 9.59 8.69
N ASP B 38 2.66 9.59 8.76
CA ASP B 38 3.35 9.11 9.95
C ASP B 38 2.90 9.87 11.18
N GLU B 39 2.74 11.19 11.04
CA GLU B 39 2.31 12.04 12.14
C GLU B 39 0.84 11.81 12.47
N CYS B 40 0.01 11.75 11.43
CA CYS B 40 -1.42 11.56 11.60
C CYS B 40 -1.73 10.27 12.36
N ILE B 41 -1.18 9.15 11.86
CA ILE B 41 -1.42 7.86 12.49
C ILE B 41 -0.83 7.80 13.88
N ARG B 42 0.32 8.45 14.07
CA ARG B 42 0.96 8.49 15.37
C ARG B 42 0.06 9.19 16.35
N THR B 43 -0.39 10.38 15.97
CA THR B 43 -1.27 11.20 16.79
C THR B 43 -2.52 10.44 17.21
N ALA B 44 -3.12 9.72 16.27
CA ALA B 44 -4.33 8.95 16.55
C ALA B 44 -4.13 7.94 17.67
N LEU B 45 -3.01 7.23 17.64
CA LEU B 45 -2.70 6.24 18.66
C LEU B 45 -2.29 6.89 19.98
N LEU B 46 -1.64 8.05 19.88
CA LEU B 46 -1.17 8.77 21.06
C LEU B 46 -2.34 9.37 21.85
N GLU B 47 -3.32 9.89 21.14
CA GLU B 47 -4.48 10.51 21.78
C GLU B 47 -5.44 9.46 22.34
N SER B 48 -5.23 8.21 21.97
CA SER B 48 -6.10 7.13 22.43
C SER B 48 -5.35 6.27 23.45
N ASP B 49 -5.81 6.31 24.70
CA ASP B 49 -5.17 5.56 25.78
C ASP B 49 -5.35 4.05 25.59
N GLU B 50 -6.19 3.68 24.64
CA GLU B 50 -6.45 2.28 24.35
C GLU B 50 -5.86 1.91 22.99
N HIS B 51 -5.15 2.87 22.38
CA HIS B 51 -4.52 2.67 21.08
C HIS B 51 -5.56 2.38 20.00
N THR B 52 -6.64 3.15 20.03
CA THR B 52 -7.72 3.01 19.08
C THR B 52 -7.29 3.39 17.67
N CYS B 53 -7.39 2.46 16.74
CA CYS B 53 -7.04 2.74 15.36
C CYS B 53 -8.07 3.68 14.75
N PRO B 54 -7.62 4.66 13.96
CA PRO B 54 -8.49 5.64 13.32
C PRO B 54 -9.16 5.13 12.06
N THR B 55 -9.44 3.85 12.04
CA THR B 55 -10.06 3.25 10.87
C THR B 55 -10.78 1.94 11.23
N CYS B 56 -10.07 1.04 11.91
CA CYS B 56 -10.64 -0.25 12.30
C CYS B 56 -10.97 -0.24 13.78
N HIS B 57 -10.51 0.80 14.47
CA HIS B 57 -10.75 0.99 15.89
C HIS B 57 -10.18 -0.15 16.72
N GLN B 58 -8.96 -0.56 16.40
CA GLN B 58 -8.30 -1.62 17.14
C GLN B 58 -7.90 -1.09 18.52
N ASN B 59 -7.46 -1.98 19.42
CA ASN B 59 -7.09 -1.56 20.77
C ASN B 59 -5.79 -2.20 21.25
N ASP B 60 -4.88 -2.45 20.32
CA ASP B 60 -3.60 -3.07 20.66
C ASP B 60 -2.51 -2.66 19.66
N VAL B 61 -2.73 -1.55 19.00
CA VAL B 61 -1.77 -1.06 18.03
C VAL B 61 -0.74 -0.17 18.71
N SER B 62 0.14 0.44 17.93
CA SER B 62 1.16 1.32 18.47
C SER B 62 1.91 2.03 17.36
N PRO B 63 2.45 3.22 17.64
CA PRO B 63 3.20 4.01 16.66
C PRO B 63 4.59 3.43 16.41
N ASP B 64 4.96 2.47 17.22
CA ASP B 64 6.26 1.81 17.11
C ASP B 64 6.17 0.61 16.16
N ALA B 65 4.96 0.25 15.79
CA ALA B 65 4.73 -0.89 14.91
C ALA B 65 4.40 -0.45 13.49
N LEU B 66 4.63 0.82 13.20
CA LEU B 66 4.34 1.37 11.87
C LEU B 66 5.42 0.91 10.89
N ILE B 67 4.98 0.28 9.80
CA ILE B 67 5.90 -0.22 8.78
C ILE B 67 5.92 0.72 7.57
N ALA B 68 6.87 0.52 6.67
CA ALA B 68 7.01 1.39 5.50
C ALA B 68 6.27 0.82 4.30
N ASN B 69 5.13 1.42 3.97
CA ASN B 69 4.36 0.98 2.81
C ASN B 69 5.01 1.54 1.55
N LYS B 70 6.02 0.83 1.09
CA LYS B 70 6.76 1.22 -0.10
C LYS B 70 5.84 1.58 -1.26
N PHE B 71 4.92 0.67 -1.54
CA PHE B 71 3.98 0.81 -2.64
C PHE B 71 3.19 2.11 -2.51
N LEU B 72 2.78 2.41 -1.28
CA LEU B 72 2.03 3.62 -0.99
C LEU B 72 2.85 4.85 -1.34
N ARG B 73 4.03 4.91 -0.74
CA ARG B 73 4.97 6.02 -0.96
C ARG B 73 5.27 6.19 -2.44
N GLN B 74 5.47 5.08 -3.13
CA GLN B 74 5.77 5.10 -4.56
C GLN B 74 4.58 5.66 -5.35
N ALA B 75 3.40 5.12 -5.08
CA ALA B 75 2.19 5.58 -5.76
C ALA B 75 1.98 7.07 -5.57
N VAL B 76 2.18 7.53 -4.34
CA VAL B 76 2.02 8.95 -4.02
C VAL B 76 2.99 9.80 -4.86
N ASN B 77 4.24 9.38 -4.89
CA ASN B 77 5.28 10.09 -5.64
C ASN B 77 4.94 10.16 -7.12
N ASN B 78 4.38 9.09 -7.65
CA ASN B 78 4.04 9.03 -9.07
C ASN B 78 2.77 9.81 -9.34
N PHE B 79 1.79 9.71 -8.44
CA PHE B 79 0.53 10.43 -8.59
C PHE B 79 0.76 11.93 -8.56
N LYS B 80 1.51 12.39 -7.55
CA LYS B 80 1.83 13.81 -7.40
C LYS B 80 2.46 14.38 -8.67
N ASN B 81 3.29 13.57 -9.33
CA ASN B 81 3.96 13.99 -10.55
C ASN B 81 3.03 13.93 -11.74
N GLU B 82 2.10 12.99 -11.73
CA GLU B 82 1.14 12.81 -12.82
C GLU B 82 0.14 13.95 -12.87
N THR B 83 -0.55 14.18 -11.76
CA THR B 83 -1.56 15.22 -11.71
C THR B 83 -0.94 16.58 -11.44
N GLY B 84 0.30 16.60 -11.00
CA GLY B 84 0.96 17.85 -10.68
C GLY B 84 0.44 18.44 -9.40
N TYR B 85 0.17 17.54 -8.44
CA TYR B 85 -0.36 17.93 -7.13
C TYR B 85 0.61 18.87 -6.45
N THR B 86 1.83 18.42 -6.36
CA THR B 86 2.89 19.20 -5.75
C THR B 86 3.26 20.36 -6.64
N LYS B 87 3.49 21.52 -6.05
CA LYS B 87 3.83 22.70 -6.82
C LYS B 87 5.12 23.35 -6.31
N ARG B 88 5.60 24.35 -7.05
CA ARG B 88 6.82 25.04 -6.67
C ARG B 88 6.52 26.26 -5.81
N LEU B 89 5.23 26.60 -5.70
CA LEU B 89 4.82 27.75 -4.90
C LEU B 89 5.01 27.45 -3.43
N ARG B 90 5.38 28.48 -2.68
CA ARG B 90 5.61 28.35 -1.25
C ARG B 90 4.32 28.60 -0.48
N LYS B 91 4.33 28.25 0.80
CA LYS B 91 3.18 28.44 1.67
C LYS B 91 3.09 29.89 2.12
N GLN B 92 4.20 30.60 1.94
CA GLN B 92 4.30 32.02 2.29
C GLN B 92 3.95 32.25 3.76
ZN ZN C . 3.18 -12.86 -6.32
ZN ZN D . 10.66 -7.68 4.32
ZN ZN E . -2.71 12.38 7.09
ZN ZN F . -6.31 -0.37 12.17
N GLY A 1 5.10 12.39 -21.83
CA GLY A 1 3.81 13.04 -21.48
C GLY A 1 2.94 12.13 -20.63
N PRO A 2 1.75 11.76 -21.11
CA PRO A 2 0.84 10.90 -20.37
C PRO A 2 1.31 9.44 -20.38
N LEU A 3 0.72 8.64 -19.51
CA LEU A 3 1.08 7.24 -19.38
C LEU A 3 -0.14 6.47 -18.89
N GLY A 4 -0.46 5.37 -19.55
CA GLY A 4 -1.61 4.59 -19.15
C GLY A 4 -2.78 4.80 -20.09
N SER A 5 -2.52 5.46 -21.20
CA SER A 5 -3.55 5.75 -22.18
C SER A 5 -4.00 4.47 -22.88
N GLU A 6 -3.03 3.67 -23.34
CA GLU A 6 -3.33 2.42 -24.02
C GLU A 6 -2.38 1.31 -23.64
N ASP A 7 -1.29 1.67 -22.96
CA ASP A 7 -0.28 0.70 -22.55
C ASP A 7 0.54 1.24 -21.39
N ASP A 8 0.77 0.39 -20.40
CA ASP A 8 1.53 0.77 -19.22
C ASP A 8 1.98 -0.46 -18.45
N PRO A 9 3.29 -0.59 -18.24
CA PRO A 9 3.86 -1.70 -17.47
C PRO A 9 3.41 -1.65 -16.01
N ILE A 10 3.56 -2.75 -15.30
CA ILE A 10 3.14 -2.80 -13.91
C ILE A 10 4.18 -2.17 -13.00
N PRO A 11 3.77 -1.13 -12.26
CA PRO A 11 4.65 -0.42 -11.33
C PRO A 11 4.87 -1.16 -10.02
N ASP A 12 6.02 -0.92 -9.40
CA ASP A 12 6.37 -1.59 -8.15
C ASP A 12 5.50 -1.13 -6.98
N GLU A 13 4.58 -0.20 -7.26
CA GLU A 13 3.68 0.30 -6.23
C GLU A 13 2.41 -0.56 -6.16
N LEU A 14 2.34 -1.61 -6.98
CA LEU A 14 1.19 -2.50 -6.96
C LEU A 14 1.53 -3.82 -7.63
N LEU A 15 2.81 -4.03 -7.88
CA LEU A 15 3.30 -5.24 -8.51
C LEU A 15 4.09 -6.09 -7.51
N CYS A 16 3.83 -7.40 -7.50
CA CYS A 16 4.53 -8.31 -6.61
C CYS A 16 5.95 -8.50 -7.09
N LEU A 17 6.90 -8.33 -6.20
CA LEU A 17 8.30 -8.49 -6.55
C LEU A 17 8.63 -9.96 -6.73
N ILE A 18 8.01 -10.79 -5.91
CA ILE A 18 8.24 -12.22 -5.91
C ILE A 18 8.06 -12.84 -7.30
N CYS A 19 6.91 -12.63 -7.90
CA CYS A 19 6.65 -13.16 -9.24
C CYS A 19 6.80 -12.08 -10.30
N LYS A 20 7.19 -10.89 -9.87
CA LYS A 20 7.37 -9.74 -10.76
C LYS A 20 6.11 -9.50 -11.60
N ASP A 21 4.94 -9.66 -10.98
CA ASP A 21 3.67 -9.46 -11.66
C ASP A 21 2.63 -8.91 -10.68
N ILE A 22 1.55 -8.38 -11.22
CA ILE A 22 0.47 -7.83 -10.40
C ILE A 22 -0.24 -8.94 -9.63
N MET A 23 -0.88 -8.58 -8.53
CA MET A 23 -1.56 -9.55 -7.69
C MET A 23 -2.86 -9.00 -7.15
N THR A 24 -3.70 -9.87 -6.66
CA THR A 24 -4.96 -9.47 -6.08
C THR A 24 -4.96 -9.78 -4.59
N ASP A 25 -5.64 -8.92 -3.83
CA ASP A 25 -5.72 -9.08 -2.37
C ASP A 25 -4.34 -9.06 -1.75
N ALA A 26 -3.49 -8.17 -2.26
CA ALA A 26 -2.12 -8.02 -1.80
C ALA A 26 -2.07 -7.79 -0.29
N VAL A 27 -1.07 -8.39 0.33
CA VAL A 27 -0.88 -8.26 1.76
C VAL A 27 0.43 -7.53 2.03
N VAL A 28 0.60 -7.05 3.25
CA VAL A 28 1.81 -6.32 3.62
C VAL A 28 2.61 -7.10 4.65
N ILE A 29 3.93 -6.98 4.55
CA ILE A 29 4.83 -7.65 5.46
C ILE A 29 5.35 -6.64 6.49
N PRO A 30 5.09 -6.90 7.78
CA PRO A 30 5.47 -6.00 8.88
C PRO A 30 6.98 -5.95 9.16
N CYS A 31 7.76 -6.60 8.33
CA CYS A 31 9.20 -6.61 8.52
C CYS A 31 9.85 -5.47 7.75
N CYS A 32 9.23 -5.07 6.65
CA CYS A 32 9.77 -3.99 5.82
C CYS A 32 8.64 -3.09 5.34
N GLY A 33 7.59 -3.68 4.80
CA GLY A 33 6.45 -2.91 4.34
C GLY A 33 6.08 -3.19 2.90
N ASN A 34 6.84 -4.04 2.24
CA ASN A 34 6.57 -4.39 0.85
C ASN A 34 5.32 -5.26 0.76
N SER A 35 4.61 -5.18 -0.35
CA SER A 35 3.39 -5.96 -0.55
C SER A 35 3.53 -6.94 -1.70
N TYR A 36 3.01 -8.15 -1.52
CA TYR A 36 3.06 -9.18 -2.55
C TYR A 36 1.82 -10.06 -2.47
N CYS A 37 1.68 -10.97 -3.42
CA CYS A 37 0.57 -11.91 -3.42
C CYS A 37 0.54 -12.66 -2.10
N ASP A 38 -0.64 -12.89 -1.56
CA ASP A 38 -0.78 -13.60 -0.29
C ASP A 38 -0.12 -14.97 -0.37
N GLU A 39 -0.27 -15.60 -1.52
CA GLU A 39 0.31 -16.92 -1.75
C GLU A 39 1.82 -16.84 -1.91
N CYS A 40 2.28 -15.88 -2.71
CA CYS A 40 3.70 -15.70 -2.96
C CYS A 40 4.48 -15.45 -1.68
N ILE A 41 4.06 -14.44 -0.93
CA ILE A 41 4.73 -14.08 0.31
C ILE A 41 4.64 -15.23 1.34
N ARG A 42 3.51 -15.92 1.35
CA ARG A 42 3.32 -17.04 2.26
C ARG A 42 4.34 -18.13 1.96
N THR A 43 4.52 -18.40 0.68
CA THR A 43 5.46 -19.41 0.22
C THR A 43 6.89 -19.10 0.65
N ALA A 44 7.28 -17.82 0.54
CA ALA A 44 8.62 -17.40 0.91
C ALA A 44 8.92 -17.70 2.37
N LEU A 45 7.98 -17.39 3.24
CA LEU A 45 8.13 -17.64 4.67
C LEU A 45 8.01 -19.12 5.00
N LEU A 46 7.18 -19.83 4.23
CA LEU A 46 6.99 -21.26 4.44
C LEU A 46 8.23 -22.05 4.04
N GLU A 47 8.87 -21.65 2.95
CA GLU A 47 10.05 -22.33 2.46
C GLU A 47 11.27 -22.00 3.31
N SER A 48 11.28 -20.83 3.92
CA SER A 48 12.42 -20.41 4.74
C SER A 48 12.11 -20.55 6.22
N ASP A 49 12.78 -21.50 6.88
CA ASP A 49 12.58 -21.73 8.32
C ASP A 49 13.01 -20.51 9.13
N GLU A 50 13.89 -19.71 8.54
CA GLU A 50 14.39 -18.50 9.21
C GLU A 50 13.42 -17.34 9.00
N HIS A 51 12.33 -17.61 8.27
CA HIS A 51 11.34 -16.58 7.96
C HIS A 51 11.99 -15.46 7.18
N THR A 52 12.90 -15.84 6.29
CA THR A 52 13.63 -14.90 5.47
C THR A 52 12.71 -14.18 4.49
N CYS A 53 12.63 -12.87 4.63
CA CYS A 53 11.81 -12.06 3.75
C CYS A 53 12.39 -12.07 2.34
N PRO A 54 11.53 -12.13 1.32
CA PRO A 54 11.94 -12.17 -0.08
C PRO A 54 12.19 -10.79 -0.67
N THR A 55 12.64 -9.88 0.18
CA THR A 55 12.88 -8.52 -0.27
C THR A 55 13.93 -7.85 0.63
N CYS A 56 13.74 -7.92 1.94
CA CYS A 56 14.67 -7.32 2.89
C CYS A 56 15.49 -8.40 3.59
N HIS A 57 15.08 -9.66 3.40
CA HIS A 57 15.77 -10.81 3.98
C HIS A 57 15.76 -10.76 5.50
N GLN A 58 14.61 -10.44 6.07
CA GLN A 58 14.46 -10.40 7.52
C GLN A 58 14.45 -11.83 8.07
N ASN A 59 14.54 -11.98 9.39
CA ASN A 59 14.57 -13.31 9.99
C ASN A 59 13.62 -13.44 11.19
N ASP A 60 12.55 -12.65 11.19
CA ASP A 60 11.58 -12.69 12.29
C ASP A 60 10.20 -12.29 11.80
N VAL A 61 9.88 -12.69 10.60
CA VAL A 61 8.57 -12.39 10.04
C VAL A 61 7.65 -13.60 10.24
N SER A 62 6.56 -13.67 9.48
CA SER A 62 5.62 -14.78 9.59
C SER A 62 4.44 -14.59 8.66
N PRO A 63 3.88 -15.69 8.14
CA PRO A 63 2.72 -15.66 7.26
C PRO A 63 1.45 -15.30 8.02
N ASP A 64 1.56 -15.34 9.34
CA ASP A 64 0.44 -15.01 10.21
C ASP A 64 0.46 -13.53 10.55
N ALA A 65 1.63 -12.92 10.38
CA ALA A 65 1.80 -11.50 10.67
C ALA A 65 1.48 -10.63 9.46
N LEU A 66 1.11 -11.27 8.37
CA LEU A 66 0.77 -10.55 7.15
C LEU A 66 -0.51 -9.75 7.33
N ILE A 67 -0.42 -8.45 7.09
CA ILE A 67 -1.57 -7.57 7.26
C ILE A 67 -2.26 -7.34 5.92
N ALA A 68 -3.41 -6.69 5.92
CA ALA A 68 -4.17 -6.46 4.70
C ALA A 68 -3.97 -5.05 4.15
N ASN A 69 -3.20 -4.95 3.07
CA ASN A 69 -2.93 -3.65 2.46
C ASN A 69 -4.14 -3.22 1.63
N LYS A 70 -5.11 -2.63 2.31
CA LYS A 70 -6.33 -2.14 1.69
C LYS A 70 -6.04 -1.31 0.45
N PHE A 71 -5.11 -0.40 0.61
CA PHE A 71 -4.73 0.53 -0.45
C PHE A 71 -4.18 -0.21 -1.67
N LEU A 72 -3.29 -1.16 -1.43
CA LEU A 72 -2.68 -1.94 -2.50
C LEU A 72 -3.74 -2.63 -3.34
N ARG A 73 -4.63 -3.33 -2.64
CA ARG A 73 -5.70 -4.06 -3.28
C ARG A 73 -6.58 -3.12 -4.12
N GLN A 74 -6.85 -1.94 -3.59
CA GLN A 74 -7.66 -0.95 -4.28
C GLN A 74 -6.98 -0.49 -5.56
N ALA A 75 -5.70 -0.14 -5.45
CA ALA A 75 -4.92 0.31 -6.59
C ALA A 75 -4.91 -0.73 -7.71
N VAL A 76 -4.64 -1.98 -7.34
CA VAL A 76 -4.60 -3.09 -8.30
C VAL A 76 -5.91 -3.22 -9.06
N ASN A 77 -7.02 -3.15 -8.33
CA ASN A 77 -8.35 -3.29 -8.92
C ASN A 77 -8.62 -2.19 -9.93
N ASN A 78 -8.20 -0.97 -9.61
CA ASN A 78 -8.42 0.17 -10.49
C ASN A 78 -7.47 0.08 -11.68
N PHE A 79 -6.21 -0.20 -11.41
CA PHE A 79 -5.19 -0.33 -12.44
C PHE A 79 -5.62 -1.35 -13.50
N LYS A 80 -6.01 -2.53 -13.05
CA LYS A 80 -6.46 -3.60 -13.95
C LYS A 80 -7.59 -3.12 -14.87
N ASN A 81 -8.46 -2.26 -14.34
CA ASN A 81 -9.59 -1.75 -15.10
C ASN A 81 -9.16 -0.65 -16.07
N GLU A 82 -8.21 0.17 -15.64
CA GLU A 82 -7.73 1.28 -16.47
C GLU A 82 -6.97 0.79 -17.71
N THR A 83 -5.94 -0.01 -17.49
CA THR A 83 -5.12 -0.51 -18.59
C THR A 83 -5.72 -1.75 -19.23
N GLY A 84 -6.63 -2.42 -18.52
CA GLY A 84 -7.24 -3.62 -19.05
C GLY A 84 -6.38 -4.85 -18.87
N TYR A 85 -5.94 -5.08 -17.64
CA TYR A 85 -5.11 -6.22 -17.32
C TYR A 85 -5.94 -7.35 -16.71
N THR A 86 -5.74 -8.57 -17.20
CA THR A 86 -6.42 -9.75 -16.69
C THR A 86 -5.82 -11.02 -17.30
N LYS A 87 -6.39 -12.17 -16.95
CA LYS A 87 -5.89 -13.44 -17.46
C LYS A 87 -7.05 -14.41 -17.69
N ARG A 88 -6.80 -15.50 -18.40
CA ARG A 88 -7.83 -16.49 -18.68
C ARG A 88 -7.97 -17.49 -17.54
N LEU A 89 -9.06 -17.39 -16.80
CA LEU A 89 -9.31 -18.28 -15.69
C LEU A 89 -9.83 -19.62 -16.20
N ARG A 90 -9.72 -20.64 -15.37
CA ARG A 90 -10.18 -21.97 -15.75
C ARG A 90 -10.65 -22.73 -14.52
N LYS A 91 -11.46 -23.75 -14.75
CA LYS A 91 -12.00 -24.56 -13.66
C LYS A 91 -11.09 -25.76 -13.38
N GLN A 92 -9.88 -25.47 -12.95
CA GLN A 92 -8.91 -26.51 -12.62
C GLN A 92 -9.25 -27.18 -11.30
N GLY B 1 -16.47 11.34 -19.30
CA GLY B 1 -15.10 11.91 -19.31
C GLY B 1 -14.36 11.58 -18.03
N PRO B 2 -13.02 11.51 -18.09
CA PRO B 2 -12.18 11.19 -16.93
C PRO B 2 -11.89 12.42 -16.06
N LEU B 3 -10.96 12.27 -15.14
CA LEU B 3 -10.58 13.35 -14.25
C LEU B 3 -9.06 13.51 -14.30
N GLY B 4 -8.56 14.60 -13.75
CA GLY B 4 -7.14 14.84 -13.76
C GLY B 4 -6.77 16.06 -14.56
N SER B 5 -7.75 16.59 -15.28
CA SER B 5 -7.55 17.77 -16.10
C SER B 5 -7.55 19.03 -15.25
N GLU B 6 -8.69 19.29 -14.60
CA GLU B 6 -8.84 20.45 -13.75
C GLU B 6 -9.44 20.06 -12.40
N ASP B 7 -9.98 18.86 -12.36
CA ASP B 7 -10.59 18.32 -11.16
C ASP B 7 -10.09 16.90 -10.97
N ASP B 8 -9.83 16.51 -9.74
CA ASP B 8 -9.32 15.19 -9.47
C ASP B 8 -9.47 14.82 -8.00
N PRO B 9 -10.19 13.72 -7.73
CA PRO B 9 -10.37 13.23 -6.38
C PRO B 9 -9.30 12.21 -6.01
N ILE B 10 -8.83 12.25 -4.78
CA ILE B 10 -7.79 11.33 -4.33
C ILE B 10 -8.41 10.01 -3.89
N PRO B 11 -7.99 8.91 -4.52
CA PRO B 11 -8.50 7.58 -4.19
C PRO B 11 -8.01 7.09 -2.84
N ASP B 12 -8.80 6.20 -2.23
CA ASP B 12 -8.47 5.66 -0.90
C ASP B 12 -7.30 4.69 -0.96
N GLU B 13 -6.74 4.49 -2.15
CA GLU B 13 -5.61 3.60 -2.32
C GLU B 13 -4.29 4.34 -2.14
N LEU B 14 -4.37 5.64 -1.85
CA LEU B 14 -3.16 6.44 -1.64
C LEU B 14 -3.50 7.73 -0.90
N LEU B 15 -4.66 7.73 -0.27
CA LEU B 15 -5.13 8.88 0.46
C LEU B 15 -5.28 8.56 1.95
N CYS B 16 -4.86 9.47 2.80
CA CYS B 16 -4.96 9.28 4.25
C CYS B 16 -6.41 9.45 4.68
N LEU B 17 -6.89 8.52 5.49
CA LEU B 17 -8.26 8.58 5.95
C LEU B 17 -8.37 9.59 7.09
N ILE B 18 -7.32 9.67 7.88
CA ILE B 18 -7.26 10.55 9.04
C ILE B 18 -7.53 12.01 8.67
N CYS B 19 -6.84 12.52 7.66
CA CYS B 19 -7.03 13.90 7.26
C CYS B 19 -7.77 13.98 5.93
N LYS B 20 -8.19 12.83 5.41
CA LYS B 20 -8.89 12.75 4.12
C LYS B 20 -8.13 13.47 3.01
N ASP B 21 -6.80 13.32 3.01
CA ASP B 21 -5.96 13.96 2.00
C ASP B 21 -4.76 13.07 1.70
N ILE B 22 -4.08 13.35 0.60
CA ILE B 22 -2.91 12.57 0.21
C ILE B 22 -1.76 12.82 1.18
N MET B 23 -0.84 11.88 1.28
CA MET B 23 0.29 11.99 2.18
C MET B 23 1.56 11.50 1.53
N THR B 24 2.68 11.84 2.13
CA THR B 24 3.98 11.43 1.63
C THR B 24 4.65 10.52 2.66
N ASP B 25 5.45 9.57 2.18
CA ASP B 25 6.14 8.63 3.05
C ASP B 25 5.15 7.86 3.91
N ALA B 26 4.03 7.50 3.29
CA ALA B 26 2.95 6.78 3.97
C ALA B 26 3.44 5.51 4.64
N VAL B 27 2.89 5.23 5.80
CA VAL B 27 3.23 4.05 6.57
C VAL B 27 2.01 3.14 6.70
N VAL B 28 2.23 1.90 7.08
CA VAL B 28 1.16 0.93 7.21
C VAL B 28 0.97 0.53 8.66
N ILE B 29 -0.27 0.26 9.01
CA ILE B 29 -0.62 -0.14 10.36
C ILE B 29 -0.84 -1.65 10.41
N PRO B 30 -0.03 -2.36 11.21
CA PRO B 30 -0.06 -3.82 11.32
C PRO B 30 -1.31 -4.36 12.02
N CYS B 31 -2.24 -3.49 12.33
CA CYS B 31 -3.45 -3.91 13.00
C CYS B 31 -4.53 -4.27 11.98
N CYS B 32 -4.58 -3.51 10.90
CA CYS B 32 -5.58 -3.75 9.87
C CYS B 32 -4.93 -3.77 8.49
N GLY B 33 -4.06 -2.79 8.24
CA GLY B 33 -3.36 -2.74 6.96
C GLY B 33 -3.52 -1.42 6.24
N ASN B 34 -4.33 -0.53 6.80
CA ASN B 34 -4.56 0.78 6.20
C ASN B 34 -3.31 1.66 6.32
N SER B 35 -3.14 2.57 5.37
CA SER B 35 -1.98 3.46 5.35
C SER B 35 -2.39 4.92 5.51
N TYR B 36 -1.62 5.66 6.28
CA TYR B 36 -1.87 7.09 6.51
C TYR B 36 -0.56 7.82 6.72
N CYS B 37 -0.64 9.14 6.82
CA CYS B 37 0.54 9.95 7.08
C CYS B 37 1.22 9.48 8.34
N ASP B 38 2.54 9.45 8.37
CA ASP B 38 3.27 8.99 9.55
C ASP B 38 2.91 9.83 10.76
N GLU B 39 2.75 11.13 10.55
CA GLU B 39 2.39 12.05 11.62
C GLU B 39 0.94 11.87 12.04
N CYS B 40 0.06 11.66 11.05
CA CYS B 40 -1.35 11.49 11.33
C CYS B 40 -1.60 10.23 12.16
N ILE B 41 -1.11 9.10 11.66
CA ILE B 41 -1.30 7.82 12.35
C ILE B 41 -0.62 7.83 13.71
N ARG B 42 0.53 8.48 13.80
CA ARG B 42 1.26 8.57 15.05
C ARG B 42 0.43 9.30 16.09
N THR B 43 -0.17 10.41 15.66
CA THR B 43 -1.00 11.22 16.55
C THR B 43 -2.18 10.41 17.09
N ALA B 44 -2.82 9.63 16.24
CA ALA B 44 -3.97 8.83 16.64
C ALA B 44 -3.61 7.88 17.79
N LEU B 45 -2.48 7.21 17.66
CA LEU B 45 -2.02 6.28 18.68
C LEU B 45 -1.47 7.02 19.91
N LEU B 46 -0.90 8.20 19.69
CA LEU B 46 -0.35 9.00 20.78
C LEU B 46 -1.46 9.59 21.64
N GLU B 47 -2.58 9.94 21.03
CA GLU B 47 -3.70 10.52 21.76
C GLU B 47 -4.52 9.46 22.48
N SER B 48 -4.57 8.26 21.90
CA SER B 48 -5.34 7.17 22.48
C SER B 48 -4.44 6.21 23.27
N ASP B 49 -4.60 6.20 24.59
CA ASP B 49 -3.82 5.32 25.45
C ASP B 49 -4.12 3.85 25.13
N GLU B 50 -5.31 3.61 24.62
CA GLU B 50 -5.74 2.27 24.26
C GLU B 50 -5.16 1.86 22.92
N HIS B 51 -4.41 2.77 22.31
CA HIS B 51 -3.81 2.51 21.01
C HIS B 51 -4.89 2.25 19.98
N THR B 52 -5.97 3.00 20.11
CA THR B 52 -7.13 2.87 19.24
C THR B 52 -6.80 3.30 17.81
N CYS B 53 -6.97 2.36 16.88
CA CYS B 53 -6.73 2.63 15.48
C CYS B 53 -7.79 3.58 14.93
N PRO B 54 -7.39 4.53 14.07
CA PRO B 54 -8.30 5.52 13.49
C PRO B 54 -9.00 5.02 12.25
N THR B 55 -9.27 3.73 12.20
CA THR B 55 -9.92 3.15 11.06
C THR B 55 -10.66 1.85 11.44
N CYS B 56 -9.98 0.99 12.20
CA CYS B 56 -10.56 -0.27 12.62
C CYS B 56 -10.82 -0.23 14.14
N HIS B 57 -10.23 0.76 14.80
CA HIS B 57 -10.37 0.97 16.24
C HIS B 57 -9.81 -0.21 17.02
N GLN B 58 -8.60 -0.59 16.70
CA GLN B 58 -7.91 -1.67 17.39
C GLN B 58 -7.44 -1.18 18.75
N ASN B 59 -6.96 -2.09 19.60
CA ASN B 59 -6.52 -1.72 20.95
C ASN B 59 -5.13 -2.26 21.28
N ASP B 60 -4.35 -2.58 20.27
CA ASP B 60 -3.02 -3.14 20.51
C ASP B 60 -2.07 -2.77 19.38
N VAL B 61 -2.23 -1.57 18.87
CA VAL B 61 -1.37 -1.09 17.82
C VAL B 61 -0.22 -0.30 18.43
N SER B 62 0.52 0.46 17.63
CA SER B 62 1.62 1.26 18.15
C SER B 62 2.30 2.04 17.03
N PRO B 63 2.78 3.25 17.34
CA PRO B 63 3.46 4.09 16.36
C PRO B 63 4.87 3.57 16.08
N ASP B 64 5.28 2.60 16.87
CA ASP B 64 6.58 1.99 16.73
C ASP B 64 6.48 0.74 15.87
N ALA B 65 5.26 0.23 15.74
CA ALA B 65 5.01 -0.95 14.94
C ALA B 65 4.67 -0.58 13.50
N LEU B 66 4.63 0.71 13.22
CA LEU B 66 4.32 1.21 11.89
C LEU B 66 5.38 0.76 10.89
N ILE B 67 4.96 0.18 9.79
CA ILE B 67 5.88 -0.31 8.78
C ILE B 67 5.92 0.66 7.60
N ALA B 68 6.86 0.45 6.68
CA ALA B 68 7.01 1.34 5.54
C ALA B 68 6.29 0.81 4.30
N ASN B 69 5.17 1.42 3.97
CA ASN B 69 4.41 1.00 2.79
C ASN B 69 5.08 1.58 1.55
N LYS B 70 6.13 0.91 1.11
CA LYS B 70 6.90 1.33 -0.05
C LYS B 70 6.00 1.62 -1.24
N PHE B 71 5.09 0.69 -1.49
CA PHE B 71 4.16 0.78 -2.60
C PHE B 71 3.32 2.05 -2.52
N LEU B 72 2.79 2.33 -1.34
CA LEU B 72 1.97 3.52 -1.14
C LEU B 72 2.74 4.78 -1.49
N ARG B 73 3.93 4.88 -0.92
CA ARG B 73 4.81 6.03 -1.14
C ARG B 73 5.09 6.22 -2.63
N GLN B 74 5.34 5.11 -3.32
CA GLN B 74 5.62 5.17 -4.75
C GLN B 74 4.41 5.66 -5.53
N ALA B 75 3.24 5.12 -5.22
CA ALA B 75 2.02 5.51 -5.89
C ALA B 75 1.71 6.99 -5.69
N VAL B 76 1.84 7.46 -4.45
CA VAL B 76 1.60 8.87 -4.13
C VAL B 76 2.49 9.79 -4.97
N ASN B 77 3.77 9.44 -5.06
CA ASN B 77 4.73 10.23 -5.82
C ASN B 77 4.35 10.29 -7.30
N ASN B 78 3.89 9.17 -7.84
CA ASN B 78 3.50 9.10 -9.24
C ASN B 78 2.20 9.86 -9.47
N PHE B 79 1.21 9.60 -8.61
CA PHE B 79 -0.09 10.25 -8.69
C PHE B 79 0.08 11.77 -8.69
N LYS B 80 0.87 12.28 -7.74
CA LYS B 80 1.13 13.71 -7.65
C LYS B 80 1.68 14.27 -8.96
N ASN B 81 2.52 13.49 -9.62
CA ASN B 81 3.14 13.92 -10.87
C ASN B 81 2.18 13.83 -12.05
N GLU B 82 1.35 12.79 -12.07
CA GLU B 82 0.41 12.58 -13.15
C GLU B 82 -0.67 13.67 -13.18
N THR B 83 -1.37 13.86 -12.07
CA THR B 83 -2.43 14.85 -12.01
C THR B 83 -1.88 16.25 -11.77
N GLY B 84 -0.71 16.34 -11.16
CA GLY B 84 -0.11 17.63 -10.87
C GLY B 84 -0.57 18.15 -9.52
N TYR B 85 -0.60 17.27 -8.54
CA TYR B 85 -1.03 17.61 -7.20
C TYR B 85 0.13 18.11 -6.36
N THR B 86 -0.08 19.26 -5.74
CA THR B 86 0.90 19.88 -4.85
C THR B 86 0.31 21.17 -4.27
N LYS B 87 1.06 21.88 -3.47
CA LYS B 87 0.58 23.11 -2.87
C LYS B 87 1.69 24.13 -2.73
N ARG B 88 1.31 25.41 -2.69
CA ARG B 88 2.27 26.49 -2.56
C ARG B 88 2.04 27.24 -1.25
N LEU B 89 2.34 26.59 -0.14
CA LEU B 89 2.15 27.20 1.17
C LEU B 89 3.49 27.51 1.81
N ARG B 90 3.44 28.19 2.95
CA ARG B 90 4.66 28.54 3.66
C ARG B 90 5.17 27.36 4.45
N LYS B 91 6.47 27.35 4.70
CA LYS B 91 7.10 26.28 5.45
C LYS B 91 7.05 26.60 6.94
N GLN B 92 5.85 26.94 7.39
CA GLN B 92 5.61 27.29 8.79
C GLN B 92 5.86 26.07 9.70
ZN ZN C . 3.40 -12.88 -6.39
ZN ZN D . 10.65 -7.85 4.58
ZN ZN E . -2.99 12.29 7.19
ZN ZN F . -6.25 -0.51 12.35
N GLY A 1 17.51 1.56 -23.42
CA GLY A 1 16.07 1.90 -23.40
C GLY A 1 15.22 0.72 -22.96
N PRO A 2 14.43 0.89 -21.89
CA PRO A 2 13.56 -0.18 -21.39
C PRO A 2 12.25 -0.27 -22.16
N LEU A 3 11.30 -0.98 -21.57
CA LEU A 3 9.99 -1.14 -22.18
C LEU A 3 8.96 -0.45 -21.29
N GLY A 4 7.74 -0.32 -21.79
CA GLY A 4 6.70 0.31 -21.02
C GLY A 4 6.00 1.42 -21.77
N SER A 5 6.51 1.77 -22.94
CA SER A 5 5.91 2.82 -23.75
C SER A 5 4.59 2.35 -24.34
N GLU A 6 4.68 1.38 -25.24
CA GLU A 6 3.49 0.84 -25.90
C GLU A 6 3.09 -0.47 -25.25
N ASP A 7 3.76 -0.79 -24.16
CA ASP A 7 3.51 -2.00 -23.42
C ASP A 7 2.65 -1.69 -22.20
N ASP A 8 1.98 -2.70 -21.68
CA ASP A 8 1.13 -2.53 -20.49
C ASP A 8 1.70 -3.34 -19.32
N PRO A 9 2.71 -2.79 -18.63
CA PRO A 9 3.34 -3.46 -17.50
C PRO A 9 2.66 -3.12 -16.18
N ILE A 10 3.12 -3.78 -15.12
CA ILE A 10 2.55 -3.57 -13.79
C ILE A 10 3.50 -2.71 -12.95
N PRO A 11 3.01 -1.58 -12.41
CA PRO A 11 3.82 -0.68 -11.58
C PRO A 11 4.17 -1.30 -10.21
N ASP A 12 5.34 -0.95 -9.67
CA ASP A 12 5.80 -1.48 -8.39
C ASP A 12 4.89 -1.10 -7.23
N GLU A 13 4.00 -0.12 -7.46
CA GLU A 13 3.08 0.30 -6.42
C GLU A 13 1.91 -0.68 -6.26
N LEU A 14 1.93 -1.77 -7.02
CA LEU A 14 0.87 -2.78 -6.92
C LEU A 14 1.30 -4.08 -7.58
N LEU A 15 2.59 -4.19 -7.83
CA LEU A 15 3.15 -5.38 -8.45
C LEU A 15 3.91 -6.24 -7.44
N CYS A 16 3.68 -7.55 -7.50
CA CYS A 16 4.36 -8.50 -6.63
C CYS A 16 5.79 -8.66 -7.11
N LEU A 17 6.73 -8.54 -6.21
CA LEU A 17 8.13 -8.68 -6.56
C LEU A 17 8.47 -10.16 -6.75
N ILE A 18 7.82 -11.00 -5.95
CA ILE A 18 8.04 -12.42 -5.96
C ILE A 18 7.80 -13.04 -7.34
N CYS A 19 6.61 -12.85 -7.89
CA CYS A 19 6.31 -13.39 -9.21
C CYS A 19 6.45 -12.33 -10.30
N LYS A 20 6.93 -11.15 -9.90
CA LYS A 20 7.10 -10.02 -10.81
C LYS A 20 5.84 -9.74 -11.62
N ASP A 21 4.69 -9.88 -10.96
CA ASP A 21 3.41 -9.65 -11.60
C ASP A 21 2.41 -9.09 -10.59
N ILE A 22 1.31 -8.57 -11.09
CA ILE A 22 0.27 -8.01 -10.23
C ILE A 22 -0.31 -9.09 -9.31
N MET A 23 -0.91 -8.69 -8.21
CA MET A 23 -1.49 -9.64 -7.25
C MET A 23 -2.88 -9.22 -6.84
N THR A 24 -3.59 -10.16 -6.24
CA THR A 24 -4.94 -9.93 -5.76
C THR A 24 -4.97 -10.21 -4.26
N ASP A 25 -5.79 -9.44 -3.54
CA ASP A 25 -5.89 -9.58 -2.08
C ASP A 25 -4.52 -9.43 -1.44
N ALA A 26 -3.71 -8.56 -2.05
CA ALA A 26 -2.35 -8.28 -1.61
C ALA A 26 -2.26 -8.02 -0.12
N VAL A 27 -1.22 -8.57 0.49
CA VAL A 27 -0.98 -8.41 1.91
C VAL A 27 0.30 -7.63 2.12
N VAL A 28 0.50 -7.13 3.33
CA VAL A 28 1.69 -6.36 3.65
C VAL A 28 2.53 -7.10 4.66
N ILE A 29 3.83 -6.93 4.56
CA ILE A 29 4.77 -7.56 5.47
C ILE A 29 5.30 -6.53 6.46
N PRO A 30 5.05 -6.77 7.76
CA PRO A 30 5.44 -5.84 8.83
C PRO A 30 6.95 -5.81 9.11
N CYS A 31 7.72 -6.45 8.26
CA CYS A 31 9.16 -6.47 8.43
C CYS A 31 9.80 -5.33 7.65
N CYS A 32 9.19 -4.98 6.51
CA CYS A 32 9.71 -3.89 5.69
C CYS A 32 8.57 -3.00 5.22
N GLY A 33 7.50 -3.61 4.74
CA GLY A 33 6.36 -2.85 4.29
C GLY A 33 5.95 -3.16 2.86
N ASN A 34 6.68 -4.05 2.22
CA ASN A 34 6.37 -4.43 0.85
C ASN A 34 5.13 -5.32 0.80
N SER A 35 4.41 -5.27 -0.31
CA SER A 35 3.20 -6.07 -0.48
C SER A 35 3.36 -7.07 -1.62
N TYR A 36 2.87 -8.27 -1.41
CA TYR A 36 2.93 -9.32 -2.43
C TYR A 36 1.71 -10.22 -2.31
N CYS A 37 1.57 -11.15 -3.24
CA CYS A 37 0.47 -12.09 -3.21
C CYS A 37 0.50 -12.83 -1.89
N ASP A 38 -0.67 -13.08 -1.31
CA ASP A 38 -0.76 -13.78 -0.04
C ASP A 38 -0.08 -15.14 -0.12
N GLU A 39 -0.26 -15.81 -1.24
CA GLU A 39 0.33 -17.12 -1.47
C GLU A 39 1.84 -17.01 -1.72
N CYS A 40 2.25 -15.99 -2.46
CA CYS A 40 3.65 -15.81 -2.78
C CYS A 40 4.47 -15.51 -1.53
N ILE A 41 4.06 -14.49 -0.77
CA ILE A 41 4.78 -14.10 0.43
C ILE A 41 4.76 -15.22 1.45
N ARG A 42 3.66 -15.95 1.51
CA ARG A 42 3.52 -17.07 2.43
C ARG A 42 4.60 -18.09 2.12
N THR A 43 4.66 -18.48 0.86
CA THR A 43 5.63 -19.46 0.38
C THR A 43 7.07 -19.05 0.72
N ALA A 44 7.40 -17.77 0.51
CA ALA A 44 8.75 -17.28 0.79
C ALA A 44 9.17 -17.57 2.23
N LEU A 45 8.27 -17.29 3.16
CA LEU A 45 8.56 -17.51 4.58
C LEU A 45 8.53 -18.99 4.93
N LEU A 46 7.68 -19.75 4.25
CA LEU A 46 7.56 -21.18 4.50
C LEU A 46 8.80 -21.93 4.03
N GLU A 47 9.35 -21.50 2.89
CA GLU A 47 10.54 -22.13 2.33
C GLU A 47 11.79 -21.73 3.09
N SER A 48 11.81 -20.52 3.61
CA SER A 48 12.95 -20.03 4.36
C SER A 48 12.74 -20.24 5.86
N ASP A 49 13.41 -21.25 6.40
CA ASP A 49 13.31 -21.60 7.82
C ASP A 49 13.69 -20.41 8.71
N GLU A 50 14.63 -19.61 8.25
CA GLU A 50 15.09 -18.44 8.98
C GLU A 50 14.19 -17.24 8.74
N HIS A 51 13.06 -17.48 8.07
CA HIS A 51 12.09 -16.42 7.77
C HIS A 51 12.72 -15.28 6.99
N THR A 52 13.47 -15.62 5.95
CA THR A 52 14.12 -14.62 5.11
C THR A 52 13.10 -13.94 4.21
N CYS A 53 12.99 -12.63 4.34
CA CYS A 53 12.08 -11.85 3.52
C CYS A 53 12.55 -11.84 2.07
N PRO A 54 11.62 -11.92 1.12
CA PRO A 54 11.93 -11.92 -0.31
C PRO A 54 12.12 -10.53 -0.88
N THR A 55 12.58 -9.63 -0.05
CA THR A 55 12.79 -8.26 -0.48
C THR A 55 13.83 -7.55 0.39
N CYS A 56 13.70 -7.63 1.71
CA CYS A 56 14.64 -6.98 2.62
C CYS A 56 15.57 -8.00 3.26
N HIS A 57 15.25 -9.28 3.05
CA HIS A 57 16.04 -10.39 3.57
C HIS A 57 16.05 -10.39 5.09
N GLN A 58 14.90 -10.09 5.67
CA GLN A 58 14.74 -10.08 7.12
C GLN A 58 14.86 -11.50 7.67
N ASN A 59 14.93 -11.64 8.99
CA ASN A 59 15.07 -12.97 9.60
C ASN A 59 14.11 -13.17 10.78
N ASP A 60 13.06 -12.36 10.85
CA ASP A 60 12.11 -12.47 11.95
C ASP A 60 10.72 -12.06 11.51
N VAL A 61 10.29 -12.61 10.39
CA VAL A 61 8.97 -12.35 9.86
C VAL A 61 8.10 -13.59 10.01
N SER A 62 6.89 -13.57 9.49
CA SER A 62 6.00 -14.72 9.57
C SER A 62 4.77 -14.54 8.69
N PRO A 63 4.23 -15.65 8.17
CA PRO A 63 3.05 -15.62 7.30
C PRO A 63 1.75 -15.39 8.07
N ASP A 64 1.88 -15.30 9.39
CA ASP A 64 0.73 -15.07 10.25
C ASP A 64 0.61 -13.59 10.58
N ALA A 65 1.65 -12.84 10.24
CA ALA A 65 1.68 -11.39 10.50
C ALA A 65 1.37 -10.60 9.25
N LEU A 66 0.88 -11.29 8.22
CA LEU A 66 0.54 -10.65 6.95
C LEU A 66 -0.75 -9.85 7.10
N ILE A 67 -0.62 -8.54 7.00
CA ILE A 67 -1.77 -7.65 7.16
C ILE A 67 -2.44 -7.38 5.81
N ALA A 68 -3.60 -6.74 5.84
CA ALA A 68 -4.35 -6.47 4.62
C ALA A 68 -4.09 -5.07 4.09
N ASN A 69 -3.34 -4.97 2.99
CA ASN A 69 -3.03 -3.68 2.40
C ASN A 69 -4.21 -3.22 1.58
N LYS A 70 -5.14 -2.59 2.27
CA LYS A 70 -6.36 -2.07 1.68
C LYS A 70 -6.11 -1.34 0.36
N PHE A 71 -5.29 -0.30 0.45
CA PHE A 71 -4.97 0.55 -0.69
C PHE A 71 -4.37 -0.25 -1.85
N LEU A 72 -3.53 -1.21 -1.52
CA LEU A 72 -2.89 -2.04 -2.55
C LEU A 72 -3.95 -2.77 -3.35
N ARG A 73 -4.79 -3.51 -2.64
CA ARG A 73 -5.87 -4.28 -3.25
C ARG A 73 -6.77 -3.40 -4.12
N GLN A 74 -7.11 -2.22 -3.61
CA GLN A 74 -7.96 -1.30 -4.34
C GLN A 74 -7.26 -0.80 -5.59
N ALA A 75 -5.98 -0.46 -5.46
CA ALA A 75 -5.19 0.02 -6.58
C ALA A 75 -5.15 -1.03 -7.68
N VAL A 76 -4.94 -2.28 -7.27
CA VAL A 76 -4.91 -3.41 -8.20
C VAL A 76 -6.23 -3.58 -8.94
N ASN A 77 -7.32 -3.63 -8.17
CA ASN A 77 -8.65 -3.80 -8.74
C ASN A 77 -8.99 -2.69 -9.74
N ASN A 78 -8.58 -1.47 -9.43
CA ASN A 78 -8.85 -0.34 -10.30
C ASN A 78 -7.94 -0.39 -11.53
N PHE A 79 -6.69 -0.77 -11.31
CA PHE A 79 -5.71 -0.86 -12.40
C PHE A 79 -6.12 -1.93 -13.41
N LYS A 80 -6.49 -3.12 -12.92
CA LYS A 80 -6.91 -4.22 -13.79
C LYS A 80 -8.04 -3.81 -14.72
N ASN A 81 -8.90 -2.91 -14.24
CA ASN A 81 -10.03 -2.44 -15.02
C ASN A 81 -9.63 -1.35 -16.01
N GLU A 82 -8.54 -0.65 -15.73
CA GLU A 82 -8.08 0.42 -16.59
C GLU A 82 -7.33 -0.11 -17.80
N THR A 83 -6.48 -1.11 -17.58
CA THR A 83 -5.69 -1.68 -18.65
C THR A 83 -6.34 -2.92 -19.27
N GLY A 84 -7.44 -3.35 -18.67
CA GLY A 84 -8.13 -4.54 -19.17
C GLY A 84 -7.27 -5.77 -18.96
N TYR A 85 -6.58 -5.79 -17.83
CA TYR A 85 -5.69 -6.88 -17.47
C TYR A 85 -6.43 -8.21 -17.40
N THR A 86 -7.54 -8.18 -16.73
CA THR A 86 -8.39 -9.35 -16.56
C THR A 86 -8.79 -9.91 -17.92
N LYS A 87 -8.73 -11.22 -18.05
CA LYS A 87 -9.07 -11.86 -19.30
C LYS A 87 -10.55 -12.20 -19.36
N ARG A 88 -11.07 -12.29 -20.58
CA ARG A 88 -12.48 -12.62 -20.77
C ARG A 88 -12.63 -14.11 -21.09
N LEU A 89 -11.55 -14.85 -20.91
CA LEU A 89 -11.54 -16.28 -21.15
C LEU A 89 -11.88 -17.03 -19.88
N ARG A 90 -12.01 -18.34 -19.96
CA ARG A 90 -12.34 -19.15 -18.80
C ARG A 90 -11.08 -19.78 -18.23
N LYS A 91 -11.13 -20.13 -16.94
CA LYS A 91 -9.99 -20.74 -16.26
C LYS A 91 -9.80 -22.21 -16.64
N GLN A 92 -10.73 -22.73 -17.45
CA GLN A 92 -10.67 -24.10 -17.92
C GLN A 92 -10.66 -25.09 -16.75
N GLY B 1 -12.00 19.70 3.75
CA GLY B 1 -11.31 19.63 2.44
C GLY B 1 -11.81 20.68 1.48
N PRO B 2 -11.07 20.95 0.38
CA PRO B 2 -11.48 21.94 -0.61
C PRO B 2 -12.46 21.38 -1.62
N LEU B 3 -12.86 22.22 -2.57
CA LEU B 3 -13.80 21.79 -3.60
C LEU B 3 -13.06 21.00 -4.67
N GLY B 4 -13.35 19.70 -4.74
CA GLY B 4 -12.70 18.86 -5.72
C GLY B 4 -13.48 17.59 -5.97
N SER B 5 -14.81 17.71 -5.99
CA SER B 5 -15.68 16.57 -6.20
C SER B 5 -15.64 16.10 -7.66
N GLU B 6 -15.61 17.05 -8.58
CA GLU B 6 -15.57 16.73 -10.00
C GLU B 6 -14.18 17.00 -10.57
N ASP B 7 -13.31 17.51 -9.71
CA ASP B 7 -11.94 17.82 -10.09
C ASP B 7 -11.08 16.58 -10.00
N ASP B 8 -9.79 16.79 -9.80
CA ASP B 8 -8.84 15.70 -9.67
C ASP B 8 -8.46 15.53 -8.20
N PRO B 9 -9.18 14.66 -7.48
CA PRO B 9 -8.95 14.42 -6.07
C PRO B 9 -7.94 13.32 -5.80
N ILE B 10 -7.81 12.97 -4.52
CA ILE B 10 -6.89 11.93 -4.10
C ILE B 10 -7.59 10.58 -4.05
N PRO B 11 -7.03 9.55 -4.70
CA PRO B 11 -7.61 8.21 -4.66
C PRO B 11 -7.31 7.53 -3.33
N ASP B 12 -8.24 6.72 -2.85
CA ASP B 12 -8.10 6.05 -1.55
C ASP B 12 -6.86 5.16 -1.51
N GLU B 13 -6.39 4.69 -2.66
CA GLU B 13 -5.21 3.83 -2.71
C GLU B 13 -3.93 4.56 -2.27
N LEU B 14 -4.05 5.85 -1.98
CA LEU B 14 -2.91 6.64 -1.51
C LEU B 14 -3.39 7.86 -0.72
N LEU B 15 -4.61 7.76 -0.21
CA LEU B 15 -5.25 8.82 0.55
C LEU B 15 -5.19 8.54 2.06
N CYS B 16 -4.80 9.53 2.85
CA CYS B 16 -4.76 9.39 4.29
C CYS B 16 -6.14 9.65 4.83
N LEU B 17 -6.71 8.63 5.43
CA LEU B 17 -8.04 8.69 5.99
C LEU B 17 -8.12 9.79 7.06
N ILE B 18 -7.09 9.84 7.89
CA ILE B 18 -7.02 10.77 9.01
C ILE B 18 -7.19 12.23 8.59
N CYS B 19 -6.39 12.72 7.66
CA CYS B 19 -6.50 14.11 7.25
C CYS B 19 -7.31 14.28 5.96
N LYS B 20 -7.83 13.15 5.44
CA LYS B 20 -8.61 13.17 4.20
C LYS B 20 -7.86 13.88 3.07
N ASP B 21 -6.55 13.65 3.00
CA ASP B 21 -5.70 14.25 1.99
C ASP B 21 -4.58 13.27 1.64
N ILE B 22 -3.77 13.62 0.65
CA ILE B 22 -2.65 12.77 0.28
C ILE B 22 -1.60 12.79 1.38
N MET B 23 -0.78 11.77 1.43
CA MET B 23 0.25 11.66 2.46
C MET B 23 1.61 11.42 1.84
N THR B 24 2.65 11.69 2.61
CA THR B 24 4.01 11.47 2.17
C THR B 24 4.69 10.53 3.15
N ASP B 25 5.62 9.70 2.63
CA ASP B 25 6.32 8.72 3.45
C ASP B 25 5.31 7.85 4.21
N ALA B 26 4.19 7.58 3.54
CA ALA B 26 3.10 6.79 4.09
C ALA B 26 3.57 5.50 4.75
N VAL B 27 3.01 5.23 5.92
CA VAL B 27 3.35 4.03 6.67
C VAL B 27 2.12 3.13 6.77
N VAL B 28 2.33 1.88 7.15
CA VAL B 28 1.24 0.92 7.27
C VAL B 28 1.03 0.51 8.71
N ILE B 29 -0.20 0.16 9.02
CA ILE B 29 -0.56 -0.26 10.36
C ILE B 29 -0.85 -1.78 10.36
N PRO B 30 -0.08 -2.53 11.16
CA PRO B 30 -0.19 -3.99 11.22
C PRO B 30 -1.45 -4.51 11.91
N CYS B 31 -2.38 -3.62 12.20
CA CYS B 31 -3.61 -4.01 12.84
C CYS B 31 -4.69 -4.29 11.81
N CYS B 32 -4.66 -3.54 10.72
CA CYS B 32 -5.64 -3.72 9.65
C CYS B 32 -4.96 -3.73 8.30
N GLY B 33 -4.07 -2.76 8.09
CA GLY B 33 -3.34 -2.68 6.84
C GLY B 33 -3.49 -1.35 6.15
N ASN B 34 -4.23 -0.45 6.76
CA ASN B 34 -4.44 0.88 6.19
C ASN B 34 -3.18 1.73 6.34
N SER B 35 -3.00 2.67 5.43
CA SER B 35 -1.83 3.55 5.45
C SER B 35 -2.24 5.00 5.67
N TYR B 36 -1.42 5.71 6.43
CA TYR B 36 -1.66 7.13 6.72
C TYR B 36 -0.33 7.85 6.89
N CYS B 37 -0.40 9.17 7.02
CA CYS B 37 0.80 9.95 7.26
C CYS B 37 1.43 9.46 8.55
N ASP B 38 2.76 9.38 8.58
CA ASP B 38 3.45 8.92 9.77
C ASP B 38 3.08 9.75 10.98
N GLU B 39 2.92 11.05 10.78
CA GLU B 39 2.55 11.97 11.85
C GLU B 39 1.08 11.80 12.24
N CYS B 40 0.22 11.64 11.24
CA CYS B 40 -1.21 11.48 11.47
C CYS B 40 -1.51 10.22 12.29
N ILE B 41 -1.04 9.07 11.79
CA ILE B 41 -1.28 7.80 12.46
C ILE B 41 -0.62 7.77 13.83
N ARG B 42 0.53 8.43 13.95
CA ARG B 42 1.24 8.49 15.22
C ARG B 42 0.38 9.21 16.25
N THR B 43 -0.20 10.32 15.84
CA THR B 43 -1.06 11.12 16.71
C THR B 43 -2.29 10.34 17.16
N ALA B 44 -2.89 9.59 16.25
CA ALA B 44 -4.09 8.81 16.56
C ALA B 44 -3.84 7.84 17.71
N LEU B 45 -2.72 7.13 17.64
CA LEU B 45 -2.37 6.17 18.68
C LEU B 45 -1.91 6.86 19.96
N LEU B 46 -1.28 8.04 19.81
CA LEU B 46 -0.81 8.80 20.96
C LEU B 46 -1.98 9.39 21.75
N GLU B 47 -3.01 9.85 21.04
CA GLU B 47 -4.18 10.44 21.67
C GLU B 47 -5.07 9.37 22.30
N SER B 48 -5.10 8.20 21.69
CA SER B 48 -5.91 7.10 22.19
C SER B 48 -5.09 6.22 23.14
N ASP B 49 -5.43 6.28 24.42
CA ASP B 49 -4.72 5.51 25.44
C ASP B 49 -4.84 4.00 25.17
N GLU B 50 -5.99 3.61 24.65
CA GLU B 50 -6.25 2.21 24.35
C GLU B 50 -5.76 1.85 22.95
N HIS B 51 -5.02 2.78 22.32
CA HIS B 51 -4.46 2.57 20.99
C HIS B 51 -5.55 2.28 19.97
N THR B 52 -6.58 3.13 19.96
CA THR B 52 -7.67 2.96 19.04
C THR B 52 -7.27 3.37 17.62
N CYS B 53 -7.35 2.42 16.70
CA CYS B 53 -7.00 2.69 15.32
C CYS B 53 -8.01 3.65 14.70
N PRO B 54 -7.53 4.61 13.91
CA PRO B 54 -8.37 5.61 13.25
C PRO B 54 -9.01 5.10 11.98
N THR B 55 -9.35 3.82 11.98
CA THR B 55 -9.96 3.22 10.80
C THR B 55 -10.72 1.92 11.15
N CYS B 56 -10.05 1.01 11.86
CA CYS B 56 -10.67 -0.26 12.23
C CYS B 56 -11.07 -0.24 13.69
N HIS B 57 -10.58 0.77 14.41
CA HIS B 57 -10.87 0.95 15.82
C HIS B 57 -10.27 -0.16 16.67
N GLN B 58 -9.07 -0.58 16.28
CA GLN B 58 -8.35 -1.62 17.01
C GLN B 58 -7.93 -1.09 18.37
N ASN B 59 -7.53 -1.98 19.28
CA ASN B 59 -7.14 -1.56 20.62
C ASN B 59 -5.85 -2.23 21.08
N ASP B 60 -4.88 -2.34 20.18
CA ASP B 60 -3.61 -2.97 20.54
C ASP B 60 -2.53 -2.66 19.51
N VAL B 61 -2.64 -1.49 18.91
CA VAL B 61 -1.65 -1.08 17.92
C VAL B 61 -0.60 -0.21 18.59
N SER B 62 0.34 0.33 17.82
CA SER B 62 1.38 1.17 18.39
C SER B 62 2.12 1.92 17.28
N PRO B 63 2.64 3.11 17.60
CA PRO B 63 3.35 3.95 16.63
C PRO B 63 4.76 3.43 16.32
N ASP B 64 5.20 2.44 17.07
CA ASP B 64 6.51 1.86 16.86
C ASP B 64 6.42 0.67 15.91
N ALA B 65 5.19 0.21 15.67
CA ALA B 65 4.95 -0.93 14.79
C ALA B 65 4.61 -0.48 13.38
N LEU B 66 4.71 0.82 13.13
CA LEU B 66 4.41 1.37 11.81
C LEU B 66 5.48 0.95 10.82
N ILE B 67 5.06 0.30 9.74
CA ILE B 67 5.98 -0.18 8.73
C ILE B 67 6.00 0.75 7.52
N ALA B 68 6.92 0.55 6.59
CA ALA B 68 7.03 1.41 5.42
C ALA B 68 6.28 0.85 4.23
N ASN B 69 5.14 1.45 3.91
CA ASN B 69 4.36 0.99 2.76
C ASN B 69 5.01 1.53 1.50
N LYS B 70 6.01 0.80 1.06
CA LYS B 70 6.78 1.14 -0.13
C LYS B 70 5.91 1.57 -1.30
N PHE B 71 4.95 0.70 -1.61
CA PHE B 71 4.05 0.91 -2.73
C PHE B 71 3.21 2.17 -2.54
N LEU B 72 2.80 2.43 -1.32
CA LEU B 72 1.98 3.59 -1.01
C LEU B 72 2.72 4.90 -1.28
N ARG B 73 3.85 5.07 -0.61
CA ARG B 73 4.64 6.28 -0.76
C ARG B 73 5.11 6.47 -2.20
N GLN B 74 5.29 5.36 -2.93
CA GLN B 74 5.70 5.44 -4.32
C GLN B 74 4.53 5.91 -5.19
N ALA B 75 3.36 5.34 -4.95
CA ALA B 75 2.15 5.71 -5.69
C ALA B 75 1.86 7.21 -5.53
N VAL B 76 2.09 7.69 -4.31
CA VAL B 76 1.88 9.09 -3.98
C VAL B 76 2.79 9.98 -4.82
N ASN B 77 4.08 9.63 -4.86
CA ASN B 77 5.05 10.40 -5.62
C ASN B 77 4.72 10.41 -7.11
N ASN B 78 4.20 9.30 -7.61
CA ASN B 78 3.81 9.20 -9.00
C ASN B 78 2.58 10.04 -9.27
N PHE B 79 1.58 9.89 -8.39
CA PHE B 79 0.33 10.63 -8.51
C PHE B 79 0.56 12.14 -8.48
N LYS B 80 1.30 12.62 -7.49
CA LYS B 80 1.60 14.05 -7.36
C LYS B 80 2.19 14.60 -8.65
N ASN B 81 3.10 13.85 -9.26
CA ASN B 81 3.74 14.31 -10.49
C ASN B 81 2.78 14.31 -11.68
N GLU B 82 1.81 13.40 -11.65
CA GLU B 82 0.84 13.28 -12.74
C GLU B 82 -0.23 14.36 -12.67
N THR B 83 -0.70 14.64 -11.47
CA THR B 83 -1.74 15.65 -11.27
C THR B 83 -1.15 17.05 -11.15
N GLY B 84 0.11 17.12 -10.76
CA GLY B 84 0.76 18.39 -10.58
C GLY B 84 0.68 18.87 -9.15
N TYR B 85 0.44 17.93 -8.25
CA TYR B 85 0.32 18.22 -6.82
C TYR B 85 1.63 18.79 -6.28
N THR B 86 1.48 19.87 -5.51
CA THR B 86 2.58 20.58 -4.86
C THR B 86 3.70 20.91 -5.82
N LYS B 87 4.90 21.00 -5.30
CA LYS B 87 6.03 21.34 -6.13
C LYS B 87 7.01 20.18 -6.24
N ARG B 88 7.84 20.21 -7.28
CA ARG B 88 8.82 19.16 -7.50
C ARG B 88 10.17 19.55 -6.92
N LEU B 89 10.48 19.00 -5.75
CA LEU B 89 11.74 19.28 -5.08
C LEU B 89 12.91 18.78 -5.90
N ARG B 90 14.07 19.37 -5.69
CA ARG B 90 15.26 18.99 -6.44
C ARG B 90 16.46 18.96 -5.51
N LYS B 91 17.48 18.25 -5.93
CA LYS B 91 18.71 18.12 -5.15
C LYS B 91 19.65 19.29 -5.39
N GLN B 92 19.35 20.07 -6.41
CA GLN B 92 20.18 21.23 -6.74
C GLN B 92 19.41 22.21 -7.61
ZN ZN C . 3.02 -13.00 -6.34
ZN ZN D . 10.74 -7.61 4.50
ZN ZN E . -2.67 12.17 7.01
ZN ZN F . -6.30 -0.52 12.24
N GLY A 1 14.74 2.70 -25.38
CA GLY A 1 14.74 2.37 -23.93
C GLY A 1 13.85 1.19 -23.61
N PRO A 2 13.16 1.21 -22.46
CA PRO A 2 12.27 0.13 -22.06
C PRO A 2 10.95 0.18 -22.82
N LEU A 3 10.11 -0.82 -22.60
CA LEU A 3 8.83 -0.89 -23.26
C LEU A 3 7.72 -0.34 -22.36
N GLY A 4 7.32 0.89 -22.61
CA GLY A 4 6.29 1.52 -21.84
C GLY A 4 5.67 2.69 -22.56
N SER A 5 5.44 2.50 -23.85
CA SER A 5 4.85 3.54 -24.68
C SER A 5 3.36 3.27 -24.86
N GLU A 6 3.06 2.10 -25.39
CA GLU A 6 1.68 1.69 -25.62
C GLU A 6 1.45 0.36 -24.93
N ASP A 7 2.36 0.03 -24.04
CA ASP A 7 2.32 -1.21 -23.29
C ASP A 7 1.51 -1.03 -22.01
N ASP A 8 1.16 -2.14 -21.37
CA ASP A 8 0.40 -2.11 -20.13
C ASP A 8 1.13 -2.85 -19.02
N PRO A 9 2.19 -2.24 -18.46
CA PRO A 9 2.97 -2.85 -17.40
C PRO A 9 2.37 -2.61 -16.01
N ILE A 10 2.77 -3.42 -15.05
CA ILE A 10 2.27 -3.29 -13.69
C ILE A 10 3.24 -2.49 -12.84
N PRO A 11 2.78 -1.38 -12.23
CA PRO A 11 3.62 -0.54 -11.38
C PRO A 11 3.92 -1.17 -10.02
N ASP A 12 5.13 -0.91 -9.50
CA ASP A 12 5.59 -1.44 -8.22
C ASP A 12 4.61 -1.19 -7.09
N GLU A 13 3.89 -0.07 -7.16
CA GLU A 13 2.92 0.30 -6.13
C GLU A 13 1.75 -0.69 -6.01
N LEU A 14 1.68 -1.67 -6.90
CA LEU A 14 0.61 -2.67 -6.84
C LEU A 14 1.03 -3.94 -7.55
N LEU A 15 2.32 -4.07 -7.76
CA LEU A 15 2.90 -5.21 -8.43
C LEU A 15 3.67 -6.10 -7.45
N CYS A 16 3.46 -7.42 -7.53
CA CYS A 16 4.16 -8.34 -6.65
C CYS A 16 5.56 -8.55 -7.18
N LEU A 17 6.53 -8.42 -6.30
CA LEU A 17 7.92 -8.58 -6.69
C LEU A 17 8.25 -10.06 -6.90
N ILE A 18 7.67 -10.89 -6.06
CA ILE A 18 7.92 -12.34 -6.08
C ILE A 18 7.62 -12.96 -7.45
N CYS A 19 6.46 -12.67 -8.03
CA CYS A 19 6.13 -13.23 -9.33
C CYS A 19 6.22 -12.18 -10.43
N LYS A 20 6.66 -10.98 -10.07
CA LYS A 20 6.80 -9.86 -10.99
C LYS A 20 5.49 -9.57 -11.75
N ASP A 21 4.35 -9.76 -11.10
CA ASP A 21 3.06 -9.50 -11.72
C ASP A 21 2.05 -9.00 -10.69
N ILE A 22 0.94 -8.49 -11.17
CA ILE A 22 -0.12 -7.99 -10.32
C ILE A 22 -0.78 -9.11 -9.52
N MET A 23 -1.34 -8.77 -8.37
CA MET A 23 -1.97 -9.75 -7.51
C MET A 23 -3.26 -9.20 -6.91
N THR A 24 -4.08 -10.10 -6.40
CA THR A 24 -5.34 -9.72 -5.79
C THR A 24 -5.26 -9.93 -4.28
N ASP A 25 -5.88 -9.02 -3.53
CA ASP A 25 -5.90 -9.08 -2.05
C ASP A 25 -4.48 -9.16 -1.50
N ALA A 26 -3.61 -8.32 -2.03
CA ALA A 26 -2.22 -8.28 -1.61
C ALA A 26 -2.09 -8.02 -0.12
N VAL A 27 -1.08 -8.60 0.49
CA VAL A 27 -0.84 -8.45 1.91
C VAL A 27 0.46 -7.69 2.14
N VAL A 28 0.66 -7.21 3.36
CA VAL A 28 1.85 -6.45 3.69
C VAL A 28 2.70 -7.20 4.72
N ILE A 29 3.99 -6.96 4.66
CA ILE A 29 4.93 -7.60 5.56
C ILE A 29 5.45 -6.56 6.56
N PRO A 30 5.22 -6.79 7.85
CA PRO A 30 5.61 -5.85 8.91
C PRO A 30 7.11 -5.81 9.18
N CYS A 31 7.88 -6.43 8.32
CA CYS A 31 9.32 -6.44 8.48
C CYS A 31 9.94 -5.28 7.70
N CYS A 32 9.33 -4.94 6.58
CA CYS A 32 9.83 -3.84 5.75
C CYS A 32 8.67 -2.97 5.27
N GLY A 33 7.61 -3.60 4.78
CA GLY A 33 6.46 -2.87 4.32
C GLY A 33 6.09 -3.18 2.88
N ASN A 34 6.74 -4.17 2.31
CA ASN A 34 6.46 -4.56 0.93
C ASN A 34 5.19 -5.41 0.86
N SER A 35 4.50 -5.35 -0.28
CA SER A 35 3.27 -6.11 -0.48
C SER A 35 3.41 -7.12 -1.61
N TYR A 36 2.93 -8.33 -1.39
CA TYR A 36 2.98 -9.39 -2.40
C TYR A 36 1.77 -10.28 -2.24
N CYS A 37 1.60 -11.20 -3.18
CA CYS A 37 0.51 -12.15 -3.12
C CYS A 37 0.54 -12.91 -1.79
N ASP A 38 -0.64 -13.20 -1.27
CA ASP A 38 -0.74 -13.93 -0.01
C ASP A 38 0.02 -15.24 -0.07
N GLU A 39 -0.13 -15.95 -1.20
CA GLU A 39 0.54 -17.23 -1.39
C GLU A 39 2.04 -17.06 -1.65
N CYS A 40 2.40 -16.04 -2.42
CA CYS A 40 3.80 -15.78 -2.75
C CYS A 40 4.62 -15.49 -1.49
N ILE A 41 4.19 -14.49 -0.73
CA ILE A 41 4.91 -14.09 0.48
C ILE A 41 4.91 -15.21 1.52
N ARG A 42 3.80 -15.95 1.59
CA ARG A 42 3.69 -17.05 2.52
C ARG A 42 4.76 -18.08 2.23
N THR A 43 4.86 -18.45 0.96
CA THR A 43 5.83 -19.44 0.50
C THR A 43 7.27 -19.02 0.82
N ALA A 44 7.59 -17.76 0.56
CA ALA A 44 8.94 -17.24 0.81
C ALA A 44 9.38 -17.47 2.26
N LEU A 45 8.48 -17.20 3.19
CA LEU A 45 8.78 -17.37 4.62
C LEU A 45 8.82 -18.84 5.00
N LEU A 46 8.02 -19.67 4.31
CA LEU A 46 7.97 -21.10 4.61
C LEU A 46 9.24 -21.79 4.13
N GLU A 47 9.72 -21.41 2.95
CA GLU A 47 10.92 -22.01 2.37
C GLU A 47 12.15 -21.60 3.16
N SER A 48 12.27 -20.31 3.46
CA SER A 48 13.39 -19.81 4.22
C SER A 48 13.19 -20.09 5.71
N ASP A 49 13.92 -21.08 6.22
CA ASP A 49 13.80 -21.48 7.62
C ASP A 49 14.11 -20.33 8.58
N GLU A 50 14.89 -19.36 8.12
CA GLU A 50 15.23 -18.22 8.96
C GLU A 50 14.27 -17.06 8.73
N HIS A 51 13.21 -17.32 7.96
CA HIS A 51 12.19 -16.32 7.64
C HIS A 51 12.78 -15.15 6.87
N THR A 52 13.58 -15.48 5.87
CA THR A 52 14.22 -14.49 5.03
C THR A 52 13.21 -13.78 4.14
N CYS A 53 13.01 -12.48 4.38
CA CYS A 53 12.10 -11.70 3.57
C CYS A 53 12.59 -11.69 2.12
N PRO A 54 11.65 -11.86 1.17
CA PRO A 54 11.98 -11.89 -0.27
C PRO A 54 12.11 -10.51 -0.87
N THR A 55 12.69 -9.60 -0.11
CA THR A 55 12.86 -8.24 -0.56
C THR A 55 13.91 -7.50 0.26
N CYS A 56 13.81 -7.59 1.59
CA CYS A 56 14.76 -6.92 2.47
C CYS A 56 15.69 -7.93 3.12
N HIS A 57 15.37 -9.22 2.94
CA HIS A 57 16.18 -10.31 3.47
C HIS A 57 16.21 -10.27 4.99
N GLN A 58 15.04 -10.06 5.56
CA GLN A 58 14.89 -10.03 7.01
C GLN A 58 14.99 -11.45 7.56
N ASN A 59 15.00 -11.61 8.88
CA ASN A 59 15.13 -12.93 9.46
C ASN A 59 14.28 -13.10 10.71
N ASP A 60 13.16 -12.39 10.76
CA ASP A 60 12.27 -12.46 11.92
C ASP A 60 10.86 -12.06 11.53
N VAL A 61 10.39 -12.61 10.43
CA VAL A 61 9.04 -12.34 9.96
C VAL A 61 8.20 -13.61 10.09
N SER A 62 6.98 -13.60 9.60
CA SER A 62 6.11 -14.75 9.69
C SER A 62 4.88 -14.59 8.81
N PRO A 63 4.31 -15.71 8.34
CA PRO A 63 3.14 -15.70 7.47
C PRO A 63 1.86 -15.31 8.21
N ASP A 64 1.92 -15.34 9.53
CA ASP A 64 0.77 -14.98 10.36
C ASP A 64 0.76 -13.47 10.62
N ALA A 65 1.92 -12.84 10.42
CA ALA A 65 2.05 -11.40 10.65
C ALA A 65 1.68 -10.60 9.40
N LEU A 66 1.14 -11.28 8.40
CA LEU A 66 0.75 -10.62 7.16
C LEU A 66 -0.52 -9.83 7.38
N ILE A 67 -0.49 -8.55 7.02
CA ILE A 67 -1.64 -7.67 7.19
C ILE A 67 -2.32 -7.41 5.86
N ALA A 68 -3.52 -6.84 5.90
CA ALA A 68 -4.26 -6.57 4.67
C ALA A 68 -4.00 -5.16 4.17
N ASN A 69 -3.22 -5.04 3.11
CA ASN A 69 -2.91 -3.73 2.55
C ASN A 69 -4.09 -3.25 1.74
N LYS A 70 -4.98 -2.56 2.43
CA LYS A 70 -6.19 -2.02 1.84
C LYS A 70 -5.91 -1.24 0.57
N PHE A 71 -4.96 -0.32 0.67
CA PHE A 71 -4.58 0.53 -0.44
C PHE A 71 -4.09 -0.28 -1.62
N LEU A 72 -3.35 -1.34 -1.35
CA LEU A 72 -2.82 -2.21 -2.39
C LEU A 72 -3.94 -2.90 -3.14
N ARG A 73 -4.75 -3.64 -2.39
CA ARG A 73 -5.86 -4.37 -2.99
C ARG A 73 -6.84 -3.44 -3.69
N GLN A 74 -6.98 -2.22 -3.18
CA GLN A 74 -7.88 -1.24 -3.81
C GLN A 74 -7.29 -0.76 -5.13
N ALA A 75 -5.99 -0.48 -5.11
CA ALA A 75 -5.29 -0.01 -6.30
C ALA A 75 -5.38 -1.04 -7.42
N VAL A 76 -5.13 -2.30 -7.08
CA VAL A 76 -5.20 -3.39 -8.03
C VAL A 76 -6.58 -3.47 -8.69
N ASN A 77 -7.63 -3.39 -7.86
CA ASN A 77 -9.00 -3.47 -8.35
C ASN A 77 -9.32 -2.33 -9.32
N ASN A 78 -8.78 -1.15 -9.03
CA ASN A 78 -9.03 0.01 -9.87
C ASN A 78 -8.18 -0.06 -11.14
N PHE A 79 -6.91 -0.41 -10.99
CA PHE A 79 -6.00 -0.51 -12.12
C PHE A 79 -6.49 -1.53 -13.14
N LYS A 80 -6.86 -2.72 -12.64
CA LYS A 80 -7.35 -3.79 -13.50
C LYS A 80 -8.57 -3.36 -14.31
N ASN A 81 -9.36 -2.45 -13.74
CA ASN A 81 -10.56 -1.95 -14.41
C ASN A 81 -10.22 -0.83 -15.40
N GLU A 82 -9.31 0.05 -15.00
CA GLU A 82 -8.91 1.18 -15.84
C GLU A 82 -8.31 0.72 -17.16
N THR A 83 -7.29 -0.11 -17.09
CA THR A 83 -6.62 -0.59 -18.29
C THR A 83 -7.25 -1.85 -18.85
N GLY A 84 -8.04 -2.54 -18.02
CA GLY A 84 -8.66 -3.77 -18.46
C GLY A 84 -7.63 -4.87 -18.57
N TYR A 85 -6.80 -4.96 -17.54
CA TYR A 85 -5.73 -5.95 -17.48
C TYR A 85 -6.26 -7.37 -17.38
N THR A 86 -7.18 -7.55 -16.47
CA THR A 86 -7.79 -8.84 -16.24
C THR A 86 -8.60 -9.29 -17.45
N LYS A 87 -8.38 -10.53 -17.85
CA LYS A 87 -9.08 -11.08 -18.99
C LYS A 87 -10.44 -11.61 -18.57
N ARG A 88 -11.37 -11.65 -19.50
CA ARG A 88 -12.72 -12.14 -19.22
C ARG A 88 -12.77 -13.67 -19.30
N LEU A 89 -11.64 -14.27 -19.66
CA LEU A 89 -11.55 -15.72 -19.75
C LEU A 89 -11.59 -16.31 -18.36
N ARG A 90 -12.27 -17.44 -18.22
CA ARG A 90 -12.40 -18.10 -16.93
C ARG A 90 -11.13 -18.88 -16.60
N LYS A 91 -11.11 -19.53 -15.45
CA LYS A 91 -9.96 -20.31 -15.02
C LYS A 91 -9.97 -21.68 -15.69
N GLN A 92 -11.10 -22.02 -16.29
CA GLN A 92 -11.26 -23.31 -16.99
C GLN A 92 -11.02 -24.48 -16.03
N GLY B 1 -22.15 16.31 -6.10
CA GLY B 1 -21.29 15.14 -6.43
C GLY B 1 -19.83 15.45 -6.27
N PRO B 2 -18.94 14.49 -6.60
CA PRO B 2 -17.50 14.68 -6.51
C PRO B 2 -16.95 15.52 -7.64
N LEU B 3 -15.95 16.32 -7.32
CA LEU B 3 -15.31 17.18 -8.30
C LEU B 3 -14.04 16.54 -8.83
N GLY B 4 -14.12 16.02 -10.05
CA GLY B 4 -12.97 15.38 -10.66
C GLY B 4 -12.90 15.62 -12.15
N SER B 5 -13.77 16.50 -12.65
CA SER B 5 -13.78 16.82 -14.07
C SER B 5 -12.55 17.64 -14.45
N GLU B 6 -12.43 18.81 -13.84
CA GLU B 6 -11.31 19.69 -14.09
C GLU B 6 -10.39 19.76 -12.86
N ASP B 7 -10.64 18.86 -11.92
CA ASP B 7 -9.84 18.79 -10.71
C ASP B 7 -9.18 17.43 -10.62
N ASP B 8 -8.16 17.32 -9.80
CA ASP B 8 -7.44 16.07 -9.64
C ASP B 8 -7.50 15.61 -8.19
N PRO B 9 -8.51 14.78 -7.87
CA PRO B 9 -8.69 14.23 -6.52
C PRO B 9 -7.66 13.17 -6.19
N ILE B 10 -7.54 12.86 -4.90
CA ILE B 10 -6.60 11.87 -4.45
C ILE B 10 -7.30 10.55 -4.17
N PRO B 11 -6.89 9.47 -4.85
CA PRO B 11 -7.50 8.14 -4.67
C PRO B 11 -7.17 7.55 -3.30
N ASP B 12 -8.11 6.79 -2.73
CA ASP B 12 -7.95 6.16 -1.41
C ASP B 12 -6.79 5.15 -1.39
N GLU B 13 -6.23 4.88 -2.56
CA GLU B 13 -5.11 3.94 -2.67
C GLU B 13 -3.79 4.62 -2.32
N LEU B 14 -3.82 5.92 -2.08
CA LEU B 14 -2.62 6.66 -1.73
C LEU B 14 -2.98 7.93 -0.99
N LEU B 15 -4.17 7.92 -0.43
CA LEU B 15 -4.68 9.06 0.29
C LEU B 15 -4.91 8.72 1.76
N CYS B 16 -4.48 9.61 2.65
CA CYS B 16 -4.66 9.40 4.09
C CYS B 16 -6.10 9.69 4.46
N LEU B 17 -6.70 8.78 5.18
CA LEU B 17 -8.08 8.95 5.60
C LEU B 17 -8.16 9.96 6.73
N ILE B 18 -7.15 9.96 7.58
CA ILE B 18 -7.10 10.85 8.74
C ILE B 18 -7.22 12.31 8.36
N CYS B 19 -6.42 12.78 7.42
CA CYS B 19 -6.50 14.17 7.00
C CYS B 19 -7.24 14.30 5.67
N LYS B 20 -7.73 13.18 5.17
CA LYS B 20 -8.48 13.13 3.90
C LYS B 20 -7.67 13.66 2.72
N ASP B 21 -6.34 13.54 2.77
CA ASP B 21 -5.50 14.00 1.68
C ASP B 21 -4.26 13.13 1.53
N ILE B 22 -3.49 13.39 0.49
CA ILE B 22 -2.27 12.65 0.20
C ILE B 22 -1.20 12.89 1.27
N MET B 23 -0.26 11.96 1.36
CA MET B 23 0.82 12.03 2.33
C MET B 23 2.13 11.54 1.72
N THR B 24 3.22 11.87 2.37
CA THR B 24 4.53 11.47 1.92
C THR B 24 5.14 10.49 2.91
N ASP B 25 5.90 9.52 2.39
CA ASP B 25 6.54 8.49 3.21
C ASP B 25 5.51 7.79 4.10
N ALA B 26 4.37 7.45 3.49
CA ALA B 26 3.26 6.79 4.18
C ALA B 26 3.69 5.48 4.85
N VAL B 27 3.09 5.22 5.99
CA VAL B 27 3.37 4.01 6.74
C VAL B 27 2.13 3.12 6.82
N VAL B 28 2.33 1.88 7.20
CA VAL B 28 1.24 0.92 7.30
C VAL B 28 1.02 0.49 8.73
N ILE B 29 -0.22 0.14 9.04
CA ILE B 29 -0.58 -0.29 10.38
C ILE B 29 -0.87 -1.80 10.38
N PRO B 30 -0.11 -2.57 11.17
CA PRO B 30 -0.23 -4.03 11.23
C PRO B 30 -1.50 -4.53 11.92
N CYS B 31 -2.40 -3.62 12.24
CA CYS B 31 -3.62 -3.99 12.90
C CYS B 31 -4.71 -4.29 11.87
N CYS B 32 -4.66 -3.57 10.75
CA CYS B 32 -5.63 -3.76 9.70
C CYS B 32 -4.94 -3.80 8.35
N GLY B 33 -4.10 -2.81 8.10
CA GLY B 33 -3.37 -2.76 6.85
C GLY B 33 -3.56 -1.45 6.10
N ASN B 34 -4.17 -0.48 6.76
CA ASN B 34 -4.39 0.83 6.15
C ASN B 34 -3.14 1.69 6.28
N SER B 35 -2.95 2.61 5.35
CA SER B 35 -1.78 3.49 5.36
C SER B 35 -2.16 4.96 5.55
N TYR B 36 -1.41 5.65 6.39
CA TYR B 36 -1.64 7.06 6.65
C TYR B 36 -0.32 7.75 6.92
N CYS B 37 -0.36 9.07 7.04
CA CYS B 37 0.82 9.85 7.34
C CYS B 37 1.43 9.39 8.65
N ASP B 38 2.76 9.40 8.71
CA ASP B 38 3.48 8.99 9.91
C ASP B 38 2.99 9.77 11.12
N GLU B 39 2.81 11.07 10.93
CA GLU B 39 2.35 11.96 11.98
C GLU B 39 0.88 11.74 12.32
N CYS B 40 0.06 11.56 11.28
CA CYS B 40 -1.37 11.37 11.47
C CYS B 40 -1.67 10.09 12.25
N ILE B 41 -1.14 8.98 11.78
CA ILE B 41 -1.39 7.69 12.43
C ILE B 41 -0.79 7.66 13.84
N ARG B 42 0.36 8.29 14.00
CA ARG B 42 1.02 8.36 15.29
C ARG B 42 0.11 9.05 16.30
N THR B 43 -0.37 10.21 15.92
CA THR B 43 -1.25 11.02 16.75
C THR B 43 -2.51 10.25 17.16
N ALA B 44 -3.09 9.49 16.23
CA ALA B 44 -4.29 8.73 16.52
C ALA B 44 -4.07 7.73 17.66
N LEU B 45 -2.94 7.04 17.62
CA LEU B 45 -2.61 6.06 18.65
C LEU B 45 -2.21 6.74 19.96
N LEU B 46 -1.60 7.92 19.85
CA LEU B 46 -1.16 8.66 21.03
C LEU B 46 -2.36 9.23 21.78
N GLU B 47 -3.32 9.78 21.05
CA GLU B 47 -4.51 10.36 21.65
C GLU B 47 -5.39 9.27 22.26
N SER B 48 -5.61 8.21 21.48
CA SER B 48 -6.43 7.10 21.93
C SER B 48 -5.66 6.26 22.94
N ASP B 49 -6.03 6.38 24.20
CA ASP B 49 -5.37 5.68 25.30
C ASP B 49 -5.38 4.16 25.11
N GLU B 50 -6.42 3.66 24.42
CA GLU B 50 -6.53 2.22 24.18
C GLU B 50 -6.00 1.83 22.80
N HIS B 51 -5.31 2.78 22.15
CA HIS B 51 -4.73 2.55 20.83
C HIS B 51 -5.80 2.24 19.79
N THR B 52 -6.84 3.07 19.79
CA THR B 52 -7.94 2.92 18.85
C THR B 52 -7.51 3.31 17.45
N CYS B 53 -7.46 2.33 16.55
CA CYS B 53 -7.10 2.59 15.16
C CYS B 53 -8.10 3.56 14.53
N PRO B 54 -7.60 4.53 13.76
CA PRO B 54 -8.44 5.53 13.10
C PRO B 54 -9.05 5.03 11.81
N THR B 55 -9.47 3.78 11.82
CA THR B 55 -10.04 3.19 10.62
C THR B 55 -10.80 1.90 10.95
N CYS B 56 -10.19 1.02 11.73
CA CYS B 56 -10.82 -0.24 12.11
C CYS B 56 -11.23 -0.22 13.57
N HIS B 57 -10.78 0.82 14.28
CA HIS B 57 -11.09 1.01 15.69
C HIS B 57 -10.51 -0.11 16.54
N GLN B 58 -9.31 -0.52 16.17
CA GLN B 58 -8.59 -1.56 16.88
C GLN B 58 -8.21 -1.06 18.27
N ASN B 59 -7.64 -1.94 19.11
CA ASN B 59 -7.28 -1.54 20.47
C ASN B 59 -5.99 -2.23 20.95
N ASP B 60 -5.15 -2.63 20.01
CA ASP B 60 -3.90 -3.30 20.36
C ASP B 60 -2.84 -2.98 19.32
N VAL B 61 -2.78 -1.72 18.93
CA VAL B 61 -1.80 -1.27 17.96
C VAL B 61 -0.78 -0.38 18.64
N SER B 62 0.16 0.17 17.88
CA SER B 62 1.18 1.04 18.45
C SER B 62 1.92 1.78 17.35
N PRO B 63 2.44 2.98 17.67
CA PRO B 63 3.15 3.81 16.71
C PRO B 63 4.55 3.28 16.39
N ASP B 64 4.98 2.27 17.13
CA ASP B 64 6.29 1.67 16.92
C ASP B 64 6.20 0.53 15.91
N ALA B 65 4.98 0.07 15.67
CA ALA B 65 4.76 -1.04 14.74
C ALA B 65 4.43 -0.54 13.33
N LEU B 66 4.67 0.75 13.10
CA LEU B 66 4.40 1.34 11.80
C LEU B 66 5.48 0.94 10.81
N ILE B 67 5.08 0.27 9.74
CA ILE B 67 6.01 -0.21 8.73
C ILE B 67 6.04 0.72 7.52
N ALA B 68 6.99 0.53 6.62
CA ALA B 68 7.10 1.38 5.45
C ALA B 68 6.33 0.84 4.27
N ASN B 69 5.19 1.44 3.98
CA ASN B 69 4.40 1.00 2.84
C ASN B 69 4.95 1.72 1.64
N LYS B 70 6.10 1.25 1.19
CA LYS B 70 6.76 1.86 0.05
C LYS B 70 5.93 1.78 -1.21
N PHE B 71 4.98 0.87 -1.26
CA PHE B 71 4.09 0.77 -2.40
C PHE B 71 3.24 2.03 -2.42
N LEU B 72 2.91 2.49 -1.22
CA LEU B 72 2.14 3.71 -1.04
C LEU B 72 3.00 4.91 -1.39
N ARG B 73 4.18 4.94 -0.78
CA ARG B 73 5.15 6.01 -1.00
C ARG B 73 5.46 6.14 -2.49
N GLN B 74 5.58 5.00 -3.17
CA GLN B 74 5.85 4.96 -4.60
C GLN B 74 4.68 5.55 -5.37
N ALA B 75 3.48 5.08 -5.04
CA ALA B 75 2.27 5.55 -5.69
C ALA B 75 2.12 7.06 -5.53
N VAL B 76 2.38 7.55 -4.33
CA VAL B 76 2.30 8.99 -4.05
C VAL B 76 3.28 9.76 -4.94
N ASN B 77 4.52 9.29 -4.97
CA ASN B 77 5.57 9.91 -5.77
C ASN B 77 5.20 9.93 -7.26
N ASN B 78 4.56 8.86 -7.72
CA ASN B 78 4.16 8.77 -9.12
C ASN B 78 2.96 9.66 -9.40
N PHE B 79 1.95 9.54 -8.56
CA PHE B 79 0.72 10.33 -8.70
C PHE B 79 1.03 11.82 -8.72
N LYS B 80 1.83 12.29 -7.76
CA LYS B 80 2.21 13.69 -7.68
C LYS B 80 2.85 14.19 -8.97
N ASN B 81 3.54 13.30 -9.67
CA ASN B 81 4.22 13.67 -10.92
C ASN B 81 3.25 13.58 -12.10
N GLU B 82 2.44 12.54 -12.10
CA GLU B 82 1.49 12.31 -13.18
C GLU B 82 0.49 13.45 -13.34
N THR B 83 -0.08 13.91 -12.24
CA THR B 83 -1.06 15.00 -12.29
C THR B 83 -0.46 16.35 -11.89
N GLY B 84 0.75 16.32 -11.35
CA GLY B 84 1.38 17.57 -10.93
C GLY B 84 0.73 18.13 -9.69
N TYR B 85 0.67 17.32 -8.64
CA TYR B 85 0.07 17.72 -7.37
C TYR B 85 1.02 18.63 -6.59
N THR B 86 0.53 19.15 -5.47
CA THR B 86 1.30 20.05 -4.63
C THR B 86 2.10 19.29 -3.56
N LYS B 87 2.41 19.97 -2.46
CA LYS B 87 3.18 19.36 -1.37
C LYS B 87 2.25 18.96 -0.23
N ARG B 88 2.83 18.44 0.85
CA ARG B 88 2.03 17.99 1.99
C ARG B 88 1.61 19.16 2.86
N LEU B 89 2.58 19.95 3.29
CA LEU B 89 2.31 21.07 4.18
C LEU B 89 2.07 22.36 3.41
N ARG B 90 1.77 23.42 4.13
CA ARG B 90 1.52 24.72 3.52
C ARG B 90 2.74 25.61 3.68
N LYS B 91 2.56 26.92 3.55
CA LYS B 91 3.67 27.85 3.70
C LYS B 91 3.44 28.77 4.89
N GLN B 92 2.42 28.46 5.68
CA GLN B 92 2.09 29.25 6.84
C GLN B 92 2.18 28.38 8.10
ZN ZN C . 3.02 -12.96 -6.31
ZN ZN D . 10.86 -7.54 4.47
ZN ZN E . -2.80 12.05 7.12
ZN ZN F . -6.36 -0.57 12.13
N GLY A 1 -2.51 13.50 -23.10
CA GLY A 1 -1.18 12.86 -23.18
C GLY A 1 -1.10 11.89 -24.34
N PRO A 2 0.03 11.15 -24.48
CA PRO A 2 0.21 10.19 -25.57
C PRO A 2 -0.62 8.92 -25.38
N LEU A 3 -0.44 7.97 -26.29
CA LEU A 3 -1.18 6.71 -26.22
C LEU A 3 -0.58 5.78 -25.17
N GLY A 4 -0.66 6.19 -23.91
CA GLY A 4 -0.13 5.39 -22.83
C GLY A 4 -1.15 5.20 -21.72
N SER A 5 -2.41 5.42 -22.04
CA SER A 5 -3.49 5.28 -21.08
C SER A 5 -3.77 3.80 -20.78
N GLU A 6 -3.92 3.01 -21.84
CA GLU A 6 -4.19 1.59 -21.69
C GLU A 6 -2.90 0.78 -21.84
N ASP A 7 -1.82 1.47 -22.14
CA ASP A 7 -0.52 0.84 -22.31
C ASP A 7 0.42 1.24 -21.21
N ASP A 8 0.70 0.29 -20.33
CA ASP A 8 1.58 0.49 -19.18
C ASP A 8 1.62 -0.78 -18.36
N PRO A 9 2.83 -1.30 -18.10
CA PRO A 9 3.01 -2.52 -17.32
C PRO A 9 2.67 -2.33 -15.84
N ILE A 10 2.77 -3.40 -15.08
CA ILE A 10 2.46 -3.35 -13.66
C ILE A 10 3.48 -2.52 -12.89
N PRO A 11 3.01 -1.49 -12.18
CA PRO A 11 3.85 -0.63 -11.36
C PRO A 11 4.14 -1.24 -9.98
N ASP A 12 5.31 -0.94 -9.42
CA ASP A 12 5.73 -1.49 -8.12
C ASP A 12 4.73 -1.18 -7.01
N GLU A 13 3.95 -0.11 -7.16
CA GLU A 13 2.95 0.25 -6.16
C GLU A 13 1.84 -0.81 -6.03
N LEU A 14 1.88 -1.81 -6.92
CA LEU A 14 0.91 -2.89 -6.88
C LEU A 14 1.45 -4.13 -7.59
N LEU A 15 2.78 -4.17 -7.73
CA LEU A 15 3.47 -5.27 -8.37
C LEU A 15 4.04 -6.25 -7.35
N CYS A 16 3.69 -7.53 -7.46
CA CYS A 16 4.24 -8.54 -6.58
C CYS A 16 5.64 -8.86 -7.08
N LEU A 17 6.63 -8.49 -6.30
CA LEU A 17 8.01 -8.73 -6.67
C LEU A 17 8.27 -10.22 -6.88
N ILE A 18 7.64 -11.02 -6.05
CA ILE A 18 7.81 -12.47 -6.08
C ILE A 18 7.47 -13.08 -7.45
N CYS A 19 6.26 -12.85 -7.95
CA CYS A 19 5.89 -13.41 -9.25
C CYS A 19 6.07 -12.38 -10.36
N LYS A 20 6.62 -11.23 -10.00
CA LYS A 20 6.86 -10.13 -10.94
C LYS A 20 5.61 -9.72 -11.71
N ASP A 21 4.44 -9.83 -11.10
CA ASP A 21 3.19 -9.45 -11.76
C ASP A 21 2.19 -8.90 -10.75
N ILE A 22 1.05 -8.46 -11.25
CA ILE A 22 0.01 -7.89 -10.41
C ILE A 22 -0.66 -8.99 -9.58
N MET A 23 -1.26 -8.62 -8.46
CA MET A 23 -1.88 -9.59 -7.59
C MET A 23 -3.18 -9.07 -6.98
N THR A 24 -3.95 -9.99 -6.45
CA THR A 24 -5.21 -9.68 -5.81
C THR A 24 -5.15 -10.11 -4.35
N ASP A 25 -5.86 -9.38 -3.49
CA ASP A 25 -5.89 -9.65 -2.05
C ASP A 25 -4.47 -9.63 -1.48
N ALA A 26 -3.69 -8.65 -1.95
CA ALA A 26 -2.31 -8.49 -1.53
C ALA A 26 -2.21 -8.17 -0.03
N VAL A 27 -1.19 -8.74 0.59
CA VAL A 27 -0.96 -8.52 2.01
C VAL A 27 0.34 -7.76 2.22
N VAL A 28 0.55 -7.27 3.43
CA VAL A 28 1.74 -6.50 3.75
C VAL A 28 2.60 -7.24 4.77
N ILE A 29 3.90 -7.04 4.67
CA ILE A 29 4.84 -7.68 5.58
C ILE A 29 5.37 -6.64 6.58
N PRO A 30 5.14 -6.85 7.88
CA PRO A 30 5.55 -5.91 8.93
C PRO A 30 7.06 -5.88 9.17
N CYS A 31 7.81 -6.54 8.33
CA CYS A 31 9.25 -6.57 8.47
C CYS A 31 9.88 -5.41 7.69
N CYS A 32 9.25 -5.05 6.57
CA CYS A 32 9.74 -3.95 5.74
C CYS A 32 8.59 -3.07 5.28
N GLY A 33 7.53 -3.70 4.76
CA GLY A 33 6.37 -2.94 4.33
C GLY A 33 5.96 -3.25 2.91
N ASN A 34 6.70 -4.12 2.23
CA ASN A 34 6.37 -4.49 0.87
C ASN A 34 5.13 -5.39 0.83
N SER A 35 4.39 -5.34 -0.27
CA SER A 35 3.19 -6.15 -0.42
C SER A 35 3.32 -7.15 -1.56
N TYR A 36 2.84 -8.36 -1.33
CA TYR A 36 2.87 -9.42 -2.33
C TYR A 36 1.67 -10.32 -2.16
N CYS A 37 1.49 -11.25 -3.09
CA CYS A 37 0.39 -12.20 -3.01
C CYS A 37 0.46 -12.93 -1.69
N ASP A 38 -0.69 -13.21 -1.09
CA ASP A 38 -0.73 -13.90 0.19
C ASP A 38 -0.05 -15.25 0.08
N GLU A 39 -0.24 -15.91 -1.05
CA GLU A 39 0.37 -17.22 -1.29
C GLU A 39 1.87 -17.09 -1.55
N CYS A 40 2.24 -16.09 -2.34
CA CYS A 40 3.64 -15.87 -2.68
C CYS A 40 4.49 -15.57 -1.45
N ILE A 41 4.08 -14.57 -0.68
CA ILE A 41 4.82 -14.16 0.51
C ILE A 41 4.85 -15.29 1.53
N ARG A 42 3.74 -16.02 1.65
CA ARG A 42 3.65 -17.12 2.58
C ARG A 42 4.74 -18.15 2.26
N THR A 43 4.81 -18.51 0.98
CA THR A 43 5.78 -19.48 0.50
C THR A 43 7.22 -19.07 0.85
N ALA A 44 7.55 -17.80 0.64
CA ALA A 44 8.90 -17.30 0.91
C ALA A 44 9.33 -17.58 2.35
N LEU A 45 8.44 -17.29 3.29
CA LEU A 45 8.73 -17.50 4.71
C LEU A 45 8.73 -18.99 5.06
N LEU A 46 7.90 -19.76 4.36
CA LEU A 46 7.80 -21.19 4.62
C LEU A 46 9.06 -21.93 4.15
N GLU A 47 9.63 -21.47 3.05
CA GLU A 47 10.83 -22.09 2.50
C GLU A 47 12.07 -21.71 3.31
N SER A 48 12.12 -20.46 3.77
CA SER A 48 13.26 -19.98 4.53
C SER A 48 13.04 -20.20 6.03
N ASP A 49 13.81 -21.12 6.61
CA ASP A 49 13.71 -21.43 8.03
C ASP A 49 14.02 -20.21 8.89
N GLU A 50 14.92 -19.37 8.39
CA GLU A 50 15.32 -18.16 9.09
C GLU A 50 14.37 -16.99 8.76
N HIS A 51 13.28 -17.31 8.04
CA HIS A 51 12.29 -16.31 7.66
C HIS A 51 12.90 -15.16 6.88
N THR A 52 13.67 -15.50 5.86
CA THR A 52 14.32 -14.52 5.02
C THR A 52 13.29 -13.83 4.12
N CYS A 53 13.04 -12.56 4.37
CA CYS A 53 12.10 -11.80 3.54
C CYS A 53 12.56 -11.78 2.09
N PRO A 54 11.63 -11.95 1.15
CA PRO A 54 11.91 -11.97 -0.29
C PRO A 54 12.04 -10.58 -0.88
N THR A 55 12.59 -9.66 -0.12
CA THR A 55 12.73 -8.30 -0.58
C THR A 55 13.81 -7.54 0.22
N CYS A 56 13.74 -7.62 1.54
CA CYS A 56 14.70 -6.95 2.40
C CYS A 56 15.65 -7.95 3.01
N HIS A 57 15.30 -9.24 2.88
CA HIS A 57 16.11 -10.33 3.41
C HIS A 57 16.15 -10.28 4.92
N GLN A 58 15.00 -10.02 5.51
CA GLN A 58 14.86 -9.97 6.95
C GLN A 58 15.03 -11.36 7.55
N ASN A 59 15.02 -11.45 8.88
CA ASN A 59 15.22 -12.74 9.54
C ASN A 59 14.32 -12.91 10.77
N ASP A 60 13.20 -12.20 10.81
CA ASP A 60 12.29 -12.29 11.93
C ASP A 60 10.89 -11.87 11.51
N VAL A 61 10.33 -12.62 10.58
CA VAL A 61 9.01 -12.37 10.09
C VAL A 61 8.17 -13.64 10.24
N SER A 62 6.96 -13.65 9.70
CA SER A 62 6.08 -14.81 9.77
C SER A 62 4.85 -14.62 8.92
N PRO A 63 4.26 -15.73 8.43
CA PRO A 63 3.06 -15.69 7.59
C PRO A 63 1.80 -15.37 8.38
N ASP A 64 1.94 -15.35 9.70
CA ASP A 64 0.82 -15.04 10.58
C ASP A 64 0.76 -13.55 10.85
N ALA A 65 1.85 -12.86 10.55
CA ALA A 65 1.94 -11.42 10.77
C ALA A 65 1.59 -10.64 9.51
N LEU A 66 1.02 -11.32 8.53
CA LEU A 66 0.63 -10.69 7.28
C LEU A 66 -0.64 -9.89 7.46
N ILE A 67 -0.55 -8.59 7.20
CA ILE A 67 -1.69 -7.70 7.36
C ILE A 67 -2.36 -7.44 6.01
N ALA A 68 -3.52 -6.81 6.02
CA ALA A 68 -4.26 -6.55 4.79
C ALA A 68 -4.02 -5.14 4.29
N ASN A 69 -3.25 -5.02 3.21
CA ASN A 69 -2.92 -3.71 2.64
C ASN A 69 -4.10 -3.20 1.85
N LYS A 70 -4.97 -2.51 2.55
CA LYS A 70 -6.17 -1.92 2.00
C LYS A 70 -5.93 -1.15 0.71
N PHE A 71 -5.00 -0.23 0.78
CA PHE A 71 -4.67 0.63 -0.35
C PHE A 71 -4.14 -0.17 -1.53
N LEU A 72 -3.46 -1.26 -1.25
CA LEU A 72 -2.91 -2.11 -2.30
C LEU A 72 -4.02 -2.72 -3.15
N ARG A 73 -4.93 -3.42 -2.50
CA ARG A 73 -6.06 -4.05 -3.22
C ARG A 73 -6.85 -3.02 -4.01
N GLN A 74 -6.98 -1.81 -3.46
CA GLN A 74 -7.71 -0.75 -4.14
C GLN A 74 -6.94 -0.27 -5.37
N ALA A 75 -5.64 -0.08 -5.20
CA ALA A 75 -4.77 0.35 -6.30
C ALA A 75 -4.87 -0.61 -7.47
N VAL A 76 -4.81 -1.90 -7.15
CA VAL A 76 -4.90 -2.95 -8.15
C VAL A 76 -6.24 -2.87 -8.89
N ASN A 77 -7.30 -2.65 -8.13
CA ASN A 77 -8.65 -2.53 -8.68
C ASN A 77 -8.74 -1.40 -9.70
N ASN A 78 -8.23 -0.24 -9.31
CA ASN A 78 -8.28 0.93 -10.16
C ASN A 78 -7.36 0.75 -11.38
N PHE A 79 -6.15 0.27 -11.14
CA PHE A 79 -5.18 0.06 -12.21
C PHE A 79 -5.73 -0.89 -13.28
N LYS A 80 -6.22 -2.05 -12.85
CA LYS A 80 -6.76 -3.05 -13.78
C LYS A 80 -7.91 -2.49 -14.61
N ASN A 81 -8.65 -1.54 -14.05
CA ASN A 81 -9.79 -0.95 -14.75
C ASN A 81 -9.36 0.20 -15.66
N GLU A 82 -8.32 0.92 -15.26
CA GLU A 82 -7.82 2.06 -16.03
C GLU A 82 -7.03 1.61 -17.25
N THR A 83 -6.07 0.72 -17.03
CA THR A 83 -5.23 0.24 -18.12
C THR A 83 -5.90 -0.91 -18.87
N GLY A 84 -6.92 -1.49 -18.25
CA GLY A 84 -7.61 -2.60 -18.87
C GLY A 84 -6.75 -3.85 -18.87
N TYR A 85 -6.07 -4.08 -17.75
CA TYR A 85 -5.19 -5.23 -17.60
C TYR A 85 -5.99 -6.53 -17.66
N THR A 86 -7.04 -6.56 -16.88
CA THR A 86 -7.91 -7.72 -16.81
C THR A 86 -9.35 -7.34 -17.09
N LYS A 87 -10.26 -8.21 -16.66
CA LYS A 87 -11.69 -7.99 -16.85
C LYS A 87 -12.44 -8.66 -15.71
N ARG A 88 -13.72 -8.38 -15.59
CA ARG A 88 -14.54 -8.97 -14.55
C ARG A 88 -15.35 -10.13 -15.11
N LEU A 89 -14.96 -11.35 -14.77
CA LEU A 89 -15.65 -12.53 -15.25
C LEU A 89 -16.95 -12.75 -14.49
N ARG A 90 -18.02 -12.96 -15.23
CA ARG A 90 -19.33 -13.20 -14.64
C ARG A 90 -19.41 -14.56 -14.01
N LYS A 91 -18.73 -15.48 -14.64
CA LYS A 91 -18.65 -16.86 -14.19
C LYS A 91 -17.79 -16.98 -12.94
N GLN A 92 -17.44 -15.84 -12.34
CA GLN A 92 -16.62 -15.83 -11.13
C GLN A 92 -17.33 -15.08 -10.02
N GLY B 1 -23.73 14.02 -12.53
CA GLY B 1 -23.60 13.47 -11.15
C GLY B 1 -22.60 14.26 -10.33
N PRO B 2 -21.53 13.63 -9.85
CA PRO B 2 -20.51 14.30 -9.05
C PRO B 2 -19.48 15.02 -9.92
N LEU B 3 -18.37 15.41 -9.34
CA LEU B 3 -17.32 16.10 -10.06
C LEU B 3 -16.16 15.15 -10.30
N GLY B 4 -15.02 15.69 -10.70
CA GLY B 4 -13.86 14.87 -10.96
C GLY B 4 -13.43 14.91 -12.41
N SER B 5 -13.99 15.84 -13.16
CA SER B 5 -13.67 15.97 -14.58
C SER B 5 -12.40 16.80 -14.73
N GLU B 6 -12.44 18.02 -14.22
CA GLU B 6 -11.29 18.92 -14.30
C GLU B 6 -10.60 18.96 -12.95
N ASP B 7 -11.19 18.22 -12.02
CA ASP B 7 -10.69 18.12 -10.66
C ASP B 7 -9.66 17.01 -10.56
N ASP B 8 -8.91 17.00 -9.47
CA ASP B 8 -7.89 15.99 -9.24
C ASP B 8 -7.99 15.43 -7.82
N PRO B 9 -8.92 14.49 -7.58
CA PRO B 9 -9.11 13.89 -6.26
C PRO B 9 -8.09 12.81 -5.93
N ILE B 10 -7.88 12.59 -4.64
CA ILE B 10 -6.93 11.59 -4.17
C ILE B 10 -7.63 10.25 -3.93
N PRO B 11 -7.15 9.17 -4.58
CA PRO B 11 -7.73 7.83 -4.42
C PRO B 11 -7.32 7.19 -3.09
N ASP B 12 -8.21 6.34 -2.55
CA ASP B 12 -7.98 5.66 -1.27
C ASP B 12 -6.65 4.91 -1.25
N GLU B 13 -6.24 4.39 -2.40
CA GLU B 13 -4.99 3.63 -2.54
C GLU B 13 -3.74 4.43 -2.19
N LEU B 14 -3.90 5.72 -1.87
CA LEU B 14 -2.78 6.57 -1.50
C LEU B 14 -3.27 7.82 -0.81
N LEU B 15 -4.45 7.70 -0.21
CA LEU B 15 -5.09 8.81 0.48
C LEU B 15 -5.15 8.57 1.99
N CYS B 16 -4.61 9.51 2.77
CA CYS B 16 -4.64 9.41 4.23
C CYS B 16 -6.05 9.71 4.69
N LEU B 17 -6.65 8.75 5.35
CA LEU B 17 -8.01 8.91 5.84
C LEU B 17 -8.06 9.96 6.94
N ILE B 18 -7.02 9.99 7.77
CA ILE B 18 -6.93 10.92 8.89
C ILE B 18 -7.07 12.37 8.46
N CYS B 19 -6.22 12.83 7.55
CA CYS B 19 -6.30 14.22 7.10
C CYS B 19 -7.08 14.33 5.79
N LYS B 20 -7.61 13.18 5.35
CA LYS B 20 -8.38 13.10 4.10
C LYS B 20 -7.65 13.69 2.90
N ASP B 21 -6.33 13.53 2.88
CA ASP B 21 -5.51 14.04 1.77
C ASP B 21 -4.32 13.14 1.53
N ILE B 22 -3.64 13.36 0.42
CA ILE B 22 -2.47 12.58 0.06
C ILE B 22 -1.33 12.81 1.06
N MET B 23 -0.41 11.87 1.14
CA MET B 23 0.70 11.98 2.08
C MET B 23 1.98 11.41 1.50
N THR B 24 3.09 11.76 2.12
CA THR B 24 4.39 11.29 1.73
C THR B 24 4.99 10.46 2.85
N ASP B 25 5.89 9.53 2.52
CA ASP B 25 6.52 8.66 3.52
C ASP B 25 5.46 7.92 4.34
N ALA B 26 4.40 7.50 3.66
CA ALA B 26 3.29 6.80 4.28
C ALA B 26 3.72 5.51 4.96
N VAL B 27 3.13 5.25 6.11
CA VAL B 27 3.43 4.04 6.86
C VAL B 27 2.19 3.16 6.94
N VAL B 28 2.39 1.91 7.32
CA VAL B 28 1.28 0.97 7.41
C VAL B 28 1.05 0.55 8.85
N ILE B 29 -0.19 0.22 9.16
CA ILE B 29 -0.56 -0.20 10.49
C ILE B 29 -0.85 -1.71 10.50
N PRO B 30 -0.08 -2.46 11.30
CA PRO B 30 -0.20 -3.92 11.37
C PRO B 30 -1.46 -4.41 12.08
N CYS B 31 -2.37 -3.51 12.36
CA CYS B 31 -3.60 -3.88 13.03
C CYS B 31 -4.69 -4.18 12.00
N CYS B 32 -4.62 -3.50 10.86
CA CYS B 32 -5.60 -3.69 9.80
C CYS B 32 -4.91 -3.72 8.44
N GLY B 33 -4.04 -2.73 8.20
CA GLY B 33 -3.31 -2.68 6.95
C GLY B 33 -3.51 -1.38 6.21
N ASN B 34 -4.11 -0.40 6.86
CA ASN B 34 -4.34 0.90 6.25
C ASN B 34 -3.09 1.76 6.38
N SER B 35 -2.91 2.68 5.44
CA SER B 35 -1.74 3.56 5.45
C SER B 35 -2.13 5.02 5.63
N TYR B 36 -1.37 5.73 6.44
CA TYR B 36 -1.59 7.15 6.69
C TYR B 36 -0.28 7.84 6.95
N CYS B 37 -0.30 9.15 7.08
CA CYS B 37 0.88 9.91 7.38
C CYS B 37 1.49 9.40 8.67
N ASP B 38 2.82 9.37 8.75
CA ASP B 38 3.50 8.88 9.94
C ASP B 38 3.08 9.70 11.16
N GLU B 39 2.94 11.00 10.96
CA GLU B 39 2.54 11.90 12.02
C GLU B 39 1.05 11.74 12.38
N CYS B 40 0.23 11.55 11.36
CA CYS B 40 -1.20 11.41 11.55
C CYS B 40 -1.54 10.16 12.35
N ILE B 41 -1.06 9.01 11.88
CA ILE B 41 -1.35 7.73 12.54
C ILE B 41 -0.73 7.69 13.94
N ARG B 42 0.44 8.31 14.09
CA ARG B 42 1.11 8.35 15.37
C ARG B 42 0.22 9.03 16.41
N THR B 43 -0.25 10.22 16.05
CA THR B 43 -1.11 11.01 16.92
C THR B 43 -2.36 10.24 17.34
N ALA B 44 -2.99 9.56 16.39
CA ALA B 44 -4.20 8.78 16.68
C ALA B 44 -3.99 7.79 17.82
N LEU B 45 -2.88 7.05 17.77
CA LEU B 45 -2.58 6.07 18.80
C LEU B 45 -2.11 6.74 20.09
N LEU B 46 -1.47 7.89 19.97
CA LEU B 46 -0.96 8.60 21.15
C LEU B 46 -2.09 9.18 21.99
N GLU B 47 -3.14 9.65 21.34
CA GLU B 47 -4.27 10.23 22.04
C GLU B 47 -5.17 9.16 22.62
N SER B 48 -5.31 8.05 21.92
CA SER B 48 -6.15 6.96 22.38
C SER B 48 -5.35 5.99 23.26
N ASP B 49 -5.61 6.02 24.56
CA ASP B 49 -4.91 5.15 25.51
C ASP B 49 -5.11 3.68 25.18
N GLU B 50 -6.30 3.34 24.72
CA GLU B 50 -6.62 1.96 24.34
C GLU B 50 -6.10 1.63 22.95
N HIS B 51 -5.40 2.58 22.35
CA HIS B 51 -4.81 2.41 21.02
C HIS B 51 -5.88 2.13 19.97
N THR B 52 -6.93 2.94 19.99
CA THR B 52 -8.02 2.83 19.05
C THR B 52 -7.58 3.25 17.65
N CYS B 53 -7.49 2.29 16.73
CA CYS B 53 -7.11 2.59 15.36
C CYS B 53 -8.11 3.55 14.72
N PRO B 54 -7.62 4.55 13.99
CA PRO B 54 -8.46 5.56 13.32
C PRO B 54 -9.06 5.08 12.02
N THR B 55 -9.37 3.80 11.95
CA THR B 55 -9.94 3.24 10.74
C THR B 55 -10.71 1.94 11.03
N CYS B 56 -10.12 1.06 11.83
CA CYS B 56 -10.77 -0.20 12.16
C CYS B 56 -11.21 -0.18 13.62
N HIS B 57 -10.74 0.83 14.35
CA HIS B 57 -11.07 1.00 15.76
C HIS B 57 -10.54 -0.16 16.57
N GLN B 58 -9.31 -0.53 16.26
CA GLN B 58 -8.63 -1.62 16.95
C GLN B 58 -8.26 -1.19 18.37
N ASN B 59 -7.72 -2.09 19.17
CA ASN B 59 -7.38 -1.76 20.56
C ASN B 59 -6.03 -2.35 20.98
N ASP B 60 -5.14 -2.60 20.03
CA ASP B 60 -3.86 -3.19 20.35
C ASP B 60 -2.81 -2.88 19.30
N VAL B 61 -2.67 -1.60 18.99
CA VAL B 61 -1.70 -1.15 18.01
C VAL B 61 -0.65 -0.30 18.70
N SER B 62 0.26 0.28 17.92
CA SER B 62 1.31 1.12 18.48
C SER B 62 2.06 1.87 17.38
N PRO B 63 2.55 3.07 17.70
CA PRO B 63 3.27 3.91 16.73
C PRO B 63 4.68 3.39 16.43
N ASP B 64 5.12 2.41 17.20
CA ASP B 64 6.44 1.82 17.00
C ASP B 64 6.37 0.62 16.07
N ALA B 65 5.15 0.16 15.82
CA ALA B 65 4.92 -0.99 14.95
C ALA B 65 4.56 -0.55 13.54
N LEU B 66 4.76 0.73 13.25
CA LEU B 66 4.47 1.29 11.94
C LEU B 66 5.55 0.87 10.94
N ILE B 67 5.11 0.24 9.86
CA ILE B 67 6.04 -0.25 8.84
C ILE B 67 6.06 0.69 7.63
N ALA B 68 7.02 0.48 6.74
CA ALA B 68 7.16 1.33 5.55
C ALA B 68 6.40 0.76 4.37
N ASN B 69 5.26 1.36 4.04
CA ASN B 69 4.48 0.90 2.91
C ASN B 69 5.11 1.41 1.64
N LYS B 70 6.05 0.64 1.14
CA LYS B 70 6.79 0.95 -0.07
C LYS B 70 5.87 1.30 -1.23
N PHE B 71 4.93 0.42 -1.49
CA PHE B 71 4.00 0.57 -2.59
C PHE B 71 3.19 1.85 -2.46
N LEU B 72 2.85 2.22 -1.23
CA LEU B 72 2.09 3.43 -0.98
C LEU B 72 2.88 4.65 -1.42
N ARG B 73 4.09 4.75 -0.91
CA ARG B 73 4.98 5.86 -1.22
C ARG B 73 5.22 5.96 -2.72
N GLN B 74 5.36 4.81 -3.37
CA GLN B 74 5.58 4.77 -4.81
C GLN B 74 4.34 5.25 -5.54
N ALA B 75 3.18 4.76 -5.13
CA ALA B 75 1.92 5.15 -5.75
C ALA B 75 1.71 6.65 -5.65
N VAL B 76 1.97 7.19 -4.47
CA VAL B 76 1.84 8.63 -4.22
C VAL B 76 2.74 9.41 -5.17
N ASN B 77 3.99 8.98 -5.26
CA ASN B 77 4.99 9.63 -6.10
C ASN B 77 4.59 9.59 -7.58
N ASN B 78 3.98 8.49 -8.02
CA ASN B 78 3.57 8.35 -9.40
C ASN B 78 2.31 9.16 -9.66
N PHE B 79 1.36 9.07 -8.73
CA PHE B 79 0.10 9.79 -8.85
C PHE B 79 0.36 11.30 -8.93
N LYS B 80 1.18 11.80 -8.01
CA LYS B 80 1.52 13.22 -7.97
C LYS B 80 2.11 13.70 -9.30
N ASN B 81 2.74 12.80 -10.02
CA ASN B 81 3.38 13.13 -11.30
C ASN B 81 2.40 12.99 -12.47
N GLU B 82 1.47 12.05 -12.37
CA GLU B 82 0.52 11.81 -13.44
C GLU B 82 -0.62 12.83 -13.43
N THR B 83 -1.25 13.01 -12.28
CA THR B 83 -2.35 13.95 -12.18
C THR B 83 -1.84 15.38 -12.04
N GLY B 84 -0.59 15.50 -11.62
CA GLY B 84 0.00 16.81 -11.45
C GLY B 84 -0.48 17.47 -10.18
N TYR B 85 -0.53 16.69 -9.10
CA TYR B 85 -0.97 17.19 -7.82
C TYR B 85 0.04 18.18 -7.25
N THR B 86 1.28 17.79 -7.37
CA THR B 86 2.41 18.58 -6.90
C THR B 86 2.45 19.92 -7.63
N LYS B 87 2.99 20.92 -6.97
CA LYS B 87 3.05 22.24 -7.55
C LYS B 87 4.47 22.79 -7.49
N ARG B 88 4.69 23.90 -8.16
CA ARG B 88 5.98 24.55 -8.20
C ARG B 88 6.00 25.74 -7.23
N LEU B 89 4.93 25.85 -6.46
CA LEU B 89 4.78 26.92 -5.50
C LEU B 89 5.30 26.47 -4.13
N ARG B 90 5.63 27.43 -3.29
CA ARG B 90 6.14 27.12 -1.96
C ARG B 90 4.99 27.11 -0.96
N LYS B 91 5.31 26.92 0.31
CA LYS B 91 4.29 26.88 1.35
C LYS B 91 4.13 28.24 1.98
N GLN B 92 4.74 29.25 1.36
CA GLN B 92 4.67 30.63 1.83
C GLN B 92 5.17 30.74 3.27
ZN ZN C . 2.88 -12.75 -6.24
ZN ZN D . 10.82 -7.66 4.47
ZN ZN E . -2.57 12.15 7.06
ZN ZN F . -6.34 -0.47 12.23
N GLY A 1 13.55 -3.20 -25.22
CA GLY A 1 12.80 -2.79 -24.00
C GLY A 1 11.53 -3.60 -23.83
N PRO A 2 10.63 -3.19 -22.93
CA PRO A 2 9.38 -3.88 -22.68
C PRO A 2 8.29 -3.47 -23.68
N LEU A 3 7.09 -3.98 -23.47
CA LEU A 3 5.98 -3.66 -24.33
C LEU A 3 5.08 -2.64 -23.66
N GLY A 4 4.87 -1.51 -24.32
CA GLY A 4 4.04 -0.47 -23.76
C GLY A 4 3.41 0.40 -24.82
N SER A 5 2.99 -0.23 -25.91
CA SER A 5 2.36 0.49 -26.99
C SER A 5 0.86 0.55 -26.74
N GLU A 6 0.27 -0.62 -26.59
CA GLU A 6 -1.14 -0.75 -26.30
C GLU A 6 -1.29 -1.68 -25.10
N ASP A 7 -0.15 -1.95 -24.49
CA ASP A 7 -0.06 -2.81 -23.33
C ASP A 7 -0.08 -1.97 -22.07
N ASP A 8 -0.34 -2.60 -20.94
CA ASP A 8 -0.37 -1.90 -19.67
C ASP A 8 0.54 -2.58 -18.65
N PRO A 9 1.76 -2.06 -18.49
CA PRO A 9 2.74 -2.60 -17.54
C PRO A 9 2.29 -2.42 -16.09
N ILE A 10 2.84 -3.23 -15.21
CA ILE A 10 2.48 -3.16 -13.80
C ILE A 10 3.56 -2.45 -12.99
N PRO A 11 3.18 -1.38 -12.29
CA PRO A 11 4.12 -0.61 -11.44
C PRO A 11 4.41 -1.31 -10.11
N ASP A 12 5.59 -1.04 -9.54
CA ASP A 12 5.99 -1.64 -8.27
C ASP A 12 5.11 -1.17 -7.13
N GLU A 13 4.21 -0.25 -7.45
CA GLU A 13 3.27 0.30 -6.47
C GLU A 13 2.10 -0.65 -6.25
N LEU A 14 2.01 -1.72 -7.05
CA LEU A 14 0.93 -2.68 -6.92
C LEU A 14 1.30 -3.99 -7.60
N LEU A 15 2.58 -4.14 -7.88
CA LEU A 15 3.07 -5.35 -8.52
C LEU A 15 3.89 -6.20 -7.55
N CYS A 16 3.64 -7.50 -7.55
CA CYS A 16 4.35 -8.41 -6.68
C CYS A 16 5.76 -8.60 -7.22
N LEU A 17 6.74 -8.41 -6.35
CA LEU A 17 8.12 -8.58 -6.73
C LEU A 17 8.42 -10.07 -6.94
N ILE A 18 7.80 -10.89 -6.10
CA ILE A 18 8.00 -12.32 -6.11
C ILE A 18 7.70 -12.94 -7.49
N CYS A 19 6.52 -12.70 -8.03
CA CYS A 19 6.17 -13.25 -9.33
C CYS A 19 6.33 -12.22 -10.44
N LYS A 20 6.80 -11.02 -10.06
CA LYS A 20 7.01 -9.92 -11.00
C LYS A 20 5.73 -9.59 -11.78
N ASP A 21 4.58 -9.74 -11.12
CA ASP A 21 3.29 -9.44 -11.75
C ASP A 21 2.30 -8.93 -10.70
N ILE A 22 1.18 -8.40 -11.16
CA ILE A 22 0.16 -7.86 -10.27
C ILE A 22 -0.44 -8.97 -9.39
N MET A 23 -1.03 -8.58 -8.27
CA MET A 23 -1.61 -9.55 -7.36
C MET A 23 -2.97 -9.10 -6.85
N THR A 24 -3.70 -10.04 -6.29
CA THR A 24 -5.01 -9.80 -5.73
C THR A 24 -4.96 -10.16 -4.25
N ASP A 25 -5.76 -9.46 -3.44
CA ASP A 25 -5.79 -9.69 -1.99
C ASP A 25 -4.41 -9.48 -1.39
N ALA A 26 -3.65 -8.55 -1.99
CA ALA A 26 -2.29 -8.23 -1.58
C ALA A 26 -2.18 -7.95 -0.08
N VAL A 27 -1.13 -8.49 0.52
CA VAL A 27 -0.90 -8.31 1.94
C VAL A 27 0.41 -7.55 2.17
N VAL A 28 0.60 -7.07 3.39
CA VAL A 28 1.80 -6.31 3.73
C VAL A 28 2.63 -7.08 4.74
N ILE A 29 3.94 -6.92 4.64
CA ILE A 29 4.86 -7.60 5.52
C ILE A 29 5.45 -6.61 6.55
N PRO A 30 5.27 -6.91 7.85
CA PRO A 30 5.71 -6.03 8.94
C PRO A 30 7.22 -6.02 9.17
N CYS A 31 7.96 -6.65 8.28
CA CYS A 31 9.41 -6.68 8.40
C CYS A 31 10.04 -5.52 7.63
N CYS A 32 9.35 -5.08 6.58
CA CYS A 32 9.85 -3.98 5.76
C CYS A 32 8.68 -3.08 5.35
N GLY A 33 7.64 -3.69 4.82
CA GLY A 33 6.47 -2.93 4.42
C GLY A 33 6.05 -3.20 2.99
N ASN A 34 6.78 -4.06 2.30
CA ASN A 34 6.46 -4.40 0.92
C ASN A 34 5.21 -5.27 0.86
N SER A 35 4.48 -5.19 -0.24
CA SER A 35 3.26 -5.97 -0.43
C SER A 35 3.40 -6.96 -1.58
N TYR A 36 2.93 -8.18 -1.36
CA TYR A 36 2.97 -9.22 -2.38
C TYR A 36 1.76 -10.11 -2.23
N CYS A 37 1.58 -11.04 -3.17
CA CYS A 37 0.49 -11.98 -3.11
C CYS A 37 0.57 -12.77 -1.82
N ASP A 38 -0.58 -13.03 -1.20
CA ASP A 38 -0.60 -13.77 0.05
C ASP A 38 0.05 -15.14 -0.11
N GLU A 39 -0.14 -15.73 -1.28
CA GLU A 39 0.41 -17.03 -1.60
C GLU A 39 1.92 -16.94 -1.83
N CYS A 40 2.34 -15.92 -2.55
CA CYS A 40 3.74 -15.72 -2.86
C CYS A 40 4.56 -15.43 -1.61
N ILE A 41 4.14 -14.42 -0.84
CA ILE A 41 4.85 -14.04 0.36
C ILE A 41 4.87 -15.20 1.37
N ARG A 42 3.79 -15.96 1.40
CA ARG A 42 3.68 -17.10 2.29
C ARG A 42 4.77 -18.10 1.94
N THR A 43 4.83 -18.46 0.66
CA THR A 43 5.80 -19.40 0.15
C THR A 43 7.24 -18.99 0.47
N ALA A 44 7.54 -17.70 0.33
CA ALA A 44 8.89 -17.19 0.61
C ALA A 44 9.31 -17.49 2.04
N LEU A 45 8.40 -17.26 2.99
CA LEU A 45 8.68 -17.51 4.39
C LEU A 45 8.68 -19.00 4.71
N LEU A 46 7.89 -19.76 3.97
CA LEU A 46 7.82 -21.21 4.19
C LEU A 46 9.08 -21.89 3.66
N GLU A 47 9.54 -21.45 2.49
CA GLU A 47 10.73 -22.01 1.86
C GLU A 47 11.98 -21.70 2.68
N SER A 48 12.14 -20.42 3.03
CA SER A 48 13.28 -20.00 3.82
C SER A 48 13.07 -20.38 5.28
N ASP A 49 13.91 -21.27 5.77
CA ASP A 49 13.80 -21.74 7.16
C ASP A 49 14.10 -20.64 8.16
N GLU A 50 14.78 -19.60 7.70
CA GLU A 50 15.13 -18.49 8.58
C GLU A 50 14.17 -17.31 8.34
N HIS A 51 13.11 -17.58 7.58
CA HIS A 51 12.09 -16.58 7.27
C HIS A 51 12.68 -15.41 6.49
N THR A 52 13.57 -15.73 5.55
CA THR A 52 14.20 -14.73 4.71
C THR A 52 13.18 -14.00 3.86
N CYS A 53 13.02 -12.69 4.11
CA CYS A 53 12.08 -11.90 3.34
C CYS A 53 12.54 -11.80 1.89
N PRO A 54 11.60 -11.93 0.95
CA PRO A 54 11.89 -11.88 -0.49
C PRO A 54 12.05 -10.46 -1.01
N THR A 55 12.68 -9.62 -0.22
CA THR A 55 12.88 -8.24 -0.60
C THR A 55 13.95 -7.57 0.28
N CYS A 56 13.82 -7.71 1.59
CA CYS A 56 14.77 -7.11 2.52
C CYS A 56 15.66 -8.18 3.14
N HIS A 57 15.26 -9.44 2.91
CA HIS A 57 15.99 -10.60 3.41
C HIS A 57 16.06 -10.60 4.93
N GLN A 58 14.92 -10.34 5.54
CA GLN A 58 14.81 -10.33 6.99
C GLN A 58 14.89 -11.76 7.52
N ASN A 59 15.09 -11.91 8.83
CA ASN A 59 15.20 -13.24 9.42
C ASN A 59 14.30 -13.38 10.65
N ASP A 60 13.22 -12.62 10.68
CA ASP A 60 12.31 -12.66 11.83
C ASP A 60 10.89 -12.29 11.41
N VAL A 61 10.48 -12.80 10.26
CA VAL A 61 9.14 -12.54 9.76
C VAL A 61 8.31 -13.81 9.88
N SER A 62 7.04 -13.76 9.47
CA SER A 62 6.17 -14.92 9.55
C SER A 62 4.92 -14.71 8.71
N PRO A 63 4.35 -15.81 8.17
CA PRO A 63 3.15 -15.75 7.33
C PRO A 63 1.87 -15.50 8.12
N ASP A 64 2.01 -15.41 9.43
CA ASP A 64 0.88 -15.14 10.30
C ASP A 64 0.79 -13.66 10.64
N ALA A 65 1.91 -12.96 10.44
CA ALA A 65 1.97 -11.54 10.74
C ALA A 65 1.62 -10.68 9.53
N LEU A 66 1.14 -11.33 8.48
CA LEU A 66 0.76 -10.63 7.26
C LEU A 66 -0.49 -9.80 7.50
N ILE A 67 -0.46 -8.55 7.06
CA ILE A 67 -1.59 -7.64 7.25
C ILE A 67 -2.30 -7.39 5.92
N ALA A 68 -3.50 -6.80 5.98
CA ALA A 68 -4.27 -6.56 4.77
C ALA A 68 -4.06 -5.16 4.23
N ASN A 69 -3.31 -5.06 3.14
CA ASN A 69 -3.03 -3.77 2.52
C ASN A 69 -4.16 -3.43 1.58
N LYS A 70 -5.26 -2.98 2.13
CA LYS A 70 -6.44 -2.63 1.33
C LYS A 70 -6.11 -1.54 0.33
N PHE A 71 -5.15 -0.69 0.66
CA PHE A 71 -4.74 0.38 -0.25
C PHE A 71 -4.18 -0.25 -1.51
N LEU A 72 -3.44 -1.33 -1.32
CA LEU A 72 -2.87 -2.07 -2.43
C LEU A 72 -3.97 -2.75 -3.22
N ARG A 73 -4.81 -3.48 -2.50
CA ARG A 73 -5.94 -4.20 -3.08
C ARG A 73 -6.83 -3.24 -3.88
N GLN A 74 -7.05 -2.04 -3.33
CA GLN A 74 -7.86 -1.03 -3.97
C GLN A 74 -7.19 -0.56 -5.26
N ALA A 75 -5.90 -0.27 -5.18
CA ALA A 75 -5.13 0.18 -6.33
C ALA A 75 -5.18 -0.84 -7.46
N VAL A 76 -4.97 -2.11 -7.10
CA VAL A 76 -5.00 -3.20 -8.07
C VAL A 76 -6.36 -3.26 -8.77
N ASN A 77 -7.43 -3.18 -7.96
CA ASN A 77 -8.80 -3.24 -8.48
C ASN A 77 -9.06 -2.11 -9.49
N ASN A 78 -8.56 -0.93 -9.19
CA ASN A 78 -8.76 0.22 -10.06
C ASN A 78 -7.89 0.12 -11.31
N PHE A 79 -6.61 -0.17 -11.09
CA PHE A 79 -5.65 -0.30 -12.17
C PHE A 79 -6.14 -1.28 -13.24
N LYS A 80 -6.52 -2.48 -12.81
CA LYS A 80 -7.00 -3.52 -13.73
C LYS A 80 -8.14 -3.04 -14.60
N ASN A 81 -8.98 -2.17 -14.07
CA ASN A 81 -10.14 -1.67 -14.80
C ASN A 81 -9.78 -0.40 -15.59
N GLU A 82 -8.82 0.35 -15.09
CA GLU A 82 -8.38 1.58 -15.75
C GLU A 82 -7.64 1.28 -17.04
N THR A 83 -6.80 0.26 -17.03
CA THR A 83 -6.04 -0.10 -18.22
C THR A 83 -6.70 -1.24 -18.98
N GLY A 84 -7.29 -2.18 -18.25
CA GLY A 84 -7.94 -3.31 -18.88
C GLY A 84 -7.07 -4.56 -18.78
N TYR A 85 -6.53 -4.81 -17.61
CA TYR A 85 -5.68 -5.97 -17.37
C TYR A 85 -6.50 -7.23 -17.12
N THR A 86 -5.82 -8.34 -16.87
CA THR A 86 -6.47 -9.62 -16.63
C THR A 86 -6.60 -9.91 -15.14
N LYS A 87 -6.86 -11.18 -14.81
CA LYS A 87 -7.02 -11.60 -13.43
C LYS A 87 -5.66 -12.04 -12.85
N ARG A 88 -5.68 -12.91 -11.85
CA ARG A 88 -4.45 -13.36 -11.25
C ARG A 88 -4.36 -14.88 -11.26
N LEU A 89 -5.49 -15.53 -11.09
CA LEU A 89 -5.54 -16.98 -11.06
C LEU A 89 -5.69 -17.54 -12.47
N ARG A 90 -5.50 -18.84 -12.60
CA ARG A 90 -5.61 -19.50 -13.89
C ARG A 90 -6.80 -20.44 -13.88
N LYS A 91 -7.07 -21.06 -15.02
CA LYS A 91 -8.21 -21.98 -15.16
C LYS A 91 -7.86 -23.37 -14.63
N GLN A 92 -6.63 -23.53 -14.15
CA GLN A 92 -6.18 -24.82 -13.63
C GLN A 92 -6.51 -24.94 -12.14
N GLY B 1 -25.26 12.90 -10.55
CA GLY B 1 -23.96 12.49 -11.15
C GLY B 1 -22.78 13.03 -10.38
N PRO B 2 -21.76 12.20 -10.13
CA PRO B 2 -20.57 12.63 -9.40
C PRO B 2 -19.66 13.50 -10.24
N LEU B 3 -19.00 14.44 -9.59
CA LEU B 3 -18.11 15.35 -10.27
C LEU B 3 -16.68 14.81 -10.22
N GLY B 4 -16.20 14.32 -11.35
CA GLY B 4 -14.86 13.80 -11.43
C GLY B 4 -14.34 13.79 -12.85
N SER B 5 -14.36 14.95 -13.48
CA SER B 5 -13.89 15.08 -14.85
C SER B 5 -12.71 16.03 -14.90
N GLU B 6 -12.91 17.22 -14.35
CA GLU B 6 -11.86 18.24 -14.32
C GLU B 6 -11.34 18.35 -12.90
N ASP B 7 -11.74 17.40 -12.09
CA ASP B 7 -11.37 17.34 -10.69
C ASP B 7 -10.12 16.50 -10.50
N ASP B 8 -9.31 16.87 -9.53
CA ASP B 8 -8.08 16.15 -9.21
C ASP B 8 -8.14 15.61 -7.79
N PRO B 9 -8.90 14.53 -7.57
CA PRO B 9 -9.06 13.91 -6.26
C PRO B 9 -8.00 12.87 -5.95
N ILE B 10 -7.87 12.54 -4.68
CA ILE B 10 -6.89 11.55 -4.25
C ILE B 10 -7.59 10.23 -3.97
N PRO B 11 -7.19 9.15 -4.68
CA PRO B 11 -7.78 7.83 -4.50
C PRO B 11 -7.39 7.20 -3.16
N ASP B 12 -8.32 6.43 -2.58
CA ASP B 12 -8.11 5.77 -1.27
C ASP B 12 -6.83 4.93 -1.25
N GLU B 13 -6.43 4.41 -2.40
CA GLU B 13 -5.22 3.59 -2.49
C GLU B 13 -3.94 4.35 -2.14
N LEU B 14 -4.05 5.66 -1.93
CA LEU B 14 -2.88 6.46 -1.58
C LEU B 14 -3.33 7.75 -0.90
N LEU B 15 -4.50 7.67 -0.30
CA LEU B 15 -5.09 8.80 0.39
C LEU B 15 -5.20 8.55 1.88
N CYS B 16 -4.73 9.50 2.69
CA CYS B 16 -4.81 9.39 4.13
C CYS B 16 -6.24 9.65 4.57
N LEU B 17 -6.82 8.69 5.26
CA LEU B 17 -8.19 8.84 5.73
C LEU B 17 -8.25 9.90 6.82
N ILE B 18 -7.20 9.93 7.64
CA ILE B 18 -7.12 10.86 8.77
C ILE B 18 -7.26 12.31 8.32
N CYS B 19 -6.37 12.78 7.45
CA CYS B 19 -6.44 14.17 7.01
C CYS B 19 -7.20 14.29 5.69
N LYS B 20 -7.77 13.18 5.23
CA LYS B 20 -8.54 13.13 3.99
C LYS B 20 -7.78 13.68 2.78
N ASP B 21 -6.45 13.52 2.78
CA ASP B 21 -5.64 13.98 1.66
C ASP B 21 -4.44 13.05 1.46
N ILE B 22 -3.73 13.27 0.38
CA ILE B 22 -2.55 12.46 0.06
C ILE B 22 -1.46 12.64 1.12
N MET B 23 -0.58 11.66 1.23
CA MET B 23 0.48 11.70 2.23
C MET B 23 1.81 11.27 1.66
N THR B 24 2.86 11.59 2.37
CA THR B 24 4.21 11.22 2.01
C THR B 24 4.79 10.35 3.12
N ASP B 25 5.64 9.41 2.75
CA ASP B 25 6.25 8.48 3.71
C ASP B 25 5.19 7.68 4.43
N ALA B 26 4.10 7.40 3.70
CA ALA B 26 2.97 6.66 4.24
C ALA B 26 3.42 5.36 4.89
N VAL B 27 2.87 5.11 6.07
CA VAL B 27 3.20 3.91 6.82
C VAL B 27 1.97 3.01 6.91
N VAL B 28 2.19 1.77 7.29
CA VAL B 28 1.11 0.80 7.41
C VAL B 28 0.91 0.40 8.85
N ILE B 29 -0.33 0.13 9.20
CA ILE B 29 -0.68 -0.27 10.55
C ILE B 29 -0.97 -1.78 10.59
N PRO B 30 -0.22 -2.52 11.41
CA PRO B 30 -0.36 -3.97 11.50
C PRO B 30 -1.60 -4.44 12.23
N CYS B 31 -2.50 -3.51 12.54
CA CYS B 31 -3.73 -3.86 13.22
C CYS B 31 -4.81 -4.20 12.20
N CYS B 32 -4.73 -3.55 11.04
CA CYS B 32 -5.72 -3.77 9.98
C CYS B 32 -5.02 -3.82 8.61
N GLY B 33 -4.21 -2.80 8.34
CA GLY B 33 -3.50 -2.74 7.08
C GLY B 33 -3.69 -1.43 6.35
N ASN B 34 -4.25 -0.45 7.03
CA ASN B 34 -4.48 0.86 6.43
C ASN B 34 -3.21 1.70 6.48
N SER B 35 -3.07 2.62 5.53
CA SER B 35 -1.89 3.48 5.45
C SER B 35 -2.25 4.95 5.59
N TYR B 36 -1.50 5.66 6.40
CA TYR B 36 -1.71 7.09 6.61
C TYR B 36 -0.40 7.78 6.87
N CYS B 37 -0.43 9.11 6.96
CA CYS B 37 0.77 9.87 7.26
C CYS B 37 1.35 9.39 8.58
N ASP B 38 2.67 9.32 8.66
CA ASP B 38 3.33 8.86 9.89
C ASP B 38 2.92 9.74 11.06
N GLU B 39 2.77 11.03 10.81
CA GLU B 39 2.38 11.99 11.83
C GLU B 39 0.90 11.82 12.20
N CYS B 40 0.07 11.61 11.19
CA CYS B 40 -1.36 11.46 11.41
C CYS B 40 -1.67 10.21 12.22
N ILE B 41 -1.18 9.06 11.76
CA ILE B 41 -1.44 7.80 12.44
C ILE B 41 -0.83 7.81 13.84
N ARG B 42 0.31 8.47 13.99
CA ARG B 42 0.97 8.57 15.29
C ARG B 42 0.05 9.29 16.26
N THR B 43 -0.44 10.45 15.83
CA THR B 43 -1.33 11.27 16.63
C THR B 43 -2.55 10.50 17.11
N ALA B 44 -3.14 9.69 16.22
CA ALA B 44 -4.33 8.91 16.56
C ALA B 44 -4.07 7.96 17.72
N LEU B 45 -2.94 7.27 17.69
CA LEU B 45 -2.58 6.32 18.74
C LEU B 45 -2.16 7.05 20.02
N LEU B 46 -1.57 8.22 19.87
CA LEU B 46 -1.12 9.00 21.02
C LEU B 46 -2.30 9.61 21.76
N GLU B 47 -3.28 10.11 21.00
CA GLU B 47 -4.47 10.72 21.58
C GLU B 47 -5.33 9.70 22.30
N SER B 48 -5.56 8.56 21.65
CA SER B 48 -6.37 7.50 22.23
C SER B 48 -5.52 6.65 23.17
N ASP B 49 -5.85 6.69 24.46
CA ASP B 49 -5.10 5.93 25.48
C ASP B 49 -5.20 4.44 25.22
N GLU B 50 -6.30 4.02 24.59
CA GLU B 50 -6.52 2.61 24.30
C GLU B 50 -5.98 2.24 22.92
N HIS B 51 -5.27 3.17 22.29
CA HIS B 51 -4.67 2.98 20.98
C HIS B 51 -5.73 2.67 19.93
N THR B 52 -6.82 3.42 20.00
CA THR B 52 -7.93 3.26 19.06
C THR B 52 -7.48 3.60 17.64
N CYS B 53 -7.51 2.60 16.77
CA CYS B 53 -7.14 2.81 15.37
C CYS B 53 -8.15 3.75 14.70
N PRO B 54 -7.65 4.70 13.91
CA PRO B 54 -8.49 5.67 13.20
C PRO B 54 -9.12 5.12 11.94
N THR B 55 -9.52 3.87 11.99
CA THR B 55 -10.11 3.23 10.83
C THR B 55 -10.84 1.94 11.23
N CYS B 56 -10.17 1.06 11.98
CA CYS B 56 -10.78 -0.18 12.41
C CYS B 56 -11.13 -0.11 13.89
N HIS B 57 -10.63 0.93 14.56
CA HIS B 57 -10.88 1.17 15.98
C HIS B 57 -10.35 0.02 16.82
N GLN B 58 -9.13 -0.39 16.52
CA GLN B 58 -8.46 -1.45 17.25
C GLN B 58 -8.06 -0.93 18.63
N ASN B 59 -7.64 -1.82 19.52
CA ASN B 59 -7.26 -1.41 20.88
C ASN B 59 -5.94 -2.03 21.32
N ASP B 60 -5.09 -2.36 20.37
CA ASP B 60 -3.80 -2.98 20.69
C ASP B 60 -2.77 -2.65 19.61
N VAL B 61 -2.79 -1.41 19.18
CA VAL B 61 -1.84 -0.96 18.18
C VAL B 61 -0.78 -0.10 18.84
N SER B 62 0.14 0.46 18.06
CA SER B 62 1.19 1.30 18.60
C SER B 62 1.95 2.03 17.49
N PRO B 63 2.50 3.21 17.80
CA PRO B 63 3.23 4.03 16.83
C PRO B 63 4.63 3.50 16.53
N ASP B 64 5.00 2.43 17.23
CA ASP B 64 6.32 1.81 17.04
C ASP B 64 6.20 0.61 16.12
N ALA B 65 4.96 0.17 15.89
CA ALA B 65 4.71 -0.99 15.04
C ALA B 65 4.36 -0.55 13.62
N LEU B 66 4.60 0.71 13.31
CA LEU B 66 4.32 1.24 11.98
C LEU B 66 5.39 0.78 10.99
N ILE B 67 4.94 0.24 9.87
CA ILE B 67 5.85 -0.28 8.85
C ILE B 67 5.91 0.65 7.64
N ALA B 68 6.90 0.45 6.76
CA ALA B 68 7.07 1.31 5.60
C ALA B 68 6.33 0.76 4.39
N ASN B 69 5.21 1.39 4.05
CA ASN B 69 4.44 0.95 2.90
C ASN B 69 5.09 1.48 1.63
N LYS B 70 6.09 0.76 1.18
CA LYS B 70 6.85 1.12 -0.02
C LYS B 70 5.94 1.44 -1.19
N PHE B 71 5.05 0.51 -1.47
CA PHE B 71 4.12 0.62 -2.59
C PHE B 71 3.30 1.91 -2.48
N LEU B 72 2.85 2.20 -1.26
CA LEU B 72 2.07 3.39 -1.01
C LEU B 72 2.89 4.64 -1.34
N ARG B 73 4.06 4.72 -0.74
CA ARG B 73 4.97 5.82 -0.95
C ARG B 73 5.30 6.00 -2.43
N GLN B 74 5.51 4.87 -3.11
CA GLN B 74 5.82 4.89 -4.53
C GLN B 74 4.62 5.40 -5.33
N ALA B 75 3.44 4.88 -5.01
CA ALA B 75 2.23 5.30 -5.70
C ALA B 75 2.02 6.79 -5.56
N VAL B 76 2.19 7.29 -4.35
CA VAL B 76 2.04 8.72 -4.06
C VAL B 76 3.03 9.54 -4.88
N ASN B 77 4.30 9.17 -4.81
CA ASN B 77 5.36 9.87 -5.52
C ASN B 77 5.10 9.97 -7.02
N ASN B 78 4.57 8.88 -7.60
CA ASN B 78 4.30 8.85 -9.01
C ASN B 78 3.00 9.58 -9.34
N PHE B 79 1.97 9.37 -8.52
CA PHE B 79 0.67 10.03 -8.72
C PHE B 79 0.83 11.54 -8.69
N LYS B 80 1.56 12.03 -7.69
CA LYS B 80 1.80 13.46 -7.54
C LYS B 80 2.40 14.07 -8.80
N ASN B 81 3.19 13.29 -9.52
CA ASN B 81 3.82 13.76 -10.75
C ASN B 81 2.94 13.52 -11.96
N GLU B 82 2.16 12.45 -11.92
CA GLU B 82 1.26 12.10 -13.02
C GLU B 82 0.18 13.14 -13.20
N THR B 83 -0.44 13.53 -12.10
CA THR B 83 -1.51 14.52 -12.15
C THR B 83 -0.98 15.93 -11.89
N GLY B 84 0.23 16.01 -11.34
CA GLY B 84 0.81 17.30 -11.03
C GLY B 84 0.15 17.92 -9.83
N TYR B 85 -0.05 17.10 -8.81
CA TYR B 85 -0.70 17.53 -7.58
C TYR B 85 0.20 18.45 -6.77
N THR B 86 1.45 18.05 -6.67
CA THR B 86 2.47 18.79 -5.94
C THR B 86 2.60 20.20 -6.47
N LYS B 87 2.98 21.12 -5.61
CA LYS B 87 3.10 22.51 -6.02
C LYS B 87 4.51 23.02 -5.78
N ARG B 88 4.85 24.13 -6.45
CA ARG B 88 6.16 24.72 -6.31
C ARG B 88 6.10 25.91 -5.34
N LEU B 89 4.99 26.00 -4.62
CA LEU B 89 4.79 27.05 -3.64
C LEU B 89 5.09 26.52 -2.25
N ARG B 90 5.39 27.42 -1.32
CA ARG B 90 5.69 27.02 0.04
C ARG B 90 4.54 27.37 0.96
N LYS B 91 4.64 27.00 2.23
CA LYS B 91 3.60 27.29 3.20
C LYS B 91 3.65 28.76 3.61
N GLN B 92 4.73 29.43 3.22
CA GLN B 92 4.95 30.84 3.52
C GLN B 92 5.08 31.07 5.02
ZN ZN C . 3.27 -12.66 -6.21
ZN ZN D . 10.79 -7.73 4.36
ZN ZN E . -2.69 12.16 6.98
ZN ZN F . -6.44 -0.46 12.40
N GLY A 1 5.31 12.24 -22.07
CA GLY A 1 4.47 11.54 -23.08
C GLY A 1 3.31 10.82 -22.44
N PRO A 2 2.20 10.62 -23.18
CA PRO A 2 1.02 9.94 -22.65
C PRO A 2 1.22 8.44 -22.48
N LEU A 3 0.62 7.92 -21.43
CA LEU A 3 0.71 6.50 -21.10
C LEU A 3 -0.64 6.03 -20.59
N GLY A 4 -1.08 4.86 -21.04
CA GLY A 4 -2.34 4.34 -20.58
C GLY A 4 -3.32 4.09 -21.71
N SER A 5 -2.94 4.50 -22.92
CA SER A 5 -3.80 4.34 -24.09
C SER A 5 -4.03 2.85 -24.38
N GLU A 6 -2.97 2.16 -24.78
CA GLU A 6 -3.05 0.74 -25.10
C GLU A 6 -1.91 -0.01 -24.43
N ASP A 7 -0.91 0.74 -23.98
CA ASP A 7 0.24 0.15 -23.31
C ASP A 7 0.25 0.57 -21.85
N ASP A 8 0.56 -0.36 -20.97
CA ASP A 8 0.59 -0.10 -19.55
C ASP A 8 1.50 -1.08 -18.82
N PRO A 9 2.54 -0.57 -18.17
CA PRO A 9 3.45 -1.38 -17.39
C PRO A 9 3.02 -1.40 -15.93
N ILE A 10 3.19 -2.53 -15.25
CA ILE A 10 2.79 -2.62 -13.86
C ILE A 10 3.83 -1.97 -12.95
N PRO A 11 3.41 -0.93 -12.23
CA PRO A 11 4.27 -0.19 -11.33
C PRO A 11 4.51 -0.89 -9.98
N ASP A 12 5.67 -0.62 -9.40
CA ASP A 12 6.08 -1.21 -8.11
C ASP A 12 5.00 -1.02 -7.05
N GLU A 13 4.27 0.10 -7.13
CA GLU A 13 3.21 0.41 -6.18
C GLU A 13 2.06 -0.60 -6.16
N LEU A 14 2.08 -1.58 -7.06
CA LEU A 14 1.03 -2.60 -7.09
C LEU A 14 1.52 -3.85 -7.79
N LEU A 15 2.83 -3.91 -7.94
CA LEU A 15 3.49 -5.02 -8.58
C LEU A 15 4.18 -5.93 -7.55
N CYS A 16 3.84 -7.23 -7.57
CA CYS A 16 4.45 -8.18 -6.65
C CYS A 16 5.90 -8.40 -7.08
N LEU A 17 6.81 -8.21 -6.16
CA LEU A 17 8.21 -8.38 -6.46
C LEU A 17 8.52 -9.86 -6.69
N ILE A 18 7.90 -10.70 -5.88
CA ILE A 18 8.12 -12.15 -5.95
C ILE A 18 7.87 -12.72 -7.34
N CYS A 19 6.66 -12.56 -7.88
CA CYS A 19 6.37 -13.08 -9.21
C CYS A 19 6.56 -12.03 -10.29
N LYS A 20 6.99 -10.84 -9.87
CA LYS A 20 7.22 -9.72 -10.80
C LYS A 20 5.98 -9.41 -11.63
N ASP A 21 4.80 -9.57 -11.05
CA ASP A 21 3.54 -9.29 -11.75
C ASP A 21 2.50 -8.76 -10.76
N ILE A 22 1.42 -8.21 -11.29
CA ILE A 22 0.34 -7.68 -10.46
C ILE A 22 -0.32 -8.81 -9.65
N MET A 23 -0.97 -8.45 -8.55
CA MET A 23 -1.60 -9.44 -7.70
C MET A 23 -2.90 -8.94 -7.10
N THR A 24 -3.68 -9.87 -6.60
CA THR A 24 -4.95 -9.57 -5.96
C THR A 24 -4.86 -9.93 -4.49
N ASP A 25 -5.60 -9.19 -3.65
CA ASP A 25 -5.62 -9.43 -2.21
C ASP A 25 -4.22 -9.32 -1.63
N ALA A 26 -3.46 -8.35 -2.13
CA ALA A 26 -2.10 -8.12 -1.69
C ALA A 26 -2.02 -7.87 -0.19
N VAL A 27 -1.02 -8.44 0.44
CA VAL A 27 -0.80 -8.28 1.87
C VAL A 27 0.49 -7.53 2.11
N VAL A 28 0.68 -7.07 3.34
CA VAL A 28 1.88 -6.32 3.68
C VAL A 28 2.70 -7.08 4.71
N ILE A 29 4.01 -6.94 4.63
CA ILE A 29 4.90 -7.60 5.55
C ILE A 29 5.44 -6.57 6.56
N PRO A 30 5.20 -6.81 7.86
CA PRO A 30 5.60 -5.89 8.92
C PRO A 30 7.09 -5.83 9.18
N CYS A 31 7.88 -6.52 8.37
CA CYS A 31 9.32 -6.52 8.56
C CYS A 31 9.95 -5.37 7.78
N CYS A 32 9.34 -4.98 6.68
CA CYS A 32 9.86 -3.90 5.86
C CYS A 32 8.74 -2.99 5.39
N GLY A 33 7.68 -3.58 4.84
CA GLY A 33 6.55 -2.80 4.38
C GLY A 33 6.16 -3.08 2.94
N ASN A 34 6.92 -3.94 2.27
CA ASN A 34 6.62 -4.31 0.90
C ASN A 34 5.37 -5.19 0.85
N SER A 35 4.65 -5.13 -0.28
CA SER A 35 3.42 -5.91 -0.45
C SER A 35 3.56 -6.90 -1.60
N TYR A 36 3.04 -8.11 -1.39
CA TYR A 36 3.08 -9.15 -2.41
C TYR A 36 1.84 -10.02 -2.29
N CYS A 37 1.67 -10.95 -3.22
CA CYS A 37 0.55 -11.87 -3.20
C CYS A 37 0.52 -12.61 -1.88
N ASP A 38 -0.68 -12.86 -1.38
CA ASP A 38 -0.86 -13.58 -0.12
C ASP A 38 -0.16 -14.93 -0.18
N GLU A 39 -0.30 -15.60 -1.32
CA GLU A 39 0.31 -16.90 -1.54
C GLU A 39 1.83 -16.80 -1.72
N CYS A 40 2.26 -15.80 -2.50
CA CYS A 40 3.68 -15.61 -2.77
C CYS A 40 4.47 -15.37 -1.49
N ILE A 41 4.06 -14.36 -0.73
CA ILE A 41 4.75 -14.01 0.51
C ILE A 41 4.67 -15.15 1.53
N ARG A 42 3.54 -15.84 1.55
CA ARG A 42 3.34 -16.96 2.47
C ARG A 42 4.37 -18.04 2.18
N THR A 43 4.54 -18.33 0.89
CA THR A 43 5.47 -19.35 0.45
C THR A 43 6.91 -18.98 0.81
N ALA A 44 7.27 -17.72 0.63
CA ALA A 44 8.62 -17.25 0.93
C ALA A 44 9.01 -17.54 2.37
N LEU A 45 8.11 -17.23 3.30
CA LEU A 45 8.38 -17.45 4.71
C LEU A 45 8.32 -18.94 5.06
N LEU A 46 7.41 -19.66 4.42
CA LEU A 46 7.24 -21.09 4.65
C LEU A 46 8.50 -21.87 4.27
N GLU A 47 9.10 -21.52 3.13
CA GLU A 47 10.30 -22.20 2.65
C GLU A 47 11.56 -21.66 3.32
N SER A 48 11.38 -20.69 4.20
CA SER A 48 12.51 -20.10 4.90
C SER A 48 12.41 -20.36 6.41
N ASP A 49 13.23 -21.27 6.89
CA ASP A 49 13.26 -21.62 8.31
C ASP A 49 13.63 -20.41 9.16
N GLU A 50 14.39 -19.49 8.58
CA GLU A 50 14.82 -18.29 9.28
C GLU A 50 13.82 -17.16 9.08
N HIS A 51 12.72 -17.45 8.36
CA HIS A 51 11.70 -16.47 8.08
C HIS A 51 12.27 -15.32 7.25
N THR A 52 13.19 -15.69 6.37
CA THR A 52 13.86 -14.73 5.50
C THR A 52 12.89 -14.04 4.56
N CYS A 53 12.78 -12.73 4.70
CA CYS A 53 11.91 -11.94 3.85
C CYS A 53 12.44 -11.96 2.41
N PRO A 54 11.55 -12.04 1.43
CA PRO A 54 11.92 -12.08 0.01
C PRO A 54 12.17 -10.70 -0.59
N THR A 55 12.65 -9.79 0.23
CA THR A 55 12.92 -8.45 -0.24
C THR A 55 13.98 -7.75 0.64
N CYS A 56 13.78 -7.80 1.96
CA CYS A 56 14.72 -7.19 2.88
C CYS A 56 15.56 -8.24 3.58
N HIS A 57 15.12 -9.50 3.44
CA HIS A 57 15.81 -10.64 4.01
C HIS A 57 15.87 -10.55 5.54
N GLN A 58 14.72 -10.31 6.15
CA GLN A 58 14.60 -10.25 7.59
C GLN A 58 14.62 -11.68 8.15
N ASN A 59 14.74 -11.81 9.46
CA ASN A 59 14.80 -13.14 10.07
C ASN A 59 13.88 -13.25 11.29
N ASP A 60 12.81 -12.47 11.30
CA ASP A 60 11.88 -12.47 12.43
C ASP A 60 10.47 -12.14 11.97
N VAL A 61 10.13 -12.55 10.75
CA VAL A 61 8.81 -12.29 10.22
C VAL A 61 7.95 -13.55 10.36
N SER A 62 6.78 -13.56 9.74
CA SER A 62 5.90 -14.72 9.81
C SER A 62 4.68 -14.54 8.91
N PRO A 63 4.11 -15.65 8.41
CA PRO A 63 2.95 -15.61 7.53
C PRO A 63 1.67 -15.29 8.27
N ASP A 64 1.74 -15.33 9.59
CA ASP A 64 0.59 -15.01 10.44
C ASP A 64 0.56 -13.52 10.74
N ALA A 65 1.64 -12.82 10.36
CA ALA A 65 1.76 -11.39 10.59
C ALA A 65 1.49 -10.61 9.31
N LEU A 66 0.95 -11.29 8.31
CA LEU A 66 0.65 -10.67 7.03
C LEU A 66 -0.62 -9.83 7.16
N ILE A 67 -0.46 -8.52 7.06
CA ILE A 67 -1.59 -7.60 7.19
C ILE A 67 -2.26 -7.37 5.85
N ALA A 68 -3.46 -6.79 5.89
CA ALA A 68 -4.21 -6.55 4.67
C ALA A 68 -4.00 -5.13 4.13
N ASN A 69 -3.24 -5.01 3.06
CA ASN A 69 -2.97 -3.71 2.47
C ASN A 69 -4.18 -3.26 1.67
N LYS A 70 -5.08 -2.58 2.35
CA LYS A 70 -6.29 -2.07 1.76
C LYS A 70 -6.03 -1.25 0.51
N PHE A 71 -5.08 -0.35 0.62
CA PHE A 71 -4.72 0.56 -0.45
C PHE A 71 -4.17 -0.21 -1.66
N LEU A 72 -3.29 -1.16 -1.40
CA LEU A 72 -2.69 -1.96 -2.46
C LEU A 72 -3.76 -2.62 -3.31
N ARG A 73 -4.63 -3.35 -2.63
CA ARG A 73 -5.73 -4.06 -3.28
C ARG A 73 -6.61 -3.11 -4.09
N GLN A 74 -6.83 -1.91 -3.56
CA GLN A 74 -7.65 -0.92 -4.23
C GLN A 74 -6.97 -0.43 -5.50
N ALA A 75 -5.67 -0.13 -5.39
CA ALA A 75 -4.88 0.34 -6.52
C ALA A 75 -4.90 -0.68 -7.65
N VAL A 76 -4.69 -1.94 -7.29
CA VAL A 76 -4.70 -3.03 -8.26
C VAL A 76 -6.05 -3.10 -8.97
N ASN A 77 -7.13 -3.01 -8.20
CA ASN A 77 -8.47 -3.08 -8.74
C ASN A 77 -8.73 -1.94 -9.72
N ASN A 78 -8.29 -0.73 -9.37
CA ASN A 78 -8.49 0.43 -10.22
C ASN A 78 -7.62 0.33 -11.47
N PHE A 79 -6.36 0.01 -11.27
CA PHE A 79 -5.40 -0.15 -12.37
C PHE A 79 -5.94 -1.12 -13.42
N LYS A 80 -6.37 -2.29 -12.96
CA LYS A 80 -6.93 -3.31 -13.85
C LYS A 80 -8.15 -2.78 -14.61
N ASN A 81 -8.99 -2.00 -13.95
CA ASN A 81 -10.20 -1.48 -14.56
C ASN A 81 -9.91 -0.37 -15.57
N GLU A 82 -8.92 0.46 -15.27
CA GLU A 82 -8.57 1.56 -16.15
C GLU A 82 -8.04 1.09 -17.51
N THR A 83 -7.10 0.16 -17.50
CA THR A 83 -6.53 -0.33 -18.75
C THR A 83 -7.24 -1.60 -19.25
N GLY A 84 -7.82 -2.36 -18.34
CA GLY A 84 -8.50 -3.59 -18.73
C GLY A 84 -7.65 -4.82 -18.49
N TYR A 85 -6.69 -4.71 -17.58
CA TYR A 85 -5.80 -5.82 -17.27
C TYR A 85 -6.56 -6.97 -16.62
N THR A 86 -6.48 -8.16 -17.22
CA THR A 86 -7.13 -9.36 -16.71
C THR A 86 -6.73 -10.59 -17.52
N LYS A 87 -7.29 -11.73 -17.16
CA LYS A 87 -6.98 -13.00 -17.83
C LYS A 87 -8.27 -13.73 -18.18
N ARG A 88 -8.13 -14.84 -18.91
CA ARG A 88 -9.28 -15.63 -19.33
C ARG A 88 -9.73 -16.57 -18.22
N LEU A 89 -10.91 -16.32 -17.68
CA LEU A 89 -11.46 -17.16 -16.61
C LEU A 89 -12.35 -18.24 -17.21
N ARG A 90 -12.54 -19.31 -16.45
CA ARG A 90 -13.36 -20.43 -16.90
C ARG A 90 -14.01 -21.12 -15.69
N LYS A 91 -14.82 -22.13 -15.96
CA LYS A 91 -15.51 -22.85 -14.90
C LYS A 91 -14.63 -23.98 -14.37
N GLN A 92 -13.44 -23.60 -13.93
CA GLN A 92 -12.47 -24.54 -13.40
C GLN A 92 -12.77 -24.86 -11.95
N GLY B 1 -14.72 7.01 -19.56
CA GLY B 1 -14.01 8.17 -20.15
C GLY B 1 -12.60 8.30 -19.60
N PRO B 2 -11.80 9.22 -20.14
CA PRO B 2 -10.43 9.44 -19.70
C PRO B 2 -10.36 10.09 -18.32
N LEU B 3 -9.19 10.04 -17.72
CA LEU B 3 -8.95 10.61 -16.41
C LEU B 3 -7.50 11.05 -16.35
N GLY B 4 -7.22 12.09 -15.59
CA GLY B 4 -5.85 12.56 -15.49
C GLY B 4 -5.61 13.73 -16.39
N SER B 5 -6.57 14.63 -16.45
CA SER B 5 -6.46 15.79 -17.30
C SER B 5 -6.52 17.07 -16.49
N GLU B 6 -7.59 17.22 -15.73
CA GLU B 6 -7.80 18.41 -14.92
C GLU B 6 -8.62 18.07 -13.69
N ASP B 7 -9.45 17.06 -13.82
CA ASP B 7 -10.32 16.64 -12.75
C ASP B 7 -9.95 15.25 -12.26
N ASP B 8 -8.98 15.21 -11.39
CA ASP B 8 -8.47 13.96 -10.86
C ASP B 8 -8.38 14.02 -9.34
N PRO B 9 -9.30 13.35 -8.65
CA PRO B 9 -9.32 13.33 -7.19
C PRO B 9 -8.36 12.27 -6.65
N ILE B 10 -8.10 12.32 -5.35
CA ILE B 10 -7.19 11.37 -4.74
C ILE B 10 -7.90 10.10 -4.31
N PRO B 11 -7.50 8.96 -4.89
CA PRO B 11 -8.09 7.66 -4.55
C PRO B 11 -7.66 7.19 -3.17
N ASP B 12 -8.48 6.35 -2.54
CA ASP B 12 -8.21 5.85 -1.20
C ASP B 12 -6.96 4.95 -1.16
N GLU B 13 -6.47 4.56 -2.33
CA GLU B 13 -5.29 3.71 -2.40
C GLU B 13 -4.00 4.51 -2.19
N LEU B 14 -4.12 5.82 -1.98
CA LEU B 14 -2.96 6.66 -1.72
C LEU B 14 -3.38 7.94 -1.04
N LEU B 15 -4.53 7.88 -0.42
CA LEU B 15 -5.10 9.00 0.29
C LEU B 15 -5.27 8.66 1.77
N CYS B 16 -4.74 9.51 2.65
CA CYS B 16 -4.85 9.30 4.08
C CYS B 16 -6.29 9.49 4.51
N LEU B 17 -6.81 8.56 5.28
CA LEU B 17 -8.18 8.65 5.75
C LEU B 17 -8.27 9.71 6.83
N ILE B 18 -7.25 9.75 7.67
CA ILE B 18 -7.17 10.67 8.80
C ILE B 18 -7.38 12.13 8.38
N CYS B 19 -6.57 12.62 7.44
CA CYS B 19 -6.70 13.99 7.00
C CYS B 19 -7.47 14.10 5.68
N LYS B 20 -7.92 12.94 5.18
CA LYS B 20 -8.67 12.87 3.92
C LYS B 20 -7.90 13.51 2.75
N ASP B 21 -6.58 13.35 2.74
CA ASP B 21 -5.76 13.90 1.66
C ASP B 21 -4.55 13.02 1.41
N ILE B 22 -3.87 13.27 0.30
CA ILE B 22 -2.67 12.52 -0.07
C ILE B 22 -1.54 12.79 0.93
N MET B 23 -0.60 11.86 1.05
CA MET B 23 0.51 12.01 1.98
C MET B 23 1.80 11.45 1.40
N THR B 24 2.90 11.83 2.02
CA THR B 24 4.23 11.37 1.61
C THR B 24 4.79 10.43 2.67
N ASP B 25 5.58 9.46 2.22
CA ASP B 25 6.21 8.48 3.11
C ASP B 25 5.17 7.79 3.98
N ALA B 26 4.08 7.37 3.34
CA ALA B 26 2.98 6.70 4.02
C ALA B 26 3.44 5.43 4.71
N VAL B 27 2.86 5.18 5.88
CA VAL B 27 3.21 4.00 6.65
C VAL B 27 1.99 3.08 6.75
N VAL B 28 2.22 1.85 7.16
CA VAL B 28 1.15 0.88 7.28
C VAL B 28 0.95 0.48 8.72
N ILE B 29 -0.28 0.17 9.08
CA ILE B 29 -0.60 -0.24 10.43
C ILE B 29 -0.87 -1.75 10.45
N PRO B 30 -0.08 -2.50 11.23
CA PRO B 30 -0.18 -3.96 11.30
C PRO B 30 -1.44 -4.47 11.99
N CYS B 31 -2.33 -3.58 12.37
CA CYS B 31 -3.55 -3.98 13.03
C CYS B 31 -4.64 -4.31 12.01
N CYS B 32 -4.62 -3.58 10.90
CA CYS B 32 -5.62 -3.79 9.85
C CYS B 32 -4.95 -3.84 8.49
N GLY B 33 -4.11 -2.85 8.21
CA GLY B 33 -3.40 -2.80 6.95
C GLY B 33 -3.59 -1.49 6.21
N ASN B 34 -4.32 -0.58 6.80
CA ASN B 34 -4.56 0.71 6.18
C ASN B 34 -3.31 1.59 6.31
N SER B 35 -3.13 2.49 5.35
CA SER B 35 -1.97 3.38 5.35
C SER B 35 -2.37 4.83 5.54
N TYR B 36 -1.59 5.56 6.32
CA TYR B 36 -1.83 6.97 6.57
C TYR B 36 -0.51 7.68 6.77
N CYS B 37 -0.55 9.00 6.89
CA CYS B 37 0.64 9.78 7.13
C CYS B 37 1.32 9.30 8.39
N ASP B 38 2.64 9.28 8.39
CA ASP B 38 3.41 8.84 9.54
C ASP B 38 3.01 9.64 10.78
N GLU B 39 2.84 10.94 10.58
CA GLU B 39 2.46 11.86 11.65
C GLU B 39 1.01 11.66 12.08
N CYS B 40 0.12 11.48 11.10
CA CYS B 40 -1.30 11.30 11.37
C CYS B 40 -1.54 10.05 12.20
N ILE B 41 -1.08 8.91 11.71
CA ILE B 41 -1.28 7.64 12.38
C ILE B 41 -0.58 7.63 13.74
N ARG B 42 0.57 8.28 13.83
CA ARG B 42 1.31 8.35 15.08
C ARG B 42 0.47 9.05 16.14
N THR B 43 -0.11 10.17 15.74
CA THR B 43 -0.95 10.97 16.62
C THR B 43 -2.18 10.20 17.09
N ALA B 44 -2.80 9.45 16.18
CA ALA B 44 -4.00 8.67 16.50
C ALA B 44 -3.74 7.71 17.65
N LEU B 45 -2.63 6.99 17.60
CA LEU B 45 -2.30 6.03 18.64
C LEU B 45 -1.85 6.74 19.92
N LEU B 46 -1.12 7.84 19.77
CA LEU B 46 -0.63 8.61 20.91
C LEU B 46 -1.79 9.19 21.72
N GLU B 47 -2.84 9.62 21.03
CA GLU B 47 -4.00 10.19 21.69
C GLU B 47 -4.94 9.12 22.23
N SER B 48 -4.73 7.89 21.80
CA SER B 48 -5.58 6.79 22.24
C SER B 48 -4.87 5.88 23.24
N ASP B 49 -5.28 5.98 24.50
CA ASP B 49 -4.70 5.17 25.58
C ASP B 49 -4.79 3.68 25.26
N GLU B 50 -5.88 3.29 24.64
CA GLU B 50 -6.13 1.90 24.29
C GLU B 50 -5.52 1.56 22.94
N HIS B 51 -4.76 2.49 22.38
CA HIS B 51 -4.13 2.28 21.07
C HIS B 51 -5.18 2.04 20.01
N THR B 52 -6.30 2.75 20.14
CA THR B 52 -7.42 2.65 19.22
C THR B 52 -7.05 3.11 17.82
N CYS B 53 -7.12 2.18 16.88
CA CYS B 53 -6.82 2.48 15.49
C CYS B 53 -7.86 3.44 14.91
N PRO B 54 -7.42 4.40 14.10
CA PRO B 54 -8.31 5.39 13.47
C PRO B 54 -9.01 4.89 12.23
N THR B 55 -9.33 3.62 12.22
CA THR B 55 -9.98 3.03 11.07
C THR B 55 -10.69 1.73 11.44
N CYS B 56 -10.00 0.83 12.13
CA CYS B 56 -10.58 -0.44 12.54
C CYS B 56 -10.87 -0.44 14.03
N HIS B 57 -10.33 0.57 14.72
CA HIS B 57 -10.52 0.73 16.15
C HIS B 57 -9.98 -0.45 16.93
N GLN B 58 -8.74 -0.82 16.61
CA GLN B 58 -8.07 -1.91 17.29
C GLN B 58 -7.61 -1.42 18.66
N ASN B 59 -7.17 -2.34 19.52
CA ASN B 59 -6.75 -1.95 20.88
C ASN B 59 -5.42 -2.60 21.27
N ASP B 60 -4.58 -2.87 20.29
CA ASP B 60 -3.28 -3.49 20.56
C ASP B 60 -2.28 -3.14 19.47
N VAL B 61 -2.36 -1.90 19.00
CA VAL B 61 -1.45 -1.42 17.98
C VAL B 61 -0.39 -0.55 18.63
N SER B 62 0.45 0.12 17.85
CA SER B 62 1.48 0.98 18.40
C SER B 62 2.18 1.76 17.29
N PRO B 63 2.68 2.96 17.62
CA PRO B 63 3.37 3.83 16.66
C PRO B 63 4.76 3.29 16.29
N ASP B 64 5.26 2.38 17.12
CA ASP B 64 6.57 1.78 16.90
C ASP B 64 6.44 0.57 15.98
N ALA B 65 5.20 0.22 15.63
CA ALA B 65 4.93 -0.92 14.77
C ALA B 65 4.52 -0.45 13.38
N LEU B 66 4.70 0.84 13.12
CA LEU B 66 4.35 1.41 11.82
C LEU B 66 5.40 1.04 10.79
N ILE B 67 4.99 0.29 9.77
CA ILE B 67 5.91 -0.17 8.74
C ILE B 67 5.92 0.78 7.55
N ALA B 68 6.88 0.59 6.65
CA ALA B 68 7.01 1.46 5.47
C ALA B 68 6.28 0.89 4.27
N ASN B 69 5.15 1.50 3.92
CA ASN B 69 4.39 1.04 2.77
C ASN B 69 5.03 1.60 1.51
N LYS B 70 6.05 0.89 1.07
CA LYS B 70 6.81 1.25 -0.11
C LYS B 70 5.93 1.60 -1.29
N PHE B 71 5.03 0.68 -1.60
CA PHE B 71 4.13 0.82 -2.73
C PHE B 71 3.30 2.10 -2.62
N LEU B 72 2.80 2.37 -1.42
CA LEU B 72 2.00 3.56 -1.18
C LEU B 72 2.78 4.81 -1.55
N ARG B 73 3.98 4.90 -1.00
CA ARG B 73 4.87 6.03 -1.26
C ARG B 73 5.17 6.16 -2.75
N GLN B 74 5.35 5.03 -3.43
CA GLN B 74 5.63 5.02 -4.85
C GLN B 74 4.44 5.55 -5.64
N ALA B 75 3.25 5.06 -5.31
CA ALA B 75 2.03 5.47 -5.99
C ALA B 75 1.80 6.97 -5.82
N VAL B 76 1.98 7.47 -4.62
CA VAL B 76 1.81 8.89 -4.33
C VAL B 76 2.73 9.73 -5.22
N ASN B 77 3.98 9.31 -5.31
CA ASN B 77 4.98 10.01 -6.11
C ASN B 77 4.59 10.03 -7.59
N ASN B 78 4.10 8.90 -8.09
CA ASN B 78 3.70 8.80 -9.49
C ASN B 78 2.43 9.60 -9.75
N PHE B 79 1.48 9.48 -8.84
CA PHE B 79 0.21 10.18 -8.95
C PHE B 79 0.45 11.69 -9.03
N LYS B 80 1.24 12.21 -8.09
CA LYS B 80 1.58 13.63 -8.06
C LYS B 80 2.27 14.07 -9.35
N ASN B 81 3.11 13.19 -9.88
CA ASN B 81 3.85 13.50 -11.09
C ASN B 81 2.95 13.58 -12.32
N GLU B 82 2.04 12.63 -12.44
CA GLU B 82 1.15 12.58 -13.60
C GLU B 82 0.19 13.76 -13.68
N THR B 83 -0.55 14.02 -12.62
CA THR B 83 -1.50 15.12 -12.63
C THR B 83 -0.86 16.45 -12.24
N GLY B 84 0.30 16.39 -11.60
CA GLY B 84 0.97 17.60 -11.16
C GLY B 84 0.38 18.12 -9.88
N TYR B 85 0.13 17.20 -8.95
CA TYR B 85 -0.47 17.54 -7.66
C TYR B 85 0.54 18.24 -6.75
N THR B 86 0.03 19.22 -6.02
CA THR B 86 0.80 20.00 -5.05
C THR B 86 -0.12 21.01 -4.38
N LYS B 87 0.24 21.46 -3.18
CA LYS B 87 -0.58 22.41 -2.46
C LYS B 87 0.08 23.78 -2.45
N ARG B 88 -0.69 24.80 -2.08
CA ARG B 88 -0.18 26.16 -2.06
C ARG B 88 0.32 26.54 -0.67
N LEU B 89 1.63 26.62 -0.53
CA LEU B 89 2.25 26.99 0.74
C LEU B 89 2.15 28.51 0.95
N ARG B 90 2.71 28.97 2.07
CA ARG B 90 2.68 30.39 2.41
C ARG B 90 3.75 30.70 3.46
N LYS B 91 3.98 31.98 3.71
CA LYS B 91 4.97 32.41 4.70
C LYS B 91 4.41 32.33 6.12
N GLN B 92 4.01 31.12 6.49
CA GLN B 92 3.44 30.88 7.82
C GLN B 92 4.56 30.66 8.84
ZN ZN C . 3.25 -12.52 -6.29
ZN ZN D . 10.80 -7.70 4.62
ZN ZN E . -2.86 12.12 7.03
ZN ZN F . -6.23 -0.59 12.30
N GLY A 1 5.44 9.98 -25.59
CA GLY A 1 4.43 9.40 -26.49
C GLY A 1 3.42 8.57 -25.74
N PRO A 2 2.46 7.95 -26.45
CA PRO A 2 1.43 7.12 -25.84
C PRO A 2 1.97 5.81 -25.29
N LEU A 3 1.27 5.28 -24.29
CA LEU A 3 1.65 4.04 -23.65
C LEU A 3 0.45 3.47 -22.91
N GLY A 4 0.13 2.21 -23.16
CA GLY A 4 -1.00 1.60 -22.51
C GLY A 4 -2.12 1.27 -23.47
N SER A 5 -1.86 1.48 -24.76
CA SER A 5 -2.85 1.21 -25.78
C SER A 5 -2.80 -0.26 -26.21
N GLU A 6 -1.59 -0.78 -26.35
CA GLU A 6 -1.41 -2.17 -26.75
C GLU A 6 -0.57 -2.95 -25.73
N ASP A 7 0.14 -2.22 -24.88
CA ASP A 7 0.98 -2.85 -23.87
C ASP A 7 1.00 -2.00 -22.61
N ASP A 8 1.12 -2.65 -21.46
CA ASP A 8 1.12 -1.97 -20.18
C ASP A 8 1.94 -2.73 -19.14
N PRO A 9 3.01 -2.12 -18.64
CA PRO A 9 3.86 -2.73 -17.63
C PRO A 9 3.33 -2.45 -16.21
N ILE A 10 3.61 -3.34 -15.28
CA ILE A 10 3.12 -3.19 -13.91
C ILE A 10 4.20 -2.61 -12.99
N PRO A 11 3.89 -1.50 -12.32
CA PRO A 11 4.82 -0.82 -11.40
C PRO A 11 4.99 -1.54 -10.07
N ASP A 12 6.13 -1.33 -9.44
CA ASP A 12 6.46 -1.97 -8.16
C ASP A 12 5.61 -1.42 -7.01
N GLU A 13 4.73 -0.48 -7.33
CA GLU A 13 3.85 0.09 -6.32
C GLU A 13 2.55 -0.71 -6.19
N LEU A 14 2.43 -1.79 -6.96
CA LEU A 14 1.25 -2.63 -6.90
C LEU A 14 1.51 -3.98 -7.56
N LEU A 15 2.78 -4.25 -7.82
CA LEU A 15 3.18 -5.50 -8.45
C LEU A 15 3.92 -6.40 -7.46
N CYS A 16 3.66 -7.70 -7.51
CA CYS A 16 4.32 -8.67 -6.65
C CYS A 16 5.73 -8.89 -7.15
N LEU A 17 6.69 -8.69 -6.29
CA LEU A 17 8.09 -8.88 -6.66
C LEU A 17 8.39 -10.36 -6.83
N ILE A 18 7.75 -11.16 -5.98
CA ILE A 18 7.96 -12.61 -5.98
C ILE A 18 7.70 -13.24 -7.33
N CYS A 19 6.51 -13.04 -7.89
CA CYS A 19 6.20 -13.62 -9.19
C CYS A 19 6.35 -12.60 -10.30
N LYS A 20 6.85 -11.41 -9.95
CA LYS A 20 7.05 -10.33 -10.92
C LYS A 20 5.78 -9.98 -11.69
N ASP A 21 4.63 -10.10 -11.02
CA ASP A 21 3.36 -9.80 -11.66
C ASP A 21 2.37 -9.22 -10.65
N ILE A 22 1.31 -8.62 -11.15
CA ILE A 22 0.28 -8.03 -10.30
C ILE A 22 -0.43 -9.12 -9.49
N MET A 23 -1.02 -8.73 -8.36
CA MET A 23 -1.70 -9.67 -7.50
C MET A 23 -3.02 -9.12 -6.99
N THR A 24 -3.85 -10.01 -6.47
CA THR A 24 -5.15 -9.64 -5.93
C THR A 24 -5.18 -9.96 -4.44
N ASP A 25 -5.86 -9.12 -3.67
CA ASP A 25 -5.98 -9.33 -2.21
C ASP A 25 -4.60 -9.31 -1.56
N ALA A 26 -3.70 -8.52 -2.15
CA ALA A 26 -2.32 -8.38 -1.68
C ALA A 26 -2.24 -8.11 -0.19
N VAL A 27 -1.21 -8.68 0.44
CA VAL A 27 -1.00 -8.51 1.86
C VAL A 27 0.30 -7.73 2.08
N VAL A 28 0.49 -7.26 3.31
CA VAL A 28 1.68 -6.48 3.65
C VAL A 28 2.52 -7.23 4.67
N ILE A 29 3.82 -7.00 4.60
CA ILE A 29 4.76 -7.64 5.50
C ILE A 29 5.33 -6.60 6.48
N PRO A 30 5.12 -6.83 7.78
CA PRO A 30 5.55 -5.89 8.83
C PRO A 30 7.05 -5.87 9.08
N CYS A 31 7.81 -6.56 8.24
CA CYS A 31 9.25 -6.58 8.40
C CYS A 31 9.88 -5.44 7.60
N CYS A 32 9.23 -5.04 6.51
CA CYS A 32 9.74 -3.97 5.68
C CYS A 32 8.60 -3.07 5.21
N GLY A 33 7.56 -3.67 4.66
CA GLY A 33 6.42 -2.89 4.20
C GLY A 33 6.00 -3.21 2.77
N ASN A 34 6.71 -4.13 2.15
CA ASN A 34 6.40 -4.53 0.79
C ASN A 34 5.15 -5.41 0.75
N SER A 35 4.42 -5.37 -0.35
CA SER A 35 3.20 -6.16 -0.52
C SER A 35 3.33 -7.16 -1.66
N TYR A 36 2.85 -8.37 -1.44
CA TYR A 36 2.88 -9.43 -2.45
C TYR A 36 1.67 -10.34 -2.30
N CYS A 37 1.51 -11.27 -3.23
CA CYS A 37 0.42 -12.23 -3.16
C CYS A 37 0.47 -12.97 -1.83
N ASP A 38 -0.68 -13.22 -1.24
CA ASP A 38 -0.74 -13.92 0.04
C ASP A 38 -0.06 -15.27 -0.04
N GLU A 39 -0.26 -15.97 -1.15
CA GLU A 39 0.34 -17.27 -1.36
C GLU A 39 1.84 -17.17 -1.62
N CYS A 40 2.23 -16.16 -2.41
CA CYS A 40 3.63 -15.97 -2.73
C CYS A 40 4.45 -15.65 -1.48
N ILE A 41 4.01 -14.65 -0.72
CA ILE A 41 4.72 -14.25 0.48
C ILE A 41 4.71 -15.37 1.51
N ARG A 42 3.61 -16.11 1.56
CA ARG A 42 3.48 -17.21 2.49
C ARG A 42 4.53 -18.28 2.17
N THR A 43 4.63 -18.60 0.89
CA THR A 43 5.59 -19.60 0.42
C THR A 43 7.03 -19.20 0.76
N ALA A 44 7.35 -17.91 0.62
CA ALA A 44 8.69 -17.41 0.90
C ALA A 44 9.10 -17.70 2.34
N LEU A 45 8.20 -17.41 3.28
CA LEU A 45 8.48 -17.63 4.70
C LEU A 45 8.43 -19.13 5.03
N LEU A 46 7.59 -19.87 4.33
CA LEU A 46 7.47 -21.31 4.54
C LEU A 46 8.72 -22.05 4.07
N GLU A 47 9.23 -21.64 2.91
CA GLU A 47 10.42 -22.25 2.33
C GLU A 47 11.67 -21.92 3.16
N SER A 48 11.81 -20.65 3.50
CA SER A 48 12.96 -20.20 4.27
C SER A 48 12.78 -20.49 5.76
N ASP A 49 13.53 -21.46 6.27
CA ASP A 49 13.45 -21.85 7.68
C ASP A 49 13.74 -20.66 8.60
N GLU A 50 14.62 -19.77 8.15
CA GLU A 50 14.98 -18.58 8.93
C GLU A 50 14.02 -17.42 8.68
N HIS A 51 12.94 -17.69 7.94
CA HIS A 51 11.93 -16.68 7.64
C HIS A 51 12.53 -15.52 6.84
N THR A 52 13.33 -15.87 5.85
CA THR A 52 13.97 -14.88 4.99
C THR A 52 12.95 -14.15 4.13
N CYS A 53 12.83 -12.84 4.33
CA CYS A 53 11.91 -12.05 3.53
C CYS A 53 12.37 -11.98 2.08
N PRO A 54 11.43 -12.12 1.13
CA PRO A 54 11.72 -12.10 -0.29
C PRO A 54 11.90 -10.69 -0.86
N THR A 55 12.52 -9.83 -0.08
CA THR A 55 12.72 -8.47 -0.51
C THR A 55 13.78 -7.76 0.35
N CYS A 56 13.67 -7.89 1.67
CA CYS A 56 14.61 -7.26 2.58
C CYS A 56 15.51 -8.30 3.21
N HIS A 57 15.13 -9.57 3.02
CA HIS A 57 15.88 -10.71 3.54
C HIS A 57 15.93 -10.71 5.06
N GLN A 58 14.79 -10.40 5.66
CA GLN A 58 14.65 -10.39 7.11
C GLN A 58 14.73 -11.81 7.66
N ASN A 59 14.76 -11.96 8.97
CA ASN A 59 14.87 -13.28 9.59
C ASN A 59 14.01 -13.40 10.84
N ASP A 60 12.89 -12.68 10.86
CA ASP A 60 12.00 -12.70 12.01
C ASP A 60 10.57 -12.37 11.57
N VAL A 61 10.22 -12.76 10.36
CA VAL A 61 8.89 -12.51 9.85
C VAL A 61 8.04 -13.76 9.99
N SER A 62 6.77 -13.69 9.61
CA SER A 62 5.88 -14.84 9.72
C SER A 62 4.67 -14.67 8.83
N PRO A 63 4.10 -15.77 8.32
CA PRO A 63 2.93 -15.74 7.45
C PRO A 63 1.66 -15.35 8.20
N ASP A 64 1.73 -15.35 9.51
CA ASP A 64 0.58 -14.97 10.34
C ASP A 64 0.55 -13.46 10.55
N ALA A 65 1.71 -12.83 10.41
CA ALA A 65 1.84 -11.40 10.60
C ALA A 65 1.51 -10.62 9.32
N LEU A 66 0.97 -11.32 8.33
CA LEU A 66 0.61 -10.69 7.06
C LEU A 66 -0.68 -9.91 7.22
N ILE A 67 -0.59 -8.60 7.10
CA ILE A 67 -1.74 -7.71 7.25
C ILE A 67 -2.40 -7.47 5.89
N ALA A 68 -3.54 -6.81 5.88
CA ALA A 68 -4.26 -6.58 4.63
C ALA A 68 -4.07 -5.15 4.12
N ASN A 69 -3.28 -5.03 3.07
CA ASN A 69 -3.00 -3.72 2.46
C ASN A 69 -4.11 -3.39 1.49
N LYS A 70 -5.24 -2.97 2.01
CA LYS A 70 -6.39 -2.62 1.17
C LYS A 70 -6.06 -1.52 0.18
N PHE A 71 -5.10 -0.67 0.53
CA PHE A 71 -4.69 0.40 -0.36
C PHE A 71 -4.10 -0.21 -1.63
N LEU A 72 -3.29 -1.25 -1.43
CA LEU A 72 -2.66 -1.98 -2.53
C LEU A 72 -3.74 -2.64 -3.36
N ARG A 73 -4.63 -3.33 -2.66
CA ARG A 73 -5.74 -4.04 -3.28
C ARG A 73 -6.60 -3.10 -4.12
N GLN A 74 -6.77 -1.87 -3.64
CA GLN A 74 -7.55 -0.88 -4.36
C GLN A 74 -6.82 -0.42 -5.62
N ALA A 75 -5.54 -0.10 -5.47
CA ALA A 75 -4.71 0.35 -6.58
C ALA A 75 -4.69 -0.70 -7.70
N VAL A 76 -4.52 -1.96 -7.31
CA VAL A 76 -4.50 -3.07 -8.26
C VAL A 76 -5.80 -3.13 -9.06
N ASN A 77 -6.91 -2.97 -8.37
CA ASN A 77 -8.24 -3.01 -9.00
C ASN A 77 -8.39 -1.87 -9.99
N ASN A 78 -7.88 -0.70 -9.64
CA ASN A 78 -7.96 0.47 -10.52
C ASN A 78 -7.06 0.31 -11.72
N PHE A 79 -5.80 -0.04 -11.45
CA PHE A 79 -4.80 -0.24 -12.50
C PHE A 79 -5.30 -1.23 -13.55
N LYS A 80 -5.82 -2.36 -13.09
CA LYS A 80 -6.34 -3.39 -13.98
C LYS A 80 -7.39 -2.85 -14.94
N ASN A 81 -8.20 -1.91 -14.48
CA ASN A 81 -9.25 -1.32 -15.30
C ASN A 81 -8.71 -0.19 -16.17
N GLU A 82 -7.68 0.49 -15.69
CA GLU A 82 -7.10 1.60 -16.41
C GLU A 82 -6.34 1.14 -17.65
N THR A 83 -5.44 0.17 -17.47
CA THR A 83 -4.65 -0.34 -18.58
C THR A 83 -5.36 -1.48 -19.31
N GLY A 84 -6.19 -2.21 -18.58
CA GLY A 84 -6.91 -3.33 -19.18
C GLY A 84 -6.20 -4.64 -18.95
N TYR A 85 -5.50 -4.74 -17.83
CA TYR A 85 -4.77 -5.94 -17.49
C TYR A 85 -5.68 -7.00 -16.88
N THR A 86 -5.50 -8.26 -17.31
CA THR A 86 -6.26 -9.39 -16.78
C THR A 86 -5.69 -10.69 -17.32
N LYS A 87 -6.11 -11.81 -16.73
CA LYS A 87 -5.64 -13.13 -17.16
C LYS A 87 -6.79 -14.13 -17.21
N ARG A 88 -6.48 -15.33 -17.66
CA ARG A 88 -7.49 -16.38 -17.79
C ARG A 88 -7.73 -17.09 -16.46
N LEU A 89 -8.97 -16.98 -15.98
CA LEU A 89 -9.39 -17.62 -14.74
C LEU A 89 -9.96 -18.99 -15.05
N ARG A 90 -9.84 -19.91 -14.11
CA ARG A 90 -10.33 -21.27 -14.33
C ARG A 90 -11.37 -21.63 -13.28
N LYS A 91 -12.01 -22.77 -13.49
CA LYS A 91 -13.04 -23.27 -12.60
C LYS A 91 -12.43 -24.23 -11.58
N GLN A 92 -11.41 -23.75 -10.88
CA GLN A 92 -10.70 -24.54 -9.88
C GLN A 92 -11.57 -24.75 -8.64
N GLY B 1 -23.95 11.45 -7.66
CA GLY B 1 -23.16 12.33 -8.56
C GLY B 1 -22.10 13.11 -7.82
N PRO B 2 -20.89 12.54 -7.67
CA PRO B 2 -19.79 13.19 -6.96
C PRO B 2 -18.98 14.10 -7.88
N LEU B 3 -17.83 14.55 -7.37
CA LEU B 3 -16.96 15.42 -8.13
C LEU B 3 -15.79 14.61 -8.67
N GLY B 4 -14.84 15.27 -9.31
CA GLY B 4 -13.70 14.58 -9.85
C GLY B 4 -13.52 14.86 -11.33
N SER B 5 -14.54 15.44 -11.94
CA SER B 5 -14.50 15.77 -13.36
C SER B 5 -13.49 16.87 -13.62
N GLU B 6 -13.74 18.05 -13.05
CA GLU B 6 -12.85 19.19 -13.23
C GLU B 6 -11.97 19.38 -12.01
N ASP B 7 -12.22 18.55 -11.01
CA ASP B 7 -11.50 18.60 -9.75
C ASP B 7 -10.30 17.67 -9.77
N ASP B 8 -9.60 17.63 -8.65
CA ASP B 8 -8.43 16.77 -8.48
C ASP B 8 -8.56 15.97 -7.19
N PRO B 9 -9.45 14.95 -7.18
CA PRO B 9 -9.70 14.13 -6.00
C PRO B 9 -8.60 13.10 -5.77
N ILE B 10 -8.47 12.67 -4.52
CA ILE B 10 -7.47 11.68 -4.15
C ILE B 10 -8.15 10.40 -3.68
N PRO B 11 -7.84 9.27 -4.33
CA PRO B 11 -8.43 7.97 -3.98
C PRO B 11 -7.96 7.47 -2.62
N ASP B 12 -8.81 6.68 -1.96
CA ASP B 12 -8.52 6.14 -0.63
C ASP B 12 -7.41 5.09 -0.66
N GLU B 13 -6.92 4.78 -1.86
CA GLU B 13 -5.86 3.81 -2.00
C GLU B 13 -4.48 4.45 -1.84
N LEU B 14 -4.45 5.75 -1.57
CA LEU B 14 -3.18 6.45 -1.38
C LEU B 14 -3.42 7.77 -0.66
N LEU B 15 -4.59 7.90 -0.07
CA LEU B 15 -4.96 9.09 0.65
C LEU B 15 -5.11 8.80 2.14
N CYS B 16 -4.61 9.72 2.96
CA CYS B 16 -4.71 9.57 4.40
C CYS B 16 -6.13 9.85 4.85
N LEU B 17 -6.70 8.90 5.56
CA LEU B 17 -8.07 9.03 6.04
C LEU B 17 -8.12 10.06 7.16
N ILE B 18 -7.07 10.07 7.97
CA ILE B 18 -6.97 10.96 9.12
C ILE B 18 -7.14 12.43 8.75
N CYS B 19 -6.31 12.94 7.84
CA CYS B 19 -6.42 14.34 7.44
C CYS B 19 -7.21 14.48 6.14
N LYS B 20 -7.73 13.37 5.65
CA LYS B 20 -8.50 13.34 4.41
C LYS B 20 -7.73 13.93 3.21
N ASP B 21 -6.42 13.72 3.19
CA ASP B 21 -5.60 14.22 2.09
C ASP B 21 -4.44 13.27 1.81
N ILE B 22 -3.77 13.49 0.70
CA ILE B 22 -2.63 12.66 0.33
C ILE B 22 -1.45 12.91 1.27
N MET B 23 -0.56 11.92 1.37
CA MET B 23 0.59 12.03 2.27
C MET B 23 1.86 11.50 1.61
N THR B 24 2.98 11.87 2.20
CA THR B 24 4.29 11.44 1.71
C THR B 24 4.93 10.52 2.74
N ASP B 25 5.66 9.51 2.27
CA ASP B 25 6.33 8.56 3.16
C ASP B 25 5.32 7.87 4.07
N ALA B 26 4.19 7.52 3.47
CA ALA B 26 3.10 6.86 4.19
C ALA B 26 3.56 5.58 4.87
N VAL B 27 2.99 5.32 6.04
CA VAL B 27 3.32 4.13 6.79
C VAL B 27 2.10 3.22 6.87
N VAL B 28 2.32 1.97 7.24
CA VAL B 28 1.24 1.00 7.34
C VAL B 28 1.04 0.55 8.77
N ILE B 29 -0.20 0.26 9.10
CA ILE B 29 -0.55 -0.18 10.43
C ILE B 29 -0.85 -1.69 10.41
N PRO B 30 -0.10 -2.47 11.20
CA PRO B 30 -0.23 -3.93 11.24
C PRO B 30 -1.46 -4.44 11.97
N CYS B 31 -2.37 -3.54 12.28
CA CYS B 31 -3.60 -3.93 12.96
C CYS B 31 -4.71 -4.19 11.95
N CYS B 32 -4.64 -3.50 10.80
CA CYS B 32 -5.65 -3.66 9.77
C CYS B 32 -5.00 -3.67 8.38
N GLY B 33 -4.17 -2.68 8.11
CA GLY B 33 -3.50 -2.60 6.82
C GLY B 33 -3.71 -1.29 6.12
N ASN B 34 -4.19 -0.29 6.86
CA ASN B 34 -4.42 1.03 6.28
C ASN B 34 -3.15 1.88 6.38
N SER B 35 -2.99 2.82 5.46
CA SER B 35 -1.82 3.69 5.43
C SER B 35 -2.20 5.15 5.61
N TYR B 36 -1.43 5.85 6.44
CA TYR B 36 -1.66 7.27 6.71
C TYR B 36 -0.34 7.96 6.96
N CYS B 37 -0.37 9.28 7.11
CA CYS B 37 0.82 10.04 7.42
C CYS B 37 1.45 9.50 8.70
N ASP B 38 2.78 9.49 8.75
CA ASP B 38 3.48 9.00 9.92
C ASP B 38 3.08 9.77 11.17
N GLU B 39 2.93 11.08 11.02
CA GLU B 39 2.54 11.93 12.14
C GLU B 39 1.07 11.75 12.50
N CYS B 40 0.23 11.61 11.48
CA CYS B 40 -1.19 11.44 11.70
C CYS B 40 -1.50 10.16 12.46
N ILE B 41 -1.00 9.04 11.94
CA ILE B 41 -1.23 7.74 12.59
C ILE B 41 -0.61 7.73 13.98
N ARG B 42 0.55 8.38 14.12
CA ARG B 42 1.21 8.45 15.40
C ARG B 42 0.33 9.18 16.41
N THR B 43 -0.19 10.33 15.99
CA THR B 43 -1.05 11.15 16.83
C THR B 43 -2.27 10.36 17.33
N ALA B 44 -2.87 9.58 16.44
CA ALA B 44 -4.05 8.78 16.78
C ALA B 44 -3.75 7.83 17.94
N LEU B 45 -2.62 7.15 17.87
CA LEU B 45 -2.23 6.20 18.92
C LEU B 45 -1.75 6.93 20.17
N LEU B 46 -1.15 8.10 19.99
CA LEU B 46 -0.66 8.87 21.13
C LEU B 46 -1.80 9.49 21.92
N GLU B 47 -2.83 9.95 21.22
CA GLU B 47 -3.98 10.57 21.87
C GLU B 47 -4.85 9.51 22.53
N SER B 48 -5.13 8.43 21.81
CA SER B 48 -5.95 7.36 22.35
C SER B 48 -5.10 6.45 23.24
N ASP B 49 -5.32 6.56 24.55
CA ASP B 49 -4.59 5.76 25.52
C ASP B 49 -4.78 4.27 25.29
N GLU B 50 -5.93 3.91 24.74
CA GLU B 50 -6.23 2.50 24.46
C GLU B 50 -5.71 2.08 23.09
N HIS B 51 -4.98 2.99 22.44
CA HIS B 51 -4.39 2.73 21.13
C HIS B 51 -5.45 2.47 20.08
N THR B 52 -6.49 3.29 20.07
CA THR B 52 -7.58 3.18 19.14
C THR B 52 -7.13 3.52 17.72
N CYS B 53 -7.24 2.56 16.81
CA CYS B 53 -6.86 2.78 15.43
C CYS B 53 -7.86 3.73 14.76
N PRO B 54 -7.37 4.69 13.97
CA PRO B 54 -8.21 5.67 13.28
C PRO B 54 -8.81 5.13 11.99
N THR B 55 -9.28 3.91 12.03
CA THR B 55 -9.84 3.28 10.85
C THR B 55 -10.62 2.00 11.23
N CYS B 56 -10.00 1.14 12.02
CA CYS B 56 -10.64 -0.09 12.44
C CYS B 56 -10.96 -0.03 13.93
N HIS B 57 -10.41 1.00 14.57
CA HIS B 57 -10.63 1.25 15.99
C HIS B 57 -10.13 0.09 16.83
N GLN B 58 -8.92 -0.34 16.54
CA GLN B 58 -8.27 -1.42 17.27
C GLN B 58 -7.86 -0.92 18.66
N ASN B 59 -7.39 -1.82 19.52
CA ASN B 59 -7.00 -1.42 20.87
C ASN B 59 -5.69 -2.08 21.32
N ASP B 60 -4.82 -2.36 20.36
CA ASP B 60 -3.53 -2.99 20.67
C ASP B 60 -2.50 -2.65 19.60
N VAL B 61 -2.62 -1.46 19.05
CA VAL B 61 -1.67 -1.03 18.04
C VAL B 61 -0.58 -0.20 18.70
N SER B 62 0.37 0.31 17.94
CA SER B 62 1.45 1.10 18.48
C SER B 62 2.18 1.85 17.39
N PRO B 63 2.74 3.03 17.72
CA PRO B 63 3.47 3.86 16.75
C PRO B 63 4.84 3.28 16.40
N ASP B 64 5.25 2.26 17.13
CA ASP B 64 6.53 1.61 16.91
C ASP B 64 6.39 0.49 15.87
N ALA B 65 5.15 0.06 15.66
CA ALA B 65 4.87 -1.02 14.72
C ALA B 65 4.50 -0.48 13.35
N LEU B 66 4.72 0.81 13.12
CA LEU B 66 4.40 1.42 11.84
C LEU B 66 5.45 1.05 10.81
N ILE B 67 5.02 0.27 9.81
CA ILE B 67 5.93 -0.19 8.76
C ILE B 67 5.95 0.79 7.58
N ALA B 68 6.86 0.56 6.64
CA ALA B 68 6.98 1.45 5.49
C ALA B 68 6.29 0.89 4.25
N ASN B 69 5.15 1.47 3.91
CA ASN B 69 4.41 1.03 2.73
C ASN B 69 5.04 1.67 1.50
N LYS B 70 6.10 1.04 1.02
CA LYS B 70 6.82 1.53 -0.16
C LYS B 70 5.87 1.75 -1.31
N PHE B 71 4.98 0.79 -1.49
CA PHE B 71 4.01 0.81 -2.57
C PHE B 71 3.13 2.05 -2.48
N LEU B 72 2.71 2.38 -1.26
CA LEU B 72 1.89 3.56 -1.04
C LEU B 72 2.66 4.81 -1.42
N ARG B 73 3.88 4.89 -0.89
CA ARG B 73 4.75 6.03 -1.14
C ARG B 73 5.00 6.20 -2.64
N GLN B 74 5.21 5.09 -3.34
CA GLN B 74 5.45 5.14 -4.77
C GLN B 74 4.21 5.60 -5.51
N ALA B 75 3.05 5.07 -5.11
CA ALA B 75 1.79 5.44 -5.74
C ALA B 75 1.52 6.92 -5.57
N VAL B 76 1.71 7.43 -4.36
CA VAL B 76 1.51 8.83 -4.07
C VAL B 76 2.40 9.70 -4.96
N ASN B 77 3.67 9.33 -5.02
CA ASN B 77 4.66 10.05 -5.82
C ASN B 77 4.27 10.09 -7.30
N ASN B 78 3.71 9.01 -7.80
CA ASN B 78 3.32 8.93 -9.19
C ASN B 78 2.01 9.69 -9.43
N PHE B 79 1.04 9.47 -8.54
CA PHE B 79 -0.27 10.13 -8.64
C PHE B 79 -0.12 11.65 -8.67
N LYS B 80 0.71 12.16 -7.77
CA LYS B 80 0.96 13.61 -7.68
C LYS B 80 1.44 14.19 -9.02
N ASN B 81 2.10 13.37 -9.82
CA ASN B 81 2.63 13.81 -11.11
C ASN B 81 1.62 13.55 -12.23
N GLU B 82 0.67 12.65 -11.99
CA GLU B 82 -0.34 12.32 -13.00
C GLU B 82 -1.41 13.40 -13.03
N THR B 83 -1.92 13.75 -11.87
CA THR B 83 -2.96 14.76 -11.77
C THR B 83 -2.37 16.15 -11.58
N GLY B 84 -1.12 16.19 -11.13
CA GLY B 84 -0.46 17.46 -10.88
C GLY B 84 -0.95 18.07 -9.59
N TYR B 85 -1.25 17.20 -8.62
CA TYR B 85 -1.76 17.61 -7.33
C TYR B 85 -0.80 18.56 -6.62
N THR B 86 0.45 18.20 -6.64
CA THR B 86 1.49 18.99 -6.02
C THR B 86 1.56 20.36 -6.66
N LYS B 87 1.66 21.38 -5.83
CA LYS B 87 1.70 22.74 -6.31
C LYS B 87 3.07 23.37 -6.10
N ARG B 88 3.34 24.42 -6.85
CA ARG B 88 4.61 25.12 -6.74
C ARG B 88 4.52 26.23 -5.70
N LEU B 89 3.30 26.56 -5.30
CA LEU B 89 3.07 27.60 -4.32
C LEU B 89 3.51 27.13 -2.94
N ARG B 90 3.79 28.08 -2.06
CA ARG B 90 4.24 27.77 -0.71
C ARG B 90 3.08 27.78 0.27
N LYS B 91 3.38 27.67 1.55
CA LYS B 91 2.35 27.66 2.59
C LYS B 91 1.78 29.05 2.80
N GLN B 92 2.56 30.06 2.41
CA GLN B 92 2.17 31.47 2.53
C GLN B 92 1.95 31.85 4.00
ZN ZN C . 3.06 -12.93 -6.33
ZN ZN D . 10.64 -7.84 4.41
ZN ZN E . -2.59 12.42 7.41
ZN ZN F . -6.23 -0.41 12.33
N GLY A 1 17.06 2.52 -25.18
CA GLY A 1 16.25 2.74 -23.96
C GLY A 1 15.32 1.56 -23.68
N PRO A 2 14.60 1.59 -22.55
CA PRO A 2 13.67 0.52 -22.19
C PRO A 2 12.40 0.54 -23.02
N LEU A 3 11.66 -0.55 -22.97
CA LEU A 3 10.41 -0.67 -23.70
C LEU A 3 9.24 -0.29 -22.81
N GLY A 4 8.69 0.90 -23.02
CA GLY A 4 7.57 1.34 -22.20
C GLY A 4 6.63 2.27 -22.93
N SER A 5 6.83 2.45 -24.23
CA SER A 5 5.98 3.31 -25.02
C SER A 5 4.72 2.58 -25.46
N GLU A 6 4.91 1.45 -26.12
CA GLU A 6 3.79 0.64 -26.62
C GLU A 6 3.61 -0.60 -25.76
N ASP A 7 3.97 -0.50 -24.49
CA ASP A 7 3.87 -1.64 -23.58
C ASP A 7 3.07 -1.27 -22.34
N ASP A 8 2.49 -2.28 -21.70
CA ASP A 8 1.70 -2.06 -20.49
C ASP A 8 2.28 -2.85 -19.31
N PRO A 9 3.26 -2.26 -18.61
CA PRO A 9 3.91 -2.89 -17.46
C PRO A 9 3.19 -2.63 -16.14
N ILE A 10 3.51 -3.42 -15.13
CA ILE A 10 2.91 -3.29 -13.81
C ILE A 10 3.79 -2.39 -12.93
N PRO A 11 3.22 -1.30 -12.39
CA PRO A 11 3.95 -0.37 -11.52
C PRO A 11 4.27 -0.96 -10.14
N ASP A 12 5.43 -0.58 -9.59
CA ASP A 12 5.90 -1.05 -8.28
C ASP A 12 4.84 -0.87 -7.20
N GLU A 13 4.06 0.21 -7.30
CA GLU A 13 3.03 0.52 -6.30
C GLU A 13 1.93 -0.54 -6.23
N LEU A 14 2.01 -1.57 -7.06
CA LEU A 14 1.01 -2.65 -7.02
C LEU A 14 1.54 -3.90 -7.71
N LEU A 15 2.85 -3.95 -7.86
CA LEU A 15 3.51 -5.07 -8.50
C LEU A 15 4.20 -5.99 -7.48
N CYS A 16 3.90 -7.28 -7.56
CA CYS A 16 4.51 -8.26 -6.66
C CYS A 16 5.94 -8.49 -7.10
N LEU A 17 6.87 -8.35 -6.17
CA LEU A 17 8.27 -8.54 -6.47
C LEU A 17 8.55 -10.03 -6.66
N ILE A 18 7.88 -10.85 -5.85
CA ILE A 18 8.07 -12.29 -5.87
C ILE A 18 7.82 -12.90 -7.25
N CYS A 19 6.62 -12.75 -7.78
CA CYS A 19 6.33 -13.32 -9.10
C CYS A 19 6.49 -12.27 -10.20
N LYS A 20 7.03 -11.10 -9.83
CA LYS A 20 7.27 -10.00 -10.76
C LYS A 20 6.02 -9.64 -11.59
N ASP A 21 4.85 -9.78 -10.99
CA ASP A 21 3.59 -9.45 -11.68
C ASP A 21 2.59 -8.90 -10.67
N ILE A 22 1.48 -8.39 -11.17
CA ILE A 22 0.44 -7.84 -10.32
C ILE A 22 -0.18 -8.94 -9.46
N MET A 23 -0.77 -8.56 -8.34
CA MET A 23 -1.39 -9.50 -7.43
C MET A 23 -2.76 -9.04 -7.01
N THR A 24 -3.53 -9.96 -6.46
CA THR A 24 -4.86 -9.66 -6.00
C THR A 24 -4.94 -9.98 -4.51
N ASP A 25 -5.70 -9.19 -3.76
CA ASP A 25 -5.84 -9.36 -2.31
C ASP A 25 -4.46 -9.25 -1.65
N ALA A 26 -3.63 -8.36 -2.20
CA ALA A 26 -2.27 -8.14 -1.71
C ALA A 26 -2.21 -7.90 -0.20
N VAL A 27 -1.16 -8.43 0.40
CA VAL A 27 -0.95 -8.28 1.82
C VAL A 27 0.36 -7.54 2.06
N VAL A 28 0.55 -7.05 3.29
CA VAL A 28 1.76 -6.31 3.63
C VAL A 28 2.57 -7.07 4.67
N ILE A 29 3.89 -6.91 4.59
CA ILE A 29 4.79 -7.56 5.51
C ILE A 29 5.33 -6.54 6.53
N PRO A 30 5.12 -6.81 7.82
CA PRO A 30 5.52 -5.91 8.90
C PRO A 30 7.02 -5.87 9.18
N CYS A 31 7.81 -6.48 8.31
CA CYS A 31 9.24 -6.49 8.48
C CYS A 31 9.89 -5.37 7.68
N CYS A 32 9.26 -4.97 6.59
CA CYS A 32 9.80 -3.92 5.75
C CYS A 32 8.67 -3.01 5.27
N GLY A 33 7.59 -3.61 4.78
CA GLY A 33 6.45 -2.84 4.32
C GLY A 33 6.05 -3.15 2.89
N ASN A 34 6.81 -4.02 2.24
CA ASN A 34 6.50 -4.39 0.86
C ASN A 34 5.25 -5.26 0.80
N SER A 35 4.53 -5.19 -0.32
CA SER A 35 3.31 -5.97 -0.49
C SER A 35 3.45 -6.95 -1.64
N TYR A 36 2.96 -8.17 -1.42
CA TYR A 36 3.01 -9.21 -2.44
C TYR A 36 1.80 -10.11 -2.31
N CYS A 37 1.63 -11.02 -3.25
CA CYS A 37 0.53 -11.97 -3.20
C CYS A 37 0.57 -12.72 -1.89
N ASP A 38 -0.60 -12.92 -1.28
CA ASP A 38 -0.68 -13.62 -0.01
C ASP A 38 -0.03 -15.00 -0.11
N GLU A 39 -0.20 -15.64 -1.27
CA GLU A 39 0.36 -16.95 -1.53
C GLU A 39 1.87 -16.87 -1.74
N CYS A 40 2.30 -15.86 -2.51
CA CYS A 40 3.71 -15.67 -2.79
C CYS A 40 4.52 -15.43 -1.53
N ILE A 41 4.11 -14.41 -0.77
CA ILE A 41 4.82 -14.04 0.46
C ILE A 41 4.75 -15.17 1.49
N ARG A 42 3.63 -15.87 1.53
CA ARG A 42 3.47 -16.98 2.46
C ARG A 42 4.53 -18.04 2.19
N THR A 43 4.62 -18.43 0.92
CA THR A 43 5.57 -19.44 0.49
C THR A 43 7.01 -19.08 0.87
N ALA A 44 7.37 -17.81 0.68
CA ALA A 44 8.72 -17.34 0.99
C ALA A 44 9.08 -17.60 2.46
N LEU A 45 8.15 -17.30 3.36
CA LEU A 45 8.40 -17.49 4.79
C LEU A 45 8.32 -18.96 5.17
N LEU A 46 7.51 -19.71 4.46
CA LEU A 46 7.35 -21.14 4.73
C LEU A 46 8.61 -21.91 4.36
N GLU A 47 9.17 -21.61 3.18
CA GLU A 47 10.37 -22.28 2.72
C GLU A 47 11.59 -21.88 3.54
N SER A 48 11.70 -20.58 3.83
CA SER A 48 12.83 -20.08 4.61
C SER A 48 12.63 -20.37 6.09
N ASP A 49 13.44 -21.25 6.65
CA ASP A 49 13.34 -21.64 8.05
C ASP A 49 13.47 -20.43 8.98
N GLU A 50 14.40 -19.53 8.65
CA GLU A 50 14.62 -18.35 9.48
C GLU A 50 13.66 -17.23 9.10
N HIS A 51 12.68 -17.53 8.26
CA HIS A 51 11.67 -16.57 7.83
C HIS A 51 12.32 -15.42 7.05
N THR A 52 13.18 -15.78 6.11
CA THR A 52 13.86 -14.80 5.27
C THR A 52 12.87 -14.08 4.37
N CYS A 53 12.82 -12.76 4.49
CA CYS A 53 11.93 -11.96 3.67
C CYS A 53 12.45 -11.93 2.22
N PRO A 54 11.53 -12.04 1.26
CA PRO A 54 11.87 -12.03 -0.18
C PRO A 54 12.10 -10.63 -0.73
N THR A 55 12.63 -9.76 0.09
CA THR A 55 12.86 -8.39 -0.33
C THR A 55 13.93 -7.71 0.55
N CYS A 56 13.78 -7.81 1.86
CA CYS A 56 14.71 -7.21 2.80
C CYS A 56 15.55 -8.26 3.48
N HIS A 57 15.17 -9.52 3.26
CA HIS A 57 15.88 -10.68 3.81
C HIS A 57 15.87 -10.67 5.33
N GLN A 58 14.72 -10.30 5.90
CA GLN A 58 14.57 -10.27 7.36
C GLN A 58 14.60 -11.70 7.89
N ASN A 59 14.64 -11.86 9.21
CA ASN A 59 14.70 -13.21 9.81
C ASN A 59 13.81 -13.32 11.04
N ASP A 60 12.70 -12.59 11.05
CA ASP A 60 11.80 -12.62 12.20
C ASP A 60 10.39 -12.27 11.79
N VAL A 61 10.02 -12.65 10.58
CA VAL A 61 8.68 -12.39 10.08
C VAL A 61 7.84 -13.64 10.24
N SER A 62 6.66 -13.67 9.63
CA SER A 62 5.78 -14.82 9.70
C SER A 62 4.59 -14.65 8.76
N PRO A 63 4.03 -15.79 8.29
CA PRO A 63 2.90 -15.77 7.37
C PRO A 63 1.60 -15.34 8.03
N ASP A 64 1.58 -15.36 9.36
CA ASP A 64 0.39 -14.96 10.10
C ASP A 64 0.49 -13.49 10.50
N ALA A 65 1.62 -12.88 10.17
CA ALA A 65 1.85 -11.47 10.49
C ALA A 65 1.53 -10.61 9.27
N LEU A 66 1.00 -11.24 8.24
CA LEU A 66 0.64 -10.55 7.02
C LEU A 66 -0.65 -9.76 7.23
N ILE A 67 -0.58 -8.47 6.96
CA ILE A 67 -1.72 -7.58 7.14
C ILE A 67 -2.40 -7.31 5.80
N ALA A 68 -3.57 -6.71 5.84
CA ALA A 68 -4.33 -6.45 4.62
C ALA A 68 -4.06 -5.05 4.07
N ASN A 69 -3.33 -4.98 2.97
CA ASN A 69 -3.02 -3.69 2.37
C ASN A 69 -4.20 -3.23 1.54
N LYS A 70 -5.15 -2.61 2.23
CA LYS A 70 -6.37 -2.09 1.62
C LYS A 70 -6.09 -1.31 0.34
N PHE A 71 -5.25 -0.31 0.47
CA PHE A 71 -4.91 0.58 -0.64
C PHE A 71 -4.34 -0.19 -1.81
N LEU A 72 -3.45 -1.13 -1.53
CA LEU A 72 -2.82 -1.95 -2.57
C LEU A 72 -3.87 -2.66 -3.40
N ARG A 73 -4.76 -3.37 -2.71
CA ARG A 73 -5.84 -4.10 -3.36
C ARG A 73 -6.69 -3.18 -4.22
N GLN A 74 -6.98 -1.99 -3.70
CA GLN A 74 -7.78 -1.00 -4.44
C GLN A 74 -7.07 -0.57 -5.71
N ALA A 75 -5.79 -0.23 -5.57
CA ALA A 75 -4.97 0.20 -6.69
C ALA A 75 -4.96 -0.87 -7.79
N VAL A 76 -4.72 -2.11 -7.39
CA VAL A 76 -4.69 -3.24 -8.32
C VAL A 76 -6.03 -3.39 -9.05
N ASN A 77 -7.10 -3.38 -8.29
CA ASN A 77 -8.45 -3.54 -8.83
C ASN A 77 -8.77 -2.45 -9.85
N ASN A 78 -8.33 -1.23 -9.57
CA ASN A 78 -8.59 -0.11 -10.47
C ASN A 78 -7.68 -0.19 -11.69
N PHE A 79 -6.41 -0.52 -11.45
CA PHE A 79 -5.43 -0.63 -12.53
C PHE A 79 -5.87 -1.67 -13.57
N LYS A 80 -6.20 -2.88 -13.10
CA LYS A 80 -6.62 -3.96 -13.98
C LYS A 80 -7.80 -3.55 -14.88
N ASN A 81 -8.68 -2.73 -14.34
CA ASN A 81 -9.86 -2.29 -15.11
C ASN A 81 -9.50 -1.17 -16.08
N GLU A 82 -8.46 -0.41 -15.76
CA GLU A 82 -8.03 0.70 -16.60
C GLU A 82 -7.19 0.22 -17.78
N THR A 83 -6.25 -0.67 -17.52
CA THR A 83 -5.37 -1.17 -18.57
C THR A 83 -5.98 -2.37 -19.29
N GLY A 84 -7.04 -2.93 -18.71
CA GLY A 84 -7.68 -4.08 -19.32
C GLY A 84 -6.87 -5.33 -19.10
N TYR A 85 -6.30 -5.43 -17.90
CA TYR A 85 -5.47 -6.55 -17.50
C TYR A 85 -6.22 -7.87 -17.58
N THR A 86 -7.21 -7.98 -16.75
CA THR A 86 -8.05 -9.16 -16.67
C THR A 86 -8.68 -9.49 -18.00
N LYS A 87 -8.73 -10.77 -18.32
CA LYS A 87 -9.30 -11.20 -19.58
C LYS A 87 -10.76 -11.61 -19.41
N ARG A 88 -11.43 -11.85 -20.53
CA ARG A 88 -12.84 -12.24 -20.51
C ARG A 88 -12.99 -13.75 -20.42
N LEU A 89 -11.88 -14.46 -20.51
CA LEU A 89 -11.90 -15.92 -20.44
C LEU A 89 -11.98 -16.38 -18.99
N ARG A 90 -12.52 -17.58 -18.79
CA ARG A 90 -12.66 -18.15 -17.46
C ARG A 90 -11.37 -18.83 -17.00
N LYS A 91 -11.47 -19.65 -15.96
CA LYS A 91 -10.30 -20.37 -15.44
C LYS A 91 -10.23 -21.78 -16.02
N GLN A 92 -11.12 -22.05 -16.98
CA GLN A 92 -11.17 -23.35 -17.66
C GLN A 92 -11.47 -24.49 -16.68
N GLY B 1 -9.53 17.17 4.09
CA GLY B 1 -10.77 16.96 3.31
C GLY B 1 -11.07 18.11 2.37
N PRO B 2 -10.62 18.03 1.11
CA PRO B 2 -10.83 19.07 0.12
C PRO B 2 -12.12 18.86 -0.66
N LEU B 3 -12.41 19.80 -1.55
CA LEU B 3 -13.61 19.73 -2.38
C LEU B 3 -13.23 19.80 -3.86
N GLY B 4 -13.03 18.64 -4.46
CA GLY B 4 -12.66 18.57 -5.85
C GLY B 4 -13.20 17.32 -6.51
N SER B 5 -14.47 17.05 -6.26
CA SER B 5 -15.13 15.88 -6.83
C SER B 5 -15.20 15.98 -8.34
N GLU B 6 -15.26 17.21 -8.84
CA GLU B 6 -15.34 17.45 -10.27
C GLU B 6 -13.98 17.92 -10.78
N ASP B 7 -12.96 17.56 -10.04
CA ASP B 7 -11.59 17.91 -10.37
C ASP B 7 -10.76 16.65 -10.33
N ASP B 8 -9.50 16.80 -9.99
CA ASP B 8 -8.60 15.67 -9.84
C ASP B 8 -8.39 15.41 -8.37
N PRO B 9 -9.21 14.52 -7.79
CA PRO B 9 -9.15 14.19 -6.37
C PRO B 9 -8.12 13.13 -6.06
N ILE B 10 -7.99 12.82 -4.78
CA ILE B 10 -7.03 11.82 -4.33
C ILE B 10 -7.72 10.47 -4.18
N PRO B 11 -7.21 9.42 -4.84
CA PRO B 11 -7.77 8.08 -4.72
C PRO B 11 -7.46 7.48 -3.35
N ASP B 12 -8.36 6.66 -2.82
CA ASP B 12 -8.18 6.06 -1.51
C ASP B 12 -7.06 5.02 -1.49
N GLU B 13 -6.52 4.69 -2.66
CA GLU B 13 -5.43 3.74 -2.76
C GLU B 13 -4.11 4.38 -2.30
N LEU B 14 -4.19 5.65 -1.94
CA LEU B 14 -3.01 6.39 -1.45
C LEU B 14 -3.43 7.63 -0.67
N LEU B 15 -4.70 7.67 -0.30
CA LEU B 15 -5.28 8.78 0.45
C LEU B 15 -5.31 8.49 1.96
N CYS B 16 -4.80 9.43 2.76
CA CYS B 16 -4.81 9.28 4.21
C CYS B 16 -6.21 9.56 4.73
N LEU B 17 -6.82 8.55 5.33
CA LEU B 17 -8.17 8.68 5.85
C LEU B 17 -8.23 9.75 6.94
N ILE B 18 -7.21 9.76 7.79
CA ILE B 18 -7.13 10.67 8.94
C ILE B 18 -7.32 12.14 8.55
N CYS B 19 -6.52 12.66 7.63
CA CYS B 19 -6.65 14.06 7.23
C CYS B 19 -7.47 14.18 5.94
N LYS B 20 -7.91 13.05 5.41
CA LYS B 20 -8.70 13.01 4.17
C LYS B 20 -7.97 13.69 3.01
N ASP B 21 -6.65 13.52 2.96
CA ASP B 21 -5.82 14.09 1.89
C ASP B 21 -4.66 13.16 1.61
N ILE B 22 -3.84 13.51 0.64
CA ILE B 22 -2.70 12.69 0.28
C ILE B 22 -1.65 12.73 1.38
N MET B 23 -0.77 11.74 1.37
CA MET B 23 0.26 11.64 2.37
C MET B 23 1.61 11.34 1.75
N THR B 24 2.67 11.78 2.43
CA THR B 24 4.01 11.52 1.96
C THR B 24 4.68 10.57 2.95
N ASP B 25 5.52 9.67 2.42
CA ASP B 25 6.20 8.68 3.25
C ASP B 25 5.20 7.89 4.06
N ALA B 26 4.12 7.48 3.38
CA ALA B 26 3.04 6.72 4.00
C ALA B 26 3.52 5.45 4.68
N VAL B 27 2.92 5.15 5.81
CA VAL B 27 3.25 3.96 6.57
C VAL B 27 2.03 3.05 6.68
N VAL B 28 2.25 1.81 7.08
CA VAL B 28 1.16 0.85 7.20
C VAL B 28 0.96 0.44 8.65
N ILE B 29 -0.28 0.14 9.00
CA ILE B 29 -0.60 -0.27 10.35
C ILE B 29 -0.88 -1.78 10.38
N PRO B 30 -0.09 -2.54 11.16
CA PRO B 30 -0.20 -3.99 11.24
C PRO B 30 -1.45 -4.49 11.95
N CYS B 31 -2.36 -3.60 12.30
CA CYS B 31 -3.57 -4.01 12.98
C CYS B 31 -4.67 -4.32 11.96
N CYS B 32 -4.68 -3.56 10.87
CA CYS B 32 -5.68 -3.76 9.83
C CYS B 32 -5.02 -3.79 8.47
N GLY B 33 -4.14 -2.82 8.22
CA GLY B 33 -3.43 -2.77 6.96
C GLY B 33 -3.56 -1.45 6.26
N ASN B 34 -4.37 -0.56 6.80
CA ASN B 34 -4.58 0.76 6.20
C ASN B 34 -3.32 1.61 6.32
N SER B 35 -3.14 2.53 5.39
CA SER B 35 -1.97 3.41 5.39
C SER B 35 -2.38 4.86 5.58
N TYR B 36 -1.58 5.59 6.36
CA TYR B 36 -1.82 7.01 6.61
C TYR B 36 -0.50 7.72 6.83
N CYS B 37 -0.56 9.05 6.93
CA CYS B 37 0.64 9.83 7.19
C CYS B 37 1.29 9.36 8.46
N ASP B 38 2.62 9.29 8.47
CA ASP B 38 3.36 8.84 9.65
C ASP B 38 2.99 9.68 10.87
N GLU B 39 2.77 10.97 10.63
CA GLU B 39 2.40 11.90 11.69
C GLU B 39 0.96 11.69 12.13
N CYS B 40 0.07 11.55 11.15
CA CYS B 40 -1.36 11.37 11.42
C CYS B 40 -1.61 10.10 12.22
N ILE B 41 -1.13 8.98 11.69
CA ILE B 41 -1.34 7.68 12.35
C ILE B 41 -0.70 7.67 13.73
N ARG B 42 0.46 8.31 13.84
CA ARG B 42 1.16 8.39 15.11
C ARG B 42 0.27 9.08 16.13
N THR B 43 -0.24 10.25 15.74
CA THR B 43 -1.11 11.05 16.59
C THR B 43 -2.29 10.25 17.14
N ALA B 44 -2.94 9.49 16.27
CA ALA B 44 -4.09 8.69 16.65
C ALA B 44 -3.77 7.72 17.78
N LEU B 45 -2.64 7.02 17.66
CA LEU B 45 -2.23 6.06 18.67
C LEU B 45 -1.73 6.75 19.93
N LEU B 46 -1.15 7.93 19.77
CA LEU B 46 -0.61 8.68 20.90
C LEU B 46 -1.74 9.18 21.81
N GLU B 47 -2.76 9.77 21.21
CA GLU B 47 -3.88 10.30 21.96
C GLU B 47 -4.72 9.19 22.59
N SER B 48 -4.90 8.11 21.85
CA SER B 48 -5.69 6.99 22.34
C SER B 48 -4.90 6.16 23.34
N ASP B 49 -5.38 6.12 24.58
CA ASP B 49 -4.69 5.38 25.65
C ASP B 49 -4.68 3.87 25.37
N GLU B 50 -5.69 3.40 24.65
CA GLU B 50 -5.78 1.99 24.32
C GLU B 50 -5.26 1.73 22.91
N HIS B 51 -4.61 2.74 22.34
CA HIS B 51 -4.05 2.64 20.99
C HIS B 51 -5.12 2.35 19.96
N THR B 52 -6.22 3.11 20.07
CA THR B 52 -7.35 2.96 19.18
C THR B 52 -6.99 3.35 17.75
N CYS B 53 -7.08 2.40 16.84
CA CYS B 53 -6.79 2.65 15.44
C CYS B 53 -7.84 3.58 14.84
N PRO B 54 -7.40 4.54 14.01
CA PRO B 54 -8.28 5.50 13.36
C PRO B 54 -8.94 4.95 12.10
N THR B 55 -9.38 3.72 12.18
CA THR B 55 -10.00 3.08 11.04
C THR B 55 -10.71 1.78 11.46
N CYS B 56 -10.01 0.92 12.20
CA CYS B 56 -10.58 -0.34 12.65
C CYS B 56 -10.84 -0.29 14.15
N HIS B 57 -10.34 0.77 14.78
CA HIS B 57 -10.51 1.00 16.21
C HIS B 57 -9.91 -0.14 17.03
N GLN B 58 -8.75 -0.60 16.60
CA GLN B 58 -8.05 -1.67 17.29
C GLN B 58 -7.52 -1.16 18.64
N ASN B 59 -7.15 -2.07 19.53
CA ASN B 59 -6.66 -1.66 20.85
C ASN B 59 -5.37 -2.39 21.22
N ASP B 60 -4.41 -2.42 20.31
CA ASP B 60 -3.14 -3.09 20.58
C ASP B 60 -2.08 -2.71 19.56
N VAL B 61 -2.26 -1.57 18.93
CA VAL B 61 -1.30 -1.12 17.94
C VAL B 61 -0.29 -0.19 18.61
N SER B 62 0.62 0.39 17.83
CA SER B 62 1.62 1.28 18.39
C SER B 62 2.30 2.08 17.29
N PRO B 63 2.84 3.26 17.63
CA PRO B 63 3.50 4.14 16.66
C PRO B 63 4.87 3.61 16.22
N ASP B 64 5.33 2.56 16.88
CA ASP B 64 6.62 1.96 16.53
C ASP B 64 6.40 0.68 15.75
N ALA B 65 5.13 0.41 15.42
CA ALA B 65 4.78 -0.77 14.65
C ALA B 65 4.42 -0.37 13.23
N LEU B 66 4.64 0.91 12.92
CA LEU B 66 4.34 1.44 11.60
C LEU B 66 5.41 1.02 10.61
N ILE B 67 5.00 0.23 9.64
CA ILE B 67 5.92 -0.27 8.62
C ILE B 67 5.95 0.66 7.42
N ALA B 68 6.94 0.47 6.55
CA ALA B 68 7.10 1.34 5.39
C ALA B 68 6.33 0.80 4.19
N ASN B 69 5.21 1.42 3.86
CA ASN B 69 4.42 1.00 2.72
C ASN B 69 5.06 1.55 1.47
N LYS B 70 6.07 0.81 1.01
CA LYS B 70 6.84 1.15 -0.18
C LYS B 70 5.96 1.59 -1.34
N PHE B 71 5.02 0.73 -1.67
CA PHE B 71 4.13 0.95 -2.79
C PHE B 71 3.28 2.19 -2.60
N LEU B 72 2.80 2.40 -1.39
CA LEU B 72 1.95 3.54 -1.08
C LEU B 72 2.65 4.87 -1.38
N ARG B 73 3.82 5.07 -0.77
CA ARG B 73 4.56 6.30 -0.99
C ARG B 73 5.01 6.44 -2.45
N GLN B 74 5.13 5.31 -3.15
CA GLN B 74 5.51 5.34 -4.56
C GLN B 74 4.32 5.81 -5.39
N ALA B 75 3.15 5.25 -5.12
CA ALA B 75 1.93 5.61 -5.82
C ALA B 75 1.66 7.11 -5.69
N VAL B 76 1.86 7.61 -4.48
CA VAL B 76 1.67 9.03 -4.18
C VAL B 76 2.58 9.89 -5.07
N ASN B 77 3.87 9.58 -5.04
CA ASN B 77 4.87 10.33 -5.82
C ASN B 77 4.52 10.35 -7.30
N ASN B 78 4.01 9.23 -7.81
CA ASN B 78 3.62 9.14 -9.20
C ASN B 78 2.40 10.02 -9.47
N PHE B 79 1.37 9.81 -8.66
CA PHE B 79 0.12 10.55 -8.78
C PHE B 79 0.34 12.06 -8.73
N LYS B 80 1.11 12.56 -7.75
CA LYS B 80 1.39 13.99 -7.62
C LYS B 80 1.90 14.59 -8.92
N ASN B 81 2.82 13.89 -9.58
CA ASN B 81 3.40 14.37 -10.82
C ASN B 81 2.47 14.17 -12.01
N GLU B 82 1.44 13.35 -11.84
CA GLU B 82 0.49 13.08 -12.91
C GLU B 82 -0.69 14.04 -12.88
N THR B 83 -1.05 14.49 -11.69
CA THR B 83 -2.16 15.41 -11.52
C THR B 83 -1.69 16.85 -11.32
N GLY B 84 -0.41 16.99 -11.00
CA GLY B 84 0.15 18.31 -10.78
C GLY B 84 -0.05 18.76 -9.34
N TYR B 85 0.03 17.83 -8.41
CA TYR B 85 -0.13 18.14 -7.00
C TYR B 85 1.21 18.60 -6.42
N THR B 86 1.14 19.60 -5.52
CA THR B 86 2.30 20.16 -4.83
C THR B 86 3.43 20.49 -5.81
N LYS B 87 4.66 20.16 -5.45
CA LYS B 87 5.78 20.47 -6.31
C LYS B 87 6.77 19.31 -6.37
N ARG B 88 7.79 19.46 -7.21
CA ARG B 88 8.82 18.45 -7.38
C ARG B 88 9.86 18.57 -6.26
N LEU B 89 9.99 17.53 -5.45
CA LEU B 89 10.96 17.52 -4.36
C LEU B 89 12.38 17.38 -4.90
N ARG B 90 13.37 17.55 -4.02
CA ARG B 90 14.76 17.46 -4.41
C ARG B 90 15.41 16.24 -3.78
N LYS B 91 16.54 15.82 -4.32
CA LYS B 91 17.25 14.66 -3.79
C LYS B 91 18.61 15.06 -3.24
N GLN B 92 18.62 16.11 -2.42
CA GLN B 92 19.86 16.58 -1.81
C GLN B 92 19.69 16.76 -0.31
ZN ZN C . 3.19 -12.87 -6.32
ZN ZN D . 10.70 -7.76 4.53
ZN ZN E . -2.81 12.10 6.95
ZN ZN F . -6.18 -0.51 12.32
N GLY A 1 17.33 1.87 -23.97
CA GLY A 1 16.55 2.18 -22.75
C GLY A 1 15.46 1.15 -22.51
N PRO A 2 14.63 1.33 -21.47
CA PRO A 2 13.56 0.40 -21.15
C PRO A 2 12.32 0.61 -22.02
N LEU A 3 11.24 -0.01 -21.62
CA LEU A 3 9.98 0.11 -22.33
C LEU A 3 8.99 0.90 -21.49
N GLY A 4 7.74 0.90 -21.90
CA GLY A 4 6.73 1.64 -21.16
C GLY A 4 6.06 2.73 -21.97
N SER A 5 6.46 2.85 -23.23
CA SER A 5 5.88 3.86 -24.11
C SER A 5 4.53 3.38 -24.65
N GLU A 6 4.57 2.26 -25.36
CA GLU A 6 3.36 1.69 -25.93
C GLU A 6 2.83 0.58 -25.03
N ASP A 7 3.73 -0.04 -24.30
CA ASP A 7 3.39 -1.12 -23.38
C ASP A 7 3.14 -0.55 -22.00
N ASP A 8 2.30 -1.23 -21.23
CA ASP A 8 1.95 -0.80 -19.89
C ASP A 8 2.40 -1.85 -18.87
N PRO A 9 3.60 -1.67 -18.31
CA PRO A 9 4.16 -2.58 -17.31
C PRO A 9 3.56 -2.33 -15.93
N ILE A 10 3.85 -3.23 -14.99
CA ILE A 10 3.32 -3.10 -13.65
C ILE A 10 4.32 -2.39 -12.74
N PRO A 11 3.91 -1.28 -12.10
CA PRO A 11 4.77 -0.53 -11.20
C PRO A 11 4.92 -1.22 -9.83
N ASP A 12 6.10 -1.05 -9.22
CA ASP A 12 6.40 -1.66 -7.90
C ASP A 12 5.40 -1.23 -6.83
N GLU A 13 4.61 -0.20 -7.13
CA GLU A 13 3.61 0.31 -6.19
C GLU A 13 2.42 -0.63 -6.07
N LEU A 14 2.37 -1.66 -6.91
CA LEU A 14 1.26 -2.62 -6.86
C LEU A 14 1.66 -3.91 -7.57
N LEU A 15 2.97 -4.07 -7.75
CA LEU A 15 3.52 -5.24 -8.40
C LEU A 15 4.21 -6.16 -7.40
N CYS A 16 3.93 -7.45 -7.48
CA CYS A 16 4.56 -8.42 -6.59
C CYS A 16 5.98 -8.67 -7.07
N LEU A 17 6.93 -8.50 -6.18
CA LEU A 17 8.32 -8.71 -6.52
C LEU A 17 8.61 -10.19 -6.70
N ILE A 18 7.95 -10.99 -5.86
CA ILE A 18 8.14 -12.45 -5.85
C ILE A 18 7.88 -13.08 -7.21
N CYS A 19 6.75 -12.78 -7.84
CA CYS A 19 6.45 -13.35 -9.14
C CYS A 19 6.61 -12.31 -10.25
N LYS A 20 7.10 -11.14 -9.88
CA LYS A 20 7.34 -10.03 -10.81
C LYS A 20 6.11 -9.66 -11.65
N ASP A 21 4.93 -9.76 -11.06
CA ASP A 21 3.69 -9.40 -11.75
C ASP A 21 2.68 -8.86 -10.75
N ILE A 22 1.60 -8.28 -11.26
CA ILE A 22 0.54 -7.73 -10.43
C ILE A 22 -0.16 -8.84 -9.64
N MET A 23 -0.81 -8.48 -8.55
CA MET A 23 -1.48 -9.46 -7.70
C MET A 23 -2.79 -8.93 -7.16
N THR A 24 -3.61 -9.84 -6.66
CA THR A 24 -4.89 -9.49 -6.08
C THR A 24 -4.88 -9.87 -4.60
N ASP A 25 -5.64 -9.13 -3.79
CA ASP A 25 -5.73 -9.37 -2.34
C ASP A 25 -4.34 -9.27 -1.71
N ALA A 26 -3.54 -8.33 -2.22
CA ALA A 26 -2.18 -8.12 -1.75
C ALA A 26 -2.13 -7.87 -0.24
N VAL A 27 -1.10 -8.41 0.40
CA VAL A 27 -0.91 -8.24 1.83
C VAL A 27 0.41 -7.52 2.09
N VAL A 28 0.58 -7.04 3.30
CA VAL A 28 1.79 -6.31 3.67
C VAL A 28 2.58 -7.08 4.71
N ILE A 29 3.89 -6.94 4.64
CA ILE A 29 4.77 -7.61 5.56
C ILE A 29 5.35 -6.62 6.57
N PRO A 30 5.11 -6.86 7.87
CA PRO A 30 5.56 -5.96 8.94
C PRO A 30 7.07 -6.01 9.20
N CYS A 31 7.80 -6.73 8.37
CA CYS A 31 9.23 -6.82 8.54
C CYS A 31 9.92 -5.69 7.79
N CYS A 32 9.28 -5.22 6.71
CA CYS A 32 9.84 -4.15 5.92
C CYS A 32 8.74 -3.20 5.43
N GLY A 33 7.69 -3.75 4.85
CA GLY A 33 6.58 -2.94 4.40
C GLY A 33 6.17 -3.22 2.97
N ASN A 34 6.93 -4.07 2.28
CA ASN A 34 6.61 -4.42 0.90
C ASN A 34 5.37 -5.29 0.83
N SER A 35 4.64 -5.22 -0.27
CA SER A 35 3.42 -6.00 -0.44
C SER A 35 3.55 -7.00 -1.59
N TYR A 36 3.02 -8.21 -1.38
CA TYR A 36 3.05 -9.25 -2.41
C TYR A 36 1.82 -10.13 -2.28
N CYS A 37 1.66 -11.04 -3.21
CA CYS A 37 0.54 -11.97 -3.17
C CYS A 37 0.58 -12.73 -1.86
N ASP A 38 -0.57 -12.96 -1.27
CA ASP A 38 -0.64 -13.67 0.00
C ASP A 38 0.02 -15.03 -0.13
N GLU A 39 -0.25 -15.71 -1.24
CA GLU A 39 0.30 -17.03 -1.48
C GLU A 39 1.81 -16.96 -1.71
N CYS A 40 2.25 -15.92 -2.43
CA CYS A 40 3.66 -15.76 -2.74
C CYS A 40 4.48 -15.50 -1.48
N ILE A 41 4.08 -14.47 -0.72
CA ILE A 41 4.79 -14.12 0.50
C ILE A 41 4.71 -15.24 1.53
N ARG A 42 3.56 -15.92 1.58
CA ARG A 42 3.38 -17.02 2.51
C ARG A 42 4.41 -18.10 2.22
N THR A 43 4.50 -18.48 0.96
CA THR A 43 5.43 -19.51 0.50
C THR A 43 6.88 -19.16 0.87
N ALA A 44 7.26 -17.90 0.66
CA ALA A 44 8.63 -17.47 0.96
C ALA A 44 9.00 -17.75 2.41
N LEU A 45 8.10 -17.43 3.33
CA LEU A 45 8.35 -17.65 4.75
C LEU A 45 8.24 -19.12 5.11
N LEU A 46 7.40 -19.85 4.39
CA LEU A 46 7.22 -21.28 4.65
C LEU A 46 8.46 -22.06 4.22
N GLU A 47 9.01 -21.71 3.07
CA GLU A 47 10.20 -22.36 2.55
C GLU A 47 11.43 -22.01 3.38
N SER A 48 11.50 -20.77 3.84
CA SER A 48 12.63 -20.32 4.64
C SER A 48 12.41 -20.62 6.12
N ASP A 49 13.20 -21.52 6.67
CA ASP A 49 13.08 -21.92 8.07
C ASP A 49 13.33 -20.73 8.98
N GLU A 50 14.30 -19.91 8.59
CA GLU A 50 14.67 -18.73 9.36
C GLU A 50 13.77 -17.54 9.04
N HIS A 51 12.75 -17.78 8.22
CA HIS A 51 11.79 -16.75 7.84
C HIS A 51 12.46 -15.61 7.08
N THR A 52 13.29 -15.97 6.10
CA THR A 52 13.96 -14.98 5.28
C THR A 52 12.99 -14.27 4.35
N CYS A 53 12.88 -12.96 4.52
CA CYS A 53 11.99 -12.16 3.69
C CYS A 53 12.49 -12.13 2.25
N PRO A 54 11.57 -12.21 1.27
CA PRO A 54 11.90 -12.19 -0.15
C PRO A 54 12.14 -10.79 -0.69
N THR A 55 12.67 -9.92 0.13
CA THR A 55 12.91 -8.56 -0.29
C THR A 55 13.97 -7.86 0.59
N CYS A 56 13.80 -7.95 1.91
CA CYS A 56 14.75 -7.34 2.83
C CYS A 56 15.60 -8.41 3.49
N HIS A 57 15.19 -9.65 3.27
CA HIS A 57 15.88 -10.82 3.80
C HIS A 57 15.94 -10.79 5.32
N GLN A 58 14.79 -10.49 5.91
CA GLN A 58 14.64 -10.46 7.36
C GLN A 58 14.73 -11.88 7.90
N ASN A 59 14.83 -12.01 9.22
CA ASN A 59 14.95 -13.33 9.83
C ASN A 59 13.98 -13.49 10.99
N ASP A 60 12.89 -12.73 10.98
CA ASP A 60 11.93 -12.80 12.07
C ASP A 60 10.55 -12.33 11.61
N VAL A 61 10.10 -12.91 10.53
CA VAL A 61 8.79 -12.58 9.99
C VAL A 61 7.89 -13.81 10.11
N SER A 62 6.65 -13.73 9.62
CA SER A 62 5.75 -14.86 9.70
C SER A 62 4.53 -14.64 8.82
N PRO A 63 3.95 -15.74 8.31
CA PRO A 63 2.78 -15.69 7.44
C PRO A 63 1.51 -15.35 8.21
N ASP A 64 1.62 -15.37 9.53
CA ASP A 64 0.49 -15.06 10.40
C ASP A 64 0.45 -13.55 10.68
N ALA A 65 1.56 -12.87 10.41
CA ALA A 65 1.65 -11.44 10.65
C ALA A 65 1.33 -10.63 9.39
N LEU A 66 0.86 -11.31 8.36
CA LEU A 66 0.51 -10.65 7.11
C LEU A 66 -0.75 -9.80 7.30
N ILE A 67 -0.62 -8.51 7.01
CA ILE A 67 -1.74 -7.59 7.17
C ILE A 67 -2.41 -7.32 5.83
N ALA A 68 -3.61 -6.73 5.88
CA ALA A 68 -4.36 -6.46 4.66
C ALA A 68 -4.09 -5.05 4.14
N ASN A 69 -3.34 -4.96 3.06
CA ASN A 69 -3.02 -3.66 2.47
C ASN A 69 -4.20 -3.19 1.65
N LYS A 70 -5.13 -2.55 2.34
CA LYS A 70 -6.34 -2.02 1.74
C LYS A 70 -6.04 -1.22 0.49
N PHE A 71 -5.09 -0.32 0.63
CA PHE A 71 -4.70 0.58 -0.43
C PHE A 71 -4.14 -0.17 -1.63
N LEU A 72 -3.27 -1.14 -1.38
CA LEU A 72 -2.66 -1.94 -2.44
C LEU A 72 -3.72 -2.58 -3.31
N ARG A 73 -4.64 -3.28 -2.65
CA ARG A 73 -5.73 -3.98 -3.32
C ARG A 73 -6.57 -3.01 -4.15
N GLN A 74 -6.77 -1.80 -3.63
CA GLN A 74 -7.55 -0.80 -4.35
C GLN A 74 -6.77 -0.30 -5.56
N ALA A 75 -5.47 -0.07 -5.37
CA ALA A 75 -4.61 0.39 -6.44
C ALA A 75 -4.63 -0.60 -7.61
N VAL A 76 -4.47 -1.87 -7.29
CA VAL A 76 -4.48 -2.92 -8.29
C VAL A 76 -5.80 -2.91 -9.08
N ASN A 77 -6.90 -2.79 -8.35
CA ASN A 77 -8.23 -2.79 -8.96
C ASN A 77 -8.41 -1.61 -9.91
N ASN A 78 -7.90 -0.45 -9.54
CA ASN A 78 -8.04 0.73 -10.37
C ASN A 78 -7.05 0.70 -11.53
N PHE A 79 -5.82 0.27 -11.26
CA PHE A 79 -4.80 0.19 -12.30
C PHE A 79 -5.22 -0.77 -13.41
N LYS A 80 -5.70 -1.95 -13.00
CA LYS A 80 -6.17 -2.96 -13.94
C LYS A 80 -7.27 -2.41 -14.84
N ASN A 81 -7.97 -1.38 -14.36
CA ASN A 81 -9.05 -0.77 -15.11
C ASN A 81 -8.54 0.41 -15.95
N GLU A 82 -7.53 1.11 -15.44
CA GLU A 82 -6.96 2.25 -16.15
C GLU A 82 -6.37 1.86 -17.49
N THR A 83 -5.45 0.91 -17.47
CA THR A 83 -4.81 0.47 -18.69
C THR A 83 -5.53 -0.73 -19.30
N GLY A 84 -6.32 -1.40 -18.48
CA GLY A 84 -7.04 -2.58 -18.95
C GLY A 84 -6.14 -3.79 -18.98
N TYR A 85 -5.34 -3.93 -17.93
CA TYR A 85 -4.40 -5.03 -17.81
C TYR A 85 -5.09 -6.39 -17.81
N THR A 86 -6.12 -6.46 -17.00
CA THR A 86 -6.92 -7.68 -16.88
C THR A 86 -7.53 -8.04 -18.22
N LYS A 87 -7.54 -9.32 -18.53
CA LYS A 87 -8.08 -9.77 -19.80
C LYS A 87 -9.54 -10.21 -19.66
N ARG A 88 -10.29 -10.08 -20.75
CA ARG A 88 -11.70 -10.46 -20.77
C ARG A 88 -11.85 -11.95 -21.04
N LEU A 89 -10.74 -12.67 -20.93
CA LEU A 89 -10.74 -14.11 -21.16
C LEU A 89 -10.72 -14.84 -19.81
N ARG A 90 -11.27 -16.03 -19.78
CA ARG A 90 -11.32 -16.82 -18.55
C ARG A 90 -9.96 -17.41 -18.22
N LYS A 91 -9.87 -18.14 -17.12
CA LYS A 91 -8.61 -18.74 -16.70
C LYS A 91 -8.40 -20.07 -17.41
N GLN A 92 -9.48 -20.59 -17.99
CA GLN A 92 -9.46 -21.86 -18.70
C GLN A 92 -9.02 -22.99 -17.79
N GLY B 1 -16.07 13.59 -20.62
CA GLY B 1 -14.63 13.87 -20.48
C GLY B 1 -14.12 13.54 -19.10
N PRO B 2 -12.85 13.16 -18.98
CA PRO B 2 -12.24 12.83 -17.69
C PRO B 2 -11.87 14.07 -16.89
N LEU B 3 -11.39 13.86 -15.67
CA LEU B 3 -10.99 14.95 -14.81
C LEU B 3 -9.48 14.98 -14.72
N GLY B 4 -8.94 15.95 -13.99
CA GLY B 4 -7.51 16.06 -13.86
C GLY B 4 -6.99 17.41 -14.30
N SER B 5 -7.86 18.18 -14.96
CA SER B 5 -7.49 19.49 -15.43
C SER B 5 -7.35 20.48 -14.27
N GLU B 6 -8.44 20.69 -13.55
CA GLU B 6 -8.44 21.59 -12.40
C GLU B 6 -9.00 20.90 -11.16
N ASP B 7 -9.51 19.69 -11.34
CA ASP B 7 -10.06 18.92 -10.24
C ASP B 7 -9.55 17.49 -10.30
N ASP B 8 -9.21 16.95 -9.14
CA ASP B 8 -8.70 15.60 -9.06
C ASP B 8 -8.88 15.06 -7.64
N PRO B 9 -9.68 14.00 -7.49
CA PRO B 9 -9.94 13.39 -6.20
C PRO B 9 -8.88 12.36 -5.82
N ILE B 10 -8.65 12.19 -4.53
CA ILE B 10 -7.67 11.24 -4.05
C ILE B 10 -8.32 9.91 -3.72
N PRO B 11 -7.91 8.83 -4.38
CA PRO B 11 -8.46 7.50 -4.12
C PRO B 11 -7.95 6.91 -2.82
N ASP B 12 -8.75 6.05 -2.20
CA ASP B 12 -8.40 5.41 -0.92
C ASP B 12 -7.11 4.61 -1.02
N GLU B 13 -6.71 4.27 -2.25
CA GLU B 13 -5.50 3.50 -2.48
C GLU B 13 -4.22 4.30 -2.16
N LEU B 14 -4.36 5.58 -1.84
CA LEU B 14 -3.21 6.41 -1.50
C LEU B 14 -3.67 7.66 -0.79
N LEU B 15 -4.80 7.55 -0.14
CA LEU B 15 -5.41 8.66 0.57
C LEU B 15 -5.42 8.42 2.08
N CYS B 16 -4.92 9.39 2.85
CA CYS B 16 -4.92 9.27 4.30
C CYS B 16 -6.32 9.51 4.80
N LEU B 17 -6.86 8.58 5.55
CA LEU B 17 -8.20 8.71 6.08
C LEU B 17 -8.22 9.75 7.21
N ILE B 18 -7.13 9.81 7.95
CA ILE B 18 -7.01 10.72 9.08
C ILE B 18 -7.22 12.18 8.68
N CYS B 19 -6.45 12.66 7.70
CA CYS B 19 -6.59 14.04 7.26
C CYS B 19 -7.39 14.12 5.96
N LYS B 20 -7.94 12.97 5.54
CA LYS B 20 -8.75 12.87 4.32
C LYS B 20 -8.04 13.47 3.10
N ASP B 21 -6.71 13.34 3.04
CA ASP B 21 -5.96 13.87 1.90
C ASP B 21 -4.73 13.00 1.63
N ILE B 22 -4.08 13.23 0.50
CA ILE B 22 -2.90 12.46 0.13
C ILE B 22 -1.75 12.73 1.10
N MET B 23 -0.79 11.81 1.15
CA MET B 23 0.33 11.95 2.07
C MET B 23 1.62 11.44 1.47
N THR B 24 2.73 11.83 2.09
CA THR B 24 4.04 11.41 1.67
C THR B 24 4.67 10.58 2.78
N ASP B 25 5.56 9.63 2.42
CA ASP B 25 6.21 8.76 3.39
C ASP B 25 5.17 7.96 4.18
N ALA B 26 4.11 7.55 3.49
CA ALA B 26 3.03 6.79 4.09
C ALA B 26 3.51 5.49 4.75
N VAL B 27 2.93 5.19 5.89
CA VAL B 27 3.27 3.99 6.64
C VAL B 27 2.05 3.09 6.75
N VAL B 28 2.27 1.84 7.13
CA VAL B 28 1.18 0.89 7.27
C VAL B 28 1.00 0.45 8.72
N ILE B 29 -0.23 0.15 9.07
CA ILE B 29 -0.55 -0.28 10.43
C ILE B 29 -0.87 -1.77 10.44
N PRO B 30 -0.12 -2.56 11.24
CA PRO B 30 -0.29 -4.02 11.31
C PRO B 30 -1.55 -4.48 12.04
N CYS B 31 -2.39 -3.54 12.44
CA CYS B 31 -3.61 -3.88 13.14
C CYS B 31 -4.74 -4.15 12.15
N CYS B 32 -4.66 -3.52 10.97
CA CYS B 32 -5.67 -3.69 9.94
C CYS B 32 -5.02 -3.75 8.56
N GLY B 33 -4.18 -2.75 8.26
CA GLY B 33 -3.50 -2.72 6.99
C GLY B 33 -3.65 -1.41 6.25
N ASN B 34 -4.38 -0.48 6.83
CA ASN B 34 -4.58 0.82 6.22
C ASN B 34 -3.32 1.67 6.36
N SER B 35 -3.12 2.59 5.42
CA SER B 35 -1.94 3.46 5.43
C SER B 35 -2.32 4.92 5.60
N TYR B 36 -1.53 5.63 6.38
CA TYR B 36 -1.75 7.06 6.62
C TYR B 36 -0.43 7.76 6.84
N CYS B 37 -0.47 9.08 6.94
CA CYS B 37 0.73 9.86 7.19
C CYS B 37 1.39 9.37 8.47
N ASP B 38 2.72 9.34 8.49
CA ASP B 38 3.45 8.88 9.67
C ASP B 38 3.09 9.73 10.89
N GLU B 39 2.93 11.03 10.67
CA GLU B 39 2.59 11.94 11.76
C GLU B 39 1.13 11.78 12.16
N CYS B 40 0.27 11.56 11.17
CA CYS B 40 -1.15 11.41 11.43
C CYS B 40 -1.44 10.16 12.27
N ILE B 41 -0.98 9.02 11.78
CA ILE B 41 -1.21 7.76 12.47
C ILE B 41 -0.53 7.75 13.84
N ARG B 42 0.64 8.38 13.91
CA ARG B 42 1.37 8.45 15.16
C ARG B 42 0.54 9.18 16.20
N THR B 43 0.00 10.32 15.80
CA THR B 43 -0.81 11.14 16.67
C THR B 43 -2.06 10.40 17.17
N ALA B 44 -2.69 9.65 16.28
CA ALA B 44 -3.89 8.89 16.63
C ALA B 44 -3.64 7.93 17.78
N LEU B 45 -2.53 7.20 17.71
CA LEU B 45 -2.19 6.24 18.75
C LEU B 45 -1.72 6.95 20.01
N LEU B 46 -1.06 8.09 19.83
CA LEU B 46 -0.58 8.89 20.96
C LEU B 46 -1.75 9.45 21.77
N GLU B 47 -2.74 9.99 21.07
CA GLU B 47 -3.91 10.57 21.72
C GLU B 47 -4.76 9.51 22.38
N SER B 48 -4.87 8.35 21.74
CA SER B 48 -5.66 7.25 22.29
C SER B 48 -4.84 6.42 23.28
N ASP B 49 -5.20 6.48 24.55
CA ASP B 49 -4.50 5.75 25.60
C ASP B 49 -4.54 4.25 25.36
N GLU B 50 -5.68 3.79 24.86
CA GLU B 50 -5.88 2.36 24.58
C GLU B 50 -5.42 2.00 23.17
N HIS B 51 -4.69 2.92 22.55
CA HIS B 51 -4.16 2.73 21.20
C HIS B 51 -5.25 2.42 20.18
N THR B 52 -6.34 3.17 20.28
CA THR B 52 -7.47 3.00 19.37
C THR B 52 -7.10 3.41 17.96
N CYS B 53 -7.16 2.46 17.04
CA CYS B 53 -6.85 2.72 15.64
C CYS B 53 -7.87 3.69 15.03
N PRO B 54 -7.41 4.61 14.18
CA PRO B 54 -8.27 5.61 13.53
C PRO B 54 -8.98 5.07 12.29
N THR B 55 -9.25 3.78 12.28
CA THR B 55 -9.90 3.17 11.14
C THR B 55 -10.62 1.88 11.55
N CYS B 56 -9.93 1.00 12.26
CA CYS B 56 -10.52 -0.26 12.69
C CYS B 56 -10.84 -0.20 14.18
N HIS B 57 -10.24 0.79 14.85
CA HIS B 57 -10.43 1.01 16.28
C HIS B 57 -9.88 -0.15 17.12
N GLN B 58 -8.69 -0.61 16.73
CA GLN B 58 -8.02 -1.69 17.45
C GLN B 58 -7.59 -1.17 18.83
N ASN B 59 -7.17 -2.08 19.71
CA ASN B 59 -6.77 -1.66 21.05
C ASN B 59 -5.41 -2.25 21.45
N ASP B 60 -4.54 -2.45 20.48
CA ASP B 60 -3.22 -3.01 20.76
C ASP B 60 -2.23 -2.65 19.66
N VAL B 61 -2.34 -1.45 19.13
CA VAL B 61 -1.44 -0.99 18.10
C VAL B 61 -0.38 -0.09 18.72
N SER B 62 0.55 0.42 17.94
CA SER B 62 1.60 1.27 18.47
C SER B 62 2.31 2.04 17.35
N PRO B 63 2.85 3.22 17.67
CA PRO B 63 3.55 4.05 16.69
C PRO B 63 4.91 3.50 16.31
N ASP B 64 5.32 2.42 16.99
CA ASP B 64 6.60 1.80 16.70
C ASP B 64 6.41 0.59 15.80
N ALA B 65 5.15 0.20 15.60
CA ALA B 65 4.83 -0.94 14.76
C ALA B 65 4.49 -0.49 13.35
N LEU B 66 4.70 0.80 13.10
CA LEU B 66 4.43 1.37 11.79
C LEU B 66 5.48 0.93 10.80
N ILE B 67 5.05 0.25 9.76
CA ILE B 67 5.94 -0.27 8.74
C ILE B 67 6.00 0.67 7.55
N ALA B 68 6.98 0.47 6.67
CA ALA B 68 7.14 1.34 5.51
C ALA B 68 6.41 0.81 4.30
N ASN B 69 5.28 1.42 3.96
CA ASN B 69 4.52 0.99 2.79
C ASN B 69 5.16 1.57 1.55
N LYS B 70 6.19 0.88 1.08
CA LYS B 70 6.92 1.29 -0.10
C LYS B 70 6.00 1.57 -1.26
N PHE B 71 5.11 0.62 -1.50
CA PHE B 71 4.16 0.68 -2.59
C PHE B 71 3.30 1.95 -2.50
N LEU B 72 2.84 2.26 -1.31
CA LEU B 72 2.01 3.44 -1.08
C LEU B 72 2.75 4.70 -1.51
N ARG B 73 3.95 4.85 -0.97
CA ARG B 73 4.79 6.00 -1.28
C ARG B 73 5.03 6.13 -2.78
N GLN B 74 5.20 5.01 -3.45
CA GLN B 74 5.44 5.00 -4.88
C GLN B 74 4.18 5.43 -5.64
N ALA B 75 3.03 4.90 -5.22
CA ALA B 75 1.76 5.24 -5.85
C ALA B 75 1.47 6.73 -5.74
N VAL B 76 1.73 7.29 -4.55
CA VAL B 76 1.51 8.70 -4.30
C VAL B 76 2.31 9.53 -5.30
N ASN B 77 3.57 9.16 -5.49
CA ASN B 77 4.45 9.86 -6.41
C ASN B 77 3.93 9.79 -7.85
N ASN B 78 3.44 8.61 -8.25
CA ASN B 78 2.91 8.44 -9.59
C ASN B 78 1.64 9.23 -9.77
N PHE B 79 0.72 9.08 -8.83
CA PHE B 79 -0.55 9.77 -8.86
C PHE B 79 -0.33 11.27 -8.98
N LYS B 80 0.54 11.82 -8.13
CA LYS B 80 0.85 13.24 -8.14
C LYS B 80 1.41 13.69 -9.49
N ASN B 81 2.00 12.77 -10.23
CA ASN B 81 2.57 13.10 -11.53
C ASN B 81 1.55 12.89 -12.64
N GLU B 82 0.81 11.79 -12.56
CA GLU B 82 -0.20 11.46 -13.56
C GLU B 82 -1.26 12.56 -13.68
N THR B 83 -1.83 12.94 -12.54
CA THR B 83 -2.86 13.97 -12.54
C THR B 83 -2.26 15.35 -12.27
N GLY B 84 -1.07 15.38 -11.70
CA GLY B 84 -0.43 16.65 -11.39
C GLY B 84 -0.98 17.27 -10.13
N TYR B 85 -1.00 16.49 -9.05
CA TYR B 85 -1.50 16.96 -7.77
C TYR B 85 -0.42 17.68 -6.98
N THR B 86 -0.85 18.74 -6.30
CA THR B 86 -0.01 19.55 -5.43
C THR B 86 -0.85 20.68 -4.85
N LYS B 87 -0.30 21.41 -3.88
CA LYS B 87 -1.02 22.51 -3.26
C LYS B 87 -0.05 23.55 -2.72
N ARG B 88 -0.52 24.77 -2.56
CA ARG B 88 0.31 25.86 -2.06
C ARG B 88 0.27 25.89 -0.54
N LEU B 89 1.01 24.98 0.07
CA LEU B 89 1.06 24.88 1.52
C LEU B 89 2.41 25.37 2.03
N ARG B 90 2.44 25.76 3.29
CA ARG B 90 3.66 26.26 3.92
C ARG B 90 4.01 25.39 5.11
N LYS B 91 5.12 25.72 5.77
CA LYS B 91 5.56 24.99 6.94
C LYS B 91 4.86 25.52 8.18
N GLN B 92 3.58 25.80 8.02
CA GLN B 92 2.74 26.32 9.11
C GLN B 92 2.75 25.40 10.31
ZN ZN C . 3.33 -12.67 -6.29
ZN ZN D . 10.75 -7.93 4.57
ZN ZN E . -2.67 12.27 7.26
ZN ZN F . -6.24 -0.46 12.49
#